data_3J1F
#
_entry.id   3J1F
#
_cell.length_a   1
_cell.length_b   1
_cell.length_c   1
_cell.angle_alpha   90
_cell.angle_beta   90
_cell.angle_gamma   90
#
_symmetry.space_group_name_H-M   'P 1'
#
loop_
_entity.id
_entity.type
_entity.pdbx_description
1 polymer 'Chaperonin beta subunit'
2 non-polymer "ADENOSINE-5'-TRIPHOSPHATE"
3 non-polymer 'MAGNESIUM ION'
#
_entity_poly.entity_id   1
_entity_poly.type   'polypeptide(L)'
_entity_poly.pdbx_seq_one_letter_code
;MASTATVATTPEGIPVIILKEGSSRTYGKEAVRANIAAVKAVEEALKSTYGPRGMDKMLVDSLGDITITNDGATILDKMD
LQHPAAKLLVQIAKGQDEETADGTKTAVIFSGELVKKAEDLLYKDVHPTIIISGYKKAEEVALQTIQELAQTVSINDTDL
LRKIAMTSLSSKAVAGAREYIADIVVKAVTQVAELRGDKWYVDLDNIQIVKKAGGSINDTQLVYGIVVDKEVVHPGMPKR
LENAKIALIDASLEVEKPELDAEIRINDPTQMQKFLDEEENLIKEKVDKILATGANVIICQKGIDEVAQSYLAKKGVLAV
RRAKKSDLEKLARATGGRVVSNIDEISEQDLGYASLIEERKVGEDKMVFVEGAKNPKSISILIRGGLERLVDETERALRD
ALGTVADVIKDGRAIAGGGAVEIEIAKKLRKYAPQVGGKEQLAVEAYANALESLVSILIENAGFDPIDLLMKLRSTHENE
NNKWYGIDLYAGQPVDMWQKGVIEPALVKMNAIKAATEAATLVLRIDDVVSAGKKSGGESKTPGGANKPSEED
;
_entity_poly.pdbx_strand_id   A,B,C,D,E,F,G,H,I,K,L,M,N,O,P,Q,R,S
#
# COMPACT_ATOMS: atom_id res chain seq x y z
N GLY A 28 36.79 -33.79 -14.81
CA GLY A 28 36.11 -32.67 -14.25
C GLY A 28 35.94 -32.76 -12.75
N LYS A 29 36.39 -31.81 -11.88
CA LYS A 29 36.26 -31.82 -10.46
C LYS A 29 34.93 -32.12 -9.90
N GLU A 30 33.87 -31.78 -10.56
CA GLU A 30 32.43 -32.05 -10.27
C GLU A 30 32.08 -33.29 -9.50
N ALA A 31 32.10 -34.49 -10.14
CA ALA A 31 31.59 -35.71 -9.48
C ALA A 31 32.69 -36.35 -8.54
N VAL A 32 33.94 -36.35 -9.04
CA VAL A 32 35.04 -36.81 -8.15
C VAL A 32 35.18 -36.26 -6.73
N ARG A 33 34.83 -35.02 -6.48
CA ARG A 33 34.76 -34.40 -5.14
C ARG A 33 33.70 -34.96 -4.19
N ALA A 34 32.47 -35.15 -4.70
CA ALA A 34 31.30 -35.75 -4.09
C ALA A 34 31.60 -37.10 -3.55
N ASN A 35 32.16 -38.01 -4.39
CA ASN A 35 32.66 -39.38 -4.11
C ASN A 35 33.64 -39.40 -2.95
N ILE A 36 34.75 -38.57 -3.08
CA ILE A 36 35.79 -38.29 -2.07
C ILE A 36 35.20 -37.90 -0.76
N ALA A 37 34.37 -36.84 -0.72
CA ALA A 37 33.50 -36.35 0.37
C ALA A 37 32.63 -37.42 1.04
N ALA A 38 31.72 -38.17 0.26
CA ALA A 38 30.89 -39.30 0.61
C ALA A 38 31.81 -40.44 1.28
N VAL A 39 32.97 -40.81 0.72
CA VAL A 39 33.92 -41.74 1.34
C VAL A 39 34.46 -41.27 2.67
N LYS A 40 35.07 -40.09 2.83
CA LYS A 40 35.50 -39.51 4.14
C LYS A 40 34.39 -39.54 5.16
N ALA A 41 33.13 -39.28 4.76
CA ALA A 41 31.91 -39.49 5.61
C ALA A 41 31.71 -40.95 6.22
N VAL A 42 31.83 -41.94 5.37
CA VAL A 42 31.85 -43.32 5.83
C VAL A 42 32.92 -43.65 6.84
N GLU A 43 34.16 -43.10 6.68
CA GLU A 43 35.17 -43.16 7.62
C GLU A 43 34.76 -42.58 9.00
N GLU A 44 34.20 -41.36 8.97
CA GLU A 44 33.59 -40.63 10.06
C GLU A 44 32.47 -41.30 10.80
N ALA A 45 32.07 -42.51 10.28
CA ALA A 45 31.03 -43.33 10.82
C ALA A 45 31.68 -44.39 11.70
N LEU A 46 32.95 -44.77 11.49
CA LEU A 46 33.65 -45.80 12.27
C LEU A 46 34.74 -45.23 13.12
N LYS A 47 35.37 -44.15 12.70
CA LYS A 47 36.50 -43.50 13.40
C LYS A 47 36.71 -43.63 14.94
N SER A 48 35.66 -43.21 15.75
CA SER A 48 35.66 -43.29 17.23
C SER A 48 35.46 -44.72 17.78
N THR A 49 35.45 -45.77 16.90
CA THR A 49 35.07 -47.09 17.31
C THR A 49 36.21 -48.03 16.99
N TYR A 50 37.34 -47.53 16.37
CA TYR A 50 38.56 -48.27 16.11
C TYR A 50 39.19 -48.74 17.39
N GLY A 51 39.48 -50.07 17.52
CA GLY A 51 40.26 -50.62 18.61
C GLY A 51 39.48 -50.89 19.86
N PRO A 52 40.17 -51.51 20.90
CA PRO A 52 39.50 -51.93 22.14
C PRO A 52 39.13 -50.79 23.05
N ARG A 53 39.71 -49.65 22.79
CA ARG A 53 39.52 -48.43 23.54
C ARG A 53 38.51 -47.54 22.84
N GLY A 54 37.51 -48.11 22.16
CA GLY A 54 36.57 -47.25 21.43
C GLY A 54 35.44 -46.58 22.19
N MET A 55 34.67 -45.83 21.43
CA MET A 55 33.42 -45.27 21.88
C MET A 55 32.23 -46.15 21.37
N ASP A 56 31.04 -46.16 22.14
CA ASP A 56 29.90 -46.84 21.70
C ASP A 56 28.91 -45.98 21.00
N LYS A 57 28.21 -46.64 20.05
CA LYS A 57 27.28 -46.01 19.15
C LYS A 57 25.96 -46.48 19.54
N MET A 58 24.89 -45.65 19.52
CA MET A 58 23.56 -46.18 19.85
C MET A 58 22.63 -46.24 18.58
N LEU A 59 21.80 -47.27 18.40
CA LEU A 59 20.97 -47.60 17.29
C LEU A 59 19.51 -47.77 17.79
N VAL A 60 18.70 -46.82 17.37
CA VAL A 60 17.35 -46.66 17.73
C VAL A 60 16.47 -46.99 16.55
N ASP A 61 15.78 -48.13 16.70
CA ASP A 61 14.83 -48.77 15.84
C ASP A 61 13.74 -47.86 15.33
N SER A 62 13.04 -48.26 14.27
CA SER A 62 11.85 -47.66 13.70
C SER A 62 10.73 -47.62 14.65
N LEU A 63 10.57 -48.74 15.43
CA LEU A 63 9.58 -48.75 16.51
C LEU A 63 10.11 -48.16 17.83
N GLY A 64 11.29 -47.42 17.87
CA GLY A 64 12.00 -46.75 19.01
C GLY A 64 12.84 -47.67 19.86
N ASP A 65 12.89 -48.99 19.60
CA ASP A 65 13.72 -49.93 20.32
C ASP A 65 15.23 -49.65 20.24
N ILE A 66 15.89 -49.93 21.40
CA ILE A 66 17.29 -49.41 21.54
C ILE A 66 18.32 -50.49 21.49
N THR A 67 19.43 -50.20 20.78
CA THR A 67 20.47 -51.19 20.52
C THR A 67 21.78 -50.40 20.69
N ILE A 68 22.62 -50.78 21.65
CA ILE A 68 23.81 -50.04 21.89
C ILE A 68 24.94 -50.95 21.34
N THR A 69 25.82 -50.33 20.53
CA THR A 69 26.77 -51.23 19.84
C THR A 69 28.10 -50.61 19.51
N ASN A 70 28.93 -51.40 18.90
CA ASN A 70 30.21 -50.99 18.36
C ASN A 70 30.65 -51.95 17.26
N ASP A 71 29.69 -52.81 16.76
CA ASP A 71 30.01 -53.84 15.70
C ASP A 71 30.18 -53.09 14.38
N GLY A 72 31.46 -53.10 13.83
CA GLY A 72 31.85 -52.45 12.54
C GLY A 72 30.95 -52.81 11.38
N ALA A 73 30.87 -54.12 11.06
CA ALA A 73 29.89 -54.62 10.15
C ALA A 73 28.44 -54.12 10.31
N THR A 74 27.90 -54.34 11.46
CA THR A 74 26.52 -53.89 11.77
C THR A 74 26.30 -52.41 11.56
N ILE A 75 27.30 -51.49 11.94
CA ILE A 75 27.27 -50.10 11.74
C ILE A 75 27.26 -49.71 10.31
N LEU A 76 27.68 -50.59 9.38
CA LEU A 76 27.65 -50.27 7.91
C LEU A 76 26.45 -50.94 7.40
N ASP A 77 26.05 -52.12 7.96
CA ASP A 77 24.92 -52.93 7.45
C ASP A 77 23.59 -52.25 7.58
N LYS A 78 23.22 -51.69 8.78
CA LYS A 78 21.94 -51.06 8.98
C LYS A 78 21.96 -49.66 8.34
N MET A 79 23.13 -49.21 7.90
CA MET A 79 23.27 -47.90 7.21
C MET A 79 22.70 -47.84 5.85
N ASP A 80 22.33 -46.69 5.39
CA ASP A 80 21.73 -46.47 4.01
C ASP A 80 22.61 -45.40 3.35
N LEU A 81 23.13 -45.67 2.18
CA LEU A 81 24.10 -44.76 1.53
C LEU A 81 23.55 -44.36 0.30
N GLN A 82 23.49 -42.99 0.12
CA GLN A 82 22.91 -42.31 -1.01
C GLN A 82 23.86 -42.42 -2.21
N HIS A 83 25.17 -42.36 -1.86
CA HIS A 83 26.16 -42.18 -2.90
C HIS A 83 26.62 -43.56 -3.37
N PRO A 84 26.54 -43.92 -4.72
CA PRO A 84 26.90 -45.24 -5.31
C PRO A 84 28.28 -45.60 -5.00
N ALA A 85 29.19 -44.56 -5.21
CA ALA A 85 30.65 -44.63 -4.96
C ALA A 85 30.97 -45.22 -3.51
N ALA A 86 30.38 -44.60 -2.44
CA ALA A 86 30.37 -44.91 -1.02
C ALA A 86 29.79 -46.27 -0.93
N LYS A 87 28.58 -46.53 -1.59
CA LYS A 87 27.92 -47.85 -1.56
C LYS A 87 28.66 -49.07 -2.10
N LEU A 88 29.48 -48.86 -3.13
CA LEU A 88 30.45 -49.73 -3.78
C LEU A 88 31.73 -50.05 -2.93
N LEU A 89 32.25 -48.99 -2.17
CA LEU A 89 33.39 -49.05 -1.25
C LEU A 89 33.00 -50.00 -0.13
N VAL A 90 31.88 -49.76 0.60
CA VAL A 90 31.32 -50.68 1.65
C VAL A 90 30.96 -52.08 1.19
N GLN A 91 30.56 -52.30 -0.10
CA GLN A 91 30.49 -53.66 -0.71
C GLN A 91 31.80 -54.38 -0.83
N ILE A 92 32.93 -53.74 -1.25
CA ILE A 92 34.30 -54.28 -1.30
C ILE A 92 34.97 -54.44 0.06
N ALA A 93 34.73 -53.48 1.01
CA ALA A 93 35.21 -53.49 2.39
C ALA A 93 34.52 -54.55 3.17
N LYS A 94 33.15 -54.52 3.33
CA LYS A 94 32.43 -55.50 4.12
C LYS A 94 32.55 -56.98 3.65
N GLY A 95 32.01 -57.29 2.48
CA GLY A 95 31.94 -58.64 1.79
C GLY A 95 33.24 -59.37 1.70
N GLN A 96 33.24 -60.54 2.37
CA GLN A 96 34.33 -61.51 2.42
C GLN A 96 33.76 -62.86 2.11
N ASP A 97 34.45 -63.68 1.32
CA ASP A 97 34.07 -65.04 0.99
C ASP A 97 34.76 -66.03 2.03
N GLU A 98 35.53 -65.53 3.01
CA GLU A 98 36.27 -66.31 4.04
C GLU A 98 35.34 -66.53 5.21
N GLU A 99 35.76 -67.33 6.15
CA GLU A 99 35.06 -67.60 7.41
C GLU A 99 35.45 -66.58 8.52
N THR A 100 36.56 -65.87 8.39
CA THR A 100 36.96 -64.95 9.44
C THR A 100 36.51 -63.65 8.90
N ALA A 101 35.81 -62.75 9.69
CA ALA A 101 35.16 -61.57 9.15
C ALA A 101 36.06 -60.46 9.63
N ASP A 102 37.16 -60.84 10.32
CA ASP A 102 38.04 -59.89 10.88
C ASP A 102 38.85 -59.01 10.00
N GLY A 103 39.05 -57.73 10.36
CA GLY A 103 39.69 -56.68 9.58
C GLY A 103 38.73 -55.68 8.94
N THR A 104 37.45 -55.81 9.20
CA THR A 104 36.53 -54.88 8.53
C THR A 104 36.58 -53.41 8.90
N LYS A 105 36.78 -53.15 10.24
CA LYS A 105 36.87 -51.76 10.61
C LYS A 105 38.12 -51.06 10.04
N THR A 106 39.24 -51.79 9.96
CA THR A 106 40.52 -51.46 9.48
C THR A 106 40.46 -51.21 7.95
N ALA A 107 39.95 -52.24 7.33
CA ALA A 107 39.59 -52.34 5.91
C ALA A 107 38.94 -51.08 5.40
N VAL A 108 37.95 -50.61 6.15
CA VAL A 108 37.26 -49.36 5.83
C VAL A 108 38.05 -48.13 6.10
N ILE A 109 38.62 -47.98 7.29
CA ILE A 109 39.46 -46.81 7.77
C ILE A 109 40.68 -46.53 6.81
N PHE A 110 41.58 -47.50 6.55
CA PHE A 110 42.70 -47.35 5.67
C PHE A 110 42.16 -47.02 4.29
N SER A 111 41.00 -47.57 3.92
CA SER A 111 40.34 -47.19 2.64
C SER A 111 40.05 -45.73 2.45
N GLY A 112 39.28 -45.19 3.41
CA GLY A 112 38.94 -43.74 3.41
C GLY A 112 40.12 -42.83 3.62
N GLU A 113 41.19 -43.30 4.24
CA GLU A 113 42.39 -42.54 4.35
C GLU A 113 43.11 -42.39 3.08
N LEU A 114 43.10 -43.51 2.28
CA LEU A 114 43.85 -43.63 1.06
C LEU A 114 43.23 -42.63 0.12
N VAL A 115 41.86 -42.51 0.09
CA VAL A 115 41.08 -41.55 -0.58
C VAL A 115 41.40 -40.12 -0.12
N LYS A 116 41.45 -39.87 1.20
CA LYS A 116 41.75 -38.58 1.84
C LYS A 116 43.06 -38.03 1.41
N LYS A 117 44.17 -38.71 1.75
CA LYS A 117 45.44 -38.35 1.33
C LYS A 117 45.70 -38.21 -0.21
N ALA A 118 44.84 -38.87 -1.07
CA ALA A 118 44.84 -38.74 -2.50
C ALA A 118 44.22 -37.46 -3.07
N GLU A 119 43.23 -36.82 -2.39
CA GLU A 119 42.61 -35.55 -2.71
C GLU A 119 43.62 -34.42 -2.81
N ASP A 120 44.60 -34.45 -1.91
CA ASP A 120 45.78 -33.58 -1.85
C ASP A 120 46.74 -33.74 -3.04
N LEU A 121 46.76 -34.94 -3.66
CA LEU A 121 47.59 -35.14 -4.88
C LEU A 121 46.97 -34.42 -6.15
N LEU A 122 45.64 -34.45 -6.16
CA LEU A 122 44.95 -33.70 -7.14
C LEU A 122 45.13 -32.21 -6.98
N TYR A 123 45.22 -31.68 -5.73
CA TYR A 123 45.59 -30.29 -5.40
C TYR A 123 47.02 -29.90 -5.90
N LYS A 124 48.02 -30.85 -5.76
CA LYS A 124 49.38 -30.69 -6.33
C LYS A 124 49.47 -30.96 -7.78
N ASP A 125 48.34 -31.20 -8.43
CA ASP A 125 48.08 -31.35 -9.84
C ASP A 125 48.65 -32.66 -10.47
N VAL A 126 48.43 -33.77 -9.86
CA VAL A 126 48.76 -35.10 -10.36
C VAL A 126 47.55 -35.74 -10.98
N HIS A 127 47.62 -36.47 -12.09
CA HIS A 127 46.55 -37.21 -12.76
C HIS A 127 46.37 -38.55 -12.01
N PRO A 128 45.11 -39.00 -11.87
CA PRO A 128 44.80 -40.29 -11.25
C PRO A 128 45.36 -41.54 -11.88
N THR A 129 45.63 -41.54 -13.21
CA THR A 129 46.27 -42.70 -13.82
C THR A 129 47.66 -42.94 -13.23
N ILE A 130 48.37 -41.87 -12.80
CA ILE A 130 49.64 -41.91 -12.09
C ILE A 130 49.39 -42.23 -10.67
N ILE A 131 48.41 -41.63 -9.95
CA ILE A 131 48.13 -42.09 -8.53
C ILE A 131 47.80 -43.58 -8.38
N ILE A 132 47.14 -44.15 -9.40
CA ILE A 132 46.90 -45.57 -9.47
C ILE A 132 48.16 -46.42 -9.58
N SER A 133 48.97 -46.09 -10.56
CA SER A 133 50.26 -46.73 -10.77
C SER A 133 51.20 -46.66 -9.61
N GLY A 134 51.25 -45.47 -8.94
CA GLY A 134 51.92 -45.16 -7.76
C GLY A 134 51.53 -46.13 -6.57
N TYR A 135 50.22 -46.20 -6.24
CA TYR A 135 49.58 -47.03 -5.27
C TYR A 135 49.76 -48.49 -5.51
N LYS A 136 49.67 -48.94 -6.74
CA LYS A 136 49.94 -50.35 -7.18
C LYS A 136 51.31 -50.80 -6.77
N LYS A 137 52.33 -50.07 -7.23
CA LYS A 137 53.70 -50.32 -6.87
C LYS A 137 53.92 -50.34 -5.36
N ALA A 138 53.22 -49.42 -4.66
CA ALA A 138 53.38 -49.42 -3.24
C ALA A 138 52.78 -50.52 -2.53
N GLU A 139 51.60 -50.97 -2.95
CA GLU A 139 50.82 -52.14 -2.50
C GLU A 139 51.58 -53.46 -2.63
N GLU A 140 52.15 -53.68 -3.76
CA GLU A 140 53.13 -54.77 -4.07
C GLU A 140 54.15 -54.99 -2.96
N VAL A 141 55.06 -53.96 -2.75
CA VAL A 141 56.01 -53.99 -1.66
C VAL A 141 55.46 -54.22 -0.28
N ALA A 142 54.40 -53.42 0.08
CA ALA A 142 53.63 -53.57 1.27
C ALA A 142 53.11 -54.95 1.61
N LEU A 143 52.69 -55.68 0.55
CA LEU A 143 52.20 -57.05 0.67
C LEU A 143 53.26 -58.01 1.05
N GLN A 144 54.27 -58.15 0.18
CA GLN A 144 55.43 -58.99 0.45
C GLN A 144 56.26 -58.81 1.70
N THR A 145 56.16 -57.49 2.16
CA THR A 145 56.81 -57.13 3.44
C THR A 145 56.25 -57.87 4.62
N ILE A 146 55.10 -58.49 4.47
CA ILE A 146 54.53 -59.41 5.44
C ILE A 146 54.94 -60.88 5.19
N GLN A 147 55.04 -61.35 3.92
CA GLN A 147 55.51 -62.66 3.63
C GLN A 147 56.97 -62.92 4.20
N GLU A 148 57.96 -62.08 3.76
CA GLU A 148 59.27 -62.05 4.37
C GLU A 148 59.30 -61.44 5.78
N LEU A 149 58.35 -61.79 6.69
CA LEU A 149 58.34 -61.28 8.01
C LEU A 149 57.46 -62.11 8.94
N ALA A 150 56.41 -62.82 8.46
CA ALA A 150 55.53 -63.67 9.24
C ALA A 150 56.18 -64.87 9.91
N GLN A 151 55.57 -65.26 11.10
CA GLN A 151 56.18 -66.27 11.92
C GLN A 151 55.30 -67.47 11.77
N THR A 152 56.07 -68.61 11.69
CA THR A 152 55.60 -69.93 11.48
C THR A 152 54.85 -70.54 12.67
N VAL A 153 53.52 -70.78 12.53
CA VAL A 153 52.66 -71.40 13.59
C VAL A 153 52.31 -72.86 13.29
N SER A 154 52.49 -73.73 14.30
CA SER A 154 52.23 -75.07 14.22
C SER A 154 51.13 -75.43 15.24
N ILE A 155 50.70 -76.73 15.15
CA ILE A 155 49.72 -77.30 16.05
C ILE A 155 50.14 -77.50 17.53
N ASN A 156 51.50 -77.49 17.71
CA ASN A 156 52.24 -77.67 18.96
C ASN A 156 52.48 -76.40 19.74
N ASP A 157 52.15 -75.25 19.15
CA ASP A 157 52.32 -73.89 19.66
C ASP A 157 51.02 -73.56 20.42
N THR A 158 50.75 -74.30 21.48
CA THR A 158 49.55 -74.17 22.23
C THR A 158 49.42 -73.04 23.22
N ASP A 159 50.55 -72.50 23.67
CA ASP A 159 50.54 -71.24 24.39
C ASP A 159 50.35 -69.97 23.54
N LEU A 160 50.45 -70.12 22.22
CA LEU A 160 50.31 -69.12 21.21
C LEU A 160 48.94 -68.92 20.74
N LEU A 161 48.27 -70.03 20.43
CA LEU A 161 46.79 -70.03 20.15
C LEU A 161 45.89 -69.56 21.28
N ARG A 162 46.37 -69.75 22.52
CA ARG A 162 45.83 -69.12 23.76
C ARG A 162 45.86 -67.59 23.67
N LYS A 163 46.82 -67.03 22.94
CA LYS A 163 46.98 -65.58 22.88
C LYS A 163 45.97 -65.20 21.86
N ILE A 164 46.08 -65.62 20.66
CA ILE A 164 45.06 -65.36 19.56
C ILE A 164 43.62 -65.45 20.00
N ALA A 165 43.29 -66.35 20.92
CA ALA A 165 41.95 -66.50 21.43
C ALA A 165 41.63 -65.22 22.35
N MET A 166 42.51 -64.88 23.28
CA MET A 166 42.28 -63.64 24.06
C MET A 166 42.35 -62.43 23.22
N THR A 167 43.19 -62.26 22.19
CA THR A 167 43.14 -61.18 21.20
C THR A 167 41.80 -61.06 20.52
N SER A 168 40.83 -62.02 20.64
CA SER A 168 39.56 -62.03 19.99
C SER A 168 38.53 -61.63 21.05
N LEU A 169 38.59 -62.26 22.21
CA LEU A 169 37.68 -62.18 23.33
C LEU A 169 37.87 -60.83 24.13
N SER A 170 39.14 -60.29 24.27
CA SER A 170 39.35 -58.98 25.04
C SER A 170 38.67 -57.74 24.65
N SER A 171 38.17 -57.63 23.40
CA SER A 171 37.68 -56.39 22.98
C SER A 171 36.18 -56.48 22.93
N LYS A 172 35.54 -57.66 23.17
CA LYS A 172 34.14 -57.90 23.22
C LYS A 172 33.43 -57.27 24.43
N ALA A 173 32.02 -57.31 24.43
CA ALA A 173 31.12 -56.68 25.41
C ALA A 173 31.20 -57.23 26.80
N VAL A 174 31.25 -58.59 26.84
CA VAL A 174 31.55 -59.38 28.08
C VAL A 174 32.94 -59.09 28.72
N ALA A 175 33.00 -58.91 30.04
CA ALA A 175 34.28 -58.59 30.74
C ALA A 175 34.75 -59.71 31.72
N GLY A 176 34.02 -60.81 31.70
CA GLY A 176 34.29 -62.13 32.29
C GLY A 176 35.64 -62.76 32.10
N ALA A 177 35.93 -63.69 33.03
CA ALA A 177 37.31 -64.32 33.03
C ALA A 177 37.59 -65.14 31.69
N ARG A 178 38.49 -64.50 30.89
CA ARG A 178 38.83 -64.94 29.60
C ARG A 178 39.75 -66.08 29.37
N GLU A 179 40.69 -66.35 30.34
CA GLU A 179 41.57 -67.53 30.31
C GLU A 179 40.79 -68.85 30.15
N TYR A 180 39.57 -68.99 30.83
CA TYR A 180 38.63 -70.13 30.76
C TYR A 180 38.20 -70.36 29.38
N ILE A 181 37.68 -69.27 28.74
CA ILE A 181 37.18 -69.34 27.31
C ILE A 181 38.38 -69.55 26.33
N ALA A 182 39.55 -68.82 26.55
CA ALA A 182 40.78 -69.13 25.83
C ALA A 182 41.29 -70.56 25.84
N ASP A 183 41.47 -71.15 27.06
CA ASP A 183 41.93 -72.44 27.29
C ASP A 183 41.09 -73.49 26.53
N ILE A 184 39.68 -73.39 26.64
CA ILE A 184 38.77 -74.19 25.87
C ILE A 184 39.05 -74.18 24.45
N VAL A 185 38.98 -72.93 23.95
CA VAL A 185 39.20 -72.58 22.57
C VAL A 185 40.50 -73.26 21.98
N VAL A 186 41.64 -73.37 22.71
CA VAL A 186 42.76 -74.07 22.19
C VAL A 186 42.44 -75.50 22.02
N LYS A 187 41.95 -76.22 23.03
CA LYS A 187 41.64 -77.59 23.00
C LYS A 187 40.54 -77.92 21.93
N ALA A 188 39.41 -77.13 21.84
CA ALA A 188 38.40 -77.27 20.86
C ALA A 188 38.81 -77.23 19.44
N VAL A 189 39.77 -76.35 19.11
CA VAL A 189 40.34 -76.31 17.72
C VAL A 189 41.45 -77.44 17.48
N THR A 190 42.47 -77.56 18.31
CA THR A 190 43.48 -78.66 18.27
C THR A 190 42.98 -80.06 18.21
N GLN A 191 41.79 -80.31 18.80
CA GLN A 191 40.94 -81.56 18.77
C GLN A 191 40.32 -81.77 17.39
N VAL A 192 39.85 -80.70 16.69
CA VAL A 192 39.12 -80.87 15.46
C VAL A 192 40.10 -80.90 14.26
N ALA A 193 41.27 -80.33 14.47
CA ALA A 193 42.29 -80.25 13.48
C ALA A 193 42.73 -81.60 12.94
N GLU A 194 42.75 -81.74 11.66
CA GLU A 194 43.16 -82.88 10.85
C GLU A 194 43.99 -82.36 9.73
N LEU A 195 44.78 -83.31 9.14
CA LEU A 195 45.57 -82.95 8.01
C LEU A 195 44.86 -83.26 6.70
N ARG A 196 45.04 -82.36 5.69
CA ARG A 196 44.56 -82.59 4.34
C ARG A 196 45.71 -82.18 3.42
N GLY A 197 46.25 -83.07 2.55
CA GLY A 197 47.50 -82.75 1.72
C GLY A 197 48.76 -82.54 2.59
N ASP A 198 48.80 -83.13 3.79
CA ASP A 198 49.79 -83.05 4.85
C ASP A 198 50.04 -81.64 5.32
N LYS A 199 48.98 -80.90 5.49
CA LYS A 199 48.97 -79.55 5.93
C LYS A 199 47.70 -79.29 6.78
N TRP A 200 47.72 -78.62 7.98
CA TRP A 200 46.57 -78.51 8.84
C TRP A 200 45.31 -77.75 8.36
N TYR A 201 44.15 -78.33 8.66
CA TYR A 201 42.87 -77.80 8.29
C TYR A 201 41.96 -78.21 9.54
N VAL A 202 40.92 -77.34 9.81
CA VAL A 202 39.89 -77.30 10.85
C VAL A 202 38.49 -77.01 10.27
N ASP A 203 37.77 -78.05 10.10
CA ASP A 203 36.41 -78.02 9.63
C ASP A 203 35.49 -77.81 10.88
N LEU A 204 34.87 -76.60 11.00
CA LEU A 204 34.13 -76.09 12.16
C LEU A 204 32.96 -76.91 12.59
N ASP A 205 32.27 -77.61 11.66
CA ASP A 205 31.09 -78.38 11.88
C ASP A 205 31.25 -79.38 13.01
N ASN A 206 32.42 -79.72 13.36
CA ASN A 206 32.79 -80.62 14.44
C ASN A 206 32.72 -79.99 15.78
N ILE A 207 32.07 -78.86 15.97
CA ILE A 207 31.89 -78.26 17.28
C ILE A 207 30.51 -77.79 17.51
N GLN A 208 29.81 -78.33 18.52
CA GLN A 208 28.53 -77.83 18.97
C GLN A 208 28.69 -76.89 20.20
N ILE A 209 27.84 -75.80 20.40
CA ILE A 209 27.98 -74.84 21.53
C ILE A 209 26.62 -74.70 22.24
N VAL A 210 26.59 -75.11 23.52
CA VAL A 210 25.34 -75.03 24.25
C VAL A 210 25.65 -74.04 25.41
N LYS A 211 24.64 -73.17 25.78
CA LYS A 211 24.92 -72.10 26.83
C LYS A 211 23.69 -72.10 27.74
N LYS A 212 23.94 -72.05 29.12
CA LYS A 212 22.87 -72.03 30.05
C LYS A 212 23.21 -70.88 30.93
N ALA A 213 22.24 -70.04 31.20
CA ALA A 213 22.49 -68.93 32.07
C ALA A 213 22.40 -69.32 33.53
N GLY A 214 23.02 -68.42 34.44
CA GLY A 214 23.11 -68.74 35.89
C GLY A 214 24.44 -69.33 36.20
N GLY A 215 24.79 -69.39 37.54
CA GLY A 215 26.11 -69.91 37.90
C GLY A 215 27.34 -69.15 37.49
N SER A 216 28.53 -69.83 37.38
CA SER A 216 29.76 -69.04 37.19
C SER A 216 30.49 -69.48 35.95
N ILE A 217 31.58 -68.81 35.58
CA ILE A 217 32.45 -69.05 34.45
C ILE A 217 33.28 -70.25 34.72
N ASN A 218 33.41 -70.63 35.97
CA ASN A 218 34.18 -71.83 36.38
C ASN A 218 33.40 -73.08 35.94
N ASP A 219 32.11 -72.83 35.66
CA ASP A 219 31.26 -73.89 35.30
C ASP A 219 31.22 -74.17 33.80
N THR A 220 32.21 -73.60 33.06
CA THR A 220 32.37 -73.70 31.55
C THR A 220 33.10 -74.95 31.33
N GLN A 221 32.76 -75.77 30.32
CA GLN A 221 33.51 -76.99 30.19
C GLN A 221 33.49 -77.34 28.73
N LEU A 222 34.42 -78.27 28.33
CA LEU A 222 34.46 -78.88 27.00
C LEU A 222 34.00 -80.33 27.12
N VAL A 223 33.08 -80.72 26.26
CA VAL A 223 32.49 -82.00 26.38
C VAL A 223 33.04 -82.80 25.19
N TYR A 224 33.50 -84.03 25.53
CA TYR A 224 33.92 -84.95 24.45
C TYR A 224 32.86 -85.95 24.13
N GLY A 225 31.81 -85.30 23.53
CA GLY A 225 30.59 -86.02 23.09
C GLY A 225 29.66 -84.99 22.56
N ILE A 226 28.47 -85.40 22.30
CA ILE A 226 27.40 -84.48 21.90
C ILE A 226 26.38 -84.41 23.09
N VAL A 227 25.73 -83.29 23.26
CA VAL A 227 24.87 -83.10 24.36
C VAL A 227 23.57 -82.61 23.75
N VAL A 228 22.55 -83.45 24.02
CA VAL A 228 21.22 -83.23 23.49
C VAL A 228 20.42 -82.58 24.55
N ASP A 229 20.06 -81.30 24.27
CA ASP A 229 19.33 -80.41 25.24
C ASP A 229 17.87 -80.82 25.38
N LYS A 230 17.60 -82.01 25.89
CA LYS A 230 16.33 -82.53 26.24
C LYS A 230 16.57 -83.32 27.47
N GLU A 231 15.53 -83.39 28.36
CA GLU A 231 15.38 -84.28 29.51
C GLU A 231 15.11 -85.71 28.97
N VAL A 232 15.25 -86.80 29.78
CA VAL A 232 14.71 -88.13 29.40
C VAL A 232 13.22 -88.27 29.64
N VAL A 233 12.60 -89.23 29.02
CA VAL A 233 11.14 -89.33 29.10
C VAL A 233 10.54 -89.90 30.37
N HIS A 234 11.20 -90.80 31.06
CA HIS A 234 10.82 -91.36 32.42
C HIS A 234 12.12 -91.32 33.24
N PRO A 235 12.17 -90.75 34.46
CA PRO A 235 13.32 -90.73 35.28
C PRO A 235 13.62 -92.07 35.77
N GLY A 236 12.67 -92.99 35.73
CA GLY A 236 12.88 -94.35 36.10
C GLY A 236 13.63 -95.14 35.07
N MET A 237 13.96 -94.54 33.92
CA MET A 237 14.83 -95.16 32.84
C MET A 237 16.34 -95.06 33.17
N PRO A 238 17.24 -95.75 32.46
CA PRO A 238 18.63 -95.68 32.84
C PRO A 238 19.23 -94.38 33.30
N LYS A 239 20.05 -94.34 34.38
CA LYS A 239 20.73 -93.08 34.72
C LYS A 239 22.03 -92.99 33.92
N ARG A 240 22.75 -94.08 33.80
CA ARG A 240 24.06 -94.22 33.16
C ARG A 240 24.06 -95.59 32.48
N LEU A 241 23.94 -95.64 31.12
CA LEU A 241 23.95 -96.97 30.47
C LEU A 241 25.26 -97.19 29.69
N GLU A 242 25.93 -98.32 29.82
CA GLU A 242 27.12 -98.51 29.03
C GLU A 242 27.06 -99.11 27.62
N ASN A 243 27.81 -98.52 26.63
CA ASN A 243 27.98 -98.99 25.24
C ASN A 243 26.58 -98.98 24.60
N ALA A 244 25.89 -97.88 24.88
CA ALA A 244 24.53 -97.66 24.59
C ALA A 244 24.18 -97.47 23.07
N LYS A 245 23.71 -98.55 22.32
CA LYS A 245 23.21 -98.34 20.91
C LYS A 245 22.08 -97.43 20.68
N ILE A 246 22.30 -96.15 20.29
CA ILE A 246 21.33 -95.09 19.87
C ILE A 246 20.39 -95.29 18.65
N ALA A 247 19.12 -94.92 18.76
CA ALA A 247 18.19 -94.98 17.66
C ALA A 247 17.51 -93.61 17.51
N LEU A 248 17.99 -92.79 16.62
CA LEU A 248 17.57 -91.45 16.27
C LEU A 248 16.31 -91.43 15.34
N ILE A 249 15.12 -91.47 15.91
CA ILE A 249 13.83 -91.65 15.29
C ILE A 249 13.06 -90.35 15.04
N ASP A 250 13.05 -89.93 13.76
CA ASP A 250 12.33 -88.69 13.35
C ASP A 250 10.92 -89.06 12.87
N ALA A 251 10.58 -90.35 12.90
CA ALA A 251 9.20 -90.80 12.65
C ALA A 251 8.28 -90.37 13.78
N SER A 252 6.95 -90.25 13.56
CA SER A 252 6.00 -89.98 14.71
C SER A 252 5.75 -91.23 15.57
N LEU A 253 6.11 -91.20 16.85
CA LEU A 253 5.80 -92.23 17.82
C LEU A 253 4.69 -91.70 18.68
N GLU A 254 3.71 -90.92 18.09
CA GLU A 254 2.49 -90.44 18.67
C GLU A 254 1.34 -90.57 17.75
N VAL A 255 0.11 -90.71 18.24
CA VAL A 255 -1.03 -90.90 17.32
C VAL A 255 -1.47 -89.65 16.65
N GLU A 256 -2.39 -89.79 15.71
CA GLU A 256 -3.04 -88.66 15.05
C GLU A 256 -4.49 -88.67 15.42
N LYS A 257 -5.17 -87.55 15.39
CA LYS A 257 -6.62 -87.44 15.77
C LYS A 257 -7.63 -87.75 14.66
N PRO A 258 -8.52 -88.76 14.82
CA PRO A 258 -9.62 -89.05 13.88
C PRO A 258 -10.49 -87.83 13.57
N GLU A 259 -10.53 -86.83 14.40
CA GLU A 259 -11.34 -85.60 14.19
C GLU A 259 -10.54 -84.47 13.54
N LEU A 260 -9.26 -84.68 13.25
CA LEU A 260 -8.34 -83.64 12.62
C LEU A 260 -8.78 -82.92 11.43
N ASP A 261 -9.27 -83.54 10.30
CA ASP A 261 -9.75 -82.71 9.15
C ASP A 261 -11.05 -82.02 9.50
N ALA A 262 -11.86 -82.80 10.18
CA ALA A 262 -13.20 -82.45 10.62
C ALA A 262 -13.75 -83.55 11.54
N GLU A 263 -14.78 -83.16 12.34
CA GLU A 263 -15.42 -84.11 13.19
C GLU A 263 -16.00 -85.35 12.57
N ILE A 264 -15.76 -86.52 13.18
CA ILE A 264 -16.02 -87.87 12.74
C ILE A 264 -17.47 -88.09 12.34
N ARG A 265 -17.72 -88.97 11.32
CA ARG A 265 -19.02 -89.32 10.82
C ARG A 265 -19.43 -90.75 11.30
N ILE A 266 -18.63 -91.34 12.22
CA ILE A 266 -18.92 -92.57 12.95
C ILE A 266 -20.19 -92.43 13.86
N ASN A 267 -20.93 -93.55 13.94
CA ASN A 267 -22.09 -93.68 14.74
C ASN A 267 -21.96 -94.73 15.81
N ASP A 268 -21.46 -95.96 15.49
CA ASP A 268 -21.43 -97.05 16.48
C ASP A 268 -20.26 -97.00 17.51
N PRO A 269 -20.44 -97.18 18.88
CA PRO A 269 -19.31 -97.09 19.82
C PRO A 269 -18.31 -98.21 19.63
N THR A 270 -18.71 -99.35 19.00
CA THR A 270 -17.74 -100.41 18.57
C THR A 270 -16.79 -99.89 17.50
N GLN A 271 -17.29 -99.15 16.55
CA GLN A 271 -16.57 -98.61 15.41
C GLN A 271 -15.55 -97.61 15.85
N MET A 272 -15.95 -96.74 16.84
CA MET A 272 -15.07 -95.76 17.50
C MET A 272 -13.79 -96.39 18.12
N GLN A 273 -14.09 -97.16 19.11
CA GLN A 273 -13.19 -97.94 19.89
C GLN A 273 -12.08 -98.66 19.18
N LYS A 274 -12.50 -99.71 18.30
CA LYS A 274 -11.56 -100.41 17.39
C LYS A 274 -10.73 -99.46 16.40
N PHE A 275 -11.17 -98.18 16.22
CA PHE A 275 -10.45 -97.28 15.38
C PHE A 275 -9.25 -96.69 16.12
N LEU A 276 -9.47 -96.03 17.25
CA LEU A 276 -8.42 -95.56 18.13
C LEU A 276 -7.63 -96.67 18.90
N ASP A 277 -8.16 -97.93 19.06
CA ASP A 277 -7.56 -99.10 19.66
C ASP A 277 -6.40 -99.60 18.67
N GLU A 278 -6.78 -99.79 17.39
CA GLU A 278 -5.76 -100.15 16.40
C GLU A 278 -4.71 -99.05 16.23
N GLU A 279 -5.07 -97.72 16.36
CA GLU A 279 -4.12 -96.68 16.43
C GLU A 279 -3.30 -96.67 17.68
N GLU A 280 -3.74 -97.13 18.91
CA GLU A 280 -2.90 -97.08 20.11
C GLU A 280 -1.90 -98.18 20.06
N ASN A 281 -2.35 -99.38 19.50
CA ASN A 281 -1.49 -100.53 19.23
C ASN A 281 -0.55 -100.29 18.06
N LEU A 282 -0.77 -99.18 17.20
CA LEU A 282 0.20 -98.79 16.12
C LEU A 282 1.52 -98.29 16.70
N ILE A 283 1.45 -97.55 17.79
CA ILE A 283 2.64 -96.99 18.40
C ILE A 283 3.39 -98.10 19.11
N LYS A 284 2.77 -99.06 19.78
CA LYS A 284 3.47 -100.24 20.36
C LYS A 284 4.12 -101.19 19.32
N GLU A 285 3.49 -101.16 18.08
CA GLU A 285 4.07 -101.71 16.85
C GLU A 285 5.29 -100.96 16.44
N LYS A 286 5.24 -99.61 16.30
CA LYS A 286 6.41 -98.78 15.85
C LYS A 286 7.65 -98.84 16.61
N VAL A 287 7.46 -98.79 17.93
CA VAL A 287 8.49 -99.10 18.93
C VAL A 287 8.99 -100.54 18.74
N ASP A 288 8.16 -101.60 18.54
CA ASP A 288 8.55 -102.96 18.34
C ASP A 288 9.36 -103.07 17.01
N LYS A 289 9.00 -102.27 16.01
CA LYS A 289 9.77 -102.21 14.78
C LYS A 289 11.20 -101.63 14.87
N ILE A 290 11.39 -100.82 15.95
CA ILE A 290 12.73 -100.26 16.27
C ILE A 290 13.55 -101.25 17.15
N LEU A 291 12.85 -101.86 18.17
CA LEU A 291 13.43 -102.91 19.02
C LEU A 291 13.79 -104.24 18.38
N ALA A 292 13.24 -104.38 17.17
CA ALA A 292 13.61 -105.45 16.23
C ALA A 292 15.07 -105.38 15.82
N THR A 293 15.65 -104.20 16.00
CA THR A 293 17.00 -103.88 15.71
C THR A 293 17.89 -104.00 16.93
N GLY A 294 17.33 -104.06 18.17
CA GLY A 294 18.19 -104.14 19.34
C GLY A 294 18.69 -102.95 19.92
N ALA A 295 18.12 -101.74 19.62
CA ALA A 295 18.57 -100.41 20.14
C ALA A 295 18.50 -100.34 21.63
N ASN A 296 19.37 -99.47 22.27
CA ASN A 296 19.20 -99.29 23.69
C ASN A 296 18.74 -97.91 24.11
N VAL A 297 18.88 -96.98 23.15
CA VAL A 297 18.46 -95.62 23.44
C VAL A 297 17.69 -95.20 22.23
N ILE A 298 16.72 -94.33 22.43
CA ILE A 298 15.82 -94.00 21.37
C ILE A 298 15.48 -92.57 21.66
N ILE A 299 15.83 -91.74 20.68
CA ILE A 299 15.65 -90.29 20.94
C ILE A 299 14.77 -89.94 19.74
N CYS A 300 13.81 -89.00 20.01
CA CYS A 300 12.87 -88.60 18.94
C CYS A 300 12.69 -87.13 18.81
N GLN A 301 11.89 -86.77 17.80
CA GLN A 301 11.64 -85.46 17.38
C GLN A 301 10.21 -85.02 17.57
N LYS A 302 9.20 -85.98 17.44
CA LYS A 302 7.77 -85.81 17.75
C LYS A 302 7.54 -86.28 19.13
N GLY A 303 6.22 -86.27 19.57
CA GLY A 303 5.83 -86.77 20.90
C GLY A 303 5.90 -88.30 21.08
N ILE A 304 5.44 -88.83 22.26
CA ILE A 304 5.46 -90.26 22.53
C ILE A 304 4.25 -90.55 23.36
N ASP A 305 3.46 -91.50 22.94
CA ASP A 305 2.26 -92.07 23.55
C ASP A 305 2.50 -92.72 24.90
N GLU A 306 1.53 -92.55 25.88
CA GLU A 306 1.78 -92.98 27.24
C GLU A 306 1.74 -94.44 27.46
N VAL A 307 1.06 -95.26 26.62
CA VAL A 307 1.12 -96.75 26.74
C VAL A 307 2.39 -97.17 26.12
N ALA A 308 2.89 -96.49 25.07
CA ALA A 308 4.25 -96.76 24.55
C ALA A 308 5.49 -96.26 25.45
N GLN A 309 5.25 -95.37 26.43
CA GLN A 309 6.23 -94.82 27.42
C GLN A 309 6.43 -95.98 28.46
N SER A 310 5.27 -96.56 28.89
CA SER A 310 5.15 -97.83 29.68
C SER A 310 5.74 -99.04 28.96
N TYR A 311 5.74 -99.07 27.65
CA TYR A 311 6.31 -100.10 26.78
C TYR A 311 7.82 -99.91 26.77
N LEU A 312 8.40 -98.71 26.51
CA LEU A 312 9.84 -98.54 26.56
C LEU A 312 10.49 -98.67 27.98
N ALA A 313 9.75 -98.24 29.01
CA ALA A 313 10.11 -98.34 30.40
C ALA A 313 10.17 -99.83 30.87
N LYS A 314 9.23 -100.75 30.53
CA LYS A 314 9.31 -102.14 31.02
C LYS A 314 10.46 -102.90 30.34
N LYS A 315 10.92 -102.51 29.14
CA LYS A 315 12.01 -103.20 28.44
C LYS A 315 13.32 -102.72 28.99
N GLY A 316 13.38 -101.53 29.55
CA GLY A 316 14.64 -101.02 30.13
C GLY A 316 15.32 -100.14 29.16
N VAL A 317 14.58 -99.62 28.15
CA VAL A 317 15.13 -98.83 27.07
C VAL A 317 15.18 -97.35 27.53
N LEU A 318 16.07 -96.55 26.90
CA LEU A 318 16.23 -95.16 27.39
C LEU A 318 15.63 -94.16 26.38
N ALA A 319 14.57 -93.47 26.70
CA ALA A 319 13.89 -92.68 25.68
C ALA A 319 13.83 -91.20 26.00
N VAL A 320 13.82 -90.33 25.01
CA VAL A 320 13.81 -88.86 24.99
C VAL A 320 12.61 -88.46 24.15
N ARG A 321 11.78 -87.47 24.56
CA ARG A 321 10.60 -87.13 23.82
C ARG A 321 10.69 -85.66 23.36
N ARG A 322 10.43 -85.33 22.07
CA ARG A 322 10.54 -83.96 21.49
C ARG A 322 11.94 -83.27 21.44
N ALA A 323 13.06 -84.00 20.97
CA ALA A 323 14.32 -83.27 20.80
C ALA A 323 14.31 -82.47 19.44
N LYS A 324 15.34 -81.63 19.18
CA LYS A 324 15.48 -80.94 17.90
C LYS A 324 16.25 -81.85 16.93
N LYS A 325 15.72 -82.19 15.71
CA LYS A 325 16.40 -82.85 14.61
C LYS A 325 17.83 -82.23 14.20
N SER A 326 18.05 -80.91 14.36
CA SER A 326 19.30 -80.24 14.19
C SER A 326 20.47 -80.91 14.89
N ASP A 327 20.14 -81.47 16.06
CA ASP A 327 21.16 -81.99 16.98
C ASP A 327 21.21 -83.52 16.85
N LEU A 328 20.13 -84.14 16.38
CA LEU A 328 19.98 -85.57 16.12
C LEU A 328 21.02 -85.90 15.04
N GLU A 329 21.13 -84.95 14.07
CA GLU A 329 22.12 -84.97 12.98
C GLU A 329 23.56 -84.94 13.38
N LYS A 330 23.86 -83.97 14.29
CA LYS A 330 25.15 -83.92 14.97
C LYS A 330 25.56 -85.13 15.77
N LEU A 331 24.56 -85.89 16.30
CA LEU A 331 24.75 -87.08 17.11
C LEU A 331 24.77 -88.38 16.29
N ALA A 332 24.18 -88.31 15.11
CA ALA A 332 24.31 -89.24 14.02
C ALA A 332 25.69 -89.38 13.48
N ARG A 333 26.24 -88.38 12.79
CA ARG A 333 27.64 -88.39 12.32
C ARG A 333 28.71 -88.34 13.40
N ALA A 334 28.33 -88.29 14.69
CA ALA A 334 29.38 -88.38 15.73
C ALA A 334 29.41 -89.62 16.45
N THR A 335 28.42 -90.55 16.14
CA THR A 335 28.36 -91.90 16.70
C THR A 335 28.39 -93.08 15.73
N GLY A 336 28.19 -92.75 14.45
CA GLY A 336 28.15 -93.73 13.36
C GLY A 336 26.75 -94.05 13.01
N GLY A 337 25.78 -93.41 13.65
CA GLY A 337 24.38 -93.64 13.29
C GLY A 337 23.80 -92.76 12.20
N ARG A 338 22.59 -93.15 11.79
CA ARG A 338 21.71 -92.38 10.88
C ARG A 338 20.37 -92.01 11.58
N VAL A 339 19.85 -90.82 11.29
CA VAL A 339 18.48 -90.42 11.61
C VAL A 339 17.49 -91.15 10.72
N VAL A 340 16.54 -91.98 11.32
CA VAL A 340 15.59 -92.85 10.64
C VAL A 340 14.27 -92.15 10.68
N SER A 341 13.67 -91.84 9.50
CA SER A 341 12.38 -91.11 9.37
C SER A 341 11.25 -92.00 9.23
N ASN A 342 11.47 -93.24 8.82
CA ASN A 342 10.55 -94.24 8.58
C ASN A 342 10.97 -95.46 9.34
N ILE A 343 10.14 -95.79 10.40
CA ILE A 343 10.29 -96.93 11.25
C ILE A 343 10.48 -98.22 10.55
N ASP A 344 9.94 -98.49 9.34
CA ASP A 344 10.19 -99.69 8.57
C ASP A 344 11.55 -99.73 7.83
N GLU A 345 12.55 -98.87 8.12
CA GLU A 345 13.84 -98.84 7.38
C GLU A 345 15.08 -99.01 8.28
N ILE A 346 14.92 -99.13 9.63
CA ILE A 346 16.02 -99.22 10.51
C ILE A 346 16.83 -100.59 10.42
N SER A 347 18.18 -100.59 10.50
CA SER A 347 19.02 -101.73 10.52
C SER A 347 20.23 -101.57 11.42
N GLU A 348 21.04 -102.64 11.58
CA GLU A 348 22.16 -102.66 12.53
C GLU A 348 23.33 -101.77 12.07
N GLN A 349 23.15 -101.17 10.89
CA GLN A 349 24.04 -100.28 10.29
C GLN A 349 23.50 -98.84 10.39
N ASP A 350 22.27 -98.61 11.00
CA ASP A 350 21.67 -97.26 11.13
C ASP A 350 21.87 -96.92 12.61
N LEU A 351 22.31 -97.83 13.53
CA LEU A 351 22.38 -97.37 14.92
C LEU A 351 23.72 -96.70 15.34
N GLY A 352 23.65 -95.75 16.31
CA GLY A 352 24.87 -95.06 16.69
C GLY A 352 25.51 -95.71 17.88
N TYR A 353 26.82 -95.55 17.97
CA TYR A 353 27.71 -96.09 19.06
C TYR A 353 28.32 -94.94 19.88
N ALA A 354 28.34 -95.05 21.20
CA ALA A 354 29.09 -94.20 22.11
C ALA A 354 29.34 -95.12 23.24
N SER A 355 30.33 -94.83 24.12
CA SER A 355 30.67 -95.77 25.22
C SER A 355 29.75 -95.56 26.43
N LEU A 356 29.19 -94.34 26.63
CA LEU A 356 28.21 -94.28 27.77
C LEU A 356 27.25 -93.15 27.61
N ILE A 357 25.91 -93.39 27.64
CA ILE A 357 24.94 -92.27 27.57
C ILE A 357 24.30 -92.21 29.00
N GLU A 358 24.09 -90.97 29.43
CA GLU A 358 23.52 -90.58 30.70
C GLU A 358 22.75 -89.30 30.61
N GLU A 359 22.04 -89.02 31.75
CA GLU A 359 21.29 -87.75 31.90
C GLU A 359 22.06 -87.05 32.95
N ARG A 360 22.42 -85.80 32.70
CA ARG A 360 23.12 -85.03 33.68
C ARG A 360 22.41 -83.69 33.84
N LYS A 361 22.38 -83.19 35.06
CA LYS A 361 21.81 -81.94 35.45
C LYS A 361 22.84 -80.75 35.41
N VAL A 362 22.39 -79.60 34.99
CA VAL A 362 23.16 -78.37 34.87
C VAL A 362 22.14 -77.32 35.49
N GLY A 363 22.25 -76.83 36.69
CA GLY A 363 21.26 -75.95 37.26
C GLY A 363 19.86 -76.52 37.28
N GLU A 364 18.87 -75.75 36.79
CA GLU A 364 17.51 -76.16 36.76
C GLU A 364 17.14 -76.74 35.35
N ASP A 365 18.13 -77.19 34.52
CA ASP A 365 17.91 -77.85 33.20
C ASP A 365 18.49 -79.32 33.25
N LYS A 366 17.89 -80.28 32.61
CA LYS A 366 18.36 -81.64 32.45
C LYS A 366 18.60 -81.86 31.00
N MET A 367 19.70 -82.58 30.61
CA MET A 367 20.05 -82.89 29.30
C MET A 367 20.64 -84.28 29.21
N VAL A 368 20.55 -84.88 28.07
CA VAL A 368 21.18 -86.20 27.90
C VAL A 368 22.62 -86.02 27.36
N PHE A 369 23.68 -86.67 27.82
CA PHE A 369 25.06 -86.56 27.29
C PHE A 369 25.49 -87.86 26.68
N VAL A 370 26.35 -87.79 25.59
CA VAL A 370 26.80 -88.87 24.78
C VAL A 370 28.24 -88.76 24.65
N GLU A 371 29.00 -88.81 25.79
CA GLU A 371 30.40 -88.85 25.83
C GLU A 371 30.86 -90.17 25.37
N GLY A 372 32.09 -90.36 24.79
CA GLY A 372 32.48 -91.69 24.36
C GLY A 372 32.15 -91.93 22.92
N ALA A 373 31.70 -90.91 22.10
CA ALA A 373 31.18 -91.02 20.78
C ALA A 373 32.19 -91.52 19.72
N LYS A 374 31.80 -92.40 18.79
CA LYS A 374 32.63 -93.00 17.70
C LYS A 374 33.50 -92.03 16.92
N ASN A 375 33.06 -90.77 16.76
CA ASN A 375 33.82 -89.65 16.20
C ASN A 375 34.62 -88.86 17.31
N PRO A 376 35.94 -88.72 17.25
CA PRO A 376 36.83 -88.08 18.30
C PRO A 376 36.84 -86.59 18.10
N LYS A 377 36.78 -86.10 16.82
CA LYS A 377 36.84 -84.76 16.23
C LYS A 377 35.60 -84.02 16.63
N SER A 378 34.41 -84.68 16.55
CA SER A 378 33.17 -84.06 16.84
C SER A 378 32.92 -83.90 18.34
N ILE A 379 32.85 -82.60 18.78
CA ILE A 379 32.76 -82.20 20.16
C ILE A 379 31.70 -81.22 20.37
N SER A 380 31.44 -80.93 21.71
CA SER A 380 30.54 -79.91 22.17
C SER A 380 31.27 -79.12 23.19
N ILE A 381 30.78 -77.90 23.49
CA ILE A 381 31.28 -77.02 24.52
C ILE A 381 30.02 -76.83 25.46
N LEU A 382 30.20 -76.76 26.82
CA LEU A 382 29.14 -76.45 27.68
C LEU A 382 29.45 -75.15 28.36
N ILE A 383 28.69 -74.06 28.00
CA ILE A 383 28.83 -72.80 28.66
C ILE A 383 27.77 -72.68 29.79
N ARG A 384 28.18 -72.07 30.87
CA ARG A 384 27.36 -71.65 31.95
C ARG A 384 27.91 -70.38 32.39
N GLY A 385 27.18 -69.63 33.27
CA GLY A 385 27.57 -68.38 33.94
C GLY A 385 26.92 -67.19 33.39
N GLY A 386 26.82 -66.15 34.29
CA GLY A 386 26.36 -64.84 33.95
C GLY A 386 24.88 -64.80 33.48
N LEU A 387 24.46 -63.58 33.15
CA LEU A 387 23.10 -63.14 32.89
C LEU A 387 22.56 -63.73 31.61
N GLU A 388 21.25 -63.93 31.45
CA GLU A 388 20.61 -64.44 30.29
C GLU A 388 20.93 -63.74 28.99
N ARG A 389 21.33 -62.44 28.98
CA ARG A 389 21.68 -61.66 27.79
C ARG A 389 23.14 -61.54 27.70
N LEU A 390 23.88 -61.42 28.83
CA LEU A 390 25.36 -61.58 28.86
C LEU A 390 25.86 -62.90 28.37
N VAL A 391 25.13 -64.07 28.67
CA VAL A 391 25.52 -65.39 28.25
C VAL A 391 25.46 -65.55 26.69
N ASP A 392 24.42 -64.89 26.07
CA ASP A 392 24.22 -64.81 24.66
C ASP A 392 25.41 -64.25 23.94
N GLU A 393 25.93 -63.12 24.43
CA GLU A 393 27.07 -62.42 23.88
C GLU A 393 28.38 -63.03 24.19
N THR A 394 28.44 -63.88 25.14
CA THR A 394 29.55 -64.77 25.58
C THR A 394 29.65 -65.92 24.57
N GLU A 395 28.55 -66.38 24.04
CA GLU A 395 28.56 -67.30 22.88
C GLU A 395 28.97 -66.72 21.54
N ARG A 396 28.62 -65.43 21.35
CA ARG A 396 28.95 -64.75 20.15
C ARG A 396 30.46 -64.59 20.06
N ALA A 397 31.10 -63.98 21.10
CA ALA A 397 32.50 -63.83 21.30
C ALA A 397 33.32 -65.11 21.17
N LEU A 398 32.83 -66.29 21.76
CA LEU A 398 33.40 -67.57 21.63
C LEU A 398 33.38 -68.16 20.26
N ARG A 399 32.27 -67.97 19.50
CA ARG A 399 32.06 -68.34 18.16
C ARG A 399 33.12 -67.69 17.30
N ASP A 400 33.31 -66.37 17.43
CA ASP A 400 34.36 -65.61 16.75
C ASP A 400 35.76 -66.01 17.10
N ALA A 401 36.02 -66.25 18.40
CA ALA A 401 37.30 -66.82 18.95
C ALA A 401 37.74 -68.13 18.34
N LEU A 402 36.80 -69.02 18.15
CA LEU A 402 36.97 -70.33 17.62
C LEU A 402 37.32 -70.10 16.19
N GLY A 403 36.49 -69.26 15.44
CA GLY A 403 36.70 -68.81 14.07
C GLY A 403 38.14 -68.36 13.87
N THR A 404 38.61 -67.32 14.58
CA THR A 404 39.89 -66.71 14.41
C THR A 404 41.09 -67.61 14.58
N VAL A 405 41.11 -68.38 15.67
CA VAL A 405 42.06 -69.39 15.94
C VAL A 405 42.14 -70.48 14.86
N ALA A 406 40.97 -70.90 14.38
CA ALA A 406 40.85 -71.91 13.33
C ALA A 406 41.48 -71.42 12.00
N ASP A 407 41.34 -70.14 11.73
CA ASP A 407 41.88 -69.44 10.53
C ASP A 407 43.43 -69.38 10.60
N VAL A 408 44.04 -69.15 11.84
CA VAL A 408 45.46 -69.27 12.03
C VAL A 408 45.85 -70.69 11.65
N ILE A 409 45.08 -71.75 12.00
CA ILE A 409 45.53 -73.19 11.82
C ILE A 409 45.54 -73.54 10.41
N LYS A 410 44.46 -73.21 9.65
CA LYS A 410 44.33 -73.36 8.15
C LYS A 410 45.37 -72.66 7.28
N ASP A 411 45.98 -71.54 7.86
CA ASP A 411 47.08 -70.74 7.22
C ASP A 411 48.45 -71.13 7.86
N GLY A 412 48.65 -70.73 9.12
CA GLY A 412 49.98 -71.02 9.76
C GLY A 412 50.86 -69.78 9.92
N ARG A 413 50.45 -68.52 9.67
CA ARG A 413 51.33 -67.35 9.90
C ARG A 413 50.71 -66.40 10.89
N ALA A 414 51.57 -65.88 11.81
CA ALA A 414 51.05 -64.97 12.75
C ALA A 414 52.13 -63.96 13.11
N ILE A 415 51.70 -62.68 13.15
CA ILE A 415 52.59 -61.51 13.24
C ILE A 415 52.23 -60.82 14.62
N ALA A 416 53.06 -59.89 15.05
CA ALA A 416 52.85 -59.05 16.26
C ALA A 416 51.88 -57.90 16.00
N GLY A 417 50.82 -57.78 16.78
CA GLY A 417 49.81 -56.71 16.59
C GLY A 417 50.29 -55.30 16.97
N GLY A 418 49.39 -54.37 17.24
CA GLY A 418 49.79 -53.06 17.87
C GLY A 418 50.59 -52.09 17.08
N GLY A 419 50.32 -52.09 15.84
CA GLY A 419 50.88 -51.29 14.87
C GLY A 419 52.30 -51.56 14.41
N ALA A 420 53.01 -52.58 14.91
CA ALA A 420 54.35 -52.91 14.60
C ALA A 420 54.70 -52.96 13.09
N VAL A 421 53.99 -53.80 12.42
CA VAL A 421 54.13 -54.15 10.98
C VAL A 421 53.73 -53.01 10.07
N GLU A 422 52.79 -52.14 10.52
CA GLU A 422 52.26 -50.94 9.89
C GLU A 422 53.41 -49.92 9.80
N ILE A 423 53.96 -49.45 10.96
CA ILE A 423 55.08 -48.58 10.88
C ILE A 423 56.24 -49.09 10.04
N GLU A 424 56.61 -50.35 9.92
CA GLU A 424 57.69 -50.95 9.11
C GLU A 424 57.34 -50.82 7.62
N ILE A 425 56.16 -51.26 7.10
CA ILE A 425 55.71 -50.97 5.76
C ILE A 425 55.72 -49.47 5.39
N ALA A 426 55.55 -48.56 6.41
CA ALA A 426 55.56 -47.12 6.28
C ALA A 426 57.02 -46.79 5.97
N LYS A 427 57.95 -46.89 6.96
CA LYS A 427 59.40 -46.68 6.74
C LYS A 427 59.97 -47.26 5.36
N LYS A 428 59.86 -48.58 5.12
CA LYS A 428 60.33 -49.29 3.98
C LYS A 428 59.78 -48.80 2.69
N LEU A 429 58.50 -48.33 2.64
CA LEU A 429 57.89 -47.66 1.43
C LEU A 429 58.48 -46.31 1.21
N ARG A 430 58.71 -45.51 2.28
CA ARG A 430 59.45 -44.22 2.12
C ARG A 430 60.90 -44.39 1.61
N LYS A 431 61.68 -45.39 2.12
CA LYS A 431 63.02 -45.66 1.61
C LYS A 431 63.02 -46.10 0.18
N TYR A 432 61.93 -46.71 -0.31
CA TYR A 432 61.67 -47.22 -1.62
C TYR A 432 61.43 -46.01 -2.60
N ALA A 433 60.51 -45.07 -2.26
CA ALA A 433 59.99 -43.95 -2.89
C ALA A 433 60.95 -43.16 -3.76
N PRO A 434 62.06 -42.51 -3.36
CA PRO A 434 63.11 -41.87 -4.25
C PRO A 434 63.34 -42.60 -5.58
N GLN A 435 63.40 -43.97 -5.56
CA GLN A 435 63.87 -44.60 -6.75
C GLN A 435 62.84 -45.01 -7.82
N VAL A 436 61.54 -45.09 -7.45
CA VAL A 436 60.42 -45.43 -8.33
C VAL A 436 60.15 -44.39 -9.43
N GLY A 437 60.23 -43.15 -9.22
CA GLY A 437 60.03 -42.29 -10.33
C GLY A 437 59.76 -40.90 -9.85
N GLY A 438 59.37 -39.99 -10.77
CA GLY A 438 59.05 -38.54 -10.61
C GLY A 438 57.84 -38.34 -9.72
N LYS A 439 56.68 -38.20 -10.40
CA LYS A 439 55.40 -38.02 -9.84
C LYS A 439 54.89 -39.19 -9.08
N GLU A 440 54.96 -40.47 -9.60
CA GLU A 440 54.48 -41.66 -8.87
C GLU A 440 55.05 -41.71 -7.34
N GLN A 441 56.15 -41.11 -7.05
CA GLN A 441 56.81 -40.93 -5.76
C GLN A 441 55.92 -40.28 -4.67
N LEU A 442 55.33 -39.14 -4.96
CA LEU A 442 54.40 -38.50 -4.15
C LEU A 442 53.16 -39.28 -3.78
N ALA A 443 52.68 -40.01 -4.79
CA ALA A 443 51.60 -41.01 -4.64
C ALA A 443 52.08 -42.07 -3.68
N VAL A 444 53.34 -42.65 -3.75
CA VAL A 444 53.89 -43.50 -2.76
C VAL A 444 54.10 -42.88 -1.28
N GLU A 445 54.69 -41.62 -1.21
CA GLU A 445 54.81 -40.89 0.00
C GLU A 445 53.44 -40.63 0.70
N ALA A 446 52.35 -40.40 -0.12
CA ALA A 446 50.93 -40.27 0.33
C ALA A 446 50.55 -41.65 0.92
N TYR A 447 50.70 -42.79 0.14
CA TYR A 447 50.54 -44.21 0.55
C TYR A 447 51.19 -44.54 1.88
N ALA A 448 52.41 -44.05 2.15
CA ALA A 448 53.10 -44.13 3.45
C ALA A 448 52.41 -43.28 4.53
N ASN A 449 52.19 -41.99 4.38
CA ASN A 449 51.48 -41.08 5.34
C ASN A 449 50.10 -41.62 5.69
N ALA A 450 49.34 -42.13 4.74
CA ALA A 450 48.08 -42.79 5.00
C ALA A 450 48.13 -44.01 5.93
N LEU A 451 49.10 -44.93 5.86
CA LEU A 451 49.36 -46.04 6.74
C LEU A 451 49.78 -45.55 8.02
N GLU A 452 50.53 -44.44 8.11
CA GLU A 452 50.96 -43.86 9.43
C GLU A 452 49.72 -43.30 10.16
N SER A 453 48.77 -42.67 9.43
CA SER A 453 47.43 -42.21 10.02
C SER A 453 46.65 -43.25 10.79
N LEU A 454 46.66 -44.44 10.29
CA LEU A 454 46.07 -45.61 10.81
C LEU A 454 46.50 -45.92 12.19
N VAL A 455 47.84 -45.94 12.39
CA VAL A 455 48.55 -46.17 13.64
C VAL A 455 48.34 -44.92 14.58
N SER A 456 48.16 -43.74 14.00
CA SER A 456 47.77 -42.51 14.73
C SER A 456 46.37 -42.59 15.35
N ILE A 457 45.38 -42.99 14.53
CA ILE A 457 44.03 -43.24 15.04
C ILE A 457 43.88 -44.16 16.28
N LEU A 458 44.67 -45.30 16.23
CA LEU A 458 44.74 -46.21 17.34
C LEU A 458 45.29 -45.45 18.52
N ILE A 459 46.40 -44.66 18.47
CA ILE A 459 46.83 -43.85 19.60
C ILE A 459 45.69 -42.87 20.02
N GLU A 460 45.10 -42.12 19.11
CA GLU A 460 43.94 -41.14 19.43
C GLU A 460 42.90 -41.66 20.38
N ASN A 461 42.14 -42.78 20.01
CA ASN A 461 41.11 -43.35 20.86
C ASN A 461 41.61 -43.79 22.26
N ALA A 462 42.98 -43.92 22.50
CA ALA A 462 43.59 -44.15 23.79
C ALA A 462 43.89 -42.92 24.67
N GLY A 463 44.12 -41.78 23.96
CA GLY A 463 44.12 -40.43 24.62
C GLY A 463 45.55 -39.76 24.82
N PHE A 464 46.62 -40.24 24.16
CA PHE A 464 48.02 -39.79 24.36
C PHE A 464 48.26 -38.82 23.27
N ASP A 465 49.55 -38.48 22.96
CA ASP A 465 49.76 -37.51 21.89
C ASP A 465 50.11 -38.34 20.67
N PRO A 466 49.37 -38.39 19.60
CA PRO A 466 49.71 -39.27 18.47
C PRO A 466 51.11 -39.17 17.90
N ILE A 467 51.57 -37.87 17.57
CA ILE A 467 52.88 -37.58 16.94
C ILE A 467 54.07 -37.99 17.77
N ASP A 468 54.13 -37.63 19.08
CA ASP A 468 55.09 -38.07 20.07
C ASP A 468 55.22 -39.59 20.12
N LEU A 469 54.17 -40.27 20.45
CA LEU A 469 54.25 -41.72 20.66
C LEU A 469 54.65 -42.36 19.33
N LEU A 470 54.08 -41.89 18.17
CA LEU A 470 54.40 -42.40 16.87
C LEU A 470 55.90 -42.32 16.53
N MET A 471 56.52 -41.12 16.87
CA MET A 471 57.88 -40.86 16.68
C MET A 471 58.66 -41.78 17.53
N LYS A 472 58.35 -41.90 18.78
CA LYS A 472 59.02 -42.68 19.74
C LYS A 472 59.08 -44.15 19.35
N LEU A 473 58.07 -44.67 18.57
CA LEU A 473 57.93 -45.99 18.07
C LEU A 473 58.67 -46.15 16.79
N ARG A 474 58.55 -45.28 15.76
CA ARG A 474 59.32 -45.38 14.59
C ARG A 474 60.84 -45.21 14.71
N SER A 475 61.35 -44.73 15.87
CA SER A 475 62.75 -44.73 16.24
C SER A 475 63.20 -45.97 17.02
N THR A 476 62.41 -46.45 17.98
CA THR A 476 62.65 -47.72 18.76
C THR A 476 62.44 -48.99 17.99
N HIS A 477 62.16 -48.82 16.63
CA HIS A 477 61.94 -49.79 15.62
C HIS A 477 62.48 -49.28 14.35
N GLU A 478 63.59 -48.46 14.44
CA GLU A 478 64.29 -48.00 13.24
C GLU A 478 65.04 -49.15 12.62
N ASN A 479 65.78 -49.79 13.60
CA ASN A 479 66.41 -51.02 13.43
C ASN A 479 65.46 -52.19 13.19
N GLU A 480 65.93 -53.20 12.40
CA GLU A 480 65.13 -54.39 12.08
C GLU A 480 65.03 -55.33 13.29
N ASN A 481 65.98 -55.35 14.26
CA ASN A 481 65.93 -56.32 15.32
C ASN A 481 64.68 -56.27 16.15
N ASN A 482 64.23 -55.05 16.36
CA ASN A 482 63.11 -54.70 17.16
C ASN A 482 61.86 -54.69 16.25
N LYS A 483 61.67 -55.78 15.48
CA LYS A 483 60.54 -56.13 14.55
C LYS A 483 59.22 -56.14 15.25
N TRP A 484 59.02 -56.61 16.45
CA TRP A 484 57.73 -56.74 17.13
C TRP A 484 57.42 -55.60 18.03
N TYR A 485 58.16 -54.49 17.94
CA TYR A 485 57.86 -53.34 18.69
C TYR A 485 56.69 -52.57 18.05
N GLY A 486 55.82 -52.18 18.97
CA GLY A 486 54.58 -51.52 18.75
C GLY A 486 54.33 -50.54 19.83
N ILE A 487 53.00 -50.16 19.97
CA ILE A 487 52.56 -49.15 20.89
C ILE A 487 51.63 -49.67 21.96
N ASP A 488 52.18 -49.65 23.22
CA ASP A 488 51.34 -49.84 24.38
C ASP A 488 50.28 -48.79 24.43
N LEU A 489 49.01 -49.34 24.29
CA LEU A 489 47.77 -48.67 24.13
C LEU A 489 47.16 -48.37 25.48
N TYR A 490 47.68 -48.86 26.61
CA TYR A 490 47.14 -48.60 27.97
C TYR A 490 48.23 -47.94 28.79
N ALA A 491 49.54 -48.29 28.55
CA ALA A 491 50.62 -47.63 29.23
C ALA A 491 51.29 -46.53 28.46
N GLY A 492 51.12 -46.29 27.13
CA GLY A 492 51.74 -45.07 26.47
C GLY A 492 53.29 -45.12 26.36
N GLN A 493 53.85 -46.03 25.59
CA GLN A 493 55.29 -46.19 25.35
C GLN A 493 55.57 -47.38 24.42
N PRO A 494 56.60 -47.24 23.65
CA PRO A 494 56.95 -48.24 22.70
C PRO A 494 57.32 -49.51 23.41
N VAL A 495 56.76 -50.72 22.98
CA VAL A 495 57.12 -51.99 23.65
C VAL A 495 57.12 -53.10 22.70
N ASP A 496 57.59 -54.32 22.99
CA ASP A 496 57.41 -55.52 22.21
C ASP A 496 56.10 -56.20 22.51
N MET A 497 55.20 -56.10 21.47
CA MET A 497 53.85 -56.58 21.51
C MET A 497 53.73 -58.05 21.56
N TRP A 498 54.61 -58.83 20.83
CA TRP A 498 54.65 -60.27 20.89
C TRP A 498 54.63 -60.70 22.37
N GLN A 499 55.63 -60.13 23.11
CA GLN A 499 55.86 -60.39 24.53
C GLN A 499 54.92 -59.71 25.50
N LYS A 500 53.55 -59.55 25.05
CA LYS A 500 52.38 -59.05 25.73
C LYS A 500 51.16 -59.73 25.24
N GLY A 501 51.26 -60.81 24.54
CA GLY A 501 50.19 -61.64 23.99
C GLY A 501 49.45 -60.96 22.83
N VAL A 502 49.78 -59.73 22.36
CA VAL A 502 49.10 -59.13 21.22
C VAL A 502 49.66 -59.68 19.93
N ILE A 503 49.18 -60.79 19.45
CA ILE A 503 49.60 -61.39 18.21
C ILE A 503 48.39 -61.54 17.33
N GLU A 504 48.64 -61.67 15.98
CA GLU A 504 47.54 -61.67 15.01
C GLU A 504 47.66 -62.63 13.76
N PRO A 505 46.57 -63.12 13.19
CA PRO A 505 46.63 -63.76 11.85
C PRO A 505 47.29 -62.92 10.72
N ALA A 506 48.53 -63.31 10.25
CA ALA A 506 49.19 -62.50 9.17
C ALA A 506 48.51 -62.33 7.87
N LEU A 507 47.41 -62.97 7.50
CA LEU A 507 46.76 -62.79 6.23
C LEU A 507 45.70 -61.73 6.24
N VAL A 508 45.02 -61.63 7.46
CA VAL A 508 43.87 -60.76 7.73
C VAL A 508 44.20 -59.30 7.43
N LYS A 509 45.32 -58.68 7.97
CA LYS A 509 45.76 -57.30 7.72
C LYS A 509 46.51 -57.10 6.36
N MET A 510 46.49 -58.13 5.47
CA MET A 510 47.17 -58.18 4.15
C MET A 510 46.12 -58.16 3.05
N ASN A 511 45.08 -58.97 3.16
CA ASN A 511 43.87 -59.00 2.34
C ASN A 511 43.03 -57.82 2.57
N ALA A 512 43.09 -57.23 3.80
CA ALA A 512 42.56 -55.88 4.00
C ALA A 512 43.16 -54.80 3.14
N ILE A 513 44.51 -54.68 3.13
CA ILE A 513 45.21 -53.77 2.25
C ILE A 513 44.87 -53.94 0.79
N LYS A 514 44.79 -55.17 0.27
CA LYS A 514 44.25 -55.43 -1.07
C LYS A 514 42.84 -55.00 -1.29
N ALA A 515 41.95 -55.30 -0.35
CA ALA A 515 40.54 -54.92 -0.38
C ALA A 515 40.39 -53.39 -0.38
N ALA A 516 40.85 -52.72 0.64
CA ALA A 516 40.84 -51.26 0.81
C ALA A 516 41.34 -50.52 -0.37
N THR A 517 42.56 -50.94 -0.99
CA THR A 517 43.17 -50.34 -2.18
C THR A 517 42.36 -50.52 -3.40
N GLU A 518 41.65 -51.65 -3.49
CA GLU A 518 40.78 -51.98 -4.59
C GLU A 518 39.68 -50.89 -4.70
N ALA A 519 38.92 -50.77 -3.54
CA ALA A 519 37.83 -49.80 -3.34
C ALA A 519 38.27 -48.39 -3.54
N ALA A 520 39.32 -47.93 -2.80
CA ALA A 520 40.00 -46.62 -2.93
C ALA A 520 40.32 -46.22 -4.40
N THR A 521 41.08 -47.10 -5.13
CA THR A 521 41.39 -46.89 -6.54
C THR A 521 40.17 -46.95 -7.48
N LEU A 522 39.08 -47.57 -7.10
CA LEU A 522 37.84 -47.66 -7.87
C LEU A 522 37.12 -46.27 -7.90
N VAL A 523 37.16 -45.60 -6.73
CA VAL A 523 36.65 -44.31 -6.55
C VAL A 523 37.53 -43.35 -7.40
N LEU A 524 38.83 -43.52 -7.55
CA LEU A 524 39.66 -42.70 -8.46
C LEU A 524 39.34 -43.00 -9.86
N ARG A 525 38.88 -44.26 -10.17
CA ARG A 525 38.61 -44.67 -11.54
C ARG A 525 37.46 -43.97 -12.31
N ILE A 526 36.46 -43.57 -11.54
CA ILE A 526 35.17 -43.05 -12.02
C ILE A 526 35.30 -41.61 -12.49
N ASP A 527 34.93 -41.36 -13.81
CA ASP A 527 35.07 -39.99 -14.29
C ASP A 527 33.88 -39.20 -14.13
N ASP A 528 32.82 -39.69 -14.63
CA ASP A 528 31.41 -39.07 -14.61
C ASP A 528 30.39 -40.04 -14.12
N VAL A 529 29.21 -39.51 -13.62
CA VAL A 529 28.09 -40.26 -13.17
C VAL A 529 27.01 -39.94 -14.24
N VAL A 530 26.42 -40.97 -14.81
CA VAL A 530 25.30 -40.85 -15.74
C VAL A 530 24.06 -41.32 -14.94
N SER A 531 22.93 -40.56 -14.95
CA SER A 531 21.79 -41.15 -14.25
C SER A 531 20.48 -41.26 -15.02
N ALA A 532 19.79 -42.36 -14.88
CA ALA A 532 18.50 -42.55 -15.42
C ALA A 532 17.45 -42.10 -14.41
N GLY B 28 20.79 -19.84 -42.30
CA GLY B 28 22.30 -19.85 -42.24
C GLY B 28 22.78 -20.51 -40.98
N LYS B 29 23.67 -19.77 -40.26
CA LYS B 29 24.16 -20.05 -38.94
C LYS B 29 23.09 -20.48 -37.94
N GLU B 30 21.86 -19.93 -37.98
CA GLU B 30 20.70 -20.12 -37.12
C GLU B 30 20.58 -21.46 -36.39
N ALA B 31 20.14 -22.49 -37.07
CA ALA B 31 19.90 -23.79 -36.45
C ALA B 31 21.13 -24.61 -36.36
N VAL B 32 22.01 -24.48 -37.37
CA VAL B 32 23.40 -25.07 -37.47
C VAL B 32 24.23 -24.90 -36.14
N ARG B 33 24.03 -23.80 -35.34
CA ARG B 33 24.71 -23.80 -34.11
C ARG B 33 24.39 -24.91 -33.12
N ALA B 34 23.13 -25.12 -32.95
CA ALA B 34 22.56 -26.24 -32.16
C ALA B 34 23.14 -27.58 -32.52
N ASN B 35 23.00 -27.90 -33.82
CA ASN B 35 23.49 -29.12 -34.43
C ASN B 35 24.97 -29.45 -34.11
N ILE B 36 25.89 -28.46 -34.44
CA ILE B 36 27.31 -28.48 -34.13
C ILE B 36 27.58 -28.75 -32.73
N ALA B 37 27.02 -27.87 -31.89
CA ALA B 37 26.97 -27.88 -30.41
C ALA B 37 26.69 -29.30 -29.84
N ALA B 38 25.51 -29.89 -30.22
CA ALA B 38 25.10 -31.25 -29.89
C ALA B 38 26.11 -32.35 -30.16
N VAL B 39 26.68 -32.26 -31.44
CA VAL B 39 27.80 -33.09 -31.81
C VAL B 39 28.95 -32.91 -30.89
N LYS B 40 29.45 -31.66 -30.71
CA LYS B 40 30.58 -31.45 -29.78
C LYS B 40 30.29 -32.08 -28.38
N ALA B 41 29.02 -31.93 -27.94
CA ALA B 41 28.49 -32.47 -26.67
C ALA B 41 28.72 -33.96 -26.54
N VAL B 42 28.39 -34.67 -27.57
CA VAL B 42 28.53 -36.14 -27.65
C VAL B 42 29.93 -36.66 -27.49
N GLU B 43 30.82 -35.98 -28.13
CA GLU B 43 32.26 -36.16 -28.09
C GLU B 43 32.88 -36.10 -26.64
N GLU B 44 32.52 -34.97 -25.94
CA GLU B 44 32.66 -34.65 -24.56
C GLU B 44 32.16 -35.69 -23.60
N ALA B 45 31.38 -36.79 -24.06
CA ALA B 45 30.98 -37.85 -23.30
C ALA B 45 31.90 -39.02 -23.28
N LEU B 46 32.75 -39.17 -24.27
CA LEU B 46 33.57 -40.34 -24.37
C LEU B 46 35.05 -39.98 -24.25
N LYS B 47 35.51 -38.76 -24.72
CA LYS B 47 36.82 -38.29 -24.63
C LYS B 47 37.73 -38.82 -23.49
N SER B 48 37.43 -38.75 -22.17
CA SER B 48 38.25 -39.23 -21.13
C SER B 48 38.37 -40.76 -21.02
N THR B 49 37.84 -41.52 -21.99
CA THR B 49 38.02 -42.99 -21.92
C THR B 49 38.70 -43.59 -23.09
N TYR B 50 39.11 -42.81 -24.10
CA TYR B 50 39.88 -43.34 -25.22
C TYR B 50 41.25 -43.83 -24.61
N GLY B 51 41.84 -44.88 -25.21
CA GLY B 51 43.13 -45.54 -24.74
C GLY B 51 42.97 -46.40 -23.53
N PRO B 52 44.00 -47.10 -23.17
CA PRO B 52 43.92 -48.09 -22.14
C PRO B 52 44.12 -47.61 -20.76
N ARG B 53 44.29 -46.22 -20.57
CA ARG B 53 44.55 -45.72 -19.24
C ARG B 53 43.68 -44.52 -18.99
N GLY B 54 42.64 -44.44 -19.86
CA GLY B 54 41.58 -43.45 -19.75
C GLY B 54 40.82 -43.78 -18.51
N MET B 55 39.85 -42.96 -18.17
CA MET B 55 39.12 -43.12 -16.88
C MET B 55 37.64 -43.28 -17.08
N ASP B 56 37.09 -44.52 -16.74
CA ASP B 56 35.75 -45.10 -16.74
C ASP B 56 34.59 -44.21 -16.43
N LYS B 57 33.46 -44.46 -17.11
CA LYS B 57 32.20 -43.81 -16.78
C LYS B 57 31.21 -44.74 -15.98
N MET B 58 30.45 -44.18 -15.00
CA MET B 58 29.45 -44.90 -14.18
C MET B 58 28.04 -44.56 -14.66
N LEU B 59 27.18 -45.58 -14.66
CA LEU B 59 25.79 -45.53 -15.10
C LEU B 59 25.04 -46.14 -13.96
N VAL B 60 24.23 -45.27 -13.39
CA VAL B 60 23.35 -45.58 -12.30
C VAL B 60 21.87 -45.63 -12.80
N ASP B 61 21.20 -46.80 -12.92
CA ASP B 61 19.91 -46.92 -13.57
C ASP B 61 18.76 -46.45 -12.61
N SER B 62 17.55 -46.62 -13.07
CA SER B 62 16.36 -46.14 -12.40
C SER B 62 16.14 -46.73 -11.04
N LEU B 63 16.18 -48.05 -10.81
CA LEU B 63 16.00 -48.69 -9.48
C LEU B 63 17.19 -48.52 -8.60
N GLY B 64 18.41 -48.27 -9.13
CA GLY B 64 19.59 -48.25 -8.33
C GLY B 64 20.73 -48.87 -9.10
N ASP B 65 20.52 -49.79 -10.03
CA ASP B 65 21.60 -50.55 -10.56
C ASP B 65 22.81 -49.83 -11.21
N ILE B 66 24.07 -50.30 -10.86
CA ILE B 66 25.28 -49.58 -11.23
C ILE B 66 26.08 -50.25 -12.31
N THR B 67 26.60 -49.58 -13.26
CA THR B 67 27.44 -50.09 -14.28
C THR B 67 28.56 -49.10 -14.55
N ILE B 68 29.75 -49.56 -14.33
CA ILE B 68 30.92 -48.77 -14.61
C ILE B 68 31.55 -49.34 -15.91
N THR B 69 31.85 -48.49 -16.89
CA THR B 69 32.20 -49.00 -18.20
C THR B 69 33.12 -48.03 -18.95
N ASN B 70 33.61 -48.41 -20.10
CA ASN B 70 34.44 -47.77 -21.02
C ASN B 70 34.12 -48.28 -22.41
N ASP B 71 32.94 -48.91 -22.58
CA ASP B 71 32.27 -49.29 -23.80
C ASP B 71 31.47 -48.12 -24.39
N GLY B 72 32.12 -47.50 -25.46
CA GLY B 72 31.57 -46.44 -26.18
C GLY B 72 30.19 -46.66 -26.64
N ALA B 73 29.86 -47.75 -27.35
CA ALA B 73 28.51 -48.15 -27.69
C ALA B 73 27.50 -48.03 -26.53
N THR B 74 27.68 -48.74 -25.41
CA THR B 74 26.82 -48.67 -24.27
C THR B 74 26.51 -47.38 -23.65
N ILE B 75 27.53 -46.52 -23.54
CA ILE B 75 27.42 -45.10 -23.05
C ILE B 75 26.61 -44.19 -24.01
N LEU B 76 26.46 -44.52 -25.29
CA LEU B 76 25.66 -43.77 -26.25
C LEU B 76 24.31 -44.48 -26.42
N ASP B 77 24.21 -45.79 -26.34
CA ASP B 77 22.94 -46.52 -26.38
C ASP B 77 22.02 -46.28 -25.23
N LYS B 78 22.54 -46.34 -24.01
CA LYS B 78 21.65 -46.08 -22.84
C LYS B 78 21.28 -44.61 -22.62
N MET B 79 21.97 -43.62 -23.33
CA MET B 79 21.67 -42.19 -23.34
C MET B 79 20.54 -41.74 -24.25
N ASP B 80 19.87 -40.58 -23.95
CA ASP B 80 18.64 -40.10 -24.59
C ASP B 80 19.08 -38.70 -25.09
N LEU B 81 19.57 -38.70 -26.34
CA LEU B 81 20.19 -37.61 -27.07
C LEU B 81 19.22 -36.50 -27.41
N GLN B 82 17.97 -36.86 -27.74
CA GLN B 82 16.77 -36.11 -28.03
C GLN B 82 16.91 -35.52 -29.46
N HIS B 83 17.91 -34.60 -29.65
CA HIS B 83 18.15 -33.86 -30.90
C HIS B 83 18.33 -34.78 -32.14
N PRO B 84 17.57 -34.73 -33.21
CA PRO B 84 17.74 -35.56 -34.42
C PRO B 84 19.20 -35.55 -34.99
N ALA B 85 19.84 -34.36 -35.19
CA ALA B 85 21.16 -34.29 -35.82
C ALA B 85 22.17 -35.19 -35.23
N ALA B 86 22.24 -35.06 -33.93
CA ALA B 86 23.04 -35.76 -32.96
C ALA B 86 22.81 -37.23 -33.02
N LYS B 87 21.52 -37.69 -32.93
CA LYS B 87 21.04 -39.08 -33.07
C LYS B 87 21.37 -39.69 -34.49
N LEU B 88 21.35 -38.88 -35.61
CA LEU B 88 21.76 -39.43 -36.89
C LEU B 88 23.26 -39.69 -36.97
N LEU B 89 24.08 -38.78 -36.41
CA LEU B 89 25.49 -38.84 -36.36
C LEU B 89 25.93 -40.09 -35.59
N VAL B 90 25.47 -40.31 -34.30
CA VAL B 90 25.79 -41.55 -33.55
C VAL B 90 25.36 -42.85 -34.19
N GLN B 91 24.21 -42.85 -34.90
CA GLN B 91 23.71 -43.97 -35.63
C GLN B 91 24.60 -44.44 -36.74
N ILE B 92 25.21 -43.52 -37.47
CA ILE B 92 26.22 -43.73 -38.55
C ILE B 92 27.56 -44.12 -38.01
N ALA B 93 27.93 -43.49 -36.87
CA ALA B 93 29.19 -43.92 -36.26
C ALA B 93 29.18 -45.36 -35.67
N LYS B 94 28.28 -45.69 -34.71
CA LYS B 94 28.19 -46.97 -34.12
C LYS B 94 27.93 -48.01 -35.19
N GLY B 95 26.76 -47.88 -35.87
CA GLY B 95 26.25 -48.87 -36.90
C GLY B 95 27.17 -49.54 -37.81
N GLN B 96 27.17 -50.89 -37.83
CA GLN B 96 28.11 -51.72 -38.42
C GLN B 96 27.45 -53.09 -38.65
N ASP B 97 27.60 -53.60 -39.95
CA ASP B 97 27.02 -54.77 -40.38
C ASP B 97 28.00 -55.91 -40.22
N GLU B 98 29.28 -55.69 -40.51
CA GLU B 98 30.29 -56.73 -40.36
C GLU B 98 30.50 -57.51 -39.03
N GLU B 99 31.41 -58.55 -39.06
CA GLU B 99 31.62 -59.36 -37.87
C GLU B 99 32.41 -58.71 -36.76
N THR B 100 33.20 -57.65 -37.19
CA THR B 100 33.92 -56.71 -36.34
C THR B 100 32.97 -55.86 -35.52
N ALA B 101 33.25 -55.61 -34.20
CA ALA B 101 32.52 -54.69 -33.37
C ALA B 101 33.45 -53.60 -32.78
N ASP B 102 34.75 -53.65 -33.16
CA ASP B 102 35.66 -52.67 -32.55
C ASP B 102 35.62 -51.30 -33.22
N GLY B 103 36.34 -50.29 -32.72
CA GLY B 103 36.52 -48.91 -33.31
C GLY B 103 35.44 -47.86 -33.04
N THR B 104 34.58 -48.17 -32.09
CA THR B 104 33.48 -47.29 -31.85
C THR B 104 33.80 -45.92 -31.23
N LYS B 105 34.81 -45.91 -30.27
CA LYS B 105 35.32 -44.66 -29.66
C LYS B 105 36.05 -43.72 -30.58
N THR B 106 36.83 -44.23 -31.52
CA THR B 106 37.45 -43.55 -32.55
C THR B 106 36.50 -42.92 -33.53
N ALA B 107 35.63 -43.71 -34.17
CA ALA B 107 34.49 -43.24 -35.02
C ALA B 107 33.72 -42.04 -34.50
N VAL B 108 33.32 -42.03 -33.15
CA VAL B 108 32.60 -40.91 -32.52
C VAL B 108 33.55 -39.70 -32.31
N ILE B 109 34.71 -39.83 -31.63
CA ILE B 109 35.68 -38.70 -31.42
C ILE B 109 35.98 -38.01 -32.74
N PHE B 110 36.46 -38.78 -33.76
CA PHE B 110 36.78 -38.34 -35.09
C PHE B 110 35.63 -37.67 -35.84
N SER B 111 34.40 -38.23 -35.58
CA SER B 111 33.17 -37.66 -36.05
C SER B 111 33.08 -36.25 -35.52
N GLY B 112 33.04 -36.08 -34.22
CA GLY B 112 32.90 -34.81 -33.65
C GLY B 112 34.01 -33.78 -33.79
N GLU B 113 35.19 -34.24 -33.94
CA GLU B 113 36.35 -33.41 -34.25
C GLU B 113 36.28 -32.87 -35.73
N LEU B 114 35.75 -33.66 -36.79
CA LEU B 114 35.62 -33.19 -38.19
C LEU B 114 34.67 -32.08 -38.14
N VAL B 115 33.55 -32.20 -37.37
CA VAL B 115 32.56 -31.15 -37.15
C VAL B 115 33.15 -29.97 -36.48
N LYS B 116 33.91 -30.14 -35.39
CA LYS B 116 34.57 -29.17 -34.61
C LYS B 116 35.59 -28.33 -35.47
N LYS B 117 36.58 -29.02 -36.11
CA LYS B 117 37.51 -28.37 -37.08
C LYS B 117 36.87 -27.59 -38.22
N ALA B 118 35.63 -27.87 -38.61
CA ALA B 118 34.86 -27.20 -39.66
C ALA B 118 34.22 -25.88 -39.27
N GLU B 119 33.89 -25.74 -38.00
CA GLU B 119 33.28 -24.56 -37.40
C GLU B 119 34.21 -23.41 -37.65
N ASP B 120 35.54 -23.54 -37.48
CA ASP B 120 36.60 -22.57 -37.82
C ASP B 120 36.72 -22.18 -39.34
N LEU B 121 36.26 -23.02 -40.24
CA LEU B 121 36.03 -22.58 -41.66
C LEU B 121 34.84 -21.73 -41.88
N LEU B 122 33.72 -22.02 -41.22
CA LEU B 122 32.51 -21.20 -41.23
C LEU B 122 32.80 -19.84 -40.60
N TYR B 123 33.68 -19.86 -39.53
CA TYR B 123 34.00 -18.65 -38.83
C TYR B 123 34.67 -17.60 -39.71
N LYS B 124 35.63 -18.20 -40.52
CA LYS B 124 36.41 -17.48 -41.56
C LYS B 124 35.62 -17.21 -42.87
N ASP B 125 34.35 -17.55 -42.86
CA ASP B 125 33.43 -17.38 -43.95
C ASP B 125 33.72 -18.22 -45.25
N VAL B 126 34.41 -19.39 -45.13
CA VAL B 126 34.53 -20.32 -46.19
C VAL B 126 33.25 -21.04 -46.42
N HIS B 127 32.80 -21.08 -47.68
CA HIS B 127 31.52 -21.68 -47.92
C HIS B 127 31.43 -23.18 -47.62
N PRO B 128 30.30 -23.72 -47.09
CA PRO B 128 30.23 -25.18 -46.78
C PRO B 128 30.42 -26.11 -47.92
N THR B 129 30.10 -25.75 -49.19
CA THR B 129 30.33 -26.68 -50.29
C THR B 129 31.81 -27.00 -50.46
N ILE B 130 32.67 -25.99 -50.12
CA ILE B 130 34.11 -26.18 -50.26
C ILE B 130 34.56 -27.12 -49.15
N ILE B 131 34.11 -26.98 -47.87
CA ILE B 131 34.51 -28.00 -46.92
C ILE B 131 34.09 -29.43 -47.20
N ILE B 132 32.95 -29.66 -47.87
CA ILE B 132 32.52 -31.03 -48.24
C ILE B 132 33.51 -31.63 -49.27
N SER B 133 33.80 -30.95 -50.40
CA SER B 133 34.84 -31.34 -51.38
C SER B 133 36.21 -31.41 -50.81
N GLY B 134 36.61 -30.46 -49.96
CA GLY B 134 37.88 -30.58 -49.28
C GLY B 134 38.00 -31.94 -48.41
N TYR B 135 37.05 -32.21 -47.50
CA TYR B 135 37.08 -33.39 -46.66
C TYR B 135 37.05 -34.65 -47.57
N LYS B 136 36.20 -34.66 -48.65
CA LYS B 136 36.03 -35.73 -49.65
C LYS B 136 37.33 -36.10 -50.25
N LYS B 137 38.07 -35.06 -50.88
CA LYS B 137 39.48 -35.25 -51.43
C LYS B 137 40.52 -35.75 -50.48
N ALA B 138 40.45 -35.25 -49.25
CA ALA B 138 41.31 -35.69 -48.14
C ALA B 138 41.02 -37.17 -47.64
N GLU B 139 39.66 -37.55 -47.52
CA GLU B 139 39.15 -38.85 -47.24
C GLU B 139 39.59 -39.95 -48.18
N GLU B 140 39.47 -39.67 -49.50
CA GLU B 140 40.11 -40.52 -50.54
C GLU B 140 41.55 -40.87 -50.28
N VAL B 141 42.40 -39.86 -50.29
CA VAL B 141 43.80 -40.11 -49.94
C VAL B 141 43.96 -40.76 -48.58
N ALA B 142 43.39 -40.24 -47.53
CA ALA B 142 43.45 -40.79 -46.22
C ALA B 142 43.11 -42.34 -46.15
N LEU B 143 42.14 -42.83 -46.95
CA LEU B 143 41.69 -44.17 -47.07
C LEU B 143 42.68 -45.15 -47.77
N GLN B 144 42.91 -44.84 -49.02
CA GLN B 144 43.90 -45.47 -49.84
C GLN B 144 45.34 -45.50 -49.33
N THR B 145 45.66 -44.49 -48.45
CA THR B 145 46.89 -44.44 -47.64
C THR B 145 46.98 -45.53 -46.59
N ILE B 146 45.87 -46.24 -46.19
CA ILE B 146 46.04 -47.31 -45.16
C ILE B 146 46.42 -48.59 -45.97
N GLN B 147 45.73 -48.78 -47.13
CA GLN B 147 45.92 -49.84 -48.09
C GLN B 147 47.35 -49.95 -48.68
N GLU B 148 47.86 -48.94 -49.41
CA GLU B 148 49.25 -48.79 -49.86
C GLU B 148 50.25 -48.51 -48.75
N LEU B 149 50.15 -49.29 -47.58
CA LEU B 149 51.13 -49.12 -46.51
C LEU B 149 50.99 -50.27 -45.57
N ALA B 150 49.79 -50.86 -45.54
CA ALA B 150 49.56 -51.97 -44.68
C ALA B 150 50.36 -53.21 -45.02
N GLN B 151 50.72 -54.00 -43.99
CA GLN B 151 51.58 -55.15 -44.17
C GLN B 151 50.68 -56.40 -44.18
N THR B 152 51.19 -57.35 -45.02
CA THR B 152 50.66 -58.67 -45.32
C THR B 152 50.80 -59.67 -44.30
N VAL B 153 49.70 -60.16 -43.60
CA VAL B 153 49.71 -61.14 -42.51
C VAL B 153 49.42 -62.52 -43.11
N SER B 154 50.26 -63.51 -42.72
CA SER B 154 50.07 -64.89 -43.03
C SER B 154 49.68 -65.78 -41.81
N ILE B 155 49.10 -66.97 -42.07
CA ILE B 155 48.76 -68.02 -41.08
C ILE B 155 49.89 -68.56 -40.36
N ASN B 156 51.08 -68.53 -41.01
CA ASN B 156 52.28 -69.11 -40.39
C ASN B 156 53.11 -68.06 -39.73
N ASP B 157 52.72 -66.77 -39.83
CA ASP B 157 53.22 -65.65 -39.06
C ASP B 157 52.48 -65.68 -37.70
N THR B 158 52.62 -66.80 -36.93
CA THR B 158 51.93 -67.06 -35.69
C THR B 158 52.52 -66.36 -34.55
N ASP B 159 53.81 -65.93 -34.53
CA ASP B 159 54.29 -65.03 -33.46
C ASP B 159 53.82 -63.53 -33.60
N LEU B 160 53.24 -63.20 -34.72
CA LEU B 160 52.66 -61.97 -35.05
C LEU B 160 51.22 -61.96 -34.53
N LEU B 161 50.43 -63.04 -34.82
CA LEU B 161 49.07 -63.17 -34.38
C LEU B 161 49.00 -63.20 -32.87
N ARG B 162 50.11 -63.68 -32.25
CA ARG B 162 50.38 -63.59 -30.78
C ARG B 162 50.39 -62.23 -30.12
N LYS B 163 50.76 -61.25 -30.94
CA LYS B 163 50.90 -59.85 -30.59
C LYS B 163 49.55 -59.28 -30.77
N ILE B 164 49.00 -59.33 -32.01
CA ILE B 164 47.61 -58.91 -32.33
C ILE B 164 46.52 -59.43 -31.30
N ALA B 165 46.66 -60.63 -30.68
CA ALA B 165 45.73 -61.09 -29.68
C ALA B 165 45.86 -60.18 -28.39
N MET B 166 47.13 -59.96 -27.96
CA MET B 166 47.47 -59.19 -26.81
C MET B 166 47.06 -57.72 -26.98
N THR B 167 47.23 -57.16 -28.20
CA THR B 167 46.71 -55.78 -28.51
C THR B 167 45.18 -55.60 -28.32
N SER B 168 44.41 -56.68 -28.16
CA SER B 168 42.96 -56.78 -27.83
C SER B 168 42.74 -57.10 -26.42
N LEU B 169 43.40 -58.11 -25.83
CA LEU B 169 43.18 -58.39 -24.50
C LEU B 169 43.86 -57.51 -23.48
N SER B 170 45.07 -56.98 -23.69
CA SER B 170 45.71 -56.04 -22.79
C SER B 170 45.06 -54.73 -22.51
N SER B 171 44.18 -54.21 -23.35
CA SER B 171 43.68 -52.86 -23.10
C SER B 171 42.49 -52.81 -22.20
N LYS B 172 41.96 -53.97 -21.64
CA LYS B 172 40.81 -54.08 -20.80
C LYS B 172 41.25 -54.53 -19.41
N ALA B 173 40.27 -54.49 -18.49
CA ALA B 173 40.44 -54.74 -17.06
C ALA B 173 41.03 -56.13 -16.68
N VAL B 174 40.67 -57.13 -17.51
CA VAL B 174 41.32 -58.42 -17.42
C VAL B 174 42.78 -58.47 -17.33
N ALA B 175 43.36 -59.23 -16.36
CA ALA B 175 44.80 -59.11 -16.15
C ALA B 175 45.55 -60.45 -15.90
N GLY B 176 44.89 -61.39 -15.19
CA GLY B 176 45.33 -62.76 -14.96
C GLY B 176 45.68 -63.50 -16.15
N ALA B 177 46.97 -63.64 -16.46
CA ALA B 177 47.48 -64.51 -17.49
C ALA B 177 46.76 -64.28 -18.92
N ARG B 178 46.98 -63.07 -19.50
CA ARG B 178 46.43 -62.82 -20.82
C ARG B 178 47.15 -63.47 -21.99
N GLU B 179 48.49 -63.65 -21.75
CA GLU B 179 49.32 -64.48 -22.61
C GLU B 179 48.81 -65.82 -22.82
N TYR B 180 48.25 -66.50 -21.84
CA TYR B 180 47.59 -67.79 -21.77
C TYR B 180 46.43 -67.79 -22.72
N ILE B 181 45.48 -66.84 -22.59
CA ILE B 181 44.25 -66.71 -23.34
C ILE B 181 44.67 -66.26 -24.78
N ALA B 182 45.57 -65.28 -24.97
CA ALA B 182 46.03 -64.78 -26.23
C ALA B 182 46.55 -65.89 -27.03
N ASP B 183 47.45 -66.72 -26.48
CA ASP B 183 48.01 -67.90 -27.15
C ASP B 183 46.94 -68.95 -27.65
N ILE B 184 45.91 -69.30 -26.75
CA ILE B 184 44.79 -70.10 -27.04
C ILE B 184 44.00 -69.59 -28.22
N VAL B 185 43.59 -68.36 -28.28
CA VAL B 185 42.99 -67.55 -29.39
C VAL B 185 43.72 -67.69 -30.78
N VAL B 186 45.07 -67.61 -30.83
CA VAL B 186 45.80 -67.90 -32.05
C VAL B 186 45.62 -69.29 -32.54
N LYS B 187 45.93 -70.29 -31.63
CA LYS B 187 45.80 -71.70 -32.00
C LYS B 187 44.41 -72.03 -32.34
N ALA B 188 43.48 -71.48 -31.55
CA ALA B 188 42.10 -71.70 -31.79
C ALA B 188 41.58 -71.34 -33.26
N VAL B 189 42.07 -70.20 -33.90
CA VAL B 189 41.53 -69.75 -35.11
C VAL B 189 42.22 -70.56 -36.25
N THR B 190 43.58 -70.56 -36.26
CA THR B 190 44.44 -71.20 -37.19
C THR B 190 44.13 -72.71 -37.33
N GLN B 191 43.52 -73.35 -36.30
CA GLN B 191 43.05 -74.75 -36.35
C GLN B 191 41.82 -74.88 -37.20
N VAL B 192 40.91 -73.89 -37.12
CA VAL B 192 39.62 -73.91 -37.67
C VAL B 192 39.64 -73.32 -39.11
N ALA B 193 40.56 -72.47 -39.51
CA ALA B 193 40.60 -71.95 -40.88
C ALA B 193 40.87 -72.94 -41.93
N GLU B 194 40.09 -72.80 -43.02
CA GLU B 194 40.18 -73.70 -44.12
C GLU B 194 39.92 -72.81 -45.46
N LEU B 195 40.59 -73.19 -46.58
CA LEU B 195 40.54 -72.38 -47.80
C LEU B 195 39.11 -72.34 -48.40
N ARG B 196 38.77 -71.11 -48.81
CA ARG B 196 37.55 -70.80 -49.59
C ARG B 196 38.09 -70.00 -50.73
N GLY B 197 37.92 -70.42 -52.00
CA GLY B 197 38.34 -69.83 -53.26
C GLY B 197 39.79 -69.32 -53.20
N ASP B 198 40.71 -70.20 -52.75
CA ASP B 198 42.12 -69.94 -52.64
C ASP B 198 42.53 -68.94 -51.53
N LYS B 199 41.65 -68.69 -50.46
CA LYS B 199 42.00 -67.84 -49.36
C LYS B 199 41.44 -68.46 -48.05
N TRP B 200 41.95 -68.06 -46.90
CA TRP B 200 41.48 -68.50 -45.60
C TRP B 200 40.14 -67.87 -45.23
N TYR B 201 39.28 -68.70 -44.57
CA TYR B 201 38.05 -68.32 -44.02
C TYR B 201 37.90 -69.19 -42.82
N VAL B 202 37.22 -68.64 -41.78
CA VAL B 202 37.18 -69.32 -40.54
C VAL B 202 35.87 -69.91 -40.11
N ASP B 203 34.91 -69.20 -39.49
CA ASP B 203 33.55 -69.53 -39.01
C ASP B 203 33.70 -69.92 -37.53
N LEU B 204 33.34 -68.96 -36.69
CA LEU B 204 33.25 -68.99 -35.23
C LEU B 204 32.43 -70.11 -34.64
N ASP B 205 31.35 -70.56 -35.33
CA ASP B 205 30.55 -71.66 -34.89
C ASP B 205 31.26 -73.01 -34.58
N ASN B 206 32.46 -73.28 -35.12
CA ASN B 206 33.33 -74.45 -34.77
C ASN B 206 34.07 -74.37 -33.47
N ILE B 207 33.78 -73.40 -32.58
CA ILE B 207 34.47 -73.29 -31.28
C ILE B 207 33.40 -73.12 -30.15
N GLN B 208 33.40 -73.96 -29.11
CA GLN B 208 32.49 -73.89 -27.99
C GLN B 208 33.19 -73.29 -26.86
N ILE B 209 32.50 -72.59 -25.97
CA ILE B 209 33.11 -71.96 -24.81
C ILE B 209 32.44 -72.30 -23.55
N VAL B 210 33.03 -73.10 -22.61
CA VAL B 210 32.37 -73.55 -21.42
C VAL B 210 33.17 -72.97 -20.33
N LYS B 211 32.46 -72.49 -19.26
CA LYS B 211 33.08 -71.60 -18.31
C LYS B 211 32.59 -71.90 -16.92
N LYS B 212 33.57 -71.84 -15.98
CA LYS B 212 33.30 -72.00 -14.59
C LYS B 212 34.16 -71.03 -13.86
N ALA B 213 33.62 -70.34 -12.85
CA ALA B 213 34.31 -69.37 -12.00
C ALA B 213 35.28 -70.18 -11.04
N GLY B 214 36.19 -69.53 -10.31
CA GLY B 214 37.07 -70.11 -9.33
C GLY B 214 38.17 -70.93 -9.92
N GLY B 215 39.22 -71.21 -9.08
CA GLY B 215 40.43 -72.04 -9.52
C GLY B 215 41.47 -71.24 -10.13
N SER B 216 42.45 -71.86 -10.71
CA SER B 216 43.59 -71.14 -11.28
C SER B 216 43.24 -70.75 -12.69
N ILE B 217 43.66 -69.52 -13.11
CA ILE B 217 43.45 -69.03 -14.47
C ILE B 217 44.42 -69.80 -15.40
N ASN B 218 45.50 -70.34 -14.84
CA ASN B 218 46.43 -71.14 -15.65
C ASN B 218 45.88 -72.41 -16.11
N ASP B 219 44.77 -72.93 -15.51
CA ASP B 219 44.16 -74.17 -15.78
C ASP B 219 43.12 -74.04 -16.93
N THR B 220 43.08 -72.88 -17.67
CA THR B 220 42.38 -72.78 -18.93
C THR B 220 43.13 -73.51 -20.06
N GLN B 221 42.40 -74.13 -20.91
CA GLN B 221 42.89 -75.06 -21.92
C GLN B 221 41.95 -75.05 -23.14
N LEU B 222 42.53 -75.56 -24.23
CA LEU B 222 41.83 -75.81 -25.44
C LEU B 222 41.68 -77.34 -25.51
N VAL B 223 40.46 -77.77 -25.90
CA VAL B 223 40.02 -79.09 -25.99
C VAL B 223 39.82 -79.47 -27.46
N TYR B 224 40.34 -80.63 -27.95
CA TYR B 224 40.03 -81.02 -29.35
C TYR B 224 38.81 -81.92 -29.35
N GLY B 225 37.65 -81.42 -28.92
CA GLY B 225 36.44 -82.14 -28.79
C GLY B 225 35.31 -81.30 -28.31
N ILE B 226 34.10 -81.85 -28.11
CA ILE B 226 33.01 -81.10 -27.45
C ILE B 226 32.97 -81.36 -25.92
N VAL B 227 32.39 -80.47 -25.09
CA VAL B 227 32.30 -80.58 -23.68
C VAL B 227 30.83 -80.36 -23.32
N VAL B 228 30.17 -81.41 -22.73
CA VAL B 228 28.87 -81.25 -22.30
C VAL B 228 29.09 -80.85 -20.83
N ASP B 229 28.74 -79.65 -20.32
CA ASP B 229 28.85 -79.25 -18.97
C ASP B 229 27.65 -79.87 -18.18
N LYS B 230 27.72 -81.21 -18.12
CA LYS B 230 26.88 -81.99 -17.17
C LYS B 230 27.62 -83.31 -16.84
N GLU B 231 27.14 -83.95 -15.80
CA GLU B 231 27.52 -85.22 -15.22
C GLU B 231 26.89 -86.43 -15.85
N VAL B 232 27.51 -87.60 -15.74
CA VAL B 232 27.04 -88.84 -16.23
C VAL B 232 26.06 -89.36 -15.25
N VAL B 233 25.10 -90.15 -15.60
CA VAL B 233 24.03 -90.65 -14.69
C VAL B 233 24.42 -91.33 -13.46
N HIS B 234 25.42 -92.23 -13.53
CA HIS B 234 25.95 -92.88 -12.37
C HIS B 234 27.45 -93.02 -12.53
N PRO B 235 28.29 -92.82 -11.52
CA PRO B 235 29.78 -93.01 -11.54
C PRO B 235 30.11 -94.41 -11.95
N GLY B 236 29.24 -95.47 -11.87
CA GLY B 236 29.63 -96.81 -12.22
C GLY B 236 29.61 -97.06 -13.72
N MET B 237 29.17 -96.05 -14.51
CA MET B 237 29.09 -96.21 -15.95
C MET B 237 30.52 -95.96 -16.43
N PRO B 238 30.95 -96.53 -17.50
CA PRO B 238 32.37 -96.45 -17.86
C PRO B 238 33.09 -95.14 -17.92
N LYS B 239 34.33 -94.99 -17.28
CA LYS B 239 34.97 -93.66 -17.39
C LYS B 239 35.47 -93.23 -18.74
N ARG B 240 35.87 -94.15 -19.63
CA ARG B 240 36.52 -93.94 -20.91
C ARG B 240 36.03 -95.08 -21.82
N LEU B 241 35.07 -94.88 -22.78
CA LEU B 241 34.60 -95.93 -23.62
C LEU B 241 35.14 -95.57 -24.98
N GLU B 242 35.71 -96.57 -25.70
CA GLU B 242 36.23 -96.33 -27.01
C GLU B 242 35.28 -96.46 -28.28
N ASN B 243 35.27 -95.51 -29.33
CA ASN B 243 34.35 -95.46 -30.51
C ASN B 243 32.91 -95.71 -30.13
N ALA B 244 32.36 -94.88 -29.17
CA ALA B 244 31.04 -95.01 -28.78
C ALA B 244 30.14 -94.41 -29.83
N LYS B 245 29.00 -95.15 -30.03
CA LYS B 245 27.89 -94.76 -30.82
C LYS B 245 26.91 -93.94 -30.00
N ILE B 246 27.17 -92.62 -29.83
CA ILE B 246 26.41 -91.59 -29.16
C ILE B 246 24.97 -91.56 -29.70
N ALA B 247 24.06 -91.37 -28.81
CA ALA B 247 22.64 -91.13 -29.13
C ALA B 247 22.07 -89.88 -28.49
N LEU B 248 21.99 -88.77 -29.21
CA LEU B 248 21.55 -87.43 -28.87
C LEU B 248 20.00 -87.41 -28.82
N ILE B 249 19.39 -87.72 -27.67
CA ILE B 249 17.94 -87.87 -27.66
C ILE B 249 17.26 -86.67 -27.20
N ASP B 250 16.69 -85.88 -28.16
CA ASP B 250 15.81 -84.71 -27.89
C ASP B 250 14.62 -85.05 -27.00
N ALA B 251 13.99 -86.20 -27.20
CA ALA B 251 12.92 -86.70 -26.49
C ALA B 251 13.15 -86.96 -25.01
N SER B 252 12.10 -86.77 -24.22
CA SER B 252 12.08 -87.09 -22.75
C SER B 252 11.99 -88.58 -22.46
N LEU B 253 12.71 -89.14 -21.51
CA LEU B 253 12.68 -90.49 -21.08
C LEU B 253 12.24 -90.57 -19.53
N GLU B 254 11.30 -89.67 -19.17
CA GLU B 254 10.69 -89.55 -17.85
C GLU B 254 9.28 -89.17 -18.10
N VAL B 255 8.39 -89.89 -17.48
CA VAL B 255 6.95 -89.87 -17.66
C VAL B 255 6.29 -88.52 -17.31
N GLU B 256 5.08 -88.30 -17.78
CA GLU B 256 4.33 -87.08 -17.68
C GLU B 256 2.97 -87.34 -16.98
N LYS B 257 2.56 -86.50 -16.00
CA LYS B 257 1.39 -86.66 -15.16
C LYS B 257 0.13 -86.56 -16.09
N PRO B 258 -0.90 -87.39 -15.94
CA PRO B 258 -2.09 -87.23 -16.65
C PRO B 258 -3.01 -86.17 -16.25
N GLU B 259 -2.73 -85.60 -15.07
CA GLU B 259 -3.54 -84.69 -14.31
C GLU B 259 -3.15 -83.27 -14.20
N LEU B 260 -2.14 -82.76 -15.00
CA LEU B 260 -1.71 -81.36 -14.86
C LEU B 260 -2.73 -80.50 -15.53
N ASP B 261 -3.12 -80.71 -16.81
CA ASP B 261 -4.14 -79.91 -17.46
C ASP B 261 -5.59 -79.97 -16.79
N ALA B 262 -6.04 -81.19 -16.31
CA ALA B 262 -7.29 -81.54 -15.72
C ALA B 262 -7.14 -82.87 -15.08
N GLU B 263 -7.59 -83.03 -13.80
CA GLU B 263 -7.53 -84.27 -13.07
C GLU B 263 -8.53 -85.24 -13.61
N ILE B 264 -8.08 -86.50 -13.52
CA ILE B 264 -8.64 -87.79 -14.00
C ILE B 264 -10.07 -88.03 -13.68
N ARG B 265 -10.70 -88.74 -14.62
CA ARG B 265 -12.13 -89.08 -14.62
C ARG B 265 -12.30 -90.61 -14.39
N ILE B 266 -11.16 -91.29 -14.22
CA ILE B 266 -11.16 -92.73 -14.03
C ILE B 266 -11.66 -92.92 -12.52
N ASN B 267 -12.57 -93.85 -12.26
CA ASN B 267 -13.02 -94.02 -10.88
C ASN B 267 -12.33 -95.22 -10.29
N ASP B 268 -11.75 -96.19 -11.09
CA ASP B 268 -11.18 -97.47 -10.59
C ASP B 268 -9.70 -97.56 -10.24
N PRO B 269 -9.29 -97.91 -8.99
CA PRO B 269 -7.78 -98.02 -8.77
C PRO B 269 -7.06 -99.13 -9.49
N THR B 270 -7.81 -100.18 -9.93
CA THR B 270 -7.19 -101.23 -10.75
C THR B 270 -6.75 -100.74 -12.19
N GLN B 271 -7.62 -99.88 -12.74
CA GLN B 271 -7.45 -99.14 -13.97
C GLN B 271 -6.46 -98.03 -13.91
N MET B 272 -6.30 -97.27 -12.82
CA MET B 272 -5.20 -96.42 -12.50
C MET B 272 -3.88 -97.20 -12.54
N GLN B 273 -3.64 -98.25 -11.74
CA GLN B 273 -2.43 -99.03 -11.77
C GLN B 273 -1.90 -99.40 -13.12
N LYS B 274 -2.61 -100.30 -13.86
CA LYS B 274 -2.29 -100.73 -15.23
C LYS B 274 -2.11 -99.62 -16.23
N PHE B 275 -2.48 -98.35 -15.94
CA PHE B 275 -2.39 -97.22 -16.81
C PHE B 275 -0.99 -96.71 -16.58
N LEU B 276 -0.68 -96.40 -15.25
CA LEU B 276 0.59 -95.85 -14.81
C LEU B 276 1.75 -96.83 -14.79
N ASP B 277 1.46 -98.15 -14.70
CA ASP B 277 2.46 -99.30 -14.74
C ASP B 277 2.95 -99.25 -16.16
N GLU B 278 1.95 -99.27 -17.12
CA GLU B 278 2.20 -99.33 -18.59
C GLU B 278 2.91 -98.08 -19.15
N GLU B 279 2.66 -96.93 -18.56
CA GLU B 279 3.35 -95.68 -18.90
C GLU B 279 4.81 -95.74 -18.52
N GLU B 280 5.17 -96.47 -17.45
CA GLU B 280 6.53 -96.72 -16.96
C GLU B 280 7.21 -97.86 -17.74
N ASN B 281 6.51 -98.94 -18.24
CA ASN B 281 7.06 -99.95 -19.13
C ASN B 281 7.23 -99.51 -20.47
N LEU B 282 6.58 -98.38 -20.82
CA LEU B 282 6.69 -97.56 -22.01
C LEU B 282 8.08 -96.92 -22.09
N ILE B 283 8.54 -96.44 -20.94
CA ILE B 283 9.84 -95.87 -20.83
C ILE B 283 10.98 -96.91 -20.87
N LYS B 284 10.88 -98.12 -20.27
CA LYS B 284 11.75 -99.27 -20.52
C LYS B 284 11.68 -99.81 -21.97
N GLU B 285 10.58 -99.63 -22.64
CA GLU B 285 10.43 -99.92 -24.05
C GLU B 285 11.25 -98.98 -24.94
N LYS B 286 11.10 -97.64 -24.79
CA LYS B 286 11.85 -96.51 -25.43
C LYS B 286 13.33 -96.65 -25.22
N VAL B 287 13.81 -96.93 -23.96
CA VAL B 287 15.20 -97.27 -23.78
C VAL B 287 15.71 -98.51 -24.60
N ASP B 288 14.99 -99.64 -24.56
CA ASP B 288 15.36 -100.92 -25.30
C ASP B 288 15.32 -100.76 -26.84
N LYS B 289 14.44 -99.88 -27.36
CA LYS B 289 14.52 -99.48 -28.76
C LYS B 289 15.82 -98.70 -29.21
N ILE B 290 16.47 -98.01 -28.30
CA ILE B 290 17.64 -97.21 -28.52
C ILE B 290 18.81 -98.14 -28.42
N LEU B 291 18.84 -99.06 -27.38
CA LEU B 291 19.92 -100.10 -27.35
C LEU B 291 19.66 -101.21 -28.42
N ALA B 292 18.45 -101.31 -28.98
CA ALA B 292 18.14 -102.08 -30.19
C ALA B 292 18.80 -101.56 -31.49
N THR B 293 19.28 -100.31 -31.52
CA THR B 293 19.87 -99.64 -32.65
C THR B 293 21.37 -99.77 -32.44
N GLY B 294 21.77 -100.11 -31.18
CA GLY B 294 23.18 -100.38 -30.87
C GLY B 294 23.83 -99.20 -30.30
N ALA B 295 23.08 -98.20 -29.77
CA ALA B 295 23.68 -97.01 -29.18
C ALA B 295 24.51 -97.37 -27.97
N ASN B 296 25.74 -96.78 -27.80
CA ASN B 296 26.56 -97.07 -26.69
C ASN B 296 26.57 -95.88 -25.64
N VAL B 297 26.03 -94.73 -26.05
CA VAL B 297 26.00 -93.57 -25.23
C VAL B 297 24.62 -93.01 -25.42
N ILE B 298 24.05 -92.34 -24.41
CA ILE B 298 22.76 -91.60 -24.52
C ILE B 298 22.67 -90.38 -23.69
N ILE B 299 22.37 -89.29 -24.39
CA ILE B 299 22.40 -87.98 -23.67
C ILE B 299 21.04 -87.43 -23.91
N CYS B 300 20.43 -86.78 -22.96
CA CYS B 300 19.14 -86.14 -23.10
C CYS B 300 19.12 -84.73 -22.57
N GLN B 301 17.96 -84.08 -22.70
CA GLN B 301 17.77 -82.71 -22.30
C GLN B 301 16.83 -82.62 -21.14
N LYS B 302 15.87 -83.57 -21.08
CA LYS B 302 15.01 -83.82 -20.01
C LYS B 302 15.32 -85.11 -19.31
N GLY B 303 14.72 -85.27 -18.10
CA GLY B 303 14.92 -86.39 -17.29
C GLY B 303 14.86 -87.74 -17.87
N ILE B 304 15.53 -88.65 -17.21
CA ILE B 304 15.47 -90.05 -17.56
C ILE B 304 15.04 -90.69 -16.26
N ASP B 305 13.88 -91.51 -16.25
CA ASP B 305 13.17 -92.06 -15.06
C ASP B 305 14.12 -92.89 -14.19
N GLU B 306 13.78 -93.20 -12.91
CA GLU B 306 14.64 -93.97 -12.02
C GLU B 306 14.75 -95.42 -12.36
N VAL B 307 13.74 -95.93 -13.05
CA VAL B 307 13.65 -97.26 -13.60
C VAL B 307 14.50 -97.28 -14.95
N ALA B 308 14.48 -96.17 -15.67
CA ALA B 308 15.27 -96.06 -16.90
C ALA B 308 16.75 -95.93 -16.65
N GLN B 309 17.20 -95.53 -15.46
CA GLN B 309 18.61 -95.51 -15.03
C GLN B 309 19.12 -96.90 -14.66
N SER B 310 18.35 -97.69 -13.90
CA SER B 310 18.75 -99.14 -13.68
C SER B 310 18.76 -99.96 -15.00
N TYR B 311 17.94 -99.50 -16.02
CA TYR B 311 17.91 -100.14 -17.29
C TYR B 311 19.17 -99.80 -18.04
N LEU B 312 19.59 -98.54 -18.11
CA LEU B 312 20.86 -98.25 -18.77
C LEU B 312 22.11 -98.77 -18.04
N ALA B 313 22.04 -98.78 -16.72
CA ALA B 313 23.11 -99.17 -15.84
C ALA B 313 23.46 -100.72 -16.01
N LYS B 314 22.46 -101.69 -16.09
CA LYS B 314 22.77 -103.12 -16.11
C LYS B 314 23.41 -103.47 -17.50
N LYS B 315 23.14 -102.67 -18.55
CA LYS B 315 23.75 -102.89 -19.90
C LYS B 315 25.12 -102.32 -19.98
N GLY B 316 25.42 -101.36 -19.09
CA GLY B 316 26.78 -100.74 -19.10
C GLY B 316 26.93 -99.58 -19.97
N VAL B 317 25.87 -98.87 -20.27
CA VAL B 317 25.83 -97.83 -21.27
C VAL B 317 26.31 -96.53 -20.65
N LEU B 318 26.83 -95.47 -21.34
CA LEU B 318 27.30 -94.31 -20.69
C LEU B 318 26.30 -93.21 -20.96
N ALA B 319 25.60 -92.79 -19.91
CA ALA B 319 24.46 -91.95 -20.11
C ALA B 319 24.73 -90.75 -19.43
N VAL B 320 24.22 -89.66 -19.98
CA VAL B 320 24.35 -88.30 -19.46
C VAL B 320 22.97 -87.65 -19.32
N ARG B 321 22.76 -86.99 -18.10
CA ARG B 321 21.45 -86.43 -17.75
C ARG B 321 21.29 -84.84 -17.82
N ARG B 322 20.16 -84.41 -18.43
CA ARG B 322 19.67 -83.02 -18.58
C ARG B 322 20.61 -81.94 -19.26
N ALA B 323 21.10 -82.23 -20.41
CA ALA B 323 21.97 -81.32 -21.11
C ALA B 323 21.24 -80.25 -21.91
N LYS B 324 21.93 -79.31 -22.54
CA LYS B 324 21.25 -78.26 -23.24
C LYS B 324 21.06 -78.76 -24.65
N LYS B 325 19.80 -78.66 -25.26
CA LYS B 325 19.57 -78.88 -26.70
C LYS B 325 20.48 -78.05 -27.63
N SER B 326 20.97 -76.86 -27.20
CA SER B 326 22.06 -76.21 -27.86
C SER B 326 23.35 -76.96 -28.14
N ASP B 327 23.66 -77.86 -27.22
CA ASP B 327 24.93 -78.58 -27.20
C ASP B 327 24.78 -79.96 -27.81
N LEU B 328 23.52 -80.50 -27.78
CA LEU B 328 23.21 -81.81 -28.37
C LEU B 328 23.47 -81.72 -29.92
N GLU B 329 23.07 -80.58 -30.57
CA GLU B 329 23.37 -80.20 -31.96
C GLU B 329 24.89 -80.10 -32.19
N LYS B 330 25.65 -79.34 -31.33
CA LYS B 330 27.14 -79.26 -31.43
C LYS B 330 27.82 -80.60 -31.40
N LEU B 331 27.23 -81.63 -30.77
CA LEU B 331 27.85 -82.93 -30.59
C LEU B 331 27.45 -83.77 -31.90
N ALA B 332 26.32 -83.42 -32.53
CA ALA B 332 25.84 -84.01 -33.78
C ALA B 332 26.78 -83.78 -34.87
N ARG B 333 26.92 -82.48 -35.32
CA ARG B 333 27.86 -82.16 -36.38
C ARG B 333 29.33 -82.20 -36.06
N ALA B 334 29.65 -82.56 -34.78
CA ALA B 334 31.01 -82.86 -34.55
C ALA B 334 31.28 -84.34 -34.71
N THR B 335 30.28 -85.20 -34.49
CA THR B 335 30.42 -86.65 -34.54
C THR B 335 29.76 -87.32 -35.68
N GLY B 336 28.99 -86.63 -36.51
CA GLY B 336 28.27 -87.09 -37.67
C GLY B 336 26.88 -87.63 -37.43
N GLY B 337 26.36 -87.58 -36.15
CA GLY B 337 25.00 -87.96 -35.88
C GLY B 337 24.07 -86.78 -35.97
N ARG B 338 22.83 -86.94 -35.50
CA ARG B 338 21.89 -85.83 -35.44
C ARG B 338 20.98 -86.11 -34.24
N VAL B 339 20.20 -85.10 -33.82
CA VAL B 339 19.46 -85.16 -32.57
C VAL B 339 18.08 -85.65 -32.94
N VAL B 340 17.61 -86.77 -32.30
CA VAL B 340 16.33 -87.41 -32.64
C VAL B 340 15.19 -87.23 -31.56
N SER B 341 14.06 -86.65 -32.05
CA SER B 341 12.87 -86.18 -31.36
C SER B 341 11.89 -87.32 -31.21
N ASN B 342 12.10 -88.46 -31.93
CA ASN B 342 11.15 -89.55 -32.05
C ASN B 342 11.94 -90.90 -31.89
N ILE B 343 11.76 -91.67 -30.83
CA ILE B 343 12.44 -92.93 -30.61
C ILE B 343 12.23 -93.89 -31.72
N ASP B 344 11.08 -93.79 -32.44
CA ASP B 344 10.71 -94.65 -33.56
C ASP B 344 11.42 -94.41 -34.89
N GLU B 345 12.47 -93.57 -34.99
CA GLU B 345 13.24 -93.29 -36.23
C GLU B 345 14.69 -93.49 -36.09
N ILE B 346 15.21 -93.93 -34.90
CA ILE B 346 16.66 -94.10 -34.67
C ILE B 346 17.23 -95.23 -35.50
N SER B 347 18.31 -94.94 -36.15
CA SER B 347 18.99 -95.88 -36.99
C SER B 347 20.47 -95.67 -36.65
N GLU B 348 21.37 -96.67 -36.97
CA GLU B 348 22.79 -96.55 -36.70
C GLU B 348 23.42 -95.46 -37.52
N GLN B 349 22.77 -95.02 -38.60
CA GLN B 349 23.26 -93.88 -39.38
C GLN B 349 22.92 -92.51 -38.73
N ASP B 350 22.08 -92.53 -37.67
CA ASP B 350 21.81 -91.29 -36.91
C ASP B 350 22.47 -91.14 -35.60
N LEU B 351 23.14 -92.27 -35.16
CA LEU B 351 24.02 -92.26 -33.97
C LEU B 351 25.29 -91.55 -34.36
N GLY B 352 25.94 -90.86 -33.34
CA GLY B 352 27.16 -89.97 -33.31
C GLY B 352 28.35 -90.93 -33.13
N TYR B 353 29.41 -90.78 -33.93
CA TYR B 353 30.58 -91.51 -33.83
C TYR B 353 31.71 -90.70 -33.29
N ALA B 354 32.32 -91.12 -32.16
CA ALA B 354 33.45 -90.45 -31.61
C ALA B 354 34.47 -91.38 -31.06
N SER B 355 35.80 -91.19 -31.35
CA SER B 355 36.86 -92.09 -30.90
C SER B 355 36.86 -92.41 -29.42
N LEU B 356 36.65 -91.41 -28.52
CA LEU B 356 36.67 -91.74 -27.19
C LEU B 356 35.89 -90.69 -26.37
N ILE B 357 34.97 -91.07 -25.59
CA ILE B 357 34.17 -90.17 -24.76
C ILE B 357 34.65 -90.54 -23.33
N GLU B 358 34.67 -89.52 -22.41
CA GLU B 358 35.00 -89.69 -20.99
C GLU B 358 34.33 -88.70 -20.05
N GLU B 359 34.50 -88.98 -18.76
CA GLU B 359 34.11 -88.04 -17.66
C GLU B 359 35.35 -87.18 -17.29
N ARG B 360 35.20 -85.83 -17.08
CA ARG B 360 36.27 -84.95 -16.78
C ARG B 360 35.92 -84.23 -15.57
N LYS B 361 36.72 -84.23 -14.53
CA LYS B 361 36.42 -83.53 -13.28
C LYS B 361 37.13 -82.22 -13.21
N VAL B 362 36.35 -81.15 -13.25
CA VAL B 362 36.81 -79.81 -13.37
C VAL B 362 36.48 -79.21 -11.99
N GLY B 363 37.33 -79.58 -11.06
CA GLY B 363 37.20 -79.02 -9.73
C GLY B 363 36.21 -79.74 -8.84
N GLU B 364 35.10 -79.08 -8.51
CA GLU B 364 34.07 -79.76 -7.83
C GLU B 364 32.90 -80.07 -8.80
N ASP B 365 32.97 -79.63 -10.06
CA ASP B 365 32.10 -80.05 -11.18
C ASP B 365 32.81 -81.14 -11.99
N LYS B 366 31.92 -81.72 -12.77
CA LYS B 366 32.29 -82.90 -13.60
C LYS B 366 31.60 -82.67 -14.87
N MET B 367 32.30 -82.85 -16.01
CA MET B 367 31.82 -82.55 -17.27
C MET B 367 32.20 -83.68 -18.18
N VAL B 368 31.40 -83.83 -19.24
CA VAL B 368 31.64 -84.92 -20.22
C VAL B 368 32.50 -84.27 -21.28
N PHE B 369 33.54 -85.00 -21.68
CA PHE B 369 34.48 -84.59 -22.75
C PHE B 369 34.40 -85.65 -23.89
N VAL B 370 34.55 -85.11 -25.12
CA VAL B 370 34.32 -85.91 -26.32
C VAL B 370 35.42 -85.67 -27.27
N GLU B 371 36.68 -86.03 -26.95
CA GLU B 371 37.86 -85.84 -27.83
C GLU B 371 37.78 -86.79 -29.05
N GLY B 372 38.44 -86.41 -30.16
CA GLY B 372 38.66 -87.25 -31.31
C GLY B 372 37.33 -87.24 -32.18
N ALA B 373 36.70 -86.12 -32.39
CA ALA B 373 35.44 -85.91 -33.06
C ALA B 373 35.71 -86.06 -34.52
N LYS B 374 34.73 -86.49 -35.31
CA LYS B 374 34.84 -86.84 -36.68
C LYS B 374 35.31 -85.63 -37.52
N ASN B 375 34.83 -84.39 -37.05
CA ASN B 375 35.24 -83.15 -37.67
C ASN B 375 36.29 -82.42 -36.79
N PRO B 376 37.45 -82.18 -37.35
CA PRO B 376 38.56 -81.63 -36.60
C PRO B 376 38.54 -80.21 -36.23
N LYS B 377 37.74 -79.37 -36.89
CA LYS B 377 37.62 -77.92 -36.87
C LYS B 377 37.00 -77.54 -35.59
N SER B 378 36.07 -78.42 -35.14
CA SER B 378 35.32 -78.45 -33.90
C SER B 378 36.19 -78.57 -32.68
N ILE B 379 36.42 -77.46 -32.01
CA ILE B 379 37.23 -77.52 -30.79
C ILE B 379 36.44 -76.78 -29.73
N SER B 380 36.89 -76.86 -28.46
CA SER B 380 36.28 -76.09 -27.40
C SER B 380 37.30 -75.40 -26.57
N ILE B 381 36.78 -74.35 -25.85
CA ILE B 381 37.74 -73.64 -24.96
C ILE B 381 37.15 -73.81 -23.57
N LEU B 382 37.97 -74.01 -22.48
CA LEU B 382 37.48 -74.13 -21.13
C LEU B 382 38.04 -72.95 -20.39
N ILE B 383 37.14 -72.07 -19.94
CA ILE B 383 37.54 -70.93 -19.16
C ILE B 383 37.48 -71.43 -17.73
N ARG B 384 38.48 -71.03 -16.93
CA ARG B 384 38.59 -71.41 -15.58
C ARG B 384 39.22 -70.17 -14.96
N GLY B 385 39.08 -70.15 -13.63
CA GLY B 385 39.68 -69.12 -12.78
C GLY B 385 38.77 -67.95 -12.60
N GLY B 386 39.34 -67.02 -11.88
CA GLY B 386 38.84 -65.79 -11.47
C GLY B 386 37.66 -65.86 -10.44
N LEU B 387 36.75 -64.89 -10.53
CA LEU B 387 35.68 -64.74 -9.57
C LEU B 387 34.41 -64.81 -10.38
N GLU B 388 33.21 -64.97 -9.71
CA GLU B 388 31.98 -65.11 -10.43
C GLU B 388 31.65 -63.97 -11.38
N ARG B 389 32.20 -62.76 -11.19
CA ARG B 389 31.93 -61.62 -12.06
C ARG B 389 33.11 -61.29 -12.99
N LEU B 390 34.35 -61.52 -12.53
CA LEU B 390 35.55 -61.47 -13.34
C LEU B 390 35.53 -62.53 -14.48
N VAL B 391 34.98 -63.77 -14.22
CA VAL B 391 34.82 -64.78 -15.31
C VAL B 391 33.96 -64.33 -16.43
N ASP B 392 32.87 -63.69 -16.08
CA ASP B 392 31.86 -63.09 -16.91
C ASP B 392 32.40 -62.07 -17.86
N GLU B 393 33.22 -61.08 -17.34
CA GLU B 393 33.82 -60.12 -18.23
C GLU B 393 34.98 -60.68 -19.06
N THR B 394 35.52 -61.84 -18.61
CA THR B 394 36.53 -62.52 -19.43
C THR B 394 35.93 -63.23 -20.56
N GLU B 395 34.69 -63.78 -20.41
CA GLU B 395 34.06 -64.51 -21.50
C GLU B 395 33.71 -63.55 -22.64
N ARG B 396 33.29 -62.31 -22.29
CA ARG B 396 33.02 -61.27 -23.24
C ARG B 396 34.42 -60.85 -23.94
N ALA B 397 35.44 -60.44 -23.21
CA ALA B 397 36.79 -60.14 -23.70
C ALA B 397 37.36 -61.28 -24.62
N LEU B 398 37.16 -62.57 -24.30
CA LEU B 398 37.57 -63.74 -25.09
C LEU B 398 36.82 -63.90 -26.43
N ARG B 399 35.50 -63.56 -26.47
CA ARG B 399 34.63 -63.51 -27.62
C ARG B 399 35.16 -62.45 -28.55
N ASP B 400 35.35 -61.26 -27.97
CA ASP B 400 35.92 -60.19 -28.70
C ASP B 400 37.40 -60.37 -29.26
N ALA B 401 38.33 -60.89 -28.41
CA ALA B 401 39.65 -61.31 -28.80
C ALA B 401 39.72 -62.33 -29.96
N LEU B 402 38.85 -63.33 -29.88
CA LEU B 402 38.72 -64.40 -30.85
C LEU B 402 38.22 -63.84 -32.17
N GLY B 403 37.04 -63.15 -32.11
CA GLY B 403 36.44 -62.38 -33.17
C GLY B 403 37.45 -61.52 -33.90
N THR B 404 38.10 -60.65 -33.17
CA THR B 404 39.11 -59.76 -33.77
C THR B 404 40.25 -60.39 -34.48
N VAL B 405 40.86 -61.45 -33.88
CA VAL B 405 41.92 -62.31 -34.51
C VAL B 405 41.57 -62.98 -35.77
N ALA B 406 40.31 -63.52 -35.85
CA ALA B 406 39.79 -64.17 -37.03
C ALA B 406 39.66 -63.22 -38.22
N ASP B 407 39.35 -61.96 -37.97
CA ASP B 407 39.16 -60.96 -38.97
C ASP B 407 40.40 -60.59 -39.69
N VAL B 408 41.54 -60.54 -38.99
CA VAL B 408 42.94 -60.32 -39.43
C VAL B 408 43.33 -61.41 -40.42
N ILE B 409 42.99 -62.69 -40.07
CA ILE B 409 43.25 -63.90 -40.87
C ILE B 409 42.39 -63.85 -42.11
N LYS B 410 41.10 -63.56 -42.07
CA LYS B 410 40.26 -63.40 -43.20
C LYS B 410 40.70 -62.31 -44.14
N ASP B 411 41.38 -61.26 -43.66
CA ASP B 411 41.76 -60.03 -44.31
C ASP B 411 43.20 -60.15 -44.79
N GLY B 412 44.25 -60.04 -43.92
CA GLY B 412 45.65 -60.09 -44.30
C GLY B 412 46.38 -58.84 -44.13
N ARG B 413 45.77 -57.82 -43.56
CA ARG B 413 46.35 -56.56 -43.31
C ARG B 413 46.40 -56.04 -41.84
N ALA B 414 47.54 -55.48 -41.51
CA ALA B 414 47.75 -55.05 -40.11
C ALA B 414 48.65 -53.88 -40.19
N ILE B 415 48.31 -52.82 -39.41
CA ILE B 415 49.10 -51.60 -39.33
C ILE B 415 49.56 -51.49 -37.90
N ALA B 416 50.45 -50.58 -37.62
CA ALA B 416 50.99 -50.36 -36.31
C ALA B 416 49.99 -49.61 -35.49
N GLY B 417 49.61 -50.04 -34.29
CA GLY B 417 48.75 -49.27 -33.47
C GLY B 417 49.39 -48.16 -32.79
N GLY B 418 48.79 -47.48 -31.84
CA GLY B 418 49.53 -46.36 -31.17
C GLY B 418 49.67 -45.07 -31.97
N GLY B 419 48.76 -44.71 -32.91
CA GLY B 419 48.87 -43.47 -33.60
C GLY B 419 49.74 -43.45 -34.85
N ALA B 420 50.48 -44.47 -35.15
CA ALA B 420 51.37 -44.63 -36.31
C ALA B 420 50.92 -44.27 -37.77
N VAL B 421 49.85 -44.98 -38.21
CA VAL B 421 49.31 -44.79 -39.56
C VAL B 421 48.67 -43.43 -39.78
N GLU B 422 48.15 -42.88 -38.71
CA GLU B 422 47.60 -41.56 -38.58
C GLU B 422 48.58 -40.44 -38.79
N ILE B 423 49.62 -40.25 -37.90
CA ILE B 423 50.66 -39.23 -38.13
C ILE B 423 51.30 -39.27 -39.54
N GLU B 424 51.38 -40.42 -40.17
CA GLU B 424 51.67 -40.62 -41.57
C GLU B 424 50.65 -40.11 -42.53
N ILE B 425 49.30 -40.45 -42.48
CA ILE B 425 48.16 -39.89 -43.24
C ILE B 425 48.08 -38.34 -43.08
N ALA B 426 48.56 -37.81 -41.97
CA ALA B 426 48.53 -36.38 -41.64
C ALA B 426 49.61 -35.84 -42.47
N LYS B 427 50.87 -36.02 -42.18
CA LYS B 427 51.97 -35.63 -42.96
C LYS B 427 51.78 -35.68 -44.56
N LYS B 428 51.35 -36.93 -45.09
CA LYS B 428 51.05 -37.22 -46.42
C LYS B 428 49.98 -36.33 -47.04
N LEU B 429 48.91 -35.96 -46.27
CA LEU B 429 47.86 -34.99 -46.67
C LEU B 429 48.34 -33.53 -46.66
N ARG B 430 49.12 -33.20 -45.60
CA ARG B 430 49.69 -31.91 -45.46
C ARG B 430 50.67 -31.45 -46.53
N LYS B 431 51.52 -32.38 -46.97
CA LYS B 431 52.41 -32.11 -48.12
C LYS B 431 51.74 -31.88 -49.46
N TYR B 432 50.56 -32.51 -49.61
CA TYR B 432 49.67 -32.46 -50.77
C TYR B 432 48.88 -31.18 -50.95
N ALA B 433 48.22 -30.78 -49.88
CA ALA B 433 47.34 -29.64 -49.60
C ALA B 433 47.69 -28.35 -50.45
N PRO B 434 48.87 -27.69 -50.43
CA PRO B 434 49.27 -26.63 -51.31
C PRO B 434 48.75 -26.56 -52.69
N GLN B 435 48.63 -27.66 -53.39
CA GLN B 435 48.41 -27.59 -54.81
C GLN B 435 46.92 -27.60 -55.15
N VAL B 436 46.02 -28.05 -54.21
CA VAL B 436 44.67 -28.07 -54.50
C VAL B 436 44.02 -26.72 -54.87
N GLY B 437 44.53 -25.55 -54.43
CA GLY B 437 43.82 -24.32 -54.64
C GLY B 437 43.60 -23.55 -53.35
N GLY B 438 42.80 -22.45 -53.47
CA GLY B 438 42.56 -21.35 -52.52
C GLY B 438 41.96 -21.72 -51.16
N LYS B 439 40.64 -21.70 -51.11
CA LYS B 439 39.96 -22.09 -49.89
C LYS B 439 39.92 -23.56 -49.50
N GLU B 440 39.60 -24.42 -50.49
CA GLU B 440 39.57 -25.91 -50.32
C GLU B 440 40.75 -26.57 -49.62
N GLN B 441 41.95 -25.91 -49.76
CA GLN B 441 43.12 -26.14 -48.99
C GLN B 441 42.86 -26.08 -47.45
N LEU B 442 42.25 -25.02 -46.96
CA LEU B 442 41.87 -24.77 -45.56
C LEU B 442 41.03 -25.92 -44.94
N ALA B 443 40.14 -26.51 -45.81
CA ALA B 443 39.30 -27.74 -45.60
C ALA B 443 40.25 -28.90 -45.41
N VAL B 444 41.25 -29.07 -46.30
CA VAL B 444 42.20 -30.12 -46.18
C VAL B 444 43.03 -29.98 -44.86
N GLU B 445 43.49 -28.73 -44.57
CA GLU B 445 44.21 -28.43 -43.31
C GLU B 445 43.46 -28.76 -42.01
N ALA B 446 42.13 -28.52 -42.03
CA ALA B 446 41.20 -28.79 -41.00
C ALA B 446 41.06 -30.31 -40.74
N TYR B 447 40.70 -31.06 -41.75
CA TYR B 447 40.76 -32.48 -41.74
C TYR B 447 41.99 -33.13 -41.15
N ALA B 448 43.20 -32.54 -41.52
CA ALA B 448 44.43 -33.05 -41.00
C ALA B 448 44.55 -32.71 -39.48
N ASN B 449 44.34 -31.45 -39.06
CA ASN B 449 44.45 -31.02 -37.62
C ASN B 449 43.56 -31.91 -36.80
N ALA B 450 42.28 -32.17 -37.27
CA ALA B 450 41.38 -33.10 -36.62
C ALA B 450 41.91 -34.54 -36.50
N LEU B 451 42.63 -35.10 -37.53
CA LEU B 451 43.30 -36.41 -37.42
C LEU B 451 44.40 -36.52 -36.45
N GLU B 452 45.25 -35.46 -36.29
CA GLU B 452 46.25 -35.41 -35.21
C GLU B 452 45.63 -35.23 -33.86
N SER B 453 44.50 -34.45 -33.78
CA SER B 453 43.72 -34.23 -32.57
C SER B 453 43.36 -35.56 -32.01
N LEU B 454 43.01 -36.61 -32.83
CA LEU B 454 42.71 -37.94 -32.43
C LEU B 454 43.78 -38.59 -31.53
N VAL B 455 45.06 -38.48 -31.95
CA VAL B 455 46.29 -38.92 -31.29
C VAL B 455 46.53 -38.00 -30.08
N SER B 456 46.10 -36.72 -30.20
CA SER B 456 46.28 -35.77 -29.10
C SER B 456 45.39 -36.18 -27.89
N ILE B 457 44.12 -36.50 -28.12
CA ILE B 457 43.28 -37.10 -27.04
C ILE B 457 43.97 -38.32 -26.45
N LEU B 458 44.53 -39.21 -27.32
CA LEU B 458 45.20 -40.42 -26.98
C LEU B 458 46.39 -40.18 -26.13
N ILE B 459 47.24 -39.24 -26.46
CA ILE B 459 48.31 -38.74 -25.60
C ILE B 459 47.85 -38.08 -24.31
N GLU B 460 46.95 -37.13 -24.35
CA GLU B 460 46.28 -36.36 -23.31
C GLU B 460 45.88 -37.22 -22.12
N ASN B 461 45.08 -38.22 -22.40
CA ASN B 461 44.60 -39.27 -21.50
C ASN B 461 45.67 -40.09 -20.85
N ALA B 462 46.91 -40.08 -21.35
CA ALA B 462 48.03 -40.64 -20.75
C ALA B 462 48.67 -39.68 -19.77
N GLY B 463 48.52 -38.37 -19.86
CA GLY B 463 49.12 -37.40 -19.01
C GLY B 463 50.43 -36.77 -19.57
N PHE B 464 50.73 -36.84 -20.86
CA PHE B 464 51.88 -36.10 -21.43
C PHE B 464 51.45 -34.91 -22.30
N ASP B 465 52.24 -33.79 -22.50
CA ASP B 465 51.90 -32.63 -23.29
C ASP B 465 51.59 -33.03 -24.67
N PRO B 466 50.34 -32.89 -25.17
CA PRO B 466 50.01 -33.33 -26.49
C PRO B 466 50.85 -32.77 -27.65
N ILE B 467 51.01 -31.43 -27.76
CA ILE B 467 51.76 -30.82 -28.82
C ILE B 467 53.20 -31.26 -28.70
N ASP B 468 53.92 -31.24 -27.55
CA ASP B 468 55.31 -31.67 -27.38
C ASP B 468 55.59 -33.06 -28.02
N LEU B 469 54.88 -34.04 -27.53
CA LEU B 469 55.05 -35.42 -28.04
C LEU B 469 54.57 -35.51 -29.51
N LEU B 470 53.46 -34.83 -29.94
CA LEU B 470 53.05 -34.84 -31.33
C LEU B 470 54.14 -34.31 -32.29
N MET B 471 54.78 -33.18 -31.96
CA MET B 471 55.84 -32.54 -32.73
C MET B 471 57.15 -33.39 -32.77
N LYS B 472 57.58 -33.89 -31.57
CA LYS B 472 58.67 -34.83 -31.48
C LYS B 472 58.51 -36.16 -32.31
N LEU B 473 57.23 -36.56 -32.53
CA LEU B 473 56.92 -37.72 -33.34
C LEU B 473 56.89 -37.31 -34.85
N ARG B 474 56.15 -36.24 -35.23
CA ARG B 474 56.28 -35.72 -36.68
C ARG B 474 57.62 -35.20 -37.04
N SER B 475 58.56 -35.06 -36.06
CA SER B 475 59.93 -34.65 -36.38
C SER B 475 60.70 -35.95 -36.61
N THR B 476 60.45 -36.86 -35.65
CA THR B 476 61.00 -38.20 -35.92
C THR B 476 60.37 -39.04 -36.99
N HIS B 477 59.44 -38.41 -37.76
CA HIS B 477 58.80 -39.03 -38.88
C HIS B 477 58.76 -38.06 -39.97
N GLU B 478 59.71 -37.08 -40.18
CA GLU B 478 59.80 -36.25 -41.36
C GLU B 478 60.26 -37.06 -42.67
N ASN B 479 61.12 -38.04 -42.42
CA ASN B 479 61.69 -38.89 -43.48
C ASN B 479 61.25 -40.40 -43.50
N GLU B 480 61.26 -40.98 -44.68
CA GLU B 480 60.85 -42.30 -45.07
C GLU B 480 61.52 -43.48 -44.30
N ASN B 481 62.58 -43.20 -43.57
CA ASN B 481 63.30 -44.08 -42.72
C ASN B 481 62.50 -44.80 -41.63
N ASN B 482 61.68 -44.07 -40.98
CA ASN B 482 60.85 -44.65 -39.98
C ASN B 482 59.45 -44.74 -40.56
N LYS B 483 58.62 -45.64 -40.10
CA LYS B 483 57.26 -45.72 -40.74
C LYS B 483 56.16 -46.26 -39.81
N TRP B 484 56.47 -46.83 -38.70
CA TRP B 484 55.51 -47.40 -37.71
C TRP B 484 55.73 -46.76 -36.28
N TYR B 485 56.26 -45.50 -36.18
CA TYR B 485 56.21 -44.75 -34.86
C TYR B 485 54.95 -44.17 -34.44
N GLY B 486 54.70 -44.35 -33.12
CA GLY B 486 53.58 -43.89 -32.44
C GLY B 486 54.06 -43.46 -31.08
N ILE B 487 53.14 -43.32 -30.07
CA ILE B 487 53.52 -42.89 -28.69
C ILE B 487 53.26 -44.00 -27.63
N ASP B 488 54.33 -44.62 -27.04
CA ASP B 488 54.16 -45.72 -26.03
C ASP B 488 53.34 -45.22 -24.86
N LEU B 489 52.11 -45.77 -24.68
CA LEU B 489 51.29 -45.11 -23.66
C LEU B 489 51.59 -45.39 -22.08
N TYR B 490 52.68 -46.10 -21.75
CA TYR B 490 53.28 -46.25 -20.48
C TYR B 490 54.70 -45.82 -20.35
N ALA B 491 55.40 -45.50 -21.46
CA ALA B 491 56.73 -44.93 -21.35
C ALA B 491 56.86 -43.45 -21.85
N GLY B 492 55.82 -42.93 -22.60
CA GLY B 492 55.73 -41.49 -22.84
C GLY B 492 56.82 -40.89 -23.64
N GLN B 493 57.04 -41.30 -24.93
CA GLN B 493 58.19 -40.96 -25.77
C GLN B 493 58.01 -41.64 -27.14
N PRO B 494 58.39 -41.10 -28.33
CA PRO B 494 58.14 -41.65 -29.70
C PRO B 494 58.84 -43.04 -29.74
N VAL B 495 58.11 -44.07 -30.14
CA VAL B 495 58.73 -45.34 -30.49
C VAL B 495 58.06 -46.04 -31.69
N ASP B 496 58.67 -47.08 -32.20
CA ASP B 496 58.22 -47.94 -33.28
C ASP B 496 57.27 -48.91 -32.72
N MET B 497 55.98 -48.88 -33.00
CA MET B 497 54.90 -49.70 -32.32
C MET B 497 54.89 -51.17 -32.81
N TRP B 498 55.05 -51.42 -34.10
CA TRP B 498 55.26 -52.76 -34.60
C TRP B 498 56.41 -53.44 -33.85
N GLN B 499 57.62 -52.82 -33.76
CA GLN B 499 58.70 -53.36 -33.04
C GLN B 499 58.58 -53.32 -31.50
N LYS B 500 57.39 -53.38 -30.91
CA LYS B 500 56.99 -53.50 -29.55
C LYS B 500 55.66 -54.31 -29.64
N GLY B 501 55.33 -54.95 -30.74
CA GLY B 501 54.18 -55.83 -30.80
C GLY B 501 52.88 -55.13 -30.97
N VAL B 502 52.90 -53.78 -31.09
CA VAL B 502 51.63 -53.08 -31.07
C VAL B 502 51.20 -52.79 -32.48
N ILE B 503 50.44 -53.75 -33.05
CA ILE B 503 49.92 -53.99 -34.37
C ILE B 503 48.42 -54.04 -34.16
N GLU B 504 47.60 -53.76 -35.16
CA GLU B 504 46.15 -53.70 -35.05
C GLU B 504 45.49 -54.19 -36.39
N PRO B 505 44.25 -54.73 -36.51
CA PRO B 505 43.45 -55.07 -37.69
C PRO B 505 43.27 -53.88 -38.65
N ALA B 506 43.89 -53.77 -39.83
CA ALA B 506 44.01 -52.64 -40.73
C ALA B 506 42.73 -52.13 -41.43
N LEU B 507 41.61 -52.93 -41.37
CA LEU B 507 40.37 -52.57 -42.02
C LEU B 507 39.54 -51.79 -40.92
N VAL B 508 39.63 -52.15 -39.61
CA VAL B 508 38.96 -51.57 -38.42
C VAL B 508 39.23 -50.12 -38.32
N LYS B 509 40.50 -49.71 -38.43
CA LYS B 509 40.90 -48.31 -38.40
C LYS B 509 40.82 -47.65 -39.77
N MET B 510 40.16 -48.26 -40.76
CA MET B 510 40.01 -47.73 -42.08
C MET B 510 38.53 -47.38 -42.20
N ASN B 511 37.64 -48.27 -41.76
CA ASN B 511 36.24 -48.04 -41.87
C ASN B 511 35.69 -46.96 -40.93
N ALA B 512 36.33 -46.73 -39.74
CA ALA B 512 36.00 -45.76 -38.79
C ALA B 512 36.05 -44.40 -39.44
N ILE B 513 37.13 -44.03 -40.15
CA ILE B 513 37.46 -42.79 -40.96
C ILE B 513 36.40 -42.63 -42.00
N LYS B 514 36.05 -43.69 -42.76
CA LYS B 514 35.05 -43.66 -43.81
C LYS B 514 33.72 -43.35 -43.25
N ALA B 515 33.36 -44.02 -42.15
CA ALA B 515 32.11 -43.84 -41.44
C ALA B 515 31.94 -42.46 -40.99
N ALA B 516 32.90 -42.00 -40.12
CA ALA B 516 32.96 -40.70 -39.61
C ALA B 516 32.81 -39.64 -40.70
N THR B 517 33.54 -39.71 -41.86
CA THR B 517 33.51 -38.64 -42.84
C THR B 517 32.15 -38.61 -43.52
N GLU B 518 31.51 -39.72 -43.75
CA GLU B 518 30.07 -39.76 -44.08
C GLU B 518 29.18 -39.10 -43.02
N ALA B 519 29.27 -39.49 -41.71
CA ALA B 519 28.46 -38.89 -40.65
C ALA B 519 28.68 -37.37 -40.59
N ALA B 520 29.92 -36.98 -40.47
CA ALA B 520 30.36 -35.59 -40.39
C ALA B 520 29.74 -34.70 -41.50
N THR B 521 30.01 -35.16 -42.74
CA THR B 521 29.47 -34.33 -43.81
C THR B 521 27.99 -34.31 -44.01
N LEU B 522 27.22 -35.29 -43.62
CA LEU B 522 25.76 -35.27 -43.68
C LEU B 522 25.25 -34.18 -42.70
N VAL B 523 25.90 -34.03 -41.55
CA VAL B 523 25.44 -33.05 -40.58
C VAL B 523 25.59 -31.64 -41.17
N LEU B 524 26.70 -31.44 -41.89
CA LEU B 524 27.05 -30.16 -42.58
C LEU B 524 26.18 -29.83 -43.78
N ARG B 525 25.60 -30.83 -44.46
CA ARG B 525 24.55 -30.58 -45.46
C ARG B 525 23.23 -30.07 -44.93
N ILE B 526 22.84 -30.40 -43.66
CA ILE B 526 21.61 -30.00 -43.19
C ILE B 526 21.48 -28.49 -42.99
N ASP B 527 20.41 -27.89 -43.65
CA ASP B 527 20.17 -26.44 -43.62
C ASP B 527 19.31 -26.14 -42.39
N ASP B 528 18.07 -26.76 -42.34
CA ASP B 528 17.10 -26.45 -41.34
C ASP B 528 16.15 -27.65 -41.13
N VAL B 529 15.44 -27.63 -40.00
CA VAL B 529 14.55 -28.68 -39.59
C VAL B 529 13.15 -28.28 -39.43
N VAL B 530 12.20 -29.14 -39.93
CA VAL B 530 10.76 -29.04 -39.89
C VAL B 530 10.33 -30.21 -38.98
N SER B 531 9.29 -29.91 -38.20
CA SER B 531 8.73 -30.96 -37.31
C SER B 531 7.20 -30.89 -37.28
N ALA B 532 6.49 -32.00 -36.99
CA ALA B 532 5.02 -31.97 -36.98
C ALA B 532 4.46 -31.41 -35.64
N GLY C 28 -5.63 0.11 -49.85
CA GLY C 28 -5.27 -0.95 -50.85
C GLY C 28 -4.18 -1.90 -50.49
N LYS C 29 -3.02 -1.47 -49.87
CA LYS C 29 -1.98 -2.26 -49.30
C LYS C 29 -2.44 -3.45 -48.35
N GLU C 30 -3.50 -3.29 -47.61
CA GLU C 30 -4.07 -4.18 -46.56
C GLU C 30 -3.87 -5.67 -46.67
N ALA C 31 -4.66 -6.40 -47.49
CA ALA C 31 -4.49 -7.82 -47.67
C ALA C 31 -3.37 -8.25 -48.68
N VAL C 32 -3.25 -7.50 -49.76
CA VAL C 32 -2.20 -7.70 -50.75
C VAL C 32 -0.76 -7.86 -50.27
N ARG C 33 -0.41 -7.17 -49.18
CA ARG C 33 0.88 -7.37 -48.58
C ARG C 33 1.11 -8.70 -47.96
N ALA C 34 0.16 -9.17 -47.12
CA ALA C 34 0.13 -10.37 -46.36
C ALA C 34 0.38 -11.61 -47.22
N ASN C 35 -0.44 -11.72 -48.28
CA ASN C 35 -0.37 -12.76 -49.33
C ASN C 35 1.01 -12.86 -49.97
N ILE C 36 1.55 -11.73 -50.51
CA ILE C 36 2.89 -11.57 -51.10
C ILE C 36 3.98 -12.06 -50.15
N ALA C 37 3.93 -11.46 -48.91
CA ALA C 37 4.77 -11.86 -47.79
C ALA C 37 4.85 -13.44 -47.60
N ALA C 38 3.67 -14.01 -47.38
CA ALA C 38 3.44 -15.45 -47.14
C ALA C 38 4.07 -16.33 -48.24
N VAL C 39 3.79 -15.89 -49.51
CA VAL C 39 4.24 -16.53 -50.71
C VAL C 39 5.79 -16.56 -50.72
N LYS C 40 6.42 -15.38 -50.61
CA LYS C 40 7.90 -15.23 -50.47
C LYS C 40 8.52 -16.04 -49.38
N ALA C 41 7.91 -16.19 -48.21
CA ALA C 41 8.26 -17.07 -47.13
C ALA C 41 8.42 -18.52 -47.62
N VAL C 42 7.35 -19.04 -48.34
CA VAL C 42 7.49 -20.33 -49.01
C VAL C 42 8.59 -20.58 -50.09
N GLU C 43 8.83 -19.56 -50.92
CA GLU C 43 9.99 -19.51 -51.83
C GLU C 43 11.36 -19.61 -51.10
N GLU C 44 11.41 -18.76 -50.03
CA GLU C 44 12.52 -18.75 -49.05
C GLU C 44 12.72 -20.09 -48.26
N ALA C 45 11.83 -21.12 -48.42
CA ALA C 45 11.91 -22.42 -47.75
C ALA C 45 12.62 -23.34 -48.72
N LEU C 46 12.61 -22.98 -50.01
CA LEU C 46 13.12 -23.91 -50.96
C LEU C 46 14.46 -23.36 -51.55
N LYS C 47 14.63 -22.05 -51.60
CA LYS C 47 15.79 -21.34 -52.03
C LYS C 47 17.15 -22.04 -51.91
N SER C 48 17.45 -22.56 -50.68
CA SER C 48 18.71 -23.26 -50.37
C SER C 48 18.79 -24.66 -50.94
N THR C 49 17.85 -25.14 -51.74
CA THR C 49 17.89 -26.56 -52.15
C THR C 49 17.95 -26.57 -53.62
N TYR C 50 17.90 -25.40 -54.32
CA TYR C 50 17.83 -25.28 -55.79
C TYR C 50 19.15 -25.71 -56.41
N GLY C 51 19.01 -26.31 -57.55
CA GLY C 51 19.97 -26.86 -58.48
C GLY C 51 20.75 -27.99 -57.75
N PRO C 52 21.80 -28.51 -58.48
CA PRO C 52 22.68 -29.62 -58.05
C PRO C 52 23.69 -29.18 -57.05
N ARG C 53 23.87 -27.87 -56.63
CA ARG C 53 24.86 -27.65 -55.59
C ARG C 53 24.32 -27.23 -54.29
N GLY C 54 22.98 -27.37 -54.20
CA GLY C 54 22.21 -27.02 -52.99
C GLY C 54 22.28 -27.91 -51.71
N MET C 55 21.76 -27.44 -50.57
CA MET C 55 21.75 -27.94 -49.26
C MET C 55 20.60 -28.91 -49.02
N ASP C 56 20.45 -29.59 -47.86
CA ASP C 56 19.30 -30.45 -47.57
C ASP C 56 18.53 -30.02 -46.33
N LYS C 57 17.30 -30.45 -46.34
CA LYS C 57 16.39 -30.17 -45.19
C LYS C 57 16.10 -31.43 -44.29
N MET C 58 15.93 -31.25 -42.92
CA MET C 58 15.66 -32.36 -42.03
C MET C 58 14.21 -32.35 -41.67
N LEU C 59 13.56 -33.54 -41.60
CA LEU C 59 12.12 -33.69 -41.29
C LEU C 59 11.84 -34.71 -40.18
N VAL C 60 11.23 -34.22 -39.06
CA VAL C 60 10.91 -34.97 -37.82
C VAL C 60 9.44 -35.18 -37.71
N ASP C 61 8.87 -36.47 -37.83
CA ASP C 61 7.45 -36.81 -37.68
C ASP C 61 7.06 -36.90 -36.27
N SER C 62 5.78 -37.15 -36.04
CA SER C 62 5.08 -37.37 -34.75
C SER C 62 5.61 -38.46 -33.95
N LEU C 63 5.94 -39.58 -34.60
CA LEU C 63 6.51 -40.71 -33.82
C LEU C 63 8.00 -40.69 -33.84
N GLY C 64 8.62 -39.58 -34.16
CA GLY C 64 10.07 -39.38 -34.15
C GLY C 64 10.89 -39.74 -35.35
N ASP C 65 10.31 -40.25 -36.44
CA ASP C 65 10.99 -40.60 -37.68
C ASP C 65 11.68 -39.32 -38.31
N ILE C 66 12.97 -39.49 -38.71
CA ILE C 66 13.79 -38.39 -39.23
C ILE C 66 13.92 -38.68 -40.71
N THR C 67 13.84 -37.71 -41.56
CA THR C 67 14.02 -37.81 -43.01
C THR C 67 14.88 -36.65 -43.51
N ILE C 68 16.05 -36.88 -44.13
CA ILE C 68 16.81 -35.76 -44.55
C ILE C 68 16.58 -35.84 -46.09
N THR C 69 16.17 -34.72 -46.67
CA THR C 69 15.68 -34.75 -48.08
C THR C 69 15.91 -33.42 -48.74
N ASN C 70 15.54 -33.35 -50.03
CA ASN C 70 15.53 -32.10 -50.76
C ASN C 70 14.28 -32.01 -51.65
N ASP C 71 13.36 -32.98 -51.58
CA ASP C 71 12.07 -33.00 -52.32
C ASP C 71 11.11 -31.79 -52.06
N GLY C 72 10.87 -30.88 -53.06
CA GLY C 72 9.96 -29.75 -52.97
C GLY C 72 8.52 -30.12 -52.43
N ALA C 73 7.79 -31.02 -53.10
CA ALA C 73 6.45 -31.59 -52.71
C ALA C 73 6.37 -31.91 -51.26
N THR C 74 7.24 -32.80 -50.74
CA THR C 74 7.23 -33.21 -49.34
C THR C 74 7.26 -32.06 -48.28
N ILE C 75 8.11 -31.05 -48.56
CA ILE C 75 8.34 -29.86 -47.81
C ILE C 75 7.16 -28.92 -47.78
N LEU C 76 6.25 -29.03 -48.72
CA LEU C 76 4.99 -28.30 -48.69
C LEU C 76 3.85 -29.14 -48.31
N ASP C 77 3.76 -30.44 -48.61
CA ASP C 77 2.73 -31.29 -48.17
C ASP C 77 2.72 -31.44 -46.68
N LYS C 78 3.83 -31.74 -46.06
CA LYS C 78 3.91 -31.96 -44.67
C LYS C 78 3.90 -30.73 -43.80
N MET C 79 3.92 -29.60 -44.48
CA MET C 79 3.73 -28.21 -43.96
C MET C 79 2.39 -27.71 -44.16
N ASP C 80 1.94 -26.92 -43.11
CA ASP C 80 0.65 -26.32 -43.07
C ASP C 80 0.88 -24.84 -43.26
N LEU C 81 -0.04 -24.19 -44.05
CA LEU C 81 -0.01 -22.75 -44.33
C LEU C 81 -1.35 -22.13 -44.01
N GLN C 82 -1.33 -21.11 -43.14
CA GLN C 82 -2.44 -20.36 -42.68
C GLN C 82 -3.10 -19.57 -43.72
N HIS C 83 -2.37 -19.03 -44.71
CA HIS C 83 -2.91 -18.16 -45.74
C HIS C 83 -3.48 -18.93 -46.95
N PRO C 84 -4.83 -18.66 -47.31
CA PRO C 84 -5.45 -19.22 -48.45
C PRO C 84 -4.67 -19.01 -49.74
N ALA C 85 -4.25 -17.79 -50.07
CA ALA C 85 -3.46 -17.34 -51.18
C ALA C 85 -2.13 -18.09 -51.42
N ALA C 86 -1.34 -18.21 -50.40
CA ALA C 86 -0.12 -19.05 -50.38
C ALA C 86 -0.46 -20.57 -50.82
N LYS C 87 -1.48 -21.29 -50.24
CA LYS C 87 -1.89 -22.62 -50.67
C LYS C 87 -2.36 -22.72 -52.12
N LEU C 88 -2.99 -21.68 -52.58
CA LEU C 88 -3.54 -21.46 -53.92
C LEU C 88 -2.29 -21.28 -54.86
N LEU C 89 -1.24 -20.60 -54.42
CA LEU C 89 -0.05 -20.40 -55.21
C LEU C 89 0.63 -21.78 -55.45
N VAL C 90 1.01 -22.47 -54.35
CA VAL C 90 1.73 -23.78 -54.48
C VAL C 90 0.96 -24.76 -55.26
N GLN C 91 -0.38 -24.78 -55.12
CA GLN C 91 -1.33 -25.69 -55.81
C GLN C 91 -1.35 -25.53 -57.35
N ILE C 92 -1.31 -24.31 -57.92
CA ILE C 92 -1.23 -23.97 -59.29
C ILE C 92 0.33 -24.19 -59.78
N ALA C 93 1.28 -23.83 -58.90
CA ALA C 93 2.79 -24.04 -59.25
C ALA C 93 3.17 -25.52 -59.24
N LYS C 94 3.04 -26.25 -58.05
CA LYS C 94 3.36 -27.60 -57.81
C LYS C 94 2.58 -28.46 -58.74
N GLY C 95 1.29 -28.34 -58.64
CA GLY C 95 0.36 -29.18 -59.40
C GLY C 95 0.72 -29.52 -60.85
N GLN C 96 0.95 -30.80 -61.13
CA GLN C 96 1.28 -31.25 -62.48
C GLN C 96 0.59 -32.53 -62.85
N ASP C 97 -0.07 -32.58 -64.02
CA ASP C 97 -0.88 -33.71 -64.49
C ASP C 97 0.04 -34.76 -65.08
N GLU C 98 1.13 -34.32 -65.78
CA GLU C 98 2.20 -35.11 -66.34
C GLU C 98 2.91 -36.00 -65.25
N GLU C 99 3.21 -37.26 -65.66
CA GLU C 99 3.84 -38.25 -64.85
C GLU C 99 5.24 -37.96 -64.26
N THR C 100 6.17 -37.55 -65.09
CA THR C 100 7.55 -37.11 -64.70
C THR C 100 7.47 -35.90 -63.88
N ALA C 101 7.62 -35.95 -62.52
CA ALA C 101 7.73 -34.72 -61.73
C ALA C 101 9.13 -34.09 -61.95
N ASP C 102 9.24 -32.84 -62.42
CA ASP C 102 10.49 -32.11 -62.56
C ASP C 102 10.20 -30.62 -62.73
N GLY C 103 11.17 -29.66 -62.48
CA GLY C 103 10.86 -28.25 -62.56
C GLY C 103 10.09 -27.78 -61.39
N THR C 104 9.88 -28.60 -60.32
CA THR C 104 9.12 -28.15 -59.17
C THR C 104 9.66 -27.10 -58.23
N LYS C 105 10.93 -27.17 -57.94
CA LYS C 105 11.66 -26.19 -57.35
C LYS C 105 11.85 -24.89 -58.17
N THR C 106 11.98 -25.00 -59.52
CA THR C 106 12.04 -23.88 -60.48
C THR C 106 10.64 -23.17 -60.52
N ALA C 107 9.54 -23.93 -60.83
CA ALA C 107 8.15 -23.53 -60.81
C ALA C 107 7.80 -22.66 -59.60
N VAL C 108 8.15 -23.08 -58.35
CA VAL C 108 7.80 -22.21 -57.27
C VAL C 108 8.62 -20.97 -57.13
N ILE C 109 9.95 -21.06 -57.11
CA ILE C 109 10.92 -19.94 -56.98
C ILE C 109 10.65 -18.80 -57.95
N PHE C 110 10.68 -19.16 -59.27
CA PHE C 110 10.35 -18.11 -60.29
C PHE C 110 9.01 -17.50 -60.01
N SER C 111 7.91 -18.24 -59.50
CA SER C 111 6.73 -17.63 -59.08
C SER C 111 6.92 -16.62 -57.97
N GLY C 112 7.49 -16.96 -56.82
CA GLY C 112 7.72 -16.06 -55.71
C GLY C 112 8.72 -14.89 -56.08
N GLU C 113 9.69 -15.05 -57.01
CA GLU C 113 10.43 -13.90 -57.55
C GLU C 113 9.67 -12.88 -58.39
N LEU C 114 8.73 -13.39 -59.23
CA LEU C 114 7.82 -12.56 -59.98
C LEU C 114 6.88 -11.73 -59.07
N VAL C 115 6.38 -12.33 -58.00
CA VAL C 115 5.58 -11.71 -56.94
C VAL C 115 6.37 -10.67 -56.27
N LYS C 116 7.61 -10.95 -55.85
CA LYS C 116 8.55 -10.07 -55.23
C LYS C 116 8.75 -8.82 -56.08
N LYS C 117 9.26 -9.07 -57.28
CA LYS C 117 9.41 -8.00 -58.33
C LYS C 117 8.16 -7.22 -58.75
N ALA C 118 6.91 -7.81 -58.61
CA ALA C 118 5.68 -7.01 -58.80
C ALA C 118 5.34 -6.24 -57.55
N GLU C 119 5.74 -6.68 -56.38
CA GLU C 119 5.65 -5.95 -55.15
C GLU C 119 6.44 -4.69 -55.18
N ASP C 120 7.62 -4.77 -55.74
CA ASP C 120 8.50 -3.69 -56.06
C ASP C 120 7.96 -2.71 -57.11
N LEU C 121 7.03 -3.14 -57.91
CA LEU C 121 6.21 -2.25 -58.76
C LEU C 121 5.09 -1.47 -57.99
N LEU C 122 4.36 -2.07 -57.00
CA LEU C 122 3.36 -1.54 -56.12
C LEU C 122 4.02 -0.56 -55.15
N TYR C 123 5.26 -0.79 -54.69
CA TYR C 123 5.89 0.25 -53.86
C TYR C 123 6.08 1.60 -54.62
N LYS C 124 6.43 1.57 -55.92
CA LYS C 124 6.51 2.72 -56.83
C LYS C 124 5.15 3.24 -57.32
N ASP C 125 4.03 2.74 -56.79
CA ASP C 125 2.70 3.11 -57.05
C ASP C 125 2.19 2.78 -58.40
N VAL C 126 2.20 1.53 -58.75
CA VAL C 126 1.63 0.99 -59.99
C VAL C 126 0.39 0.19 -59.80
N HIS C 127 -0.66 0.42 -60.56
CA HIS C 127 -1.90 -0.34 -60.49
C HIS C 127 -1.80 -1.67 -61.09
N PRO C 128 -2.22 -2.78 -60.39
CA PRO C 128 -2.11 -4.10 -60.88
C PRO C 128 -2.71 -4.53 -62.21
N THR C 129 -3.75 -3.87 -62.76
CA THR C 129 -4.30 -4.24 -64.06
C THR C 129 -3.25 -4.09 -65.17
N ILE C 130 -2.33 -3.15 -65.05
CA ILE C 130 -1.16 -3.03 -65.93
C ILE C 130 -0.08 -4.07 -65.73
N ILE C 131 0.37 -4.40 -64.45
CA ILE C 131 1.34 -5.45 -64.23
C ILE C 131 0.90 -6.85 -64.71
N ILE C 132 -0.44 -7.13 -64.69
CA ILE C 132 -1.04 -8.29 -65.27
C ILE C 132 -0.87 -8.32 -66.85
N SER C 133 -1.28 -7.24 -67.55
CA SER C 133 -1.09 -7.08 -69.02
C SER C 133 0.38 -7.16 -69.36
N GLY C 134 1.26 -6.48 -68.61
CA GLY C 134 2.71 -6.49 -68.73
C GLY C 134 3.41 -7.80 -68.69
N TYR C 135 3.17 -8.56 -67.65
CA TYR C 135 3.64 -9.93 -67.50
C TYR C 135 3.09 -10.84 -68.59
N LYS C 136 1.78 -10.63 -68.89
CA LYS C 136 1.19 -11.41 -69.96
C LYS C 136 1.98 -11.20 -71.26
N LYS C 137 2.14 -10.02 -71.80
CA LYS C 137 2.86 -9.70 -72.91
C LYS C 137 4.32 -10.25 -72.91
N ALA C 138 5.04 -10.27 -71.84
CA ALA C 138 6.32 -10.79 -71.68
C ALA C 138 6.28 -12.27 -71.83
N GLU C 139 5.26 -12.98 -71.25
CA GLU C 139 5.06 -14.44 -71.28
C GLU C 139 4.98 -14.83 -72.73
N GLU C 140 4.16 -14.16 -73.53
CA GLU C 140 3.99 -14.36 -74.96
C GLU C 140 5.39 -14.46 -75.65
N VAL C 141 6.27 -13.39 -75.60
CA VAL C 141 7.61 -13.55 -76.14
C VAL C 141 8.39 -14.74 -75.56
N ALA C 142 8.43 -14.79 -74.13
CA ALA C 142 9.20 -15.76 -73.40
C ALA C 142 9.00 -17.22 -73.82
N LEU C 143 7.72 -17.46 -74.13
CA LEU C 143 7.23 -18.73 -74.61
C LEU C 143 7.77 -18.93 -76.04
N GLN C 144 7.48 -18.09 -77.06
CA GLN C 144 7.99 -18.24 -78.39
C GLN C 144 9.52 -18.29 -78.44
N THR C 145 10.27 -17.68 -77.46
CA THR C 145 11.71 -17.84 -77.19
C THR C 145 12.18 -19.26 -76.71
N ILE C 146 11.32 -20.16 -76.18
CA ILE C 146 11.82 -21.47 -75.85
C ILE C 146 11.64 -22.43 -77.09
N GLN C 147 10.50 -22.19 -77.73
CA GLN C 147 10.10 -22.80 -78.91
C GLN C 147 11.01 -22.58 -80.14
N GLU C 148 11.16 -21.31 -80.67
CA GLU C 148 12.08 -20.92 -81.72
C GLU C 148 13.56 -20.90 -81.30
N LEU C 149 14.05 -21.96 -80.57
CA LEU C 149 15.37 -22.09 -79.96
C LEU C 149 15.63 -23.57 -79.52
N ALA C 150 14.57 -24.33 -79.18
CA ALA C 150 14.50 -25.79 -79.02
C ALA C 150 15.15 -26.47 -80.24
N GLN C 151 15.99 -27.46 -79.89
CA GLN C 151 16.70 -28.27 -80.86
C GLN C 151 16.11 -29.63 -80.95
N THR C 152 16.08 -30.10 -82.24
CA THR C 152 15.43 -31.29 -82.83
C THR C 152 16.16 -32.49 -82.36
N VAL C 153 15.51 -33.35 -81.59
CA VAL C 153 16.19 -34.55 -81.15
C VAL C 153 15.45 -35.74 -81.62
N SER C 154 16.16 -36.50 -82.50
CA SER C 154 15.58 -37.62 -83.09
C SER C 154 15.74 -38.83 -82.23
N ILE C 155 15.16 -39.92 -82.64
CA ILE C 155 15.25 -41.28 -82.00
C ILE C 155 16.61 -41.85 -82.17
N ASN C 156 17.40 -41.41 -83.17
CA ASN C 156 18.79 -41.77 -83.40
C ASN C 156 19.73 -40.83 -82.60
N ASP C 157 19.29 -39.73 -81.95
CA ASP C 157 20.22 -38.93 -81.15
C ASP C 157 20.31 -39.56 -79.76
N THR C 158 20.89 -40.81 -79.73
CA THR C 158 20.98 -41.69 -78.60
C THR C 158 22.16 -41.30 -77.67
N ASP C 159 23.21 -40.57 -78.24
CA ASP C 159 24.31 -39.97 -77.62
C ASP C 159 23.94 -38.68 -76.91
N LEU C 160 22.77 -38.16 -77.20
CA LEU C 160 22.14 -37.02 -76.57
C LEU C 160 21.27 -37.48 -75.44
N LEU C 161 20.43 -38.55 -75.70
CA LEU C 161 19.60 -39.07 -74.57
C LEU C 161 20.40 -39.61 -73.35
N ARG C 162 21.65 -40.10 -73.49
CA ARG C 162 22.66 -40.43 -72.42
C ARG C 162 22.96 -39.16 -71.57
N LYS C 163 22.92 -37.94 -72.20
CA LYS C 163 23.32 -36.66 -71.59
C LYS C 163 22.15 -36.14 -70.77
N ILE C 164 21.05 -35.91 -71.45
CA ILE C 164 19.80 -35.76 -70.83
C ILE C 164 19.44 -36.68 -69.66
N ALA C 165 19.90 -37.92 -69.66
CA ALA C 165 19.81 -38.87 -68.60
C ALA C 165 20.70 -38.49 -67.39
N MET C 166 21.98 -38.08 -67.60
CA MET C 166 22.96 -37.63 -66.67
C MET C 166 22.52 -36.37 -65.90
N THR C 167 21.91 -35.45 -66.65
CA THR C 167 21.30 -34.22 -66.14
C THR C 167 20.20 -34.49 -65.09
N SER C 168 19.71 -35.79 -64.98
CA SER C 168 18.63 -36.27 -64.01
C SER C 168 19.23 -37.05 -62.85
N LEU C 169 20.08 -38.01 -63.17
CA LEU C 169 20.72 -38.90 -62.25
C LEU C 169 21.81 -38.26 -61.40
N SER C 170 22.55 -37.31 -61.93
CA SER C 170 23.63 -36.61 -61.23
C SER C 170 23.18 -35.88 -59.99
N SER C 171 21.89 -35.55 -59.82
CA SER C 171 21.38 -34.98 -58.54
C SER C 171 20.80 -36.08 -57.64
N LYS C 172 20.65 -37.30 -58.11
CA LYS C 172 20.21 -38.46 -57.38
C LYS C 172 21.21 -39.09 -56.53
N ALA C 173 20.73 -39.98 -55.61
CA ALA C 173 21.57 -40.63 -54.66
C ALA C 173 22.62 -41.65 -55.25
N VAL C 174 22.52 -42.03 -56.57
CA VAL C 174 23.36 -43.00 -57.19
C VAL C 174 24.83 -42.56 -57.09
N ALA C 175 25.67 -43.24 -56.30
CA ALA C 175 27.02 -42.76 -56.13
C ALA C 175 28.07 -43.66 -56.79
N GLY C 176 27.65 -44.83 -57.32
CA GLY C 176 28.57 -45.52 -58.18
C GLY C 176 28.52 -45.13 -59.64
N ALA C 177 28.57 -46.03 -60.60
CA ALA C 177 28.44 -45.69 -62.01
C ALA C 177 27.06 -45.26 -62.45
N ARG C 178 26.90 -43.94 -62.63
CA ARG C 178 25.67 -43.42 -63.16
C ARG C 178 25.63 -43.61 -64.68
N GLU C 179 26.81 -43.76 -65.41
CA GLU C 179 26.88 -44.12 -66.79
C GLU C 179 26.15 -45.38 -67.06
N TYR C 180 26.25 -46.42 -66.14
CA TYR C 180 25.59 -47.70 -66.24
C TYR C 180 24.12 -47.58 -66.32
N ILE C 181 23.58 -46.81 -65.37
CA ILE C 181 22.14 -46.56 -65.35
C ILE C 181 21.73 -45.77 -66.51
N ALA C 182 22.55 -44.74 -66.85
CA ALA C 182 22.33 -43.88 -68.01
C ALA C 182 22.16 -44.59 -69.30
N ASP C 183 23.18 -45.49 -69.63
CA ASP C 183 23.20 -46.23 -70.88
C ASP C 183 21.95 -47.11 -71.06
N ILE C 184 21.60 -47.93 -70.03
CA ILE C 184 20.42 -48.83 -69.99
C ILE C 184 19.17 -48.05 -70.28
N VAL C 185 18.91 -46.93 -69.56
CA VAL C 185 17.74 -46.06 -69.64
C VAL C 185 17.37 -45.67 -71.01
N VAL C 186 18.40 -45.30 -71.84
CA VAL C 186 18.23 -45.02 -73.25
C VAL C 186 17.80 -46.27 -73.97
N LYS C 187 18.51 -47.40 -73.84
CA LYS C 187 18.08 -48.60 -74.52
C LYS C 187 16.59 -49.09 -74.16
N ALA C 188 16.26 -49.01 -72.81
CA ALA C 188 14.89 -49.30 -72.35
C ALA C 188 13.69 -48.44 -72.96
N VAL C 189 13.97 -47.14 -73.17
CA VAL C 189 12.93 -46.29 -73.75
C VAL C 189 12.89 -46.43 -75.24
N THR C 190 14.08 -46.32 -75.91
CA THR C 190 14.25 -46.53 -77.40
C THR C 190 13.76 -47.82 -77.99
N GLN C 191 13.74 -48.87 -77.12
CA GLN C 191 13.17 -50.11 -77.35
C GLN C 191 11.58 -50.18 -77.37
N VAL C 192 10.99 -49.38 -76.45
CA VAL C 192 9.51 -49.34 -76.28
C VAL C 192 8.92 -48.35 -77.15
N ALA C 193 9.63 -47.40 -77.60
CA ALA C 193 9.15 -46.34 -78.52
C ALA C 193 8.54 -46.84 -79.81
N GLU C 194 7.33 -46.26 -80.14
CA GLU C 194 6.60 -46.63 -81.32
C GLU C 194 5.99 -45.45 -82.06
N LEU C 195 5.42 -45.67 -83.28
CA LEU C 195 4.77 -44.64 -84.02
C LEU C 195 3.22 -44.68 -83.81
N ARG C 196 2.66 -43.49 -83.59
CA ARG C 196 1.20 -43.24 -83.62
C ARG C 196 0.98 -41.88 -84.32
N GLY C 197 0.10 -41.75 -85.31
CA GLY C 197 -0.23 -40.53 -86.02
C GLY C 197 0.97 -39.98 -86.70
N ASP C 198 1.93 -40.90 -87.02
CA ASP C 198 3.24 -40.68 -87.66
C ASP C 198 4.19 -39.91 -86.83
N LYS C 199 4.08 -40.08 -85.49
CA LYS C 199 5.00 -39.56 -84.57
C LYS C 199 5.12 -40.46 -83.37
N TRP C 200 6.36 -40.42 -82.76
CA TRP C 200 6.80 -41.22 -81.66
C TRP C 200 5.99 -41.19 -80.35
N TYR C 201 5.71 -42.34 -79.72
CA TYR C 201 5.20 -42.34 -78.42
C TYR C 201 5.90 -43.39 -77.56
N VAL C 202 5.91 -43.36 -76.17
CA VAL C 202 6.54 -44.29 -75.33
C VAL C 202 5.74 -44.62 -74.15
N ASP C 203 5.27 -45.84 -74.06
CA ASP C 203 4.46 -46.40 -73.01
C ASP C 203 5.31 -47.19 -72.00
N LEU C 204 5.62 -46.52 -70.90
CA LEU C 204 6.42 -46.96 -69.78
C LEU C 204 5.86 -48.24 -69.11
N ASP C 205 4.53 -48.47 -69.20
CA ASP C 205 3.86 -49.60 -68.54
C ASP C 205 4.46 -50.94 -68.93
N ASN C 206 5.10 -50.97 -70.08
CA ASN C 206 5.83 -52.04 -70.61
C ASN C 206 7.20 -52.25 -69.98
N ILE C 207 7.56 -51.68 -68.84
CA ILE C 207 8.90 -51.81 -68.28
C ILE C 207 8.72 -52.21 -66.83
N GLN C 208 9.32 -53.35 -66.48
CA GLN C 208 9.26 -53.80 -65.07
C GLN C 208 10.57 -53.48 -64.35
N ILE C 209 10.61 -53.15 -63.04
CA ILE C 209 11.78 -52.83 -62.27
C ILE C 209 11.89 -53.61 -61.01
N VAL C 210 12.90 -54.54 -60.96
CA VAL C 210 13.07 -55.50 -59.96
C VAL C 210 14.43 -55.12 -59.41
N LYS C 211 14.68 -55.25 -58.08
CA LYS C 211 15.90 -54.77 -57.48
C LYS C 211 16.55 -55.75 -56.47
N LYS C 212 17.87 -56.01 -56.41
CA LYS C 212 18.42 -56.80 -55.35
C LYS C 212 19.59 -56.08 -54.68
N ALA C 213 19.55 -55.79 -53.36
CA ALA C 213 20.81 -55.25 -52.69
C ALA C 213 21.94 -56.21 -52.51
N GLY C 214 23.19 -55.64 -52.44
CA GLY C 214 24.46 -56.28 -52.50
C GLY C 214 24.90 -56.45 -53.92
N GLY C 215 26.06 -56.97 -54.21
CA GLY C 215 26.65 -57.16 -55.52
C GLY C 215 27.34 -55.94 -55.99
N SER C 216 27.15 -55.50 -57.26
CA SER C 216 27.85 -54.32 -57.74
C SER C 216 26.94 -53.76 -58.81
N ILE C 217 27.12 -52.39 -58.98
CA ILE C 217 26.26 -51.57 -59.88
C ILE C 217 26.67 -51.85 -61.25
N ASN C 218 27.86 -52.40 -61.55
CA ASN C 218 28.14 -52.83 -62.86
C ASN C 218 27.33 -53.96 -63.31
N ASP C 219 26.68 -54.76 -62.36
CA ASP C 219 25.84 -55.90 -62.54
C ASP C 219 24.44 -55.55 -62.83
N THR C 220 24.15 -54.26 -63.18
CA THR C 220 22.80 -53.84 -63.64
C THR C 220 22.55 -54.33 -64.98
N GLN C 221 21.33 -54.79 -65.27
CA GLN C 221 21.06 -55.22 -66.59
C GLN C 221 19.64 -55.22 -66.97
N LEU C 222 19.40 -55.32 -68.32
CA LEU C 222 18.20 -55.20 -69.07
C LEU C 222 17.80 -56.68 -69.39
N VAL C 223 16.59 -57.06 -69.16
CA VAL C 223 16.17 -58.41 -69.46
C VAL C 223 15.18 -58.38 -70.63
N TYR C 224 15.26 -59.21 -71.74
CA TYR C 224 14.31 -59.15 -72.81
C TYR C 224 13.09 -60.00 -72.44
N GLY C 225 12.38 -59.56 -71.36
CA GLY C 225 11.28 -60.34 -70.74
C GLY C 225 11.25 -60.05 -69.31
N ILE C 226 10.17 -60.60 -68.54
CA ILE C 226 9.99 -60.22 -67.16
C ILE C 226 10.72 -61.16 -66.20
N VAL C 227 10.71 -60.86 -64.83
CA VAL C 227 11.46 -61.58 -63.77
C VAL C 227 10.41 -61.99 -62.71
N VAL C 228 10.25 -63.28 -62.47
CA VAL C 228 9.37 -63.77 -61.42
C VAL C 228 10.27 -63.95 -60.12
N ASP C 229 10.07 -63.12 -59.06
CA ASP C 229 10.87 -63.10 -57.85
C ASP C 229 10.51 -64.25 -56.88
N LYS C 230 10.71 -65.51 -57.32
CA LYS C 230 10.50 -66.72 -56.48
C LYS C 230 11.34 -67.76 -57.11
N GLU C 231 11.74 -68.86 -56.34
CA GLU C 231 12.57 -70.00 -56.84
C GLU C 231 11.64 -71.13 -57.20
N VAL C 232 12.08 -72.06 -58.03
CA VAL C 232 11.21 -73.21 -58.43
C VAL C 232 10.99 -74.22 -57.22
N VAL C 233 9.92 -74.96 -57.14
CA VAL C 233 9.51 -75.85 -56.00
C VAL C 233 10.41 -77.13 -55.77
N HIS C 234 11.02 -77.64 -56.82
CA HIS C 234 12.01 -78.75 -56.73
C HIS C 234 13.08 -78.44 -57.66
N PRO C 235 14.30 -78.29 -57.22
CA PRO C 235 15.40 -77.98 -58.17
C PRO C 235 15.76 -79.06 -59.16
N GLY C 236 15.15 -80.23 -59.09
CA GLY C 236 15.51 -81.35 -59.98
C GLY C 236 14.83 -81.19 -61.27
N MET C 237 13.68 -80.42 -61.21
CA MET C 237 12.80 -80.00 -62.29
C MET C 237 13.54 -79.05 -63.29
N PRO C 238 13.31 -79.07 -64.57
CA PRO C 238 14.13 -78.32 -65.53
C PRO C 238 14.72 -76.97 -65.29
N LYS C 239 16.02 -76.82 -65.30
CA LYS C 239 16.70 -75.55 -65.12
C LYS C 239 16.58 -74.54 -66.20
N ARG C 240 16.52 -75.00 -67.42
CA ARG C 240 16.15 -74.24 -68.60
C ARG C 240 15.27 -75.15 -69.47
N LEU C 241 14.01 -74.69 -69.77
CA LEU C 241 13.08 -75.51 -70.53
C LEU C 241 12.84 -74.90 -71.84
N GLU C 242 12.80 -75.64 -73.00
CA GLU C 242 12.61 -74.99 -74.27
C GLU C 242 11.13 -74.94 -74.64
N ASN C 243 10.67 -73.74 -75.18
CA ASN C 243 9.38 -73.51 -75.54
C ASN C 243 8.34 -73.86 -74.46
N ALA C 244 8.30 -73.15 -73.27
CA ALA C 244 7.29 -73.55 -72.31
C ALA C 244 5.93 -72.82 -72.50
N LYS C 245 4.86 -73.59 -72.59
CA LYS C 245 3.49 -73.10 -72.52
C LYS C 245 3.09 -72.80 -71.13
N ILE C 246 3.51 -71.59 -70.56
CA ILE C 246 3.27 -71.14 -69.18
C ILE C 246 1.77 -71.20 -68.75
N ALA C 247 1.47 -71.56 -67.46
CA ALA C 247 0.10 -71.58 -67.00
C ALA C 247 -0.02 -70.79 -65.72
N LEU C 248 -0.43 -69.53 -65.81
CA LEU C 248 -0.57 -68.56 -64.70
C LEU C 248 -1.74 -68.89 -63.74
N ILE C 249 -1.62 -69.69 -62.77
CA ILE C 249 -2.78 -70.13 -61.98
C ILE C 249 -2.86 -69.23 -60.67
N ASP C 250 -3.93 -68.36 -60.61
CA ASP C 250 -4.19 -67.53 -59.52
C ASP C 250 -4.71 -68.27 -58.28
N ALA C 251 -5.69 -69.22 -58.39
CA ALA C 251 -6.14 -69.93 -57.19
C ALA C 251 -5.19 -71.04 -56.70
N SER C 252 -5.42 -71.40 -55.44
CA SER C 252 -4.70 -72.40 -54.64
C SER C 252 -4.63 -73.82 -55.22
N LEU C 253 -3.54 -74.51 -54.85
CA LEU C 253 -3.33 -75.90 -55.26
C LEU C 253 -2.84 -76.65 -54.01
N GLU C 254 -3.19 -76.14 -52.86
CA GLU C 254 -2.90 -76.63 -51.53
C GLU C 254 -4.22 -76.92 -50.93
N VAL C 255 -4.38 -77.98 -50.18
CA VAL C 255 -5.71 -78.40 -49.66
C VAL C 255 -6.28 -77.32 -48.56
N GLU C 256 -7.66 -77.08 -48.46
CA GLU C 256 -8.22 -76.16 -47.47
C GLU C 256 -8.89 -76.86 -46.38
N LYS C 257 -8.61 -76.63 -45.10
CA LYS C 257 -9.35 -77.25 -44.01
C LYS C 257 -10.82 -76.74 -43.86
N PRO C 258 -11.79 -77.63 -43.34
CA PRO C 258 -13.13 -77.19 -43.29
C PRO C 258 -13.41 -76.52 -41.98
N GLU C 259 -12.33 -76.34 -41.10
CA GLU C 259 -12.53 -75.57 -39.91
C GLU C 259 -11.96 -74.18 -39.96
N LEU C 260 -11.53 -73.78 -41.16
CA LEU C 260 -10.93 -72.53 -41.40
C LEU C 260 -11.91 -71.36 -41.12
N ASP C 261 -13.11 -71.43 -41.74
CA ASP C 261 -14.19 -70.36 -41.50
C ASP C 261 -14.83 -70.49 -40.17
N ALA C 262 -15.16 -71.74 -39.78
CA ALA C 262 -15.72 -72.07 -38.49
C ALA C 262 -15.61 -73.52 -38.13
N GLU C 263 -15.68 -73.86 -36.83
CA GLU C 263 -15.40 -75.21 -36.24
C GLU C 263 -16.33 -76.31 -36.70
N ILE C 264 -15.70 -77.39 -37.34
CA ILE C 264 -16.51 -78.50 -37.80
C ILE C 264 -17.17 -79.37 -36.73
N ARG C 265 -18.33 -79.96 -37.13
CA ARG C 265 -19.23 -80.78 -36.27
C ARG C 265 -19.25 -82.16 -36.85
N ILE C 266 -18.21 -82.91 -37.21
CA ILE C 266 -18.28 -84.25 -37.82
C ILE C 266 -18.37 -85.25 -36.65
N ASN C 267 -19.32 -86.17 -36.72
CA ASN C 267 -19.63 -87.04 -35.54
C ASN C 267 -19.14 -88.43 -35.90
N ASP C 268 -18.47 -88.61 -37.08
CA ASP C 268 -17.86 -89.87 -37.47
C ASP C 268 -16.43 -89.52 -38.09
N PRO C 269 -15.26 -89.93 -37.53
CA PRO C 269 -14.05 -89.54 -38.10
C PRO C 269 -13.82 -90.09 -39.52
N THR C 270 -14.58 -91.14 -39.90
CA THR C 270 -14.65 -91.87 -41.14
C THR C 270 -15.12 -90.97 -42.27
N GLN C 271 -16.09 -90.00 -41.92
CA GLN C 271 -16.65 -88.98 -42.83
C GLN C 271 -15.63 -87.95 -43.18
N MET C 272 -14.84 -87.60 -42.14
CA MET C 272 -13.75 -86.62 -42.30
C MET C 272 -12.73 -86.96 -43.42
N GLN C 273 -12.11 -88.13 -43.19
CA GLN C 273 -11.10 -88.84 -43.98
C GLN C 273 -11.44 -88.75 -45.48
N LYS C 274 -12.56 -89.49 -45.87
CA LYS C 274 -13.06 -89.51 -47.21
C LYS C 274 -13.52 -88.23 -47.85
N PHE C 275 -13.64 -87.12 -47.06
CA PHE C 275 -14.06 -85.81 -47.63
C PHE C 275 -12.78 -85.13 -48.04
N LEU C 276 -11.79 -85.17 -47.14
CA LEU C 276 -10.45 -84.66 -47.38
C LEU C 276 -9.58 -85.54 -48.30
N ASP C 277 -9.93 -86.82 -48.52
CA ASP C 277 -9.30 -87.71 -49.53
C ASP C 277 -9.70 -87.26 -50.95
N GLU C 278 -10.96 -87.11 -51.15
CA GLU C 278 -11.55 -86.77 -52.41
C GLU C 278 -11.21 -85.32 -52.82
N GLU C 279 -11.07 -84.36 -51.85
CA GLU C 279 -10.52 -82.96 -51.98
C GLU C 279 -9.12 -82.99 -52.35
N GLU C 280 -8.31 -83.93 -51.90
CA GLU C 280 -6.88 -84.06 -52.20
C GLU C 280 -6.63 -84.65 -53.61
N ASN C 281 -7.55 -85.57 -53.99
CA ASN C 281 -7.57 -86.05 -55.37
C ASN C 281 -8.07 -85.00 -56.34
N LEU C 282 -8.71 -83.93 -55.74
CA LEU C 282 -9.10 -82.77 -56.50
C LEU C 282 -7.86 -82.02 -56.90
N ILE C 283 -6.80 -82.01 -56.04
CA ILE C 283 -5.63 -81.21 -56.48
C ILE C 283 -4.86 -81.98 -57.52
N LYS C 284 -4.72 -83.32 -57.46
CA LYS C 284 -4.24 -84.21 -58.50
C LYS C 284 -5.04 -84.21 -59.83
N GLU C 285 -6.34 -83.93 -59.67
CA GLU C 285 -7.27 -83.63 -60.79
C GLU C 285 -6.96 -82.36 -61.52
N LYS C 286 -6.83 -81.22 -60.80
CA LYS C 286 -6.51 -79.87 -61.21
C LYS C 286 -5.18 -79.79 -61.93
N VAL C 287 -4.14 -80.43 -61.38
CA VAL C 287 -2.89 -80.68 -62.13
C VAL C 287 -3.02 -81.44 -63.42
N ASP C 288 -3.78 -82.57 -63.48
CA ASP C 288 -4.00 -83.22 -64.77
C ASP C 288 -4.83 -82.40 -65.75
N LYS C 289 -5.86 -81.61 -65.31
CA LYS C 289 -6.64 -80.74 -66.11
C LYS C 289 -5.86 -79.59 -66.72
N ILE C 290 -4.66 -79.16 -66.11
CA ILE C 290 -3.74 -78.15 -66.70
C ILE C 290 -2.80 -78.89 -67.62
N LEU C 291 -2.21 -80.09 -67.25
CA LEU C 291 -1.37 -80.86 -68.22
C LEU C 291 -2.17 -81.50 -69.42
N ALA C 292 -3.45 -81.55 -69.34
CA ALA C 292 -4.32 -81.83 -70.46
C ALA C 292 -4.30 -80.83 -71.64
N THR C 293 -3.72 -79.66 -71.33
CA THR C 293 -3.57 -78.52 -72.18
C THR C 293 -2.20 -78.48 -72.80
N GLY C 294 -1.26 -79.30 -72.20
CA GLY C 294 0.11 -79.20 -72.62
C GLY C 294 1.00 -78.17 -72.06
N ALA C 295 0.67 -77.81 -70.81
CA ALA C 295 1.46 -76.84 -70.07
C ALA C 295 2.73 -77.49 -69.54
N ASN C 296 3.90 -76.88 -69.82
CA ASN C 296 5.22 -77.44 -69.48
C ASN C 296 5.87 -76.75 -68.26
N VAL C 297 5.28 -75.63 -67.86
CA VAL C 297 5.63 -74.95 -66.65
C VAL C 297 4.38 -74.47 -65.99
N ILE C 298 4.35 -74.39 -64.66
CA ILE C 298 3.09 -74.09 -63.96
C ILE C 298 3.46 -73.22 -62.75
N ILE C 299 2.89 -72.01 -62.65
CA ILE C 299 3.20 -71.12 -61.56
C ILE C 299 1.97 -70.62 -60.88
N CYS C 300 2.02 -70.46 -59.53
CA CYS C 300 0.87 -69.91 -58.89
C CYS C 300 1.35 -68.95 -57.86
N GLN C 301 0.36 -68.26 -57.12
CA GLN C 301 0.67 -67.20 -56.19
C GLN C 301 0.44 -67.73 -54.76
N LYS C 302 -0.08 -68.95 -54.56
CA LYS C 302 -0.30 -69.59 -53.26
C LYS C 302 0.38 -70.98 -53.39
N GLY C 303 0.23 -71.90 -52.39
CA GLY C 303 0.95 -73.16 -52.40
C GLY C 303 0.65 -74.23 -53.43
N ILE C 304 1.44 -75.36 -53.43
CA ILE C 304 1.17 -76.55 -54.23
C ILE C 304 1.45 -77.74 -53.30
N ASP C 305 0.38 -78.53 -53.03
CA ASP C 305 0.35 -79.72 -52.15
C ASP C 305 1.50 -80.77 -52.48
N GLU C 306 1.84 -81.68 -51.52
CA GLU C 306 2.92 -82.60 -51.65
C GLU C 306 2.66 -83.68 -52.68
N VAL C 307 1.37 -84.03 -52.88
CA VAL C 307 1.15 -85.03 -53.86
C VAL C 307 1.18 -84.39 -55.24
N ALA C 308 0.69 -83.17 -55.27
CA ALA C 308 0.58 -82.48 -56.48
C ALA C 308 1.97 -82.04 -56.98
N GLN C 309 3.01 -82.03 -56.08
CA GLN C 309 4.44 -81.78 -56.45
C GLN C 309 4.97 -83.05 -57.12
N SER C 310 4.72 -84.22 -56.51
CA SER C 310 5.14 -85.48 -57.08
C SER C 310 4.53 -85.91 -58.44
N TYR C 311 3.27 -85.51 -58.71
CA TYR C 311 2.54 -85.65 -59.88
C TYR C 311 3.12 -84.68 -60.91
N LEU C 312 3.41 -83.44 -60.60
CA LEU C 312 4.14 -82.62 -61.50
C LEU C 312 5.65 -82.95 -61.83
N ALA C 313 6.39 -83.50 -60.84
CA ALA C 313 7.75 -83.89 -61.11
C ALA C 313 7.94 -85.04 -62.08
N LYS C 314 7.19 -86.16 -61.92
CA LYS C 314 7.35 -87.34 -62.67
C LYS C 314 6.86 -87.23 -64.08
N LYS C 315 5.99 -86.26 -64.44
CA LYS C 315 5.55 -86.08 -65.78
C LYS C 315 6.53 -85.26 -66.57
N GLY C 316 7.43 -84.40 -65.99
CA GLY C 316 8.48 -83.64 -66.55
C GLY C 316 8.12 -82.20 -66.74
N VAL C 317 7.32 -81.73 -65.80
CA VAL C 317 6.85 -80.36 -65.63
C VAL C 317 7.70 -79.63 -64.68
N LEU C 318 7.80 -78.31 -64.81
CA LEU C 318 8.51 -77.38 -63.99
C LEU C 318 7.58 -76.46 -63.18
N ALA C 319 7.57 -76.58 -61.81
CA ALA C 319 6.64 -75.75 -61.00
C ALA C 319 7.30 -74.82 -59.97
N VAL C 320 6.65 -73.64 -59.69
CA VAL C 320 7.01 -72.69 -58.71
C VAL C 320 5.79 -72.48 -57.81
N ARG C 321 5.94 -72.36 -56.42
CA ARG C 321 4.77 -72.15 -55.63
C ARG C 321 4.91 -70.76 -54.96
N ARG C 322 3.85 -70.17 -54.39
CA ARG C 322 3.81 -68.81 -53.76
C ARG C 322 4.59 -67.62 -54.38
N ALA C 323 4.41 -67.34 -55.65
CA ALA C 323 5.00 -66.15 -56.31
C ALA C 323 4.14 -64.91 -56.05
N LYS C 324 4.77 -63.75 -56.10
CA LYS C 324 4.06 -62.54 -56.06
C LYS C 324 3.26 -62.33 -57.28
N LYS C 325 1.93 -62.20 -57.08
CA LYS C 325 0.97 -61.94 -58.13
C LYS C 325 1.34 -60.77 -59.07
N SER C 326 2.09 -59.78 -58.50
CA SER C 326 2.65 -58.65 -59.12
C SER C 326 3.43 -58.95 -60.36
N ASP C 327 4.03 -60.15 -60.51
CA ASP C 327 4.77 -60.51 -61.71
C ASP C 327 3.86 -61.33 -62.66
N LEU C 328 2.85 -62.02 -62.10
CA LEU C 328 1.96 -62.92 -62.81
C LEU C 328 1.18 -62.21 -63.92
N GLU C 329 0.61 -60.99 -63.59
CA GLU C 329 -0.04 -60.05 -64.51
C GLU C 329 0.97 -59.52 -65.61
N LYS C 330 2.07 -59.01 -65.15
CA LYS C 330 3.13 -58.46 -65.98
C LYS C 330 3.68 -59.42 -67.03
N LEU C 331 3.56 -60.70 -66.72
CA LEU C 331 3.93 -61.85 -67.59
C LEU C 331 2.73 -62.31 -68.57
N ALA C 332 1.42 -62.06 -68.23
CA ALA C 332 0.28 -62.39 -69.12
C ALA C 332 0.46 -61.62 -70.49
N ARG C 333 0.31 -60.26 -70.50
CA ARG C 333 0.32 -59.46 -71.67
C ARG C 333 1.72 -59.20 -72.30
N ALA C 334 2.72 -59.88 -71.73
CA ALA C 334 4.02 -59.99 -72.30
C ALA C 334 4.07 -61.34 -72.95
N THR C 335 3.33 -62.35 -72.64
CA THR C 335 3.41 -63.59 -73.42
C THR C 335 2.17 -63.99 -74.11
N GLY C 336 1.04 -63.24 -74.04
CA GLY C 336 -0.12 -63.62 -74.81
C GLY C 336 -0.99 -64.62 -74.07
N GLY C 337 -0.58 -64.97 -72.78
CA GLY C 337 -1.38 -65.82 -71.92
C GLY C 337 -2.40 -64.99 -71.13
N ARG C 338 -3.11 -65.60 -70.29
CA ARG C 338 -4.04 -64.84 -69.44
C ARG C 338 -3.80 -65.46 -68.09
N VAL C 339 -4.08 -64.59 -67.05
CA VAL C 339 -4.10 -65.18 -65.69
C VAL C 339 -5.42 -65.97 -65.55
N VAL C 340 -5.22 -67.26 -65.07
CA VAL C 340 -6.31 -68.20 -64.93
C VAL C 340 -6.93 -67.97 -63.52
N SER C 341 -8.20 -67.60 -63.52
CA SER C 341 -9.12 -67.53 -62.39
C SER C 341 -9.52 -68.89 -61.82
N ASN C 342 -9.78 -69.82 -62.69
CA ASN C 342 -10.27 -71.20 -62.24
C ASN C 342 -9.84 -72.35 -63.13
N ILE C 343 -9.34 -73.47 -62.57
CA ILE C 343 -8.76 -74.56 -63.38
C ILE C 343 -9.65 -75.20 -64.54
N ASP C 344 -11.01 -75.18 -64.31
CA ASP C 344 -11.99 -75.66 -65.20
C ASP C 344 -12.33 -74.67 -66.27
N GLU C 345 -11.48 -73.63 -66.30
CA GLU C 345 -11.62 -72.60 -67.32
C GLU C 345 -10.26 -72.45 -68.08
N ILE C 346 -9.14 -73.14 -67.68
CA ILE C 346 -7.87 -73.11 -68.43
C ILE C 346 -8.10 -73.67 -69.86
N SER C 347 -7.52 -73.00 -70.82
CA SER C 347 -7.50 -73.42 -72.19
C SER C 347 -6.23 -72.81 -72.84
N GLU C 348 -5.97 -73.20 -74.14
CA GLU C 348 -4.79 -72.71 -74.92
C GLU C 348 -4.66 -71.17 -74.98
N GLN C 349 -5.78 -70.47 -75.05
CA GLN C 349 -5.89 -68.99 -75.07
C GLN C 349 -5.32 -68.34 -73.84
N ASP C 350 -5.13 -69.08 -72.74
CA ASP C 350 -4.67 -68.53 -71.50
C ASP C 350 -3.14 -68.89 -71.29
N LEU C 351 -2.49 -69.62 -72.17
CA LEU C 351 -1.13 -70.16 -72.05
C LEU C 351 -0.06 -69.14 -72.46
N GLY C 352 1.09 -69.08 -71.78
CA GLY C 352 2.14 -68.11 -72.12
C GLY C 352 3.24 -68.62 -72.99
N TYR C 353 3.37 -67.95 -74.10
CA TYR C 353 4.23 -68.41 -75.15
C TYR C 353 5.60 -67.70 -75.14
N ALA C 354 6.66 -68.34 -74.74
CA ALA C 354 7.96 -67.80 -74.59
C ALA C 354 8.94 -68.77 -75.26
N SER C 355 10.09 -68.37 -75.81
CA SER C 355 11.03 -69.37 -76.32
C SER C 355 11.77 -70.23 -75.25
N LEU C 356 12.14 -69.77 -74.03
CA LEU C 356 12.83 -70.49 -72.98
C LEU C 356 12.53 -69.92 -71.60
N ILE C 357 12.12 -70.81 -70.63
CA ILE C 357 11.90 -70.22 -69.27
C ILE C 357 13.01 -70.86 -68.46
N GLU C 358 13.52 -70.15 -67.50
CA GLU C 358 14.65 -70.65 -66.72
C GLU C 358 14.63 -70.15 -65.25
N GLU C 359 15.58 -70.63 -64.45
CA GLU C 359 15.83 -70.22 -63.12
C GLU C 359 17.31 -69.87 -63.05
N ARG C 360 17.65 -68.65 -62.58
CA ARG C 360 19.01 -68.19 -62.42
C ARG C 360 19.04 -67.64 -61.04
N LYS C 361 20.17 -67.42 -60.38
CA LYS C 361 20.21 -66.84 -59.06
C LYS C 361 20.86 -65.51 -59.11
N VAL C 362 20.35 -64.55 -58.38
CA VAL C 362 20.89 -63.22 -58.35
C VAL C 362 21.40 -62.95 -56.94
N GLY C 363 22.76 -63.17 -56.70
CA GLY C 363 23.21 -63.00 -55.34
C GLY C 363 22.82 -64.15 -54.45
N GLU C 364 21.82 -63.95 -53.61
CA GLU C 364 21.27 -64.99 -52.76
C GLU C 364 19.81 -65.31 -53.06
N ASP C 365 19.25 -64.63 -54.08
CA ASP C 365 17.88 -64.77 -54.43
C ASP C 365 17.79 -65.58 -55.73
N LYS C 366 17.19 -66.70 -55.70
CA LYS C 366 16.89 -67.55 -56.80
C LYS C 366 15.60 -66.97 -57.41
N MET C 367 15.66 -66.73 -58.74
CA MET C 367 14.43 -66.24 -59.41
C MET C 367 14.18 -66.89 -60.81
N VAL C 368 12.93 -66.86 -61.27
CA VAL C 368 12.58 -67.33 -62.58
C VAL C 368 12.59 -66.21 -63.57
N PHE C 369 13.21 -66.47 -64.75
CA PHE C 369 13.30 -65.44 -65.78
C PHE C 369 12.47 -65.99 -66.98
N VAL C 370 11.82 -65.10 -67.81
CA VAL C 370 10.97 -65.46 -68.93
C VAL C 370 11.42 -64.61 -70.08
N GLU C 371 12.73 -64.71 -70.47
CA GLU C 371 13.22 -63.97 -71.65
C GLU C 371 12.73 -64.76 -72.87
N GLY C 372 12.51 -64.05 -74.04
CA GLY C 372 12.02 -64.58 -75.27
C GLY C 372 10.59 -64.77 -75.25
N ALA C 373 9.90 -63.96 -74.43
CA ALA C 373 8.48 -63.76 -74.42
C ALA C 373 7.97 -63.12 -75.64
N LYS C 374 6.64 -63.43 -75.95
CA LYS C 374 6.03 -63.00 -77.11
C LYS C 374 6.03 -61.56 -77.49
N ASN C 375 5.80 -60.66 -76.48
CA ASN C 375 5.85 -59.27 -76.66
C ASN C 375 7.30 -58.72 -76.59
N PRO C 376 7.91 -58.08 -77.68
CA PRO C 376 9.26 -57.54 -77.61
C PRO C 376 9.35 -56.16 -76.97
N LYS C 377 8.25 -55.50 -76.74
CA LYS C 377 8.27 -54.22 -76.04
C LYS C 377 8.24 -54.46 -74.56
N SER C 378 7.79 -55.65 -74.09
CA SER C 378 7.70 -55.87 -72.67
C SER C 378 8.95 -56.47 -72.11
N ILE C 379 9.76 -55.67 -71.46
CA ILE C 379 11.07 -56.03 -70.99
C ILE C 379 11.20 -55.57 -69.53
N SER C 380 12.27 -56.04 -68.82
CA SER C 380 12.38 -55.68 -67.39
C SER C 380 13.82 -55.21 -67.02
N ILE C 381 14.02 -54.49 -65.91
CA ILE C 381 15.26 -54.01 -65.56
C ILE C 381 15.59 -54.61 -64.21
N LEU C 382 16.81 -55.08 -64.03
CA LEU C 382 17.36 -55.71 -62.85
C LEU C 382 18.36 -54.73 -62.33
N ILE C 383 18.09 -54.11 -61.18
CA ILE C 383 19.01 -53.23 -60.39
C ILE C 383 19.73 -54.13 -59.37
N ARG C 384 21.06 -53.83 -59.16
CA ARG C 384 21.93 -54.56 -58.26
C ARG C 384 23.04 -53.61 -57.83
N GLY C 385 23.77 -54.01 -56.74
CA GLY C 385 24.79 -53.25 -56.04
C GLY C 385 24.24 -52.35 -54.96
N GLY C 386 25.08 -52.07 -53.94
CA GLY C 386 24.66 -51.16 -52.87
C GLY C 386 23.78 -51.76 -51.86
N LEU C 387 23.45 -51.01 -50.79
CA LEU C 387 22.77 -51.36 -49.55
C LEU C 387 21.24 -51.12 -49.70
N GLU C 388 20.49 -51.70 -48.74
CA GLU C 388 19.09 -51.86 -48.78
C GLU C 388 18.19 -50.68 -49.05
N ARG C 389 18.62 -49.40 -48.81
CA ARG C 389 17.87 -48.24 -48.93
C ARG C 389 18.30 -47.58 -50.19
N LEU C 390 19.62 -47.63 -50.55
CA LEU C 390 20.22 -47.09 -51.76
C LEU C 390 19.65 -47.64 -53.00
N VAL C 391 19.34 -49.02 -52.92
CA VAL C 391 18.61 -49.65 -54.06
C VAL C 391 17.17 -49.08 -54.35
N ASP C 392 16.40 -48.79 -53.29
CA ASP C 392 15.13 -48.09 -53.38
C ASP C 392 15.26 -46.73 -54.01
N GLU C 393 16.26 -45.90 -53.60
CA GLU C 393 16.45 -44.56 -54.18
C GLU C 393 17.08 -44.67 -55.55
N THR C 394 17.70 -45.82 -55.92
CA THR C 394 18.16 -46.06 -57.26
C THR C 394 17.00 -46.37 -58.19
N GLU C 395 15.95 -47.01 -57.66
CA GLU C 395 14.68 -47.39 -58.35
C GLU C 395 13.93 -46.13 -58.56
N ARG C 396 13.99 -45.10 -57.65
CA ARG C 396 13.51 -43.77 -57.83
C ARG C 396 14.27 -43.00 -58.93
N ALA C 397 15.54 -42.93 -58.84
CA ALA C 397 16.42 -42.41 -59.87
C ALA C 397 16.19 -43.01 -61.23
N LEU C 398 16.04 -44.30 -61.35
CA LEU C 398 15.76 -45.02 -62.56
C LEU C 398 14.44 -44.67 -63.14
N ARG C 399 13.40 -44.53 -62.28
CA ARG C 399 12.06 -44.06 -62.67
C ARG C 399 12.05 -42.69 -63.29
N ASP C 400 12.65 -41.68 -62.58
CA ASP C 400 12.71 -40.34 -63.11
C ASP C 400 13.55 -40.25 -64.31
N ALA C 401 14.76 -40.93 -64.35
CA ALA C 401 15.67 -40.99 -65.49
C ALA C 401 14.95 -41.55 -66.68
N LEU C 402 14.15 -42.70 -66.53
CA LEU C 402 13.42 -43.32 -67.65
C LEU C 402 12.42 -42.38 -68.16
N GLY C 403 11.57 -41.92 -67.26
CA GLY C 403 10.48 -40.99 -67.40
C GLY C 403 10.82 -39.76 -68.15
N THR C 404 11.86 -39.01 -67.73
CA THR C 404 12.41 -37.84 -68.39
C THR C 404 12.79 -38.07 -69.87
N VAL C 405 13.56 -39.17 -70.03
CA VAL C 405 13.94 -39.66 -71.32
C VAL C 405 12.77 -40.05 -72.26
N ALA C 406 11.69 -40.67 -71.71
CA ALA C 406 10.48 -40.89 -72.51
C ALA C 406 9.75 -39.63 -72.96
N ASP C 407 9.74 -38.57 -72.10
CA ASP C 407 9.17 -37.23 -72.46
C ASP C 407 9.96 -36.50 -73.55
N VAL C 408 11.27 -36.67 -73.56
CA VAL C 408 12.07 -36.08 -74.63
C VAL C 408 11.69 -36.68 -76.04
N ILE C 409 11.48 -38.01 -76.02
CA ILE C 409 11.06 -38.77 -77.15
C ILE C 409 9.65 -38.44 -77.57
N LYS C 410 8.74 -38.37 -76.60
CA LYS C 410 7.35 -38.01 -76.82
C LYS C 410 7.13 -36.62 -77.47
N ASP C 411 8.02 -35.63 -77.16
CA ASP C 411 7.97 -34.32 -77.61
C ASP C 411 8.93 -34.27 -78.88
N GLY C 412 10.21 -34.24 -78.66
CA GLY C 412 11.24 -34.25 -79.76
C GLY C 412 12.08 -32.99 -79.74
N ARG C 413 11.91 -32.19 -78.70
CA ARG C 413 12.66 -30.92 -78.53
C ARG C 413 13.50 -30.91 -77.24
N ALA C 414 14.71 -30.37 -77.31
CA ALA C 414 15.55 -30.41 -76.15
C ALA C 414 16.57 -29.18 -76.18
N ILE C 415 16.70 -28.48 -75.01
CA ILE C 415 17.49 -27.20 -74.91
C ILE C 415 18.71 -27.42 -73.95
N ALA C 416 19.67 -26.53 -73.96
CA ALA C 416 20.78 -26.55 -73.08
C ALA C 416 20.43 -26.02 -71.71
N GLY C 417 20.83 -26.80 -70.64
CA GLY C 417 20.62 -26.41 -69.25
C GLY C 417 21.58 -25.35 -68.80
N GLY C 418 21.65 -25.13 -67.49
CA GLY C 418 22.81 -24.27 -67.05
C GLY C 418 22.71 -22.76 -67.16
N GLY C 419 21.47 -22.20 -67.38
CA GLY C 419 21.12 -20.78 -67.52
C GLY C 419 21.04 -20.29 -68.96
N ALA C 420 21.39 -21.08 -69.97
CA ALA C 420 21.43 -20.63 -71.34
C ALA C 420 20.08 -20.00 -71.75
N VAL C 421 18.94 -20.81 -71.66
CA VAL C 421 17.65 -20.33 -72.17
C VAL C 421 17.10 -19.16 -71.35
N GLU C 422 17.40 -19.17 -70.03
CA GLU C 422 17.04 -18.25 -69.01
C GLU C 422 17.61 -16.86 -69.42
N ILE C 423 18.94 -16.69 -69.44
CA ILE C 423 19.64 -15.42 -69.81
C ILE C 423 19.22 -14.83 -71.12
N GLU C 424 18.88 -15.68 -72.14
CA GLU C 424 18.37 -15.28 -73.50
C GLU C 424 16.97 -14.69 -73.38
N ILE C 425 16.05 -15.42 -72.74
CA ILE C 425 14.72 -14.94 -72.43
C ILE C 425 14.76 -13.62 -71.66
N ALA C 426 15.80 -13.31 -70.90
CA ALA C 426 16.06 -12.01 -70.31
C ALA C 426 16.58 -11.01 -71.36
N LYS C 427 17.82 -11.18 -71.85
CA LYS C 427 18.38 -10.35 -72.90
C LYS C 427 17.35 -9.92 -73.99
N LYS C 428 16.59 -10.86 -74.68
CA LYS C 428 15.52 -10.61 -75.56
C LYS C 428 14.34 -9.78 -75.10
N LEU C 429 13.95 -9.83 -73.77
CA LEU C 429 12.93 -9.02 -73.20
C LEU C 429 13.48 -7.56 -72.95
N ARG C 430 14.71 -7.56 -72.45
CA ARG C 430 15.37 -6.32 -72.21
C ARG C 430 15.41 -5.51 -73.44
N LYS C 431 15.79 -6.11 -74.57
CA LYS C 431 15.81 -5.44 -75.90
C LYS C 431 14.45 -5.00 -76.44
N TYR C 432 13.36 -5.71 -76.08
CA TYR C 432 12.04 -5.40 -76.48
C TYR C 432 11.45 -4.25 -75.82
N ALA C 433 11.52 -4.32 -74.45
CA ALA C 433 10.89 -3.51 -73.46
C ALA C 433 10.68 -2.06 -73.84
N PRO C 434 11.64 -1.29 -74.20
CA PRO C 434 11.53 0.10 -74.64
C PRO C 434 10.36 0.42 -75.46
N GLN C 435 10.12 -0.52 -76.40
CA GLN C 435 9.18 -0.42 -77.50
C GLN C 435 7.78 -0.87 -77.15
N VAL C 436 7.65 -1.64 -76.09
CA VAL C 436 6.40 -2.28 -75.67
C VAL C 436 5.23 -1.27 -75.28
N GLY C 437 5.54 -0.11 -74.63
CA GLY C 437 4.58 0.87 -74.17
C GLY C 437 5.12 1.42 -72.88
N GLY C 438 4.45 2.39 -72.23
CA GLY C 438 4.83 3.13 -70.99
C GLY C 438 5.04 2.37 -69.78
N LYS C 439 4.00 2.20 -68.97
CA LYS C 439 4.11 1.57 -67.65
C LYS C 439 4.47 0.05 -67.74
N GLU C 440 3.79 -0.62 -68.68
CA GLU C 440 4.10 -2.05 -69.12
C GLU C 440 5.57 -2.27 -69.49
N GLN C 441 6.36 -1.36 -70.08
CA GLN C 441 7.83 -1.54 -70.23
C GLN C 441 8.50 -1.94 -68.86
N LEU C 442 8.32 -1.16 -67.79
CA LEU C 442 8.84 -1.45 -66.48
C LEU C 442 8.39 -2.84 -65.99
N ALA C 443 7.16 -3.26 -66.29
CA ALA C 443 6.62 -4.57 -65.94
C ALA C 443 7.40 -5.76 -66.58
N VAL C 444 7.60 -5.54 -67.89
CA VAL C 444 8.36 -6.43 -68.76
C VAL C 444 9.80 -6.53 -68.35
N GLU C 445 10.41 -5.40 -68.12
CA GLU C 445 11.76 -5.26 -67.52
C GLU C 445 11.94 -5.95 -66.13
N ALA C 446 10.88 -5.94 -65.27
CA ALA C 446 10.75 -6.74 -64.06
C ALA C 446 10.71 -8.22 -64.28
N TYR C 447 9.76 -8.74 -65.08
CA TYR C 447 9.67 -10.16 -65.61
C TYR C 447 11.10 -10.61 -66.05
N ALA C 448 11.92 -9.78 -66.70
CA ALA C 448 13.26 -10.06 -67.23
C ALA C 448 14.17 -10.17 -66.00
N ASN C 449 14.13 -9.12 -65.18
CA ASN C 449 14.92 -8.96 -63.94
C ASN C 449 14.74 -10.17 -62.98
N ALA C 450 13.49 -10.66 -62.76
CA ALA C 450 13.22 -11.95 -62.09
C ALA C 450 13.78 -13.23 -62.72
N LEU C 451 13.84 -13.43 -64.11
CA LEU C 451 14.38 -14.51 -64.90
C LEU C 451 15.84 -14.63 -64.84
N GLU C 452 16.43 -13.44 -64.75
CA GLU C 452 17.85 -13.29 -64.46
C GLU C 452 18.16 -13.57 -62.97
N SER C 453 17.26 -13.14 -62.09
CA SER C 453 17.31 -13.55 -60.62
C SER C 453 17.38 -15.02 -60.36
N LEU C 454 16.63 -15.84 -61.20
CA LEU C 454 16.62 -17.27 -61.26
C LEU C 454 18.00 -17.86 -61.51
N VAL C 455 18.70 -17.32 -62.54
CA VAL C 455 20.08 -17.72 -62.81
C VAL C 455 21.09 -17.20 -61.79
N SER C 456 20.81 -16.05 -61.15
CA SER C 456 21.58 -15.42 -60.12
C SER C 456 21.58 -16.38 -58.88
N ILE C 457 20.36 -16.82 -58.49
CA ILE C 457 20.15 -17.79 -57.45
C ILE C 457 20.90 -19.05 -57.64
N LEU C 458 20.98 -19.58 -58.84
CA LEU C 458 21.76 -20.71 -59.30
C LEU C 458 23.20 -20.44 -59.17
N ILE C 459 23.74 -19.31 -59.57
CA ILE C 459 25.22 -18.96 -59.36
C ILE C 459 25.54 -18.90 -57.81
N GLU C 460 24.72 -18.08 -57.07
CA GLU C 460 24.68 -17.80 -55.60
C GLU C 460 24.86 -19.09 -54.89
N ASN C 461 23.94 -20.01 -55.09
CA ASN C 461 23.90 -21.25 -54.39
C ASN C 461 25.14 -22.08 -54.64
N ALA C 462 25.95 -21.91 -55.67
CA ALA C 462 27.18 -22.64 -55.90
C ALA C 462 28.36 -22.14 -55.16
N GLY C 463 28.25 -20.89 -54.78
CA GLY C 463 29.32 -20.11 -54.08
C GLY C 463 30.02 -19.00 -54.83
N PHE C 464 29.42 -18.48 -55.89
CA PHE C 464 30.15 -17.43 -56.63
C PHE C 464 29.43 -16.10 -56.66
N ASP C 465 30.01 -14.96 -57.15
CA ASP C 465 29.23 -13.68 -57.13
C ASP C 465 28.15 -13.56 -58.23
N PRO C 466 26.86 -13.42 -57.86
CA PRO C 466 25.77 -13.39 -58.75
C PRO C 466 26.02 -12.37 -59.87
N ILE C 467 26.38 -11.11 -59.57
CA ILE C 467 26.48 -10.09 -60.59
C ILE C 467 27.55 -10.32 -61.56
N ASP C 468 28.79 -10.64 -61.08
CA ASP C 468 30.02 -10.87 -61.89
C ASP C 468 29.77 -11.83 -62.95
N LEU C 469 29.40 -13.06 -62.54
CA LEU C 469 29.24 -14.26 -63.46
C LEU C 469 28.14 -14.10 -64.42
N LEU C 470 27.02 -13.52 -63.96
CA LEU C 470 25.85 -13.17 -64.76
C LEU C 470 26.24 -12.22 -65.82
N MET C 471 26.96 -11.13 -65.52
CA MET C 471 27.41 -10.23 -66.57
C MET C 471 28.38 -10.93 -67.51
N LYS C 472 29.42 -11.61 -66.95
CA LYS C 472 30.40 -12.35 -67.72
C LYS C 472 29.78 -13.41 -68.65
N LEU C 473 28.65 -14.00 -68.25
CA LEU C 473 27.97 -14.93 -69.15
C LEU C 473 27.02 -14.16 -70.13
N ARG C 474 26.11 -13.32 -69.69
CA ARG C 474 25.29 -12.62 -70.66
C ARG C 474 26.15 -11.72 -71.58
N SER C 475 27.44 -11.48 -71.36
CA SER C 475 28.31 -10.78 -72.31
C SER C 475 28.97 -11.84 -73.26
N THR C 476 29.43 -12.99 -72.77
CA THR C 476 29.88 -14.09 -73.57
C THR C 476 28.69 -14.83 -74.33
N HIS C 477 27.47 -14.22 -74.19
CA HIS C 477 26.26 -14.76 -74.81
C HIS C 477 25.57 -13.69 -75.65
N GLU C 478 26.34 -12.75 -76.10
CA GLU C 478 25.83 -11.77 -77.07
C GLU C 478 25.67 -12.38 -78.48
N ASN C 479 26.73 -13.03 -78.94
CA ASN C 479 26.87 -13.68 -80.16
C ASN C 479 25.89 -14.91 -80.22
N GLU C 480 25.38 -15.24 -81.40
CA GLU C 480 24.45 -16.34 -81.54
C GLU C 480 25.23 -17.65 -81.56
N ASN C 481 26.53 -17.81 -81.83
CA ASN C 481 27.21 -19.13 -81.90
C ASN C 481 27.21 -19.77 -80.50
N ASN C 482 27.37 -18.88 -79.49
CA ASN C 482 27.32 -19.08 -78.09
C ASN C 482 25.98 -19.36 -77.47
N LYS C 483 24.95 -19.63 -78.27
CA LYS C 483 23.57 -19.79 -77.84
C LYS C 483 23.40 -20.71 -76.61
N TRP C 484 24.22 -21.80 -76.58
CA TRP C 484 24.23 -22.78 -75.48
C TRP C 484 25.19 -22.53 -74.40
N TYR C 485 25.53 -21.24 -74.12
CA TYR C 485 26.39 -20.85 -73.05
C TYR C 485 25.70 -20.71 -71.71
N GLY C 486 26.37 -21.21 -70.68
CA GLY C 486 25.88 -21.07 -69.37
C GLY C 486 27.07 -20.87 -68.51
N ILE C 487 26.98 -21.14 -67.17
CA ILE C 487 27.96 -20.84 -66.17
C ILE C 487 28.45 -22.08 -65.53
N ASP C 488 29.80 -22.42 -65.71
CA ASP C 488 30.39 -23.62 -65.24
C ASP C 488 30.23 -23.76 -63.78
N LEU C 489 29.41 -24.78 -63.33
CA LEU C 489 28.87 -24.81 -61.98
C LEU C 489 29.85 -25.38 -60.99
N TYR C 490 30.94 -25.90 -61.44
CA TYR C 490 31.91 -26.40 -60.57
C TYR C 490 33.21 -25.67 -60.57
N ALA C 491 33.47 -25.08 -61.75
CA ALA C 491 34.65 -24.19 -61.92
C ALA C 491 34.38 -22.71 -61.74
N GLY C 492 33.22 -22.13 -62.26
CA GLY C 492 32.78 -20.76 -62.14
C GLY C 492 33.35 -19.81 -63.13
N GLN C 493 32.85 -19.92 -64.38
CA GLN C 493 33.33 -19.25 -65.60
C GLN C 493 32.45 -19.66 -66.78
N PRO C 494 32.14 -18.81 -67.73
CA PRO C 494 31.21 -19.13 -68.82
C PRO C 494 31.66 -20.25 -69.74
N VAL C 495 30.84 -21.31 -70.04
CA VAL C 495 31.26 -22.39 -70.89
C VAL C 495 30.00 -22.75 -71.66
N ASP C 496 30.14 -23.59 -72.70
CA ASP C 496 29.13 -24.18 -73.61
C ASP C 496 28.58 -25.31 -72.84
N MET C 497 27.30 -25.25 -72.46
CA MET C 497 26.60 -26.24 -71.64
C MET C 497 26.30 -27.50 -72.44
N TRP C 498 25.82 -27.36 -73.71
CA TRP C 498 25.55 -28.45 -74.70
C TRP C 498 26.72 -29.44 -74.81
N GLN C 499 27.90 -28.91 -75.13
CA GLN C 499 29.16 -29.58 -75.18
C GLN C 499 29.78 -29.85 -73.79
N LYS C 500 28.89 -30.06 -72.79
CA LYS C 500 29.32 -30.33 -71.44
C LYS C 500 28.23 -31.25 -70.89
N GLY C 501 27.44 -31.74 -71.78
CA GLY C 501 26.46 -32.77 -71.58
C GLY C 501 25.18 -32.27 -70.92
N VAL C 502 25.10 -30.94 -70.72
CA VAL C 502 24.08 -30.31 -69.92
C VAL C 502 22.85 -29.91 -70.89
N ILE C 503 22.05 -30.88 -71.22
CA ILE C 503 20.85 -30.68 -72.01
C ILE C 503 19.67 -31.19 -71.20
N GLU C 504 18.48 -30.62 -71.59
CA GLU C 504 17.25 -30.76 -70.88
C GLU C 504 16.02 -30.80 -71.79
N PRO C 505 14.98 -31.48 -71.34
CA PRO C 505 13.66 -31.46 -71.93
C PRO C 505 13.02 -30.09 -72.18
N ALA C 506 12.87 -29.64 -73.45
CA ALA C 506 12.38 -28.33 -73.77
C ALA C 506 10.94 -28.06 -73.34
N LEU C 507 10.07 -29.01 -72.97
CA LEU C 507 8.71 -28.78 -72.64
C LEU C 507 8.59 -28.42 -71.12
N VAL C 508 9.38 -29.01 -70.14
CA VAL C 508 9.28 -28.86 -68.73
C VAL C 508 9.47 -27.44 -68.32
N LYS C 509 10.55 -26.82 -68.86
CA LYS C 509 10.87 -25.45 -68.60
C LYS C 509 10.10 -24.43 -69.43
N MET C 510 9.07 -24.91 -70.08
CA MET C 510 8.12 -24.19 -70.92
C MET C 510 6.80 -24.15 -70.23
N ASN C 511 6.39 -25.29 -69.66
CA ASN C 511 5.18 -25.35 -68.90
C ASN C 511 5.29 -24.68 -67.60
N ALA C 512 6.53 -24.64 -67.01
CA ALA C 512 6.96 -23.94 -65.85
C ALA C 512 6.71 -22.49 -66.01
N ILE C 513 7.25 -21.86 -67.07
CA ILE C 513 6.99 -20.46 -67.29
C ILE C 513 5.42 -20.12 -67.25
N LYS C 514 4.63 -20.95 -68.00
CA LYS C 514 3.20 -20.79 -68.09
C LYS C 514 2.51 -20.92 -66.65
N ALA C 515 2.88 -21.95 -65.83
CA ALA C 515 2.48 -22.23 -64.45
C ALA C 515 2.80 -21.02 -63.57
N ALA C 516 4.08 -20.71 -63.45
CA ALA C 516 4.55 -19.57 -62.67
C ALA C 516 3.90 -18.22 -62.86
N THR C 517 3.72 -17.74 -64.09
CA THR C 517 3.05 -16.46 -64.40
C THR C 517 1.53 -16.37 -64.04
N GLU C 518 0.73 -17.39 -64.21
CA GLU C 518 -0.63 -17.57 -63.80
C GLU C 518 -0.75 -17.46 -62.39
N ALA C 519 0.08 -18.29 -61.64
CA ALA C 519 0.17 -18.34 -60.15
C ALA C 519 0.59 -16.97 -59.64
N ALA C 520 1.69 -16.42 -60.09
CA ALA C 520 2.12 -15.06 -59.79
C ALA C 520 1.11 -13.89 -59.94
N THR C 521 0.47 -13.75 -61.11
CA THR C 521 -0.48 -12.76 -61.42
C THR C 521 -1.84 -13.04 -60.63
N LEU C 522 -2.13 -14.28 -60.24
CA LEU C 522 -3.34 -14.62 -59.44
C LEU C 522 -3.25 -14.11 -58.05
N VAL C 523 -2.10 -14.19 -57.38
CA VAL C 523 -1.92 -13.62 -56.01
C VAL C 523 -2.13 -12.07 -56.14
N LEU C 524 -1.65 -11.47 -57.26
CA LEU C 524 -1.71 -10.08 -57.58
C LEU C 524 -3.08 -9.53 -57.83
N ARG C 525 -4.00 -10.38 -58.38
CA ARG C 525 -5.32 -10.16 -58.72
C ARG C 525 -6.33 -9.89 -57.59
N ILE C 526 -6.14 -10.46 -56.38
CA ILE C 526 -7.02 -10.57 -55.28
C ILE C 526 -7.09 -9.26 -54.42
N ASP C 527 -8.22 -8.57 -54.30
CA ASP C 527 -8.32 -7.26 -53.66
C ASP C 527 -8.60 -7.36 -52.15
N ASP C 528 -9.48 -8.36 -51.78
CA ASP C 528 -9.85 -8.49 -50.40
C ASP C 528 -10.09 -10.00 -50.17
N VAL C 529 -9.84 -10.49 -48.99
CA VAL C 529 -10.00 -11.89 -48.61
C VAL C 529 -11.06 -11.91 -47.53
N VAL C 530 -12.28 -12.40 -47.78
CA VAL C 530 -13.36 -12.39 -46.77
C VAL C 530 -13.51 -13.83 -46.13
N SER C 531 -13.50 -13.79 -44.79
CA SER C 531 -13.69 -14.98 -43.89
C SER C 531 -15.23 -15.27 -43.71
N ALA C 532 -15.58 -16.43 -43.08
CA ALA C 532 -16.91 -16.90 -42.64
C ALA C 532 -16.93 -16.81 -41.06
N GLY D 28 -33.45 13.85 -37.09
CA GLY D 28 -32.47 14.43 -38.04
C GLY D 28 -31.43 13.40 -38.24
N LYS D 29 -30.16 13.81 -38.12
CA LYS D 29 -28.95 13.01 -38.15
C LYS D 29 -28.88 11.67 -37.38
N GLU D 30 -29.56 11.58 -36.26
CA GLU D 30 -29.73 10.38 -35.42
C GLU D 30 -29.75 8.93 -36.04
N ALA D 31 -30.85 8.44 -36.54
CA ALA D 31 -30.81 7.08 -37.14
C ALA D 31 -30.36 7.12 -38.54
N VAL D 32 -30.81 8.17 -39.28
CA VAL D 32 -30.47 8.38 -40.66
C VAL D 32 -29.01 8.28 -41.05
N ARG D 33 -28.07 8.64 -40.13
CA ARG D 33 -26.67 8.56 -40.31
C ARG D 33 -26.16 7.18 -40.41
N ALA D 34 -26.63 6.35 -39.48
CA ALA D 34 -26.30 4.93 -39.44
C ALA D 34 -26.58 4.10 -40.72
N ASN D 35 -27.88 4.13 -41.09
CA ASN D 35 -28.49 3.49 -42.26
C ASN D 35 -27.75 3.84 -43.51
N ILE D 36 -27.54 5.14 -43.83
CA ILE D 36 -26.69 5.63 -44.85
C ILE D 36 -25.28 5.04 -44.87
N ALA D 37 -24.65 5.20 -43.65
CA ALA D 37 -23.32 4.54 -43.39
C ALA D 37 -23.21 3.13 -43.89
N ALA D 38 -24.11 2.23 -43.44
CA ALA D 38 -24.28 0.81 -43.74
C ALA D 38 -24.35 0.57 -45.25
N VAL D 39 -25.23 1.41 -45.87
CA VAL D 39 -25.37 1.30 -47.34
C VAL D 39 -23.95 1.58 -47.93
N LYS D 40 -23.35 2.73 -47.59
CA LYS D 40 -22.00 3.23 -48.01
C LYS D 40 -20.94 2.14 -47.80
N ALA D 41 -20.95 1.35 -46.71
CA ALA D 41 -20.15 0.19 -46.46
C ALA D 41 -20.32 -0.87 -47.57
N VAL D 42 -21.54 -1.29 -47.91
CA VAL D 42 -21.80 -2.16 -49.11
C VAL D 42 -21.27 -1.62 -50.44
N GLU D 43 -21.39 -0.35 -50.72
CA GLU D 43 -20.77 0.29 -51.89
C GLU D 43 -19.21 0.15 -51.92
N GLU D 44 -18.48 0.47 -50.84
CA GLU D 44 -17.11 0.15 -50.54
C GLU D 44 -16.72 -1.25 -50.56
N ALA D 45 -17.68 -2.19 -50.71
CA ALA D 45 -17.35 -3.60 -50.87
C ALA D 45 -17.36 -4.07 -52.24
N LEU D 46 -18.03 -3.34 -53.21
CA LEU D 46 -18.06 -3.76 -54.61
C LEU D 46 -17.41 -2.92 -55.58
N LYS D 47 -17.33 -1.62 -55.32
CA LYS D 47 -16.58 -0.68 -56.17
C LYS D 47 -15.34 -1.19 -56.97
N SER D 48 -14.33 -1.84 -56.33
CA SER D 48 -13.12 -2.36 -57.03
C SER D 48 -13.40 -3.56 -57.94
N THR D 49 -14.66 -4.04 -58.25
CA THR D 49 -14.92 -5.24 -59.10
C THR D 49 -15.74 -4.81 -60.30
N TYR D 50 -16.13 -3.50 -60.50
CA TYR D 50 -16.92 -3.12 -61.64
C TYR D 50 -16.10 -3.33 -62.96
N GLY D 51 -16.89 -3.86 -63.96
CA GLY D 51 -16.33 -4.10 -65.30
C GLY D 51 -15.13 -5.02 -65.45
N PRO D 52 -14.76 -5.28 -66.70
CA PRO D 52 -13.71 -6.25 -67.12
C PRO D 52 -12.35 -6.13 -66.56
N ARG D 53 -12.07 -4.90 -65.99
CA ARG D 53 -10.71 -4.59 -65.51
C ARG D 53 -10.75 -4.41 -63.99
N GLY D 54 -11.83 -4.80 -63.25
CA GLY D 54 -11.88 -4.83 -61.77
C GLY D 54 -11.04 -5.90 -61.19
N MET D 55 -10.88 -5.94 -59.87
CA MET D 55 -10.09 -6.98 -59.22
C MET D 55 -11.00 -8.01 -58.61
N ASP D 56 -10.53 -9.22 -58.44
CA ASP D 56 -11.35 -10.25 -57.88
C ASP D 56 -11.36 -10.22 -56.33
N LYS D 57 -12.39 -10.75 -55.76
CA LYS D 57 -12.61 -10.86 -54.33
C LYS D 57 -12.43 -12.28 -54.11
N MET D 58 -11.81 -12.67 -52.97
CA MET D 58 -11.63 -13.99 -52.48
C MET D 58 -12.53 -14.19 -51.29
N LEU D 59 -13.18 -15.33 -51.26
CA LEU D 59 -14.22 -15.74 -50.34
C LEU D 59 -13.88 -17.10 -49.86
N VAL D 60 -13.60 -17.24 -48.58
CA VAL D 60 -13.08 -18.39 -47.88
C VAL D 60 -14.18 -19.12 -47.07
N ASP D 61 -14.58 -20.36 -47.47
CA ASP D 61 -15.58 -21.14 -46.72
C ASP D 61 -15.16 -21.47 -45.25
N SER D 62 -16.04 -21.78 -44.37
CA SER D 62 -15.78 -22.23 -43.00
C SER D 62 -14.84 -23.48 -42.91
N LEU D 63 -14.83 -24.38 -43.95
CA LEU D 63 -14.09 -25.59 -44.16
C LEU D 63 -12.85 -25.48 -45.05
N GLY D 64 -12.47 -24.24 -45.25
CA GLY D 64 -11.31 -23.69 -45.80
C GLY D 64 -11.17 -23.71 -47.30
N ASP D 65 -12.18 -24.23 -47.95
CA ASP D 65 -12.27 -24.21 -49.44
C ASP D 65 -12.37 -22.79 -49.97
N ILE D 66 -11.63 -22.49 -51.03
CA ILE D 66 -11.47 -21.11 -51.54
C ILE D 66 -12.24 -20.87 -52.86
N THR D 67 -12.83 -19.66 -52.96
CA THR D 67 -13.55 -19.29 -54.22
C THR D 67 -13.09 -17.94 -54.60
N ILE D 68 -12.54 -17.73 -55.80
CA ILE D 68 -12.04 -16.39 -56.16
C ILE D 68 -13.14 -15.94 -57.19
N THR D 69 -13.78 -14.74 -56.99
CA THR D 69 -14.92 -14.40 -57.90
C THR D 69 -15.03 -12.94 -57.89
N ASN D 70 -16.06 -12.37 -58.64
CA ASN D 70 -16.35 -11.00 -58.94
C ASN D 70 -17.87 -10.94 -59.18
N ASP D 71 -18.54 -11.96 -58.71
CA ASP D 71 -19.96 -12.11 -58.67
C ASP D 71 -20.55 -11.39 -57.46
N GLY D 72 -21.30 -10.33 -57.81
CA GLY D 72 -22.01 -9.49 -56.93
C GLY D 72 -22.88 -10.19 -55.95
N ALA D 73 -23.81 -11.00 -56.44
CA ALA D 73 -24.72 -11.91 -55.72
C ALA D 73 -24.03 -12.69 -54.65
N THR D 74 -23.10 -13.57 -55.01
CA THR D 74 -22.33 -14.46 -54.12
C THR D 74 -21.53 -13.71 -53.04
N ILE D 75 -20.92 -12.52 -53.42
CA ILE D 75 -20.19 -11.53 -52.57
C ILE D 75 -21.08 -10.86 -51.61
N LEU D 76 -22.41 -10.91 -51.79
CA LEU D 76 -23.42 -10.44 -50.83
C LEU D 76 -24.01 -11.63 -50.06
N ASP D 77 -24.18 -12.83 -50.73
CA ASP D 77 -24.88 -13.95 -50.16
C ASP D 77 -24.15 -14.56 -49.00
N LYS D 78 -22.78 -14.71 -49.19
CA LYS D 78 -21.94 -15.33 -48.22
C LYS D 78 -21.62 -14.26 -47.03
N MET D 79 -22.03 -13.00 -47.12
CA MET D 79 -21.87 -11.98 -46.12
C MET D 79 -23.11 -11.53 -45.41
N ASP D 80 -22.98 -11.30 -44.11
CA ASP D 80 -24.12 -10.83 -43.34
C ASP D 80 -23.83 -9.35 -43.11
N LEU D 81 -24.68 -8.32 -43.45
CA LEU D 81 -24.47 -6.84 -43.28
C LEU D 81 -24.99 -6.21 -41.99
N GLN D 82 -25.78 -7.01 -41.20
CA GLN D 82 -26.42 -6.73 -39.96
C GLN D 82 -27.62 -5.82 -40.18
N HIS D 83 -27.30 -4.55 -40.63
CA HIS D 83 -28.23 -3.43 -40.68
C HIS D 83 -29.46 -3.59 -41.46
N PRO D 84 -30.65 -3.48 -41.00
CA PRO D 84 -31.86 -3.76 -41.87
C PRO D 84 -32.05 -2.99 -43.21
N ALA D 85 -31.92 -1.65 -43.14
CA ALA D 85 -31.90 -0.81 -44.32
C ALA D 85 -30.94 -1.33 -45.43
N ALA D 86 -29.65 -1.56 -45.11
CA ALA D 86 -28.61 -2.08 -46.05
C ALA D 86 -29.03 -3.38 -46.75
N LYS D 87 -29.41 -4.36 -45.92
CA LYS D 87 -29.99 -5.58 -46.41
C LYS D 87 -31.26 -5.43 -47.23
N LEU D 88 -32.16 -4.47 -46.89
CA LEU D 88 -33.43 -4.15 -47.55
C LEU D 88 -33.04 -3.52 -48.88
N LEU D 89 -32.06 -2.69 -48.95
CA LEU D 89 -31.58 -2.04 -50.21
C LEU D 89 -30.98 -3.08 -51.13
N VAL D 90 -30.01 -3.91 -50.72
CA VAL D 90 -29.48 -4.97 -51.66
C VAL D 90 -30.58 -5.93 -52.19
N GLN D 91 -31.60 -6.24 -51.40
CA GLN D 91 -32.72 -7.02 -51.75
C GLN D 91 -33.67 -6.62 -52.86
N ILE D 92 -33.91 -5.28 -52.79
CA ILE D 92 -34.63 -4.43 -53.72
C ILE D 92 -33.82 -4.10 -55.00
N ALA D 93 -32.52 -3.86 -54.81
CA ALA D 93 -31.53 -3.59 -55.84
C ALA D 93 -31.27 -4.76 -56.66
N LYS D 94 -30.79 -5.86 -56.07
CA LYS D 94 -30.52 -7.15 -56.71
C LYS D 94 -31.65 -7.83 -57.41
N GLY D 95 -32.81 -8.13 -56.67
CA GLY D 95 -33.94 -8.90 -57.10
C GLY D 95 -34.73 -8.34 -58.12
N GLN D 96 -35.36 -9.25 -58.89
CA GLN D 96 -36.22 -8.89 -60.02
C GLN D 96 -36.70 -10.19 -60.59
N ASP D 97 -37.83 -10.29 -61.29
CA ASP D 97 -38.44 -11.51 -61.80
C ASP D 97 -38.06 -11.84 -63.20
N GLU D 98 -37.42 -10.86 -63.84
CA GLU D 98 -36.80 -10.87 -65.15
C GLU D 98 -35.68 -11.91 -65.34
N GLU D 99 -35.55 -12.46 -66.56
CA GLU D 99 -34.72 -13.60 -66.93
C GLU D 99 -33.24 -13.37 -66.55
N THR D 100 -32.63 -12.22 -66.85
CA THR D 100 -31.22 -11.99 -66.70
C THR D 100 -30.86 -11.72 -65.24
N ALA D 101 -29.59 -11.98 -64.84
CA ALA D 101 -29.12 -11.80 -63.46
C ALA D 101 -27.89 -10.84 -63.52
N ASP D 102 -27.80 -10.01 -64.53
CA ASP D 102 -26.70 -9.16 -64.87
C ASP D 102 -27.12 -7.73 -64.71
N GLY D 103 -26.18 -6.78 -64.42
CA GLY D 103 -26.47 -5.41 -64.12
C GLY D 103 -26.69 -5.20 -62.61
N THR D 104 -26.45 -6.25 -61.82
CA THR D 104 -26.60 -6.30 -60.34
C THR D 104 -25.57 -5.48 -59.62
N LYS D 105 -24.31 -5.49 -60.09
CA LYS D 105 -23.35 -4.59 -59.51
C LYS D 105 -23.67 -3.10 -59.79
N THR D 106 -24.23 -2.77 -60.98
CA THR D 106 -24.64 -1.46 -61.38
C THR D 106 -25.71 -0.95 -60.50
N ALA D 107 -26.84 -1.67 -60.42
CA ALA D 107 -27.95 -1.43 -59.49
C ALA D 107 -27.50 -1.08 -58.08
N VAL D 108 -26.55 -1.85 -57.46
CA VAL D 108 -26.14 -1.64 -56.10
C VAL D 108 -25.28 -0.40 -55.91
N ILE D 109 -24.19 -0.25 -56.71
CA ILE D 109 -23.25 0.88 -56.67
C ILE D 109 -23.92 2.21 -56.88
N PHE D 110 -24.69 2.34 -58.02
CA PHE D 110 -25.50 3.52 -58.44
C PHE D 110 -26.49 3.78 -57.33
N SER D 111 -27.15 2.79 -56.74
CA SER D 111 -28.01 3.00 -55.58
C SER D 111 -27.34 3.60 -54.31
N GLY D 112 -26.20 2.99 -53.83
CA GLY D 112 -25.47 3.47 -52.65
C GLY D 112 -24.83 4.85 -52.88
N GLU D 113 -24.43 5.16 -54.19
CA GLU D 113 -23.98 6.44 -54.57
C GLU D 113 -25.20 7.40 -54.47
N LEU D 114 -26.39 6.89 -54.84
CA LEU D 114 -27.49 7.83 -54.73
C LEU D 114 -27.81 8.27 -53.34
N VAL D 115 -27.73 7.36 -52.34
CA VAL D 115 -27.80 7.59 -50.91
C VAL D 115 -26.72 8.52 -50.41
N LYS D 116 -25.55 8.18 -50.81
CA LYS D 116 -24.38 8.97 -50.52
C LYS D 116 -24.47 10.45 -50.96
N LYS D 117 -24.67 10.80 -52.21
CA LYS D 117 -24.86 12.13 -52.69
C LYS D 117 -26.06 12.87 -52.04
N ALA D 118 -27.06 12.12 -51.49
CA ALA D 118 -28.18 12.80 -50.77
C ALA D 118 -27.78 13.26 -49.44
N GLU D 119 -26.80 12.62 -48.79
CA GLU D 119 -26.30 12.99 -47.47
C GLU D 119 -25.68 14.40 -47.31
N ASP D 120 -24.92 14.77 -48.41
CA ASP D 120 -24.36 16.11 -48.57
C ASP D 120 -25.43 17.23 -48.58
N LEU D 121 -26.68 16.92 -48.99
CA LEU D 121 -27.88 17.69 -48.83
C LEU D 121 -28.49 17.74 -47.46
N LEU D 122 -28.50 16.64 -46.76
CA LEU D 122 -28.89 16.57 -45.35
C LEU D 122 -27.96 17.39 -44.36
N TYR D 123 -26.61 17.41 -44.58
CA TYR D 123 -25.68 18.23 -43.92
C TYR D 123 -25.99 19.74 -44.03
N LYS D 124 -26.43 20.09 -45.27
CA LYS D 124 -26.84 21.46 -45.66
C LYS D 124 -28.29 21.80 -45.19
N ASP D 125 -29.00 20.89 -44.42
CA ASP D 125 -30.32 21.08 -43.77
C ASP D 125 -31.51 21.06 -44.75
N VAL D 126 -31.35 20.38 -45.91
CA VAL D 126 -32.50 20.11 -46.83
C VAL D 126 -33.25 18.94 -46.28
N HIS D 127 -34.58 18.97 -46.16
CA HIS D 127 -35.43 17.90 -45.71
C HIS D 127 -35.53 16.72 -46.77
N PRO D 128 -35.50 15.44 -46.43
CA PRO D 128 -35.53 14.35 -47.42
C PRO D 128 -36.80 14.42 -48.36
N THR D 129 -37.99 14.98 -48.00
CA THR D 129 -39.16 15.13 -48.82
C THR D 129 -38.80 15.96 -50.09
N ILE D 130 -37.92 16.92 -50.02
CA ILE D 130 -37.51 17.73 -51.20
C ILE D 130 -36.63 16.85 -52.07
N ILE D 131 -35.58 16.18 -51.42
CA ILE D 131 -34.68 15.17 -52.16
C ILE D 131 -35.39 14.06 -52.86
N ILE D 132 -36.57 13.63 -52.28
CA ILE D 132 -37.42 12.64 -52.88
C ILE D 132 -38.07 13.23 -54.16
N SER D 133 -38.78 14.39 -54.10
CA SER D 133 -39.47 15.00 -55.21
C SER D 133 -38.48 15.32 -56.33
N GLY D 134 -37.31 15.78 -56.01
CA GLY D 134 -36.17 16.00 -56.89
C GLY D 134 -35.75 14.81 -57.62
N TYR D 135 -35.38 13.73 -56.88
CA TYR D 135 -35.03 12.46 -57.43
C TYR D 135 -36.19 11.86 -58.25
N LYS D 136 -37.46 12.01 -57.81
CA LYS D 136 -38.58 11.50 -58.51
C LYS D 136 -38.69 12.02 -59.94
N LYS D 137 -38.78 13.41 -60.02
CA LYS D 137 -38.87 14.16 -61.23
C LYS D 137 -37.74 13.84 -62.15
N ALA D 138 -36.50 13.66 -61.58
CA ALA D 138 -35.24 13.39 -62.27
C ALA D 138 -35.30 12.00 -62.86
N GLU D 139 -35.83 11.03 -62.08
CA GLU D 139 -35.94 9.64 -62.44
C GLU D 139 -36.81 9.50 -63.68
N GLU D 140 -38.02 10.09 -63.71
CA GLU D 140 -38.85 10.23 -64.92
C GLU D 140 -38.10 10.62 -66.18
N VAL D 141 -37.50 11.84 -66.13
CA VAL D 141 -36.74 12.40 -67.26
C VAL D 141 -35.68 11.44 -67.69
N ALA D 142 -34.90 10.92 -66.72
CA ALA D 142 -33.90 9.91 -66.88
C ALA D 142 -34.30 8.63 -67.55
N LEU D 143 -35.52 8.09 -67.30
CA LEU D 143 -36.04 6.89 -67.93
C LEU D 143 -36.29 7.22 -69.37
N GLN D 144 -37.18 8.23 -69.66
CA GLN D 144 -37.62 8.60 -70.97
C GLN D 144 -36.43 9.01 -71.97
N THR D 145 -35.31 9.44 -71.35
CA THR D 145 -33.94 9.66 -71.98
C THR D 145 -33.23 8.36 -72.46
N ILE D 146 -33.62 7.15 -72.03
CA ILE D 146 -33.20 5.88 -72.57
C ILE D 146 -34.12 5.44 -73.71
N GLN D 147 -35.45 5.62 -73.51
CA GLN D 147 -36.40 5.30 -74.54
C GLN D 147 -36.15 6.10 -75.81
N GLU D 148 -36.17 7.46 -75.74
CA GLU D 148 -35.98 8.31 -76.92
C GLU D 148 -34.50 8.35 -77.40
N LEU D 149 -33.81 7.23 -77.47
CA LEU D 149 -32.39 7.14 -77.79
C LEU D 149 -31.93 5.74 -78.08
N ALA D 150 -32.70 4.72 -77.60
CA ALA D 150 -32.41 3.27 -77.83
C ALA D 150 -32.73 2.97 -79.30
N GLN D 151 -32.04 2.00 -79.86
CA GLN D 151 -32.22 1.72 -81.24
C GLN D 151 -32.97 0.45 -81.23
N THR D 152 -33.90 0.40 -82.19
CA THR D 152 -34.75 -0.73 -82.39
C THR D 152 -34.04 -1.90 -83.02
N VAL D 153 -33.93 -3.14 -82.33
CA VAL D 153 -33.30 -4.33 -82.90
C VAL D 153 -34.40 -5.30 -83.41
N SER D 154 -34.18 -5.99 -84.50
CA SER D 154 -34.95 -6.97 -85.16
C SER D 154 -34.19 -8.24 -85.02
N ILE D 155 -34.87 -9.41 -85.18
CA ILE D 155 -34.24 -10.65 -85.10
C ILE D 155 -33.31 -10.88 -86.27
N ASN D 156 -33.53 -10.11 -87.36
CA ASN D 156 -32.73 -10.07 -88.57
C ASN D 156 -31.49 -9.17 -88.49
N ASP D 157 -31.17 -8.53 -87.30
CA ASP D 157 -29.92 -7.79 -87.05
C ASP D 157 -28.84 -8.70 -86.38
N THR D 158 -28.40 -9.69 -87.12
CA THR D 158 -27.67 -10.74 -86.58
C THR D 158 -26.17 -10.38 -86.30
N ASP D 159 -25.60 -9.38 -86.99
CA ASP D 159 -24.32 -8.76 -86.73
C ASP D 159 -24.39 -7.91 -85.52
N LEU D 160 -25.57 -7.59 -84.98
CA LEU D 160 -25.73 -6.86 -83.74
C LEU D 160 -25.79 -7.83 -82.52
N LEU D 161 -26.59 -8.90 -82.63
CA LEU D 161 -26.71 -9.95 -81.61
C LEU D 161 -25.36 -10.61 -81.37
N ARG D 162 -24.49 -10.65 -82.43
CA ARG D 162 -23.10 -10.97 -82.28
C ARG D 162 -22.31 -10.08 -81.35
N LYS D 163 -22.63 -8.79 -81.18
CA LYS D 163 -21.85 -7.77 -80.45
C LYS D 163 -22.23 -7.88 -78.99
N ILE D 164 -23.53 -7.74 -78.70
CA ILE D 164 -24.24 -8.04 -77.47
C ILE D 164 -23.74 -9.45 -76.87
N ALA D 165 -23.42 -10.42 -77.72
CA ALA D 165 -22.80 -11.63 -77.28
C ALA D 165 -21.37 -11.46 -76.73
N MET D 166 -20.38 -10.79 -77.44
CA MET D 166 -19.04 -10.52 -77.03
C MET D 166 -19.07 -9.58 -75.79
N THR D 167 -19.98 -8.65 -75.75
CA THR D 167 -20.30 -7.79 -74.64
C THR D 167 -20.62 -8.51 -73.29
N SER D 168 -20.90 -9.85 -73.33
CA SER D 168 -21.14 -10.72 -72.21
C SER D 168 -19.96 -11.64 -71.98
N LEU D 169 -19.51 -12.30 -73.09
CA LEU D 169 -18.43 -13.23 -73.06
C LEU D 169 -17.00 -12.56 -72.89
N SER D 170 -16.76 -11.41 -73.50
CA SER D 170 -15.47 -10.66 -73.35
C SER D 170 -15.10 -10.21 -71.94
N SER D 171 -16.02 -10.04 -70.99
CA SER D 171 -15.64 -9.63 -69.60
C SER D 171 -15.51 -10.73 -68.59
N LYS D 172 -16.14 -11.89 -68.79
CA LYS D 172 -16.09 -12.97 -67.86
C LYS D 172 -15.71 -14.26 -68.53
N ALA D 173 -15.29 -15.23 -67.74
CA ALA D 173 -14.79 -16.58 -68.10
C ALA D 173 -13.77 -16.62 -69.24
N VAL D 174 -13.68 -17.74 -69.97
CA VAL D 174 -12.59 -17.94 -70.95
C VAL D 174 -12.56 -17.01 -72.13
N ALA D 175 -11.30 -16.81 -72.70
CA ALA D 175 -11.13 -15.73 -73.64
C ALA D 175 -10.82 -16.19 -75.07
N GLY D 176 -10.26 -17.42 -75.19
CA GLY D 176 -10.07 -18.00 -76.54
C GLY D 176 -11.35 -18.46 -77.23
N ALA D 177 -11.23 -18.45 -78.56
CA ALA D 177 -12.27 -18.77 -79.52
C ALA D 177 -13.69 -18.19 -79.31
N ARG D 178 -13.82 -16.87 -78.96
CA ARG D 178 -15.09 -16.34 -78.63
C ARG D 178 -15.95 -16.10 -79.86
N GLU D 179 -15.37 -15.87 -81.00
CA GLU D 179 -16.04 -15.76 -82.29
C GLU D 179 -16.94 -16.94 -82.62
N TYR D 180 -16.46 -18.19 -82.33
CA TYR D 180 -17.18 -19.42 -82.33
C TYR D 180 -18.37 -19.42 -81.44
N ILE D 181 -18.21 -19.03 -80.10
CA ILE D 181 -19.24 -19.03 -79.13
C ILE D 181 -20.26 -17.94 -79.41
N ALA D 182 -19.82 -16.70 -79.91
CA ALA D 182 -20.72 -15.64 -80.37
C ALA D 182 -21.70 -16.19 -81.44
N ASP D 183 -21.11 -16.82 -82.49
CA ASP D 183 -21.74 -17.29 -83.71
C ASP D 183 -22.91 -18.33 -83.31
N ILE D 184 -22.58 -19.32 -82.45
CA ILE D 184 -23.51 -20.25 -81.87
C ILE D 184 -24.69 -19.53 -81.13
N VAL D 185 -24.35 -18.66 -80.16
CA VAL D 185 -25.33 -17.94 -79.32
C VAL D 185 -26.46 -17.26 -80.11
N VAL D 186 -26.17 -16.58 -81.25
CA VAL D 186 -27.09 -16.06 -82.13
C VAL D 186 -27.88 -17.10 -82.87
N LYS D 187 -27.26 -18.14 -83.49
CA LYS D 187 -27.95 -19.17 -84.18
C LYS D 187 -28.94 -19.97 -83.24
N ALA D 188 -28.54 -20.28 -82.05
CA ALA D 188 -29.35 -20.83 -81.00
C ALA D 188 -30.64 -20.11 -80.59
N VAL D 189 -30.55 -18.78 -80.52
CA VAL D 189 -31.65 -17.93 -80.13
C VAL D 189 -32.63 -17.72 -81.30
N THR D 190 -32.13 -17.32 -82.48
CA THR D 190 -32.87 -17.28 -83.74
C THR D 190 -33.64 -18.54 -84.16
N GLN D 191 -33.14 -19.74 -83.75
CA GLN D 191 -33.84 -20.93 -84.04
C GLN D 191 -35.20 -21.20 -83.27
N VAL D 192 -35.17 -20.86 -81.95
CA VAL D 192 -36.13 -21.13 -80.87
C VAL D 192 -37.11 -20.00 -80.80
N ALA D 193 -36.81 -18.78 -81.23
CA ALA D 193 -37.72 -17.72 -81.28
C ALA D 193 -38.93 -18.01 -82.14
N GLU D 194 -40.16 -17.82 -81.60
CA GLU D 194 -41.45 -18.12 -82.23
C GLU D 194 -42.41 -17.00 -82.26
N LEU D 195 -43.05 -16.69 -83.46
CA LEU D 195 -44.12 -15.62 -83.59
C LEU D 195 -45.43 -15.93 -82.72
N ARG D 196 -45.66 -15.12 -81.64
CA ARG D 196 -46.77 -15.30 -80.78
C ARG D 196 -47.43 -13.91 -80.66
N GLY D 197 -48.59 -13.79 -81.33
CA GLY D 197 -49.19 -12.43 -81.45
C GLY D 197 -48.38 -11.45 -82.29
N ASP D 198 -47.65 -12.08 -83.23
CA ASP D 198 -46.77 -11.50 -84.20
C ASP D 198 -45.40 -11.12 -83.73
N LYS D 199 -45.08 -11.35 -82.42
CA LYS D 199 -43.81 -11.07 -81.81
C LYS D 199 -43.13 -12.30 -81.68
N TRP D 200 -41.79 -12.18 -81.71
CA TRP D 200 -40.90 -13.37 -81.65
C TRP D 200 -40.50 -13.66 -80.18
N TYR D 201 -41.15 -14.68 -79.55
CA TYR D 201 -40.75 -15.08 -78.17
C TYR D 201 -39.88 -16.31 -78.10
N VAL D 202 -38.79 -16.21 -77.41
CA VAL D 202 -37.71 -17.13 -77.21
C VAL D 202 -37.89 -17.76 -75.84
N ASP D 203 -37.91 -19.07 -75.80
CA ASP D 203 -38.05 -19.88 -74.65
C ASP D 203 -36.70 -20.65 -74.49
N LEU D 204 -35.88 -20.31 -73.48
CA LEU D 204 -34.59 -20.93 -73.20
C LEU D 204 -34.67 -22.40 -72.91
N ASP D 205 -35.71 -22.92 -72.27
CA ASP D 205 -35.89 -24.30 -71.96
C ASP D 205 -35.73 -25.21 -73.23
N ASN D 206 -35.95 -24.69 -74.43
CA ASN D 206 -35.67 -25.39 -75.71
C ASN D 206 -34.20 -25.57 -76.03
N ILE D 207 -33.37 -25.36 -75.08
CA ILE D 207 -31.86 -25.38 -75.21
C ILE D 207 -31.27 -26.17 -74.07
N GLN D 208 -30.54 -27.22 -74.42
CA GLN D 208 -29.61 -28.04 -73.57
C GLN D 208 -28.20 -27.68 -73.78
N ILE D 209 -27.34 -27.81 -72.71
CA ILE D 209 -25.94 -27.49 -72.79
C ILE D 209 -25.14 -28.69 -72.38
N VAL D 210 -24.33 -29.34 -73.30
CA VAL D 210 -23.61 -30.52 -72.92
C VAL D 210 -22.18 -30.14 -73.04
N LYS D 211 -21.25 -30.56 -72.15
CA LYS D 211 -19.90 -30.14 -72.04
C LYS D 211 -18.86 -31.26 -71.72
N LYS D 212 -17.70 -31.26 -72.35
CA LYS D 212 -16.62 -32.22 -72.20
C LYS D 212 -15.25 -31.59 -72.01
N ALA D 213 -14.52 -31.78 -70.85
CA ALA D 213 -13.32 -31.15 -70.73
C ALA D 213 -12.20 -31.75 -71.60
N GLY D 214 -11.22 -30.93 -72.08
CA GLY D 214 -10.14 -31.30 -72.94
C GLY D 214 -10.45 -31.22 -74.42
N GLY D 215 -9.41 -31.13 -75.21
CA GLY D 215 -9.41 -30.94 -76.69
C GLY D 215 -9.23 -29.52 -77.07
N SER D 216 -9.77 -29.16 -78.26
CA SER D 216 -9.76 -27.78 -78.70
C SER D 216 -10.98 -26.92 -78.53
N ILE D 217 -10.91 -25.64 -77.98
CA ILE D 217 -12.04 -24.85 -77.67
C ILE D 217 -12.74 -24.38 -78.95
N ASN D 218 -11.95 -24.41 -80.04
CA ASN D 218 -12.42 -24.14 -81.40
C ASN D 218 -13.41 -25.25 -81.90
N ASP D 219 -13.48 -26.44 -81.30
CA ASP D 219 -14.28 -27.55 -81.75
C ASP D 219 -15.69 -27.58 -81.21
N THR D 220 -16.22 -26.41 -80.71
CA THR D 220 -17.64 -26.30 -80.29
C THR D 220 -18.57 -26.37 -81.45
N GLN D 221 -19.90 -26.73 -81.19
CA GLN D 221 -20.87 -26.64 -82.26
C GLN D 221 -22.25 -26.43 -81.66
N LEU D 222 -23.17 -26.07 -82.47
CA LEU D 222 -24.51 -26.03 -82.15
C LEU D 222 -25.27 -27.17 -82.79
N VAL D 223 -26.14 -27.89 -82.08
CA VAL D 223 -26.77 -29.09 -82.50
C VAL D 223 -28.22 -29.09 -82.77
N TYR D 224 -28.74 -29.66 -83.86
CA TYR D 224 -30.17 -29.73 -84.18
C TYR D 224 -30.78 -30.98 -83.66
N GLY D 225 -30.70 -31.14 -82.37
CA GLY D 225 -31.37 -32.24 -81.70
C GLY D 225 -31.00 -32.35 -80.29
N ILE D 226 -31.70 -33.32 -79.62
CA ILE D 226 -31.38 -33.73 -78.23
C ILE D 226 -30.26 -34.69 -78.42
N VAL D 227 -29.33 -34.70 -77.44
CA VAL D 227 -28.09 -35.53 -77.47
C VAL D 227 -28.11 -36.18 -76.09
N VAL D 228 -28.08 -37.54 -76.06
CA VAL D 228 -28.08 -38.26 -74.81
C VAL D 228 -26.71 -38.56 -74.44
N ASP D 229 -26.11 -38.07 -73.30
CA ASP D 229 -24.75 -38.40 -72.93
C ASP D 229 -24.63 -39.81 -72.31
N LYS D 230 -24.96 -40.91 -73.03
CA LYS D 230 -24.93 -42.34 -72.76
C LYS D 230 -24.73 -43.11 -74.10
N GLU D 231 -24.04 -44.21 -73.99
CA GLU D 231 -23.63 -45.12 -75.05
C GLU D 231 -24.64 -46.24 -75.24
N VAL D 232 -24.52 -46.92 -76.40
CA VAL D 232 -25.30 -48.10 -76.80
C VAL D 232 -24.87 -49.33 -75.99
N VAL D 233 -25.65 -50.34 -75.93
CA VAL D 233 -25.40 -51.59 -75.19
C VAL D 233 -24.27 -52.50 -75.78
N HIS D 234 -24.27 -52.88 -77.12
CA HIS D 234 -23.30 -53.87 -77.64
C HIS D 234 -22.80 -53.31 -78.92
N PRO D 235 -21.53 -53.49 -79.35
CA PRO D 235 -21.03 -52.98 -80.59
C PRO D 235 -21.68 -53.59 -81.82
N GLY D 236 -22.43 -54.68 -81.77
CA GLY D 236 -23.11 -55.20 -83.04
C GLY D 236 -24.31 -54.44 -83.46
N MET D 237 -24.64 -53.49 -82.60
CA MET D 237 -25.87 -52.74 -82.68
C MET D 237 -25.83 -51.68 -83.70
N PRO D 238 -26.93 -51.24 -84.30
CA PRO D 238 -26.88 -50.31 -85.32
C PRO D 238 -26.19 -49.00 -85.13
N LYS D 239 -25.36 -48.55 -86.14
CA LYS D 239 -24.69 -47.23 -86.04
C LYS D 239 -25.67 -46.08 -86.10
N ARG D 240 -26.58 -46.15 -87.10
CA ARG D 240 -27.57 -45.22 -87.27
C ARG D 240 -28.82 -45.82 -87.91
N LEU D 241 -30.02 -45.34 -87.52
CA LEU D 241 -31.29 -45.73 -88.11
C LEU D 241 -31.90 -44.64 -88.84
N GLU D 242 -32.40 -44.89 -90.05
CA GLU D 242 -33.01 -43.80 -90.81
C GLU D 242 -34.48 -43.66 -90.54
N ASN D 243 -35.02 -42.47 -90.32
CA ASN D 243 -36.38 -42.16 -89.91
C ASN D 243 -36.83 -42.97 -88.74
N ALA D 244 -36.04 -43.09 -87.63
CA ALA D 244 -36.38 -43.90 -86.48
C ALA D 244 -37.66 -43.49 -85.73
N LYS D 245 -38.42 -44.46 -85.28
CA LYS D 245 -39.54 -44.44 -84.30
C LYS D 245 -39.02 -44.70 -82.89
N ILE D 246 -38.49 -43.61 -82.23
CA ILE D 246 -37.88 -43.67 -80.91
C ILE D 246 -38.82 -44.27 -79.88
N ALA D 247 -38.31 -45.09 -78.91
CA ALA D 247 -39.04 -45.68 -77.83
C ALA D 247 -38.55 -45.56 -76.47
N LEU D 248 -39.26 -44.52 -75.82
CA LEU D 248 -39.02 -44.04 -74.50
C LEU D 248 -39.51 -44.89 -73.38
N ILE D 249 -38.68 -45.87 -72.85
CA ILE D 249 -39.18 -46.78 -71.80
C ILE D 249 -38.81 -46.30 -70.47
N ASP D 250 -39.81 -45.73 -69.70
CA ASP D 250 -39.59 -45.46 -68.29
C ASP D 250 -39.51 -46.71 -67.51
N ALA D 251 -40.44 -47.66 -67.73
CA ALA D 251 -40.61 -49.00 -67.14
C ALA D 251 -39.34 -49.87 -67.30
N SER D 252 -38.98 -50.63 -66.28
CA SER D 252 -37.76 -51.44 -66.19
C SER D 252 -37.57 -52.60 -67.13
N LEU D 253 -36.32 -52.85 -67.65
CA LEU D 253 -36.01 -53.86 -68.62
C LEU D 253 -35.08 -54.87 -67.97
N GLU D 254 -34.89 -54.75 -66.61
CA GLU D 254 -34.00 -55.49 -65.75
C GLU D 254 -34.83 -56.37 -64.78
N VAL D 255 -34.35 -57.57 -64.55
CA VAL D 255 -35.00 -58.41 -63.57
C VAL D 255 -34.85 -57.97 -62.16
N GLU D 256 -35.88 -58.34 -61.32
CA GLU D 256 -35.72 -58.15 -59.91
C GLU D 256 -35.87 -59.47 -59.17
N LYS D 257 -34.85 -59.82 -58.42
CA LYS D 257 -34.75 -60.97 -57.55
C LYS D 257 -35.85 -61.04 -56.41
N PRO D 258 -36.37 -62.18 -55.96
CA PRO D 258 -37.35 -62.40 -54.95
C PRO D 258 -36.84 -62.02 -53.52
N GLU D 259 -35.51 -61.99 -53.33
CA GLU D 259 -34.86 -61.71 -52.10
C GLU D 259 -34.63 -60.18 -52.01
N LEU D 260 -35.13 -59.35 -52.94
CA LEU D 260 -34.92 -57.88 -52.92
C LEU D 260 -35.70 -57.26 -51.81
N ASP D 261 -36.94 -57.73 -51.51
CA ASP D 261 -37.75 -57.08 -50.47
C ASP D 261 -37.47 -57.75 -49.06
N ALA D 262 -37.37 -59.10 -49.00
CA ALA D 262 -37.05 -59.83 -47.74
C ALA D 262 -36.21 -61.03 -48.00
N GLU D 263 -35.47 -61.54 -47.00
CA GLU D 263 -34.86 -62.83 -47.26
C GLU D 263 -35.85 -63.92 -47.42
N ILE D 264 -35.61 -64.85 -48.38
CA ILE D 264 -36.49 -65.91 -48.79
C ILE D 264 -36.88 -66.94 -47.70
N ARG D 265 -38.15 -67.40 -47.81
CA ARG D 265 -38.73 -68.37 -46.82
C ARG D 265 -39.02 -69.71 -47.53
N ILE D 266 -38.72 -69.80 -48.88
CA ILE D 266 -38.76 -70.99 -49.73
C ILE D 266 -37.88 -72.10 -49.16
N ASN D 267 -38.34 -73.36 -48.98
CA ASN D 267 -37.56 -74.42 -48.35
C ASN D 267 -36.95 -75.25 -49.37
N ASP D 268 -37.58 -75.28 -50.55
CA ASP D 268 -37.23 -76.14 -51.61
C ASP D 268 -36.51 -75.28 -52.63
N PRO D 269 -35.25 -75.52 -53.09
CA PRO D 269 -34.57 -74.69 -54.13
C PRO D 269 -35.26 -74.85 -55.50
N THR D 270 -36.11 -75.83 -55.70
CA THR D 270 -36.85 -76.11 -56.97
C THR D 270 -37.78 -74.98 -57.34
N GLN D 271 -38.35 -74.50 -56.32
CA GLN D 271 -39.26 -73.40 -56.50
C GLN D 271 -38.53 -72.08 -56.89
N MET D 272 -37.37 -71.84 -56.26
CA MET D 272 -36.46 -70.75 -56.56
C MET D 272 -36.10 -70.67 -58.02
N GLN D 273 -35.42 -71.69 -58.50
CA GLN D 273 -35.14 -71.95 -59.91
C GLN D 273 -36.33 -71.60 -60.84
N LYS D 274 -37.49 -72.36 -60.81
CA LYS D 274 -38.76 -72.13 -61.56
C LYS D 274 -39.38 -70.74 -61.40
N PHE D 275 -39.01 -69.94 -60.44
CA PHE D 275 -39.36 -68.52 -60.23
C PHE D 275 -38.41 -67.66 -61.09
N LEU D 276 -37.04 -67.77 -60.99
CA LEU D 276 -36.15 -66.90 -61.76
C LEU D 276 -36.16 -67.29 -63.30
N ASP D 277 -36.59 -68.52 -63.51
CA ASP D 277 -36.75 -69.00 -64.85
C ASP D 277 -37.93 -68.32 -65.68
N GLU D 278 -39.13 -68.27 -65.06
CA GLU D 278 -40.33 -67.67 -65.61
C GLU D 278 -40.15 -66.11 -65.74
N GLU D 279 -39.35 -65.55 -64.79
CA GLU D 279 -38.91 -64.16 -64.77
C GLU D 279 -37.92 -63.75 -65.90
N GLU D 280 -37.10 -64.69 -66.40
CA GLU D 280 -36.27 -64.58 -67.53
C GLU D 280 -37.10 -64.75 -68.84
N ASN D 281 -38.16 -65.60 -68.88
CA ASN D 281 -39.05 -65.57 -70.00
C ASN D 281 -40.03 -64.44 -69.97
N LEU D 282 -40.28 -63.83 -68.82
CA LEU D 282 -41.10 -62.63 -68.72
C LEU D 282 -40.32 -61.40 -69.30
N ILE D 283 -39.00 -61.24 -69.11
CA ILE D 283 -38.31 -59.99 -69.54
C ILE D 283 -38.09 -59.93 -70.99
N LYS D 284 -37.77 -61.10 -71.67
CA LYS D 284 -37.94 -61.21 -73.11
C LYS D 284 -39.40 -61.04 -73.55
N GLU D 285 -40.42 -61.36 -72.68
CA GLU D 285 -41.81 -61.04 -73.05
C GLU D 285 -42.03 -59.55 -73.13
N LYS D 286 -41.70 -58.85 -72.04
CA LYS D 286 -41.82 -57.39 -71.95
C LYS D 286 -41.14 -56.65 -73.07
N VAL D 287 -39.89 -57.09 -73.37
CA VAL D 287 -39.11 -56.64 -74.54
C VAL D 287 -39.83 -56.88 -75.95
N ASP D 288 -40.38 -58.10 -76.27
CA ASP D 288 -41.07 -58.35 -77.53
C ASP D 288 -42.40 -57.60 -77.60
N LYS D 289 -43.05 -57.40 -76.45
CA LYS D 289 -44.20 -56.56 -76.31
C LYS D 289 -43.96 -55.09 -76.62
N ILE D 290 -42.67 -54.62 -76.52
CA ILE D 290 -42.25 -53.33 -76.90
C ILE D 290 -41.84 -53.37 -78.37
N LEU D 291 -41.12 -54.42 -78.80
CA LEU D 291 -40.72 -54.56 -80.21
C LEU D 291 -41.92 -54.81 -81.12
N ALA D 292 -43.11 -55.15 -80.47
CA ALA D 292 -44.45 -55.35 -81.11
C ALA D 292 -44.92 -54.08 -81.81
N THR D 293 -44.34 -52.90 -81.60
CA THR D 293 -44.81 -51.59 -82.11
C THR D 293 -44.01 -51.17 -83.27
N GLY D 294 -42.78 -51.72 -83.51
CA GLY D 294 -41.94 -51.34 -84.61
C GLY D 294 -40.78 -50.46 -84.29
N ALA D 295 -40.58 -50.24 -83.00
CA ALA D 295 -39.55 -49.39 -82.49
C ALA D 295 -38.18 -49.72 -82.93
N ASN D 296 -37.47 -48.85 -83.69
CA ASN D 296 -36.27 -49.22 -84.34
C ASN D 296 -35.06 -49.18 -83.45
N VAL D 297 -35.21 -48.39 -82.38
CA VAL D 297 -34.31 -48.14 -81.25
C VAL D 297 -35.14 -48.11 -79.99
N ILE D 298 -34.61 -48.40 -78.79
CA ILE D 298 -35.22 -48.46 -77.51
C ILE D 298 -34.26 -47.93 -76.43
N ILE D 299 -34.68 -46.88 -75.76
CA ILE D 299 -33.91 -46.17 -74.75
C ILE D 299 -34.77 -46.21 -73.46
N CYS D 300 -34.13 -46.41 -72.27
CA CYS D 300 -34.79 -46.52 -70.98
C CYS D 300 -34.13 -45.70 -69.95
N GLN D 301 -34.61 -45.70 -68.69
CA GLN D 301 -33.95 -44.98 -67.64
C GLN D 301 -33.41 -45.89 -66.51
N LYS D 302 -33.59 -47.18 -66.69
CA LYS D 302 -33.21 -48.30 -65.76
C LYS D 302 -32.48 -49.36 -66.51
N GLY D 303 -32.03 -50.40 -65.86
CA GLY D 303 -31.22 -51.41 -66.56
C GLY D 303 -32.00 -52.23 -67.56
N ILE D 304 -31.19 -53.11 -68.19
CA ILE D 304 -31.59 -54.19 -69.00
C ILE D 304 -30.90 -55.40 -68.53
N ASP D 305 -31.58 -56.57 -68.42
CA ASP D 305 -31.09 -57.84 -68.00
C ASP D 305 -30.03 -58.35 -69.05
N GLU D 306 -29.08 -59.20 -68.68
CA GLU D 306 -28.00 -59.74 -69.46
C GLU D 306 -28.55 -60.70 -70.49
N VAL D 307 -29.72 -61.34 -70.28
CA VAL D 307 -30.40 -62.17 -71.34
C VAL D 307 -31.17 -61.32 -72.28
N ALA D 308 -31.76 -60.20 -71.79
CA ALA D 308 -32.42 -59.18 -72.57
C ALA D 308 -31.53 -58.32 -73.38
N GLN D 309 -30.19 -58.24 -73.12
CA GLN D 309 -29.20 -57.67 -74.06
C GLN D 309 -28.95 -58.65 -75.19
N SER D 310 -28.78 -59.96 -74.91
CA SER D 310 -28.54 -61.03 -75.89
C SER D 310 -29.75 -61.16 -76.79
N TYR D 311 -30.96 -60.85 -76.31
CA TYR D 311 -32.22 -60.87 -77.06
C TYR D 311 -32.29 -59.66 -77.89
N LEU D 312 -32.00 -58.42 -77.41
CA LEU D 312 -32.00 -57.21 -78.27
C LEU D 312 -30.85 -57.24 -79.29
N ALA D 313 -29.71 -57.84 -78.97
CA ALA D 313 -28.66 -58.03 -79.92
C ALA D 313 -28.95 -58.99 -81.07
N LYS D 314 -29.54 -60.21 -80.87
CA LYS D 314 -29.82 -61.12 -81.99
C LYS D 314 -30.98 -60.74 -82.89
N LYS D 315 -31.90 -59.83 -82.29
CA LYS D 315 -32.90 -59.19 -83.08
C LYS D 315 -32.29 -57.92 -83.80
N GLY D 316 -31.19 -57.34 -83.35
CA GLY D 316 -30.46 -56.37 -84.12
C GLY D 316 -30.84 -55.01 -83.95
N VAL D 317 -31.61 -54.76 -82.96
CA VAL D 317 -32.25 -53.52 -82.49
C VAL D 317 -31.12 -52.65 -81.86
N LEU D 318 -31.35 -51.33 -81.63
CA LEU D 318 -30.49 -50.36 -81.00
C LEU D 318 -31.05 -49.98 -79.60
N ALA D 319 -30.29 -50.39 -78.55
CA ALA D 319 -30.69 -50.26 -77.17
C ALA D 319 -29.63 -49.45 -76.44
N VAL D 320 -30.17 -48.68 -75.44
CA VAL D 320 -29.38 -47.91 -74.48
C VAL D 320 -29.81 -48.25 -72.98
N ARG D 321 -28.90 -48.48 -72.11
CA ARG D 321 -29.12 -48.94 -70.77
C ARG D 321 -28.83 -47.92 -69.70
N ARG D 322 -29.80 -47.74 -68.73
CA ARG D 322 -29.67 -46.80 -67.67
C ARG D 322 -29.24 -45.38 -68.03
N ALA D 323 -29.90 -44.75 -69.01
CA ALA D 323 -29.71 -43.34 -69.39
C ALA D 323 -30.53 -42.52 -68.33
N LYS D 324 -30.47 -41.18 -68.31
CA LYS D 324 -31.25 -40.42 -67.35
C LYS D 324 -32.58 -40.03 -67.78
N LYS D 325 -33.51 -40.08 -66.82
CA LYS D 325 -34.85 -39.57 -67.07
C LYS D 325 -34.94 -38.18 -67.51
N SER D 326 -34.00 -37.31 -67.09
CA SER D 326 -33.83 -35.98 -67.61
C SER D 326 -33.76 -35.86 -69.10
N ASP D 327 -33.20 -36.79 -69.87
CA ASP D 327 -33.00 -36.71 -71.25
C ASP D 327 -34.12 -37.49 -71.90
N LEU D 328 -34.73 -38.44 -71.20
CA LEU D 328 -35.98 -39.01 -71.73
C LEU D 328 -37.07 -37.95 -71.90
N GLU D 329 -37.27 -37.02 -70.90
CA GLU D 329 -38.27 -35.96 -71.04
C GLU D 329 -37.97 -34.96 -72.23
N LYS D 330 -36.74 -34.39 -72.29
CA LYS D 330 -36.26 -33.50 -73.39
C LYS D 330 -36.37 -34.14 -74.77
N LEU D 331 -36.36 -35.53 -74.88
CA LEU D 331 -36.54 -36.36 -76.10
C LEU D 331 -37.99 -36.74 -76.38
N ALA D 332 -38.89 -36.75 -75.39
CA ALA D 332 -40.29 -36.95 -75.45
C ALA D 332 -40.90 -35.85 -76.29
N ARG D 333 -40.89 -34.67 -75.66
CA ARG D 333 -41.47 -33.54 -76.31
C ARG D 333 -40.68 -32.96 -77.47
N ALA D 334 -39.61 -33.63 -77.80
CA ALA D 334 -38.80 -33.31 -78.92
C ALA D 334 -39.01 -34.14 -80.14
N THR D 335 -39.42 -35.43 -79.94
CA THR D 335 -39.84 -36.35 -81.04
C THR D 335 -41.30 -36.58 -81.08
N GLY D 336 -42.05 -36.01 -80.12
CA GLY D 336 -43.45 -35.98 -79.97
C GLY D 336 -44.00 -37.25 -79.41
N GLY D 337 -43.15 -38.01 -78.70
CA GLY D 337 -43.68 -39.25 -77.97
C GLY D 337 -44.11 -38.87 -76.58
N ARG D 338 -44.00 -39.82 -75.74
CA ARG D 338 -44.36 -39.73 -74.30
C ARG D 338 -43.73 -40.96 -73.59
N VAL D 339 -43.28 -40.80 -72.32
CA VAL D 339 -42.68 -41.93 -71.66
C VAL D 339 -43.50 -43.18 -71.32
N VAL D 340 -43.05 -44.35 -71.64
CA VAL D 340 -43.71 -45.64 -71.34
C VAL D 340 -43.44 -45.96 -69.91
N SER D 341 -44.42 -45.52 -69.08
CA SER D 341 -44.40 -45.83 -67.63
C SER D 341 -44.86 -47.26 -67.31
N ASN D 342 -45.59 -47.95 -68.20
CA ASN D 342 -46.13 -49.28 -67.90
C ASN D 342 -46.05 -50.09 -69.19
N ILE D 343 -45.37 -51.26 -69.25
CA ILE D 343 -45.30 -52.12 -70.47
C ILE D 343 -46.65 -52.48 -71.14
N ASP D 344 -47.78 -52.62 -70.40
CA ASP D 344 -49.09 -52.81 -70.94
C ASP D 344 -49.76 -51.58 -71.46
N GLU D 345 -49.03 -50.50 -71.64
CA GLU D 345 -49.49 -49.19 -72.12
C GLU D 345 -48.68 -48.61 -73.33
N ILE D 346 -47.56 -49.27 -73.79
CA ILE D 346 -46.78 -48.72 -74.86
C ILE D 346 -47.60 -48.81 -76.19
N SER D 347 -47.73 -47.70 -76.97
CA SER D 347 -48.53 -47.60 -78.15
C SER D 347 -47.97 -46.59 -79.03
N GLU D 348 -48.75 -46.28 -80.13
CA GLU D 348 -48.23 -45.32 -81.19
C GLU D 348 -47.99 -43.84 -80.67
N GLN D 349 -48.71 -43.40 -79.63
CA GLN D 349 -48.44 -42.07 -79.10
C GLN D 349 -47.15 -41.94 -78.27
N ASP D 350 -46.73 -43.06 -77.66
CA ASP D 350 -45.68 -43.04 -76.68
C ASP D 350 -44.34 -43.10 -77.30
N LEU D 351 -44.25 -43.69 -78.53
CA LEU D 351 -43.03 -43.68 -79.40
C LEU D 351 -42.94 -42.35 -80.21
N GLY D 352 -41.73 -41.85 -80.57
CA GLY D 352 -41.62 -40.53 -81.22
C GLY D 352 -41.02 -40.69 -82.57
N TYR D 353 -40.83 -39.61 -83.32
CA TYR D 353 -40.25 -39.65 -84.64
C TYR D 353 -39.08 -38.71 -84.87
N ALA D 354 -38.02 -39.14 -85.60
CA ALA D 354 -36.85 -38.38 -85.86
C ALA D 354 -36.20 -38.87 -87.13
N SER D 355 -35.63 -37.90 -87.89
CA SER D 355 -35.02 -38.28 -89.17
C SER D 355 -33.78 -39.24 -89.11
N LEU D 356 -32.92 -39.16 -88.02
CA LEU D 356 -31.76 -39.98 -87.83
C LEU D 356 -31.37 -40.03 -86.40
N ILE D 357 -31.16 -41.18 -85.87
CA ILE D 357 -30.53 -41.32 -84.51
C ILE D 357 -29.11 -41.88 -84.92
N GLU D 358 -28.03 -41.49 -84.21
CA GLU D 358 -26.67 -42.02 -84.35
C GLU D 358 -25.92 -41.99 -83.00
N GLU D 359 -24.69 -42.57 -82.90
CA GLU D 359 -23.96 -42.48 -81.65
C GLU D 359 -22.52 -42.21 -82.02
N ARG D 360 -22.08 -41.04 -81.51
CA ARG D 360 -20.78 -40.46 -81.87
C ARG D 360 -19.87 -40.31 -80.65
N LYS D 361 -18.65 -40.79 -80.68
CA LYS D 361 -17.73 -40.48 -79.59
C LYS D 361 -17.21 -38.99 -79.54
N VAL D 362 -17.19 -38.47 -78.30
CA VAL D 362 -16.80 -37.05 -78.14
C VAL D 362 -16.02 -37.04 -76.84
N GLY D 363 -14.67 -36.97 -76.95
CA GLY D 363 -13.73 -37.05 -75.81
C GLY D 363 -13.33 -38.50 -75.54
N GLU D 364 -13.75 -39.08 -74.37
CA GLU D 364 -13.63 -40.50 -74.12
C GLU D 364 -15.07 -41.08 -74.06
N ASP D 365 -16.18 -40.31 -74.02
CA ASP D 365 -17.50 -40.74 -73.80
C ASP D 365 -18.21 -40.87 -75.17
N LYS D 366 -19.05 -41.89 -75.30
CA LYS D 366 -19.77 -42.06 -76.47
C LYS D 366 -21.28 -41.58 -76.21
N MET D 367 -21.77 -40.62 -77.09
CA MET D 367 -23.08 -40.07 -76.86
C MET D 367 -24.01 -40.24 -78.09
N VAL D 368 -25.33 -40.36 -77.79
CA VAL D 368 -26.29 -40.58 -78.83
C VAL D 368 -26.84 -39.26 -79.37
N PHE D 369 -27.10 -39.01 -80.65
CA PHE D 369 -27.66 -37.79 -81.19
C PHE D 369 -29.03 -38.11 -81.82
N VAL D 370 -30.00 -37.13 -81.82
CA VAL D 370 -31.38 -37.34 -82.31
C VAL D 370 -31.74 -36.19 -83.16
N GLU D 371 -30.92 -36.10 -84.23
CA GLU D 371 -31.09 -35.06 -85.20
C GLU D 371 -32.35 -35.22 -86.10
N GLY D 372 -32.82 -34.05 -86.66
CA GLY D 372 -34.06 -33.99 -87.50
C GLY D 372 -35.32 -34.46 -86.85
N ALA D 373 -35.60 -34.14 -85.58
CA ALA D 373 -36.73 -34.51 -84.76
C ALA D 373 -37.98 -33.65 -85.03
N LYS D 374 -39.13 -34.12 -84.54
CA LYS D 374 -40.47 -33.55 -84.78
C LYS D 374 -40.65 -32.11 -84.39
N ASN D 375 -39.82 -31.64 -83.47
CA ASN D 375 -39.66 -30.32 -82.96
C ASN D 375 -38.40 -29.72 -83.46
N PRO D 376 -38.39 -28.63 -84.18
CA PRO D 376 -37.18 -27.99 -84.69
C PRO D 376 -36.48 -27.12 -83.58
N LYS D 377 -37.37 -26.55 -82.74
CA LYS D 377 -37.09 -25.61 -81.71
C LYS D 377 -36.10 -26.21 -80.80
N SER D 378 -36.37 -27.50 -80.35
CA SER D 378 -35.53 -28.11 -79.30
C SER D 378 -34.09 -28.48 -79.72
N ILE D 379 -33.09 -27.80 -79.20
CA ILE D 379 -31.71 -27.98 -79.61
C ILE D 379 -30.75 -28.06 -78.41
N SER D 380 -29.49 -28.31 -78.74
CA SER D 380 -28.46 -28.50 -77.77
C SER D 380 -27.28 -27.76 -78.16
N ILE D 381 -26.34 -27.43 -77.19
CA ILE D 381 -25.03 -26.90 -77.51
C ILE D 381 -23.94 -27.84 -77.01
N LEU D 382 -22.84 -28.00 -77.76
CA LEU D 382 -21.75 -28.93 -77.33
C LEU D 382 -20.44 -28.27 -77.06
N ILE D 383 -19.95 -28.25 -75.79
CA ILE D 383 -18.76 -27.59 -75.37
C ILE D 383 -17.61 -28.53 -75.30
N ARG D 384 -16.40 -28.12 -75.72
CA ARG D 384 -15.25 -29.00 -75.73
C ARG D 384 -14.05 -28.04 -75.54
N GLY D 385 -12.83 -28.58 -75.40
CA GLY D 385 -11.66 -27.82 -75.10
C GLY D 385 -11.58 -27.39 -73.62
N GLY D 386 -10.60 -26.50 -73.25
CA GLY D 386 -10.49 -26.03 -71.84
C GLY D 386 -10.19 -27.21 -70.86
N LEU D 387 -10.43 -26.93 -69.56
CA LEU D 387 -10.10 -27.89 -68.47
C LEU D 387 -11.31 -28.02 -67.58
N GLU D 388 -11.39 -29.03 -66.64
CA GLU D 388 -12.52 -29.49 -65.86
C GLU D 388 -13.27 -28.50 -65.04
N ARG D 389 -12.64 -27.34 -64.73
CA ARG D 389 -13.26 -26.22 -63.96
C ARG D 389 -13.52 -25.07 -64.96
N LEU D 390 -12.67 -24.89 -65.98
CA LEU D 390 -12.87 -23.94 -67.00
C LEU D 390 -14.11 -24.14 -67.87
N VAL D 391 -14.36 -25.44 -68.17
CA VAL D 391 -15.47 -25.83 -69.01
C VAL D 391 -16.82 -25.53 -68.41
N ASP D 392 -16.96 -25.78 -67.11
CA ASP D 392 -18.02 -25.45 -66.18
C ASP D 392 -18.27 -23.94 -66.11
N GLU D 393 -17.20 -23.08 -66.03
CA GLU D 393 -17.36 -21.57 -66.08
C GLU D 393 -17.65 -21.06 -67.50
N THR D 394 -17.31 -21.81 -68.61
CA THR D 394 -17.67 -21.53 -69.97
C THR D 394 -19.16 -21.79 -70.24
N GLU D 395 -19.70 -22.80 -69.46
CA GLU D 395 -21.14 -23.12 -69.52
C GLU D 395 -21.98 -22.02 -68.89
N ARG D 396 -21.43 -21.39 -67.77
CA ARG D 396 -22.14 -20.31 -67.06
C ARG D 396 -22.20 -19.09 -67.91
N ALA D 397 -21.02 -18.67 -68.37
CA ALA D 397 -20.89 -17.58 -69.32
C ALA D 397 -21.81 -17.74 -70.56
N LEU D 398 -21.91 -18.99 -71.12
CA LEU D 398 -22.72 -19.28 -72.32
C LEU D 398 -24.18 -19.21 -72.11
N ARG D 399 -24.63 -19.66 -70.93
CA ARG D 399 -26.00 -19.50 -70.41
C ARG D 399 -26.36 -18.04 -70.32
N ASP D 400 -25.46 -17.22 -69.69
CA ASP D 400 -25.70 -15.87 -69.45
C ASP D 400 -25.80 -15.09 -70.80
N ALA D 401 -24.87 -15.37 -71.69
CA ALA D 401 -24.75 -14.86 -73.11
C ALA D 401 -26.06 -15.16 -73.82
N LEU D 402 -26.63 -16.39 -73.66
CA LEU D 402 -27.91 -16.75 -74.24
C LEU D 402 -29.04 -15.96 -73.66
N GLY D 403 -29.26 -15.97 -72.27
CA GLY D 403 -30.30 -15.13 -71.61
C GLY D 403 -30.37 -13.75 -72.17
N THR D 404 -29.17 -13.11 -72.08
CA THR D 404 -28.98 -11.78 -72.54
C THR D 404 -29.34 -11.48 -73.94
N VAL D 405 -28.86 -12.28 -74.88
CA VAL D 405 -29.26 -12.17 -76.32
C VAL D 405 -30.75 -12.38 -76.59
N ALA D 406 -31.37 -13.39 -75.94
CA ALA D 406 -32.84 -13.71 -76.07
C ALA D 406 -33.71 -12.51 -75.55
N ASP D 407 -33.25 -11.76 -74.54
CA ASP D 407 -34.00 -10.59 -73.97
C ASP D 407 -34.06 -9.43 -74.92
N VAL D 408 -33.01 -9.24 -75.75
CA VAL D 408 -32.91 -8.28 -76.80
C VAL D 408 -34.00 -8.49 -77.88
N ILE D 409 -34.36 -9.79 -78.22
CA ILE D 409 -35.47 -10.23 -79.08
C ILE D 409 -36.79 -10.07 -78.33
N LYS D 410 -36.78 -10.48 -77.06
CA LYS D 410 -37.98 -10.37 -76.24
C LYS D 410 -38.51 -9.02 -76.05
N ASP D 411 -37.69 -7.96 -76.00
CA ASP D 411 -38.04 -6.60 -76.05
C ASP D 411 -37.88 -5.92 -77.45
N GLY D 412 -36.68 -5.64 -77.95
CA GLY D 412 -36.34 -5.10 -79.24
C GLY D 412 -35.68 -3.84 -79.14
N ARG D 413 -35.15 -3.38 -78.00
CA ARG D 413 -34.40 -2.17 -77.83
C ARG D 413 -32.99 -2.43 -77.38
N ALA D 414 -31.95 -1.70 -77.90
CA ALA D 414 -30.57 -1.84 -77.47
C ALA D 414 -29.67 -0.47 -77.55
N ILE D 415 -28.90 -0.21 -76.48
CA ILE D 415 -28.11 1.02 -76.48
C ILE D 415 -26.62 0.72 -76.43
N ALA D 416 -25.66 1.69 -76.67
CA ALA D 416 -24.18 1.56 -76.66
C ALA D 416 -23.72 1.56 -75.14
N GLY D 417 -22.90 0.57 -74.73
CA GLY D 417 -22.25 0.41 -73.45
C GLY D 417 -21.12 1.41 -73.29
N GLY D 418 -20.20 1.18 -72.36
CA GLY D 418 -19.07 2.06 -72.17
C GLY D 418 -19.35 3.47 -71.64
N GLY D 419 -20.47 3.61 -70.85
CA GLY D 419 -20.89 4.92 -70.29
C GLY D 419 -21.56 5.88 -71.24
N ALA D 420 -21.71 5.50 -72.48
CA ALA D 420 -22.24 6.35 -73.49
C ALA D 420 -23.56 6.92 -73.24
N VAL D 421 -24.63 6.09 -73.01
CA VAL D 421 -25.93 6.62 -72.66
C VAL D 421 -26.02 7.32 -71.23
N GLU D 422 -25.11 6.78 -70.31
CA GLU D 422 -24.93 7.21 -68.94
C GLU D 422 -24.55 8.69 -68.93
N ILE D 423 -23.43 9.09 -69.53
CA ILE D 423 -23.04 10.48 -69.71
C ILE D 423 -24.15 11.46 -70.34
N GLU D 424 -24.92 10.85 -71.25
CA GLU D 424 -25.90 11.54 -71.97
C GLU D 424 -27.04 11.96 -71.04
N ILE D 425 -27.60 10.96 -70.31
CA ILE D 425 -28.56 11.30 -69.23
C ILE D 425 -28.01 12.21 -68.24
N ALA D 426 -26.64 12.26 -67.97
CA ALA D 426 -26.07 13.22 -66.97
C ALA D 426 -26.18 14.62 -67.54
N LYS D 427 -25.37 14.93 -68.57
CA LYS D 427 -25.35 16.15 -69.33
C LYS D 427 -26.64 16.88 -69.60
N LYS D 428 -27.59 16.14 -70.23
CA LYS D 428 -28.88 16.55 -70.56
C LYS D 428 -29.77 16.99 -69.33
N LEU D 429 -29.55 16.27 -68.17
CA LEU D 429 -30.13 16.50 -66.92
C LEU D 429 -29.64 17.73 -66.28
N ARG D 430 -28.33 18.06 -66.44
CA ARG D 430 -27.71 19.28 -65.97
C ARG D 430 -28.35 20.55 -66.58
N LYS D 431 -28.51 20.52 -67.88
CA LYS D 431 -29.29 21.41 -68.57
C LYS D 431 -30.73 21.48 -68.33
N TYR D 432 -31.33 20.38 -67.90
CA TYR D 432 -32.75 20.37 -67.52
C TYR D 432 -33.02 21.00 -66.20
N ALA D 433 -32.19 20.58 -65.19
CA ALA D 433 -32.15 20.91 -63.73
C ALA D 433 -32.65 22.42 -63.40
N PRO D 434 -32.09 23.53 -63.91
CA PRO D 434 -32.65 24.86 -63.77
C PRO D 434 -34.12 25.04 -63.77
N GLN D 435 -34.91 24.41 -64.63
CA GLN D 435 -36.29 24.75 -64.80
C GLN D 435 -37.20 24.05 -63.87
N VAL D 436 -36.77 22.94 -63.30
CA VAL D 436 -37.59 22.09 -62.40
C VAL D 436 -38.10 22.68 -61.09
N GLY D 437 -37.21 23.32 -60.29
CA GLY D 437 -37.74 23.98 -59.09
C GLY D 437 -36.62 24.59 -58.29
N GLY D 438 -36.94 25.09 -57.06
CA GLY D 438 -36.01 25.78 -56.12
C GLY D 438 -34.79 24.99 -55.66
N LYS D 439 -35.10 24.27 -54.50
CA LYS D 439 -34.21 23.38 -53.74
C LYS D 439 -33.89 22.18 -54.56
N GLU D 440 -34.95 21.64 -55.17
CA GLU D 440 -34.89 20.61 -56.10
C GLU D 440 -33.87 20.66 -57.23
N GLN D 441 -33.45 21.80 -57.66
CA GLN D 441 -32.39 22.01 -58.64
C GLN D 441 -31.13 21.27 -58.26
N LEU D 442 -30.63 21.56 -57.05
CA LEU D 442 -29.55 20.83 -56.32
C LEU D 442 -29.83 19.34 -56.21
N ALA D 443 -31.02 18.91 -55.92
CA ALA D 443 -31.38 17.49 -55.75
C ALA D 443 -31.18 16.71 -57.12
N VAL D 444 -31.69 17.34 -58.23
CA VAL D 444 -31.51 16.93 -59.67
C VAL D 444 -30.05 16.93 -60.10
N GLU D 445 -29.36 17.99 -59.83
CA GLU D 445 -27.94 18.13 -60.11
C GLU D 445 -27.09 17.05 -59.45
N ALA D 446 -27.52 16.65 -58.26
CA ALA D 446 -27.03 15.54 -57.46
C ALA D 446 -27.21 14.26 -58.12
N TYR D 447 -28.46 13.96 -58.51
CA TYR D 447 -28.97 12.86 -59.36
C TYR D 447 -28.08 12.61 -60.57
N ALA D 448 -27.66 13.73 -61.18
CA ALA D 448 -26.75 13.71 -62.31
C ALA D 448 -25.28 13.24 -61.94
N ASN D 449 -24.71 13.87 -60.88
CA ASN D 449 -23.38 13.59 -60.33
C ASN D 449 -23.16 12.15 -60.00
N ALA D 450 -24.17 11.56 -59.31
CA ALA D 450 -24.19 10.14 -58.97
C ALA D 450 -24.08 9.25 -60.23
N LEU D 451 -24.78 9.67 -61.30
CA LEU D 451 -24.76 8.98 -62.57
C LEU D 451 -23.44 9.06 -63.34
N GLU D 452 -22.71 10.17 -63.26
CA GLU D 452 -21.41 10.33 -63.74
C GLU D 452 -20.34 9.63 -62.93
N SER D 453 -20.51 9.61 -61.61
CA SER D 453 -19.64 8.91 -60.72
C SER D 453 -19.50 7.47 -61.11
N LEU D 454 -20.55 6.75 -61.58
CA LEU D 454 -20.59 5.36 -62.08
C LEU D 454 -19.63 5.12 -63.18
N VAL D 455 -19.56 5.90 -64.21
CA VAL D 455 -18.56 5.74 -65.27
C VAL D 455 -17.11 6.06 -64.83
N SER D 456 -16.88 6.91 -63.91
CA SER D 456 -15.61 7.27 -63.19
C SER D 456 -15.03 6.12 -62.36
N ILE D 457 -15.89 5.40 -61.60
CA ILE D 457 -15.50 4.22 -60.92
C ILE D 457 -14.96 3.15 -61.87
N LEU D 458 -15.65 2.99 -63.02
CA LEU D 458 -15.30 2.14 -64.08
C LEU D 458 -13.96 2.49 -64.68
N ILE D 459 -13.72 3.80 -64.98
CA ILE D 459 -12.43 4.37 -65.43
C ILE D 459 -11.39 4.09 -64.41
N GLU D 460 -11.60 4.40 -63.09
CA GLU D 460 -10.68 4.16 -61.97
C GLU D 460 -10.00 2.77 -62.05
N ASN D 461 -10.87 1.73 -62.02
CA ASN D 461 -10.47 0.33 -62.16
C ASN D 461 -9.72 -0.11 -63.46
N ALA D 462 -9.77 0.76 -64.49
CA ALA D 462 -9.06 0.58 -65.72
C ALA D 462 -7.67 1.14 -65.63
N GLY D 463 -7.38 2.11 -64.73
CA GLY D 463 -6.02 2.68 -64.45
C GLY D 463 -5.76 4.08 -65.00
N PHE D 464 -6.73 4.70 -65.66
CA PHE D 464 -6.60 6.10 -66.26
C PHE D 464 -7.10 7.09 -65.23
N ASP D 465 -6.82 8.40 -65.34
CA ASP D 465 -7.16 9.36 -64.36
C ASP D 465 -8.65 9.78 -64.47
N PRO D 466 -9.63 9.63 -63.50
CA PRO D 466 -11.06 9.94 -63.57
C PRO D 466 -11.48 11.24 -64.00
N ILE D 467 -10.92 12.32 -63.48
CA ILE D 467 -11.43 13.67 -63.88
C ILE D 467 -11.19 14.04 -65.37
N ASP D 468 -9.89 13.88 -65.74
CA ASP D 468 -9.26 14.03 -66.96
C ASP D 468 -9.96 13.32 -68.05
N LEU D 469 -10.15 11.96 -67.96
CA LEU D 469 -10.86 11.22 -68.94
C LEU D 469 -12.35 11.59 -69.08
N LEU D 470 -13.02 11.78 -67.90
CA LEU D 470 -14.45 12.21 -67.97
C LEU D 470 -14.70 13.57 -68.72
N MET D 471 -13.98 14.61 -68.42
CA MET D 471 -14.17 15.87 -69.16
C MET D 471 -13.77 15.79 -70.62
N LYS D 472 -12.58 15.18 -70.97
CA LYS D 472 -12.20 14.90 -72.31
C LYS D 472 -13.19 14.03 -73.06
N LEU D 473 -14.09 13.22 -72.39
CA LEU D 473 -15.13 12.46 -73.01
C LEU D 473 -16.41 13.30 -73.16
N ARG D 474 -16.86 13.89 -72.03
CA ARG D 474 -18.13 14.53 -71.99
C ARG D 474 -18.26 15.81 -72.90
N SER D 475 -17.11 16.29 -73.42
CA SER D 475 -16.93 17.35 -74.42
C SER D 475 -16.98 16.80 -75.83
N THR D 476 -16.32 15.63 -76.07
CA THR D 476 -16.35 14.89 -77.33
C THR D 476 -17.75 14.23 -77.53
N HIS D 477 -18.69 14.57 -76.64
CA HIS D 477 -20.02 14.13 -76.66
C HIS D 477 -20.99 15.10 -76.12
N GLU D 478 -20.62 16.40 -76.25
CA GLU D 478 -21.49 17.51 -75.92
C GLU D 478 -22.71 17.62 -76.80
N ASN D 479 -22.53 17.37 -78.10
CA ASN D 479 -23.60 17.37 -79.06
C ASN D 479 -24.02 15.99 -79.52
N GLU D 480 -25.23 16.02 -80.13
CA GLU D 480 -26.10 14.96 -80.65
C GLU D 480 -25.43 13.84 -81.37
N ASN D 481 -24.69 14.17 -82.41
CA ASN D 481 -24.07 13.28 -83.40
C ASN D 481 -22.93 12.39 -82.95
N ASN D 482 -22.39 12.61 -81.77
CA ASN D 482 -21.42 11.74 -81.06
C ASN D 482 -22.14 10.80 -80.15
N LYS D 483 -23.41 10.45 -80.47
CA LYS D 483 -24.48 9.64 -79.87
C LYS D 483 -23.96 8.57 -79.02
N TRP D 484 -23.07 7.70 -79.50
CA TRP D 484 -22.50 6.54 -78.87
C TRP D 484 -21.03 6.71 -78.55
N TYR D 485 -20.54 7.92 -78.22
CA TYR D 485 -19.19 8.04 -77.64
C TYR D 485 -19.17 7.67 -76.23
N GLY D 486 -18.16 6.90 -75.90
CA GLY D 486 -17.89 6.45 -74.62
C GLY D 486 -16.42 6.36 -74.25
N ILE D 487 -16.08 5.50 -73.22
CA ILE D 487 -14.67 5.18 -72.78
C ILE D 487 -14.20 3.77 -72.95
N ASP D 488 -13.29 3.55 -73.96
CA ASP D 488 -12.53 2.33 -74.05
C ASP D 488 -11.58 2.03 -72.83
N LEU D 489 -11.99 0.98 -72.07
CA LEU D 489 -11.25 0.58 -70.92
C LEU D 489 -9.91 0.07 -71.17
N TYR D 490 -9.49 -0.25 -72.41
CA TYR D 490 -8.12 -0.75 -72.67
C TYR D 490 -7.26 0.28 -73.46
N ALA D 491 -7.84 1.03 -74.36
CA ALA D 491 -7.12 2.08 -75.02
C ALA D 491 -7.00 3.35 -74.31
N GLY D 492 -7.94 3.71 -73.45
CA GLY D 492 -7.82 4.99 -72.72
C GLY D 492 -7.93 6.21 -73.63
N GLN D 493 -9.10 6.38 -74.29
CA GLN D 493 -9.45 7.50 -75.12
C GLN D 493 -10.95 7.43 -75.62
N PRO D 494 -11.63 8.49 -75.71
CA PRO D 494 -13.02 8.45 -76.10
C PRO D 494 -13.25 7.93 -77.48
N VAL D 495 -14.08 6.91 -77.67
CA VAL D 495 -14.34 6.47 -79.02
C VAL D 495 -15.84 6.05 -79.17
N ASP D 496 -16.33 5.76 -80.36
CA ASP D 496 -17.66 5.36 -80.66
C ASP D 496 -17.80 3.89 -80.24
N MET D 497 -18.52 3.50 -79.17
CA MET D 497 -18.64 2.15 -78.64
C MET D 497 -19.42 1.23 -79.57
N TRP D 498 -20.51 1.74 -80.18
CA TRP D 498 -21.33 1.05 -81.13
C TRP D 498 -20.54 0.36 -82.26
N GLN D 499 -19.77 1.17 -82.93
CA GLN D 499 -18.79 0.76 -83.92
C GLN D 499 -17.48 0.13 -83.35
N LYS D 500 -17.55 -0.54 -82.19
CA LYS D 500 -16.44 -1.23 -81.51
C LYS D 500 -16.98 -2.42 -80.75
N GLY D 501 -18.25 -2.76 -81.13
CA GLY D 501 -18.97 -3.92 -80.72
C GLY D 501 -19.58 -3.90 -79.30
N VAL D 502 -19.69 -2.73 -78.59
CA VAL D 502 -20.31 -2.71 -77.27
C VAL D 502 -21.70 -2.20 -77.22
N ILE D 503 -22.74 -3.09 -77.29
CA ILE D 503 -24.15 -2.65 -77.19
C ILE D 503 -24.81 -3.50 -76.06
N GLU D 504 -25.90 -3.14 -75.39
CA GLU D 504 -26.58 -3.85 -74.30
C GLU D 504 -28.11 -3.68 -74.28
N PRO D 505 -28.91 -4.61 -73.77
CA PRO D 505 -30.34 -4.48 -73.69
C PRO D 505 -30.82 -3.16 -72.92
N ALA D 506 -31.40 -2.14 -73.61
CA ALA D 506 -31.87 -0.87 -73.10
C ALA D 506 -33.02 -0.99 -72.05
N LEU D 507 -33.62 -2.18 -71.77
CA LEU D 507 -34.60 -2.33 -70.66
C LEU D 507 -33.99 -2.75 -69.43
N VAL D 508 -32.97 -3.67 -69.48
CA VAL D 508 -32.15 -4.08 -68.42
C VAL D 508 -31.44 -2.93 -67.73
N LYS D 509 -30.74 -2.01 -68.48
CA LYS D 509 -30.10 -0.80 -67.90
C LYS D 509 -31.08 0.32 -67.58
N MET D 510 -32.44 0.13 -67.61
CA MET D 510 -33.42 1.13 -67.26
C MET D 510 -34.07 0.70 -65.95
N ASN D 511 -34.41 -0.61 -65.82
CA ASN D 511 -35.08 -1.11 -64.62
C ASN D 511 -34.05 -1.19 -63.50
N ALA D 512 -32.73 -1.34 -63.89
CA ALA D 512 -31.64 -1.18 -62.85
C ALA D 512 -31.67 0.17 -62.13
N ILE D 513 -31.70 1.32 -62.89
CA ILE D 513 -31.84 2.65 -62.40
C ILE D 513 -33.06 2.85 -61.55
N LYS D 514 -34.19 2.33 -62.02
CA LYS D 514 -35.46 2.39 -61.43
C LYS D 514 -35.54 1.66 -60.12
N ALA D 515 -34.92 0.47 -60.10
CA ALA D 515 -34.70 -0.31 -58.91
C ALA D 515 -33.92 0.32 -57.80
N ALA D 516 -32.73 0.70 -58.15
CA ALA D 516 -31.78 1.39 -57.35
C ALA D 516 -32.41 2.62 -56.59
N THR D 517 -33.18 3.53 -57.34
CA THR D 517 -33.84 4.65 -56.78
C THR D 517 -34.95 4.27 -55.87
N GLU D 518 -35.63 3.14 -56.10
CA GLU D 518 -36.61 2.63 -55.23
C GLU D 518 -35.98 2.38 -53.89
N ALA D 519 -34.97 1.53 -53.89
CA ALA D 519 -34.22 1.16 -52.66
C ALA D 519 -33.59 2.39 -51.91
N ALA D 520 -32.79 3.17 -52.66
CA ALA D 520 -32.17 4.43 -52.14
C ALA D 520 -33.12 5.26 -51.48
N THR D 521 -34.22 5.62 -52.14
CA THR D 521 -35.19 6.48 -51.49
C THR D 521 -36.00 5.91 -50.31
N LEU D 522 -36.14 4.54 -50.22
CA LEU D 522 -36.70 3.85 -49.12
C LEU D 522 -35.81 4.00 -47.85
N VAL D 523 -34.52 3.93 -47.98
CA VAL D 523 -33.59 4.15 -46.81
C VAL D 523 -33.60 5.61 -46.32
N LEU D 524 -33.66 6.60 -47.28
CA LEU D 524 -33.74 7.93 -46.89
C LEU D 524 -35.10 8.24 -46.21
N ARG D 525 -36.15 7.54 -46.63
CA ARG D 525 -37.52 7.62 -46.06
C ARG D 525 -37.73 7.20 -44.61
N ILE D 526 -36.87 6.30 -44.16
CA ILE D 526 -36.95 5.82 -42.79
C ILE D 526 -36.61 6.85 -41.69
N ASP D 527 -37.56 7.33 -40.84
CA ASP D 527 -37.33 8.24 -39.76
C ASP D 527 -36.63 7.71 -38.61
N ASP D 528 -37.07 6.55 -38.15
CA ASP D 528 -36.44 5.88 -36.98
C ASP D 528 -36.77 4.40 -37.03
N VAL D 529 -36.11 3.62 -36.18
CA VAL D 529 -36.24 2.26 -35.96
C VAL D 529 -36.66 2.02 -34.55
N VAL D 530 -37.80 1.35 -34.28
CA VAL D 530 -38.10 0.88 -32.97
C VAL D 530 -37.92 -0.61 -32.97
N SER D 531 -37.08 -1.04 -32.07
CA SER D 531 -36.65 -2.46 -31.96
C SER D 531 -37.36 -3.08 -30.88
N ALA D 532 -38.11 -4.19 -31.07
CA ALA D 532 -38.77 -5.02 -30.09
C ALA D 532 -37.85 -5.99 -29.32
N GLY E 28 -47.73 17.26 -5.20
CA GLY E 28 -47.88 18.08 -6.38
C GLY E 28 -47.04 17.59 -7.50
N LYS E 29 -45.97 18.26 -7.98
CA LYS E 29 -45.07 17.92 -9.11
C LYS E 29 -44.63 16.50 -9.19
N GLU E 30 -44.44 15.85 -8.04
CA GLU E 30 -43.96 14.48 -7.90
C GLU E 30 -44.22 13.37 -8.92
N ALA E 31 -45.41 12.79 -8.93
CA ALA E 31 -45.71 11.76 -9.89
C ALA E 31 -46.18 12.37 -11.27
N VAL E 32 -46.93 13.51 -11.25
CA VAL E 32 -47.36 14.33 -12.31
C VAL E 32 -46.37 14.72 -13.42
N ARG E 33 -45.02 14.99 -13.16
CA ARG E 33 -44.01 15.38 -14.15
C ARG E 33 -43.78 14.26 -15.04
N ALA E 34 -43.55 13.08 -14.42
CA ALA E 34 -43.46 11.80 -15.14
C ALA E 34 -44.67 11.57 -15.98
N ASN E 35 -45.91 11.70 -15.45
CA ASN E 35 -47.14 11.50 -16.28
C ASN E 35 -47.11 12.38 -17.59
N ILE E 36 -46.89 13.81 -17.58
CA ILE E 36 -46.65 14.69 -18.71
C ILE E 36 -45.57 14.10 -19.48
N ALA E 37 -44.35 13.89 -18.94
CA ALA E 37 -43.15 13.35 -19.61
C ALA E 37 -43.48 12.21 -20.54
N ALA E 38 -44.11 11.14 -20.00
CA ALA E 38 -44.67 9.92 -20.65
C ALA E 38 -45.63 10.17 -21.81
N VAL E 39 -46.64 11.03 -21.53
CA VAL E 39 -47.63 11.52 -22.50
C VAL E 39 -46.94 12.22 -23.64
N LYS E 40 -46.09 13.24 -23.37
CA LYS E 40 -45.21 13.98 -24.24
C LYS E 40 -44.36 13.04 -25.11
N ALA E 41 -43.81 11.95 -24.56
CA ALA E 41 -43.02 10.86 -25.21
C ALA E 41 -43.80 10.20 -26.34
N VAL E 42 -45.06 9.78 -26.09
CA VAL E 42 -45.94 9.25 -27.09
C VAL E 42 -46.14 10.24 -28.23
N GLU E 43 -46.35 11.55 -27.98
CA GLU E 43 -46.53 12.58 -28.97
C GLU E 43 -45.35 12.72 -29.97
N GLU E 44 -44.16 12.81 -29.34
CA GLU E 44 -42.84 12.77 -29.94
C GLU E 44 -42.55 11.49 -30.74
N ALA E 45 -43.46 10.45 -30.74
CA ALA E 45 -43.28 9.20 -31.53
C ALA E 45 -43.95 9.31 -32.84
N LEU E 46 -44.99 10.19 -32.94
CA LEU E 46 -45.73 10.35 -34.14
C LEU E 46 -45.51 11.66 -34.80
N LYS E 47 -45.18 12.74 -34.14
CA LYS E 47 -45.04 14.06 -34.71
C LYS E 47 -44.50 14.09 -36.17
N SER E 48 -43.29 13.53 -36.43
CA SER E 48 -42.60 13.49 -37.70
C SER E 48 -43.20 12.48 -38.72
N THR E 49 -44.33 11.81 -38.43
CA THR E 49 -45.00 10.85 -39.21
C THR E 49 -46.44 11.39 -39.44
N TYR E 50 -46.73 12.56 -38.90
CA TYR E 50 -48.00 13.26 -39.16
C TYR E 50 -48.07 13.90 -40.64
N GLY E 51 -49.23 13.64 -41.25
CA GLY E 51 -49.50 14.11 -42.60
C GLY E 51 -48.97 13.16 -43.63
N PRO E 52 -49.11 13.48 -44.90
CA PRO E 52 -48.68 12.62 -45.99
C PRO E 52 -47.30 12.84 -46.43
N ARG E 53 -46.80 13.99 -46.00
CA ARG E 53 -45.46 14.35 -46.30
C ARG E 53 -44.53 13.99 -45.06
N GLY E 54 -45.11 13.35 -44.06
CA GLY E 54 -44.36 12.87 -42.93
C GLY E 54 -43.55 11.61 -43.33
N MET E 55 -42.48 11.28 -42.60
CA MET E 55 -41.66 10.10 -42.94
C MET E 55 -42.26 8.81 -42.24
N ASP E 56 -41.85 7.61 -42.71
CA ASP E 56 -42.28 6.29 -42.20
C ASP E 56 -41.25 5.81 -41.08
N LYS E 57 -41.78 5.17 -40.08
CA LYS E 57 -40.98 4.55 -39.07
C LYS E 57 -40.96 3.07 -39.12
N MET E 58 -39.82 2.49 -38.80
CA MET E 58 -39.54 1.06 -38.94
C MET E 58 -39.60 0.32 -37.65
N LEU E 59 -40.19 -0.89 -37.68
CA LEU E 59 -40.46 -1.73 -36.48
C LEU E 59 -39.91 -3.11 -36.73
N VAL E 60 -38.91 -3.53 -35.90
CA VAL E 60 -38.12 -4.78 -36.10
C VAL E 60 -38.53 -5.75 -35.03
N ASP E 61 -39.21 -6.82 -35.36
CA ASP E 61 -39.71 -7.88 -34.49
C ASP E 61 -38.56 -8.79 -33.90
N SER E 62 -38.77 -9.27 -32.69
CA SER E 62 -37.83 -10.06 -31.92
C SER E 62 -37.27 -11.24 -32.72
N LEU E 63 -38.22 -11.84 -33.45
CA LEU E 63 -37.93 -13.01 -34.26
C LEU E 63 -37.09 -12.72 -35.55
N GLY E 64 -36.72 -11.46 -35.92
CA GLY E 64 -35.92 -11.28 -37.12
C GLY E 64 -36.61 -10.64 -38.38
N ASP E 65 -37.70 -9.91 -38.21
CA ASP E 65 -38.36 -9.37 -39.40
C ASP E 65 -38.75 -7.87 -39.23
N ILE E 66 -38.88 -7.19 -40.42
CA ILE E 66 -39.07 -5.75 -40.47
C ILE E 66 -40.47 -5.24 -40.87
N THR E 67 -40.96 -4.18 -40.28
CA THR E 67 -42.23 -3.58 -40.73
C THR E 67 -42.12 -2.13 -40.74
N ILE E 68 -42.28 -1.55 -41.98
CA ILE E 68 -42.18 -0.12 -42.18
C ILE E 68 -43.63 0.32 -42.34
N THR E 69 -44.00 1.35 -41.61
CA THR E 69 -45.31 1.90 -41.58
C THR E 69 -45.35 3.39 -41.16
N ASN E 70 -46.49 3.96 -41.09
CA ASN E 70 -46.91 5.28 -40.73
C ASN E 70 -48.23 5.18 -40.04
N ASP E 71 -48.63 3.98 -39.69
CA ASP E 71 -49.87 3.65 -38.98
C ASP E 71 -49.88 4.11 -37.49
N GLY E 72 -50.83 4.99 -37.11
CA GLY E 72 -51.09 5.34 -35.74
C GLY E 72 -51.30 4.20 -34.79
N ALA E 73 -52.34 3.41 -35.02
CA ALA E 73 -52.63 2.21 -34.26
C ALA E 73 -51.46 1.26 -33.93
N THR E 74 -50.83 0.64 -35.01
CA THR E 74 -49.70 -0.23 -34.92
C THR E 74 -48.48 0.26 -34.19
N ILE E 75 -48.14 1.58 -34.43
CA ILE E 75 -47.11 2.28 -33.70
C ILE E 75 -47.28 2.44 -32.19
N LEU E 76 -48.58 2.36 -31.76
CA LEU E 76 -48.97 2.36 -30.31
C LEU E 76 -49.15 0.98 -29.89
N ASP E 77 -49.61 -0.01 -30.76
CA ASP E 77 -49.71 -1.47 -30.44
C ASP E 77 -48.37 -2.10 -30.12
N LYS E 78 -47.26 -1.91 -30.91
CA LYS E 78 -45.96 -2.52 -30.64
C LYS E 78 -45.19 -1.86 -29.45
N MET E 79 -45.69 -0.75 -28.92
CA MET E 79 -45.16 -0.04 -27.73
C MET E 79 -45.60 -0.64 -26.43
N ASP E 80 -44.62 -1.20 -25.55
CA ASP E 80 -45.01 -1.84 -24.26
C ASP E 80 -45.43 -0.90 -23.14
N LEU E 81 -44.84 0.34 -23.08
CA LEU E 81 -45.22 1.53 -22.19
C LEU E 81 -45.06 1.22 -20.73
N GLN E 82 -43.89 1.56 -20.14
CA GLN E 82 -43.56 1.38 -18.71
C GLN E 82 -44.53 2.15 -17.72
N HIS E 83 -44.98 3.44 -17.95
CA HIS E 83 -45.72 4.14 -16.98
C HIS E 83 -47.26 3.96 -17.20
N PRO E 84 -48.14 3.77 -16.22
CA PRO E 84 -49.56 3.58 -16.31
C PRO E 84 -50.26 4.63 -17.09
N ALA E 85 -49.90 5.95 -16.76
CA ALA E 85 -50.46 7.11 -17.42
C ALA E 85 -50.54 6.97 -18.93
N ALA E 86 -49.42 6.61 -19.53
CA ALA E 86 -49.15 6.46 -20.93
C ALA E 86 -50.18 5.55 -21.56
N LYS E 87 -50.30 4.32 -20.98
CA LYS E 87 -51.31 3.36 -21.32
C LYS E 87 -52.76 3.82 -21.14
N LEU E 88 -53.06 4.64 -20.15
CA LEU E 88 -54.40 5.20 -19.94
C LEU E 88 -54.77 6.25 -21.01
N LEU E 89 -53.83 7.15 -21.41
CA LEU E 89 -54.02 8.12 -22.45
C LEU E 89 -54.18 7.48 -23.79
N VAL E 90 -53.24 6.65 -24.25
CA VAL E 90 -53.33 5.95 -25.59
C VAL E 90 -54.56 5.12 -25.69
N GLN E 91 -54.97 4.52 -24.52
CA GLN E 91 -56.21 3.71 -24.48
C GLN E 91 -57.49 4.44 -24.88
N ILE E 92 -57.61 5.70 -24.43
CA ILE E 92 -58.72 6.59 -24.76
C ILE E 92 -58.59 7.11 -26.17
N ALA E 93 -57.32 7.48 -26.66
CA ALA E 93 -57.11 7.95 -28.04
C ALA E 93 -57.43 6.88 -29.08
N LYS E 94 -56.58 5.72 -28.99
CA LYS E 94 -56.52 4.62 -29.85
C LYS E 94 -57.89 3.91 -30.05
N GLY E 95 -58.52 3.29 -29.04
CA GLY E 95 -59.76 2.59 -29.23
C GLY E 95 -60.91 3.39 -29.91
N GLN E 96 -61.52 2.74 -30.96
CA GLN E 96 -62.65 3.20 -31.68
C GLN E 96 -63.60 2.04 -31.97
N ASP E 97 -64.92 2.38 -31.75
CA ASP E 97 -65.98 1.48 -32.07
C ASP E 97 -66.60 1.94 -33.44
N GLU E 98 -65.99 1.72 -34.62
CA GLU E 98 -66.62 2.13 -35.90
C GLU E 98 -66.00 1.28 -37.02
N GLU E 99 -66.65 1.32 -38.17
CA GLU E 99 -66.31 0.68 -39.45
C GLU E 99 -64.87 0.97 -40.00
N THR E 100 -64.30 2.16 -39.77
CA THR E 100 -62.93 2.39 -40.10
C THR E 100 -62.46 3.47 -39.11
N ALA E 101 -61.14 3.57 -38.96
CA ALA E 101 -60.47 4.48 -38.12
C ALA E 101 -59.54 5.31 -38.93
N ASP E 102 -59.80 6.68 -38.83
CA ASP E 102 -58.95 7.70 -39.39
C ASP E 102 -58.95 8.78 -38.36
N GLY E 103 -57.96 9.64 -38.38
CA GLY E 103 -57.73 10.73 -37.38
C GLY E 103 -56.85 10.24 -36.23
N THR E 104 -56.28 9.06 -36.37
CA THR E 104 -55.44 8.49 -35.31
C THR E 104 -54.06 9.13 -34.92
N LYS E 105 -53.36 9.58 -35.97
CA LYS E 105 -52.17 10.38 -35.74
C LYS E 105 -52.55 11.67 -35.11
N THR E 106 -53.70 12.25 -35.54
CA THR E 106 -54.22 13.53 -35.11
C THR E 106 -54.65 13.39 -33.63
N ALA E 107 -55.61 12.48 -33.39
CA ALA E 107 -56.03 12.05 -32.10
C ALA E 107 -55.06 11.91 -30.93
N VAL E 108 -53.86 11.30 -31.19
CA VAL E 108 -52.74 11.10 -30.34
C VAL E 108 -51.88 12.30 -30.13
N ILE E 109 -51.41 12.99 -31.19
CA ILE E 109 -50.67 14.27 -31.08
C ILE E 109 -51.41 15.29 -30.28
N PHE E 110 -52.60 15.64 -30.72
CA PHE E 110 -53.43 16.72 -30.08
C PHE E 110 -53.66 16.45 -28.60
N SER E 111 -53.84 15.16 -28.18
CA SER E 111 -53.90 14.74 -26.77
C SER E 111 -52.60 15.16 -26.13
N GLY E 112 -51.43 14.77 -26.70
CA GLY E 112 -50.22 15.25 -26.04
C GLY E 112 -49.99 16.71 -26.01
N GLU E 113 -50.49 17.44 -27.03
CA GLU E 113 -50.28 18.95 -27.11
C GLU E 113 -51.06 19.68 -26.06
N LEU E 114 -52.29 19.21 -25.76
CA LEU E 114 -53.16 19.77 -24.77
C LEU E 114 -52.65 19.61 -23.35
N VAL E 115 -52.08 18.45 -23.06
CA VAL E 115 -51.30 18.12 -21.87
C VAL E 115 -50.11 19.04 -21.80
N LYS E 116 -49.34 19.16 -22.92
CA LYS E 116 -48.15 19.99 -23.13
C LYS E 116 -48.47 21.46 -22.77
N LYS E 117 -49.46 22.15 -23.46
CA LYS E 117 -49.84 23.54 -23.16
C LYS E 117 -50.34 23.73 -21.74
N ALA E 118 -50.81 22.67 -21.05
CA ALA E 118 -51.27 22.73 -19.64
C ALA E 118 -50.06 22.81 -18.76
N GLU E 119 -48.87 22.30 -19.11
CA GLU E 119 -47.68 22.35 -18.35
C GLU E 119 -47.24 23.78 -18.03
N ASP E 120 -47.38 24.70 -19.01
CA ASP E 120 -47.16 26.13 -18.83
C ASP E 120 -48.05 26.82 -17.88
N LEU E 121 -49.26 26.36 -17.68
CA LEU E 121 -50.28 26.89 -16.73
C LEU E 121 -49.87 26.49 -15.33
N LEU E 122 -49.38 25.29 -15.22
CA LEU E 122 -48.89 24.70 -13.98
C LEU E 122 -47.68 25.41 -13.40
N TYR E 123 -46.78 25.91 -14.31
CA TYR E 123 -45.60 26.78 -14.00
C TYR E 123 -45.99 28.09 -13.36
N LYS E 124 -47.07 28.70 -13.80
CA LYS E 124 -47.62 29.80 -13.10
C LYS E 124 -48.50 29.56 -11.87
N ASP E 125 -48.59 28.32 -11.45
CA ASP E 125 -49.33 27.80 -10.29
C ASP E 125 -50.81 27.86 -10.42
N VAL E 126 -51.30 27.48 -11.60
CA VAL E 126 -52.71 27.42 -11.94
C VAL E 126 -53.17 25.97 -11.65
N HIS E 127 -54.14 25.87 -10.74
CA HIS E 127 -54.71 24.58 -10.18
C HIS E 127 -55.46 23.70 -11.21
N PRO E 128 -55.34 22.38 -11.12
CA PRO E 128 -56.03 21.57 -12.17
C PRO E 128 -57.51 21.69 -12.30
N THR E 129 -58.19 22.10 -11.18
CA THR E 129 -59.60 22.26 -11.22
C THR E 129 -60.10 23.34 -12.14
N ILE E 130 -59.33 24.41 -12.32
CA ILE E 130 -59.56 25.45 -13.21
C ILE E 130 -59.38 25.06 -14.65
N ILE E 131 -58.23 24.39 -14.93
CA ILE E 131 -57.96 23.80 -16.27
C ILE E 131 -59.03 22.84 -16.71
N ILE E 132 -59.65 22.10 -15.81
CA ILE E 132 -60.74 21.18 -16.23
C ILE E 132 -61.99 21.98 -16.70
N SER E 133 -62.47 22.94 -15.91
CA SER E 133 -63.64 23.74 -16.22
C SER E 133 -63.40 24.56 -17.52
N GLY E 134 -62.14 25.19 -17.63
CA GLY E 134 -61.63 25.80 -18.83
C GLY E 134 -61.66 25.00 -20.10
N TYR E 135 -61.10 23.81 -20.11
CA TYR E 135 -61.07 22.81 -21.20
C TYR E 135 -62.47 22.33 -21.56
N LYS E 136 -63.33 22.08 -20.56
CA LYS E 136 -64.78 21.87 -20.74
C LYS E 136 -65.52 22.88 -21.53
N LYS E 137 -65.50 24.11 -21.03
CA LYS E 137 -66.11 25.24 -21.70
C LYS E 137 -65.69 25.47 -23.10
N ALA E 138 -64.41 25.29 -23.40
CA ALA E 138 -63.79 25.31 -24.69
C ALA E 138 -64.21 24.19 -25.63
N GLU E 139 -64.24 22.90 -25.06
CA GLU E 139 -64.68 21.68 -25.74
C GLU E 139 -66.18 21.84 -26.29
N GLU E 140 -67.10 22.39 -25.45
CA GLU E 140 -68.37 22.80 -25.74
C GLU E 140 -68.47 23.63 -27.03
N VAL E 141 -67.85 24.81 -27.04
CA VAL E 141 -67.76 25.60 -28.23
C VAL E 141 -67.16 24.86 -29.41
N ALA E 142 -66.01 24.21 -29.24
CA ALA E 142 -65.33 23.43 -30.33
C ALA E 142 -66.14 22.39 -31.04
N LEU E 143 -66.96 21.76 -30.24
CA LEU E 143 -67.96 20.79 -30.79
C LEU E 143 -69.02 21.42 -31.60
N GLN E 144 -69.84 22.30 -31.03
CA GLN E 144 -70.88 23.03 -31.74
C GLN E 144 -70.34 23.86 -32.99
N THR E 145 -69.06 24.23 -32.97
CA THR E 145 -68.37 24.87 -34.16
C THR E 145 -68.16 23.93 -35.34
N ILE E 146 -68.23 22.57 -35.21
CA ILE E 146 -68.10 21.65 -36.35
C ILE E 146 -69.45 21.33 -37.01
N GLN E 147 -70.43 21.12 -36.12
CA GLN E 147 -71.81 20.91 -36.42
C GLN E 147 -72.33 22.07 -37.19
N GLU E 148 -72.31 23.29 -36.63
CA GLU E 148 -72.73 24.55 -37.38
C GLU E 148 -71.82 25.05 -38.51
N LEU E 149 -71.38 24.22 -39.41
CA LEU E 149 -70.44 24.60 -40.48
C LEU E 149 -70.42 23.50 -41.44
N ALA E 150 -70.71 22.27 -40.99
CA ALA E 150 -70.68 21.07 -41.77
C ALA E 150 -71.68 21.12 -42.91
N GLN E 151 -71.32 20.55 -44.08
CA GLN E 151 -72.19 20.60 -45.21
C GLN E 151 -72.86 19.16 -45.49
N THR E 152 -74.12 19.27 -45.89
CA THR E 152 -75.07 18.18 -46.15
C THR E 152 -74.70 17.35 -47.40
N VAL E 153 -74.32 16.06 -47.19
CA VAL E 153 -73.90 15.10 -48.23
C VAL E 153 -74.71 13.86 -48.31
N SER E 154 -75.02 13.38 -49.55
CA SER E 154 -75.97 12.38 -49.78
C SER E 154 -75.74 11.50 -51.02
N ILE E 155 -76.59 10.51 -51.32
CA ILE E 155 -76.34 9.55 -52.44
C ILE E 155 -76.20 10.23 -53.80
N ASN E 156 -76.77 11.49 -54.01
CA ASN E 156 -76.69 12.13 -55.29
C ASN E 156 -75.52 13.11 -55.46
N ASP E 157 -74.73 13.26 -54.46
CA ASP E 157 -73.43 13.93 -54.37
C ASP E 157 -72.37 12.93 -54.92
N THR E 158 -72.52 12.38 -56.11
CA THR E 158 -71.60 11.30 -56.49
C THR E 158 -70.26 11.86 -56.93
N ASP E 159 -70.28 13.06 -57.38
CA ASP E 159 -69.07 13.80 -57.77
C ASP E 159 -68.33 14.33 -56.61
N LEU E 160 -69.01 14.39 -55.38
CA LEU E 160 -68.37 14.83 -54.16
C LEU E 160 -67.74 13.72 -53.47
N LEU E 161 -68.52 12.59 -53.37
CA LEU E 161 -68.08 11.42 -52.70
C LEU E 161 -66.93 10.85 -53.38
N ARG E 162 -66.85 11.09 -54.75
CA ARG E 162 -65.68 10.69 -55.52
C ARG E 162 -64.35 11.32 -55.08
N LYS E 163 -64.47 12.55 -54.48
CA LYS E 163 -63.32 13.33 -54.03
C LYS E 163 -62.99 12.79 -52.62
N ILE E 164 -63.89 12.81 -51.63
CA ILE E 164 -63.69 12.18 -50.35
C ILE E 164 -63.03 10.78 -50.28
N ALA E 165 -63.37 9.92 -51.33
CA ALA E 165 -62.87 8.63 -51.54
C ALA E 165 -61.39 8.73 -51.96
N MET E 166 -61.01 9.65 -52.93
CA MET E 166 -59.66 9.95 -53.38
C MET E 166 -58.80 10.52 -52.27
N THR E 167 -59.39 11.38 -51.42
CA THR E 167 -58.87 11.87 -50.16
C THR E 167 -58.45 10.80 -49.15
N SER E 168 -58.80 9.56 -49.38
CA SER E 168 -58.53 8.37 -48.53
C SER E 168 -57.39 7.61 -49.23
N LEU E 169 -57.62 7.37 -50.55
CA LEU E 169 -56.64 6.60 -51.26
C LEU E 169 -55.30 7.40 -51.44
N SER E 170 -55.28 8.77 -51.53
CA SER E 170 -54.17 9.64 -51.90
C SER E 170 -52.83 9.51 -51.05
N SER E 171 -52.83 8.97 -49.81
CA SER E 171 -51.75 8.80 -48.89
C SER E 171 -50.91 7.62 -49.19
N LYS E 172 -51.44 6.60 -49.75
CA LYS E 172 -50.78 5.37 -50.08
C LYS E 172 -49.73 5.51 -51.17
N ALA E 173 -48.63 4.76 -50.99
CA ALA E 173 -47.58 4.74 -52.01
C ALA E 173 -48.03 4.18 -53.31
N VAL E 174 -49.08 3.38 -53.36
CA VAL E 174 -49.86 2.92 -54.54
C VAL E 174 -50.54 4.12 -55.15
N ALA E 175 -50.16 4.53 -56.38
CA ALA E 175 -50.75 5.70 -57.01
C ALA E 175 -51.25 5.41 -58.46
N GLY E 176 -51.12 4.10 -58.79
CA GLY E 176 -51.73 3.45 -59.98
C GLY E 176 -53.25 3.49 -59.89
N ALA E 177 -53.96 3.99 -60.91
CA ALA E 177 -55.35 4.01 -61.20
C ALA E 177 -56.23 4.30 -59.98
N ARG E 178 -56.13 5.38 -59.23
CA ARG E 178 -57.02 5.64 -58.15
C ARG E 178 -58.39 6.19 -58.58
N GLU E 179 -58.44 6.86 -59.76
CA GLU E 179 -59.71 7.23 -60.49
C GLU E 179 -60.63 6.06 -60.65
N TYR E 180 -60.07 4.92 -61.02
CA TYR E 180 -60.72 3.55 -61.12
C TYR E 180 -61.29 3.14 -59.83
N ILE E 181 -60.50 3.16 -58.69
CA ILE E 181 -60.89 2.72 -57.39
C ILE E 181 -61.96 3.69 -56.95
N ALA E 182 -61.81 5.02 -57.19
CA ALA E 182 -62.78 6.07 -56.84
C ALA E 182 -64.09 5.87 -57.39
N ASP E 183 -64.08 5.65 -58.71
CA ASP E 183 -65.32 5.41 -59.43
C ASP E 183 -66.17 4.13 -58.85
N ILE E 184 -65.51 2.95 -58.60
CA ILE E 184 -66.03 1.74 -58.05
C ILE E 184 -66.70 2.11 -56.78
N VAL E 185 -65.91 2.69 -55.85
CA VAL E 185 -66.35 2.99 -54.51
C VAL E 185 -67.68 3.73 -54.42
N VAL E 186 -67.85 4.79 -55.31
CA VAL E 186 -69.09 5.58 -55.36
C VAL E 186 -70.28 4.70 -55.80
N LYS E 187 -70.20 3.96 -56.93
CA LYS E 187 -71.22 3.02 -57.27
C LYS E 187 -71.48 1.87 -56.26
N ALA E 188 -70.40 1.23 -55.74
CA ALA E 188 -70.42 0.20 -54.79
C ALA E 188 -71.17 0.55 -53.52
N VAL E 189 -71.03 1.78 -53.00
CA VAL E 189 -71.75 2.15 -51.73
C VAL E 189 -73.23 2.53 -52.03
N THR E 190 -73.36 3.47 -52.96
CA THR E 190 -74.70 3.89 -53.35
C THR E 190 -75.69 2.83 -53.76
N GLN E 191 -75.17 1.70 -54.24
CA GLN E 191 -75.95 0.46 -54.57
C GLN E 191 -76.59 -0.22 -53.30
N VAL E 192 -75.80 -0.23 -52.24
CA VAL E 192 -76.06 -1.02 -50.96
C VAL E 192 -76.82 -0.25 -49.95
N ALA E 193 -76.67 1.03 -50.10
CA ALA E 193 -77.49 1.96 -49.37
C ALA E 193 -78.99 1.56 -49.35
N GLU E 194 -79.62 1.53 -48.08
CA GLU E 194 -81.05 1.37 -47.89
C GLU E 194 -81.49 2.49 -46.95
N LEU E 195 -82.78 2.88 -46.88
CA LEU E 195 -83.36 3.86 -46.01
C LEU E 195 -83.88 3.26 -44.66
N ARG E 196 -83.28 3.68 -43.55
CA ARG E 196 -83.77 3.31 -42.21
C ARG E 196 -83.91 4.61 -41.44
N GLY E 197 -85.17 4.98 -41.18
CA GLY E 197 -85.52 6.11 -40.36
C GLY E 197 -85.52 7.39 -41.17
N ASP E 198 -85.95 7.26 -42.44
CA ASP E 198 -85.91 8.31 -43.43
C ASP E 198 -84.54 8.90 -43.59
N LYS E 199 -83.46 8.14 -43.51
CA LYS E 199 -82.14 8.45 -43.69
C LYS E 199 -81.36 7.22 -44.16
N TRP E 200 -80.23 7.38 -44.84
CA TRP E 200 -79.49 6.25 -45.38
C TRP E 200 -78.65 5.55 -44.31
N TYR E 201 -78.60 4.24 -44.62
CA TYR E 201 -77.78 3.36 -43.91
C TYR E 201 -77.14 2.41 -44.94
N VAL E 202 -75.92 1.90 -44.61
CA VAL E 202 -75.29 0.89 -45.55
C VAL E 202 -74.75 -0.28 -44.73
N ASP E 203 -75.03 -1.56 -45.18
CA ASP E 203 -74.43 -2.72 -44.62
C ASP E 203 -73.31 -3.20 -45.56
N LEU E 204 -72.13 -2.93 -45.09
CA LEU E 204 -70.84 -3.22 -45.68
C LEU E 204 -70.60 -4.71 -46.06
N ASP E 205 -71.21 -5.66 -45.31
CA ASP E 205 -71.14 -7.11 -45.67
C ASP E 205 -71.54 -7.47 -47.11
N ASN E 206 -72.38 -6.59 -47.75
CA ASN E 206 -72.86 -6.61 -49.06
C ASN E 206 -71.91 -6.10 -50.12
N ILE E 207 -70.64 -5.97 -49.68
CA ILE E 207 -69.63 -5.70 -50.71
C ILE E 207 -68.47 -6.65 -50.43
N GLN E 208 -68.11 -7.47 -51.46
CA GLN E 208 -67.11 -8.54 -51.25
C GLN E 208 -65.79 -8.02 -51.89
N ILE E 209 -64.63 -8.46 -51.31
CA ILE E 209 -63.35 -8.12 -51.85
C ILE E 209 -62.50 -9.30 -52.08
N VAL E 210 -62.23 -9.52 -53.33
CA VAL E 210 -61.45 -10.61 -53.81
C VAL E 210 -60.21 -9.88 -54.47
N LYS E 211 -58.99 -10.47 -54.33
CA LYS E 211 -57.73 -9.98 -54.92
C LYS E 211 -56.90 -11.07 -55.51
N LYS E 212 -56.40 -10.75 -56.72
CA LYS E 212 -55.53 -11.64 -57.50
C LYS E 212 -54.33 -10.87 -57.98
N ALA E 213 -53.12 -11.19 -57.49
CA ALA E 213 -51.89 -10.58 -57.96
C ALA E 213 -51.59 -10.76 -59.49
N GLY E 214 -51.01 -9.73 -60.18
CA GLY E 214 -50.81 -9.69 -61.60
C GLY E 214 -51.79 -8.72 -62.33
N GLY E 215 -51.36 -8.18 -63.51
CA GLY E 215 -52.12 -7.16 -64.20
C GLY E 215 -51.78 -5.84 -63.57
N SER E 216 -52.70 -4.87 -63.54
CA SER E 216 -52.42 -3.54 -63.07
C SER E 216 -53.65 -3.08 -62.29
N ILE E 217 -53.60 -1.84 -61.71
CA ILE E 217 -54.75 -1.32 -61.05
C ILE E 217 -55.86 -0.89 -61.99
N ASN E 218 -55.55 -0.61 -63.26
CA ASN E 218 -56.63 -0.39 -64.30
C ASN E 218 -57.44 -1.69 -64.69
N ASP E 219 -56.95 -2.88 -64.33
CA ASP E 219 -57.65 -4.17 -64.52
C ASP E 219 -58.65 -4.50 -63.36
N THR E 220 -59.03 -3.54 -62.51
CA THR E 220 -60.10 -3.63 -61.52
C THR E 220 -61.51 -3.66 -62.05
N GLN E 221 -62.45 -4.33 -61.43
CA GLN E 221 -63.86 -4.22 -61.80
C GLN E 221 -64.80 -4.47 -60.71
N LEU E 222 -66.06 -4.01 -60.94
CA LEU E 222 -67.18 -4.23 -59.98
C LEU E 222 -68.07 -5.36 -60.57
N VAL E 223 -68.53 -6.34 -59.78
CA VAL E 223 -69.29 -7.50 -60.20
C VAL E 223 -70.68 -7.18 -59.58
N TYR E 224 -71.79 -7.34 -60.39
CA TYR E 224 -73.13 -7.24 -59.89
C TYR E 224 -73.66 -8.62 -59.45
N GLY E 225 -72.90 -9.19 -58.50
CA GLY E 225 -73.09 -10.59 -57.87
C GLY E 225 -71.86 -11.13 -57.24
N ILE E 226 -71.76 -12.46 -57.12
CA ILE E 226 -70.76 -13.12 -56.29
C ILE E 226 -69.77 -13.74 -57.25
N VAL E 227 -68.55 -14.04 -56.78
CA VAL E 227 -67.47 -14.52 -57.50
C VAL E 227 -66.93 -15.73 -56.77
N VAL E 228 -67.02 -16.92 -57.45
CA VAL E 228 -66.59 -18.27 -57.07
C VAL E 228 -65.21 -18.43 -57.65
N ASP E 229 -64.18 -18.52 -56.76
CA ASP E 229 -62.80 -18.75 -57.04
C ASP E 229 -62.50 -20.18 -57.49
N LYS E 230 -63.17 -20.64 -58.57
CA LYS E 230 -62.99 -21.99 -59.14
C LYS E 230 -63.44 -22.04 -60.55
N GLU E 231 -63.18 -23.18 -61.24
CA GLU E 231 -63.62 -23.33 -62.63
C GLU E 231 -64.72 -24.38 -62.74
N VAL E 232 -65.18 -24.76 -63.98
CA VAL E 232 -66.13 -25.85 -64.12
C VAL E 232 -65.64 -27.24 -63.93
N VAL E 233 -66.43 -28.23 -63.57
CA VAL E 233 -65.90 -29.58 -63.11
C VAL E 233 -65.43 -30.56 -64.28
N HIS E 234 -65.78 -30.30 -65.49
CA HIS E 234 -65.36 -31.05 -66.70
C HIS E 234 -65.26 -29.92 -67.76
N PRO E 235 -64.20 -30.02 -68.63
CA PRO E 235 -64.05 -29.15 -69.73
C PRO E 235 -65.23 -28.91 -70.64
N GLY E 236 -66.06 -29.95 -70.89
CA GLY E 236 -67.22 -29.82 -71.75
C GLY E 236 -68.42 -29.14 -71.02
N MET E 237 -68.35 -28.79 -69.72
CA MET E 237 -69.50 -28.19 -68.95
C MET E 237 -69.71 -26.74 -69.37
N PRO E 238 -70.94 -26.16 -69.12
CA PRO E 238 -71.26 -24.84 -69.57
C PRO E 238 -70.43 -23.68 -69.04
N LYS E 239 -70.04 -22.80 -69.99
CA LYS E 239 -69.20 -21.62 -69.76
C LYS E 239 -69.97 -20.31 -69.67
N ARG E 240 -71.30 -20.44 -69.90
CA ARG E 240 -72.34 -19.41 -69.82
C ARG E 240 -73.61 -20.20 -69.82
N LEU E 241 -74.30 -20.31 -68.65
CA LEU E 241 -75.53 -20.98 -68.58
C LEU E 241 -76.51 -19.90 -68.29
N GLU E 242 -77.65 -19.96 -68.95
CA GLU E 242 -78.73 -19.02 -68.69
C GLU E 242 -79.70 -19.59 -67.56
N ASN E 243 -80.13 -18.72 -66.55
CA ASN E 243 -81.14 -19.03 -65.52
C ASN E 243 -80.69 -20.15 -64.59
N ALA E 244 -79.82 -19.83 -63.70
CA ALA E 244 -79.11 -20.76 -62.86
C ALA E 244 -79.80 -20.97 -61.53
N LYS E 245 -80.36 -22.13 -61.35
CA LYS E 245 -80.94 -22.69 -60.18
C LYS E 245 -79.81 -23.34 -59.31
N ILE E 246 -79.03 -22.52 -58.63
CA ILE E 246 -77.89 -22.87 -57.84
C ILE E 246 -78.26 -23.88 -56.73
N ALA E 247 -77.42 -24.92 -56.44
CA ALA E 247 -77.66 -25.85 -55.40
C ALA E 247 -76.39 -25.89 -54.57
N LEU E 248 -76.41 -25.07 -53.44
CA LEU E 248 -75.29 -24.81 -52.49
C LEU E 248 -75.08 -25.98 -51.59
N ILE E 249 -74.31 -27.00 -51.98
CA ILE E 249 -74.26 -28.26 -51.30
C ILE E 249 -72.93 -28.24 -50.42
N ASP E 250 -73.10 -28.10 -49.03
CA ASP E 250 -71.96 -28.22 -48.05
C ASP E 250 -71.57 -29.65 -47.69
N ALA E 251 -72.53 -30.57 -48.03
CA ALA E 251 -72.36 -31.96 -47.98
C ALA E 251 -71.37 -32.49 -49.01
N SER E 252 -70.65 -33.56 -48.72
CA SER E 252 -69.81 -34.20 -49.70
C SER E 252 -70.53 -34.82 -50.90
N LEU E 253 -69.95 -34.82 -52.08
CA LEU E 253 -70.37 -35.43 -53.32
C LEU E 253 -69.25 -36.42 -53.77
N GLU E 254 -68.33 -36.70 -52.86
CA GLU E 254 -67.16 -37.57 -53.12
C GLU E 254 -67.28 -38.73 -52.21
N VAL E 255 -66.94 -39.94 -52.75
CA VAL E 255 -67.01 -41.12 -51.83
C VAL E 255 -65.85 -41.00 -50.87
N GLU E 256 -66.06 -40.93 -49.58
CA GLU E 256 -65.07 -40.77 -48.53
C GLU E 256 -64.35 -41.98 -48.34
N LYS E 257 -63.10 -41.89 -47.93
CA LYS E 257 -62.28 -43.08 -47.59
C LYS E 257 -62.64 -43.81 -46.33
N PRO E 258 -63.02 -45.12 -46.23
CA PRO E 258 -63.45 -45.70 -44.96
C PRO E 258 -62.29 -45.92 -43.94
N GLU E 259 -61.01 -45.78 -44.37
CA GLU E 259 -59.77 -45.84 -43.49
C GLU E 259 -59.28 -44.39 -43.06
N LEU E 260 -60.15 -43.38 -43.26
CA LEU E 260 -59.71 -42.03 -42.99
C LEU E 260 -59.29 -41.64 -41.61
N ASP E 261 -60.01 -41.96 -40.46
CA ASP E 261 -59.49 -41.70 -39.09
C ASP E 261 -58.49 -42.79 -38.68
N ALA E 262 -58.77 -44.02 -38.99
CA ALA E 262 -57.85 -45.14 -38.65
C ALA E 262 -58.07 -46.39 -39.52
N GLU E 263 -57.24 -47.40 -39.45
CA GLU E 263 -57.19 -48.48 -40.45
C GLU E 263 -58.36 -49.45 -40.33
N ILE E 264 -58.83 -50.11 -41.42
CA ILE E 264 -59.82 -51.12 -41.38
C ILE E 264 -59.30 -52.43 -41.08
N ARG E 265 -60.16 -53.38 -40.72
CA ARG E 265 -59.77 -54.76 -40.45
C ARG E 265 -60.36 -55.72 -41.50
N ILE E 266 -60.77 -55.21 -42.67
CA ILE E 266 -61.23 -56.05 -43.85
C ILE E 266 -60.08 -56.88 -44.49
N ASN E 267 -60.14 -58.23 -44.44
CA ASN E 267 -59.14 -59.13 -45.04
C ASN E 267 -59.74 -59.93 -46.14
N ASP E 268 -61.07 -59.89 -46.33
CA ASP E 268 -61.81 -60.55 -47.47
C ASP E 268 -62.19 -59.49 -48.60
N PRO E 269 -61.68 -59.51 -49.78
CA PRO E 269 -61.93 -58.43 -50.82
C PRO E 269 -63.41 -58.50 -51.25
N THR E 270 -64.18 -59.58 -50.99
CA THR E 270 -65.64 -59.55 -51.31
C THR E 270 -66.39 -58.60 -50.45
N GLN E 271 -66.03 -58.51 -49.15
CA GLN E 271 -66.58 -57.50 -48.28
C GLN E 271 -66.17 -56.02 -48.59
N MET E 272 -64.90 -55.84 -48.98
CA MET E 272 -64.28 -54.53 -49.47
C MET E 272 -65.01 -53.96 -50.65
N GLN E 273 -65.02 -54.72 -51.74
CA GLN E 273 -65.75 -54.44 -52.94
C GLN E 273 -67.19 -53.97 -52.74
N LYS E 274 -68.12 -54.82 -52.26
CA LYS E 274 -69.53 -54.55 -51.91
C LYS E 274 -69.77 -53.35 -50.94
N PHE E 275 -68.72 -52.87 -50.25
CA PHE E 275 -68.72 -51.77 -49.30
C PHE E 275 -68.55 -50.49 -50.12
N LEU E 276 -67.53 -50.43 -50.93
CA LEU E 276 -67.22 -49.31 -51.72
C LEU E 276 -68.12 -49.12 -52.94
N ASP E 277 -68.80 -50.20 -53.34
CA ASP E 277 -69.84 -50.23 -54.34
C ASP E 277 -71.13 -49.60 -53.80
N GLU E 278 -71.65 -50.06 -52.58
CA GLU E 278 -72.82 -49.60 -51.94
C GLU E 278 -72.58 -48.17 -51.47
N GLU E 279 -71.35 -47.74 -51.02
CA GLU E 279 -70.99 -46.30 -50.81
C GLU E 279 -70.98 -45.52 -52.13
N GLU E 280 -70.72 -46.19 -53.31
CA GLU E 280 -70.96 -45.60 -54.62
C GLU E 280 -72.40 -45.61 -55.07
N ASN E 281 -73.29 -46.54 -54.72
CA ASN E 281 -74.66 -46.31 -55.08
C ASN E 281 -75.39 -45.30 -54.25
N LEU E 282 -74.87 -44.97 -53.02
CA LEU E 282 -75.28 -43.91 -52.19
C LEU E 282 -74.91 -42.49 -52.79
N ILE E 283 -73.75 -42.38 -53.40
CA ILE E 283 -73.34 -41.07 -53.93
C ILE E 283 -74.12 -40.76 -55.12
N LYS E 284 -74.46 -41.79 -55.98
CA LYS E 284 -75.44 -41.60 -57.03
C LYS E 284 -76.87 -41.36 -56.52
N GLU E 285 -77.16 -41.93 -55.31
CA GLU E 285 -78.44 -41.65 -54.55
C GLU E 285 -78.46 -40.18 -54.17
N LYS E 286 -77.43 -39.59 -53.50
CA LYS E 286 -77.21 -38.15 -53.22
C LYS E 286 -77.32 -37.26 -54.50
N VAL E 287 -76.72 -37.60 -55.70
CA VAL E 287 -76.94 -36.91 -56.92
C VAL E 287 -78.43 -36.95 -57.23
N ASP E 288 -79.07 -38.15 -57.19
CA ASP E 288 -80.45 -38.26 -57.62
C ASP E 288 -81.49 -37.50 -56.64
N LYS E 289 -81.10 -37.51 -55.38
CA LYS E 289 -81.77 -36.93 -54.22
C LYS E 289 -81.73 -35.38 -54.28
N ILE E 290 -80.74 -34.79 -54.99
CA ILE E 290 -80.70 -33.33 -55.23
C ILE E 290 -81.44 -33.06 -56.55
N LEU E 291 -81.21 -33.82 -57.72
CA LEU E 291 -81.79 -33.53 -59.00
C LEU E 291 -83.26 -33.69 -59.11
N ALA E 292 -83.86 -34.39 -58.09
CA ALA E 292 -85.26 -34.50 -57.76
C ALA E 292 -85.96 -33.25 -57.41
N THR E 293 -85.21 -32.17 -57.06
CA THR E 293 -85.70 -30.96 -56.74
C THR E 293 -85.64 -29.99 -57.97
N GLY E 294 -84.84 -30.36 -58.98
CA GLY E 294 -84.81 -29.69 -60.31
C GLY E 294 -83.63 -28.80 -60.59
N ALA E 295 -82.67 -28.83 -59.69
CA ALA E 295 -81.43 -28.08 -59.85
C ALA E 295 -80.56 -28.32 -61.10
N ASN E 296 -80.30 -27.26 -61.82
CA ASN E 296 -79.51 -27.42 -63.05
C ASN E 296 -78.07 -27.07 -62.84
N VAL E 297 -77.76 -26.50 -61.65
CA VAL E 297 -76.36 -26.08 -61.34
C VAL E 297 -76.17 -26.61 -59.96
N ILE E 298 -75.03 -27.04 -59.59
CA ILE E 298 -74.76 -27.52 -58.28
C ILE E 298 -73.32 -27.19 -57.87
N ILE E 299 -73.06 -26.43 -56.83
CA ILE E 299 -71.63 -26.11 -56.39
C ILE E 299 -71.44 -26.59 -54.99
N CYS E 300 -70.26 -27.08 -54.69
CA CYS E 300 -69.93 -27.66 -53.43
C CYS E 300 -68.53 -27.29 -52.91
N GLN E 301 -68.16 -27.74 -51.63
CA GLN E 301 -66.84 -27.37 -51.06
C GLN E 301 -65.90 -28.59 -50.87
N LYS E 302 -66.37 -29.83 -50.96
CA LYS E 302 -65.50 -31.00 -51.04
C LYS E 302 -65.55 -31.40 -52.51
N GLY E 303 -64.77 -32.36 -53.00
CA GLY E 303 -64.71 -32.77 -54.39
C GLY E 303 -65.94 -33.46 -54.90
N ILE E 304 -65.96 -33.86 -56.19
CA ILE E 304 -67.07 -34.65 -56.76
C ILE E 304 -66.54 -35.95 -57.22
N ASP E 305 -67.14 -37.09 -56.90
CA ASP E 305 -66.69 -38.44 -57.29
C ASP E 305 -66.59 -38.67 -58.80
N GLU E 306 -65.71 -39.57 -59.28
CA GLU E 306 -65.46 -39.67 -60.66
C GLU E 306 -66.66 -40.37 -61.44
N VAL E 307 -67.57 -41.22 -60.79
CA VAL E 307 -68.81 -41.54 -61.38
C VAL E 307 -69.86 -40.47 -61.20
N ALA E 308 -69.88 -39.74 -60.07
CA ALA E 308 -70.89 -38.72 -59.82
C ALA E 308 -70.73 -37.44 -60.72
N GLN E 309 -69.49 -37.27 -61.26
CA GLN E 309 -69.26 -36.21 -62.31
C GLN E 309 -69.87 -36.65 -63.61
N SER E 310 -69.62 -37.93 -63.93
CA SER E 310 -70.13 -38.53 -65.11
C SER E 310 -71.73 -38.56 -65.15
N TYR E 311 -72.41 -38.63 -64.01
CA TYR E 311 -73.81 -38.60 -63.76
C TYR E 311 -74.29 -37.16 -63.90
N LEU E 312 -73.68 -36.12 -63.37
CA LEU E 312 -74.07 -34.71 -63.66
C LEU E 312 -73.74 -34.28 -65.07
N ALA E 313 -72.71 -34.80 -65.71
CA ALA E 313 -72.45 -34.61 -67.08
C ALA E 313 -73.36 -35.19 -68.04
N LYS E 314 -73.88 -36.45 -67.79
CA LYS E 314 -74.84 -36.98 -68.70
C LYS E 314 -76.23 -36.37 -68.71
N LYS E 315 -76.63 -35.78 -67.59
CA LYS E 315 -77.83 -35.05 -67.43
C LYS E 315 -77.83 -33.63 -67.97
N GLY E 316 -76.64 -33.05 -68.11
CA GLY E 316 -76.44 -31.67 -68.60
C GLY E 316 -76.44 -30.52 -67.59
N VAL E 317 -76.13 -30.92 -66.36
CA VAL E 317 -76.01 -30.10 -65.16
C VAL E 317 -74.65 -29.46 -65.21
N LEU E 318 -74.48 -28.29 -64.56
CA LEU E 318 -73.29 -27.53 -64.46
C LEU E 318 -72.87 -27.60 -63.02
N ALA E 319 -71.70 -28.39 -62.83
CA ALA E 319 -71.18 -28.48 -61.45
C ALA E 319 -69.75 -27.97 -61.38
N VAL E 320 -69.38 -27.50 -60.17
CA VAL E 320 -68.13 -27.01 -59.73
C VAL E 320 -67.65 -27.81 -58.54
N ARG E 321 -66.32 -28.15 -58.45
CA ARG E 321 -65.72 -28.81 -57.31
C ARG E 321 -64.66 -28.05 -56.47
N ARG E 322 -64.67 -28.34 -55.14
CA ARG E 322 -63.82 -27.66 -54.25
C ARG E 322 -63.95 -26.17 -54.20
N ALA E 323 -65.14 -25.54 -54.09
CA ALA E 323 -65.23 -24.13 -53.99
C ALA E 323 -65.24 -23.71 -52.52
N LYS E 324 -64.53 -22.64 -52.23
CA LYS E 324 -64.27 -22.16 -50.81
C LYS E 324 -65.58 -21.92 -50.04
N LYS E 325 -65.81 -22.59 -48.90
CA LYS E 325 -67.05 -22.46 -48.02
C LYS E 325 -67.46 -21.05 -47.56
N SER E 326 -66.45 -20.17 -47.41
CA SER E 326 -66.55 -18.69 -47.29
C SER E 326 -67.41 -18.00 -48.37
N ASP E 327 -67.43 -18.47 -49.62
CA ASP E 327 -68.14 -17.84 -50.67
C ASP E 327 -69.46 -18.52 -50.94
N LEU E 328 -69.68 -19.83 -50.57
CA LEU E 328 -70.96 -20.51 -50.67
C LEU E 328 -72.07 -19.79 -49.92
N GLU E 329 -71.62 -19.36 -48.76
CA GLU E 329 -72.34 -18.59 -47.74
C GLU E 329 -72.79 -17.15 -48.37
N LYS E 330 -71.79 -16.43 -48.95
CA LYS E 330 -72.07 -15.22 -49.69
C LYS E 330 -73.03 -15.43 -50.92
N LEU E 331 -72.97 -16.67 -51.45
CA LEU E 331 -73.74 -16.98 -52.68
C LEU E 331 -75.16 -17.50 -52.38
N ALA E 332 -75.39 -18.04 -51.18
CA ALA E 332 -76.65 -18.40 -50.67
C ALA E 332 -77.57 -17.20 -50.53
N ARG E 333 -77.24 -16.28 -49.59
CA ARG E 333 -77.97 -15.07 -49.32
C ARG E 333 -77.86 -14.01 -50.37
N ALA E 334 -77.14 -14.25 -51.52
CA ALA E 334 -77.16 -13.45 -52.68
C ALA E 334 -78.23 -13.89 -53.64
N THR E 335 -78.34 -15.21 -53.85
CA THR E 335 -79.18 -15.87 -54.85
C THR E 335 -80.51 -16.37 -54.39
N GLY E 336 -80.75 -16.13 -53.06
CA GLY E 336 -82.02 -16.52 -52.44
C GLY E 336 -82.06 -17.98 -52.01
N GLY E 337 -80.89 -18.71 -51.89
CA GLY E 337 -80.72 -20.01 -51.43
C GLY E 337 -80.27 -20.14 -50.06
N ARG E 338 -79.88 -21.34 -49.75
CA ARG E 338 -79.34 -21.66 -48.48
C ARG E 338 -78.33 -22.86 -48.63
N VAL E 339 -77.24 -22.81 -47.83
CA VAL E 339 -76.14 -23.82 -47.79
C VAL E 339 -76.61 -25.11 -47.14
N VAL E 340 -76.71 -26.16 -48.01
CA VAL E 340 -77.25 -27.46 -47.59
C VAL E 340 -76.21 -28.47 -47.09
N SER E 341 -76.09 -28.56 -45.74
CA SER E 341 -75.12 -29.42 -45.07
C SER E 341 -75.45 -30.89 -45.21
N ASN E 342 -76.78 -31.13 -45.42
CA ASN E 342 -77.26 -32.43 -45.41
C ASN E 342 -78.18 -32.58 -46.62
N ILE E 343 -77.73 -33.37 -47.54
CA ILE E 343 -78.39 -33.69 -48.85
C ILE E 343 -79.82 -34.27 -48.66
N ASP E 344 -80.09 -35.00 -47.50
CA ASP E 344 -81.38 -35.54 -47.09
C ASP E 344 -82.36 -34.53 -46.45
N GLU E 345 -82.08 -33.21 -46.59
CA GLU E 345 -82.99 -32.15 -46.12
C GLU E 345 -83.33 -31.12 -47.19
N ILE E 346 -82.71 -31.25 -48.33
CA ILE E 346 -82.88 -30.31 -49.45
C ILE E 346 -84.33 -30.14 -50.01
N SER E 347 -84.69 -28.95 -50.47
CA SER E 347 -85.98 -28.65 -51.04
C SER E 347 -85.79 -27.40 -51.96
N GLU E 348 -86.94 -26.81 -52.47
CA GLU E 348 -87.00 -25.67 -53.39
C GLU E 348 -86.63 -24.32 -52.73
N GLN E 349 -86.74 -24.26 -51.43
CA GLN E 349 -86.32 -23.17 -50.60
C GLN E 349 -84.84 -23.01 -50.53
N ASP E 350 -84.15 -24.15 -50.39
CA ASP E 350 -82.74 -24.16 -50.26
C ASP E 350 -82.12 -23.67 -51.54
N LEU E 351 -82.72 -24.02 -52.76
CA LEU E 351 -82.22 -23.71 -54.10
C LEU E 351 -82.06 -22.24 -54.40
N GLY E 352 -81.00 -21.85 -55.04
CA GLY E 352 -80.79 -20.46 -55.34
C GLY E 352 -81.14 -20.10 -56.76
N TYR E 353 -81.16 -18.81 -57.08
CA TYR E 353 -81.38 -18.33 -58.38
C TYR E 353 -80.55 -17.15 -58.79
N ALA E 354 -79.92 -17.22 -59.93
CA ALA E 354 -79.03 -16.19 -60.53
C ALA E 354 -79.46 -16.35 -61.99
N SER E 355 -79.35 -15.15 -62.64
CA SER E 355 -79.80 -14.75 -64.01
C SER E 355 -78.99 -15.49 -65.06
N LEU E 356 -77.66 -15.48 -64.79
CA LEU E 356 -76.72 -16.06 -65.76
C LEU E 356 -75.53 -16.43 -64.86
N ILE E 357 -75.04 -17.69 -64.98
CA ILE E 357 -73.81 -18.09 -64.29
C ILE E 357 -72.82 -18.28 -65.44
N GLU E 358 -71.48 -17.96 -65.26
CA GLU E 358 -70.52 -18.13 -66.31
C GLU E 358 -69.18 -18.47 -65.71
N GLU E 359 -68.23 -18.83 -66.58
CA GLU E 359 -66.91 -19.00 -66.21
C GLU E 359 -66.06 -18.04 -66.98
N ARG E 360 -65.25 -17.19 -66.40
CA ARG E 360 -64.51 -16.19 -67.15
C ARG E 360 -63.09 -16.17 -66.69
N LYS E 361 -62.21 -15.71 -67.54
CA LYS E 361 -60.75 -15.53 -67.39
C LYS E 361 -60.49 -14.16 -67.01
N VAL E 362 -59.92 -13.98 -65.76
CA VAL E 362 -59.68 -12.66 -65.27
C VAL E 362 -58.29 -12.17 -65.23
N GLY E 363 -57.32 -13.10 -65.54
CA GLY E 363 -55.86 -12.89 -65.67
C GLY E 363 -55.28 -14.31 -65.75
N GLU E 364 -54.37 -14.66 -64.82
CA GLU E 364 -53.82 -16.02 -64.72
C GLU E 364 -54.90 -16.99 -64.24
N ASP E 365 -55.72 -16.52 -63.22
CA ASP E 365 -56.97 -17.25 -62.86
C ASP E 365 -58.16 -17.21 -63.83
N LYS E 366 -59.03 -18.23 -63.75
CA LYS E 366 -60.33 -18.26 -64.42
C LYS E 366 -61.24 -18.57 -63.33
N MET E 367 -62.35 -17.86 -63.25
CA MET E 367 -63.24 -18.03 -62.15
C MET E 367 -64.69 -18.23 -62.66
N VAL E 368 -65.65 -18.68 -61.80
CA VAL E 368 -67.02 -18.73 -62.10
C VAL E 368 -67.64 -17.41 -61.54
N PHE E 369 -68.51 -16.71 -62.22
CA PHE E 369 -69.21 -15.56 -61.70
C PHE E 369 -70.71 -15.95 -61.64
N VAL E 370 -71.43 -15.28 -60.65
CA VAL E 370 -72.86 -15.55 -60.48
C VAL E 370 -73.70 -14.27 -60.38
N GLU E 371 -73.67 -13.54 -61.51
CA GLU E 371 -74.30 -12.30 -61.70
C GLU E 371 -75.83 -12.32 -61.94
N GLY E 372 -76.50 -11.16 -61.64
CA GLY E 372 -77.99 -11.12 -61.75
C GLY E 372 -78.67 -11.64 -60.57
N ALA E 373 -77.94 -12.07 -59.57
CA ALA E 373 -78.54 -12.74 -58.38
C ALA E 373 -79.63 -11.90 -57.63
N LYS E 374 -80.62 -12.60 -57.01
CA LYS E 374 -81.77 -11.93 -56.42
C LYS E 374 -81.58 -10.82 -55.50
N ASN E 375 -80.65 -10.83 -54.58
CA ASN E 375 -80.41 -9.76 -53.61
C ASN E 375 -79.59 -8.67 -54.35
N PRO E 376 -80.13 -7.46 -54.56
CA PRO E 376 -79.42 -6.41 -55.29
C PRO E 376 -78.29 -5.79 -54.49
N LYS E 377 -78.40 -5.69 -53.16
CA LYS E 377 -77.32 -5.08 -52.35
C LYS E 377 -76.01 -5.91 -52.52
N SER E 378 -76.10 -7.29 -52.48
CA SER E 378 -74.94 -8.16 -52.61
C SER E 378 -74.20 -8.06 -53.92
N ILE E 379 -73.01 -7.35 -53.87
CA ILE E 379 -72.14 -7.13 -54.97
C ILE E 379 -70.66 -7.51 -54.53
N SER E 380 -69.74 -7.57 -55.51
CA SER E 380 -68.32 -7.91 -55.25
C SER E 380 -67.45 -6.93 -55.93
N ILE E 381 -66.19 -6.71 -55.47
CA ILE E 381 -65.19 -5.92 -56.14
C ILE E 381 -64.01 -6.86 -56.41
N LEU E 382 -63.44 -6.73 -57.63
CA LEU E 382 -62.36 -7.60 -57.95
C LEU E 382 -61.15 -6.74 -58.18
N ILE E 383 -60.18 -6.91 -57.19
CA ILE E 383 -58.87 -6.28 -57.28
C ILE E 383 -57.80 -7.16 -58.02
N ARG E 384 -56.93 -6.49 -58.86
CA ARG E 384 -55.86 -7.06 -59.57
C ARG E 384 -54.75 -6.02 -59.42
N GLY E 385 -53.48 -6.30 -59.79
CA GLY E 385 -52.31 -5.49 -59.47
C GLY E 385 -51.08 -6.32 -59.48
N GLY E 386 -50.10 -5.97 -60.27
CA GLY E 386 -48.81 -6.59 -60.52
C GLY E 386 -48.00 -7.25 -59.41
N LEU E 387 -47.81 -6.47 -58.35
CA LEU E 387 -46.84 -6.81 -57.33
C LEU E 387 -47.52 -7.29 -56.09
N GLU E 388 -46.95 -8.34 -55.47
CA GLU E 388 -47.39 -9.14 -54.29
C GLU E 388 -47.73 -8.31 -53.00
N ARG E 389 -47.13 -7.13 -52.76
CA ARG E 389 -47.42 -6.36 -51.51
C ARG E 389 -48.26 -5.22 -51.84
N LEU E 390 -48.05 -4.61 -53.00
CA LEU E 390 -48.93 -3.50 -53.52
C LEU E 390 -50.36 -3.92 -53.63
N VAL E 391 -50.60 -5.14 -54.03
CA VAL E 391 -51.94 -5.64 -54.05
C VAL E 391 -52.60 -5.75 -52.66
N ASP E 392 -51.91 -6.20 -51.64
CA ASP E 392 -52.40 -6.25 -50.34
C ASP E 392 -52.78 -4.89 -49.76
N GLU E 393 -51.91 -3.88 -49.91
CA GLU E 393 -52.17 -2.58 -49.41
C GLU E 393 -53.22 -1.78 -50.21
N THR E 394 -53.54 -2.19 -51.41
CA THR E 394 -54.74 -1.70 -52.18
C THR E 394 -56.01 -2.24 -51.55
N GLU E 395 -56.03 -3.43 -50.99
CA GLU E 395 -57.24 -4.03 -50.45
C GLU E 395 -57.59 -3.22 -49.18
N ARG E 396 -56.60 -2.78 -48.42
CA ARG E 396 -56.67 -2.00 -47.27
C ARG E 396 -57.20 -0.58 -47.55
N ALA E 397 -56.60 0.16 -48.43
CA ALA E 397 -57.01 1.42 -48.95
C ALA E 397 -58.46 1.42 -49.50
N LEU E 398 -58.80 0.37 -50.22
CA LEU E 398 -60.16 0.15 -50.71
C LEU E 398 -61.12 -0.12 -49.63
N ARG E 399 -60.80 -0.91 -48.56
CA ARG E 399 -61.64 -1.23 -47.40
C ARG E 399 -61.93 0.08 -46.64
N ASP E 400 -60.88 0.88 -46.39
CA ASP E 400 -61.05 2.21 -45.81
C ASP E 400 -61.83 3.20 -46.69
N ALA E 401 -61.54 3.25 -48.06
CA ALA E 401 -62.21 4.07 -49.07
C ALA E 401 -63.71 3.78 -49.05
N LEU E 402 -64.00 2.44 -49.05
CA LEU E 402 -65.43 1.98 -48.96
C LEU E 402 -66.04 2.43 -47.67
N GLY E 403 -65.46 2.06 -46.55
CA GLY E 403 -65.88 2.44 -45.22
C GLY E 403 -66.26 3.89 -45.04
N THR E 404 -65.27 4.74 -45.36
CA THR E 404 -65.31 6.19 -45.27
C THR E 404 -66.40 6.79 -46.09
N VAL E 405 -66.56 6.44 -47.36
CA VAL E 405 -67.64 6.92 -48.20
C VAL E 405 -68.99 6.53 -47.65
N ALA E 406 -69.16 5.28 -47.21
CA ALA E 406 -70.37 4.86 -46.56
C ALA E 406 -70.69 5.57 -45.27
N ASP E 407 -69.62 5.96 -44.46
CA ASP E 407 -69.80 6.67 -43.25
C ASP E 407 -70.30 8.03 -43.54
N VAL E 408 -69.91 8.63 -44.69
CA VAL E 408 -70.36 9.91 -45.20
C VAL E 408 -71.83 9.87 -45.54
N ILE E 409 -72.33 8.78 -46.10
CA ILE E 409 -73.75 8.55 -46.41
C ILE E 409 -74.56 8.28 -45.14
N LYS E 410 -74.10 7.44 -44.20
CA LYS E 410 -74.69 7.13 -42.94
C LYS E 410 -74.93 8.24 -41.99
N ASP E 411 -74.05 9.29 -42.02
CA ASP E 411 -74.00 10.55 -41.25
C ASP E 411 -74.68 11.65 -42.09
N GLY E 412 -73.95 12.09 -43.11
CA GLY E 412 -74.40 13.06 -44.04
C GLY E 412 -73.79 14.41 -43.94
N ARG E 413 -72.74 14.47 -43.12
CA ARG E 413 -71.94 15.71 -42.94
C ARG E 413 -70.44 15.64 -43.30
N ALA E 414 -69.96 16.74 -43.89
CA ALA E 414 -68.58 16.75 -44.47
C ALA E 414 -68.07 18.15 -44.38
N ILE E 415 -66.84 18.30 -43.93
CA ILE E 415 -66.14 19.61 -43.73
C ILE E 415 -64.97 19.63 -44.73
N ALA E 416 -64.36 20.82 -44.92
CA ALA E 416 -63.13 20.91 -45.76
C ALA E 416 -61.90 20.45 -45.02
N GLY E 417 -61.14 19.46 -45.53
CA GLY E 417 -59.89 19.11 -44.92
C GLY E 417 -58.83 20.14 -45.14
N GLY E 418 -57.51 19.84 -44.83
CA GLY E 418 -56.48 20.88 -44.87
C GLY E 418 -56.40 21.98 -43.80
N GLY E 419 -56.79 21.69 -42.52
CA GLY E 419 -56.79 22.66 -41.38
C GLY E 419 -58.02 23.59 -41.33
N ALA E 420 -58.98 23.51 -42.25
CA ALA E 420 -60.09 24.46 -42.18
C ALA E 420 -60.89 24.51 -40.82
N VAL E 421 -61.47 23.39 -40.36
CA VAL E 421 -62.19 23.39 -39.13
C VAL E 421 -61.35 23.64 -37.92
N GLU E 422 -60.04 23.30 -38.03
CA GLU E 422 -59.06 23.52 -37.05
C GLU E 422 -58.82 25.01 -36.79
N ILE E 423 -58.32 25.78 -37.81
CA ILE E 423 -58.05 27.23 -37.70
C ILE E 423 -59.23 27.97 -37.16
N GLU E 424 -60.48 27.58 -37.44
CA GLU E 424 -61.72 28.12 -36.96
C GLU E 424 -62.00 27.90 -35.54
N ILE E 425 -61.93 26.65 -35.02
CA ILE E 425 -61.92 26.36 -33.57
C ILE E 425 -60.83 27.08 -32.69
N ALA E 426 -59.70 27.40 -33.34
CA ALA E 426 -58.63 28.12 -32.79
C ALA E 426 -59.13 29.63 -32.70
N LYS E 427 -59.17 30.32 -33.87
CA LYS E 427 -59.60 31.71 -33.92
C LYS E 427 -60.77 32.09 -33.08
N LYS E 428 -61.90 31.32 -33.29
CA LYS E 428 -63.12 31.54 -32.59
C LYS E 428 -62.99 31.45 -31.05
N LEU E 429 -62.09 30.60 -30.55
CA LEU E 429 -61.82 30.38 -29.14
C LEU E 429 -60.99 31.41 -28.56
N ARG E 430 -60.07 31.94 -29.33
CA ARG E 430 -59.23 33.07 -28.87
C ARG E 430 -60.13 34.30 -28.58
N LYS E 431 -61.11 34.63 -29.50
CA LYS E 431 -62.11 35.71 -29.47
C LYS E 431 -63.10 35.47 -28.35
N TYR E 432 -63.32 34.24 -27.93
CA TYR E 432 -64.16 33.77 -26.91
C TYR E 432 -63.55 34.01 -25.54
N ALA E 433 -62.31 33.45 -25.34
CA ALA E 433 -61.46 33.47 -24.06
C ALA E 433 -61.67 34.71 -23.16
N PRO E 434 -61.32 35.93 -23.65
CA PRO E 434 -61.53 37.20 -22.88
C PRO E 434 -62.75 37.28 -22.02
N GLN E 435 -63.89 36.77 -22.54
CA GLN E 435 -65.19 37.02 -21.94
C GLN E 435 -65.54 35.99 -20.85
N VAL E 436 -64.94 34.87 -20.94
CA VAL E 436 -65.11 33.83 -19.95
C VAL E 436 -64.67 34.30 -18.53
N GLY E 437 -63.60 35.08 -18.33
CA GLY E 437 -63.24 35.56 -16.96
C GLY E 437 -61.82 35.33 -16.72
N GLY E 438 -61.37 35.31 -15.43
CA GLY E 438 -59.98 35.41 -15.08
C GLY E 438 -59.08 34.28 -15.55
N LYS E 439 -58.94 33.27 -14.69
CA LYS E 439 -57.97 32.16 -14.81
C LYS E 439 -58.29 31.18 -15.89
N GLU E 440 -59.63 30.81 -15.97
CA GLU E 440 -60.22 29.99 -17.01
C GLU E 440 -59.79 30.47 -18.43
N GLN E 441 -59.55 31.79 -18.66
CA GLN E 441 -59.10 32.38 -19.90
C GLN E 441 -57.81 31.77 -20.40
N LEU E 442 -56.71 31.63 -19.60
CA LEU E 442 -55.52 30.95 -20.01
C LEU E 442 -55.74 29.53 -20.46
N ALA E 443 -56.58 28.75 -19.78
CA ALA E 443 -56.91 27.35 -20.12
C ALA E 443 -57.56 27.26 -21.49
N VAL E 444 -58.60 28.11 -21.74
CA VAL E 444 -59.31 28.24 -23.02
C VAL E 444 -58.33 28.69 -24.11
N GLU E 445 -57.42 29.77 -23.86
CA GLU E 445 -56.35 30.18 -24.72
C GLU E 445 -55.41 29.01 -24.97
N ALA E 446 -55.03 28.15 -24.00
CA ALA E 446 -54.10 27.01 -24.12
C ALA E 446 -54.71 25.99 -25.06
N TYR E 447 -55.90 25.49 -24.81
CA TYR E 447 -56.73 24.72 -25.69
C TYR E 447 -56.77 25.20 -27.20
N ALA E 448 -56.92 26.58 -27.44
CA ALA E 448 -56.86 27.17 -28.80
C ALA E 448 -55.50 27.03 -29.36
N ASN E 449 -54.45 27.41 -28.60
CA ASN E 449 -53.05 27.19 -29.01
C ASN E 449 -52.66 25.83 -29.35
N ALA E 450 -53.04 24.79 -28.68
CA ALA E 450 -52.86 23.41 -29.07
C ALA E 450 -53.43 23.03 -30.49
N LEU E 451 -54.64 23.59 -30.80
CA LEU E 451 -55.23 23.45 -32.17
C LEU E 451 -54.36 24.08 -33.25
N GLU E 452 -53.72 25.24 -33.04
CA GLU E 452 -52.79 25.86 -33.98
C GLU E 452 -51.46 25.05 -34.04
N SER E 453 -50.87 24.49 -32.93
CA SER E 453 -49.78 23.56 -32.98
C SER E 453 -50.03 22.38 -33.81
N LEU E 454 -51.24 21.87 -33.78
CA LEU E 454 -51.61 20.77 -34.68
C LEU E 454 -51.47 21.10 -36.16
N VAL E 455 -51.97 22.24 -36.64
CA VAL E 455 -51.80 22.62 -38.05
C VAL E 455 -50.36 23.01 -38.32
N SER E 456 -49.60 23.53 -37.32
CA SER E 456 -48.19 23.87 -37.48
C SER E 456 -47.35 22.67 -37.73
N ILE E 457 -47.58 21.61 -36.89
CA ILE E 457 -47.02 20.29 -37.08
C ILE E 457 -47.19 19.75 -38.52
N LEU E 458 -48.44 19.86 -39.09
CA LEU E 458 -48.64 19.41 -40.44
C LEU E 458 -47.79 20.14 -41.47
N ILE E 459 -47.79 21.50 -41.37
CA ILE E 459 -46.95 22.31 -42.22
C ILE E 459 -45.40 22.08 -42.15
N GLU E 460 -44.88 22.07 -40.85
CA GLU E 460 -43.49 21.80 -40.42
C GLU E 460 -43.04 20.62 -41.24
N ASN E 461 -43.74 19.44 -41.15
CA ASN E 461 -43.32 18.18 -41.86
C ASN E 461 -43.23 18.42 -43.33
N ALA E 462 -43.75 19.51 -43.96
CA ALA E 462 -43.63 19.82 -45.40
C ALA E 462 -42.26 20.39 -45.75
N GLY E 463 -41.62 21.04 -44.78
CA GLY E 463 -40.33 21.66 -44.88
C GLY E 463 -40.31 23.20 -45.03
N PHE E 464 -41.46 23.87 -44.76
CA PHE E 464 -41.68 25.33 -44.92
C PHE E 464 -41.53 25.96 -43.53
N ASP E 465 -41.80 27.27 -43.31
CA ASP E 465 -41.73 27.97 -42.04
C ASP E 465 -43.16 27.86 -41.46
N PRO E 466 -43.46 27.10 -40.40
CA PRO E 466 -44.79 27.02 -39.83
C PRO E 466 -45.43 28.30 -39.43
N ILE E 467 -44.68 29.20 -38.76
CA ILE E 467 -45.21 30.44 -38.24
C ILE E 467 -45.78 31.33 -39.36
N ASP E 468 -44.97 31.51 -40.40
CA ASP E 468 -45.35 32.29 -41.62
C ASP E 468 -46.75 31.81 -42.16
N LEU E 469 -46.82 30.52 -42.58
CA LEU E 469 -48.05 30.09 -43.16
C LEU E 469 -49.27 30.06 -42.21
N LEU E 470 -49.06 29.66 -40.94
CA LEU E 470 -50.14 29.60 -39.97
C LEU E 470 -50.71 30.99 -39.80
N MET E 471 -49.85 31.98 -39.63
CA MET E 471 -50.25 33.37 -39.52
C MET E 471 -50.87 33.97 -40.80
N LYS E 472 -50.23 33.72 -41.99
CA LYS E 472 -50.78 34.18 -43.30
C LYS E 472 -52.18 33.60 -43.56
N LEU E 473 -52.47 32.44 -43.00
CA LEU E 473 -53.73 31.78 -43.13
C LEU E 473 -54.71 32.30 -42.06
N ARG E 474 -54.26 32.34 -40.76
CA ARG E 474 -55.15 32.82 -39.72
C ARG E 474 -55.60 34.32 -39.91
N SER E 475 -54.95 35.10 -40.89
CA SER E 475 -55.40 36.36 -41.38
C SER E 475 -56.35 36.27 -42.51
N THR E 476 -56.12 35.45 -43.54
CA THR E 476 -57.04 35.15 -44.67
C THR E 476 -58.17 34.24 -44.27
N HIS E 477 -58.37 33.99 -42.92
CA HIS E 477 -59.51 33.21 -42.44
C HIS E 477 -60.30 34.11 -41.45
N GLU E 478 -60.08 35.44 -41.38
CA GLU E 478 -60.93 36.41 -40.68
C GLU E 478 -62.21 36.61 -41.48
N ASN E 479 -62.07 36.89 -42.85
CA ASN E 479 -63.22 36.97 -43.76
C ASN E 479 -64.06 35.75 -43.86
N GLU E 480 -65.36 35.89 -43.48
CA GLU E 480 -66.40 34.90 -43.37
C GLU E 480 -66.65 34.07 -44.63
N ASN E 481 -66.31 34.54 -45.84
CA ASN E 481 -66.37 33.73 -47.12
C ASN E 481 -65.31 32.72 -47.10
N ASN E 482 -64.16 32.90 -46.44
CA ASN E 482 -63.09 31.93 -46.43
C ASN E 482 -63.15 30.83 -45.38
N LYS E 483 -64.36 30.33 -45.14
CA LYS E 483 -64.61 29.22 -44.33
C LYS E 483 -63.96 27.86 -44.68
N TRP E 484 -63.77 27.57 -46.01
CA TRP E 484 -63.09 26.40 -46.46
C TRP E 484 -61.66 26.78 -46.86
N TYR E 485 -61.03 27.89 -46.31
CA TYR E 485 -59.61 28.17 -46.53
C TYR E 485 -58.64 27.43 -45.62
N GLY E 486 -57.56 26.87 -46.18
CA GLY E 486 -56.61 26.07 -45.43
C GLY E 486 -55.19 26.34 -45.93
N ILE E 487 -54.16 25.43 -45.66
CA ILE E 487 -52.79 25.63 -46.01
C ILE E 487 -52.17 24.59 -46.96
N ASP E 488 -51.94 25.04 -48.21
CA ASP E 488 -51.59 24.16 -49.31
C ASP E 488 -50.35 23.43 -49.00
N LEU E 489 -50.42 22.12 -48.82
CA LEU E 489 -49.27 21.29 -48.42
C LEU E 489 -48.17 21.06 -49.46
N TYR E 490 -48.42 21.43 -50.72
CA TYR E 490 -47.41 21.27 -51.80
C TYR E 490 -46.95 22.58 -52.35
N ALA E 491 -47.82 23.57 -52.47
CA ALA E 491 -47.39 24.91 -52.94
C ALA E 491 -47.01 25.90 -51.81
N GLY E 492 -47.59 25.76 -50.60
CA GLY E 492 -47.39 26.51 -49.35
C GLY E 492 -47.80 27.96 -49.33
N GLN E 493 -49.11 28.17 -49.21
CA GLN E 493 -49.75 29.46 -49.29
C GLN E 493 -51.17 29.15 -49.04
N PRO E 494 -51.92 30.03 -48.35
CA PRO E 494 -53.33 29.72 -47.90
C PRO E 494 -54.22 29.57 -49.14
N VAL E 495 -55.07 28.49 -49.26
CA VAL E 495 -55.99 28.31 -50.39
C VAL E 495 -57.26 27.65 -50.00
N ASP E 496 -58.40 27.62 -50.77
CA ASP E 496 -59.59 26.99 -50.47
C ASP E 496 -59.55 25.49 -50.73
N MET E 497 -59.63 24.70 -49.66
CA MET E 497 -59.47 23.29 -49.63
C MET E 497 -60.65 22.64 -50.26
N TRP E 498 -61.90 22.98 -49.96
CA TRP E 498 -63.07 22.49 -50.55
C TRP E 498 -63.06 22.45 -52.10
N GLN E 499 -62.77 23.66 -52.64
CA GLN E 499 -62.54 23.96 -54.05
C GLN E 499 -61.21 23.44 -54.49
N LYS E 500 -60.75 22.34 -53.94
CA LYS E 500 -59.51 21.63 -54.26
C LYS E 500 -59.66 20.08 -54.01
N GLY E 501 -60.92 19.63 -53.82
CA GLY E 501 -61.27 18.21 -53.63
C GLY E 501 -60.95 17.68 -52.24
N VAL E 502 -60.33 18.52 -51.41
CA VAL E 502 -59.96 18.10 -50.12
C VAL E 502 -61.08 18.32 -49.09
N ILE E 503 -61.93 17.30 -48.98
CA ILE E 503 -63.08 17.32 -48.09
C ILE E 503 -62.82 16.08 -47.25
N GLU E 504 -63.38 16.06 -45.96
CA GLU E 504 -63.24 15.01 -45.05
C GLU E 504 -64.51 14.81 -44.15
N PRO E 505 -64.72 13.60 -43.63
CA PRO E 505 -65.79 13.23 -42.65
C PRO E 505 -65.81 14.13 -41.38
N ALA E 506 -66.84 14.99 -41.18
CA ALA E 506 -67.02 15.95 -40.09
C ALA E 506 -67.26 15.34 -38.72
N LEU E 507 -67.62 14.04 -38.65
CA LEU E 507 -68.01 13.42 -37.41
C LEU E 507 -66.71 12.75 -36.74
N VAL E 508 -65.74 12.24 -37.54
CA VAL E 508 -64.45 11.77 -37.18
C VAL E 508 -63.61 12.88 -36.49
N LYS E 509 -63.55 14.07 -37.16
CA LYS E 509 -62.75 15.14 -36.71
C LYS E 509 -63.43 15.91 -35.62
N MET E 510 -64.60 15.35 -35.10
CA MET E 510 -65.32 15.95 -34.03
C MET E 510 -65.15 14.99 -32.82
N ASN E 511 -65.34 13.64 -33.00
CA ASN E 511 -65.17 12.80 -31.82
C ASN E 511 -63.82 12.58 -31.28
N ALA E 512 -62.76 12.64 -32.15
CA ALA E 512 -61.34 12.60 -31.91
C ALA E 512 -60.87 13.69 -30.89
N ILE E 513 -61.22 14.91 -31.18
CA ILE E 513 -60.99 16.07 -30.35
C ILE E 513 -61.57 15.92 -28.88
N LYS E 514 -62.87 15.39 -28.83
CA LYS E 514 -63.62 15.00 -27.62
C LYS E 514 -62.89 13.88 -26.85
N ALA E 515 -62.44 12.83 -27.53
CA ALA E 515 -61.62 11.71 -27.01
C ALA E 515 -60.41 12.20 -26.36
N ALA E 516 -59.59 12.90 -27.18
CA ALA E 516 -58.32 13.45 -26.77
C ALA E 516 -58.33 14.30 -25.58
N THR E 517 -59.34 15.23 -25.53
CA THR E 517 -59.65 16.14 -24.42
C THR E 517 -60.09 15.36 -23.18
N GLU E 518 -60.80 14.21 -23.35
CA GLU E 518 -61.12 13.27 -22.26
C GLU E 518 -59.83 12.78 -21.55
N ALA E 519 -58.95 12.19 -22.35
CA ALA E 519 -57.67 11.60 -21.91
C ALA E 519 -56.87 12.75 -21.27
N ALA E 520 -56.62 13.86 -21.95
CA ALA E 520 -55.89 15.03 -21.45
C ALA E 520 -56.37 15.52 -20.12
N THR E 521 -57.71 15.76 -19.96
CA THR E 521 -58.26 16.22 -18.72
C THR E 521 -58.23 15.15 -17.59
N LEU E 522 -58.24 13.85 -17.98
CA LEU E 522 -58.13 12.75 -17.03
C LEU E 522 -56.72 12.79 -16.42
N VAL E 523 -55.68 13.13 -17.32
CA VAL E 523 -54.25 13.22 -16.84
C VAL E 523 -54.00 14.21 -15.81
N LEU E 524 -54.67 15.46 -15.94
CA LEU E 524 -54.49 16.51 -14.98
C LEU E 524 -55.17 16.24 -13.63
N ARG E 525 -56.31 15.48 -13.58
CA ARG E 525 -57.04 15.05 -12.35
C ARG E 525 -56.21 14.08 -11.56
N ILE E 526 -55.32 13.24 -12.13
CA ILE E 526 -54.45 12.29 -11.35
C ILE E 526 -53.37 12.96 -10.49
N ASP E 527 -53.61 13.00 -9.12
CA ASP E 527 -52.65 13.59 -8.14
C ASP E 527 -51.45 12.76 -7.73
N ASP E 528 -51.71 11.42 -7.54
CA ASP E 528 -50.77 10.49 -6.95
C ASP E 528 -51.00 9.12 -7.69
N VAL E 529 -49.98 8.22 -7.59
CA VAL E 529 -50.05 6.90 -8.16
C VAL E 529 -49.46 5.89 -7.17
N VAL E 530 -50.17 4.79 -6.86
CA VAL E 530 -49.61 3.72 -5.94
C VAL E 530 -49.76 2.42 -6.70
N SER E 531 -48.73 1.57 -6.60
CA SER E 531 -48.64 0.31 -7.27
C SER E 531 -48.70 -0.99 -6.43
N ALA E 532 -49.02 -2.07 -7.03
CA ALA E 532 -49.33 -3.37 -6.26
C ALA E 532 -48.06 -4.24 -5.88
N GLY F 28 -40.98 7.60 27.94
CA GLY F 28 -41.82 8.87 27.65
C GLY F 28 -42.21 9.16 26.23
N LYS F 29 -41.63 10.26 25.73
CA LYS F 29 -41.79 10.83 24.38
C LYS F 29 -41.65 9.76 23.23
N GLU F 30 -40.81 8.75 23.49
CA GLU F 30 -40.42 7.63 22.65
C GLU F 30 -41.40 7.16 21.65
N ALA F 31 -42.41 6.41 22.01
CA ALA F 31 -43.35 5.81 21.07
C ALA F 31 -44.46 6.75 20.63
N VAL F 32 -44.98 7.52 21.62
CA VAL F 32 -46.08 8.50 21.49
C VAL F 32 -45.95 9.42 20.26
N ARG F 33 -44.67 9.79 19.90
CA ARG F 33 -44.32 10.55 18.66
C ARG F 33 -44.57 9.74 17.38
N ALA F 34 -44.14 8.49 17.35
CA ALA F 34 -44.41 7.55 16.23
C ALA F 34 -45.90 7.39 15.92
N ASN F 35 -46.74 7.11 16.90
CA ASN F 35 -48.17 7.00 16.73
C ASN F 35 -48.83 8.23 16.02
N ILE F 36 -48.65 9.50 16.62
CA ILE F 36 -49.02 10.82 16.03
C ILE F 36 -48.47 11.04 14.63
N ALA F 37 -47.09 10.91 14.47
CA ALA F 37 -46.46 10.85 13.19
C ALA F 37 -47.14 10.00 12.15
N ALA F 38 -47.38 8.74 12.55
CA ALA F 38 -48.09 7.73 11.71
C ALA F 38 -49.47 8.16 11.14
N VAL F 39 -50.31 8.74 12.09
CA VAL F 39 -51.60 9.35 11.90
C VAL F 39 -51.48 10.45 10.94
N LYS F 40 -50.58 11.39 11.17
CA LYS F 40 -50.17 12.37 10.22
C LYS F 40 -49.81 11.94 8.82
N ALA F 41 -49.07 10.89 8.69
CA ALA F 41 -48.77 10.32 7.44
C ALA F 41 -49.92 9.87 6.55
N VAL F 42 -50.78 9.11 7.23
CA VAL F 42 -52.02 8.63 6.61
C VAL F 42 -52.89 9.75 6.16
N GLU F 43 -52.97 10.87 6.94
CA GLU F 43 -53.76 12.07 6.64
C GLU F 43 -53.25 12.67 5.32
N GLU F 44 -51.89 12.87 5.25
CA GLU F 44 -51.28 13.42 4.06
C GLU F 44 -51.49 12.66 2.76
N ALA F 45 -52.16 11.42 2.86
CA ALA F 45 -52.42 10.58 1.72
C ALA F 45 -53.75 10.73 1.11
N LEU F 46 -54.68 11.25 1.92
CA LEU F 46 -56.06 11.37 1.58
C LEU F 46 -56.45 12.90 1.48
N LYS F 47 -55.77 13.81 2.19
CA LYS F 47 -55.97 15.27 2.19
C LYS F 47 -56.45 15.97 0.89
N SER F 48 -55.69 15.66 -0.22
CA SER F 48 -55.99 16.18 -1.56
C SER F 48 -57.25 15.67 -2.32
N THR F 49 -58.02 14.85 -1.60
CA THR F 49 -59.21 14.22 -2.21
C THR F 49 -60.44 14.55 -1.51
N TYR F 50 -60.50 15.37 -0.44
CA TYR F 50 -61.65 15.76 0.23
C TYR F 50 -62.54 16.70 -0.56
N GLY F 51 -63.88 16.54 -0.43
CA GLY F 51 -64.88 17.42 -1.05
C GLY F 51 -65.05 17.33 -2.57
N PRO F 52 -65.92 18.05 -3.14
CA PRO F 52 -66.23 17.97 -4.52
C PRO F 52 -65.09 18.47 -5.37
N ARG F 53 -64.18 19.20 -4.73
CA ARG F 53 -63.05 19.87 -5.41
C ARG F 53 -61.77 18.97 -5.22
N GLY F 54 -61.92 17.77 -4.56
CA GLY F 54 -60.79 16.84 -4.35
C GLY F 54 -60.27 16.19 -5.67
N MET F 55 -58.99 15.71 -5.68
CA MET F 55 -58.21 15.13 -6.78
C MET F 55 -57.93 13.64 -6.80
N ASP F 56 -58.15 13.02 -7.98
CA ASP F 56 -58.23 11.63 -8.26
C ASP F 56 -56.94 10.94 -8.05
N LYS F 57 -56.99 9.76 -7.44
CA LYS F 57 -55.82 8.93 -7.11
C LYS F 57 -55.70 7.66 -7.95
N MET F 58 -54.50 7.25 -8.32
CA MET F 58 -54.38 6.08 -9.12
C MET F 58 -53.81 4.92 -8.33
N LEU F 59 -54.41 3.74 -8.66
CA LEU F 59 -54.08 2.43 -8.18
C LEU F 59 -53.88 1.47 -9.37
N VAL F 60 -52.64 0.90 -9.44
CA VAL F 60 -52.07 0.08 -10.51
C VAL F 60 -52.01 -1.31 -9.88
N ASP F 61 -52.82 -2.22 -10.33
CA ASP F 61 -53.07 -3.49 -9.69
C ASP F 61 -52.09 -4.58 -10.10
N SER F 62 -52.24 -5.81 -9.51
CA SER F 62 -51.44 -6.99 -9.66
C SER F 62 -50.94 -7.34 -11.03
N LEU F 63 -51.78 -7.42 -12.03
CA LEU F 63 -51.45 -7.88 -13.36
C LEU F 63 -51.38 -6.77 -14.34
N GLY F 64 -51.22 -5.51 -13.75
CA GLY F 64 -50.99 -4.31 -14.54
C GLY F 64 -52.21 -3.59 -14.92
N ASP F 65 -53.40 -4.02 -14.45
CA ASP F 65 -54.57 -3.32 -14.77
C ASP F 65 -54.55 -1.94 -14.05
N ILE F 66 -55.20 -0.93 -14.60
CA ILE F 66 -55.13 0.41 -14.10
C ILE F 66 -56.50 0.68 -13.48
N THR F 67 -56.57 1.35 -12.28
CA THR F 67 -57.75 1.76 -11.62
C THR F 67 -57.61 3.11 -11.07
N ILE F 68 -58.45 3.97 -11.57
CA ILE F 68 -58.46 5.40 -11.15
C ILE F 68 -59.60 5.58 -10.18
N THR F 69 -59.38 6.18 -8.94
CA THR F 69 -60.51 6.24 -8.10
C THR F 69 -60.25 7.43 -7.10
N ASN F 70 -61.28 7.74 -6.26
CA ASN F 70 -61.25 8.75 -5.22
C ASN F 70 -61.92 8.21 -3.98
N ASP F 71 -62.11 6.89 -3.97
CA ASP F 71 -62.72 6.31 -2.78
C ASP F 71 -61.94 6.22 -1.46
N GLY F 72 -62.38 6.82 -0.36
CA GLY F 72 -61.70 6.78 0.97
C GLY F 72 -61.33 5.40 1.43
N ALA F 73 -62.31 4.50 1.55
CA ALA F 73 -62.31 3.15 1.95
C ALA F 73 -61.19 2.32 1.35
N THR F 74 -61.18 2.13 0.00
CA THR F 74 -60.23 1.30 -0.71
C THR F 74 -58.71 1.62 -0.46
N ILE F 75 -58.47 2.88 -0.40
CA ILE F 75 -57.22 3.49 -0.12
C ILE F 75 -56.78 3.22 1.32
N LEU F 76 -57.63 2.78 2.27
CA LEU F 76 -57.23 2.34 3.60
C LEU F 76 -57.29 0.82 3.56
N ASP F 77 -58.21 0.18 2.78
CA ASP F 77 -58.32 -1.26 2.72
C ASP F 77 -57.04 -1.89 2.08
N LYS F 78 -56.55 -1.36 0.93
CA LYS F 78 -55.44 -1.79 0.09
C LYS F 78 -54.13 -1.41 0.68
N MET F 79 -54.19 -0.60 1.81
CA MET F 79 -53.01 -0.16 2.51
C MET F 79 -52.37 -1.13 3.40
N ASP F 80 -51.04 -1.06 3.52
CA ASP F 80 -50.31 -1.86 4.41
C ASP F 80 -49.72 -0.91 5.44
N LEU F 81 -49.76 -1.25 6.76
CA LEU F 81 -49.34 -0.42 7.90
C LEU F 81 -48.50 -1.22 8.90
N GLN F 82 -47.52 -0.46 9.34
CA GLN F 82 -46.51 -0.96 10.24
C GLN F 82 -46.63 -0.45 11.61
N HIS F 83 -47.54 0.53 11.85
CA HIS F 83 -47.81 1.11 13.08
C HIS F 83 -49.23 0.78 13.58
N PRO F 84 -49.42 0.15 14.74
CA PRO F 84 -50.76 -0.12 15.38
C PRO F 84 -51.65 1.15 15.49
N ALA F 85 -51.13 2.35 15.97
CA ALA F 85 -51.95 3.56 16.07
C ALA F 85 -52.73 3.83 14.83
N ALA F 86 -52.05 3.89 13.65
CA ALA F 86 -52.68 3.99 12.38
C ALA F 86 -53.74 2.77 12.21
N LYS F 87 -53.30 1.48 12.46
CA LYS F 87 -54.28 0.39 12.26
C LYS F 87 -55.53 0.47 13.11
N LEU F 88 -55.47 1.00 14.32
CA LEU F 88 -56.61 1.18 15.22
C LEU F 88 -57.55 2.28 14.65
N LEU F 89 -56.93 3.36 14.02
CA LEU F 89 -57.61 4.49 13.39
C LEU F 89 -58.38 4.02 12.22
N VAL F 90 -57.79 3.34 11.14
CA VAL F 90 -58.42 2.92 9.93
C VAL F 90 -59.51 1.96 10.16
N GLN F 91 -59.54 1.07 11.18
CA GLN F 91 -60.64 0.25 11.65
C GLN F 91 -61.88 1.05 12.22
N ILE F 92 -61.62 2.11 13.00
CA ILE F 92 -62.67 3.00 13.55
C ILE F 92 -63.21 3.83 12.46
N ALA F 93 -62.37 4.37 11.56
CA ALA F 93 -62.78 5.18 10.50
C ALA F 93 -63.52 4.46 9.40
N LYS F 94 -62.92 3.44 8.72
CA LYS F 94 -63.49 2.69 7.63
C LYS F 94 -64.78 1.93 7.99
N GLY F 95 -64.71 0.94 8.91
CA GLY F 95 -65.70 0.00 9.42
C GLY F 95 -66.90 0.67 9.93
N GLN F 96 -68.07 0.31 9.35
CA GLN F 96 -69.42 0.76 9.73
C GLN F 96 -70.55 -0.35 9.57
N ASP F 97 -71.65 -0.10 10.35
CA ASP F 97 -72.71 -1.03 10.55
C ASP F 97 -73.98 -0.40 9.99
N GLU F 98 -73.87 0.76 9.27
CA GLU F 98 -74.99 1.47 8.72
C GLU F 98 -74.98 1.24 7.19
N GLU F 99 -76.14 1.34 6.54
CA GLU F 99 -76.23 1.05 5.08
C GLU F 99 -75.63 2.09 4.22
N THR F 100 -75.72 3.39 4.63
CA THR F 100 -75.04 4.44 3.90
C THR F 100 -73.66 4.55 4.54
N ALA F 101 -72.63 4.75 3.73
CA ALA F 101 -71.20 4.78 4.08
C ALA F 101 -70.65 6.17 4.15
N ASP F 102 -71.52 7.25 4.05
CA ASP F 102 -71.05 8.61 3.94
C ASP F 102 -70.26 9.17 5.15
N GLY F 103 -69.41 10.21 4.90
CA GLY F 103 -68.57 10.81 5.96
C GLY F 103 -67.30 10.16 6.21
N THR F 104 -66.92 9.16 5.42
CA THR F 104 -65.72 8.40 5.78
C THR F 104 -64.47 9.18 5.55
N LYS F 105 -64.32 10.06 4.50
CA LYS F 105 -63.20 10.94 4.27
C LYS F 105 -63.08 11.99 5.36
N THR F 106 -64.30 12.44 5.84
CA THR F 106 -64.42 13.46 6.82
C THR F 106 -63.91 12.89 8.07
N ALA F 107 -64.42 11.76 8.56
CA ALA F 107 -63.90 10.95 9.65
C ALA F 107 -62.43 10.77 9.68
N VAL F 108 -61.66 10.38 8.59
CA VAL F 108 -60.24 10.19 8.71
C VAL F 108 -59.52 11.58 8.85
N ILE F 109 -59.79 12.49 7.94
CA ILE F 109 -59.19 13.82 7.99
C ILE F 109 -59.36 14.56 9.34
N PHE F 110 -60.68 14.69 9.81
CA PHE F 110 -60.98 15.16 11.12
C PHE F 110 -60.32 14.36 12.22
N SER F 111 -60.15 13.03 12.13
CA SER F 111 -59.30 12.32 13.13
C SER F 111 -57.92 12.79 13.22
N GLY F 112 -57.23 12.81 12.13
CA GLY F 112 -55.85 13.22 12.12
C GLY F 112 -55.60 14.68 12.43
N GLU F 113 -56.53 15.64 12.12
CA GLU F 113 -56.38 17.05 12.55
C GLU F 113 -56.50 17.07 13.97
N LEU F 114 -57.41 16.37 14.58
CA LEU F 114 -57.65 16.37 16.02
C LEU F 114 -56.45 15.86 16.89
N VAL F 115 -55.79 14.77 16.38
CA VAL F 115 -54.52 14.19 16.87
C VAL F 115 -53.43 15.25 16.70
N LYS F 116 -53.33 15.89 15.48
CA LYS F 116 -52.43 16.97 15.11
C LYS F 116 -52.53 18.12 16.09
N LYS F 117 -53.75 18.67 16.18
CA LYS F 117 -53.97 19.75 17.07
C LYS F 117 -53.70 19.43 18.55
N ALA F 118 -53.78 18.12 18.94
CA ALA F 118 -53.33 17.63 20.23
C ALA F 118 -51.78 17.52 20.34
N GLU F 119 -51.01 17.30 19.33
CA GLU F 119 -49.54 17.31 19.20
C GLU F 119 -48.90 18.60 19.55
N ASP F 120 -49.60 19.71 19.11
CA ASP F 120 -49.11 21.02 19.36
C ASP F 120 -49.11 21.42 20.85
N LEU F 121 -50.04 20.80 21.61
CA LEU F 121 -50.15 20.88 23.05
C LEU F 121 -49.12 19.99 23.73
N LEU F 122 -48.82 18.78 23.23
CA LEU F 122 -47.79 17.93 23.74
C LEU F 122 -46.40 18.57 23.67
N TYR F 123 -46.16 19.38 22.58
CA TYR F 123 -45.01 20.27 22.41
C TYR F 123 -44.90 21.35 23.47
N LYS F 124 -46.07 21.89 23.91
CA LYS F 124 -46.22 22.90 24.96
C LYS F 124 -46.12 22.33 26.36
N ASP F 125 -45.79 21.02 26.48
CA ASP F 125 -45.69 20.20 27.66
C ASP F 125 -47.08 19.93 28.35
N VAL F 126 -48.16 20.04 27.61
CA VAL F 126 -49.48 19.65 28.09
C VAL F 126 -49.66 18.12 28.30
N HIS F 127 -50.35 17.70 29.42
CA HIS F 127 -50.58 16.35 29.71
C HIS F 127 -51.71 15.75 28.87
N PRO F 128 -51.64 14.49 28.30
CA PRO F 128 -52.67 13.89 27.49
C PRO F 128 -54.04 13.75 28.16
N THR F 129 -54.10 13.54 29.48
CA THR F 129 -55.28 13.39 30.31
C THR F 129 -56.15 14.65 30.26
N ILE F 130 -55.54 15.86 30.13
CA ILE F 130 -56.33 17.11 30.05
C ILE F 130 -56.96 17.26 28.66
N ILE F 131 -56.15 17.04 27.65
CA ILE F 131 -56.60 17.01 26.32
C ILE F 131 -57.71 15.98 26.05
N ILE F 132 -57.87 14.84 26.76
CA ILE F 132 -59.03 13.98 26.65
C ILE F 132 -60.24 14.65 27.27
N SER F 133 -60.14 15.16 28.50
CA SER F 133 -61.22 15.72 29.23
C SER F 133 -61.86 16.91 28.56
N GLY F 134 -60.98 17.70 28.04
CA GLY F 134 -61.26 18.82 27.13
C GLY F 134 -62.03 18.46 25.94
N TYR F 135 -61.54 17.45 25.12
CA TYR F 135 -62.18 17.00 23.99
C TYR F 135 -63.64 16.41 24.32
N LYS F 136 -63.79 15.66 25.39
CA LYS F 136 -65.05 15.21 25.93
C LYS F 136 -66.04 16.30 26.24
N LYS F 137 -65.73 17.30 27.09
CA LYS F 137 -66.61 18.43 27.33
C LYS F 137 -67.05 19.11 25.99
N ALA F 138 -66.13 19.27 25.09
CA ALA F 138 -66.30 19.84 23.83
C ALA F 138 -67.13 19.00 22.82
N GLU F 139 -66.93 17.66 22.78
CA GLU F 139 -67.63 16.70 22.00
C GLU F 139 -69.14 16.62 22.30
N GLU F 140 -69.44 16.56 23.60
CA GLU F 140 -70.80 16.68 24.16
C GLU F 140 -71.59 17.79 23.53
N VAL F 141 -71.09 19.05 23.78
CA VAL F 141 -71.66 20.24 23.18
C VAL F 141 -71.75 20.19 21.70
N ALA F 142 -70.62 19.90 20.92
CA ALA F 142 -70.55 19.68 19.46
C ALA F 142 -71.61 18.67 18.93
N LEU F 143 -71.96 17.56 19.53
CA LEU F 143 -73.00 16.62 19.15
C LEU F 143 -74.29 17.30 19.36
N GLN F 144 -74.63 17.64 20.60
CA GLN F 144 -75.92 18.24 20.86
C GLN F 144 -76.36 19.50 20.03
N THR F 145 -75.32 20.33 19.57
CA THR F 145 -75.44 21.39 18.59
C THR F 145 -75.92 20.92 17.23
N ILE F 146 -75.86 19.69 16.86
CA ILE F 146 -76.50 19.24 15.58
C ILE F 146 -77.94 18.87 15.87
N GLN F 147 -78.09 18.20 17.04
CA GLN F 147 -79.40 17.75 17.52
C GLN F 147 -80.41 18.92 17.66
N GLU F 148 -80.13 19.93 18.53
CA GLU F 148 -80.86 21.17 18.71
C GLU F 148 -80.64 22.16 17.53
N LEU F 149 -80.61 21.62 16.27
CA LEU F 149 -80.33 22.54 15.15
C LEU F 149 -80.77 21.92 13.81
N ALA F 150 -80.83 20.57 13.80
CA ALA F 150 -81.37 19.83 12.68
C ALA F 150 -82.87 19.99 12.50
N GLN F 151 -83.36 19.97 11.22
CA GLN F 151 -84.72 20.30 10.87
C GLN F 151 -85.43 19.09 10.42
N THR F 152 -86.72 19.06 10.82
CA THR F 152 -87.65 17.98 10.75
C THR F 152 -87.99 17.71 9.31
N VAL F 153 -87.48 16.56 8.84
CA VAL F 153 -87.67 15.95 7.51
C VAL F 153 -88.52 14.72 7.59
N SER F 154 -89.73 14.86 6.98
CA SER F 154 -90.73 13.84 7.03
C SER F 154 -91.16 13.36 5.62
N ILE F 155 -92.04 12.35 5.56
CA ILE F 155 -92.33 11.67 4.32
C ILE F 155 -93.14 12.46 3.28
N ASN F 156 -93.75 13.58 3.73
CA ASN F 156 -94.43 14.53 2.88
C ASN F 156 -93.57 15.77 2.43
N ASP F 157 -92.32 15.74 2.88
CA ASP F 157 -91.26 16.69 2.45
C ASP F 157 -90.52 16.10 1.27
N THR F 158 -91.37 15.79 0.24
CA THR F 158 -91.08 14.92 -0.85
C THR F 158 -90.26 15.75 -1.83
N ASP F 159 -90.40 17.10 -1.83
CA ASP F 159 -89.55 18.02 -2.48
C ASP F 159 -88.19 18.22 -1.82
N LEU F 160 -88.06 17.74 -0.54
CA LEU F 160 -86.84 17.74 0.26
C LEU F 160 -86.00 16.55 0.11
N LEU F 161 -86.51 15.39 0.19
CA LEU F 161 -85.77 14.18 -0.03
C LEU F 161 -85.11 14.14 -1.45
N ARG F 162 -85.72 14.91 -2.39
CA ARG F 162 -85.22 15.29 -3.67
C ARG F 162 -83.90 16.09 -3.56
N LYS F 163 -83.64 16.84 -2.50
CA LYS F 163 -82.47 17.66 -2.36
C LYS F 163 -81.43 16.81 -1.82
N ILE F 164 -81.63 16.21 -0.58
CA ILE F 164 -80.76 15.25 -0.07
C ILE F 164 -80.11 14.12 -1.06
N ALA F 165 -80.84 13.63 -2.09
CA ALA F 165 -80.42 12.76 -3.16
C ALA F 165 -79.49 13.48 -4.12
N MET F 166 -79.89 14.72 -4.50
CA MET F 166 -79.05 15.47 -5.40
C MET F 166 -77.68 15.81 -4.82
N THR F 167 -77.65 16.14 -3.42
CA THR F 167 -76.47 16.33 -2.62
C THR F 167 -75.53 15.09 -2.67
N SER F 168 -75.94 13.93 -3.24
CA SER F 168 -75.17 12.74 -3.29
C SER F 168 -74.63 12.54 -4.76
N LEU F 169 -75.54 12.69 -5.72
CA LEU F 169 -75.27 12.41 -7.14
C LEU F 169 -74.47 13.57 -7.69
N SER F 170 -74.61 14.77 -7.13
CA SER F 170 -73.88 15.85 -7.69
C SER F 170 -72.32 15.80 -7.62
N SER F 171 -71.76 15.03 -6.65
CA SER F 171 -70.33 14.93 -6.39
C SER F 171 -69.73 13.75 -7.15
N LYS F 172 -70.52 13.02 -7.96
CA LYS F 172 -70.12 11.85 -8.73
C LYS F 172 -69.87 12.34 -10.19
N ALA F 173 -69.15 11.56 -10.99
CA ALA F 173 -68.72 11.90 -12.31
C ALA F 173 -69.76 12.13 -13.37
N VAL F 174 -70.77 11.17 -13.49
CA VAL F 174 -71.88 11.42 -14.44
C VAL F 174 -72.87 12.49 -13.89
N ALA F 175 -73.05 13.53 -14.66
CA ALA F 175 -73.96 14.60 -14.26
C ALA F 175 -75.16 14.73 -15.18
N GLY F 176 -75.22 14.10 -16.36
CA GLY F 176 -76.45 13.94 -17.11
C GLY F 176 -77.58 13.04 -16.52
N ALA F 177 -78.80 13.65 -16.45
CA ALA F 177 -79.98 13.07 -15.94
C ALA F 177 -79.96 12.74 -14.43
N ARG F 178 -79.11 13.41 -13.63
CA ARG F 178 -79.15 13.09 -12.20
C ARG F 178 -80.36 13.52 -11.40
N GLU F 179 -81.03 14.53 -11.93
CA GLU F 179 -82.41 14.88 -11.49
C GLU F 179 -83.44 13.72 -11.61
N TYR F 180 -83.33 12.93 -12.70
CA TYR F 180 -84.06 11.73 -13.05
C TYR F 180 -83.89 10.71 -11.98
N ILE F 181 -82.59 10.45 -11.70
CA ILE F 181 -82.10 9.47 -10.72
C ILE F 181 -82.45 9.94 -9.31
N ALA F 182 -82.35 11.27 -8.95
CA ALA F 182 -82.81 11.87 -7.74
C ALA F 182 -84.35 11.61 -7.50
N ASP F 183 -85.17 11.96 -8.55
CA ASP F 183 -86.67 11.64 -8.49
C ASP F 183 -87.12 10.26 -8.22
N ILE F 184 -86.46 9.33 -8.93
CA ILE F 184 -86.62 7.84 -8.82
C ILE F 184 -86.35 7.49 -7.32
N VAL F 185 -85.14 7.86 -6.88
CA VAL F 185 -84.69 7.61 -5.50
C VAL F 185 -85.65 7.97 -4.34
N VAL F 186 -86.37 9.15 -4.50
CA VAL F 186 -87.51 9.52 -3.63
C VAL F 186 -88.72 8.61 -3.71
N LYS F 187 -89.24 8.38 -4.94
CA LYS F 187 -90.40 7.52 -5.31
C LYS F 187 -90.23 6.10 -4.90
N ALA F 188 -89.09 5.48 -5.07
CA ALA F 188 -88.73 4.12 -4.67
C ALA F 188 -88.85 3.98 -3.19
N VAL F 189 -88.46 5.03 -2.43
CA VAL F 189 -88.51 4.97 -0.99
C VAL F 189 -89.94 5.20 -0.44
N THR F 190 -90.59 6.25 -0.84
CA THR F 190 -91.98 6.41 -0.51
C THR F 190 -92.92 5.31 -0.87
N GLN F 191 -92.67 4.42 -1.90
CA GLN F 191 -93.39 3.20 -2.15
C GLN F 191 -93.06 2.09 -1.17
N VAL F 192 -91.81 1.91 -0.76
CA VAL F 192 -91.33 0.86 0.18
C VAL F 192 -91.34 1.24 1.63
N ALA F 193 -91.29 2.56 2.04
CA ALA F 193 -91.45 2.99 3.43
C ALA F 193 -92.84 2.52 3.89
N GLU F 194 -92.83 1.93 5.08
CA GLU F 194 -93.99 1.30 5.69
C GLU F 194 -93.86 1.56 7.21
N LEU F 195 -94.96 1.65 7.96
CA LEU F 195 -94.85 1.83 9.41
C LEU F 195 -94.25 0.66 10.18
N ARG F 196 -93.39 1.00 11.19
CA ARG F 196 -92.79 0.06 12.09
C ARG F 196 -92.34 0.79 13.39
N GLY F 197 -93.17 0.55 14.46
CA GLY F 197 -92.91 1.30 15.69
C GLY F 197 -93.32 2.74 15.62
N ASP F 198 -94.50 3.07 15.01
CA ASP F 198 -95.11 4.45 14.84
C ASP F 198 -94.12 5.35 14.14
N LYS F 199 -93.49 4.91 13.07
CA LYS F 199 -92.68 5.75 12.18
C LYS F 199 -92.38 4.95 10.89
N TRP F 200 -91.97 5.65 9.81
CA TRP F 200 -91.76 5.00 8.55
C TRP F 200 -90.38 4.38 8.48
N TYR F 201 -90.32 3.01 8.13
CA TYR F 201 -89.16 2.14 7.97
C TYR F 201 -89.19 1.55 6.59
N VAL F 202 -88.05 1.52 5.90
CA VAL F 202 -87.82 1.10 4.57
C VAL F 202 -87.01 -0.17 4.51
N ASP F 203 -87.65 -1.25 4.10
CA ASP F 203 -86.95 -2.51 3.83
C ASP F 203 -86.29 -2.41 2.44
N LEU F 204 -85.00 -1.88 2.33
CA LEU F 204 -84.28 -1.77 1.13
C LEU F 204 -84.17 -3.09 0.40
N ASP F 205 -84.14 -4.34 1.00
CA ASP F 205 -84.18 -5.63 0.26
C ASP F 205 -85.38 -5.76 -0.72
N ASN F 206 -86.48 -5.04 -0.50
CA ASN F 206 -87.63 -4.99 -1.38
C ASN F 206 -87.43 -4.13 -2.61
N ILE F 207 -86.19 -3.74 -2.95
CA ILE F 207 -85.89 -3.04 -4.17
C ILE F 207 -84.72 -3.71 -4.94
N GLN F 208 -84.97 -4.08 -6.21
CA GLN F 208 -84.03 -4.67 -7.09
C GLN F 208 -83.44 -3.59 -8.04
N ILE F 209 -82.20 -3.74 -8.53
CA ILE F 209 -81.56 -2.81 -9.41
C ILE F 209 -80.93 -3.53 -10.59
N VAL F 210 -81.51 -3.32 -11.79
CA VAL F 210 -81.17 -4.04 -13.02
C VAL F 210 -80.67 -2.97 -13.94
N LYS F 211 -79.64 -3.35 -14.70
CA LYS F 211 -78.90 -2.39 -15.45
C LYS F 211 -78.55 -2.90 -16.82
N LYS F 212 -78.72 -2.18 -17.90
CA LYS F 212 -78.30 -2.54 -19.25
C LYS F 212 -77.74 -1.28 -19.85
N ALA F 213 -76.63 -1.40 -20.62
CA ALA F 213 -75.98 -0.27 -21.23
C ALA F 213 -76.78 0.37 -22.37
N GLY F 214 -76.55 1.66 -22.66
CA GLY F 214 -77.19 2.52 -23.68
C GLY F 214 -78.72 2.64 -23.65
N GLY F 215 -79.32 3.21 -24.70
CA GLY F 215 -80.69 3.56 -24.77
C GLY F 215 -81.04 4.92 -24.19
N SER F 216 -80.02 5.84 -23.91
CA SER F 216 -80.18 7.20 -23.43
C SER F 216 -80.58 7.12 -22.01
N ILE F 217 -79.88 7.87 -21.09
CA ILE F 217 -80.05 7.81 -19.66
C ILE F 217 -81.38 8.48 -19.32
N ASN F 218 -81.94 9.31 -20.18
CA ASN F 218 -83.32 9.88 -19.85
C ASN F 218 -84.42 8.80 -19.94
N ASP F 219 -84.24 7.64 -20.62
CA ASP F 219 -85.16 6.55 -20.66
C ASP F 219 -85.07 5.68 -19.38
N THR F 220 -84.39 6.13 -18.23
CA THR F 220 -84.37 5.40 -16.95
C THR F 220 -85.75 5.51 -16.38
N GLN F 221 -86.20 4.34 -15.73
CA GLN F 221 -87.52 4.35 -15.09
C GLN F 221 -87.58 3.34 -13.96
N LEU F 222 -88.75 3.45 -13.17
CA LEU F 222 -88.99 2.69 -11.97
C LEU F 222 -90.07 1.65 -12.28
N VAL F 223 -89.97 0.31 -11.89
CA VAL F 223 -91.03 -0.69 -12.23
C VAL F 223 -91.66 -1.05 -11.00
N TYR F 224 -93.02 -1.06 -10.99
CA TYR F 224 -93.81 -1.40 -9.83
C TYR F 224 -94.02 -2.82 -9.90
N GLY F 225 -93.00 -3.63 -9.54
CA GLY F 225 -92.98 -5.05 -9.75
C GLY F 225 -91.67 -5.54 -9.98
N ILE F 226 -91.58 -6.75 -10.51
CA ILE F 226 -90.33 -7.48 -10.58
C ILE F 226 -90.04 -7.66 -12.10
N VAL F 227 -88.74 -7.65 -12.42
CA VAL F 227 -88.36 -7.81 -13.77
C VAL F 227 -87.30 -8.91 -13.88
N VAL F 228 -87.65 -10.04 -14.52
CA VAL F 228 -86.80 -11.15 -14.66
C VAL F 228 -86.03 -11.11 -16.01
N ASP F 229 -84.65 -10.95 -15.91
CA ASP F 229 -83.81 -10.84 -17.15
C ASP F 229 -83.64 -12.21 -17.85
N LYS F 230 -84.72 -12.76 -18.33
CA LYS F 230 -84.85 -13.81 -19.34
C LYS F 230 -86.12 -13.69 -20.17
N GLU F 231 -85.99 -14.25 -21.39
CA GLU F 231 -86.95 -14.29 -22.43
C GLU F 231 -88.02 -15.46 -22.47
N VAL F 232 -89.12 -15.36 -23.32
CA VAL F 232 -90.05 -16.49 -23.64
C VAL F 232 -89.29 -17.61 -24.30
N VAL F 233 -89.62 -18.89 -24.09
CA VAL F 233 -88.83 -19.99 -24.76
C VAL F 233 -89.28 -20.24 -26.23
N HIS F 234 -90.40 -19.73 -26.74
CA HIS F 234 -90.91 -19.95 -28.09
C HIS F 234 -91.59 -18.64 -28.50
N PRO F 235 -91.73 -18.29 -29.76
CA PRO F 235 -92.27 -17.02 -30.19
C PRO F 235 -93.81 -16.97 -30.16
N GLY F 236 -94.61 -18.10 -30.25
CA GLY F 236 -96.07 -18.14 -30.24
C GLY F 236 -96.73 -18.07 -28.91
N MET F 237 -95.93 -18.22 -27.83
CA MET F 237 -96.44 -18.05 -26.52
C MET F 237 -96.81 -16.55 -26.20
N PRO F 238 -97.98 -16.31 -25.54
CA PRO F 238 -98.51 -14.86 -25.27
C PRO F 238 -97.34 -13.93 -25.01
N LYS F 239 -97.23 -12.75 -25.76
CA LYS F 239 -96.19 -11.73 -25.45
C LYS F 239 -96.65 -11.08 -24.10
N ARG F 240 -97.98 -11.07 -23.91
CA ARG F 240 -98.63 -10.56 -22.74
C ARG F 240 -99.77 -11.40 -22.36
N LEU F 241 -99.82 -11.89 -21.09
CA LEU F 241 -100.82 -12.70 -20.50
C LEU F 241 -101.56 -11.81 -19.55
N GLU F 242 -102.86 -11.93 -19.54
CA GLU F 242 -103.80 -11.38 -18.60
C GLU F 242 -104.05 -12.23 -17.40
N ASN F 243 -104.09 -11.70 -16.12
CA ASN F 243 -104.39 -12.39 -14.91
C ASN F 243 -103.60 -13.75 -14.73
N ALA F 244 -102.29 -13.53 -14.69
CA ALA F 244 -101.23 -14.57 -14.40
C ALA F 244 -101.33 -15.43 -13.12
N LYS F 245 -100.83 -16.70 -13.16
CA LYS F 245 -100.78 -17.60 -12.06
C LYS F 245 -99.50 -18.45 -12.26
N ILE F 246 -98.32 -17.70 -12.09
CA ILE F 246 -96.90 -18.19 -12.31
C ILE F 246 -96.58 -19.50 -11.55
N ALA F 247 -95.86 -20.44 -12.14
CA ALA F 247 -95.39 -21.67 -11.53
C ALA F 247 -93.84 -21.60 -11.64
N LEU F 248 -93.26 -21.05 -10.53
CA LEU F 248 -91.88 -20.82 -10.41
C LEU F 248 -91.01 -22.18 -10.20
N ILE F 249 -90.55 -22.85 -11.23
CA ILE F 249 -89.91 -24.13 -11.11
C ILE F 249 -88.39 -24.20 -11.12
N ASP F 250 -87.79 -24.39 -9.88
CA ASP F 250 -86.39 -24.39 -9.67
C ASP F 250 -85.68 -25.61 -10.25
N ALA F 251 -86.43 -26.73 -10.11
CA ALA F 251 -85.89 -27.92 -10.65
C ALA F 251 -85.77 -28.01 -12.20
N SER F 252 -84.81 -28.60 -12.80
CA SER F 252 -84.63 -28.71 -14.27
C SER F 252 -85.77 -29.49 -14.99
N LEU F 253 -86.26 -29.00 -16.15
CA LEU F 253 -87.31 -29.59 -17.00
C LEU F 253 -86.69 -30.02 -18.31
N GLU F 254 -85.36 -30.33 -18.42
CA GLU F 254 -84.58 -30.87 -19.58
C GLU F 254 -83.97 -32.16 -18.97
N VAL F 255 -83.84 -33.30 -19.75
CA VAL F 255 -83.38 -34.57 -19.17
C VAL F 255 -81.88 -34.45 -18.78
N GLU F 256 -81.51 -35.26 -17.81
CA GLU F 256 -80.23 -35.44 -17.19
C GLU F 256 -79.57 -36.72 -17.69
N LYS F 257 -78.49 -36.71 -18.40
CA LYS F 257 -77.98 -37.91 -18.91
C LYS F 257 -77.43 -38.93 -17.96
N PRO F 258 -77.53 -40.29 -18.22
CA PRO F 258 -76.99 -41.27 -17.35
C PRO F 258 -75.47 -41.36 -17.33
N GLU F 259 -74.69 -40.68 -18.22
CA GLU F 259 -73.31 -40.98 -18.45
C GLU F 259 -72.46 -39.83 -18.09
N LEU F 260 -73.02 -38.89 -17.38
CA LEU F 260 -72.41 -37.73 -16.84
C LEU F 260 -71.17 -37.99 -15.97
N ASP F 261 -71.25 -38.89 -14.96
CA ASP F 261 -70.11 -39.36 -14.13
C ASP F 261 -69.30 -40.45 -14.75
N ALA F 262 -69.90 -41.58 -15.06
CA ALA F 262 -69.19 -42.70 -15.63
C ALA F 262 -70.04 -43.35 -16.71
N GLU F 263 -69.38 -43.96 -17.76
CA GLU F 263 -70.10 -44.50 -18.92
C GLU F 263 -71.12 -45.62 -18.61
N ILE F 264 -72.24 -45.66 -19.34
CA ILE F 264 -73.35 -46.56 -19.08
C ILE F 264 -73.10 -47.98 -19.34
N ARG F 265 -73.89 -48.82 -18.66
CA ARG F 265 -73.77 -50.28 -18.64
C ARG F 265 -74.96 -50.86 -19.37
N ILE F 266 -75.69 -50.00 -20.08
CA ILE F 266 -76.80 -50.41 -20.90
C ILE F 266 -76.12 -50.96 -22.11
N ASN F 267 -76.50 -52.16 -22.60
CA ASN F 267 -75.81 -52.81 -23.72
C ASN F 267 -76.90 -53.34 -24.66
N ASP F 268 -78.16 -53.07 -24.45
CA ASP F 268 -79.37 -53.47 -25.17
C ASP F 268 -80.09 -52.23 -25.73
N PRO F 269 -80.15 -51.88 -27.08
CA PRO F 269 -80.70 -50.62 -27.54
C PRO F 269 -82.23 -50.67 -27.36
N THR F 270 -82.95 -51.81 -27.11
CA THR F 270 -84.29 -51.81 -26.66
C THR F 270 -84.65 -51.11 -25.26
N GLN F 271 -83.76 -51.38 -24.28
CA GLN F 271 -83.74 -50.94 -22.95
C GLN F 271 -83.41 -49.51 -22.82
N MET F 272 -82.46 -49.09 -23.68
CA MET F 272 -82.02 -47.78 -23.83
C MET F 272 -83.25 -46.79 -24.13
N GLN F 273 -83.95 -47.03 -25.26
CA GLN F 273 -85.18 -46.44 -25.69
C GLN F 273 -86.12 -46.32 -24.56
N LYS F 274 -86.65 -47.50 -24.10
CA LYS F 274 -87.54 -47.48 -22.96
C LYS F 274 -87.16 -46.81 -21.62
N PHE F 275 -85.87 -46.46 -21.44
CA PHE F 275 -85.33 -45.75 -20.31
C PHE F 275 -85.53 -44.27 -20.54
N LEU F 276 -85.07 -43.74 -21.64
CA LEU F 276 -85.17 -42.37 -22.02
C LEU F 276 -86.52 -41.96 -22.51
N ASP F 277 -87.42 -42.87 -22.89
CA ASP F 277 -88.82 -42.62 -23.27
C ASP F 277 -89.52 -42.26 -22.01
N GLU F 278 -89.43 -43.09 -20.96
CA GLU F 278 -90.07 -42.84 -19.72
C GLU F 278 -89.51 -41.62 -19.00
N GLU F 279 -88.15 -41.28 -19.18
CA GLU F 279 -87.57 -40.13 -18.58
C GLU F 279 -88.07 -38.85 -19.11
N GLU F 280 -88.45 -38.80 -20.40
CA GLU F 280 -88.99 -37.66 -21.07
C GLU F 280 -90.44 -37.58 -20.76
N ASN F 281 -91.15 -38.75 -20.67
CA ASN F 281 -92.56 -38.85 -20.42
C ASN F 281 -92.77 -38.54 -18.89
N LEU F 282 -91.73 -38.54 -18.09
CA LEU F 282 -91.68 -38.01 -16.71
C LEU F 282 -91.78 -36.51 -16.72
N ILE F 283 -91.14 -35.89 -17.72
CA ILE F 283 -91.15 -34.46 -17.81
C ILE F 283 -92.49 -33.91 -18.26
N LYS F 284 -93.19 -34.52 -19.17
CA LYS F 284 -94.61 -34.27 -19.51
C LYS F 284 -95.51 -34.61 -18.41
N GLU F 285 -95.14 -35.56 -17.53
CA GLU F 285 -95.83 -35.88 -16.27
C GLU F 285 -95.74 -34.63 -15.37
N LYS F 286 -94.48 -34.10 -15.19
CA LYS F 286 -94.21 -32.94 -14.35
C LYS F 286 -94.98 -31.73 -14.73
N VAL F 287 -95.04 -31.47 -16.08
CA VAL F 287 -95.82 -30.45 -16.79
C VAL F 287 -97.30 -30.62 -16.50
N ASP F 288 -97.82 -31.85 -16.62
CA ASP F 288 -99.22 -32.13 -16.35
C ASP F 288 -99.54 -31.91 -14.89
N LYS F 289 -98.55 -32.22 -14.02
CA LYS F 289 -98.64 -31.99 -12.63
C LYS F 289 -98.63 -30.56 -12.18
N ILE F 290 -98.08 -29.69 -13.02
CA ILE F 290 -98.15 -28.24 -12.77
C ILE F 290 -99.43 -27.62 -13.43
N LEU F 291 -99.86 -27.94 -14.72
CA LEU F 291 -101.16 -27.42 -15.29
C LEU F 291 -102.36 -27.98 -14.57
N ALA F 292 -102.19 -28.96 -13.74
CA ALA F 292 -103.19 -29.42 -12.76
C ALA F 292 -103.61 -28.44 -11.66
N THR F 293 -102.73 -27.40 -11.50
CA THR F 293 -102.84 -26.43 -10.48
C THR F 293 -103.50 -25.17 -11.00
N GLY F 294 -103.54 -25.07 -12.38
CA GLY F 294 -104.23 -24.02 -13.02
C GLY F 294 -103.32 -22.88 -13.40
N ALA F 295 -102.02 -23.15 -13.36
CA ALA F 295 -101.04 -22.20 -13.85
C ALA F 295 -101.06 -22.07 -15.35
N ASN F 296 -101.11 -20.83 -15.79
CA ASN F 296 -101.14 -20.43 -17.26
C ASN F 296 -99.81 -19.84 -17.65
N VAL F 297 -98.83 -19.57 -16.76
CA VAL F 297 -97.48 -19.22 -17.01
C VAL F 297 -96.58 -20.03 -16.13
N ILE F 298 -95.35 -20.34 -16.56
CA ILE F 298 -94.33 -21.21 -16.00
C ILE F 298 -93.00 -20.74 -16.30
N ILE F 299 -92.16 -20.49 -15.27
CA ILE F 299 -90.86 -19.99 -15.43
C ILE F 299 -89.99 -20.94 -14.75
N CYS F 300 -88.76 -21.19 -15.22
CA CYS F 300 -87.83 -22.14 -14.69
C CYS F 300 -86.42 -21.55 -14.61
N GLN F 301 -85.56 -22.37 -14.06
CA GLN F 301 -84.31 -21.87 -13.62
C GLN F 301 -83.18 -22.61 -14.30
N LYS F 302 -83.53 -23.74 -15.00
CA LYS F 302 -82.57 -24.42 -15.84
C LYS F 302 -83.29 -24.72 -17.15
N GLY F 303 -82.97 -25.90 -17.71
CA GLY F 303 -83.63 -26.30 -19.01
C GLY F 303 -85.07 -26.61 -19.01
N ILE F 304 -85.61 -26.59 -20.24
CA ILE F 304 -87.01 -26.91 -20.50
C ILE F 304 -86.90 -27.67 -21.75
N ASP F 305 -87.31 -28.96 -21.77
CA ASP F 305 -87.11 -29.87 -22.87
C ASP F 305 -87.73 -29.39 -24.20
N GLU F 306 -87.20 -29.79 -25.34
CA GLU F 306 -87.56 -29.35 -26.68
C GLU F 306 -88.91 -29.99 -27.05
N VAL F 307 -89.19 -31.12 -26.46
CA VAL F 307 -90.51 -31.73 -26.59
C VAL F 307 -91.59 -31.10 -25.67
N ALA F 308 -91.11 -30.68 -24.44
CA ALA F 308 -91.88 -30.14 -23.41
C ALA F 308 -92.27 -28.69 -23.66
N GLN F 309 -91.47 -28.06 -24.58
CA GLN F 309 -91.79 -26.75 -25.10
C GLN F 309 -92.96 -26.94 -26.12
N SER F 310 -92.97 -28.00 -27.06
CA SER F 310 -94.06 -28.28 -28.04
C SER F 310 -95.39 -28.63 -27.40
N TYR F 311 -95.28 -29.19 -26.20
CA TYR F 311 -96.33 -29.56 -25.34
C TYR F 311 -96.91 -28.22 -24.71
N LEU F 312 -96.06 -27.30 -24.14
CA LEU F 312 -96.45 -26.05 -23.50
C LEU F 312 -97.00 -25.17 -24.63
N ALA F 313 -96.41 -25.33 -25.87
CA ALA F 313 -96.93 -24.54 -26.99
C ALA F 313 -98.40 -24.87 -27.40
N LYS F 314 -98.84 -26.17 -27.54
CA LYS F 314 -100.12 -26.71 -27.85
C LYS F 314 -101.15 -26.61 -26.70
N LYS F 315 -100.75 -26.59 -25.45
CA LYS F 315 -101.65 -26.51 -24.30
C LYS F 315 -102.06 -25.02 -24.07
N GLY F 316 -101.19 -24.06 -24.56
CA GLY F 316 -101.47 -22.58 -24.40
C GLY F 316 -100.85 -21.91 -23.28
N VAL F 317 -99.60 -22.36 -22.98
CA VAL F 317 -98.83 -21.81 -21.86
C VAL F 317 -97.85 -20.79 -22.28
N LEU F 318 -97.36 -19.91 -21.30
CA LEU F 318 -96.32 -18.89 -21.47
C LEU F 318 -95.18 -19.40 -20.70
N ALA F 319 -94.00 -19.76 -21.28
CA ALA F 319 -92.86 -20.30 -20.55
C ALA F 319 -91.55 -19.49 -20.74
N VAL F 320 -90.67 -19.51 -19.68
CA VAL F 320 -89.40 -18.89 -19.52
C VAL F 320 -88.41 -20.00 -19.06
N ARG F 321 -87.20 -20.01 -19.63
CA ARG F 321 -86.20 -21.04 -19.45
C ARG F 321 -84.89 -20.36 -18.94
N ARG F 322 -84.15 -21.02 -18.04
CA ARG F 322 -82.82 -20.60 -17.45
C ARG F 322 -82.87 -19.20 -16.69
N ALA F 323 -83.90 -18.89 -15.83
CA ALA F 323 -83.86 -17.65 -15.03
C ALA F 323 -83.09 -17.84 -13.70
N LYS F 324 -82.74 -16.79 -13.11
CA LYS F 324 -81.95 -16.78 -11.84
C LYS F 324 -82.79 -17.02 -10.63
N LYS F 325 -82.27 -17.91 -9.76
CA LYS F 325 -82.93 -18.21 -8.42
C LYS F 325 -83.20 -16.95 -7.58
N SER F 326 -82.28 -15.99 -7.84
CA SER F 326 -82.40 -14.61 -7.36
C SER F 326 -83.75 -13.90 -7.64
N ASP F 327 -84.43 -14.21 -8.79
CA ASP F 327 -85.69 -13.54 -9.21
C ASP F 327 -86.81 -14.49 -8.84
N LEU F 328 -86.61 -15.83 -8.68
CA LEU F 328 -87.60 -16.76 -8.25
C LEU F 328 -88.08 -16.40 -6.90
N GLU F 329 -87.11 -16.11 -6.08
CA GLU F 329 -87.29 -15.63 -4.68
C GLU F 329 -88.01 -14.22 -4.61
N LYS F 330 -87.48 -13.25 -5.33
CA LYS F 330 -88.07 -11.98 -5.45
C LYS F 330 -89.50 -11.99 -6.07
N LEU F 331 -89.85 -12.97 -6.93
CA LEU F 331 -91.16 -13.00 -7.69
C LEU F 331 -92.23 -13.78 -6.85
N ALA F 332 -91.78 -14.67 -5.92
CA ALA F 332 -92.53 -15.41 -4.93
C ALA F 332 -93.19 -14.37 -4.06
N ARG F 333 -92.31 -13.66 -3.33
CA ARG F 333 -92.77 -12.75 -2.30
C ARG F 333 -93.37 -11.38 -2.84
N ALA F 334 -93.49 -11.23 -4.17
CA ALA F 334 -94.19 -10.18 -4.83
C ALA F 334 -95.64 -10.52 -5.22
N THR F 335 -95.83 -11.86 -5.58
CA THR F 335 -97.13 -12.46 -5.92
C THR F 335 -97.78 -13.32 -4.93
N GLY F 336 -97.05 -13.72 -3.85
CA GLY F 336 -97.53 -14.52 -2.71
C GLY F 336 -97.38 -16.03 -2.94
N GLY F 337 -96.82 -16.42 -4.13
CA GLY F 337 -96.40 -17.71 -4.52
C GLY F 337 -95.23 -18.26 -3.68
N ARG F 338 -94.61 -19.33 -4.13
CA ARG F 338 -93.46 -19.96 -3.49
C ARG F 338 -92.65 -20.74 -4.53
N VAL F 339 -91.36 -20.95 -4.29
CA VAL F 339 -90.61 -21.65 -5.30
C VAL F 339 -90.89 -23.08 -5.18
N VAL F 340 -91.22 -23.72 -6.33
CA VAL F 340 -91.45 -25.16 -6.45
C VAL F 340 -90.18 -25.92 -6.86
N SER F 341 -89.59 -26.60 -5.84
CA SER F 341 -88.43 -27.36 -6.05
C SER F 341 -88.85 -28.80 -6.24
N ASN F 342 -89.93 -29.30 -5.65
CA ASN F 342 -90.42 -30.56 -5.89
C ASN F 342 -91.77 -30.44 -6.50
N ILE F 343 -91.82 -30.93 -7.77
CA ILE F 343 -92.99 -30.91 -8.55
C ILE F 343 -94.22 -31.56 -7.93
N ASP F 344 -94.04 -32.56 -7.10
CA ASP F 344 -95.05 -33.23 -6.33
C ASP F 344 -95.55 -32.46 -5.08
N GLU F 345 -95.21 -31.16 -4.91
CA GLU F 345 -95.59 -30.38 -3.78
C GLU F 345 -96.24 -29.16 -4.33
N ILE F 346 -96.32 -28.93 -5.71
CA ILE F 346 -97.09 -27.87 -6.34
C ILE F 346 -98.61 -27.93 -5.96
N SER F 347 -99.08 -26.77 -5.45
CA SER F 347 -100.38 -26.54 -4.95
C SER F 347 -100.83 -25.18 -5.38
N GLU F 348 -102.15 -24.89 -5.24
CA GLU F 348 -102.73 -23.65 -5.61
C GLU F 348 -102.19 -22.42 -4.84
N GLN F 349 -101.33 -22.72 -3.86
CA GLN F 349 -100.74 -21.66 -3.09
C GLN F 349 -99.32 -21.45 -3.43
N ASP F 350 -98.77 -22.41 -4.22
CA ASP F 350 -97.44 -22.23 -4.83
C ASP F 350 -97.42 -21.38 -5.99
N LEU F 351 -98.59 -21.19 -6.70
CA LEU F 351 -98.65 -20.23 -7.80
C LEU F 351 -98.69 -18.73 -7.55
N GLY F 352 -98.12 -17.85 -8.45
CA GLY F 352 -98.03 -16.38 -8.17
C GLY F 352 -98.99 -15.58 -8.99
N TYR F 353 -99.95 -14.97 -8.22
CA TYR F 353 -101.02 -14.15 -8.72
C TYR F 353 -100.46 -12.73 -9.13
N ALA F 354 -100.64 -12.30 -10.44
CA ALA F 354 -100.18 -11.05 -10.99
C ALA F 354 -101.10 -10.55 -12.05
N SER F 355 -101.24 -9.17 -11.98
CA SER F 355 -102.35 -8.59 -12.82
C SER F 355 -102.09 -8.87 -14.34
N LEU F 356 -100.80 -8.69 -14.72
CA LEU F 356 -100.47 -8.96 -16.15
C LEU F 356 -98.99 -9.33 -16.20
N ILE F 357 -98.56 -10.37 -16.82
CA ILE F 357 -97.12 -10.63 -17.03
C ILE F 357 -96.85 -10.45 -18.54
N GLU F 358 -95.69 -9.88 -18.97
CA GLU F 358 -95.46 -9.52 -20.35
C GLU F 358 -93.98 -9.73 -20.58
N GLU F 359 -93.53 -9.69 -21.89
CA GLU F 359 -92.12 -9.65 -22.25
C GLU F 359 -91.89 -8.34 -23.13
N ARG F 360 -90.88 -7.55 -22.71
CA ARG F 360 -90.59 -6.24 -23.27
C ARG F 360 -89.16 -6.16 -23.65
N LYS F 361 -88.84 -5.42 -24.78
CA LYS F 361 -87.54 -5.32 -25.44
C LYS F 361 -86.81 -4.05 -25.11
N VAL F 362 -85.59 -4.19 -24.58
CA VAL F 362 -84.72 -3.07 -24.20
C VAL F 362 -83.45 -3.27 -24.88
N GLY F 363 -83.14 -2.38 -25.80
CA GLY F 363 -81.89 -2.29 -26.60
C GLY F 363 -81.87 -3.32 -27.65
N GLU F 364 -81.11 -4.31 -27.42
CA GLU F 364 -80.81 -5.45 -28.24
C GLU F 364 -81.13 -6.78 -27.54
N ASP F 365 -81.99 -6.74 -26.46
CA ASP F 365 -82.30 -7.87 -25.65
C ASP F 365 -83.68 -7.73 -25.16
N LYS F 366 -84.32 -8.82 -24.68
CA LYS F 366 -85.66 -8.86 -24.21
C LYS F 366 -85.72 -9.58 -22.83
N MET F 367 -86.70 -9.20 -21.97
CA MET F 367 -86.83 -9.64 -20.68
C MET F 367 -88.26 -9.62 -20.26
N VAL F 368 -88.62 -10.39 -19.25
CA VAL F 368 -89.94 -10.54 -18.69
C VAL F 368 -90.15 -9.59 -17.51
N PHE F 369 -91.36 -9.02 -17.49
CA PHE F 369 -91.83 -8.03 -16.50
C PHE F 369 -93.12 -8.59 -15.77
N VAL F 370 -93.28 -8.28 -14.46
CA VAL F 370 -94.42 -8.71 -13.75
C VAL F 370 -95.09 -7.62 -12.98
N GLU F 371 -95.60 -6.57 -13.72
CA GLU F 371 -96.25 -5.45 -13.13
C GLU F 371 -97.59 -5.87 -12.58
N GLY F 372 -98.11 -5.11 -11.55
CA GLY F 372 -99.45 -5.39 -11.02
C GLY F 372 -99.59 -6.62 -10.15
N ALA F 373 -98.55 -6.94 -9.36
CA ALA F 373 -98.48 -8.12 -8.57
C ALA F 373 -99.36 -8.05 -7.30
N LYS F 374 -99.49 -9.20 -6.52
CA LYS F 374 -100.18 -9.11 -5.20
C LYS F 374 -99.59 -8.04 -4.15
N ASN F 375 -98.26 -7.94 -3.98
CA ASN F 375 -97.62 -7.05 -3.07
C ASN F 375 -96.87 -5.89 -3.78
N PRO F 376 -97.37 -4.63 -3.74
CA PRO F 376 -96.70 -3.51 -4.36
C PRO F 376 -95.54 -2.96 -3.63
N LYS F 377 -95.27 -3.53 -2.48
CA LYS F 377 -94.02 -3.17 -1.74
C LYS F 377 -92.75 -3.44 -2.50
N SER F 378 -92.71 -4.56 -3.21
CA SER F 378 -91.64 -5.05 -4.06
C SER F 378 -91.55 -4.26 -5.38
N ILE F 379 -90.45 -3.48 -5.66
CA ILE F 379 -90.23 -2.72 -6.87
C ILE F 379 -88.88 -2.95 -7.40
N SER F 380 -88.70 -2.41 -8.62
CA SER F 380 -87.37 -2.61 -9.29
C SER F 380 -86.86 -1.31 -9.90
N ILE F 381 -85.55 -1.17 -10.20
CA ILE F 381 -85.19 0.06 -10.77
C ILE F 381 -84.54 -0.40 -12.10
N LEU F 382 -84.74 0.23 -13.28
CA LEU F 382 -84.11 -0.08 -14.53
C LEU F 382 -83.23 0.96 -15.10
N ILE F 383 -81.84 0.66 -15.10
CA ILE F 383 -80.82 1.60 -15.53
C ILE F 383 -80.60 1.40 -16.96
N ARG F 384 -80.44 2.57 -17.60
CA ARG F 384 -80.10 2.71 -19.06
C ARG F 384 -78.96 3.78 -19.21
N GLY F 385 -78.51 3.95 -20.48
CA GLY F 385 -77.51 4.95 -20.95
C GLY F 385 -76.00 4.60 -20.71
N GLY F 386 -75.11 5.39 -21.20
CA GLY F 386 -73.68 5.22 -21.10
C GLY F 386 -73.04 3.93 -21.48
N LEU F 387 -71.79 3.63 -21.01
CA LEU F 387 -71.03 2.45 -21.36
C LEU F 387 -70.93 1.47 -20.13
N GLU F 388 -70.36 0.25 -20.30
CA GLU F 388 -70.27 -0.78 -19.33
C GLU F 388 -69.70 -0.55 -17.92
N ARG F 389 -68.84 0.49 -17.78
CA ARG F 389 -68.23 0.77 -16.50
C ARG F 389 -68.97 1.99 -15.99
N LEU F 390 -69.42 2.90 -16.84
CA LEU F 390 -70.33 3.95 -16.43
C LEU F 390 -71.66 3.61 -15.90
N VAL F 391 -72.35 2.65 -16.54
CA VAL F 391 -73.64 2.17 -16.12
C VAL F 391 -73.50 1.52 -14.73
N ASP F 392 -72.41 0.76 -14.59
CA ASP F 392 -71.95 0.07 -13.42
C ASP F 392 -71.71 1.03 -12.30
N GLU F 393 -70.98 2.12 -12.50
CA GLU F 393 -70.72 3.16 -11.51
C GLU F 393 -71.87 4.12 -11.30
N THR F 394 -72.85 4.21 -12.22
CA THR F 394 -74.14 4.86 -12.04
C THR F 394 -75.04 3.96 -11.10
N GLU F 395 -74.87 2.62 -11.18
CA GLU F 395 -75.51 1.73 -10.20
C GLU F 395 -75.09 1.81 -8.73
N ARG F 396 -73.77 2.08 -8.59
CA ARG F 396 -73.18 2.41 -7.31
C ARG F 396 -73.75 3.75 -6.84
N ALA F 397 -73.62 4.86 -7.59
CA ALA F 397 -74.11 6.17 -7.32
C ALA F 397 -75.59 6.13 -7.00
N LEU F 398 -76.51 5.31 -7.68
CA LEU F 398 -77.96 5.20 -7.46
C LEU F 398 -78.22 4.49 -6.15
N ARG F 399 -77.44 3.37 -5.81
CA ARG F 399 -77.55 2.57 -4.56
C ARG F 399 -77.29 3.45 -3.31
N ASP F 400 -76.20 4.24 -3.37
CA ASP F 400 -75.90 5.25 -2.29
C ASP F 400 -76.83 6.39 -2.03
N ALA F 401 -77.22 7.13 -3.12
CA ALA F 401 -78.32 8.14 -3.09
C ALA F 401 -79.64 7.53 -2.53
N LEU F 402 -79.93 6.29 -2.97
CA LEU F 402 -81.13 5.56 -2.43
C LEU F 402 -81.10 5.25 -0.97
N GLY F 403 -80.06 4.55 -0.50
CA GLY F 403 -79.65 4.22 0.91
C GLY F 403 -79.69 5.47 1.71
N THR F 404 -79.02 6.60 1.35
CA THR F 404 -79.04 7.80 2.08
C THR F 404 -80.34 8.41 2.42
N VAL F 405 -81.31 8.50 1.42
CA VAL F 405 -82.72 8.95 1.60
C VAL F 405 -83.45 8.14 2.57
N ALA F 406 -83.28 6.82 2.61
CA ALA F 406 -83.86 5.85 3.49
C ALA F 406 -83.40 6.11 4.91
N ASP F 407 -82.15 6.53 5.07
CA ASP F 407 -81.57 6.91 6.42
C ASP F 407 -82.27 8.18 7.02
N VAL F 408 -82.54 9.21 6.15
CA VAL F 408 -83.24 10.38 6.48
C VAL F 408 -84.69 10.00 6.87
N ILE F 409 -85.37 9.07 6.11
CA ILE F 409 -86.73 8.72 6.52
C ILE F 409 -86.78 7.96 7.79
N LYS F 410 -85.94 6.94 8.11
CA LYS F 410 -85.93 6.25 9.36
C LYS F 410 -85.70 7.15 10.56
N ASP F 411 -84.95 8.26 10.37
CA ASP F 411 -84.60 9.23 11.45
C ASP F 411 -85.54 10.41 11.45
N GLY F 412 -85.45 11.32 10.43
CA GLY F 412 -86.17 12.50 10.24
C GLY F 412 -85.56 13.78 10.66
N ARG F 413 -84.17 13.87 10.64
CA ARG F 413 -83.42 15.12 10.82
C ARG F 413 -82.54 15.45 9.64
N ALA F 414 -82.40 16.70 9.14
CA ALA F 414 -81.51 17.14 8.06
C ALA F 414 -80.98 18.61 8.16
N ILE F 415 -79.67 18.73 7.90
CA ILE F 415 -78.91 19.93 8.02
C ILE F 415 -78.35 20.50 6.69
N ALA F 416 -77.90 21.78 6.65
CA ALA F 416 -77.17 22.30 5.51
C ALA F 416 -75.73 21.86 5.48
N GLY F 417 -75.37 21.32 4.33
CA GLY F 417 -73.98 21.07 4.02
C GLY F 417 -73.12 22.35 3.72
N GLY F 418 -71.94 22.18 3.23
CA GLY F 418 -71.11 23.34 2.80
C GLY F 418 -70.34 24.07 3.94
N GLY F 419 -70.41 23.56 5.21
CA GLY F 419 -69.78 24.30 6.29
C GLY F 419 -70.64 24.94 7.32
N ALA F 420 -71.97 24.99 7.06
CA ALA F 420 -72.93 25.64 7.94
C ALA F 420 -72.97 25.24 9.44
N VAL F 421 -73.32 23.91 9.66
CA VAL F 421 -73.30 23.35 11.03
C VAL F 421 -71.89 23.35 11.67
N GLU F 422 -70.79 23.32 10.91
CA GLU F 422 -69.43 23.36 11.23
C GLU F 422 -69.18 24.72 11.95
N ILE F 423 -69.31 25.88 11.19
CA ILE F 423 -69.09 27.14 11.86
C ILE F 423 -69.83 27.37 13.22
N GLU F 424 -71.06 26.87 13.37
CA GLU F 424 -71.75 26.93 14.58
C GLU F 424 -71.09 26.14 15.75
N ILE F 425 -70.76 24.86 15.56
CA ILE F 425 -69.96 24.04 16.44
C ILE F 425 -68.63 24.63 16.85
N ALA F 426 -68.04 25.42 15.99
CA ALA F 426 -66.79 26.17 16.09
C ALA F 426 -66.99 27.32 17.01
N LYS F 427 -67.74 28.34 16.44
CA LYS F 427 -68.14 29.59 17.09
C LYS F 427 -68.61 29.37 18.51
N LYS F 428 -69.61 28.51 18.71
CA LYS F 428 -70.12 28.13 20.06
C LYS F 428 -69.07 27.51 21.03
N LEU F 429 -68.03 26.75 20.54
CA LEU F 429 -67.06 26.19 21.47
C LEU F 429 -66.09 27.24 22.01
N ARG F 430 -65.69 28.16 21.11
CA ARG F 430 -64.89 29.33 21.42
C ARG F 430 -65.55 30.24 22.46
N LYS F 431 -66.83 30.51 22.34
CA LYS F 431 -67.56 31.30 23.32
C LYS F 431 -67.77 30.60 24.67
N TYR F 432 -67.88 29.30 24.66
CA TYR F 432 -67.95 28.51 25.82
C TYR F 432 -66.68 28.31 26.64
N ALA F 433 -65.54 27.91 25.98
CA ALA F 433 -64.15 27.71 26.46
C ALA F 433 -63.74 28.67 27.64
N PRO F 434 -63.69 30.05 27.58
CA PRO F 434 -63.21 30.90 28.67
C PRO F 434 -63.61 30.44 30.08
N GLN F 435 -64.90 29.95 30.18
CA GLN F 435 -65.56 29.71 31.44
C GLN F 435 -65.30 28.29 31.94
N VAL F 436 -64.79 27.39 31.11
CA VAL F 436 -64.55 26.02 31.37
C VAL F 436 -63.50 25.80 32.42
N GLY F 437 -62.37 26.46 32.46
CA GLY F 437 -61.27 26.26 33.48
C GLY F 437 -60.00 26.82 32.92
N GLY F 438 -58.87 26.61 33.66
CA GLY F 438 -57.50 27.07 33.26
C GLY F 438 -56.96 26.39 32.07
N LYS F 439 -56.35 25.23 32.26
CA LYS F 439 -55.81 24.44 31.14
C LYS F 439 -56.88 23.88 30.19
N GLU F 440 -57.96 23.32 30.72
CA GLU F 440 -58.92 22.68 29.88
C GLU F 440 -59.46 23.54 28.67
N GLN F 441 -59.48 24.87 28.85
CA GLN F 441 -59.78 25.77 27.84
C GLN F 441 -58.98 25.62 26.54
N LEU F 442 -57.66 25.62 26.72
CA LEU F 442 -56.68 25.46 25.65
C LEU F 442 -56.96 24.12 24.88
N ALA F 443 -57.39 23.04 25.60
CA ALA F 443 -57.89 21.77 25.01
C ALA F 443 -59.21 21.95 24.10
N VAL F 444 -60.20 22.67 24.64
CA VAL F 444 -61.47 22.97 23.97
C VAL F 444 -61.06 23.85 22.78
N GLU F 445 -60.23 24.84 23.00
CA GLU F 445 -59.68 25.77 22.02
C GLU F 445 -59.00 25.11 20.90
N ALA F 446 -58.31 24.02 21.27
CA ALA F 446 -57.64 23.03 20.38
C ALA F 446 -58.72 22.31 19.47
N TYR F 447 -59.72 21.67 20.12
CA TYR F 447 -60.86 21.06 19.47
C TYR F 447 -61.51 21.98 18.43
N ALA F 448 -61.64 23.32 18.71
CA ALA F 448 -62.23 24.26 17.84
C ALA F 448 -61.41 24.44 16.64
N ASN F 449 -60.17 24.66 16.88
CA ASN F 449 -59.13 24.82 15.86
C ASN F 449 -59.03 23.66 14.93
N ALA F 450 -59.09 22.33 15.48
CA ALA F 450 -59.13 21.21 14.60
C ALA F 450 -60.41 21.26 13.63
N LEU F 451 -61.57 21.65 14.22
CA LEU F 451 -62.85 21.71 13.44
C LEU F 451 -62.86 22.78 12.42
N GLU F 452 -62.25 23.95 12.66
CA GLU F 452 -62.16 25.05 11.68
C GLU F 452 -61.19 24.57 10.58
N SER F 453 -60.10 23.80 10.91
CA SER F 453 -59.20 23.14 9.95
C SER F 453 -59.88 22.19 8.95
N LEU F 454 -60.93 21.44 9.32
CA LEU F 454 -61.86 20.74 8.37
C LEU F 454 -62.47 21.64 7.31
N VAL F 455 -63.04 22.85 7.64
CA VAL F 455 -63.59 23.71 6.60
C VAL F 455 -62.48 24.37 5.77
N SER F 456 -61.36 24.62 6.41
CA SER F 456 -60.16 25.26 5.77
C SER F 456 -59.57 24.36 4.64
N ILE F 457 -59.39 23.03 4.97
CA ILE F 457 -59.08 22.00 4.04
C ILE F 457 -59.97 21.96 2.84
N LEU F 458 -61.24 22.13 3.17
CA LEU F 458 -62.27 22.25 2.13
C LEU F 458 -62.19 23.41 1.20
N ILE F 459 -61.96 24.60 1.81
CA ILE F 459 -61.68 25.81 1.10
C ILE F 459 -60.45 25.80 0.26
N GLU F 460 -59.22 25.48 0.91
CA GLU F 460 -57.88 25.25 0.35
C GLU F 460 -57.98 24.45 -0.93
N ASN F 461 -58.50 23.23 -0.95
CA ASN F 461 -58.63 22.33 -2.11
C ASN F 461 -59.46 23.05 -3.25
N ALA F 462 -60.15 24.14 -3.03
CA ALA F 462 -60.88 24.87 -4.08
C ALA F 462 -59.92 25.87 -4.83
N GLY F 463 -58.83 26.24 -4.17
CA GLY F 463 -57.91 27.19 -4.76
C GLY F 463 -58.11 28.61 -4.30
N PHE F 464 -59.04 28.73 -3.35
CA PHE F 464 -59.52 29.88 -2.69
C PHE F 464 -58.72 29.95 -1.45
N ASP F 465 -58.48 31.15 -0.97
CA ASP F 465 -57.65 31.51 0.17
C ASP F 465 -58.30 30.98 1.47
N PRO F 466 -57.76 29.93 2.14
CA PRO F 466 -58.40 29.38 3.32
C PRO F 466 -58.70 30.43 4.35
N ILE F 467 -57.80 31.37 4.70
CA ILE F 467 -57.96 32.34 5.75
C ILE F 467 -59.06 33.36 5.37
N ASP F 468 -59.00 33.93 4.11
CA ASP F 468 -59.95 34.97 3.63
C ASP F 468 -61.38 34.53 3.87
N LEU F 469 -61.78 33.41 3.21
CA LEU F 469 -63.11 32.87 3.33
C LEU F 469 -63.54 32.38 4.70
N LEU F 470 -62.71 31.71 5.48
CA LEU F 470 -63.06 31.37 6.84
C LEU F 470 -63.37 32.50 7.78
N MET F 471 -62.47 33.57 7.72
CA MET F 471 -62.66 34.70 8.54
C MET F 471 -63.87 35.47 8.10
N LYS F 472 -64.01 35.74 6.82
CA LYS F 472 -65.14 36.44 6.22
C LYS F 472 -66.51 35.74 6.52
N LEU F 473 -66.42 34.45 6.59
CA LEU F 473 -67.68 33.70 6.89
C LEU F 473 -68.01 33.54 8.36
N ARG F 474 -67.16 33.07 9.24
CA ARG F 474 -67.49 32.93 10.65
C ARG F 474 -67.77 34.32 11.30
N SER F 475 -67.46 35.50 10.57
CA SER F 475 -67.76 36.85 11.07
C SER F 475 -69.19 37.12 10.68
N THR F 476 -69.56 36.75 9.43
CA THR F 476 -70.91 36.79 8.93
C THR F 476 -71.81 35.72 9.53
N HIS F 477 -71.37 34.99 10.57
CA HIS F 477 -71.98 33.99 11.38
C HIS F 477 -72.32 34.45 12.76
N GLU F 478 -72.30 35.78 13.01
CA GLU F 478 -72.73 36.15 14.37
C GLU F 478 -74.25 36.16 14.39
N ASN F 479 -74.81 36.67 13.34
CA ASN F 479 -76.22 36.81 12.98
C ASN F 479 -77.00 35.50 12.95
N GLU F 480 -78.16 35.43 13.70
CA GLU F 480 -78.93 34.22 13.75
C GLU F 480 -79.69 33.79 12.49
N ASN F 481 -79.96 34.71 11.56
CA ASN F 481 -80.56 34.32 10.25
C ASN F 481 -79.53 33.63 9.35
N ASN F 482 -78.19 33.71 9.58
CA ASN F 482 -77.21 33.13 8.75
C ASN F 482 -76.80 31.84 9.33
N LYS F 483 -77.75 31.08 9.89
CA LYS F 483 -77.63 29.72 10.39
C LYS F 483 -77.28 28.70 9.39
N TRP F 484 -77.83 28.84 8.15
CA TRP F 484 -77.52 27.98 7.08
C TRP F 484 -76.60 28.54 6.00
N TYR F 485 -75.74 29.51 6.37
CA TYR F 485 -74.76 30.09 5.54
C TYR F 485 -73.57 29.11 5.43
N GLY F 486 -73.10 28.86 4.26
CA GLY F 486 -71.93 27.99 4.05
C GLY F 486 -71.11 28.63 2.97
N ILE F 487 -70.22 27.88 2.31
CA ILE F 487 -69.28 28.46 1.32
C ILE F 487 -69.55 27.81 0.00
N ASP F 488 -70.19 28.49 -0.95
CA ASP F 488 -70.36 27.85 -2.21
C ASP F 488 -69.05 27.46 -2.87
N LEU F 489 -68.66 26.18 -3.10
CA LEU F 489 -67.32 25.92 -3.63
C LEU F 489 -67.17 26.11 -5.13
N TYR F 490 -68.14 26.72 -5.88
CA TYR F 490 -67.95 27.00 -7.29
C TYR F 490 -68.17 28.43 -7.35
N ALA F 491 -69.10 29.04 -6.60
CA ALA F 491 -69.25 30.54 -6.65
C ALA F 491 -68.06 31.22 -6.04
N GLY F 492 -67.46 30.60 -4.98
CA GLY F 492 -66.35 31.16 -4.35
C GLY F 492 -66.70 32.20 -3.39
N GLN F 493 -67.74 32.09 -2.50
CA GLN F 493 -68.29 33.20 -1.68
C GLN F 493 -69.37 32.65 -0.77
N PRO F 494 -69.58 33.14 0.49
CA PRO F 494 -70.63 32.67 1.39
C PRO F 494 -72.08 32.92 0.91
N VAL F 495 -72.89 31.93 0.93
CA VAL F 495 -74.33 32.04 0.64
C VAL F 495 -75.12 31.13 1.59
N ASP F 496 -76.43 31.22 1.53
CA ASP F 496 -77.36 30.25 2.18
C ASP F 496 -77.49 28.98 1.30
N MET F 497 -76.97 27.94 1.86
CA MET F 497 -76.89 26.55 1.31
C MET F 497 -78.34 25.91 1.28
N TRP F 498 -79.15 26.08 2.31
CA TRP F 498 -80.50 25.63 2.44
C TRP F 498 -81.32 26.05 1.23
N GLN F 499 -81.36 27.35 0.88
CA GLN F 499 -81.95 27.91 -0.34
C GLN F 499 -81.06 27.70 -1.61
N LYS F 500 -80.30 26.61 -1.70
CA LYS F 500 -79.57 26.26 -2.94
C LYS F 500 -79.49 24.72 -3.04
N GLY F 501 -80.31 23.95 -2.25
CA GLY F 501 -80.46 22.53 -2.39
C GLY F 501 -79.47 21.67 -1.66
N VAL F 502 -78.40 22.25 -1.03
CA VAL F 502 -77.41 21.47 -0.31
C VAL F 502 -77.90 21.21 1.15
N ILE F 503 -78.46 20.02 1.28
CA ILE F 503 -78.85 19.38 2.58
C ILE F 503 -78.12 18.12 2.74
N GLU F 504 -77.91 17.64 4.06
CA GLU F 504 -77.27 16.36 4.27
C GLU F 504 -77.83 15.67 5.53
N PRO F 505 -77.69 14.32 5.58
CA PRO F 505 -78.13 13.51 6.72
C PRO F 505 -77.58 13.95 8.07
N ALA F 506 -78.41 14.49 8.92
CA ALA F 506 -77.94 14.98 10.15
C ALA F 506 -77.33 13.96 11.17
N LEU F 507 -77.57 12.66 11.13
CA LEU F 507 -77.06 11.63 12.00
C LEU F 507 -75.72 11.07 11.52
N VAL F 508 -75.56 10.98 10.21
CA VAL F 508 -74.37 10.60 9.60
C VAL F 508 -73.14 11.59 9.97
N LYS F 509 -73.34 12.89 9.87
CA LYS F 509 -72.32 13.91 10.16
C LYS F 509 -72.19 14.16 11.67
N MET F 510 -72.85 13.30 12.56
CA MET F 510 -72.83 13.39 13.99
C MET F 510 -71.99 12.26 14.53
N ASN F 511 -72.21 10.99 13.93
CA ASN F 511 -71.39 9.80 14.17
C ASN F 511 -69.96 10.00 13.68
N ALA F 512 -69.58 10.88 12.71
CA ALA F 512 -68.14 11.22 12.37
C ALA F 512 -67.44 11.79 13.57
N ILE F 513 -68.02 12.78 14.27
CA ILE F 513 -67.49 13.39 15.49
C ILE F 513 -67.33 12.32 16.56
N LYS F 514 -68.35 11.43 16.77
CA LYS F 514 -68.33 10.38 17.74
C LYS F 514 -67.18 9.43 17.48
N ALA F 515 -66.97 9.02 16.19
CA ALA F 515 -65.87 8.21 15.73
C ALA F 515 -64.48 8.88 16.01
N ALA F 516 -64.36 10.10 15.40
CA ALA F 516 -63.15 10.93 15.50
C ALA F 516 -62.62 11.14 16.86
N THR F 517 -63.43 11.51 17.85
CA THR F 517 -62.99 11.75 19.25
C THR F 517 -62.55 10.54 19.96
N GLU F 518 -63.16 9.45 19.62
CA GLU F 518 -62.81 8.13 20.10
C GLU F 518 -61.40 7.76 19.68
N ALA F 519 -61.16 7.73 18.38
CA ALA F 519 -59.88 7.52 17.82
C ALA F 519 -58.83 8.52 18.31
N ALA F 520 -59.08 9.81 18.15
CA ALA F 520 -58.24 10.85 18.67
C ALA F 520 -57.77 10.71 20.08
N THR F 521 -58.76 10.58 21.01
CA THR F 521 -58.39 10.32 22.43
C THR F 521 -57.76 8.93 22.73
N LEU F 522 -57.98 7.89 21.91
CA LEU F 522 -57.35 6.57 22.02
C LEU F 522 -55.85 6.73 21.72
N VAL F 523 -55.55 7.60 20.70
CA VAL F 523 -54.14 7.85 20.36
C VAL F 523 -53.35 8.48 21.52
N LEU F 524 -54.01 9.40 22.19
CA LEU F 524 -53.45 10.02 23.39
C LEU F 524 -53.32 9.06 24.58
N ARG F 525 -54.25 8.06 24.70
CA ARG F 525 -54.16 7.11 25.84
C ARG F 525 -52.99 6.14 25.94
N ILE F 526 -52.50 5.72 24.73
CA ILE F 526 -51.37 4.77 24.48
C ILE F 526 -50.00 5.22 24.87
N ASP F 527 -49.49 4.70 26.02
CA ASP F 527 -48.20 5.17 26.59
C ASP F 527 -47.01 4.51 25.97
N ASP F 528 -47.11 3.23 25.62
CA ASP F 528 -46.05 2.40 25.16
C ASP F 528 -46.60 1.22 24.50
N VAL F 529 -45.74 0.49 23.75
CA VAL F 529 -46.03 -0.73 22.94
C VAL F 529 -44.94 -1.70 23.12
N VAL F 530 -45.28 -2.96 23.26
CA VAL F 530 -44.45 -4.14 23.45
C VAL F 530 -44.93 -5.11 22.32
N SER F 531 -43.92 -5.80 21.60
CA SER F 531 -44.20 -6.79 20.65
C SER F 531 -43.84 -8.15 21.21
N ALA F 532 -44.30 -9.29 20.49
CA ALA F 532 -43.97 -10.60 20.97
C ALA F 532 -42.49 -11.06 20.88
N GLY G 28 -19.13 -8.30 46.91
CA GLY G 28 -20.14 -7.31 47.44
C GLY G 28 -20.85 -6.58 46.38
N LYS G 29 -20.68 -5.28 46.20
CA LYS G 29 -21.37 -4.48 45.21
C LYS G 29 -21.55 -5.00 43.73
N GLU G 30 -20.58 -5.77 43.17
CA GLU G 30 -20.53 -6.35 41.85
C GLU G 30 -21.86 -6.70 41.19
N ALA G 31 -22.46 -7.83 41.61
CA ALA G 31 -23.69 -8.42 41.10
C ALA G 31 -24.77 -7.70 41.73
N VAL G 32 -24.69 -7.32 42.99
CA VAL G 32 -25.77 -6.64 43.77
C VAL G 32 -26.48 -5.41 43.15
N ARG G 33 -25.74 -4.68 42.45
CA ARG G 33 -26.19 -3.59 41.59
C ARG G 33 -27.03 -4.06 40.45
N ALA G 34 -26.65 -5.14 39.66
CA ALA G 34 -27.37 -5.73 38.62
C ALA G 34 -28.77 -6.17 38.94
N ASN G 35 -28.92 -6.95 40.02
CA ASN G 35 -30.22 -7.46 40.58
C ASN G 35 -31.20 -6.37 40.91
N ILE G 36 -30.85 -5.38 41.74
CA ILE G 36 -31.50 -4.11 42.02
C ILE G 36 -31.77 -3.40 40.72
N ALA G 37 -30.81 -3.10 39.85
CA ALA G 37 -31.07 -2.56 38.50
C ALA G 37 -32.26 -3.16 37.78
N ALA G 38 -32.23 -4.49 37.53
CA ALA G 38 -33.20 -5.33 36.91
C ALA G 38 -34.60 -5.16 37.53
N VAL G 39 -34.61 -5.18 38.88
CA VAL G 39 -35.86 -4.94 39.65
C VAL G 39 -36.45 -3.58 39.32
N LYS G 40 -35.60 -2.51 39.55
CA LYS G 40 -35.96 -1.13 39.21
C LYS G 40 -36.45 -0.90 37.78
N ALA G 41 -35.91 -1.52 36.76
CA ALA G 41 -36.33 -1.53 35.40
C ALA G 41 -37.74 -2.03 35.20
N VAL G 42 -38.05 -3.24 35.80
CA VAL G 42 -39.36 -3.78 35.70
C VAL G 42 -40.54 -2.93 36.32
N GLU G 43 -40.29 -2.30 37.53
CA GLU G 43 -41.06 -1.26 38.13
C GLU G 43 -41.28 -0.07 37.26
N GLU G 44 -40.23 0.46 36.62
CA GLU G 44 -40.25 1.52 35.52
C GLU G 44 -41.03 1.19 34.26
N ALA G 45 -41.56 -0.05 34.05
CA ALA G 45 -42.36 -0.49 32.92
C ALA G 45 -43.83 -0.40 33.29
N LEU G 46 -44.16 -0.32 34.58
CA LEU G 46 -45.53 -0.33 35.19
C LEU G 46 -45.94 0.95 35.86
N LYS G 47 -44.96 1.75 36.38
CA LYS G 47 -44.99 3.08 37.02
C LYS G 47 -46.13 3.94 36.52
N SER G 48 -46.21 4.13 35.18
CA SER G 48 -47.23 4.89 34.54
C SER G 48 -48.61 4.27 34.52
N THR G 49 -48.89 3.16 35.28
CA THR G 49 -50.22 2.58 35.15
C THR G 49 -50.85 2.55 36.59
N TYR G 50 -50.17 3.05 37.63
CA TYR G 50 -50.78 3.03 38.96
C TYR G 50 -51.99 4.01 39.10
N GLY G 51 -53.09 3.57 39.75
CA GLY G 51 -54.27 4.40 39.92
C GLY G 51 -55.10 4.75 38.69
N PRO G 52 -56.29 5.35 38.87
CA PRO G 52 -57.27 5.73 37.91
C PRO G 52 -56.63 6.67 36.90
N ARG G 53 -55.49 7.24 37.20
CA ARG G 53 -54.75 8.18 36.41
C ARG G 53 -53.64 7.69 35.58
N GLY G 54 -53.48 6.32 35.57
CA GLY G 54 -52.50 5.56 34.82
C GLY G 54 -52.79 5.63 33.26
N MET G 55 -51.85 5.15 32.44
CA MET G 55 -52.04 5.10 31.08
C MET G 55 -51.99 3.63 30.59
N ASP G 56 -52.59 3.37 29.31
CA ASP G 56 -52.79 2.06 28.69
C ASP G 56 -51.62 1.72 27.80
N LYS G 57 -51.17 0.52 27.88
CA LYS G 57 -50.04 -0.09 27.20
C LYS G 57 -50.53 -1.12 26.17
N MET G 58 -49.77 -1.17 25.02
CA MET G 58 -50.10 -1.93 23.84
C MET G 58 -49.27 -3.21 23.71
N LEU G 59 -49.90 -4.34 23.24
CA LEU G 59 -49.23 -5.66 23.12
C LEU G 59 -49.54 -6.07 21.68
N VAL G 60 -48.48 -6.18 20.87
CA VAL G 60 -48.69 -6.51 19.44
C VAL G 60 -48.25 -7.99 19.20
N ASP G 61 -49.26 -8.80 18.92
CA ASP G 61 -49.07 -10.24 18.76
C ASP G 61 -48.15 -10.71 17.65
N SER G 62 -47.39 -11.80 17.87
CA SER G 62 -46.61 -12.44 16.77
C SER G 62 -47.29 -12.69 15.43
N LEU G 63 -48.63 -12.99 15.46
CA LEU G 63 -49.53 -13.05 14.29
C LEU G 63 -49.92 -11.73 13.63
N GLY G 64 -50.17 -10.68 14.49
CA GLY G 64 -50.60 -9.37 13.97
C GLY G 64 -51.36 -8.62 14.96
N ASP G 65 -52.38 -9.21 15.61
CA ASP G 65 -53.34 -8.70 16.57
C ASP G 65 -52.85 -7.72 17.60
N ILE G 66 -53.66 -6.65 17.94
CA ILE G 66 -53.29 -5.70 18.90
C ILE G 66 -54.13 -5.96 20.12
N THR G 67 -53.53 -5.84 21.30
CA THR G 67 -54.18 -6.04 22.58
C THR G 67 -53.64 -4.88 23.36
N ILE G 68 -54.56 -3.98 23.74
CA ILE G 68 -54.24 -2.78 24.53
C ILE G 68 -54.78 -2.96 25.92
N THR G 69 -54.00 -2.77 26.93
CA THR G 69 -54.33 -3.08 28.28
C THR G 69 -53.52 -2.28 29.23
N ASN G 70 -53.83 -2.54 30.52
CA ASN G 70 -53.24 -1.93 31.71
C ASN G 70 -53.20 -2.93 32.91
N ASP G 71 -53.38 -4.18 32.59
CA ASP G 71 -53.38 -5.25 33.59
C ASP G 71 -51.94 -5.58 33.99
N GLY G 72 -51.69 -5.57 35.37
CA GLY G 72 -50.42 -5.88 35.96
C GLY G 72 -49.75 -7.19 35.57
N ALA G 73 -50.51 -8.24 35.83
CA ALA G 73 -50.22 -9.59 35.35
C ALA G 73 -49.83 -9.84 33.97
N THR G 74 -50.74 -9.50 32.99
CA THR G 74 -50.52 -9.67 31.57
C THR G 74 -49.25 -9.01 31.05
N ILE G 75 -48.92 -7.75 31.52
CA ILE G 75 -47.66 -7.02 31.15
C ILE G 75 -46.29 -7.64 31.72
N LEU G 76 -46.45 -8.54 32.75
CA LEU G 76 -45.39 -9.33 33.37
C LEU G 76 -45.32 -10.73 32.90
N ASP G 77 -46.44 -11.32 32.57
CA ASP G 77 -46.50 -12.69 31.98
C ASP G 77 -45.89 -12.68 30.60
N LYS G 78 -46.26 -11.72 29.74
CA LYS G 78 -45.69 -11.73 28.40
C LYS G 78 -44.23 -11.28 28.38
N MET G 79 -43.63 -10.72 29.42
CA MET G 79 -42.25 -10.24 29.49
C MET G 79 -41.30 -11.35 29.81
N ASP G 80 -40.15 -11.38 29.11
CA ASP G 80 -39.16 -12.39 29.30
C ASP G 80 -38.04 -11.92 30.13
N LEU G 81 -38.03 -12.44 31.37
CA LEU G 81 -37.07 -11.98 32.31
C LEU G 81 -35.91 -12.94 32.38
N GLN G 82 -34.71 -12.51 31.97
CA GLN G 82 -33.52 -13.24 31.84
C GLN G 82 -32.69 -13.07 33.07
N HIS G 83 -33.13 -12.29 34.10
CA HIS G 83 -32.48 -11.96 35.32
C HIS G 83 -33.21 -12.65 36.46
N PRO G 84 -32.65 -13.70 37.02
CA PRO G 84 -33.27 -14.55 38.07
C PRO G 84 -33.86 -13.82 39.24
N ALA G 85 -33.08 -12.87 39.81
CA ALA G 85 -33.51 -11.98 40.91
C ALA G 85 -34.85 -11.26 40.67
N ALA G 86 -34.91 -10.48 39.55
CA ALA G 86 -36.10 -9.91 39.01
C ALA G 86 -37.28 -10.91 38.83
N LYS G 87 -37.02 -12.08 38.18
CA LYS G 87 -37.95 -13.15 37.97
C LYS G 87 -38.46 -13.78 39.27
N LEU G 88 -37.56 -13.77 40.29
CA LEU G 88 -37.93 -14.15 41.64
C LEU G 88 -38.81 -13.14 42.36
N LEU G 89 -38.53 -11.80 42.23
CA LEU G 89 -39.33 -10.68 42.82
C LEU G 89 -40.71 -10.57 42.26
N VAL G 90 -40.85 -10.56 40.89
CA VAL G 90 -42.19 -10.68 40.32
C VAL G 90 -43.04 -11.90 40.67
N GLN G 91 -42.39 -13.08 40.88
CA GLN G 91 -43.04 -14.34 41.25
C GLN G 91 -43.77 -14.19 42.59
N ILE G 92 -43.12 -13.53 43.58
CA ILE G 92 -43.79 -13.26 44.88
C ILE G 92 -44.85 -12.09 44.81
N ALA G 93 -44.50 -11.01 43.98
CA ALA G 93 -45.32 -9.77 43.75
C ALA G 93 -46.62 -10.15 43.08
N LYS G 94 -46.60 -10.81 41.90
CA LYS G 94 -47.75 -11.32 41.11
C LYS G 94 -48.63 -12.25 41.84
N GLY G 95 -48.13 -13.41 42.28
CA GLY G 95 -48.79 -14.49 43.04
C GLY G 95 -49.86 -14.04 44.02
N GLN G 96 -51.04 -14.67 43.96
CA GLN G 96 -52.08 -14.44 44.93
C GLN G 96 -52.92 -15.67 45.08
N ASP G 97 -53.17 -16.04 46.34
CA ASP G 97 -53.92 -17.20 46.70
C ASP G 97 -55.46 -16.95 46.67
N GLU G 98 -55.89 -15.68 46.74
CA GLU G 98 -57.25 -15.27 46.94
C GLU G 98 -57.99 -15.20 45.63
N GLU G 99 -59.31 -15.32 45.67
CA GLU G 99 -60.09 -15.31 44.46
C GLU G 99 -60.14 -14.03 43.66
N THR G 100 -60.28 -12.85 44.35
CA THR G 100 -60.22 -11.59 43.61
C THR G 100 -58.76 -11.18 43.67
N ALA G 101 -58.18 -10.88 42.49
CA ALA G 101 -56.81 -10.40 42.38
C ALA G 101 -56.64 -8.91 42.34
N ASP G 102 -56.20 -8.31 43.45
CA ASP G 102 -56.23 -6.83 43.57
C ASP G 102 -55.00 -6.51 44.39
N GLY G 103 -54.49 -5.29 44.20
CA GLY G 103 -53.23 -4.84 44.86
C GLY G 103 -52.04 -5.32 44.21
N THR G 104 -52.16 -5.80 42.92
CA THR G 104 -50.93 -6.19 42.14
C THR G 104 -50.09 -5.09 41.69
N LYS G 105 -50.61 -4.01 41.24
CA LYS G 105 -49.89 -2.81 40.86
C LYS G 105 -49.33 -2.21 42.06
N THR G 106 -50.02 -2.22 43.22
CA THR G 106 -49.52 -1.63 44.43
C THR G 106 -48.30 -2.48 44.80
N ALA G 107 -48.47 -3.81 44.99
CA ALA G 107 -47.41 -4.79 45.27
C ALA G 107 -46.14 -4.68 44.44
N VAL G 108 -46.27 -4.58 43.15
CA VAL G 108 -45.02 -4.36 42.33
C VAL G 108 -44.40 -2.99 42.52
N ILE G 109 -45.18 -1.89 42.44
CA ILE G 109 -44.69 -0.55 42.65
C ILE G 109 -43.98 -0.47 44.00
N PHE G 110 -44.71 -0.76 45.13
CA PHE G 110 -44.13 -0.71 46.51
C PHE G 110 -42.95 -1.66 46.58
N SER G 111 -42.96 -2.81 45.93
CA SER G 111 -41.85 -3.70 45.89
C SER G 111 -40.52 -3.07 45.39
N GLY G 112 -40.64 -2.56 44.19
CA GLY G 112 -39.47 -1.87 43.65
C GLY G 112 -39.03 -0.61 44.34
N GLU G 113 -40.00 0.10 44.95
CA GLU G 113 -39.64 1.37 45.64
C GLU G 113 -38.83 1.14 46.86
N LEU G 114 -39.17 0.07 47.54
CA LEU G 114 -38.52 -0.39 48.68
C LEU G 114 -37.09 -0.82 48.37
N VAL G 115 -36.86 -1.50 47.24
CA VAL G 115 -35.55 -1.91 46.65
C VAL G 115 -34.78 -0.63 46.31
N LYS G 116 -35.44 0.34 45.67
CA LYS G 116 -34.96 1.70 45.27
C LYS G 116 -34.43 2.39 46.48
N LYS G 117 -35.24 2.64 47.53
CA LYS G 117 -34.86 3.24 48.78
C LYS G 117 -33.76 2.46 49.53
N ALA G 118 -33.59 1.17 49.34
CA ALA G 118 -32.62 0.43 50.03
C ALA G 118 -31.27 0.60 49.37
N GLU G 119 -31.32 0.75 48.05
CA GLU G 119 -30.13 1.00 47.24
C GLU G 119 -29.41 2.35 47.69
N ASP G 120 -30.14 3.45 47.98
CA ASP G 120 -29.64 4.64 48.58
C ASP G 120 -29.02 4.50 49.97
N LEU G 121 -29.38 3.47 50.74
CA LEU G 121 -28.71 3.18 52.02
C LEU G 121 -27.38 2.49 51.71
N LEU G 122 -27.39 1.64 50.65
CA LEU G 122 -26.18 0.97 50.25
C LEU G 122 -25.12 1.90 49.79
N TYR G 123 -25.51 3.03 49.11
CA TYR G 123 -24.62 4.07 48.78
C TYR G 123 -24.05 4.80 49.94
N LYS G 124 -24.84 5.00 51.01
CA LYS G 124 -24.48 5.61 52.24
C LYS G 124 -23.62 4.68 53.15
N ASP G 125 -23.25 3.46 52.69
CA ASP G 125 -22.31 2.52 53.23
C ASP G 125 -22.81 1.83 54.51
N VAL G 126 -24.09 1.40 54.50
CA VAL G 126 -24.73 0.52 55.53
C VAL G 126 -24.95 -0.93 54.96
N HIS G 127 -24.79 -1.98 55.77
CA HIS G 127 -24.90 -3.39 55.41
C HIS G 127 -26.29 -3.98 55.33
N PRO G 128 -26.63 -4.85 54.41
CA PRO G 128 -28.03 -5.29 54.36
C PRO G 128 -28.54 -5.85 55.65
N THR G 129 -27.72 -6.41 56.56
CA THR G 129 -28.27 -7.00 57.81
C THR G 129 -29.02 -6.02 58.71
N ILE G 130 -28.53 -4.73 58.69
CA ILE G 130 -29.10 -3.67 59.44
C ILE G 130 -30.44 -3.31 58.78
N ILE G 131 -30.35 -3.13 57.39
CA ILE G 131 -31.45 -2.72 56.53
C ILE G 131 -32.60 -3.65 56.60
N ILE G 132 -32.31 -4.89 56.94
CA ILE G 132 -33.28 -5.94 57.21
C ILE G 132 -34.10 -5.79 58.48
N SER G 133 -33.38 -5.63 59.64
CA SER G 133 -34.03 -5.37 60.97
C SER G 133 -34.82 -4.13 60.88
N GLY G 134 -34.26 -3.07 60.26
CA GLY G 134 -35.04 -1.85 60.07
C GLY G 134 -36.37 -2.03 59.31
N TYR G 135 -36.32 -2.62 58.10
CA TYR G 135 -37.48 -2.94 57.25
C TYR G 135 -38.48 -3.86 57.94
N LYS G 136 -38.09 -4.89 58.69
CA LYS G 136 -38.89 -5.68 59.57
C LYS G 136 -39.64 -4.92 60.63
N LYS G 137 -38.91 -4.14 61.44
CA LYS G 137 -39.51 -3.30 62.51
C LYS G 137 -40.58 -2.35 62.01
N ALA G 138 -40.29 -1.75 60.81
CA ALA G 138 -41.22 -0.93 60.16
C ALA G 138 -42.43 -1.71 59.65
N GLU G 139 -42.18 -2.94 59.10
CA GLU G 139 -43.15 -3.88 58.68
C GLU G 139 -44.15 -4.18 59.74
N GLU G 140 -43.67 -4.53 60.98
CA GLU G 140 -44.37 -4.79 62.19
C GLU G 140 -45.51 -3.77 62.44
N VAL G 141 -45.09 -2.47 62.59
CA VAL G 141 -45.90 -1.30 62.76
C VAL G 141 -46.86 -1.10 61.65
N ALA G 142 -46.37 -1.15 60.37
CA ALA G 142 -47.16 -1.02 59.22
C ALA G 142 -48.34 -1.98 59.17
N LEU G 143 -48.19 -3.25 59.60
CA LEU G 143 -49.23 -4.30 59.60
C LEU G 143 -50.24 -3.91 60.74
N GLN G 144 -49.82 -3.82 62.02
CA GLN G 144 -50.75 -3.46 63.08
C GLN G 144 -51.52 -2.07 62.84
N THR G 145 -50.98 -1.15 62.08
CA THR G 145 -51.49 0.11 61.61
C THR G 145 -52.62 -0.04 60.56
N ILE G 146 -52.85 -1.28 60.02
CA ILE G 146 -54.12 -1.51 59.29
C ILE G 146 -55.16 -2.04 60.24
N GLN G 147 -54.79 -2.91 61.20
CA GLN G 147 -55.66 -3.40 62.29
C GLN G 147 -56.19 -2.28 63.15
N GLU G 148 -55.35 -1.53 63.86
CA GLU G 148 -55.79 -0.38 64.69
C GLU G 148 -56.32 0.87 63.93
N LEU G 149 -57.14 0.69 62.88
CA LEU G 149 -57.78 1.81 62.25
C LEU G 149 -58.89 1.43 61.33
N ALA G 150 -58.95 0.19 60.85
CA ALA G 150 -59.95 -0.34 60.03
C ALA G 150 -61.44 -0.31 60.66
N GLN G 151 -62.51 -0.15 59.77
CA GLN G 151 -63.88 -0.07 60.30
C GLN G 151 -64.73 -1.27 60.05
N THR G 152 -65.56 -1.58 61.04
CA THR G 152 -66.44 -2.76 61.04
C THR G 152 -67.54 -2.71 60.03
N VAL G 153 -67.59 -3.60 58.99
CA VAL G 153 -68.64 -3.65 58.08
C VAL G 153 -69.58 -4.77 58.42
N SER G 154 -70.89 -4.54 58.49
CA SER G 154 -71.89 -5.55 58.69
C SER G 154 -72.63 -5.87 57.40
N ILE G 155 -73.48 -6.87 57.50
CA ILE G 155 -74.36 -7.26 56.40
C ILE G 155 -75.52 -6.22 56.37
N ASN G 156 -75.65 -5.38 57.46
CA ASN G 156 -76.69 -4.39 57.40
C ASN G 156 -76.21 -3.00 56.85
N ASP G 157 -74.86 -2.92 56.63
CA ASP G 157 -74.29 -1.62 56.20
C ASP G 157 -74.24 -1.73 54.67
N THR G 158 -75.43 -1.73 54.07
CA THR G 158 -75.62 -2.09 52.60
C THR G 158 -75.28 -0.82 51.80
N ASP G 159 -75.31 0.36 52.35
CA ASP G 159 -74.86 1.64 51.84
C ASP G 159 -73.34 1.85 51.78
N LEU G 160 -72.57 0.95 52.43
CA LEU G 160 -71.11 0.88 52.46
C LEU G 160 -70.73 -0.03 51.35
N LEU G 161 -71.35 -1.20 51.19
CA LEU G 161 -70.97 -2.15 50.14
C LEU G 161 -71.09 -1.63 48.72
N ARG G 162 -72.09 -0.75 48.55
CA ARG G 162 -72.39 0.15 47.46
C ARG G 162 -71.23 1.05 47.09
N LYS G 163 -70.40 1.40 48.06
CA LYS G 163 -69.36 2.39 47.84
C LYS G 163 -68.20 1.62 47.20
N ILE G 164 -67.71 0.60 48.02
CA ILE G 164 -66.70 -0.37 47.63
C ILE G 164 -66.94 -1.01 46.17
N ALA G 165 -68.13 -1.24 45.74
CA ALA G 165 -68.42 -1.77 44.43
C ALA G 165 -68.06 -0.74 43.37
N MET G 166 -68.51 0.54 43.61
CA MET G 166 -68.21 1.66 42.76
C MET G 166 -66.70 1.93 42.73
N THR G 167 -66.00 1.85 43.81
CA THR G 167 -64.51 1.88 43.86
C THR G 167 -63.78 0.86 43.01
N SER G 168 -64.42 -0.13 42.48
CA SER G 168 -63.95 -1.18 41.54
C SER G 168 -64.44 -0.81 40.12
N LEU G 169 -65.76 -0.45 40.06
CA LEU G 169 -66.26 -0.08 38.76
C LEU G 169 -65.92 1.33 38.17
N SER G 170 -65.75 2.40 38.96
CA SER G 170 -65.39 3.76 38.56
C SER G 170 -64.09 3.94 37.85
N SER G 171 -63.14 2.99 37.98
CA SER G 171 -61.88 3.09 37.28
C SER G 171 -61.94 2.42 36.01
N LYS G 172 -62.96 1.57 35.75
CA LYS G 172 -62.89 0.74 34.56
C LYS G 172 -63.23 1.51 33.21
N ALA G 173 -62.81 0.97 32.03
CA ALA G 173 -63.08 1.48 30.69
C ALA G 173 -64.56 1.49 30.38
N VAL G 174 -65.21 0.33 30.54
CA VAL G 174 -66.62 0.32 30.48
C VAL G 174 -67.16 1.05 31.73
N ALA G 175 -68.22 1.91 31.58
CA ALA G 175 -68.73 2.73 32.66
C ALA G 175 -70.22 3.07 32.59
N GLY G 176 -70.82 3.09 31.40
CA GLY G 176 -72.24 3.23 31.05
C GLY G 176 -73.12 2.31 31.94
N ALA G 177 -74.01 2.93 32.62
CA ALA G 177 -74.98 2.38 33.53
C ALA G 177 -74.45 1.44 34.60
N ARG G 178 -73.28 1.79 35.18
CA ARG G 178 -72.65 1.11 36.20
C ARG G 178 -73.29 1.27 37.55
N GLU G 179 -74.00 2.33 37.83
CA GLU G 179 -74.83 2.39 39.06
C GLU G 179 -75.84 1.22 39.21
N TYR G 180 -76.52 0.78 38.12
CA TYR G 180 -77.39 -0.41 37.95
C TYR G 180 -76.67 -1.72 38.23
N ILE G 181 -75.47 -1.92 37.67
CA ILE G 181 -74.59 -3.11 37.90
C ILE G 181 -74.15 -3.00 39.36
N ALA G 182 -73.72 -1.88 39.96
CA ALA G 182 -73.33 -1.66 41.31
C ALA G 182 -74.45 -2.18 42.22
N ASP G 183 -75.66 -1.73 41.96
CA ASP G 183 -76.77 -2.10 42.72
C ASP G 183 -77.04 -3.59 42.80
N ILE G 184 -77.02 -4.30 41.66
CA ILE G 184 -77.10 -5.74 41.57
C ILE G 184 -76.04 -6.38 42.44
N VAL G 185 -74.76 -6.05 42.24
CA VAL G 185 -73.63 -6.55 42.97
C VAL G 185 -73.80 -6.62 44.52
N VAL G 186 -74.39 -5.57 45.22
CA VAL G 186 -74.72 -5.56 46.63
C VAL G 186 -75.76 -6.63 47.02
N LYS G 187 -76.90 -6.59 46.31
CA LYS G 187 -77.92 -7.65 46.51
C LYS G 187 -77.41 -9.12 46.24
N ALA G 188 -76.65 -9.33 45.15
CA ALA G 188 -76.19 -10.58 44.65
C ALA G 188 -75.32 -11.31 45.72
N VAL G 189 -74.45 -10.56 46.52
CA VAL G 189 -73.61 -11.04 47.60
C VAL G 189 -74.46 -11.29 48.84
N THR G 190 -75.33 -10.32 49.30
CA THR G 190 -76.30 -10.58 50.45
C THR G 190 -77.18 -11.71 50.32
N GLN G 191 -77.52 -12.10 49.03
CA GLN G 191 -78.29 -13.33 48.90
C GLN G 191 -77.59 -14.64 49.19
N VAL G 192 -76.33 -14.67 48.73
CA VAL G 192 -75.49 -15.88 48.76
C VAL G 192 -74.71 -16.03 50.10
N ALA G 193 -74.41 -14.95 50.81
CA ALA G 193 -73.76 -14.97 52.11
C ALA G 193 -74.27 -15.86 53.25
N GLU G 194 -73.36 -16.53 53.94
CA GLU G 194 -73.69 -17.36 55.14
C GLU G 194 -72.73 -17.20 56.32
N LEU G 195 -73.18 -17.57 57.53
CA LEU G 195 -72.45 -17.52 58.81
C LEU G 195 -71.69 -18.81 59.03
N ARG G 196 -70.35 -18.70 59.16
CA ARG G 196 -69.52 -19.92 59.46
C ARG G 196 -68.49 -19.44 60.56
N GLY G 197 -68.38 -20.04 61.77
CA GLY G 197 -67.45 -19.52 62.73
C GLY G 197 -67.96 -18.23 63.30
N ASP G 198 -69.23 -17.98 63.22
CA ASP G 198 -69.81 -16.70 63.63
C ASP G 198 -69.28 -15.43 62.93
N LYS G 199 -68.94 -15.66 61.63
CA LYS G 199 -68.43 -14.65 60.64
C LYS G 199 -69.02 -15.00 59.31
N TRP G 200 -69.36 -14.01 58.52
CA TRP G 200 -69.79 -14.15 57.13
C TRP G 200 -68.72 -14.70 56.18
N TYR G 201 -69.21 -15.44 55.21
CA TYR G 201 -68.53 -16.12 54.18
C TYR G 201 -69.42 -16.05 53.01
N VAL G 202 -68.79 -15.99 51.82
CA VAL G 202 -69.48 -15.88 50.59
C VAL G 202 -68.96 -16.91 49.60
N ASP G 203 -69.83 -17.92 49.17
CA ASP G 203 -69.58 -18.88 48.16
C ASP G 203 -70.03 -18.47 46.74
N LEU G 204 -69.08 -17.89 45.93
CA LEU G 204 -69.31 -17.43 44.54
C LEU G 204 -69.87 -18.42 43.56
N ASP G 205 -69.69 -19.72 43.69
CA ASP G 205 -70.17 -20.78 42.77
C ASP G 205 -71.67 -20.73 42.62
N ASN G 206 -72.35 -20.17 43.59
CA ASN G 206 -73.74 -19.90 43.78
C ASN G 206 -74.16 -18.74 42.92
N ILE G 207 -73.32 -18.23 41.99
CA ILE G 207 -73.77 -17.15 41.14
C ILE G 207 -73.33 -17.59 39.74
N GLN G 208 -74.25 -17.61 38.76
CA GLN G 208 -74.06 -17.88 37.37
C GLN G 208 -74.10 -16.54 36.74
N ILE G 209 -73.39 -16.26 35.72
CA ILE G 209 -73.30 -14.99 34.99
C ILE G 209 -73.50 -15.19 33.48
N VAL G 210 -74.62 -14.70 32.91
CA VAL G 210 -75.04 -14.88 31.51
C VAL G 210 -75.03 -13.54 30.88
N LYS G 211 -74.64 -13.43 29.62
CA LYS G 211 -74.43 -12.15 28.98
C LYS G 211 -74.93 -12.21 27.57
N LYS G 212 -75.73 -11.17 27.09
CA LYS G 212 -76.33 -10.90 25.84
C LYS G 212 -76.00 -9.51 25.40
N ALA G 213 -75.35 -9.36 24.19
CA ALA G 213 -74.94 -8.10 23.61
C ALA G 213 -76.17 -7.42 23.03
N GLY G 214 -76.06 -6.08 23.07
CA GLY G 214 -77.03 -5.11 22.58
C GLY G 214 -78.28 -4.87 23.54
N GLY G 215 -78.99 -3.85 23.14
CA GLY G 215 -80.11 -3.25 23.92
C GLY G 215 -79.64 -2.21 24.90
N SER G 216 -80.28 -2.11 26.07
CA SER G 216 -79.92 -1.15 27.05
C SER G 216 -79.04 -1.73 28.16
N ILE G 217 -77.98 -1.08 28.66
CA ILE G 217 -77.21 -1.59 29.79
C ILE G 217 -77.99 -1.45 31.10
N ASN G 218 -79.01 -0.56 31.05
CA ASN G 218 -79.97 -0.35 32.15
C ASN G 218 -80.88 -1.56 32.39
N ASP G 219 -80.97 -2.41 31.30
CA ASP G 219 -81.75 -3.56 31.38
C ASP G 219 -80.97 -4.77 31.95
N THR G 220 -79.76 -4.58 32.59
CA THR G 220 -78.93 -5.54 33.34
C THR G 220 -79.81 -6.06 34.47
N GLN G 221 -79.87 -7.36 34.86
CA GLN G 221 -80.77 -7.65 35.96
C GLN G 221 -80.28 -8.84 36.74
N LEU G 222 -80.80 -9.07 37.95
CA LEU G 222 -80.50 -10.23 38.75
C LEU G 222 -81.69 -11.17 38.77
N VAL G 223 -81.27 -12.46 38.51
CA VAL G 223 -82.18 -13.56 38.23
C VAL G 223 -82.12 -14.48 39.44
N TYR G 224 -83.25 -14.96 39.97
CA TYR G 224 -83.39 -15.71 41.18
C TYR G 224 -83.59 -17.18 40.94
N GLY G 225 -82.66 -17.80 40.23
CA GLY G 225 -82.51 -19.16 39.78
C GLY G 225 -81.42 -19.41 38.69
N ILE G 226 -81.60 -20.38 37.82
CA ILE G 226 -80.66 -20.78 36.87
C ILE G 226 -81.15 -20.33 35.53
N VAL G 227 -80.28 -20.05 34.57
CA VAL G 227 -80.61 -19.64 33.20
C VAL G 227 -79.92 -20.45 32.23
N VAL G 228 -80.70 -21.24 31.47
CA VAL G 228 -80.22 -22.16 30.46
C VAL G 228 -80.37 -21.39 29.13
N ASP G 229 -79.29 -21.15 28.38
CA ASP G 229 -79.32 -20.40 27.15
C ASP G 229 -79.73 -21.14 25.93
N LYS G 230 -80.97 -21.62 26.07
CA LYS G 230 -81.59 -22.35 24.99
C LYS G 230 -83.11 -22.27 25.09
N GLU G 231 -83.77 -22.20 23.89
CA GLU G 231 -85.22 -22.17 23.76
C GLU G 231 -85.90 -23.58 23.92
N VAL G 232 -87.21 -23.65 24.16
CA VAL G 232 -87.93 -25.02 24.11
C VAL G 232 -87.98 -25.58 22.71
N VAL G 233 -87.83 -26.81 22.55
CA VAL G 233 -87.53 -27.43 21.27
C VAL G 233 -88.71 -27.23 20.35
N HIS G 234 -90.00 -27.40 20.73
CA HIS G 234 -91.13 -27.15 19.80
C HIS G 234 -92.03 -25.98 20.23
N PRO G 235 -92.36 -24.92 19.37
CA PRO G 235 -93.30 -23.78 19.66
C PRO G 235 -94.64 -24.03 20.41
N GLY G 236 -95.23 -25.23 20.26
CA GLY G 236 -96.50 -25.55 20.91
C GLY G 236 -96.40 -26.04 22.33
N MET G 237 -95.14 -26.13 22.91
CA MET G 237 -94.94 -26.53 24.30
C MET G 237 -95.36 -25.35 25.18
N PRO G 238 -95.58 -25.63 26.46
CA PRO G 238 -95.82 -24.51 27.46
C PRO G 238 -94.56 -23.69 27.78
N LYS G 239 -94.72 -22.37 28.05
CA LYS G 239 -93.70 -21.39 28.31
C LYS G 239 -93.59 -20.98 29.74
N ARG G 240 -94.38 -21.61 30.62
CA ARG G 240 -94.54 -21.27 31.96
C ARG G 240 -95.25 -22.45 32.71
N LEU G 241 -94.60 -23.39 33.42
CA LEU G 241 -95.33 -24.39 34.34
C LEU G 241 -95.06 -24.06 35.77
N GLU G 242 -96.15 -24.11 36.57
CA GLU G 242 -96.08 -23.81 38.00
C GLU G 242 -95.80 -25.14 38.75
N ASN G 243 -94.86 -25.05 39.75
CA ASN G 243 -94.47 -26.26 40.54
C ASN G 243 -93.98 -27.46 39.73
N ALA G 244 -93.08 -27.24 38.80
CA ALA G 244 -92.65 -28.25 37.86
C ALA G 244 -91.76 -29.31 38.39
N LYS G 245 -91.89 -30.59 37.95
CA LYS G 245 -90.90 -31.61 38.40
C LYS G 245 -89.83 -31.87 37.34
N ILE G 246 -88.67 -31.24 37.33
CA ILE G 246 -87.53 -31.33 36.41
C ILE G 246 -86.91 -32.69 36.22
N ALA G 247 -86.55 -33.02 35.00
CA ALA G 247 -85.82 -34.27 34.59
C ALA G 247 -84.60 -34.04 33.75
N LEU G 248 -83.39 -33.97 34.37
CA LEU G 248 -82.13 -33.83 33.63
C LEU G 248 -81.67 -35.03 32.99
N ILE G 249 -82.07 -35.32 31.72
CA ILE G 249 -81.63 -36.57 31.12
C ILE G 249 -80.45 -36.32 30.25
N ASP G 250 -79.27 -36.86 30.69
CA ASP G 250 -78.00 -36.77 29.98
C ASP G 250 -77.96 -37.63 28.74
N ALA G 251 -78.46 -38.85 28.74
CA ALA G 251 -78.55 -39.70 27.61
C ALA G 251 -79.44 -39.16 26.50
N SER G 252 -79.09 -39.60 25.22
CA SER G 252 -79.70 -39.00 24.02
C SER G 252 -81.11 -39.57 23.70
N LEU G 253 -81.95 -38.66 23.27
CA LEU G 253 -83.31 -38.92 22.86
C LEU G 253 -83.50 -38.77 21.33
N GLU G 254 -82.36 -38.89 20.59
CA GLU G 254 -82.43 -38.73 19.13
C GLU G 254 -81.52 -39.75 18.51
N VAL G 255 -81.92 -40.24 17.41
CA VAL G 255 -81.12 -41.29 16.73
C VAL G 255 -79.66 -40.86 16.31
N GLU G 256 -78.71 -41.76 16.39
CA GLU G 256 -77.40 -41.58 15.96
C GLU G 256 -77.20 -42.48 14.71
N LYS G 257 -76.58 -41.98 13.57
CA LYS G 257 -76.39 -42.87 12.38
C LYS G 257 -75.62 -44.18 12.70
N PRO G 258 -75.88 -45.34 12.11
CA PRO G 258 -75.09 -46.54 12.37
C PRO G 258 -73.67 -46.50 11.75
N GLU G 259 -73.43 -45.45 10.93
CA GLU G 259 -72.20 -45.33 10.20
C GLU G 259 -71.30 -44.24 10.71
N LEU G 260 -71.65 -43.79 11.98
CA LEU G 260 -71.02 -42.65 12.62
C LEU G 260 -69.55 -42.96 12.93
N ASP G 261 -69.20 -44.17 13.41
CA ASP G 261 -67.86 -44.53 13.86
C ASP G 261 -67.00 -45.37 12.94
N ALA G 262 -67.75 -46.10 12.01
CA ALA G 262 -67.25 -47.11 11.14
C ALA G 262 -68.40 -47.46 10.20
N GLU G 263 -68.13 -47.99 8.93
CA GLU G 263 -69.20 -48.22 7.93
C GLU G 263 -70.03 -49.49 8.26
N ILE G 264 -71.38 -49.42 8.52
CA ILE G 264 -72.19 -50.59 8.88
C ILE G 264 -72.26 -51.72 7.91
N ARG G 265 -72.12 -53.01 8.30
CA ARG G 265 -72.00 -54.11 7.32
C ARG G 265 -73.23 -54.75 6.85
N ILE G 266 -74.33 -54.27 7.44
CA ILE G 266 -75.66 -54.70 7.05
C ILE G 266 -76.00 -54.21 5.67
N ASN G 267 -76.07 -55.15 4.72
CA ASN G 267 -76.08 -54.82 3.30
C ASN G 267 -77.51 -55.02 2.74
N ASP G 268 -78.37 -55.77 3.49
CA ASP G 268 -79.69 -56.09 3.05
C ASP G 268 -80.68 -54.94 3.51
N PRO G 269 -81.58 -54.34 2.74
CA PRO G 269 -82.54 -53.36 3.27
C PRO G 269 -83.67 -53.82 4.11
N THR G 270 -83.97 -55.15 4.12
CA THR G 270 -84.87 -55.69 5.12
C THR G 270 -84.30 -55.62 6.51
N GLN G 271 -82.97 -55.94 6.67
CA GLN G 271 -82.23 -55.98 7.88
C GLN G 271 -81.98 -54.54 8.40
N MET G 272 -81.61 -53.64 7.47
CA MET G 272 -81.34 -52.24 7.72
C MET G 272 -82.52 -51.57 8.41
N GLN G 273 -83.72 -51.54 7.67
CA GLN G 273 -85.01 -51.06 8.09
C GLN G 273 -85.21 -51.57 9.52
N LYS G 274 -85.36 -52.90 9.73
CA LYS G 274 -85.64 -53.50 11.04
C LYS G 274 -84.75 -53.17 12.18
N PHE G 275 -83.58 -52.58 11.89
CA PHE G 275 -82.58 -52.00 12.85
C PHE G 275 -83.00 -50.59 13.28
N LEU G 276 -83.18 -49.71 12.28
CA LEU G 276 -83.47 -48.27 12.46
C LEU G 276 -84.89 -47.98 12.85
N ASP G 277 -85.81 -48.97 12.60
CA ASP G 277 -87.16 -48.93 12.99
C ASP G 277 -87.35 -49.09 14.52
N GLU G 278 -86.73 -50.17 15.00
CA GLU G 278 -86.62 -50.47 16.41
C GLU G 278 -85.74 -49.46 17.21
N GLU G 279 -84.73 -48.81 16.64
CA GLU G 279 -83.93 -47.65 17.25
C GLU G 279 -84.66 -46.34 17.45
N GLU G 280 -85.63 -46.13 16.56
CA GLU G 280 -86.60 -45.09 16.67
C GLU G 280 -87.88 -45.41 17.57
N ASN G 281 -88.29 -46.68 17.54
CA ASN G 281 -89.30 -47.07 18.51
C ASN G 281 -88.68 -47.17 19.91
N LEU G 282 -87.31 -47.25 19.98
CA LEU G 282 -86.54 -47.24 21.22
C LEU G 282 -86.68 -45.84 21.82
N ILE G 283 -86.74 -44.76 21.00
CA ILE G 283 -86.81 -43.41 21.53
C ILE G 283 -88.23 -43.14 22.17
N LYS G 284 -89.32 -43.66 21.58
CA LYS G 284 -90.64 -43.55 22.18
C LYS G 284 -90.59 -44.36 23.53
N GLU G 285 -89.68 -45.39 23.64
CA GLU G 285 -89.44 -46.05 24.86
C GLU G 285 -88.71 -45.21 25.93
N LYS G 286 -87.54 -44.68 25.65
CA LYS G 286 -86.85 -43.84 26.64
C LYS G 286 -87.67 -42.65 27.21
N VAL G 287 -88.43 -41.93 26.34
CA VAL G 287 -89.36 -40.90 26.64
C VAL G 287 -90.51 -41.46 27.47
N ASP G 288 -91.20 -42.62 27.20
CA ASP G 288 -92.19 -43.17 28.12
C ASP G 288 -91.61 -43.62 29.46
N LYS G 289 -90.33 -44.13 29.48
CA LYS G 289 -89.54 -44.56 30.72
C LYS G 289 -89.18 -43.34 31.66
N ILE G 290 -89.15 -42.17 31.03
CA ILE G 290 -88.89 -40.95 31.77
C ILE G 290 -90.18 -40.47 32.27
N LEU G 291 -91.27 -40.35 31.45
CA LEU G 291 -92.51 -39.95 31.87
C LEU G 291 -93.20 -40.90 32.87
N ALA G 292 -92.72 -42.14 33.06
CA ALA G 292 -93.08 -43.18 34.03
C ALA G 292 -92.90 -42.70 35.41
N THR G 293 -92.21 -41.59 35.63
CA THR G 293 -91.92 -40.99 36.92
C THR G 293 -92.95 -39.83 37.18
N GLY G 294 -93.68 -39.41 36.12
CA GLY G 294 -94.72 -38.30 36.15
C GLY G 294 -94.19 -36.99 35.74
N ALA G 295 -92.87 -36.87 35.29
CA ALA G 295 -92.26 -35.66 34.86
C ALA G 295 -93.08 -34.58 34.14
N ASN G 296 -92.83 -33.31 34.51
CA ASN G 296 -93.48 -32.17 33.81
C ASN G 296 -92.43 -31.48 32.89
N VAL G 297 -91.15 -31.72 33.11
CA VAL G 297 -90.14 -30.99 32.32
C VAL G 297 -89.17 -32.01 32.00
N ILE G 298 -88.43 -31.85 30.85
CA ILE G 298 -87.44 -32.85 30.43
C ILE G 298 -86.33 -32.02 29.72
N ILE G 299 -85.04 -31.99 30.15
CA ILE G 299 -84.00 -31.15 29.53
C ILE G 299 -83.03 -32.24 29.23
N CYS G 300 -82.33 -32.10 28.14
CA CYS G 300 -81.28 -33.09 27.69
C CYS G 300 -80.13 -32.19 27.30
N GLN G 301 -78.96 -32.77 26.84
CA GLN G 301 -77.70 -32.14 26.57
C GLN G 301 -77.28 -32.47 25.16
N LYS G 302 -77.91 -33.53 24.61
CA LYS G 302 -77.92 -34.04 23.26
C LYS G 302 -79.28 -33.90 22.55
N GLY G 303 -79.36 -34.54 21.39
CA GLY G 303 -80.51 -34.48 20.58
C GLY G 303 -81.80 -35.01 21.18
N ILE G 304 -82.94 -34.45 20.65
CA ILE G 304 -84.27 -34.96 20.89
C ILE G 304 -84.95 -35.07 19.55
N ASP G 305 -85.25 -36.33 19.18
CA ASP G 305 -85.77 -36.74 17.89
C ASP G 305 -87.00 -36.00 17.63
N GLU G 306 -87.37 -36.00 16.31
CA GLU G 306 -88.60 -35.25 15.77
C GLU G 306 -89.96 -35.90 16.06
N VAL G 307 -89.88 -37.27 16.33
CA VAL G 307 -91.00 -38.09 16.86
C VAL G 307 -91.13 -37.85 18.31
N ALA G 308 -89.99 -37.64 19.05
CA ALA G 308 -90.08 -37.38 20.47
C ALA G 308 -90.49 -35.98 20.89
N GLN G 309 -90.37 -35.01 19.91
CA GLN G 309 -90.83 -33.65 20.09
C GLN G 309 -92.34 -33.52 19.97
N SER G 310 -92.99 -34.16 18.94
CA SER G 310 -94.42 -34.34 18.81
C SER G 310 -95.09 -35.13 19.90
N TYR G 311 -94.39 -36.05 20.58
CA TYR G 311 -94.79 -36.85 21.71
C TYR G 311 -94.80 -35.99 22.98
N LEU G 312 -93.71 -35.27 23.17
CA LEU G 312 -93.69 -34.34 24.31
C LEU G 312 -94.63 -33.17 24.27
N ALA G 313 -94.91 -32.63 23.08
CA ALA G 313 -95.96 -31.59 22.93
C ALA G 313 -97.37 -32.08 23.17
N LYS G 314 -97.77 -33.31 22.68
CA LYS G 314 -99.07 -33.87 23.05
C LYS G 314 -99.16 -34.39 24.43
N LYS G 315 -98.09 -34.78 25.11
CA LYS G 315 -98.10 -35.22 26.49
C LYS G 315 -98.16 -34.07 27.38
N GLY G 316 -97.71 -32.80 26.96
CA GLY G 316 -97.99 -31.60 27.77
C GLY G 316 -96.78 -31.32 28.57
N VAL G 317 -95.63 -31.87 28.11
CA VAL G 317 -94.38 -31.71 28.79
C VAL G 317 -93.60 -30.54 28.17
N LEU G 318 -92.62 -29.98 28.90
CA LEU G 318 -91.79 -28.87 28.45
C LEU G 318 -90.38 -29.38 28.16
N ALA G 319 -89.94 -29.38 26.87
CA ALA G 319 -88.62 -29.95 26.54
C ALA G 319 -87.71 -28.90 25.84
N VAL G 320 -86.38 -29.00 26.08
CA VAL G 320 -85.35 -28.23 25.46
C VAL G 320 -84.48 -29.33 24.87
N ARG G 321 -84.02 -29.12 23.64
CA ARG G 321 -83.13 -30.04 22.97
C ARG G 321 -81.74 -29.42 23.00
N ARG G 322 -80.72 -30.19 23.29
CA ARG G 322 -79.35 -29.65 23.35
C ARG G 322 -79.02 -28.51 24.25
N ALA G 323 -79.30 -28.60 25.58
CA ALA G 323 -78.90 -27.51 26.46
C ALA G 323 -77.47 -27.74 26.92
N LYS G 324 -76.73 -26.81 27.44
CA LYS G 324 -75.32 -26.96 27.76
C LYS G 324 -75.08 -27.52 29.15
N LYS G 325 -74.35 -28.68 29.15
CA LYS G 325 -74.09 -29.52 30.39
C LYS G 325 -73.44 -28.70 31.49
N SER G 326 -72.70 -27.69 31.17
CA SER G 326 -72.14 -26.68 32.14
C SER G 326 -73.13 -26.03 33.11
N ASP G 327 -74.43 -25.80 32.67
CA ASP G 327 -75.45 -25.13 33.43
C ASP G 327 -76.45 -26.09 33.95
N LEU G 328 -76.60 -27.30 33.24
CA LEU G 328 -77.42 -28.45 33.67
C LEU G 328 -77.04 -28.97 35.04
N GLU G 329 -75.72 -29.00 35.38
CA GLU G 329 -75.11 -29.24 36.66
C GLU G 329 -75.54 -28.12 37.67
N LYS G 330 -75.36 -26.76 37.40
CA LYS G 330 -75.77 -25.61 38.15
C LYS G 330 -77.22 -25.62 38.54
N LEU G 331 -78.07 -26.32 37.67
CA LEU G 331 -79.49 -26.45 37.86
C LEU G 331 -79.94 -27.69 38.66
N ALA G 332 -79.00 -28.67 38.63
CA ALA G 332 -79.12 -29.93 39.42
C ALA G 332 -79.05 -29.58 40.81
N ARG G 333 -77.87 -29.20 41.26
CA ARG G 333 -77.65 -29.04 42.66
C ARG G 333 -78.30 -27.83 43.26
N ALA G 334 -79.12 -27.06 42.50
CA ALA G 334 -79.91 -25.92 42.97
C ALA G 334 -81.32 -26.21 43.19
N THR G 335 -81.89 -27.23 42.47
CA THR G 335 -83.30 -27.66 42.62
C THR G 335 -83.51 -28.99 43.39
N GLY G 336 -82.37 -29.52 43.88
CA GLY G 336 -82.32 -30.82 44.60
C GLY G 336 -82.38 -31.98 43.64
N GLY G 337 -82.08 -31.81 42.33
CA GLY G 337 -82.28 -32.95 41.42
C GLY G 337 -81.03 -33.69 41.18
N ARG G 338 -81.08 -34.66 40.28
CA ARG G 338 -79.83 -35.34 39.85
C ARG G 338 -79.82 -35.60 38.30
N VAL G 339 -78.65 -35.73 37.71
CA VAL G 339 -78.50 -36.00 36.29
C VAL G 339 -78.61 -37.48 35.97
N VAL G 340 -79.57 -37.87 35.12
CA VAL G 340 -79.86 -39.27 34.94
C VAL G 340 -78.98 -39.76 33.82
N SER G 341 -78.07 -40.74 34.10
CA SER G 341 -77.27 -41.36 33.05
C SER G 341 -77.97 -42.55 32.50
N ASN G 342 -78.68 -43.33 33.35
CA ASN G 342 -79.30 -44.51 32.90
C ASN G 342 -80.81 -44.36 33.21
N ILE G 343 -81.60 -44.13 32.17
CA ILE G 343 -83.01 -43.96 32.13
C ILE G 343 -83.81 -45.09 32.86
N ASP G 344 -83.17 -46.32 32.86
CA ASP G 344 -83.63 -47.48 33.64
C ASP G 344 -83.28 -47.45 35.10
N GLU G 345 -82.83 -46.36 35.67
CA GLU G 345 -82.40 -46.34 37.05
C GLU G 345 -83.13 -45.23 37.74
N ILE G 346 -84.00 -44.57 36.98
CA ILE G 346 -84.77 -43.34 37.41
C ILE G 346 -85.74 -43.59 38.61
N SER G 347 -85.77 -42.59 39.47
CA SER G 347 -86.54 -42.64 40.72
C SER G 347 -86.99 -41.19 40.97
N GLU G 348 -87.83 -40.98 42.08
CA GLU G 348 -88.39 -39.72 42.60
C GLU G 348 -87.28 -38.89 43.15
N GLN G 349 -86.17 -39.50 43.50
CA GLN G 349 -85.01 -38.87 44.01
C GLN G 349 -84.37 -37.98 42.89
N ASP G 350 -84.36 -38.44 41.54
CA ASP G 350 -83.72 -37.66 40.45
C ASP G 350 -84.44 -36.36 40.05
N LEU G 351 -85.80 -36.28 40.18
CA LEU G 351 -86.46 -35.08 39.75
C LEU G 351 -86.13 -33.90 40.65
N GLY G 352 -86.05 -32.74 40.09
CA GLY G 352 -85.68 -31.46 40.66
C GLY G 352 -86.81 -30.58 40.81
N TYR G 353 -86.93 -29.81 41.90
CA TYR G 353 -88.04 -28.94 42.27
C TYR G 353 -87.75 -27.46 41.97
N ALA G 354 -88.84 -26.82 41.43
CA ALA G 354 -88.74 -25.39 41.33
C ALA G 354 -90.17 -24.76 41.38
N SER G 355 -90.29 -23.49 41.79
CA SER G 355 -91.51 -22.67 41.82
C SER G 355 -92.17 -22.38 40.46
N LEU G 356 -91.31 -22.05 39.44
CA LEU G 356 -91.85 -21.72 38.08
C LEU G 356 -90.70 -21.87 37.11
N ILE G 357 -90.87 -22.61 36.02
CA ILE G 357 -89.88 -22.69 34.93
C ILE G 357 -90.53 -21.89 33.82
N GLU G 358 -89.76 -21.16 32.99
CA GLU G 358 -90.43 -20.41 31.87
C GLU G 358 -89.46 -20.23 30.71
N GLU G 359 -89.85 -19.76 29.55
CA GLU G 359 -88.97 -19.44 28.39
C GLU G 359 -89.20 -18.02 28.13
N ARG G 360 -88.20 -17.18 28.26
CA ARG G 360 -88.32 -15.76 28.03
C ARG G 360 -87.44 -15.36 26.86
N LYS G 361 -87.83 -14.31 26.11
CA LYS G 361 -86.98 -13.74 25.04
C LYS G 361 -85.99 -12.53 25.52
N VAL G 362 -84.77 -12.52 25.13
CA VAL G 362 -83.85 -11.48 25.61
C VAL G 362 -83.04 -11.09 24.36
N GLY G 363 -83.24 -9.86 23.78
CA GLY G 363 -82.70 -9.60 22.50
C GLY G 363 -83.33 -10.52 21.39
N GLU G 364 -82.52 -11.01 20.45
CA GLU G 364 -83.01 -11.95 19.45
C GLU G 364 -83.22 -13.41 19.88
N ASP G 365 -82.59 -13.82 20.99
CA ASP G 365 -82.59 -15.16 21.57
C ASP G 365 -83.73 -15.44 22.57
N LYS G 366 -84.01 -16.72 22.82
CA LYS G 366 -84.86 -17.11 23.86
C LYS G 366 -84.11 -18.03 24.71
N MET G 367 -84.38 -18.06 26.07
CA MET G 367 -83.71 -18.95 27.02
C MET G 367 -84.76 -19.47 27.97
N VAL G 368 -84.48 -20.64 28.63
CA VAL G 368 -85.32 -21.28 29.70
C VAL G 368 -84.76 -20.79 31.01
N PHE G 369 -85.69 -20.34 31.91
CA PHE G 369 -85.33 -19.75 33.19
C PHE G 369 -85.86 -20.66 34.20
N VAL G 370 -85.17 -20.73 35.37
CA VAL G 370 -85.67 -21.57 36.49
C VAL G 370 -85.65 -20.90 37.80
N GLU G 371 -86.41 -19.85 37.96
CA GLU G 371 -86.48 -19.08 39.15
C GLU G 371 -87.24 -19.79 40.26
N GLY G 372 -86.88 -19.54 41.54
CA GLY G 372 -87.57 -20.17 42.67
C GLY G 372 -87.20 -21.65 42.87
N ALA G 373 -85.92 -21.87 42.79
CA ALA G 373 -85.36 -23.17 42.92
C ALA G 373 -85.19 -23.36 44.43
N LYS G 374 -84.81 -24.55 44.83
CA LYS G 374 -84.68 -24.99 46.22
C LYS G 374 -83.62 -24.33 47.03
N ASN G 375 -82.48 -24.18 46.43
CA ASN G 375 -81.40 -23.52 47.16
C ASN G 375 -81.61 -21.96 46.97
N PRO G 376 -81.98 -21.10 47.96
CA PRO G 376 -82.24 -19.64 47.70
C PRO G 376 -80.85 -18.95 47.28
N LYS G 377 -79.68 -19.45 47.73
CA LYS G 377 -78.36 -18.90 47.50
C LYS G 377 -78.11 -18.93 45.99
N SER G 378 -78.45 -19.99 45.22
CA SER G 378 -78.21 -20.12 43.78
C SER G 378 -78.99 -19.13 42.98
N ILE G 379 -78.33 -18.06 42.49
CA ILE G 379 -78.94 -17.00 41.70
C ILE G 379 -78.09 -16.85 40.48
N SER G 380 -78.53 -16.05 39.53
CA SER G 380 -77.78 -15.85 38.31
C SER G 380 -77.81 -14.32 38.02
N ILE G 381 -76.92 -13.84 37.13
CA ILE G 381 -76.95 -12.44 36.68
C ILE G 381 -77.10 -12.44 35.20
N LEU G 382 -77.94 -11.52 34.64
CA LEU G 382 -78.13 -11.36 33.22
C LEU G 382 -77.62 -9.99 32.86
N ILE G 383 -76.47 -9.98 32.12
CA ILE G 383 -75.88 -8.74 31.72
C ILE G 383 -76.56 -8.44 30.34
N ARG G 384 -76.81 -7.17 30.05
CA ARG G 384 -77.39 -6.80 28.79
C ARG G 384 -76.82 -5.48 28.30
N GLY G 385 -76.98 -5.10 27.05
CA GLY G 385 -76.41 -3.87 26.59
C GLY G 385 -74.91 -3.87 26.32
N GLY G 386 -74.46 -2.97 25.45
CA GLY G 386 -73.05 -2.97 25.11
C GLY G 386 -72.73 -3.86 23.86
N LEU G 387 -71.85 -3.35 22.96
CA LEU G 387 -71.45 -4.13 21.80
C LEU G 387 -70.77 -5.50 22.10
N GLU G 388 -70.37 -6.36 21.06
CA GLU G 388 -69.63 -7.70 21.22
C GLU G 388 -68.32 -7.78 22.08
N ARG G 389 -67.59 -6.63 22.25
CA ARG G 389 -66.36 -6.53 23.01
C ARG G 389 -66.59 -5.74 24.27
N LEU G 390 -67.46 -4.75 24.21
CA LEU G 390 -67.83 -3.99 25.32
C LEU G 390 -68.56 -4.79 26.39
N VAL G 391 -69.38 -5.74 26.02
CA VAL G 391 -70.10 -6.71 26.89
C VAL G 391 -69.11 -7.66 27.62
N ASP G 392 -68.08 -8.07 26.89
CA ASP G 392 -67.04 -8.94 27.24
C ASP G 392 -66.22 -8.39 28.35
N GLU G 393 -65.81 -7.10 28.27
CA GLU G 393 -65.03 -6.55 29.41
C GLU G 393 -65.89 -6.24 30.58
N THR G 394 -67.20 -6.15 30.30
CA THR G 394 -68.20 -5.91 31.37
C THR G 394 -68.42 -7.15 32.22
N GLU G 395 -68.32 -8.35 31.66
CA GLU G 395 -68.40 -9.58 32.44
C GLU G 395 -67.20 -9.71 33.35
N ARG G 396 -65.97 -9.25 32.97
CA ARG G 396 -64.86 -9.17 33.84
C ARG G 396 -65.01 -8.28 34.99
N ALA G 397 -65.35 -6.99 34.75
CA ALA G 397 -65.58 -5.93 35.73
C ALA G 397 -66.61 -6.38 36.77
N LEU G 398 -67.75 -7.06 36.33
CA LEU G 398 -68.84 -7.61 37.16
C LEU G 398 -68.34 -8.68 38.14
N ARG G 399 -67.41 -9.49 37.64
CA ARG G 399 -66.66 -10.44 38.42
C ARG G 399 -65.80 -9.75 39.55
N ASP G 400 -64.96 -8.71 39.26
CA ASP G 400 -64.17 -8.06 40.23
C ASP G 400 -65.02 -7.35 41.22
N ALA G 401 -66.08 -6.66 40.82
CA ALA G 401 -67.01 -5.97 41.56
C ALA G 401 -67.79 -6.75 42.62
N LEU G 402 -68.19 -7.95 42.19
CA LEU G 402 -68.84 -8.92 43.01
C LEU G 402 -67.90 -9.46 44.03
N GLY G 403 -66.77 -9.99 43.50
CA GLY G 403 -65.58 -10.47 44.30
C GLY G 403 -65.14 -9.60 45.45
N THR G 404 -64.77 -8.38 45.16
CA THR G 404 -64.40 -7.32 46.10
C THR G 404 -65.41 -7.04 47.19
N VAL G 405 -66.72 -6.87 46.78
CA VAL G 405 -67.79 -6.72 47.82
C VAL G 405 -67.83 -7.95 48.78
N ALA G 406 -67.69 -9.23 48.24
CA ALA G 406 -67.74 -10.53 48.92
C ALA G 406 -66.54 -10.66 49.83
N ASP G 407 -65.41 -10.10 49.40
CA ASP G 407 -64.23 -10.00 50.21
C ASP G 407 -64.38 -9.01 51.42
N VAL G 408 -65.11 -7.93 51.29
CA VAL G 408 -65.36 -7.11 52.47
C VAL G 408 -66.15 -7.85 53.63
N ILE G 409 -67.16 -8.65 53.30
CA ILE G 409 -68.05 -9.45 54.10
C ILE G 409 -67.28 -10.66 54.68
N LYS G 410 -66.46 -11.36 53.85
CA LYS G 410 -65.65 -12.56 54.25
C LYS G 410 -64.63 -12.25 55.37
N ASP G 411 -64.14 -11.04 55.35
CA ASP G 411 -63.25 -10.47 56.43
C ASP G 411 -64.00 -9.65 57.43
N GLY G 412 -64.41 -8.44 57.09
CA GLY G 412 -65.19 -7.63 57.96
C GLY G 412 -64.76 -6.24 58.12
N ARG G 413 -63.54 -5.91 57.49
CA ARG G 413 -62.91 -4.68 57.65
C ARG G 413 -62.77 -3.92 56.33
N ALA G 414 -62.99 -2.58 56.38
CA ALA G 414 -62.81 -1.67 55.22
C ALA G 414 -62.43 -0.27 55.55
N ILE G 415 -61.47 0.27 54.87
CA ILE G 415 -60.75 1.53 55.09
C ILE G 415 -60.97 2.57 53.99
N ALA G 416 -60.64 3.81 54.22
CA ALA G 416 -60.63 4.77 53.18
C ALA G 416 -59.40 4.68 52.25
N GLY G 417 -59.60 4.61 50.89
CA GLY G 417 -58.49 4.63 49.91
C GLY G 417 -57.80 5.99 49.73
N GLY G 418 -57.31 6.23 48.52
CA GLY G 418 -56.69 7.52 48.18
C GLY G 418 -55.58 8.09 49.00
N GLY G 419 -54.79 7.10 49.67
CA GLY G 419 -53.64 7.39 50.51
C GLY G 419 -53.83 7.60 51.93
N ALA G 420 -55.07 7.56 52.39
CA ALA G 420 -55.41 7.82 53.83
C ALA G 420 -54.59 6.99 54.80
N VAL G 421 -54.60 5.61 54.63
CA VAL G 421 -53.84 4.71 55.59
C VAL G 421 -52.34 4.83 55.51
N GLU G 422 -51.94 5.18 54.27
CA GLU G 422 -50.62 5.36 53.79
C GLU G 422 -49.96 6.48 54.55
N ILE G 423 -50.40 7.77 54.39
CA ILE G 423 -49.85 8.91 55.13
C ILE G 423 -49.78 8.62 56.67
N GLU G 424 -50.73 7.85 57.26
CA GLU G 424 -50.61 7.42 58.68
C GLU G 424 -49.37 6.44 58.93
N ILE G 425 -49.24 5.29 58.18
CA ILE G 425 -48.05 4.48 58.21
C ILE G 425 -46.73 5.24 57.95
N ALA G 426 -46.79 6.34 57.25
CA ALA G 426 -45.69 7.35 57.17
C ALA G 426 -45.45 8.14 58.40
N LYS G 427 -46.41 9.08 58.72
CA LYS G 427 -46.47 10.00 59.94
C LYS G 427 -45.94 9.27 61.18
N LYS G 428 -46.51 8.09 61.58
CA LYS G 428 -46.19 7.17 62.58
C LYS G 428 -44.80 6.54 62.60
N LEU G 429 -44.20 6.22 61.41
CA LEU G 429 -42.86 5.71 61.22
C LEU G 429 -41.89 6.80 61.47
N ARG G 430 -42.18 8.02 61.02
CA ARG G 430 -41.38 9.22 61.25
C ARG G 430 -41.27 9.55 62.79
N LYS G 431 -42.37 9.41 63.53
CA LYS G 431 -42.42 9.59 65.01
C LYS G 431 -41.68 8.50 65.66
N TYR G 432 -41.61 7.32 65.02
CA TYR G 432 -40.93 6.12 65.60
C TYR G 432 -39.42 6.21 65.51
N ALA G 433 -38.87 6.48 64.30
CA ALA G 433 -37.54 6.48 63.82
C ALA G 433 -36.49 6.83 64.84
N PRO G 434 -36.42 8.04 65.48
CA PRO G 434 -35.55 8.45 66.56
C PRO G 434 -35.22 7.37 67.61
N GLN G 435 -36.27 6.61 68.02
CA GLN G 435 -36.20 5.73 69.13
C GLN G 435 -35.66 4.34 68.79
N VAL G 436 -35.69 4.11 67.46
CA VAL G 436 -35.29 2.78 66.98
C VAL G 436 -33.80 2.31 67.30
N GLY G 437 -32.85 3.30 67.14
CA GLY G 437 -31.46 3.13 67.55
C GLY G 437 -30.74 3.79 66.45
N GLY G 438 -29.49 3.40 66.29
CA GLY G 438 -28.55 4.07 65.34
C GLY G 438 -28.75 4.09 63.88
N LYS G 439 -28.20 3.07 63.16
CA LYS G 439 -28.34 2.93 61.72
C LYS G 439 -29.79 2.52 61.26
N GLU G 440 -30.39 1.58 61.98
CA GLU G 440 -31.77 1.08 61.78
C GLU G 440 -32.77 2.18 61.61
N GLN G 441 -32.52 3.36 62.23
CA GLN G 441 -33.35 4.56 62.08
C GLN G 441 -33.55 5.05 60.68
N LEU G 442 -32.35 5.28 60.04
CA LEU G 442 -32.21 5.74 58.69
C LEU G 442 -32.98 4.82 57.77
N ALA G 443 -32.87 3.50 58.05
CA ALA G 443 -33.54 2.49 57.29
C ALA G 443 -35.11 2.63 57.45
N VAL G 444 -35.62 2.74 58.68
CA VAL G 444 -37.05 2.90 58.96
C VAL G 444 -37.58 4.12 58.31
N GLU G 445 -36.90 5.25 58.50
CA GLU G 445 -37.13 6.53 57.82
C GLU G 445 -37.14 6.45 56.24
N ALA G 446 -36.27 5.58 55.70
CA ALA G 446 -36.26 5.10 54.27
C ALA G 446 -37.54 4.33 53.99
N TYR G 447 -37.91 3.27 54.68
CA TYR G 447 -39.25 2.59 54.59
C TYR G 447 -40.42 3.55 54.63
N ALA G 448 -40.24 4.60 55.43
CA ALA G 448 -41.32 5.64 55.66
C ALA G 448 -41.56 6.42 54.39
N ASN G 449 -40.43 6.92 53.79
CA ASN G 449 -40.23 7.56 52.50
C ASN G 449 -40.80 6.69 51.38
N ALA G 450 -40.56 5.37 51.38
CA ALA G 450 -41.17 4.47 50.44
C ALA G 450 -42.67 4.44 50.45
N LEU G 451 -43.32 4.51 51.61
CA LEU G 451 -44.79 4.62 51.64
C LEU G 451 -45.28 5.98 51.02
N GLU G 452 -44.52 7.02 51.27
CA GLU G 452 -44.95 8.33 50.76
C GLU G 452 -44.80 8.40 49.19
N SER G 453 -43.70 7.70 48.69
CA SER G 453 -43.58 7.49 47.25
C SER G 453 -44.69 6.91 46.37
N LEU G 454 -45.40 5.91 47.01
CA LEU G 454 -46.62 5.22 46.63
C LEU G 454 -47.73 6.14 46.35
N VAL G 455 -48.00 7.05 47.33
CA VAL G 455 -48.89 8.16 47.18
C VAL G 455 -48.35 9.36 46.24
N SER G 456 -46.99 9.58 46.14
CA SER G 456 -46.41 10.53 45.21
C SER G 456 -46.72 10.08 43.77
N ILE G 457 -46.46 8.80 43.42
CA ILE G 457 -46.72 8.16 42.15
C ILE G 457 -48.13 8.25 41.69
N LEU G 458 -49.01 8.02 42.71
CA LEU G 458 -50.45 8.16 42.57
C LEU G 458 -50.80 9.62 42.21
N ILE G 459 -50.22 10.68 42.84
CA ILE G 459 -50.41 12.04 42.44
C ILE G 459 -49.81 12.35 41.06
N GLU G 460 -48.56 11.98 40.84
CA GLU G 460 -47.76 12.17 39.76
C GLU G 460 -48.51 11.99 38.43
N ASN G 461 -49.12 10.80 38.22
CA ASN G 461 -49.92 10.43 37.11
C ASN G 461 -51.18 11.36 36.99
N ALA G 462 -51.59 12.15 38.03
CA ALA G 462 -52.70 13.08 37.93
C ALA G 462 -52.28 14.48 37.30
N GLY G 463 -51.03 14.82 37.38
CA GLY G 463 -50.43 15.93 36.69
C GLY G 463 -50.27 17.11 37.55
N PHE G 464 -50.27 16.92 38.87
CA PHE G 464 -50.06 18.02 39.83
C PHE G 464 -48.76 17.66 40.46
N ASP G 465 -48.00 18.68 41.05
CA ASP G 465 -46.66 18.55 41.62
C ASP G 465 -46.69 17.54 42.86
N PRO G 466 -45.93 16.42 42.84
CA PRO G 466 -46.03 15.42 43.96
C PRO G 466 -45.82 16.12 45.36
N ILE G 467 -44.78 16.86 45.36
CA ILE G 467 -44.31 17.47 46.58
C ILE G 467 -45.26 18.46 47.26
N ASP G 468 -45.83 19.43 46.55
CA ASP G 468 -46.85 20.35 47.10
C ASP G 468 -48.00 19.68 47.80
N LEU G 469 -48.76 18.86 47.04
CA LEU G 469 -49.94 18.19 47.53
C LEU G 469 -49.63 17.21 48.63
N LEU G 470 -48.48 16.48 48.53
CA LEU G 470 -48.11 15.54 49.53
C LEU G 470 -47.86 16.28 50.88
N MET G 471 -47.15 17.40 50.81
CA MET G 471 -46.99 18.19 51.99
C MET G 471 -48.34 18.77 52.52
N LYS G 472 -49.19 19.32 51.63
CA LYS G 472 -50.47 19.85 51.95
C LYS G 472 -51.39 18.75 52.59
N LEU G 473 -51.14 17.49 52.28
CA LEU G 473 -51.96 16.37 52.75
C LEU G 473 -51.45 15.98 54.11
N ARG G 474 -50.13 15.75 54.25
CA ARG G 474 -49.55 15.35 55.52
C ARG G 474 -49.57 16.35 56.67
N SER G 475 -49.90 17.60 56.33
CA SER G 475 -50.12 18.63 57.28
C SER G 475 -51.53 18.73 57.85
N THR G 476 -52.49 18.57 56.96
CA THR G 476 -53.98 18.45 57.24
C THR G 476 -54.36 17.03 57.75
N HIS G 477 -53.37 16.16 58.00
CA HIS G 477 -53.61 14.87 58.56
C HIS G 477 -53.10 14.76 60.01
N GLU G 478 -52.63 15.91 60.57
CA GLU G 478 -52.18 15.97 61.90
C GLU G 478 -53.30 15.56 62.91
N ASN G 479 -54.46 16.11 62.73
CA ASN G 479 -55.50 15.82 63.74
C ASN G 479 -56.25 14.54 63.41
N GLU G 480 -56.65 13.75 64.43
CA GLU G 480 -57.38 12.51 64.37
C GLU G 480 -58.74 12.65 63.54
N ASN G 481 -59.25 13.86 63.39
CA ASN G 481 -60.43 14.14 62.59
C ASN G 481 -60.19 13.79 61.10
N ASN G 482 -58.96 14.12 60.54
CA ASN G 482 -58.61 13.93 59.21
C ASN G 482 -57.95 12.51 59.06
N LYS G 483 -58.58 11.47 59.63
CA LYS G 483 -58.02 10.12 59.56
C LYS G 483 -58.18 9.59 58.18
N TRP G 484 -59.19 10.06 57.44
CA TRP G 484 -59.55 9.46 56.20
C TRP G 484 -59.30 10.40 55.12
N TYR G 485 -58.39 11.43 55.38
CA TYR G 485 -58.01 12.36 54.42
C TYR G 485 -57.03 11.68 53.49
N GLY G 486 -57.22 11.81 52.19
CA GLY G 486 -56.33 11.40 51.19
C GLY G 486 -56.23 12.42 50.07
N ILE G 487 -55.77 12.05 48.85
CA ILE G 487 -55.51 13.09 47.80
C ILE G 487 -56.40 12.90 46.53
N ASP G 488 -57.37 13.87 46.29
CA ASP G 488 -58.26 13.76 45.17
C ASP G 488 -57.54 13.76 43.82
N LEU G 489 -57.56 12.61 43.10
CA LEU G 489 -56.80 12.48 41.81
C LEU G 489 -57.49 13.08 40.62
N TYR G 490 -58.87 13.19 40.73
CA TYR G 490 -59.64 13.78 39.68
C TYR G 490 -59.66 15.32 39.88
N ALA G 491 -59.50 15.87 41.10
CA ALA G 491 -59.43 17.34 41.37
C ALA G 491 -58.15 18.08 41.88
N GLY G 492 -57.13 17.26 42.36
CA GLY G 492 -55.78 17.83 42.69
C GLY G 492 -55.79 18.72 43.91
N GLN G 493 -56.12 17.98 45.00
CA GLN G 493 -56.37 18.63 46.32
C GLN G 493 -56.68 17.60 47.41
N PRO G 494 -56.15 17.83 48.66
CA PRO G 494 -56.44 16.83 49.72
C PRO G 494 -57.89 16.74 50.07
N VAL G 495 -58.58 15.60 50.20
CA VAL G 495 -60.04 15.50 50.50
C VAL G 495 -60.31 14.34 51.37
N ASP G 496 -61.55 14.25 51.96
CA ASP G 496 -62.07 13.12 52.75
C ASP G 496 -62.60 12.00 51.83
N MET G 497 -61.86 10.93 51.78
CA MET G 497 -62.07 9.76 50.98
C MET G 497 -63.26 8.96 51.43
N TRP G 498 -63.29 8.72 52.79
CA TRP G 498 -64.49 8.15 53.43
C TRP G 498 -65.75 8.93 53.10
N GLN G 499 -65.79 10.20 53.39
CA GLN G 499 -66.81 11.12 52.98
C GLN G 499 -66.79 11.52 51.50
N LYS G 500 -66.35 10.64 50.56
CA LYS G 500 -66.53 10.85 49.13
C LYS G 500 -66.72 9.46 48.52
N GLY G 501 -67.03 8.46 49.37
CA GLY G 501 -67.26 7.00 49.04
C GLY G 501 -66.06 6.13 48.53
N VAL G 502 -64.85 6.63 48.52
CA VAL G 502 -63.72 5.79 48.04
C VAL G 502 -63.32 4.81 49.10
N ILE G 503 -63.98 3.68 49.32
CA ILE G 503 -63.60 2.86 50.48
C ILE G 503 -63.15 1.50 49.91
N GLU G 504 -62.29 0.72 50.62
CA GLU G 504 -61.82 -0.56 50.15
C GLU G 504 -61.47 -1.71 51.13
N PRO G 505 -61.57 -3.03 50.82
CA PRO G 505 -61.20 -4.17 51.70
C PRO G 505 -59.78 -4.00 52.31
N ALA G 506 -59.60 -3.79 53.57
CA ALA G 506 -58.37 -3.59 54.30
C ALA G 506 -57.34 -4.72 54.39
N LEU G 507 -57.61 -5.80 53.57
CA LEU G 507 -56.67 -6.86 53.29
C LEU G 507 -55.81 -6.72 52.12
N VAL G 508 -56.30 -6.13 51.03
CA VAL G 508 -55.61 -5.96 49.78
C VAL G 508 -54.35 -5.24 49.85
N LYS G 509 -54.41 -4.12 50.54
CA LYS G 509 -53.28 -3.29 50.83
C LYS G 509 -52.46 -3.78 52.03
N MET G 510 -52.77 -4.97 52.56
CA MET G 510 -52.17 -5.54 53.81
C MET G 510 -51.31 -6.72 53.44
N ASN G 511 -51.85 -7.64 52.59
CA ASN G 511 -51.04 -8.80 52.15
C ASN G 511 -49.93 -8.40 51.24
N ALA G 512 -50.09 -7.28 50.38
CA ALA G 512 -49.14 -6.70 49.48
C ALA G 512 -47.89 -6.22 50.23
N ILE G 513 -48.08 -5.37 51.31
CA ILE G 513 -46.96 -4.86 52.09
C ILE G 513 -46.11 -6.02 52.66
N LYS G 514 -46.79 -7.05 53.20
CA LYS G 514 -46.24 -8.33 53.60
C LYS G 514 -45.54 -9.16 52.48
N ALA G 515 -46.09 -9.30 51.29
CA ALA G 515 -45.41 -9.77 50.09
C ALA G 515 -44.20 -8.95 49.54
N ALA G 516 -44.50 -7.72 49.29
CA ALA G 516 -43.47 -6.79 48.85
C ALA G 516 -42.22 -6.70 49.79
N THR G 517 -42.36 -6.54 51.12
CA THR G 517 -41.23 -6.36 52.08
C THR G 517 -40.36 -7.62 52.08
N GLU G 518 -41.00 -8.79 51.93
CA GLU G 518 -40.37 -10.05 51.78
C GLU G 518 -39.43 -10.09 50.58
N ALA G 519 -40.09 -9.81 49.41
CA ALA G 519 -39.51 -9.77 48.05
C ALA G 519 -38.31 -8.83 47.98
N ALA G 520 -38.54 -7.58 48.38
CA ALA G 520 -37.51 -6.57 48.59
C ALA G 520 -36.30 -6.92 49.37
N THR G 521 -36.51 -7.39 50.63
CA THR G 521 -35.39 -7.82 51.44
C THR G 521 -34.71 -9.12 50.92
N LEU G 522 -35.40 -10.05 50.22
CA LEU G 522 -34.80 -11.31 49.75
C LEU G 522 -33.79 -11.08 48.64
N VAL G 523 -34.12 -10.11 47.75
CA VAL G 523 -33.26 -9.60 46.74
C VAL G 523 -31.94 -9.01 47.37
N LEU G 524 -32.05 -8.31 48.48
CA LEU G 524 -30.84 -7.76 49.19
C LEU G 524 -30.03 -8.81 49.80
N ARG G 525 -30.60 -9.96 50.23
CA ARG G 525 -29.88 -11.06 50.85
C ARG G 525 -28.96 -11.78 49.92
N ILE G 526 -29.27 -11.78 48.57
CA ILE G 526 -28.40 -12.49 47.59
C ILE G 526 -27.17 -11.67 47.38
N ASP G 527 -25.98 -12.28 47.72
CA ASP G 527 -24.63 -11.72 47.63
C ASP G 527 -24.03 -12.06 46.28
N ASP G 528 -24.12 -13.32 45.80
CA ASP G 528 -23.56 -13.80 44.49
C ASP G 528 -24.41 -14.71 43.76
N VAL G 529 -24.16 -14.96 42.51
CA VAL G 529 -24.93 -15.82 41.67
C VAL G 529 -24.04 -16.74 40.83
N VAL G 530 -24.33 -18.05 40.96
CA VAL G 530 -23.48 -19.16 40.45
C VAL G 530 -24.30 -19.87 39.35
N SER G 531 -23.74 -19.77 38.14
CA SER G 531 -24.31 -20.34 36.94
C SER G 531 -23.55 -21.61 36.54
N ALA G 532 -24.33 -22.62 36.01
CA ALA G 532 -24.01 -23.94 35.52
C ALA G 532 -23.01 -23.91 34.36
N GLY H 28 9.72 -26.04 42.72
CA GLY H 28 9.49 -24.75 43.51
C GLY H 28 8.12 -24.15 43.48
N LYS H 29 8.03 -22.84 43.28
CA LYS H 29 6.86 -21.97 43.21
C LYS H 29 5.73 -22.47 42.30
N GLU H 30 6.07 -23.15 41.20
CA GLU H 30 5.24 -23.76 40.15
C GLU H 30 3.84 -24.23 40.61
N ALA H 31 3.62 -25.37 41.24
CA ALA H 31 2.28 -25.78 41.61
C ALA H 31 1.79 -25.18 42.92
N VAL H 32 2.60 -25.18 43.96
CA VAL H 32 2.26 -24.59 45.29
C VAL H 32 1.63 -23.21 45.30
N ARG H 33 2.00 -22.27 44.38
CA ARG H 33 1.24 -21.03 44.29
C ARG H 33 -0.27 -21.20 43.80
N ALA H 34 -0.36 -21.93 42.71
CA ALA H 34 -1.58 -22.36 42.06
C ALA H 34 -2.52 -23.07 43.02
N ASN H 35 -2.07 -24.16 43.71
CA ASN H 35 -2.82 -24.95 44.70
C ASN H 35 -3.46 -24.14 45.77
N ILE H 36 -2.63 -23.32 46.43
CA ILE H 36 -2.96 -22.30 47.43
C ILE H 36 -3.97 -21.32 46.96
N ALA H 37 -3.70 -20.66 45.86
CA ALA H 37 -4.57 -19.83 45.08
C ALA H 37 -5.98 -20.36 44.89
N ALA H 38 -6.10 -21.57 44.29
CA ALA H 38 -7.38 -22.26 44.20
C ALA H 38 -8.16 -22.48 45.59
N VAL H 39 -7.49 -22.95 46.65
CA VAL H 39 -7.97 -23.14 47.99
C VAL H 39 -8.46 -21.75 48.45
N LYS H 40 -7.70 -20.66 48.50
CA LYS H 40 -8.24 -19.30 48.85
C LYS H 40 -9.51 -18.91 48.05
N ALA H 41 -9.50 -19.22 46.75
CA ALA H 41 -10.67 -18.84 45.93
C ALA H 41 -11.94 -19.40 46.42
N VAL H 42 -11.92 -20.75 46.71
CA VAL H 42 -13.10 -21.57 47.28
C VAL H 42 -13.61 -20.93 48.57
N GLU H 43 -12.62 -20.50 49.48
CA GLU H 43 -12.87 -19.80 50.74
C GLU H 43 -13.69 -18.52 50.54
N GLU H 44 -13.17 -17.74 49.53
CA GLU H 44 -13.88 -16.51 49.07
C GLU H 44 -15.31 -16.70 48.55
N ALA H 45 -15.75 -17.95 48.45
CA ALA H 45 -17.11 -18.20 47.92
C ALA H 45 -18.10 -18.37 49.08
N LEU H 46 -17.64 -18.74 50.28
CA LEU H 46 -18.50 -19.10 51.41
C LEU H 46 -18.35 -18.04 52.50
N LYS H 47 -17.21 -17.39 52.65
CA LYS H 47 -16.91 -16.32 53.60
C LYS H 47 -18.04 -15.37 54.02
N SER H 48 -18.78 -14.70 53.05
CA SER H 48 -19.99 -13.84 53.25
C SER H 48 -21.25 -14.60 53.65
N THR H 49 -21.24 -15.94 53.83
CA THR H 49 -22.36 -16.80 54.20
C THR H 49 -22.15 -17.53 55.51
N TYR H 50 -21.02 -17.28 56.14
CA TYR H 50 -20.71 -17.81 57.43
C TYR H 50 -21.55 -17.26 58.53
N GLY H 51 -22.03 -18.13 59.46
CA GLY H 51 -22.81 -17.72 60.64
C GLY H 51 -24.17 -16.93 60.57
N PRO H 52 -24.57 -16.46 61.77
CA PRO H 52 -25.78 -15.74 61.76
C PRO H 52 -25.80 -14.43 61.05
N ARG H 53 -26.89 -14.03 60.41
CA ARG H 53 -27.01 -12.72 59.64
C ARG H 53 -26.44 -12.74 58.22
N GLY H 54 -25.74 -13.85 57.86
CA GLY H 54 -25.02 -14.08 56.65
C GLY H 54 -25.84 -13.96 55.46
N MET H 55 -25.15 -13.81 54.26
CA MET H 55 -25.79 -13.51 53.01
C MET H 55 -26.02 -14.81 52.20
N ASP H 56 -27.12 -14.95 51.45
CA ASP H 56 -27.49 -16.06 50.61
C ASP H 56 -26.97 -16.00 49.23
N LYS H 57 -26.58 -17.20 48.69
CA LYS H 57 -25.97 -17.39 47.39
C LYS H 57 -26.96 -17.96 46.39
N MET H 58 -26.93 -17.54 45.12
CA MET H 58 -27.98 -17.89 44.22
C MET H 58 -27.38 -18.94 43.25
N LEU H 59 -28.05 -20.08 42.84
CA LEU H 59 -27.55 -21.16 42.06
C LEU H 59 -28.53 -21.31 40.99
N VAL H 60 -28.05 -21.08 39.77
CA VAL H 60 -28.81 -21.14 38.57
C VAL H 60 -28.49 -22.33 37.76
N ASP H 61 -29.40 -23.36 37.65
CA ASP H 61 -29.13 -24.53 36.88
C ASP H 61 -28.98 -24.23 35.44
N SER H 62 -28.58 -25.24 34.72
CA SER H 62 -28.43 -25.13 33.28
C SER H 62 -29.83 -25.03 32.67
N LEU H 63 -30.91 -25.50 33.23
CA LEU H 63 -32.20 -25.17 32.72
C LEU H 63 -32.72 -23.85 33.27
N GLY H 64 -31.93 -23.09 33.88
CA GLY H 64 -32.26 -21.86 34.43
C GLY H 64 -33.04 -21.91 35.75
N ASP H 65 -33.18 -23.13 36.35
CA ASP H 65 -33.98 -23.43 37.53
C ASP H 65 -33.26 -22.77 38.61
N ILE H 66 -33.97 -22.07 39.50
CA ILE H 66 -33.28 -21.21 40.46
C ILE H 66 -33.34 -21.79 41.82
N THR H 67 -32.19 -21.67 42.56
CA THR H 67 -32.11 -22.16 43.96
C THR H 67 -31.33 -21.12 44.71
N ILE H 68 -32.05 -20.50 45.70
CA ILE H 68 -31.43 -19.45 46.46
C ILE H 68 -31.18 -20.22 47.77
N THR H 69 -29.93 -20.18 48.24
CA THR H 69 -29.49 -21.14 49.28
C THR H 69 -28.32 -20.54 50.11
N ASN H 70 -27.83 -21.34 51.09
CA ASN H 70 -26.69 -20.99 51.89
C ASN H 70 -26.08 -22.34 52.36
N ASP H 71 -26.56 -23.46 51.87
CA ASP H 71 -25.97 -24.71 52.10
C ASP H 71 -24.60 -24.97 51.55
N GLY H 72 -23.56 -25.00 52.41
CA GLY H 72 -22.19 -25.23 51.99
C GLY H 72 -21.89 -26.32 51.03
N ALA H 73 -22.31 -27.54 51.36
CA ALA H 73 -22.26 -28.59 50.53
C ALA H 73 -22.66 -28.41 49.13
N THR H 74 -23.94 -27.96 48.87
CA THR H 74 -24.53 -27.77 47.53
C THR H 74 -23.71 -26.89 46.60
N ILE H 75 -23.22 -25.79 47.20
CA ILE H 75 -22.41 -24.76 46.58
C ILE H 75 -21.05 -25.29 46.18
N LEU H 76 -20.60 -26.40 46.74
CA LEU H 76 -19.32 -26.93 46.28
C LEU H 76 -19.67 -28.14 45.45
N ASP H 77 -20.80 -28.84 45.77
CA ASP H 77 -21.22 -30.05 45.04
C ASP H 77 -21.68 -29.80 43.61
N LYS H 78 -22.54 -28.79 43.35
CA LYS H 78 -23.07 -28.42 42.06
C LYS H 78 -22.08 -27.66 41.22
N MET H 79 -20.89 -27.23 41.84
CA MET H 79 -19.87 -26.49 41.12
C MET H 79 -18.69 -27.38 40.74
N ASP H 80 -18.34 -27.18 39.44
CA ASP H 80 -17.19 -27.83 38.78
C ASP H 80 -15.83 -27.14 39.20
N LEU H 81 -14.82 -27.80 39.83
CA LEU H 81 -13.54 -27.22 40.12
C LEU H 81 -12.56 -27.77 39.19
N GLN H 82 -11.73 -26.86 38.56
CA GLN H 82 -10.69 -27.33 37.61
C GLN H 82 -9.42 -27.77 38.37
N HIS H 83 -9.23 -27.43 39.68
CA HIS H 83 -7.99 -27.79 40.35
C HIS H 83 -8.07 -29.01 41.24
N PRO H 84 -7.31 -30.05 41.15
CA PRO H 84 -7.30 -31.17 42.10
C PRO H 84 -7.17 -30.86 43.55
N ALA H 85 -6.17 -30.06 43.86
CA ALA H 85 -5.79 -29.60 45.19
C ALA H 85 -6.98 -29.06 45.93
N ALA H 86 -7.71 -28.12 45.27
CA ALA H 86 -9.03 -27.62 45.78
C ALA H 86 -10.06 -28.73 46.07
N LYS H 87 -10.28 -29.54 45.08
CA LYS H 87 -11.26 -30.61 45.06
C LYS H 87 -11.00 -31.59 46.20
N LEU H 88 -9.73 -31.79 46.48
CA LEU H 88 -9.23 -32.64 47.57
C LEU H 88 -9.41 -32.07 48.96
N LEU H 89 -9.22 -30.74 49.13
CA LEU H 89 -9.49 -29.98 50.37
C LEU H 89 -10.96 -29.99 50.74
N VAL H 90 -11.85 -29.49 49.82
CA VAL H 90 -13.30 -29.44 49.99
C VAL H 90 -13.91 -30.88 50.31
N GLN H 91 -13.37 -31.99 49.69
CA GLN H 91 -13.79 -33.38 49.94
C GLN H 91 -13.63 -33.80 51.39
N ILE H 92 -12.43 -33.43 51.95
CA ILE H 92 -12.16 -33.77 53.37
C ILE H 92 -12.94 -32.86 54.33
N ALA H 93 -13.06 -31.59 53.98
CA ALA H 93 -13.87 -30.70 54.80
C ALA H 93 -15.38 -30.98 54.82
N LYS H 94 -16.09 -30.89 53.64
CA LYS H 94 -17.54 -31.00 53.39
C LYS H 94 -18.04 -32.36 53.88
N GLY H 95 -17.52 -33.51 53.36
CA GLY H 95 -17.84 -34.93 53.77
C GLY H 95 -18.17 -35.24 55.27
N GLN H 96 -19.20 -36.02 55.45
CA GLN H 96 -19.48 -36.56 56.80
C GLN H 96 -20.05 -37.95 56.70
N ASP H 97 -19.45 -38.87 57.52
CA ASP H 97 -19.84 -40.23 57.61
C ASP H 97 -20.83 -40.54 58.83
N GLU H 98 -21.02 -39.57 59.74
CA GLU H 98 -22.06 -39.53 60.80
C GLU H 98 -23.44 -39.06 60.24
N GLU H 99 -24.59 -39.34 60.80
CA GLU H 99 -25.86 -38.94 60.22
C GLU H 99 -26.17 -37.41 60.27
N THR H 100 -25.75 -36.73 61.33
CA THR H 100 -25.90 -35.31 61.47
C THR H 100 -24.68 -34.53 60.99
N ALA H 101 -24.85 -33.59 60.07
CA ALA H 101 -23.81 -32.86 59.46
C ALA H 101 -23.92 -31.40 59.87
N ASP H 102 -22.91 -30.93 60.50
CA ASP H 102 -22.83 -29.59 60.94
C ASP H 102 -21.33 -29.19 60.89
N GLY H 103 -21.08 -27.90 61.01
CA GLY H 103 -19.73 -27.43 60.93
C GLY H 103 -19.03 -27.34 59.62
N THR H 104 -19.70 -27.55 58.53
CA THR H 104 -19.04 -27.55 57.19
C THR H 104 -18.59 -26.26 56.66
N LYS H 105 -19.27 -25.10 56.79
CA LYS H 105 -18.79 -23.81 56.39
C LYS H 105 -17.56 -23.44 57.20
N THR H 106 -17.50 -23.88 58.50
CA THR H 106 -16.40 -23.79 59.37
C THR H 106 -15.30 -24.62 58.82
N ALA H 107 -15.46 -25.98 58.67
CA ALA H 107 -14.46 -26.85 57.98
C ALA H 107 -13.71 -26.34 56.82
N VAL H 108 -14.44 -25.70 55.82
CA VAL H 108 -13.85 -25.03 54.62
C VAL H 108 -13.10 -23.75 54.96
N ILE H 109 -13.72 -22.85 55.67
CA ILE H 109 -12.99 -21.60 56.05
C ILE H 109 -11.71 -21.84 56.81
N PHE H 110 -11.78 -22.58 57.94
CA PHE H 110 -10.58 -22.83 58.83
C PHE H 110 -9.45 -23.52 58.01
N SER H 111 -9.87 -24.43 57.11
CA SER H 111 -8.97 -25.05 56.16
C SER H 111 -8.26 -24.04 55.32
N GLY H 112 -9.08 -23.24 54.58
CA GLY H 112 -8.48 -22.22 53.74
C GLY H 112 -7.66 -21.12 54.48
N GLU H 113 -8.00 -20.73 55.73
CA GLU H 113 -7.28 -19.79 56.50
C GLU H 113 -5.92 -20.31 56.99
N LEU H 114 -5.84 -21.60 57.35
CA LEU H 114 -4.62 -22.32 57.65
C LEU H 114 -3.69 -22.41 56.43
N VAL H 115 -4.24 -22.66 55.15
CA VAL H 115 -3.47 -22.70 53.93
C VAL H 115 -2.89 -21.28 53.72
N LYS H 116 -3.76 -20.29 53.80
CA LYS H 116 -3.45 -18.84 53.64
C LYS H 116 -2.27 -18.40 54.56
N LYS H 117 -2.44 -18.52 55.89
CA LYS H 117 -1.41 -18.15 56.83
C LYS H 117 -0.07 -18.89 56.59
N ALA H 118 -0.11 -20.08 55.95
CA ALA H 118 1.11 -20.87 55.60
C ALA H 118 1.85 -20.31 54.41
N GLU H 119 1.14 -19.77 53.42
CA GLU H 119 1.75 -19.06 52.36
C GLU H 119 2.50 -17.82 52.83
N ASP H 120 1.90 -17.13 53.76
CA ASP H 120 2.58 -15.95 54.38
C ASP H 120 3.85 -16.31 55.14
N LEU H 121 3.98 -17.62 55.58
CA LEU H 121 5.21 -18.28 56.13
C LEU H 121 6.28 -18.61 55.07
N LEU H 122 5.83 -19.02 53.86
CA LEU H 122 6.70 -19.35 52.74
C LEU H 122 7.40 -18.07 52.28
N TYR H 123 6.70 -16.99 52.35
CA TYR H 123 7.18 -15.62 52.15
C TYR H 123 8.25 -15.18 53.18
N LYS H 124 7.95 -15.62 54.45
CA LYS H 124 8.87 -15.40 55.51
C LYS H 124 10.05 -16.40 55.49
N ASP H 125 10.08 -17.25 54.50
CA ASP H 125 11.09 -18.20 54.24
C ASP H 125 11.10 -19.43 55.09
N VAL H 126 10.02 -20.07 55.49
CA VAL H 126 9.95 -21.30 56.17
C VAL H 126 9.55 -22.39 55.20
N HIS H 127 10.24 -23.58 55.27
CA HIS H 127 9.90 -24.77 54.54
C HIS H 127 8.70 -25.47 55.08
N PRO H 128 7.83 -26.09 54.21
CA PRO H 128 6.66 -26.80 54.61
C PRO H 128 6.91 -27.89 55.58
N THR H 129 8.16 -28.50 55.64
CA THR H 129 8.42 -29.55 56.68
C THR H 129 8.36 -28.97 58.09
N ILE H 130 8.80 -27.70 58.30
CA ILE H 130 8.59 -26.95 59.55
C ILE H 130 7.12 -26.53 59.72
N ILE H 131 6.39 -25.97 58.72
CA ILE H 131 4.97 -25.60 58.84
C ILE H 131 4.01 -26.73 59.23
N ILE H 132 4.35 -27.92 58.79
CA ILE H 132 3.64 -29.19 59.11
C ILE H 132 3.92 -29.51 60.56
N SER H 133 5.22 -29.53 60.96
CA SER H 133 5.57 -29.76 62.39
C SER H 133 5.02 -28.78 63.36
N GLY H 134 5.03 -27.50 63.02
CA GLY H 134 4.36 -26.43 63.71
C GLY H 134 2.86 -26.71 63.87
N TYR H 135 2.18 -26.94 62.73
CA TYR H 135 0.79 -27.21 62.75
C TYR H 135 0.31 -28.42 63.57
N LYS H 136 1.02 -29.56 63.49
CA LYS H 136 0.86 -30.77 64.29
C LYS H 136 0.91 -30.45 65.77
N LYS H 137 2.03 -29.84 66.27
CA LYS H 137 2.10 -29.41 67.69
C LYS H 137 0.94 -28.49 68.18
N ALA H 138 0.49 -27.54 67.29
CA ALA H 138 -0.66 -26.69 67.60
C ALA H 138 -1.99 -27.34 67.61
N GLU H 139 -2.18 -28.26 66.58
CA GLU H 139 -3.28 -29.23 66.47
C GLU H 139 -3.39 -30.21 67.73
N GLU H 140 -2.32 -30.91 68.18
CA GLU H 140 -2.26 -31.66 69.43
C GLU H 140 -2.87 -30.99 70.62
N VAL H 141 -2.25 -29.79 70.99
CA VAL H 141 -2.72 -28.94 72.07
C VAL H 141 -4.18 -28.50 71.81
N ALA H 142 -4.52 -27.97 70.62
CA ALA H 142 -5.85 -27.58 70.29
C ALA H 142 -6.98 -28.58 70.56
N LEU H 143 -6.63 -29.84 70.28
CA LEU H 143 -7.57 -30.88 70.54
C LEU H 143 -7.79 -31.12 72.00
N GLN H 144 -6.76 -31.51 72.70
CA GLN H 144 -6.91 -31.79 74.14
C GLN H 144 -7.49 -30.59 74.98
N THR H 145 -7.36 -29.35 74.56
CA THR H 145 -7.93 -28.14 75.16
C THR H 145 -9.45 -28.11 75.02
N ILE H 146 -10.00 -28.85 74.08
CA ILE H 146 -11.45 -28.98 73.92
C ILE H 146 -11.89 -30.12 74.82
N GLN H 147 -11.01 -31.20 74.96
CA GLN H 147 -11.37 -32.28 75.97
C GLN H 147 -11.54 -31.82 77.37
N GLU H 148 -10.43 -31.29 77.93
CA GLU H 148 -10.33 -30.79 79.27
C GLU H 148 -11.07 -29.39 79.55
N LEU H 149 -12.31 -29.27 79.03
CA LEU H 149 -13.06 -28.00 79.14
C LEU H 149 -14.50 -28.30 78.95
N ALA H 150 -14.75 -29.43 78.21
CA ALA H 150 -16.13 -29.85 78.05
C ALA H 150 -16.96 -30.38 79.17
N GLN H 151 -18.31 -30.19 79.14
CA GLN H 151 -19.18 -30.50 80.19
C GLN H 151 -20.08 -31.70 79.94
N THR H 152 -20.30 -32.59 80.97
CA THR H 152 -21.12 -33.83 80.94
C THR H 152 -22.61 -33.57 80.87
N VAL H 153 -23.16 -33.86 79.73
CA VAL H 153 -24.54 -33.65 79.45
C VAL H 153 -25.15 -35.08 79.30
N SER H 154 -26.11 -35.43 80.11
CA SER H 154 -26.67 -36.78 79.98
C SER H 154 -28.22 -36.63 79.90
N ILE H 155 -28.98 -37.78 79.90
CA ILE H 155 -30.44 -37.78 79.71
C ILE H 155 -31.28 -36.82 80.57
N ASN H 156 -30.92 -36.59 81.86
CA ASN H 156 -31.72 -35.78 82.70
C ASN H 156 -31.47 -34.32 82.35
N ASP H 157 -30.32 -34.00 81.64
CA ASP H 157 -29.92 -32.60 81.33
C ASP H 157 -30.69 -32.02 80.10
N THR H 158 -31.98 -32.05 80.36
CA THR H 158 -32.95 -31.83 79.30
C THR H 158 -33.16 -30.36 79.04
N ASP H 159 -32.82 -29.58 80.08
CA ASP H 159 -32.79 -28.12 80.00
C ASP H 159 -31.54 -27.67 79.15
N LEU H 160 -30.60 -28.60 79.01
CA LEU H 160 -29.37 -28.49 78.20
C LEU H 160 -29.65 -28.83 76.80
N LEU H 161 -30.33 -29.99 76.58
CA LEU H 161 -30.70 -30.31 75.22
C LEU H 161 -31.61 -29.32 74.55
N ARG H 162 -32.48 -28.62 75.33
CA ARG H 162 -33.38 -27.54 74.86
C ARG H 162 -32.51 -26.43 74.22
N LYS H 163 -31.26 -26.26 74.74
CA LYS H 163 -30.40 -25.19 74.27
C LYS H 163 -29.87 -25.66 72.97
N ILE H 164 -29.18 -26.82 72.97
CA ILE H 164 -28.75 -27.49 71.74
C ILE H 164 -29.76 -27.60 70.59
N ALA H 165 -31.07 -27.74 70.87
CA ALA H 165 -32.04 -27.71 69.76
C ALA H 165 -32.09 -26.28 69.09
N MET H 166 -32.26 -25.21 69.95
CA MET H 166 -32.49 -23.82 69.53
C MET H 166 -31.25 -23.29 68.83
N THR H 167 -30.01 -23.63 69.34
CA THR H 167 -28.75 -23.33 68.63
C THR H 167 -28.73 -23.90 67.20
N SER H 168 -29.61 -24.76 66.80
CA SER H 168 -29.64 -25.36 65.52
C SER H 168 -30.72 -24.70 64.66
N LEU H 169 -31.94 -24.59 65.15
CA LEU H 169 -33.05 -24.15 64.37
C LEU H 169 -32.96 -22.67 64.08
N SER H 170 -32.30 -21.90 65.11
CA SER H 170 -32.24 -20.47 65.08
C SER H 170 -31.61 -19.78 63.84
N SER H 171 -30.73 -20.42 63.08
CA SER H 171 -30.12 -19.69 61.93
C SER H 171 -30.72 -20.11 60.58
N LYS H 172 -31.79 -20.91 60.61
CA LYS H 172 -32.62 -21.33 59.44
C LYS H 172 -33.63 -20.30 58.97
N ALA H 173 -34.05 -20.36 57.61
CA ALA H 173 -34.97 -19.48 56.94
C ALA H 173 -36.36 -19.47 57.62
N VAL H 174 -36.86 -20.64 58.03
CA VAL H 174 -38.10 -20.82 58.72
C VAL H 174 -37.96 -20.55 60.17
N ALA H 175 -38.86 -19.89 60.84
CA ALA H 175 -38.69 -19.57 62.22
C ALA H 175 -39.97 -19.30 62.99
N GLY H 176 -41.11 -19.46 62.35
CA GLY H 176 -42.42 -19.47 63.11
C GLY H 176 -42.61 -20.65 64.01
N ALA H 177 -42.73 -20.40 65.34
CA ALA H 177 -42.96 -21.46 66.34
C ALA H 177 -41.82 -22.42 66.50
N ARG H 178 -40.57 -22.02 66.59
CA ARG H 178 -39.48 -22.99 66.79
C ARG H 178 -39.36 -23.52 68.20
N GLU H 179 -39.84 -22.79 69.23
CA GLU H 179 -39.92 -23.30 70.58
C GLU H 179 -40.67 -24.64 70.78
N TYR H 180 -41.82 -24.78 70.02
CA TYR H 180 -42.67 -25.90 69.91
C TYR H 180 -41.82 -27.11 69.45
N ILE H 181 -41.09 -26.94 68.28
CA ILE H 181 -40.26 -27.93 67.55
C ILE H 181 -39.01 -28.25 68.36
N ALA H 182 -38.40 -27.24 69.01
CA ALA H 182 -37.34 -27.42 70.04
C ALA H 182 -37.68 -28.33 71.18
N ASP H 183 -38.81 -28.06 71.91
CA ASP H 183 -39.33 -28.87 72.94
C ASP H 183 -39.54 -30.37 72.53
N ILE H 184 -40.24 -30.58 71.38
CA ILE H 184 -40.53 -31.86 70.73
C ILE H 184 -39.24 -32.64 70.56
N VAL H 185 -38.20 -32.03 69.89
CA VAL H 185 -36.89 -32.71 69.67
C VAL H 185 -36.34 -33.40 70.88
N VAL H 186 -36.43 -32.71 71.98
CA VAL H 186 -35.92 -33.17 73.27
C VAL H 186 -36.69 -34.40 73.73
N LYS H 187 -38.03 -34.39 73.78
CA LYS H 187 -38.89 -35.50 74.12
C LYS H 187 -38.73 -36.71 73.23
N ALA H 188 -38.70 -36.41 72.00
CA ALA H 188 -38.57 -37.29 70.81
C ALA H 188 -37.26 -38.14 70.80
N VAL H 189 -36.23 -37.46 71.22
CA VAL H 189 -34.95 -38.15 71.34
C VAL H 189 -34.79 -38.88 72.64
N THR H 190 -35.13 -38.22 73.78
CA THR H 190 -35.01 -38.81 75.15
C THR H 190 -35.70 -40.16 75.23
N GLN H 191 -36.80 -40.32 74.42
CA GLN H 191 -37.54 -41.57 74.35
C GLN H 191 -36.78 -42.77 73.65
N VAL H 192 -36.05 -42.34 72.61
CA VAL H 192 -35.37 -43.25 71.76
C VAL H 192 -34.02 -43.52 72.29
N ALA H 193 -33.45 -42.64 73.10
CA ALA H 193 -32.14 -42.95 73.66
C ALA H 193 -32.20 -44.18 74.52
N GLU H 194 -31.29 -45.18 74.20
CA GLU H 194 -31.18 -46.48 74.91
C GLU H 194 -29.72 -46.77 75.20
N LEU H 195 -29.43 -47.31 76.45
CA LEU H 195 -28.12 -47.79 76.94
C LEU H 195 -27.71 -49.01 76.17
N ARG H 196 -26.65 -48.84 75.39
CA ARG H 196 -26.00 -49.86 74.52
C ARG H 196 -24.44 -49.74 74.74
N GLY H 197 -23.74 -50.86 75.03
CA GLY H 197 -22.31 -50.82 75.37
C GLY H 197 -21.97 -50.00 76.62
N ASP H 198 -22.96 -49.92 77.52
CA ASP H 198 -22.91 -49.24 78.81
C ASP H 198 -22.70 -47.71 78.59
N LYS H 199 -23.41 -47.24 77.54
CA LYS H 199 -23.44 -45.76 77.27
C LYS H 199 -24.68 -45.54 76.35
N TRP H 200 -25.22 -44.33 76.33
CA TRP H 200 -26.46 -44.01 75.63
C TRP H 200 -26.18 -44.01 74.05
N TYR H 201 -27.12 -44.61 73.29
CA TYR H 201 -27.19 -44.51 71.82
C TYR H 201 -28.59 -44.14 71.48
N VAL H 202 -28.81 -43.50 70.34
CA VAL H 202 -30.15 -43.08 69.91
C VAL H 202 -30.29 -43.67 68.50
N ASP H 203 -31.30 -44.55 68.30
CA ASP H 203 -31.55 -45.10 66.96
C ASP H 203 -32.75 -44.31 66.25
N LEU H 204 -32.38 -43.16 65.65
CA LEU H 204 -33.22 -42.12 65.04
C LEU H 204 -34.19 -42.68 64.01
N ASP H 205 -33.83 -43.76 63.35
CA ASP H 205 -34.77 -44.51 62.47
C ASP H 205 -36.11 -44.97 63.01
N ASN H 206 -36.21 -45.10 64.36
CA ASN H 206 -37.45 -45.36 65.08
C ASN H 206 -38.27 -44.13 65.26
N ILE H 207 -38.10 -43.03 64.52
CA ILE H 207 -38.94 -41.86 64.62
C ILE H 207 -39.41 -41.54 63.14
N GLN H 208 -40.73 -41.46 62.87
CA GLN H 208 -41.24 -41.22 61.46
C GLN H 208 -41.58 -39.76 61.41
N ILE H 209 -41.47 -39.06 60.21
CA ILE H 209 -41.63 -37.62 60.23
C ILE H 209 -42.60 -37.32 59.06
N VAL H 210 -43.84 -36.81 59.34
CA VAL H 210 -44.87 -36.55 58.41
C VAL H 210 -45.22 -35.11 58.44
N LYS H 211 -45.49 -34.52 57.25
CA LYS H 211 -45.71 -33.11 57.03
C LYS H 211 -46.85 -32.86 56.14
N LYS H 212 -47.74 -31.88 56.56
CA LYS H 212 -48.85 -31.37 55.80
C LYS H 212 -48.70 -29.91 55.77
N ALA H 213 -48.91 -29.27 54.60
CA ALA H 213 -48.87 -27.80 54.51
C ALA H 213 -50.21 -27.19 55.07
N GLY H 214 -50.33 -25.82 55.17
CA GLY H 214 -51.49 -25.14 55.68
C GLY H 214 -51.69 -25.29 57.21
N GLY H 215 -52.62 -24.39 57.77
CA GLY H 215 -52.95 -24.20 59.21
C GLY H 215 -51.99 -23.48 60.10
N SER H 216 -52.21 -23.49 61.45
CA SER H 216 -51.20 -22.83 62.32
C SER H 216 -49.92 -23.79 62.56
N ILE H 217 -48.72 -23.19 62.66
CA ILE H 217 -47.43 -23.84 62.85
C ILE H 217 -47.30 -24.31 64.30
N ASN H 218 -48.06 -23.73 65.28
CA ASN H 218 -48.01 -24.14 66.70
C ASN H 218 -48.55 -25.55 66.96
N ASP H 219 -49.39 -26.10 66.02
CA ASP H 219 -50.15 -27.32 66.15
C ASP H 219 -49.23 -28.50 65.65
N THR H 220 -47.90 -28.26 65.48
CA THR H 220 -46.96 -29.31 65.31
C THR H 220 -46.94 -30.09 66.60
N GLN H 221 -46.74 -31.47 66.53
CA GLN H 221 -46.82 -32.25 67.68
C GLN H 221 -46.04 -33.55 67.61
N LEU H 222 -45.76 -34.19 68.74
CA LEU H 222 -45.21 -35.54 68.74
C LEU H 222 -46.29 -36.60 69.02
N VAL H 223 -46.28 -37.68 68.19
CA VAL H 223 -47.29 -38.73 68.18
C VAL H 223 -46.58 -39.94 68.76
N TYR H 224 -47.19 -40.72 69.69
CA TYR H 224 -46.59 -41.89 70.24
C TYR H 224 -47.10 -43.04 69.46
N GLY H 225 -46.71 -43.17 68.21
CA GLY H 225 -47.08 -44.16 67.28
C GLY H 225 -46.65 -43.78 65.90
N ILE H 226 -47.22 -44.50 64.91
CA ILE H 226 -47.14 -44.29 63.48
C ILE H 226 -48.41 -43.64 62.90
N VAL H 227 -48.25 -42.88 61.79
CA VAL H 227 -49.35 -42.13 61.12
C VAL H 227 -49.49 -42.50 59.64
N VAL H 228 -50.62 -43.09 59.20
CA VAL H 228 -50.89 -43.51 57.83
C VAL H 228 -51.77 -42.56 57.05
N ASP H 229 -51.23 -41.99 56.03
CA ASP H 229 -51.86 -41.05 55.17
C ASP H 229 -52.81 -41.65 54.13
N LYS H 230 -53.93 -42.23 54.58
CA LYS H 230 -54.95 -42.79 53.78
C LYS H 230 -56.13 -42.94 54.72
N GLU H 231 -57.30 -42.84 54.21
CA GLU H 231 -58.57 -42.91 55.03
C GLU H 231 -59.29 -44.29 55.18
N VAL H 232 -60.34 -44.44 55.98
CA VAL H 232 -61.13 -45.74 56.04
C VAL H 232 -61.97 -45.96 54.77
N VAL H 233 -62.17 -47.22 54.34
CA VAL H 233 -62.84 -47.64 53.12
C VAL H 233 -64.39 -47.55 53.04
N HIS H 234 -65.09 -47.46 54.14
CA HIS H 234 -66.54 -47.40 54.29
C HIS H 234 -66.69 -46.59 55.54
N PRO H 235 -67.40 -45.43 55.59
CA PRO H 235 -67.59 -44.61 56.81
C PRO H 235 -68.39 -45.35 57.90
N GLY H 236 -69.17 -46.39 57.46
CA GLY H 236 -70.07 -47.11 58.35
C GLY H 236 -69.32 -48.07 59.26
N MET H 237 -67.93 -48.17 59.10
CA MET H 237 -67.00 -48.97 59.89
C MET H 237 -66.59 -48.15 61.11
N PRO H 238 -66.26 -48.73 62.26
CA PRO H 238 -65.87 -48.06 63.52
C PRO H 238 -65.04 -46.80 63.44
N LYS H 239 -65.30 -45.79 64.31
CA LYS H 239 -64.35 -44.73 64.51
C LYS H 239 -63.09 -45.04 65.27
N ARG H 240 -63.03 -45.92 66.27
CA ARG H 240 -61.81 -46.25 67.02
C ARG H 240 -61.99 -47.56 67.70
N LEU H 241 -61.00 -48.47 67.69
CA LEU H 241 -61.02 -49.75 68.41
C LEU H 241 -59.94 -49.67 69.47
N GLU H 242 -60.28 -50.08 70.70
CA GLU H 242 -59.39 -50.28 71.88
C GLU H 242 -58.69 -51.74 71.75
N ASN H 243 -57.38 -51.76 72.04
CA ASN H 243 -56.55 -53.04 72.17
C ASN H 243 -56.70 -53.88 70.96
N ALA H 244 -56.39 -53.31 69.84
CA ALA H 244 -56.80 -53.75 68.54
C ALA H 244 -55.69 -54.44 67.76
N LYS H 245 -56.03 -55.65 67.27
CA LYS H 245 -55.16 -56.46 66.50
C LYS H 245 -55.12 -55.99 65.04
N ILE H 246 -54.00 -55.31 64.68
CA ILE H 246 -53.51 -54.97 63.32
C ILE H 246 -53.32 -56.07 62.36
N ALA H 247 -53.69 -55.91 61.02
CA ALA H 247 -53.35 -56.90 59.97
C ALA H 247 -52.70 -56.12 58.80
N LEU H 248 -51.34 -56.16 58.82
CA LEU H 248 -50.55 -55.46 57.88
C LEU H 248 -50.55 -56.23 56.64
N ILE H 249 -51.56 -56.06 55.81
CA ILE H 249 -51.73 -56.93 54.62
C ILE H 249 -51.27 -56.39 53.26
N ASP H 250 -50.12 -56.91 52.74
CA ASP H 250 -49.52 -56.52 51.44
C ASP H 250 -50.26 -56.99 50.16
N ALA H 251 -50.72 -58.23 50.16
CA ALA H 251 -51.50 -58.84 49.14
C ALA H 251 -52.79 -58.09 48.92
N SER H 252 -53.14 -58.03 47.61
CA SER H 252 -54.34 -57.49 47.03
C SER H 252 -55.54 -58.20 47.51
N LEU H 253 -56.66 -57.44 47.75
CA LEU H 253 -57.95 -57.96 48.20
C LEU H 253 -58.84 -57.37 47.08
N GLU H 254 -58.15 -57.10 45.91
CA GLU H 254 -58.79 -56.55 44.70
C GLU H 254 -58.44 -57.48 43.53
N VAL H 255 -59.31 -57.67 42.55
CA VAL H 255 -59.15 -58.59 41.48
C VAL H 255 -58.25 -57.85 40.41
N GLU H 256 -57.58 -58.57 39.53
CA GLU H 256 -56.80 -58.18 38.44
C GLU H 256 -57.33 -58.94 37.29
N LYS H 257 -57.80 -58.15 36.28
CA LYS H 257 -58.50 -58.72 35.12
C LYS H 257 -57.65 -59.33 34.02
N PRO H 258 -58.08 -60.32 33.27
CA PRO H 258 -57.26 -61.03 32.35
C PRO H 258 -56.78 -60.26 31.11
N GLU H 259 -57.32 -59.09 30.77
CA GLU H 259 -56.93 -58.29 29.62
C GLU H 259 -55.66 -57.54 29.87
N LEU H 260 -55.18 -57.55 31.12
CA LEU H 260 -54.06 -56.91 31.67
C LEU H 260 -52.76 -57.54 31.14
N ASP H 261 -52.77 -58.88 31.08
CA ASP H 261 -51.64 -59.75 30.59
C ASP H 261 -51.57 -59.85 29.03
N ALA H 262 -52.78 -60.21 28.47
CA ALA H 262 -53.00 -60.36 27.06
C ALA H 262 -54.46 -60.36 26.62
N GLU H 263 -54.70 -60.45 25.26
CA GLU H 263 -56.01 -60.54 24.65
C GLU H 263 -56.73 -61.84 25.07
N ILE H 264 -58.08 -61.79 25.35
CA ILE H 264 -58.92 -62.85 25.83
C ILE H 264 -58.84 -64.00 24.79
N ARG H 265 -58.83 -65.31 25.19
CA ARG H 265 -58.96 -66.48 24.26
C ARG H 265 -60.18 -67.40 24.55
N ILE H 266 -60.97 -67.12 25.64
CA ILE H 266 -62.20 -67.85 26.02
C ILE H 266 -63.41 -67.48 25.10
N ASN H 267 -64.08 -68.44 24.42
CA ASN H 267 -65.13 -68.10 23.48
C ASN H 267 -66.48 -68.44 24.03
N ASP H 268 -66.51 -69.20 25.13
CA ASP H 268 -67.69 -69.63 25.82
C ASP H 268 -68.09 -68.59 26.88
N PRO H 269 -69.08 -67.75 26.87
CA PRO H 269 -69.33 -66.85 28.00
C PRO H 269 -69.73 -67.46 29.35
N THR H 270 -70.17 -68.72 29.42
CA THR H 270 -70.37 -69.33 30.71
C THR H 270 -69.14 -69.49 31.59
N GLN H 271 -68.02 -69.87 30.95
CA GLN H 271 -66.73 -70.03 31.47
C GLN H 271 -66.14 -68.71 31.86
N MET H 272 -66.42 -67.67 31.07
CA MET H 272 -66.07 -66.23 31.23
C MET H 272 -66.54 -65.75 32.62
N GLN H 273 -67.82 -65.77 32.82
CA GLN H 273 -68.51 -65.56 34.03
C GLN H 273 -67.81 -66.29 35.19
N LYS H 274 -67.77 -67.68 35.23
CA LYS H 274 -67.06 -68.39 36.26
C LYS H 274 -65.63 -68.04 36.52
N PHE H 275 -64.92 -67.27 35.66
CA PHE H 275 -63.50 -66.84 35.86
C PHE H 275 -63.55 -65.61 36.79
N LEU H 276 -64.32 -64.62 36.28
CA LEU H 276 -64.46 -63.41 36.98
C LEU H 276 -65.34 -63.48 38.24
N ASP H 277 -66.26 -64.53 38.36
CA ASP H 277 -66.97 -64.87 39.53
C ASP H 277 -66.04 -65.50 40.62
N GLU H 278 -65.21 -66.50 40.22
CA GLU H 278 -64.30 -67.13 41.19
C GLU H 278 -63.17 -66.21 41.70
N GLU H 279 -62.69 -65.33 40.83
CA GLU H 279 -61.66 -64.29 41.18
C GLU H 279 -62.21 -63.31 42.17
N GLU H 280 -63.50 -63.01 42.19
CA GLU H 280 -64.13 -62.13 43.11
C GLU H 280 -64.37 -62.90 44.42
N ASN H 281 -64.72 -64.22 44.30
CA ASN H 281 -64.96 -65.15 45.44
C ASN H 281 -63.67 -65.53 46.11
N LEU H 282 -62.55 -65.33 45.36
CA LEU H 282 -61.23 -65.50 45.92
C LEU H 282 -61.00 -64.39 46.96
N ILE H 283 -61.47 -63.09 46.71
CA ILE H 283 -61.31 -62.08 47.75
C ILE H 283 -62.20 -62.30 48.96
N LYS H 284 -63.42 -62.77 48.85
CA LYS H 284 -64.27 -63.09 50.07
C LYS H 284 -63.58 -64.31 50.92
N GLU H 285 -62.84 -65.19 50.17
CA GLU H 285 -62.01 -66.23 50.65
C GLU H 285 -60.82 -65.64 51.44
N LYS H 286 -59.99 -64.72 50.87
CA LYS H 286 -58.92 -64.09 51.55
C LYS H 286 -59.38 -63.38 52.84
N VAL H 287 -60.53 -62.57 52.73
CA VAL H 287 -61.04 -61.84 53.86
C VAL H 287 -61.42 -62.77 54.97
N ASP H 288 -62.14 -63.85 54.73
CA ASP H 288 -62.42 -64.77 55.80
C ASP H 288 -61.18 -65.51 56.35
N LYS H 289 -60.20 -65.92 55.45
CA LYS H 289 -58.91 -66.53 55.84
C LYS H 289 -57.93 -65.55 56.61
N ILE H 290 -58.08 -64.17 56.53
CA ILE H 290 -57.38 -63.19 57.38
C ILE H 290 -58.13 -63.08 58.66
N LEU H 291 -59.45 -63.01 58.58
CA LEU H 291 -60.17 -62.89 59.84
C LEU H 291 -60.14 -64.16 60.73
N ALA H 292 -59.62 -65.28 60.17
CA ALA H 292 -59.28 -66.58 60.78
C ALA H 292 -58.20 -66.47 61.86
N THR H 293 -57.47 -65.33 61.94
CA THR H 293 -56.54 -65.04 63.05
C THR H 293 -57.18 -64.21 64.13
N GLY H 294 -58.34 -63.57 63.88
CA GLY H 294 -59.12 -62.73 64.78
C GLY H 294 -58.71 -61.19 64.83
N ALA H 295 -58.38 -60.68 63.66
CA ALA H 295 -58.07 -59.34 63.36
C ALA H 295 -59.19 -58.40 63.73
N ASN H 296 -58.80 -57.14 63.97
CA ASN H 296 -59.84 -56.20 64.43
C ASN H 296 -59.68 -55.07 63.49
N VAL H 297 -58.44 -54.79 62.98
CA VAL H 297 -58.16 -53.75 61.96
C VAL H 297 -57.22 -54.38 60.97
N ILE H 298 -57.34 -53.93 59.71
CA ILE H 298 -56.66 -54.40 58.53
C ILE H 298 -56.36 -53.14 57.66
N ILE H 299 -55.08 -52.95 57.33
CA ILE H 299 -54.68 -51.89 56.46
C ILE H 299 -53.90 -52.64 55.36
N CYS H 300 -54.05 -52.12 54.08
CA CYS H 300 -53.36 -52.78 52.97
C CYS H 300 -52.67 -51.84 51.98
N GLN H 301 -52.01 -52.35 50.99
CA GLN H 301 -51.25 -51.73 49.94
C GLN H 301 -52.04 -51.57 48.70
N LYS H 302 -52.98 -52.42 48.39
CA LYS H 302 -53.83 -52.34 47.25
C LYS H 302 -55.30 -52.13 47.72
N GLY H 303 -56.19 -52.06 46.77
CA GLY H 303 -57.62 -51.89 46.95
C GLY H 303 -58.31 -53.12 47.49
N ILE H 304 -59.63 -52.86 47.70
CA ILE H 304 -60.61 -53.75 48.25
C ILE H 304 -61.87 -53.75 47.38
N ASP H 305 -62.33 -55.00 46.90
CA ASP H 305 -63.45 -55.20 45.97
C ASP H 305 -64.73 -54.63 46.71
N GLU H 306 -65.81 -54.14 46.00
CA GLU H 306 -66.97 -53.51 46.61
C GLU H 306 -67.82 -54.55 47.37
N VAL H 307 -67.74 -55.82 46.93
CA VAL H 307 -68.51 -56.85 47.57
C VAL H 307 -67.82 -57.23 48.82
N ALA H 308 -66.49 -57.22 48.78
CA ALA H 308 -65.62 -57.45 49.92
C ALA H 308 -65.56 -56.22 50.89
N GLN H 309 -65.93 -55.01 50.40
CA GLN H 309 -66.03 -53.87 51.32
C GLN H 309 -67.29 -54.04 52.19
N SER H 310 -68.41 -54.35 51.50
CA SER H 310 -69.71 -54.64 52.15
C SER H 310 -69.67 -55.85 53.08
N TYR H 311 -68.78 -56.81 52.85
CA TYR H 311 -68.53 -57.92 53.62
C TYR H 311 -67.73 -57.61 54.96
N LEU H 312 -66.63 -56.89 54.86
CA LEU H 312 -65.73 -56.44 55.93
C LEU H 312 -66.52 -55.45 56.82
N ALA H 313 -67.44 -54.68 56.17
CA ALA H 313 -68.30 -53.68 56.84
C ALA H 313 -69.31 -54.40 57.75
N LYS H 314 -69.94 -55.52 57.24
CA LYS H 314 -70.99 -56.27 57.93
C LYS H 314 -70.39 -57.12 59.15
N LYS H 315 -69.06 -57.38 59.09
CA LYS H 315 -68.24 -58.11 60.05
C LYS H 315 -67.85 -57.27 61.18
N GLY H 316 -67.88 -55.94 60.96
CA GLY H 316 -67.50 -54.95 61.97
C GLY H 316 -66.06 -54.63 61.97
N VAL H 317 -65.36 -55.01 60.88
CA VAL H 317 -63.96 -54.84 60.77
C VAL H 317 -63.72 -53.39 60.49
N LEU H 318 -62.49 -52.92 60.77
CA LEU H 318 -62.08 -51.60 60.46
C LEU H 318 -61.05 -51.71 59.32
N ALA H 319 -61.35 -51.23 58.08
CA ALA H 319 -60.43 -51.36 56.96
C ALA H 319 -59.97 -50.07 56.31
N VAL H 320 -58.75 -50.09 55.79
CA VAL H 320 -58.16 -49.00 55.04
C VAL H 320 -57.67 -49.62 53.69
N ARG H 321 -57.85 -48.97 52.58
CA ARG H 321 -57.41 -49.47 51.29
C ARG H 321 -56.39 -48.57 50.54
N ARG H 322 -55.52 -49.20 49.77
CA ARG H 322 -54.49 -48.61 49.00
C ARG H 322 -53.51 -47.62 49.75
N ALA H 323 -52.82 -48.07 50.72
CA ALA H 323 -51.90 -47.24 51.51
C ALA H 323 -50.55 -47.16 50.71
N LYS H 324 -49.41 -47.22 51.41
CA LYS H 324 -48.06 -47.32 50.86
C LYS H 324 -47.28 -48.27 51.70
N LYS H 325 -46.58 -49.25 51.11
CA LYS H 325 -45.77 -50.30 51.73
C LYS H 325 -44.74 -49.92 52.71
N SER H 326 -44.18 -48.76 52.55
CA SER H 326 -43.27 -47.98 53.37
C SER H 326 -43.81 -47.82 54.77
N ASP H 327 -45.13 -47.71 54.99
CA ASP H 327 -45.55 -47.55 56.35
C ASP H 327 -46.13 -48.90 56.89
N LEU H 328 -46.51 -49.86 56.06
CA LEU H 328 -46.91 -51.21 56.50
C LEU H 328 -45.78 -51.81 57.30
N GLU H 329 -44.58 -51.68 56.79
CA GLU H 329 -43.38 -52.00 57.54
C GLU H 329 -43.09 -51.16 58.79
N LYS H 330 -43.13 -49.88 58.77
CA LYS H 330 -43.04 -49.11 60.01
C LYS H 330 -44.08 -49.36 61.10
N LEU H 331 -45.27 -49.79 60.73
CA LEU H 331 -46.42 -50.00 61.62
C LEU H 331 -46.42 -51.45 62.06
N ALA H 332 -45.69 -52.32 61.27
CA ALA H 332 -45.39 -53.64 61.59
C ALA H 332 -44.59 -53.77 62.82
N ARG H 333 -43.29 -53.38 62.74
CA ARG H 333 -42.35 -53.40 63.84
C ARG H 333 -42.48 -52.32 64.97
N ALA H 334 -43.56 -51.47 64.85
CA ALA H 334 -43.98 -50.58 65.94
C ALA H 334 -45.04 -51.26 66.85
N THR H 335 -45.91 -51.97 66.20
CA THR H 335 -46.95 -52.72 66.90
C THR H 335 -46.62 -54.16 67.10
N GLY H 336 -45.43 -54.63 66.68
CA GLY H 336 -45.04 -56.02 66.88
C GLY H 336 -45.55 -56.96 65.80
N GLY H 337 -46.07 -56.55 64.65
CA GLY H 337 -46.47 -57.47 63.63
C GLY H 337 -45.31 -57.77 62.55
N ARG H 338 -45.76 -58.27 61.38
CA ARG H 338 -45.02 -58.61 60.24
C ARG H 338 -45.81 -58.27 59.07
N VAL H 339 -45.22 -57.83 57.94
CA VAL H 339 -46.04 -57.56 56.77
C VAL H 339 -46.35 -58.68 55.94
N VAL H 340 -47.64 -59.01 55.87
CA VAL H 340 -48.05 -60.23 55.33
C VAL H 340 -48.15 -60.31 53.86
N SER H 341 -47.17 -61.00 53.16
CA SER H 341 -47.24 -61.19 51.72
C SER H 341 -48.14 -62.33 51.27
N ASN H 342 -48.08 -63.51 51.97
CA ASN H 342 -48.86 -64.70 51.67
C ASN H 342 -49.99 -64.77 52.70
N ILE H 343 -51.22 -64.53 52.26
CA ILE H 343 -52.42 -64.69 53.09
C ILE H 343 -52.59 -66.08 53.80
N ASP H 344 -52.09 -67.20 53.15
CA ASP H 344 -52.11 -68.53 53.63
C ASP H 344 -51.07 -68.89 54.64
N GLU H 345 -50.36 -67.84 55.10
CA GLU H 345 -49.29 -67.90 56.08
C GLU H 345 -49.53 -66.99 57.24
N ILE H 346 -50.71 -66.27 57.13
CA ILE H 346 -51.06 -65.35 58.22
C ILE H 346 -51.30 -66.06 59.53
N SER H 347 -50.74 -65.62 60.70
CA SER H 347 -50.87 -66.36 62.00
C SER H 347 -50.82 -65.45 63.20
N GLU H 348 -50.90 -66.01 64.46
CA GLU H 348 -50.82 -65.20 65.70
C GLU H 348 -49.49 -64.41 65.81
N GLN H 349 -48.38 -64.91 65.19
CA GLN H 349 -47.08 -64.27 65.29
C GLN H 349 -46.86 -63.13 64.28
N ASP H 350 -47.71 -63.05 63.27
CA ASP H 350 -47.65 -62.01 62.27
C ASP H 350 -48.41 -60.71 62.60
N LEU H 351 -49.41 -60.84 63.50
CA LEU H 351 -50.26 -59.70 63.83
C LEU H 351 -49.66 -58.74 64.87
N GLY H 352 -50.22 -57.48 65.00
CA GLY H 352 -49.74 -56.45 65.87
C GLY H 352 -50.77 -55.89 66.80
N TYR H 353 -50.28 -55.33 67.94
CA TYR H 353 -51.10 -54.77 69.02
C TYR H 353 -50.84 -53.31 69.08
N ALA H 354 -51.89 -52.49 69.31
CA ALA H 354 -51.92 -51.08 69.50
C ALA H 354 -53.01 -50.68 70.55
N SER H 355 -52.76 -49.64 71.42
CA SER H 355 -53.72 -49.27 72.44
C SER H 355 -55.00 -48.71 71.85
N LEU H 356 -54.95 -47.94 70.78
CA LEU H 356 -56.11 -47.44 70.16
C LEU H 356 -55.74 -47.13 68.78
N ILE H 357 -56.45 -47.61 67.81
CA ILE H 357 -56.26 -47.07 66.42
C ILE H 357 -57.56 -46.33 66.13
N GLU H 358 -57.43 -45.18 65.41
CA GLU H 358 -58.58 -44.37 65.00
C GLU H 358 -58.24 -43.64 63.69
N GLU H 359 -59.17 -42.89 63.04
CA GLU H 359 -59.06 -42.05 61.85
C GLU H 359 -59.44 -40.54 62.18
N ARG H 360 -58.51 -39.59 61.97
CA ARG H 360 -58.51 -38.23 62.35
C ARG H 360 -58.35 -37.36 61.13
N LYS H 361 -58.52 -35.99 61.26
CA LYS H 361 -58.36 -35.19 60.08
C LYS H 361 -57.36 -34.04 60.29
N VAL H 362 -56.20 -33.99 59.61
CA VAL H 362 -55.19 -33.01 59.74
C VAL H 362 -55.28 -32.04 58.50
N GLY H 363 -55.82 -30.82 58.82
CA GLY H 363 -56.12 -29.82 57.82
C GLY H 363 -57.22 -30.32 56.93
N GLU H 364 -56.91 -30.66 55.66
CA GLU H 364 -57.90 -31.11 54.66
C GLU H 364 -57.75 -32.59 54.31
N ASP H 365 -56.77 -33.27 54.98
CA ASP H 365 -56.33 -34.64 54.88
C ASP H 365 -56.78 -35.48 56.01
N LYS H 366 -57.49 -36.55 55.61
CA LYS H 366 -58.06 -37.59 56.38
C LYS H 366 -57.16 -38.81 56.44
N MET H 367 -56.72 -39.19 57.65
CA MET H 367 -55.67 -40.16 57.91
C MET H 367 -55.99 -41.05 59.09
N VAL H 368 -55.30 -42.21 59.14
CA VAL H 368 -55.31 -43.11 60.29
C VAL H 368 -54.12 -42.81 61.19
N PHE H 369 -54.40 -42.82 62.50
CA PHE H 369 -53.35 -42.65 63.51
C PHE H 369 -53.30 -43.93 64.22
N VAL H 370 -52.13 -44.30 64.74
CA VAL H 370 -51.85 -45.55 65.45
C VAL H 370 -51.10 -45.28 66.74
N GLU H 371 -51.70 -44.54 67.70
CA GLU H 371 -51.12 -44.19 68.96
C GLU H 371 -51.03 -45.41 69.90
N GLY H 372 -50.08 -45.38 70.86
CA GLY H 372 -50.04 -46.44 71.85
C GLY H 372 -49.53 -47.77 71.30
N ALA H 373 -48.45 -47.81 70.47
CA ALA H 373 -47.96 -49.10 69.93
C ALA H 373 -47.25 -49.95 70.93
N LYS H 374 -47.15 -51.28 70.52
CA LYS H 374 -46.49 -52.26 71.35
C LYS H 374 -45.02 -51.90 71.66
N ASN H 375 -44.28 -51.37 70.68
CA ASN H 375 -42.89 -50.96 70.87
C ASN H 375 -42.90 -49.53 71.38
N PRO H 376 -42.06 -49.13 72.36
CA PRO H 376 -42.12 -47.79 72.89
C PRO H 376 -41.39 -46.88 71.99
N LYS H 377 -40.26 -47.31 71.38
CA LYS H 377 -39.38 -46.46 70.56
C LYS H 377 -39.96 -45.84 69.34
N SER H 378 -40.85 -46.61 68.69
CA SER H 378 -41.37 -46.18 67.39
C SER H 378 -42.46 -45.12 67.54
N ILE H 379 -42.06 -43.90 67.27
CA ILE H 379 -42.88 -42.64 67.40
C ILE H 379 -42.83 -41.88 66.15
N SER H 380 -43.67 -40.87 65.98
CA SER H 380 -43.67 -40.10 64.80
C SER H 380 -43.69 -38.61 65.18
N ILE H 381 -43.32 -37.74 64.23
CA ILE H 381 -43.42 -36.35 64.49
C ILE H 381 -44.33 -35.83 63.42
N LEU H 382 -45.25 -34.88 63.64
CA LEU H 382 -46.17 -34.26 62.72
C LEU H 382 -45.88 -32.79 62.59
N ILE H 383 -45.41 -32.44 61.43
CA ILE H 383 -45.07 -31.10 60.98
C ILE H 383 -46.35 -30.54 60.36
N ARG H 384 -46.68 -29.26 60.60
CA ARG H 384 -47.83 -28.60 60.06
C ARG H 384 -47.40 -27.15 59.87
N GLY H 385 -48.28 -26.34 59.16
CA GLY H 385 -48.06 -24.93 59.01
C GLY H 385 -47.16 -24.57 57.84
N GLY H 386 -47.15 -23.28 57.47
CA GLY H 386 -46.51 -22.74 56.30
C GLY H 386 -47.21 -23.07 55.00
N LEU H 387 -46.41 -22.91 53.86
CA LEU H 387 -46.90 -23.03 52.55
C LEU H 387 -46.24 -24.22 51.93
N GLU H 388 -46.45 -24.53 50.64
CA GLU H 388 -45.88 -25.64 49.92
C GLU H 388 -44.37 -25.84 49.97
N ARG H 389 -43.52 -24.82 50.15
CA ARG H 389 -42.06 -24.93 50.22
C ARG H 389 -41.55 -24.76 51.58
N LEU H 390 -42.17 -23.89 52.42
CA LEU H 390 -41.76 -23.76 53.80
C LEU H 390 -41.82 -25.01 54.68
N VAL H 391 -42.90 -25.80 54.52
CA VAL H 391 -43.23 -27.01 55.36
C VAL H 391 -42.11 -28.04 55.13
N ASP H 392 -41.62 -28.24 53.91
CA ASP H 392 -40.43 -28.99 53.48
C ASP H 392 -39.07 -28.54 54.16
N GLU H 393 -38.91 -27.17 54.20
CA GLU H 393 -37.82 -26.64 55.00
C GLU H 393 -37.97 -26.72 56.49
N THR H 394 -39.20 -26.94 57.01
CA THR H 394 -39.52 -27.35 58.40
C THR H 394 -39.14 -28.82 58.73
N GLU H 395 -39.24 -29.70 57.73
CA GLU H 395 -38.79 -31.08 57.84
C GLU H 395 -37.30 -31.13 57.87
N ARG H 396 -36.61 -30.26 57.08
CA ARG H 396 -35.17 -30.19 57.05
C ARG H 396 -34.64 -29.73 58.35
N ALA H 397 -35.07 -28.59 58.81
CA ALA H 397 -34.75 -28.03 60.12
C ALA H 397 -34.94 -28.92 61.26
N LEU H 398 -36.05 -29.67 61.27
CA LEU H 398 -36.40 -30.66 62.28
C LEU H 398 -35.44 -31.81 62.32
N ARG H 399 -35.00 -32.35 61.11
CA ARG H 399 -33.98 -33.36 61.08
C ARG H 399 -32.69 -32.86 61.62
N ASP H 400 -32.19 -31.68 61.17
CA ASP H 400 -30.90 -31.19 61.72
C ASP H 400 -30.99 -30.97 63.28
N ALA H 401 -32.07 -30.35 63.75
CA ALA H 401 -32.32 -30.24 65.16
C ALA H 401 -32.39 -31.53 65.94
N LEU H 402 -33.12 -32.56 65.44
CA LEU H 402 -33.31 -33.93 66.08
C LEU H 402 -32.02 -34.61 66.17
N GLY H 403 -31.33 -34.70 65.01
CA GLY H 403 -30.05 -35.23 64.84
C GLY H 403 -29.11 -34.77 65.82
N THR H 404 -28.93 -33.42 65.88
CA THR H 404 -27.97 -32.75 66.69
C THR H 404 -28.14 -33.08 68.13
N VAL H 405 -29.36 -32.99 68.72
CA VAL H 405 -29.64 -33.26 70.11
C VAL H 405 -29.33 -34.68 70.44
N ALA H 406 -29.72 -35.61 69.45
CA ALA H 406 -29.39 -36.98 69.57
C ALA H 406 -27.90 -37.27 69.49
N ASP H 407 -27.10 -36.50 68.72
CA ASP H 407 -25.66 -36.59 68.67
C ASP H 407 -24.97 -36.19 69.95
N VAL H 408 -25.56 -35.19 70.62
CA VAL H 408 -25.13 -34.81 71.96
C VAL H 408 -25.46 -35.99 72.95
N ILE H 409 -26.61 -36.69 72.84
CA ILE H 409 -26.89 -37.87 73.71
C ILE H 409 -25.93 -39.02 73.43
N LYS H 410 -25.63 -39.32 72.17
CA LYS H 410 -24.69 -40.30 71.70
C LYS H 410 -23.26 -40.05 72.17
N ASP H 411 -22.85 -38.80 72.37
CA ASP H 411 -21.52 -38.46 72.87
C ASP H 411 -21.58 -38.20 74.39
N GLY H 412 -22.10 -37.03 74.84
CA GLY H 412 -22.23 -36.62 76.20
C GLY H 412 -21.32 -35.43 76.55
N ARG H 413 -20.62 -34.75 75.65
CA ARG H 413 -19.81 -33.58 75.93
C ARG H 413 -20.36 -32.38 75.19
N ALA H 414 -20.48 -31.19 75.91
CA ALA H 414 -21.07 -30.00 75.17
C ALA H 414 -20.41 -28.62 75.75
N ILE H 415 -20.00 -27.77 74.81
CA ILE H 415 -19.24 -26.64 75.06
C ILE H 415 -19.93 -25.31 74.69
N ALA H 416 -19.39 -24.20 75.17
CA ALA H 416 -19.92 -22.86 74.88
C ALA H 416 -19.68 -22.35 73.46
N GLY H 417 -20.81 -21.95 72.79
CA GLY H 417 -20.76 -21.47 71.44
C GLY H 417 -20.44 -20.01 71.26
N GLY H 418 -20.63 -19.43 70.03
CA GLY H 418 -20.44 -18.00 69.82
C GLY H 418 -19.00 -17.51 69.82
N GLY H 419 -18.08 -18.44 69.52
CA GLY H 419 -16.69 -18.03 69.51
C GLY H 419 -15.83 -18.33 70.61
N ALA H 420 -16.43 -18.66 71.75
CA ALA H 420 -15.78 -18.89 73.01
C ALA H 420 -14.64 -19.86 73.05
N VAL H 421 -14.86 -21.18 72.63
CA VAL H 421 -13.81 -22.20 72.65
C VAL H 421 -12.72 -21.92 71.70
N GLU H 422 -13.06 -21.20 70.63
CA GLU H 422 -12.22 -20.70 69.56
C GLU H 422 -11.25 -19.75 70.12
N ILE H 423 -11.67 -18.61 70.65
CA ILE H 423 -10.74 -17.63 71.27
C ILE H 423 -9.71 -18.22 72.34
N GLU H 424 -10.13 -19.28 73.10
CA GLU H 424 -9.36 -19.98 74.10
C GLU H 424 -8.22 -20.83 73.37
N ILE H 425 -8.58 -21.67 72.37
CA ILE H 425 -7.61 -22.37 71.50
C ILE H 425 -6.60 -21.47 70.77
N ALA H 426 -7.00 -20.19 70.54
CA ALA H 426 -6.13 -19.14 70.12
C ALA H 426 -5.26 -18.70 71.32
N LYS H 427 -5.81 -17.94 72.30
CA LYS H 427 -5.08 -17.48 73.46
C LYS H 427 -4.05 -18.39 74.11
N LYS H 428 -4.47 -19.65 74.47
CA LYS H 428 -3.61 -20.61 75.06
C LYS H 428 -2.38 -20.98 74.18
N LEU H 429 -2.52 -21.02 72.84
CA LEU H 429 -1.50 -21.38 71.88
C LEU H 429 -0.58 -20.28 71.80
N ARG H 430 -1.07 -19.05 71.80
CA ARG H 430 -0.27 -17.79 71.69
C ARG H 430 0.72 -17.61 72.86
N LYS H 431 0.21 -17.92 74.02
CA LYS H 431 1.00 -17.95 75.29
C LYS H 431 1.99 -19.17 75.34
N TYR H 432 1.63 -20.22 74.63
CA TYR H 432 2.45 -21.45 74.59
C TYR H 432 3.71 -21.33 73.71
N ALA H 433 3.46 -20.88 72.45
CA ALA H 433 4.48 -20.64 71.40
C ALA H 433 5.83 -20.21 71.85
N PRO H 434 6.16 -19.12 72.58
CA PRO H 434 7.46 -18.64 73.08
C PRO H 434 8.38 -19.77 73.48
N GLN H 435 7.85 -20.77 74.17
CA GLN H 435 8.59 -21.76 74.85
C GLN H 435 8.93 -22.97 73.94
N VAL H 436 8.17 -23.14 72.87
CA VAL H 436 8.21 -24.43 72.11
C VAL H 436 9.39 -24.52 71.16
N GLY H 437 9.94 -23.45 70.56
CA GLY H 437 11.06 -23.66 69.67
C GLY H 437 11.14 -22.41 68.73
N GLY H 438 12.12 -22.27 67.78
CA GLY H 438 12.41 -21.22 66.76
C GLY H 438 11.43 -20.87 65.73
N LYS H 439 11.55 -21.60 64.61
CA LYS H 439 10.63 -21.54 63.45
C LYS H 439 9.28 -22.07 63.85
N GLU H 440 9.23 -23.19 64.61
CA GLU H 440 8.05 -23.77 65.06
C GLU H 440 7.01 -22.76 65.75
N GLN H 441 7.59 -21.75 66.44
CA GLN H 441 6.89 -20.58 67.04
C GLN H 441 6.03 -19.83 66.11
N LEU H 442 6.64 -19.47 65.02
CA LEU H 442 5.92 -18.80 63.95
C LEU H 442 4.75 -19.48 63.33
N ALA H 443 4.87 -20.80 63.13
CA ALA H 443 3.76 -21.66 62.71
C ALA H 443 2.58 -21.75 63.71
N VAL H 444 2.88 -22.04 65.00
CA VAL H 444 1.95 -22.15 66.11
C VAL H 444 1.21 -20.83 66.24
N GLU H 445 1.96 -19.72 66.26
CA GLU H 445 1.36 -18.38 66.28
C GLU H 445 0.43 -18.11 65.12
N ALA H 446 0.79 -18.50 63.89
CA ALA H 446 0.06 -18.31 62.63
C ALA H 446 -1.28 -19.07 62.72
N TYR H 447 -1.19 -20.36 63.06
CA TYR H 447 -2.26 -21.27 63.39
C TYR H 447 -3.26 -20.69 64.37
N ALA H 448 -2.68 -19.95 65.36
CA ALA H 448 -3.52 -19.19 66.29
C ALA H 448 -4.31 -18.01 65.66
N ASN H 449 -3.60 -17.24 64.87
CA ASN H 449 -4.05 -16.11 64.09
C ASN H 449 -5.18 -16.60 63.06
N ALA H 450 -5.00 -17.81 62.43
CA ALA H 450 -6.05 -18.47 61.66
C ALA H 450 -7.30 -18.79 62.44
N LEU H 451 -7.30 -19.22 63.71
CA LEU H 451 -8.47 -19.45 64.54
C LEU H 451 -9.25 -18.27 64.96
N GLU H 452 -8.60 -17.10 65.21
CA GLU H 452 -9.19 -15.80 65.47
C GLU H 452 -9.79 -15.27 64.20
N SER H 453 -9.14 -15.62 63.07
CA SER H 453 -9.70 -15.26 61.78
C SER H 453 -11.16 -15.69 61.49
N LEU H 454 -11.50 -16.91 61.96
CA LEU H 454 -12.78 -17.54 61.94
C LEU H 454 -13.91 -16.70 62.57
N VAL H 455 -13.67 -16.23 63.82
CA VAL H 455 -14.51 -15.28 64.55
C VAL H 455 -14.49 -13.91 64.03
N SER H 456 -13.45 -13.49 63.33
CA SER H 456 -13.37 -12.17 62.69
C SER H 456 -14.33 -12.10 61.55
N ILE H 457 -14.34 -13.12 60.70
CA ILE H 457 -15.37 -13.26 59.64
C ILE H 457 -16.73 -13.22 60.18
N LEU H 458 -16.98 -13.93 61.33
CA LEU H 458 -18.25 -14.04 61.97
C LEU H 458 -18.78 -12.70 62.45
N ILE H 459 -17.88 -11.91 63.12
CA ILE H 459 -18.05 -10.56 63.61
C ILE H 459 -18.34 -9.63 62.39
N GLU H 460 -17.49 -9.65 61.32
CA GLU H 460 -17.56 -8.90 60.08
C GLU H 460 -19.01 -8.85 59.56
N ASN H 461 -19.56 -10.08 59.31
CA ASN H 461 -20.99 -10.23 58.87
C ASN H 461 -22.00 -9.68 59.81
N ALA H 462 -21.83 -9.40 61.08
CA ALA H 462 -22.88 -8.66 61.84
C ALA H 462 -22.79 -7.25 61.65
N GLY H 463 -21.61 -6.71 61.26
CA GLY H 463 -21.36 -5.33 60.86
C GLY H 463 -20.51 -4.45 61.82
N PHE H 464 -19.86 -5.01 62.85
CA PHE H 464 -19.01 -4.30 63.76
C PHE H 464 -17.62 -4.37 63.22
N ASP H 465 -16.67 -3.68 63.84
CA ASP H 465 -15.27 -3.65 63.38
C ASP H 465 -14.52 -4.91 63.80
N PRO H 466 -13.99 -5.85 63.01
CA PRO H 466 -13.31 -7.03 63.63
C PRO H 466 -12.27 -6.81 64.64
N ILE H 467 -11.30 -5.91 64.32
CA ILE H 467 -10.15 -5.72 65.25
C ILE H 467 -10.55 -5.23 66.58
N ASP H 468 -11.46 -4.18 66.72
CA ASP H 468 -11.95 -3.64 67.96
C ASP H 468 -12.49 -4.73 68.89
N LEU H 469 -13.58 -5.42 68.47
CA LEU H 469 -14.32 -6.39 69.27
C LEU H 469 -13.46 -7.63 69.59
N LEU H 470 -12.62 -8.04 68.59
CA LEU H 470 -11.62 -9.15 68.75
C LEU H 470 -10.68 -8.75 69.91
N MET H 471 -10.16 -7.48 69.93
CA MET H 471 -9.21 -7.06 71.00
C MET H 471 -9.87 -7.06 72.38
N LYS H 472 -11.09 -6.52 72.43
CA LYS H 472 -11.91 -6.48 73.64
C LYS H 472 -12.21 -7.86 74.24
N LEU H 473 -12.14 -8.91 73.34
CA LEU H 473 -12.16 -10.27 73.82
C LEU H 473 -10.84 -10.67 74.33
N ARG H 474 -9.78 -10.51 73.56
CA ARG H 474 -8.50 -10.85 74.07
C ARG H 474 -7.96 -10.13 75.39
N SER H 475 -8.62 -9.03 75.83
CA SER H 475 -8.43 -8.44 77.14
C SER H 475 -9.36 -8.90 78.22
N THR H 476 -10.68 -9.03 77.94
CA THR H 476 -11.69 -9.54 78.84
C THR H 476 -11.63 -11.12 79.02
N HIS H 477 -10.65 -11.84 78.54
CA HIS H 477 -10.83 -13.32 78.50
C HIS H 477 -9.62 -14.02 79.11
N GLU H 478 -8.82 -13.20 79.88
CA GLU H 478 -7.69 -13.72 80.66
C GLU H 478 -8.10 -14.46 81.92
N ASN H 479 -9.11 -13.86 82.59
CA ASN H 479 -9.74 -14.48 83.82
C ASN H 479 -10.61 -15.70 83.52
N GLU H 480 -10.53 -16.77 84.34
CA GLU H 480 -11.23 -18.02 84.05
C GLU H 480 -12.71 -17.97 84.34
N ASN H 481 -13.15 -16.81 84.88
CA ASN H 481 -14.57 -16.58 85.05
C ASN H 481 -15.35 -16.14 83.86
N ASN H 482 -14.58 -15.84 82.77
CA ASN H 482 -15.03 -15.46 81.46
C ASN H 482 -14.62 -16.55 80.40
N LYS H 483 -14.40 -17.76 80.82
CA LYS H 483 -14.05 -18.89 79.92
C LYS H 483 -15.07 -19.11 78.78
N TRP H 484 -16.35 -18.99 79.08
CA TRP H 484 -17.46 -19.23 78.17
C TRP H 484 -18.01 -17.85 77.64
N TYR H 485 -17.07 -16.80 77.55
CA TYR H 485 -17.28 -15.56 76.87
C TYR H 485 -17.15 -15.70 75.40
N GLY H 486 -18.05 -15.01 74.71
CA GLY H 486 -18.05 -14.83 73.23
C GLY H 486 -18.53 -13.46 72.89
N ILE H 487 -18.94 -13.24 71.63
CA ILE H 487 -19.36 -11.98 71.00
C ILE H 487 -20.82 -12.07 70.48
N ASP H 488 -21.74 -11.32 71.11
CA ASP H 488 -23.07 -11.03 70.74
C ASP H 488 -23.24 -10.35 69.30
N LEU H 489 -23.85 -11.12 68.38
CA LEU H 489 -23.99 -10.76 67.04
C LEU H 489 -25.31 -9.97 66.83
N TYR H 490 -26.16 -9.74 67.84
CA TYR H 490 -27.27 -8.82 67.68
C TYR H 490 -27.02 -7.64 68.56
N ALA H 491 -26.18 -7.64 69.58
CA ALA H 491 -25.91 -6.47 70.41
C ALA H 491 -24.50 -5.92 70.37
N GLY H 492 -23.61 -6.54 69.69
CA GLY H 492 -22.19 -6.16 69.46
C GLY H 492 -21.39 -5.90 70.67
N GLN H 493 -21.09 -6.92 71.45
CA GLN H 493 -20.25 -6.76 72.63
C GLN H 493 -19.98 -8.12 73.30
N PRO H 494 -18.72 -8.35 73.87
CA PRO H 494 -18.34 -9.59 74.45
C PRO H 494 -19.23 -9.86 75.65
N VAL H 495 -19.79 -11.08 75.69
CA VAL H 495 -20.73 -11.58 76.76
C VAL H 495 -20.49 -13.03 77.00
N ASP H 496 -21.07 -13.60 78.06
CA ASP H 496 -21.15 -15.03 78.36
C ASP H 496 -22.17 -15.77 77.58
N MET H 497 -21.75 -16.60 76.59
CA MET H 497 -22.52 -17.37 75.68
C MET H 497 -23.33 -18.49 76.22
N TRP H 498 -22.72 -19.18 77.10
CA TRP H 498 -23.38 -20.21 77.87
C TRP H 498 -24.65 -19.75 78.53
N GLN H 499 -24.59 -18.70 79.34
CA GLN H 499 -25.74 -17.98 79.95
C GLN H 499 -26.54 -17.08 79.05
N LYS H 500 -26.67 -17.44 77.79
CA LYS H 500 -27.60 -16.79 76.83
C LYS H 500 -28.08 -17.87 75.81
N GLY H 501 -27.78 -19.20 76.16
CA GLY H 501 -28.20 -20.39 75.61
C GLY H 501 -27.41 -20.83 74.39
N VAL H 502 -26.23 -20.26 74.04
CA VAL H 502 -25.44 -20.74 72.84
C VAL H 502 -24.41 -21.78 73.26
N ILE H 503 -24.82 -23.05 73.23
CA ILE H 503 -23.93 -24.16 73.58
C ILE H 503 -24.02 -25.01 72.26
N GLU H 504 -23.00 -25.83 71.99
CA GLU H 504 -22.89 -26.53 70.83
C GLU H 504 -22.24 -27.98 71.05
N PRO H 505 -22.49 -29.04 70.13
CA PRO H 505 -21.84 -30.40 70.25
C PRO H 505 -20.28 -30.38 70.33
N ALA H 506 -19.57 -30.70 71.48
CA ALA H 506 -18.10 -30.66 71.63
C ALA H 506 -17.29 -31.53 70.58
N LEU H 507 -17.78 -32.58 69.94
CA LEU H 507 -16.96 -33.40 69.06
C LEU H 507 -17.06 -32.88 67.57
N VAL H 508 -18.27 -32.35 67.12
CA VAL H 508 -18.42 -31.84 65.79
C VAL H 508 -17.38 -30.66 65.58
N LYS H 509 -17.23 -29.65 66.47
CA LYS H 509 -16.23 -28.64 66.41
C LYS H 509 -14.79 -29.06 66.85
N MET H 510 -14.52 -30.37 66.95
CA MET H 510 -13.25 -30.97 67.17
C MET H 510 -12.80 -31.76 65.92
N ASN H 511 -13.74 -32.55 65.25
CA ASN H 511 -13.48 -33.30 64.08
C ASN H 511 -13.23 -32.31 62.88
N ALA H 512 -13.83 -31.11 62.96
CA ALA H 512 -13.61 -30.00 62.02
C ALA H 512 -12.17 -29.75 61.98
N ILE H 513 -11.53 -29.53 63.16
CA ILE H 513 -10.10 -29.30 63.34
C ILE H 513 -9.24 -30.38 62.75
N LYS H 514 -9.60 -31.70 62.98
CA LYS H 514 -8.82 -32.82 62.42
C LYS H 514 -8.87 -32.74 60.85
N ALA H 515 -10.06 -32.51 60.30
CA ALA H 515 -10.25 -32.35 58.83
C ALA H 515 -9.43 -31.24 58.31
N ALA H 516 -9.71 -30.05 58.80
CA ALA H 516 -9.16 -28.81 58.35
C ALA H 516 -7.60 -28.88 58.37
N THR H 517 -7.00 -29.33 59.47
CA THR H 517 -5.51 -29.41 59.65
C THR H 517 -4.90 -30.37 58.70
N GLU H 518 -5.56 -31.54 58.44
CA GLU H 518 -5.22 -32.54 57.49
C GLU H 518 -5.15 -32.02 56.12
N ALA H 519 -6.29 -31.49 55.71
CA ALA H 519 -6.50 -30.85 54.43
C ALA H 519 -5.59 -29.76 54.07
N ALA H 520 -5.50 -28.70 54.93
CA ALA H 520 -4.44 -27.77 54.85
C ALA H 520 -3.02 -28.38 54.68
N THR H 521 -2.58 -29.30 55.54
CA THR H 521 -1.28 -29.89 55.35
C THR H 521 -1.10 -30.78 54.12
N LEU H 522 -2.25 -31.32 53.63
CA LEU H 522 -2.34 -32.05 52.40
C LEU H 522 -2.06 -31.17 51.25
N VAL H 523 -2.56 -29.96 51.21
CA VAL H 523 -2.22 -29.01 50.16
C VAL H 523 -0.72 -28.61 50.18
N LEU H 524 -0.05 -28.40 51.36
CA LEU H 524 1.33 -28.12 51.42
C LEU H 524 2.13 -29.33 51.00
N ARG H 525 1.61 -30.54 51.19
CA ARG H 525 2.30 -31.77 50.95
C ARG H 525 2.63 -32.07 49.43
N ILE H 526 1.89 -31.53 48.53
CA ILE H 526 2.14 -31.61 47.14
C ILE H 526 3.26 -30.69 46.64
N ASP H 527 4.31 -31.39 46.09
CA ASP H 527 5.49 -30.80 45.48
C ASP H 527 5.27 -30.60 43.94
N ASP H 528 4.97 -31.63 43.11
CA ASP H 528 4.89 -31.52 41.67
C ASP H 528 3.80 -32.40 41.17
N VAL H 529 3.41 -32.31 39.89
CA VAL H 529 2.29 -33.09 39.52
C VAL H 529 2.50 -33.37 38.00
N VAL H 530 2.17 -34.64 37.63
CA VAL H 530 2.36 -35.12 36.21
C VAL H 530 1.00 -35.43 35.66
N SER H 531 0.68 -35.15 34.38
CA SER H 531 -0.68 -35.33 33.84
C SER H 531 -0.41 -36.26 32.62
N ALA H 532 -1.30 -37.27 32.43
CA ALA H 532 -1.14 -38.24 31.45
C ALA H 532 -1.18 -37.81 29.98
N GLY I 28 31.37 -35.35 18.37
CA GLY I 28 31.63 -35.00 19.81
C GLY I 28 30.45 -34.69 20.78
N LYS I 29 30.59 -33.56 21.50
CA LYS I 29 29.62 -32.98 22.44
C LYS I 29 28.12 -32.96 22.05
N GLU I 30 27.95 -32.83 20.69
CA GLU I 30 26.63 -32.73 20.03
C GLU I 30 25.50 -33.38 20.68
N ALA I 31 25.47 -34.71 20.47
CA ALA I 31 24.36 -35.40 21.02
C ALA I 31 24.64 -35.57 22.56
N VAL I 32 25.90 -35.85 22.99
CA VAL I 32 26.21 -36.15 24.38
C VAL I 32 25.65 -35.24 25.54
N ARG I 33 25.47 -33.92 25.22
CA ARG I 33 24.85 -32.86 26.08
C ARG I 33 23.39 -33.14 26.30
N ALA I 34 22.61 -33.52 25.27
CA ALA I 34 21.27 -33.95 25.31
C ALA I 34 21.09 -35.11 26.31
N ASN I 35 21.88 -36.25 26.15
CA ASN I 35 21.80 -37.40 27.08
C ASN I 35 22.00 -36.98 28.49
N ILE I 36 23.08 -36.25 28.81
CA ILE I 36 23.37 -35.63 30.06
C ILE I 36 22.18 -34.78 30.65
N ALA I 37 21.70 -33.80 29.79
CA ALA I 37 20.44 -33.10 30.05
C ALA I 37 19.21 -33.94 30.52
N ALA I 38 18.83 -34.83 29.66
CA ALA I 38 17.83 -35.84 29.84
C ALA I 38 17.99 -36.69 31.17
N VAL I 39 19.21 -37.11 31.42
CA VAL I 39 19.55 -37.69 32.69
C VAL I 39 19.33 -36.80 33.85
N LYS I 40 19.95 -35.59 33.87
CA LYS I 40 19.78 -34.57 34.87
C LYS I 40 18.29 -34.24 35.17
N ALA I 41 17.45 -34.18 34.16
CA ALA I 41 16.02 -33.97 34.25
C ALA I 41 15.31 -35.05 35.13
N VAL I 42 15.57 -36.33 34.88
CA VAL I 42 15.11 -37.48 35.69
C VAL I 42 15.53 -37.49 37.15
N GLU I 43 16.81 -37.11 37.42
CA GLU I 43 17.20 -36.91 38.78
C GLU I 43 16.35 -35.94 39.52
N GLU I 44 16.22 -34.73 38.94
CA GLU I 44 15.31 -33.65 39.35
C GLU I 44 13.79 -34.00 39.38
N ALA I 45 13.46 -35.16 38.86
CA ALA I 45 12.08 -35.54 38.81
C ALA I 45 11.71 -36.33 40.11
N LEU I 46 12.70 -36.93 40.80
CA LEU I 46 12.56 -37.67 42.04
C LEU I 46 13.22 -37.00 43.19
N LYS I 47 14.34 -36.16 43.00
CA LYS I 47 15.13 -35.47 44.04
C LYS I 47 14.47 -35.10 45.37
N SER I 48 13.36 -34.34 45.28
CA SER I 48 12.54 -33.84 46.34
C SER I 48 11.74 -34.90 47.03
N THR I 49 11.92 -36.24 46.72
CA THR I 49 11.32 -37.29 47.39
C THR I 49 12.22 -38.13 48.13
N TYR I 50 13.51 -37.90 48.11
CA TYR I 50 14.46 -38.63 48.89
C TYR I 50 14.30 -38.64 50.46
N GLY I 51 14.55 -39.82 51.05
CA GLY I 51 14.46 -39.94 52.52
C GLY I 51 13.07 -39.62 53.07
N PRO I 52 12.95 -39.59 54.45
CA PRO I 52 11.70 -39.36 55.17
C PRO I 52 11.34 -37.84 55.16
N ARG I 53 12.10 -36.95 54.54
CA ARG I 53 11.82 -35.51 54.63
C ARG I 53 11.32 -35.10 53.19
N GLY I 54 11.05 -36.00 52.24
CA GLY I 54 10.47 -35.65 50.96
C GLY I 54 9.15 -34.89 50.95
N MET I 55 8.70 -34.49 49.84
CA MET I 55 7.36 -33.91 49.64
C MET I 55 6.79 -34.65 48.39
N ASP I 56 5.51 -35.01 48.42
CA ASP I 56 4.92 -35.95 47.52
C ASP I 56 4.43 -35.43 46.19
N LYS I 57 4.44 -36.39 45.26
CA LYS I 57 4.14 -36.10 43.89
C LYS I 57 2.77 -36.60 43.47
N MET I 58 2.04 -35.85 42.58
CA MET I 58 0.74 -36.13 42.10
C MET I 58 0.73 -36.57 40.72
N LEU I 59 -0.02 -37.62 40.38
CA LEU I 59 -0.01 -38.18 39.03
C LEU I 59 -1.55 -38.20 38.74
N VAL I 60 -1.93 -37.41 37.69
CA VAL I 60 -3.25 -37.23 37.15
C VAL I 60 -3.43 -38.05 35.83
N ASP I 61 -4.26 -39.07 35.98
CA ASP I 61 -4.74 -40.03 35.11
C ASP I 61 -5.51 -39.46 33.95
N SER I 62 -5.60 -40.12 32.73
CA SER I 62 -6.41 -39.73 31.56
C SER I 62 -7.94 -39.66 31.86
N LEU I 63 -8.42 -40.35 32.90
CA LEU I 63 -9.81 -40.22 33.30
C LEU I 63 -9.88 -39.17 34.47
N GLY I 64 -8.84 -38.35 34.65
CA GLY I 64 -8.99 -37.22 35.61
C GLY I 64 -8.73 -37.59 37.00
N ASP I 65 -8.49 -38.87 37.24
CA ASP I 65 -8.25 -39.24 38.62
C ASP I 65 -6.85 -38.98 39.08
N ILE I 66 -6.72 -38.72 40.39
CA ILE I 66 -5.46 -38.26 40.93
C ILE I 66 -4.81 -39.28 41.84
N THR I 67 -3.49 -39.44 41.82
CA THR I 67 -2.75 -40.44 42.64
C THR I 67 -1.55 -39.78 43.23
N ILE I 68 -1.38 -39.62 44.50
CA ILE I 68 -0.28 -38.95 45.15
C ILE I 68 0.58 -40.00 45.65
N THR I 69 1.86 -39.95 45.37
CA THR I 69 2.90 -40.96 45.73
C THR I 69 4.20 -40.31 45.74
N ASN I 70 5.22 -41.19 46.10
CA ASN I 70 6.66 -40.93 46.16
C ASN I 70 7.43 -42.08 45.75
N ASP I 71 6.76 -43.12 45.24
CA ASP I 71 7.25 -44.47 44.77
C ASP I 71 8.05 -44.31 43.54
N GLY I 72 9.39 -44.50 43.66
CA GLY I 72 10.33 -44.36 42.61
C GLY I 72 9.98 -45.07 41.35
N ALA I 73 9.76 -46.35 41.47
CA ALA I 73 9.26 -47.25 40.45
C ALA I 73 8.05 -46.63 39.76
N THR I 74 6.90 -46.37 40.46
CA THR I 74 5.68 -45.81 39.74
C THR I 74 5.86 -44.57 38.91
N ILE I 75 6.63 -43.64 39.45
CA ILE I 75 7.03 -42.33 38.98
C ILE I 75 7.95 -42.47 37.73
N LEU I 76 8.54 -43.62 37.53
CA LEU I 76 9.42 -43.85 36.40
C LEU I 76 8.60 -44.67 35.41
N ASP I 77 7.70 -45.52 35.95
CA ASP I 77 6.81 -46.31 35.15
C ASP I 77 5.73 -45.60 34.39
N LYS I 78 4.94 -44.67 35.00
CA LYS I 78 3.92 -43.96 34.20
C LYS I 78 4.48 -42.85 33.27
N MET I 79 5.78 -42.51 33.39
CA MET I 79 6.56 -41.52 32.69
C MET I 79 6.98 -41.80 31.22
N ASP I 80 6.99 -40.74 30.44
CA ASP I 80 7.55 -40.71 29.11
C ASP I 80 8.97 -40.28 29.02
N LEU I 81 9.75 -40.86 28.12
CA LEU I 81 11.07 -40.41 27.92
C LEU I 81 11.26 -40.38 26.36
N GLN I 82 11.89 -39.35 25.87
CA GLN I 82 12.00 -39.20 24.48
C GLN I 82 13.42 -39.46 24.05
N HIS I 83 14.28 -39.65 25.06
CA HIS I 83 15.70 -39.83 24.81
C HIS I 83 16.18 -41.26 25.19
N PRO I 84 16.62 -41.93 24.27
CA PRO I 84 17.06 -43.32 24.32
C PRO I 84 18.07 -43.60 25.48
N ALA I 85 19.12 -42.75 25.57
CA ALA I 85 20.06 -42.77 26.61
C ALA I 85 19.60 -42.79 28.05
N ALA I 86 18.74 -41.81 28.32
CA ALA I 86 17.95 -41.71 29.53
C ALA I 86 17.16 -42.94 29.83
N LYS I 87 16.42 -43.42 28.80
CA LYS I 87 15.60 -44.61 28.96
C LYS I 87 16.40 -45.92 29.40
N LEU I 88 17.64 -46.10 28.87
CA LEU I 88 18.52 -47.17 29.21
C LEU I 88 19.00 -47.04 30.63
N LEU I 89 19.29 -45.79 30.99
CA LEU I 89 19.77 -45.43 32.31
C LEU I 89 18.64 -45.80 33.32
N VAL I 90 17.44 -45.24 33.20
CA VAL I 90 16.30 -45.55 34.10
C VAL I 90 15.90 -47.04 34.16
N GLN I 91 16.07 -47.83 33.11
CA GLN I 91 15.88 -49.32 33.10
C GLN I 91 16.85 -50.05 34.04
N ILE I 92 18.17 -49.63 34.11
CA ILE I 92 19.17 -50.25 34.93
C ILE I 92 18.97 -49.83 36.41
N ALA I 93 18.67 -48.50 36.62
CA ALA I 93 18.39 -47.86 37.94
C ALA I 93 17.03 -48.39 38.45
N LYS I 94 15.93 -48.33 37.76
CA LYS I 94 14.60 -48.89 38.21
C LYS I 94 14.59 -50.35 38.55
N GLY I 95 14.93 -51.18 37.52
CA GLY I 95 14.90 -52.65 37.72
C GLY I 95 15.72 -53.29 38.80
N GLN I 96 14.99 -54.05 39.61
CA GLN I 96 15.69 -54.81 40.75
C GLN I 96 15.49 -56.36 40.54
N ASP I 97 16.55 -57.14 40.73
CA ASP I 97 16.39 -58.53 40.59
C ASP I 97 15.80 -59.21 41.71
N GLU I 98 16.31 -58.87 42.90
CA GLU I 98 15.90 -59.51 44.19
C GLU I 98 14.49 -59.17 44.62
N GLU I 99 13.89 -60.05 45.49
CA GLU I 99 12.50 -59.93 45.94
C GLU I 99 12.12 -58.60 46.62
N THR I 100 13.00 -58.00 47.44
CA THR I 100 12.69 -56.77 48.07
C THR I 100 13.24 -55.62 47.38
N ALA I 101 12.44 -54.73 46.81
CA ALA I 101 13.03 -53.57 46.14
C ALA I 101 13.23 -52.32 47.09
N ASP I 102 14.52 -51.92 47.32
CA ASP I 102 14.86 -50.88 48.23
C ASP I 102 16.17 -50.37 47.74
N GLY I 103 16.43 -49.09 47.76
CA GLY I 103 17.64 -48.41 47.18
C GLY I 103 17.29 -47.84 45.84
N THR I 104 16.01 -47.88 45.41
CA THR I 104 15.73 -47.47 44.01
C THR I 104 15.85 -46.03 43.78
N LYS I 105 15.40 -45.19 44.79
CA LYS I 105 15.41 -43.78 44.74
C LYS I 105 16.86 -43.36 44.77
N THR I 106 17.70 -44.06 45.53
CA THR I 106 19.15 -43.89 45.59
C THR I 106 19.69 -44.25 44.28
N ALA I 107 19.48 -45.48 43.73
CA ALA I 107 19.93 -45.88 42.39
C ALA I 107 19.80 -44.76 41.30
N VAL I 108 18.61 -44.08 41.20
CA VAL I 108 18.44 -42.97 40.22
C VAL I 108 19.21 -41.65 40.60
N ILE I 109 18.96 -41.20 41.85
CA ILE I 109 19.65 -39.92 42.31
C ILE I 109 21.17 -40.02 42.18
N PHE I 110 21.77 -41.06 42.74
CA PHE I 110 23.23 -41.29 42.59
C PHE I 110 23.67 -41.48 41.17
N SER I 111 22.89 -42.15 40.31
CA SER I 111 23.15 -42.30 38.84
C SER I 111 23.29 -40.93 38.22
N GLY I 112 22.27 -40.07 38.30
CA GLY I 112 22.34 -38.73 37.70
C GLY I 112 23.38 -37.82 38.23
N GLU I 113 23.74 -37.91 39.58
CA GLU I 113 24.85 -37.20 40.19
C GLU I 113 26.23 -37.72 39.65
N LEU I 114 26.37 -39.01 39.39
CA LEU I 114 27.58 -39.53 38.75
C LEU I 114 27.91 -39.03 37.28
N VAL I 115 26.78 -38.96 36.51
CA VAL I 115 26.76 -38.28 35.16
C VAL I 115 27.09 -36.79 35.30
N LYS I 116 26.45 -36.01 36.23
CA LYS I 116 26.62 -34.63 36.51
C LYS I 116 28.03 -34.30 36.84
N LYS I 117 28.58 -34.91 37.90
CA LYS I 117 29.96 -34.82 38.31
C LYS I 117 30.97 -35.22 37.26
N ALA I 118 30.50 -36.07 36.31
CA ALA I 118 31.31 -36.45 35.13
C ALA I 118 31.26 -35.41 34.11
N GLU I 119 30.20 -34.64 33.97
CA GLU I 119 30.06 -33.61 32.95
C GLU I 119 31.09 -32.51 33.01
N ASP I 120 31.34 -32.14 34.25
CA ASP I 120 32.35 -31.14 34.65
C ASP I 120 33.84 -31.65 34.25
N LEU I 121 34.19 -32.94 34.21
CA LEU I 121 35.43 -33.45 33.63
C LEU I 121 35.41 -33.38 32.11
N LEU I 122 34.23 -33.68 31.41
CA LEU I 122 34.17 -33.59 29.96
C LEU I 122 34.40 -32.15 29.52
N TYR I 123 33.95 -31.18 30.28
CA TYR I 123 34.21 -29.82 30.06
C TYR I 123 35.71 -29.40 30.09
N LYS I 124 36.39 -30.07 31.08
CA LYS I 124 37.78 -29.88 31.39
C LYS I 124 38.66 -30.66 30.38
N ASP I 125 37.98 -31.24 29.38
CA ASP I 125 38.53 -32.08 28.32
C ASP I 125 39.06 -33.41 28.75
N VAL I 126 38.35 -34.19 29.60
CA VAL I 126 38.79 -35.53 29.95
C VAL I 126 38.07 -36.49 28.95
N HIS I 127 38.73 -37.51 28.43
CA HIS I 127 38.08 -38.42 27.58
C HIS I 127 37.45 -39.55 28.36
N PRO I 128 36.22 -40.16 28.00
CA PRO I 128 35.49 -41.09 28.88
C PRO I 128 36.14 -42.30 29.42
N THR I 129 37.17 -42.85 28.78
CA THR I 129 37.91 -44.06 29.17
C THR I 129 38.53 -43.85 30.49
N ILE I 130 38.99 -42.59 30.83
CA ILE I 130 39.67 -42.19 32.08
C ILE I 130 38.59 -42.12 33.18
N ILE I 131 37.46 -41.42 32.88
CA ILE I 131 36.37 -41.31 33.77
C ILE I 131 35.72 -42.64 34.22
N ILE I 132 35.73 -43.65 33.20
CA ILE I 132 35.25 -45.01 33.41
C ILE I 132 36.22 -45.69 34.47
N SER I 133 37.55 -45.68 34.20
CA SER I 133 38.58 -46.24 35.05
C SER I 133 38.70 -45.65 36.42
N GLY I 134 38.55 -44.28 36.53
CA GLY I 134 38.40 -43.54 37.77
C GLY I 134 37.32 -44.03 38.63
N TYR I 135 36.15 -44.12 37.99
CA TYR I 135 34.89 -44.67 38.57
C TYR I 135 35.07 -46.21 38.96
N LYS I 136 35.73 -47.02 38.07
CA LYS I 136 36.06 -48.41 38.35
C LYS I 136 36.89 -48.59 39.66
N LYS I 137 38.04 -47.93 39.78
CA LYS I 137 38.86 -47.90 40.90
C LYS I 137 38.19 -47.44 42.19
N ALA I 138 37.27 -46.48 42.11
CA ALA I 138 36.46 -45.99 43.18
C ALA I 138 35.36 -46.97 43.63
N GLU I 139 34.69 -47.67 42.64
CA GLU I 139 33.74 -48.72 42.84
C GLU I 139 34.34 -49.80 43.62
N GLU I 140 35.55 -50.30 43.22
CA GLU I 140 36.35 -51.29 43.95
C GLU I 140 36.45 -51.00 45.46
N VAL I 141 37.14 -49.86 45.84
CA VAL I 141 37.30 -49.39 47.16
C VAL I 141 35.92 -49.19 47.89
N ALA I 142 34.96 -48.42 47.23
CA ALA I 142 33.66 -48.15 47.68
C ALA I 142 32.86 -49.43 48.23
N LEU I 143 33.03 -50.59 47.49
CA LEU I 143 32.47 -51.83 47.76
C LEU I 143 33.07 -52.44 48.91
N GLN I 144 34.41 -52.75 48.84
CA GLN I 144 35.05 -53.42 49.96
C GLN I 144 34.89 -52.71 51.32
N THR I 145 34.79 -51.35 51.32
CA THR I 145 34.61 -50.48 52.43
C THR I 145 33.28 -50.76 53.13
N ILE I 146 32.23 -51.43 52.49
CA ILE I 146 31.00 -51.77 53.14
C ILE I 146 31.19 -53.20 53.81
N GLN I 147 31.91 -54.14 53.07
CA GLN I 147 32.20 -55.48 53.40
C GLN I 147 33.03 -55.56 54.70
N GLU I 148 34.25 -55.01 54.82
CA GLU I 148 35.20 -54.97 55.97
C GLU I 148 34.58 -53.93 57.07
N LEU I 149 33.24 -53.93 57.33
CA LEU I 149 32.62 -53.21 58.43
C LEU I 149 31.13 -53.71 58.74
N ALA I 150 30.44 -54.21 57.68
CA ALA I 150 29.09 -54.80 57.80
C ALA I 150 28.99 -55.94 58.80
N GLN I 151 27.97 -56.00 59.69
CA GLN I 151 27.90 -56.83 60.88
C GLN I 151 26.94 -57.98 60.73
N THR I 152 27.35 -59.15 61.32
CA THR I 152 26.65 -60.47 61.25
C THR I 152 25.37 -60.52 61.91
N VAL I 153 24.29 -60.73 61.17
CA VAL I 153 23.04 -61.03 61.80
C VAL I 153 22.45 -62.43 61.57
N SER I 154 22.03 -63.08 62.63
CA SER I 154 21.37 -64.36 62.58
C SER I 154 19.98 -64.24 63.17
N ILE I 155 19.27 -65.38 63.21
CA ILE I 155 17.84 -65.56 63.64
C ILE I 155 17.64 -65.17 65.13
N ASN I 156 18.75 -65.24 65.92
CA ASN I 156 18.68 -64.93 67.40
C ASN I 156 18.95 -63.44 67.64
N ASP I 157 19.43 -62.66 66.68
CA ASP I 157 19.59 -61.23 66.85
C ASP I 157 18.24 -60.41 66.68
N THR I 158 17.23 -60.68 67.49
CA THR I 158 15.89 -60.11 67.44
C THR I 158 15.85 -58.73 67.98
N ASP I 159 16.82 -58.33 68.86
CA ASP I 159 16.78 -56.95 69.18
C ASP I 159 17.32 -56.09 68.03
N LEU I 160 17.98 -56.71 67.06
CA LEU I 160 18.58 -56.15 65.81
C LEU I 160 17.65 -56.12 64.64
N LEU I 161 16.96 -57.27 64.28
CA LEU I 161 16.00 -57.30 63.21
C LEU I 161 14.84 -56.31 63.58
N ARG I 162 14.55 -56.10 64.88
CA ARG I 162 13.55 -55.14 65.33
C ARG I 162 13.81 -53.78 64.80
N LYS I 163 15.10 -53.40 64.61
CA LYS I 163 15.56 -52.08 64.27
C LYS I 163 15.39 -51.84 62.77
N ILE I 164 16.03 -52.64 61.97
CA ILE I 164 15.82 -52.78 60.54
C ILE I 164 14.36 -52.80 59.96
N ALA I 165 13.41 -53.31 60.75
CA ALA I 165 11.97 -53.23 60.51
C ALA I 165 11.40 -51.83 60.63
N MET I 166 11.77 -51.11 61.76
CA MET I 166 11.38 -49.81 62.12
C MET I 166 11.94 -48.82 61.13
N THR I 167 13.15 -48.97 60.73
CA THR I 167 13.83 -48.17 59.67
C THR I 167 13.10 -48.18 58.30
N SER I 168 12.13 -49.11 58.18
CA SER I 168 11.33 -49.29 57.02
C SER I 168 10.00 -48.71 57.35
N LEU I 169 9.33 -49.02 58.51
CA LEU I 169 8.05 -48.44 58.83
C LEU I 169 8.08 -46.99 59.32
N SER I 170 9.09 -46.58 60.02
CA SER I 170 9.40 -45.17 60.37
C SER I 170 9.48 -44.21 59.22
N SER I 171 9.66 -44.58 57.92
CA SER I 171 9.75 -43.59 56.86
C SER I 171 8.50 -43.71 55.96
N LYS I 172 7.42 -44.37 56.61
CA LYS I 172 6.15 -44.44 55.88
C LYS I 172 5.15 -43.49 56.47
N ALA I 173 4.09 -43.15 55.70
CA ALA I 173 3.00 -42.35 56.29
C ALA I 173 2.17 -43.10 57.37
N VAL I 174 2.19 -44.42 57.37
CA VAL I 174 1.44 -45.15 58.33
C VAL I 174 2.16 -45.32 59.67
N ALA I 175 2.13 -44.16 60.37
CA ALA I 175 2.83 -44.03 61.64
C ALA I 175 2.37 -44.99 62.77
N GLY I 176 1.01 -45.28 62.80
CA GLY I 176 0.29 -46.17 63.74
C GLY I 176 1.09 -47.34 64.18
N ALA I 177 1.26 -47.36 65.58
CA ALA I 177 1.82 -48.46 66.30
C ALA I 177 2.92 -49.30 65.69
N ARG I 178 4.10 -48.74 65.46
CA ARG I 178 5.19 -49.54 64.85
C ARG I 178 5.82 -50.59 65.73
N GLU I 179 5.81 -50.43 67.09
CA GLU I 179 6.12 -51.55 67.96
C GLU I 179 5.28 -52.84 67.83
N TYR I 180 3.96 -52.63 67.68
CA TYR I 180 3.00 -53.69 67.37
C TYR I 180 3.39 -54.45 66.05
N ILE I 181 3.67 -53.71 64.90
CA ILE I 181 3.95 -54.31 63.62
C ILE I 181 5.33 -54.96 63.67
N ALA I 182 6.33 -54.33 64.25
CA ALA I 182 7.68 -54.80 64.39
C ALA I 182 7.77 -56.13 65.12
N ASP I 183 7.08 -56.18 66.31
CA ASP I 183 6.97 -57.35 67.17
C ASP I 183 6.46 -58.55 66.30
N ILE I 184 5.29 -58.40 65.57
CA ILE I 184 4.72 -59.38 64.61
C ILE I 184 5.70 -59.78 63.49
N VAL I 185 6.27 -58.85 62.77
CA VAL I 185 7.29 -59.09 61.80
C VAL I 185 8.47 -59.96 62.14
N VAL I 186 9.02 -59.75 63.27
CA VAL I 186 10.12 -60.51 63.85
C VAL I 186 9.62 -61.85 64.17
N LYS I 187 8.54 -62.05 64.94
CA LYS I 187 8.06 -63.39 65.25
C LYS I 187 7.69 -64.19 64.02
N ALA I 188 7.00 -63.47 63.03
CA ALA I 188 6.55 -63.98 61.79
C ALA I 188 7.67 -64.64 60.92
N VAL I 189 8.85 -63.97 60.95
CA VAL I 189 9.99 -64.43 60.14
C VAL I 189 10.73 -65.53 60.95
N THR I 190 11.15 -65.35 62.21
CA THR I 190 11.95 -66.34 62.95
C THR I 190 11.33 -67.71 63.02
N GLN I 191 9.96 -67.72 62.99
CA GLN I 191 9.21 -68.92 62.94
C GLN I 191 9.30 -69.61 61.66
N VAL I 192 9.26 -68.83 60.54
CA VAL I 192 9.17 -69.31 59.15
C VAL I 192 10.56 -69.59 58.54
N ALA I 193 11.59 -68.99 59.00
CA ALA I 193 12.93 -69.25 58.55
C ALA I 193 13.48 -70.69 58.85
N GLU I 194 14.30 -71.28 58.05
CA GLU I 194 14.87 -72.59 58.26
C GLU I 194 16.23 -72.58 57.68
N LEU I 195 17.08 -73.57 57.93
CA LEU I 195 18.41 -73.60 57.43
C LEU I 195 18.40 -74.49 56.19
N ARG I 196 18.96 -74.07 55.05
CA ARG I 196 19.07 -74.68 53.74
C ARG I 196 20.57 -74.50 53.35
N GLY I 197 21.34 -75.61 53.12
CA GLY I 197 22.79 -75.71 52.89
C GLY I 197 23.60 -75.10 54.06
N ASP I 198 23.03 -75.28 55.31
CA ASP I 198 23.61 -74.79 56.53
C ASP I 198 23.43 -73.36 56.75
N LYS I 199 22.61 -72.65 55.97
CA LYS I 199 22.39 -71.25 56.10
C LYS I 199 20.90 -70.80 55.99
N TRP I 200 20.56 -69.63 56.70
CA TRP I 200 19.16 -69.31 56.78
C TRP I 200 18.40 -68.95 55.55
N TYR I 201 17.21 -69.47 55.45
CA TYR I 201 16.34 -69.26 54.25
C TYR I 201 14.85 -69.27 54.67
N VAL I 202 14.16 -68.48 53.95
CA VAL I 202 12.84 -68.10 54.36
C VAL I 202 11.93 -67.90 53.12
N ASP I 203 10.77 -68.62 53.13
CA ASP I 203 9.75 -68.59 52.11
C ASP I 203 8.57 -67.78 52.49
N LEU I 204 8.43 -66.59 51.89
CA LEU I 204 7.29 -65.60 52.10
C LEU I 204 5.91 -66.23 51.87
N ASP I 205 5.76 -67.22 50.95
CA ASP I 205 4.54 -68.05 50.77
C ASP I 205 4.07 -68.83 52.05
N ASN I 206 4.90 -69.11 53.06
CA ASN I 206 4.46 -69.63 54.37
C ASN I 206 3.92 -68.56 55.36
N ILE I 207 3.67 -67.30 54.88
CA ILE I 207 3.05 -66.27 55.67
C ILE I 207 1.92 -65.65 54.92
N GLN I 208 0.74 -65.69 55.49
CA GLN I 208 -0.47 -65.08 54.91
C GLN I 208 -0.83 -63.81 55.58
N ILE I 209 -1.46 -62.85 54.86
CA ILE I 209 -1.76 -61.61 55.51
C ILE I 209 -3.21 -61.20 55.28
N VAL I 210 -4.07 -61.26 56.28
CA VAL I 210 -5.49 -60.94 56.25
C VAL I 210 -5.82 -59.70 57.11
N LYS I 211 -6.76 -58.85 56.66
CA LYS I 211 -6.95 -57.47 57.23
C LYS I 211 -8.34 -57.10 57.42
N LYS I 212 -8.70 -56.46 58.58
CA LYS I 212 -10.05 -55.97 58.99
C LYS I 212 -9.86 -54.56 59.64
N ALA I 213 -9.96 -53.49 58.80
CA ALA I 213 -10.01 -52.13 59.25
C ALA I 213 -10.90 -51.85 60.45
N GLY I 214 -10.47 -50.73 61.18
CA GLY I 214 -11.19 -50.15 62.34
C GLY I 214 -10.68 -50.88 63.54
N GLY I 215 -11.27 -50.51 64.68
CA GLY I 215 -10.82 -50.97 66.04
C GLY I 215 -9.69 -50.08 66.55
N SER I 216 -8.46 -50.66 66.47
CA SER I 216 -7.30 -49.92 66.70
C SER I 216 -6.14 -50.49 65.93
N ILE I 217 -5.08 -49.75 65.76
CA ILE I 217 -3.93 -50.32 65.09
C ILE I 217 -3.21 -51.32 66.07
N ASN I 218 -3.45 -51.08 67.40
CA ASN I 218 -3.00 -51.93 68.50
C ASN I 218 -3.73 -53.29 68.49
N ASP I 219 -4.86 -53.47 67.76
CA ASP I 219 -5.47 -54.71 67.64
C ASP I 219 -4.91 -55.56 66.50
N THR I 220 -3.76 -55.22 65.86
CA THR I 220 -3.02 -56.05 64.97
C THR I 220 -2.51 -57.22 65.79
N GLN I 221 -2.58 -58.47 65.24
CA GLN I 221 -2.03 -59.55 66.04
C GLN I 221 -1.54 -60.61 65.08
N LEU I 222 -0.73 -61.59 65.64
CA LEU I 222 -0.19 -62.66 64.78
C LEU I 222 -0.95 -63.89 65.22
N VAL I 223 -1.33 -64.61 64.10
CA VAL I 223 -2.16 -65.77 64.15
C VAL I 223 -1.29 -67.00 63.79
N TYR I 224 -1.41 -68.04 64.56
CA TYR I 224 -0.62 -69.28 64.39
C TYR I 224 -1.37 -70.32 63.57
N GLY I 225 -1.88 -69.96 62.37
CA GLY I 225 -2.62 -70.85 61.53
C GLY I 225 -2.96 -70.10 60.36
N ILE I 226 -4.06 -70.42 59.63
CA ILE I 226 -4.36 -69.78 58.40
C ILE I 226 -5.82 -69.31 58.57
N VAL I 227 -6.24 -68.30 57.82
CA VAL I 227 -7.57 -67.65 57.97
C VAL I 227 -8.10 -67.67 56.55
N VAL I 228 -9.19 -68.45 56.42
CA VAL I 228 -10.00 -68.59 55.22
C VAL I 228 -11.10 -67.61 55.40
N ASP I 229 -11.15 -66.53 54.60
CA ASP I 229 -12.00 -65.38 54.98
C ASP I 229 -13.49 -65.49 54.82
N LYS I 230 -13.96 -66.69 54.52
CA LYS I 230 -15.30 -67.18 54.39
C LYS I 230 -15.89 -67.85 55.64
N GLU I 231 -17.11 -67.43 56.07
CA GLU I 231 -17.98 -67.81 57.15
C GLU I 231 -18.66 -69.19 56.84
N VAL I 232 -19.05 -69.87 57.91
CA VAL I 232 -19.78 -71.18 57.85
C VAL I 232 -21.05 -71.03 57.17
N VAL I 233 -21.54 -72.10 56.53
CA VAL I 233 -22.68 -72.04 55.71
C VAL I 233 -24.04 -72.06 56.42
N HIS I 234 -24.18 -72.75 57.55
CA HIS I 234 -25.31 -72.78 58.39
C HIS I 234 -24.78 -72.64 59.84
N PRO I 235 -25.10 -71.55 60.61
CA PRO I 235 -24.69 -71.38 62.00
C PRO I 235 -25.05 -72.48 62.94
N GLY I 236 -25.91 -73.43 62.49
CA GLY I 236 -26.25 -74.64 63.24
C GLY I 236 -25.01 -75.51 63.49
N MET I 237 -24.05 -75.54 62.53
CA MET I 237 -22.89 -76.31 62.52
C MET I 237 -21.92 -76.02 63.71
N PRO I 238 -20.90 -76.75 63.88
CA PRO I 238 -19.93 -76.51 64.97
C PRO I 238 -19.39 -75.15 65.21
N LYS I 239 -19.13 -74.93 66.53
CA LYS I 239 -18.45 -73.68 66.99
C LYS I 239 -16.96 -73.77 66.75
N ARG I 240 -16.36 -74.97 66.88
CA ARG I 240 -14.99 -75.25 66.72
C ARG I 240 -14.69 -76.74 66.91
N LEU I 241 -14.00 -77.38 65.95
CA LEU I 241 -13.83 -78.84 66.05
C LEU I 241 -12.36 -79.10 66.34
N GLU I 242 -12.10 -80.03 67.35
CA GLU I 242 -10.75 -80.46 67.69
C GLU I 242 -10.29 -81.69 66.88
N ASN I 243 -9.01 -81.65 66.40
CA ASN I 243 -8.32 -82.70 65.58
C ASN I 243 -9.22 -83.05 64.37
N ALA I 244 -9.99 -82.09 63.79
CA ALA I 244 -11.00 -82.16 62.76
C ALA I 244 -10.41 -82.33 61.36
N LYS I 245 -10.72 -83.45 60.61
CA LYS I 245 -10.00 -83.58 59.34
C LYS I 245 -10.78 -82.99 58.12
N ILE I 246 -10.30 -81.87 57.62
CA ILE I 246 -10.64 -81.10 56.46
C ILE I 246 -10.72 -81.81 55.12
N ALA I 247 -11.71 -81.41 54.32
CA ALA I 247 -11.88 -81.89 52.97
C ALA I 247 -12.00 -80.80 51.91
N LEU I 248 -10.89 -80.52 51.23
CA LEU I 248 -10.71 -79.40 50.30
C LEU I 248 -11.34 -79.76 48.96
N ILE I 249 -12.65 -79.56 48.71
CA ILE I 249 -13.31 -79.96 47.47
C ILE I 249 -13.52 -78.79 46.46
N ASP I 250 -12.75 -78.75 45.32
CA ASP I 250 -12.92 -77.76 44.28
C ASP I 250 -14.31 -77.87 43.58
N ALA I 251 -14.88 -79.01 43.42
CA ALA I 251 -16.20 -79.25 42.74
C ALA I 251 -17.39 -78.61 43.40
N SER I 252 -18.36 -78.12 42.62
CA SER I 252 -19.71 -77.55 43.03
C SER I 252 -20.56 -78.42 43.82
N LEU I 253 -21.11 -77.91 44.96
CA LEU I 253 -22.02 -78.63 45.83
C LEU I 253 -23.36 -78.03 45.81
N GLU I 254 -23.71 -77.35 44.67
CA GLU I 254 -24.95 -76.72 44.28
C GLU I 254 -25.28 -77.25 42.89
N VAL I 255 -26.56 -77.33 42.50
CA VAL I 255 -27.01 -77.73 41.19
C VAL I 255 -26.69 -76.67 40.18
N GLU I 256 -26.44 -77.08 38.88
CA GLU I 256 -26.31 -76.20 37.67
C GLU I 256 -27.52 -76.28 36.75
N LYS I 257 -28.13 -75.18 36.46
CA LYS I 257 -29.26 -75.10 35.62
C LYS I 257 -29.07 -75.84 34.27
N PRO I 258 -29.93 -76.78 33.70
CA PRO I 258 -29.80 -77.46 32.48
C PRO I 258 -30.32 -76.60 31.33
N GLU I 259 -30.88 -75.39 31.56
CA GLU I 259 -31.44 -74.44 30.65
C GLU I 259 -30.46 -73.24 30.51
N LEU I 260 -29.26 -73.32 31.12
CA LEU I 260 -28.19 -72.31 31.10
C LEU I 260 -27.59 -71.89 29.72
N ASP I 261 -27.05 -72.90 28.98
CA ASP I 261 -26.63 -72.70 27.67
C ASP I 261 -27.68 -72.37 26.64
N ALA I 262 -28.85 -72.86 26.79
CA ALA I 262 -30.05 -72.71 26.02
C ALA I 262 -31.10 -73.60 26.71
N GLU I 263 -32.38 -73.26 26.49
CA GLU I 263 -33.61 -73.81 27.06
C GLU I 263 -33.68 -75.34 26.67
N ILE I 264 -34.30 -76.05 27.53
CA ILE I 264 -34.67 -77.42 27.32
C ILE I 264 -36.10 -77.60 26.66
N ARG I 265 -36.26 -78.63 25.88
CA ARG I 265 -37.46 -78.98 25.19
C ARG I 265 -38.16 -80.22 25.87
N ILE I 266 -38.35 -80.27 27.21
CA ILE I 266 -39.11 -81.36 27.89
C ILE I 266 -40.60 -81.02 27.75
N ASN I 267 -41.42 -82.11 27.55
CA ASN I 267 -42.82 -81.84 27.35
C ASN I 267 -43.72 -82.32 28.50
N ASP I 268 -43.09 -83.03 29.50
CA ASP I 268 -43.77 -83.58 30.72
C ASP I 268 -43.27 -83.06 32.05
N PRO I 269 -44.12 -82.48 32.91
CA PRO I 269 -43.57 -82.06 34.30
C PRO I 269 -43.20 -83.23 35.16
N THR I 270 -43.71 -84.47 34.93
CA THR I 270 -43.20 -85.62 35.62
C THR I 270 -41.77 -85.94 35.34
N GLN I 271 -41.34 -85.80 34.07
CA GLN I 271 -39.93 -86.00 33.63
C GLN I 271 -39.00 -84.96 34.15
N MET I 272 -39.43 -83.70 34.25
CA MET I 272 -38.78 -82.47 34.78
C MET I 272 -38.37 -82.73 36.20
N GLN I 273 -39.34 -83.02 37.13
CA GLN I 273 -39.23 -83.37 38.56
C GLN I 273 -38.13 -84.35 38.76
N LYS I 274 -38.22 -85.60 38.29
CA LYS I 274 -37.22 -86.67 38.31
C LYS I 274 -35.92 -86.44 37.73
N PHE I 275 -35.78 -85.40 36.94
CA PHE I 275 -34.49 -84.93 36.46
C PHE I 275 -33.69 -84.03 37.43
N LEU I 276 -34.41 -82.92 37.87
CA LEU I 276 -33.90 -81.84 38.75
C LEU I 276 -33.82 -82.33 40.19
N ASP I 277 -34.58 -83.39 40.43
CA ASP I 277 -34.54 -84.10 41.80
C ASP I 277 -33.31 -84.86 41.93
N GLU I 278 -33.05 -85.73 40.92
CA GLU I 278 -31.89 -86.65 40.99
C GLU I 278 -30.58 -85.86 41.00
N GLU I 279 -30.61 -84.67 40.32
CA GLU I 279 -29.42 -83.79 40.26
C GLU I 279 -29.14 -83.27 41.69
N GLU I 280 -30.25 -83.15 42.54
CA GLU I 280 -30.15 -82.72 43.96
C GLU I 280 -29.66 -83.81 44.97
N ASN I 281 -30.14 -85.05 44.67
CA ASN I 281 -29.78 -86.39 45.31
C ASN I 281 -28.36 -86.76 44.91
N LEU I 282 -27.82 -86.15 43.87
CA LEU I 282 -26.45 -86.26 43.36
C LEU I 282 -25.50 -85.61 44.34
N ILE I 283 -25.86 -84.46 44.93
CA ILE I 283 -24.95 -83.83 45.84
C ILE I 283 -24.93 -84.54 47.19
N LYS I 284 -26.16 -85.07 47.73
CA LYS I 284 -26.19 -85.86 48.91
C LYS I 284 -25.38 -87.16 48.68
N GLU I 285 -25.28 -87.67 47.44
CA GLU I 285 -24.46 -88.85 47.10
C GLU I 285 -23.01 -88.53 47.30
N LYS I 286 -22.59 -87.42 46.66
CA LYS I 286 -21.24 -86.92 46.79
C LYS I 286 -20.84 -86.75 48.27
N VAL I 287 -21.68 -86.14 49.09
CA VAL I 287 -21.48 -85.91 50.51
C VAL I 287 -21.31 -87.24 51.26
N ASP I 288 -22.17 -88.29 51.00
CA ASP I 288 -21.84 -89.57 51.62
C ASP I 288 -20.51 -90.22 51.08
N LYS I 289 -20.23 -90.03 49.80
CA LYS I 289 -18.96 -90.57 49.31
C LYS I 289 -17.82 -89.91 49.92
N ILE I 290 -17.91 -88.68 50.40
CA ILE I 290 -16.89 -87.96 51.08
C ILE I 290 -16.86 -88.31 52.52
N LEU I 291 -18.00 -88.51 53.20
CA LEU I 291 -18.07 -88.91 54.54
C LEU I 291 -17.61 -90.32 54.80
N ALA I 292 -17.42 -91.15 53.79
CA ALA I 292 -16.81 -92.47 53.88
C ALA I 292 -15.40 -92.44 54.39
N THR I 293 -14.76 -91.25 54.35
CA THR I 293 -13.39 -90.98 54.69
C THR I 293 -13.26 -90.48 56.07
N GLY I 294 -14.35 -90.06 56.65
CA GLY I 294 -14.21 -89.59 58.02
C GLY I 294 -14.09 -88.05 58.08
N ALA I 295 -14.56 -87.33 57.04
CA ALA I 295 -14.40 -85.91 56.90
C ALA I 295 -15.14 -85.20 57.97
N ASN I 296 -14.52 -84.42 58.89
CA ASN I 296 -15.14 -83.71 59.98
C ASN I 296 -15.47 -82.32 59.65
N VAL I 297 -14.73 -81.75 58.74
CA VAL I 297 -14.97 -80.31 58.27
C VAL I 297 -14.78 -80.33 56.84
N ILE I 298 -15.50 -79.45 56.07
CA ILE I 298 -15.54 -79.47 54.62
C ILE I 298 -15.56 -78.08 54.02
N ILE I 299 -14.56 -77.75 53.16
CA ILE I 299 -14.45 -76.41 52.69
C ILE I 299 -14.50 -76.54 51.16
N CYS I 300 -15.16 -75.61 50.46
CA CYS I 300 -15.16 -75.71 49.04
C CYS I 300 -15.00 -74.38 48.32
N GLN I 301 -14.99 -74.46 46.98
CA GLN I 301 -14.73 -73.29 46.14
C GLN I 301 -16.01 -72.57 45.62
N LYS I 302 -17.22 -73.21 45.61
CA LYS I 302 -18.51 -72.53 45.32
C LYS I 302 -19.51 -72.71 46.50
N GLY I 303 -20.84 -72.75 46.18
CA GLY I 303 -22.07 -72.97 46.92
C GLY I 303 -22.35 -74.39 47.38
N ILE I 304 -23.08 -74.50 48.53
CA ILE I 304 -23.51 -75.76 49.04
C ILE I 304 -25.06 -75.76 49.03
N ASP I 305 -25.72 -76.71 48.29
CA ASP I 305 -27.14 -76.75 48.13
C ASP I 305 -27.92 -76.86 49.47
N GLU I 306 -29.23 -76.48 49.44
CA GLU I 306 -29.94 -76.43 50.67
C GLU I 306 -30.34 -77.76 51.35
N VAL I 307 -30.49 -78.84 50.62
CA VAL I 307 -30.52 -80.20 51.15
C VAL I 307 -29.15 -80.81 51.53
N ALA I 308 -28.07 -80.48 50.86
CA ALA I 308 -26.74 -80.93 51.16
C ALA I 308 -26.16 -80.19 52.36
N GLN I 309 -26.75 -79.05 52.71
CA GLN I 309 -26.43 -78.39 53.97
C GLN I 309 -27.13 -79.04 55.15
N SER I 310 -28.45 -79.38 55.10
CA SER I 310 -29.05 -80.18 56.16
C SER I 310 -28.44 -81.57 56.37
N TYR I 311 -27.91 -82.17 55.28
CA TYR I 311 -27.25 -83.48 55.39
C TYR I 311 -25.86 -83.29 56.14
N LEU I 312 -25.01 -82.31 55.77
CA LEU I 312 -23.75 -82.21 56.56
C LEU I 312 -24.00 -81.71 58.00
N ALA I 313 -25.03 -80.85 58.21
CA ALA I 313 -25.34 -80.42 59.58
C ALA I 313 -25.85 -81.61 60.43
N LYS I 314 -26.71 -82.58 59.98
CA LYS I 314 -27.33 -83.59 60.84
C LYS I 314 -26.28 -84.65 61.27
N LYS I 315 -25.24 -84.81 60.43
CA LYS I 315 -24.19 -85.78 60.59
C LYS I 315 -23.19 -85.27 61.56
N GLY I 316 -23.20 -83.93 61.77
CA GLY I 316 -22.32 -83.20 62.66
C GLY I 316 -21.15 -82.56 61.99
N VAL I 317 -21.23 -82.34 60.71
CA VAL I 317 -20.14 -81.72 59.93
C VAL I 317 -20.26 -80.18 59.85
N LEU I 318 -19.06 -79.55 59.70
CA LEU I 318 -18.88 -78.15 59.63
C LEU I 318 -18.51 -77.74 58.27
N ALA I 319 -19.37 -76.96 57.58
CA ALA I 319 -19.01 -76.64 56.20
C ALA I 319 -18.93 -75.16 55.94
N VAL I 320 -18.05 -74.80 55.00
CA VAL I 320 -17.69 -73.43 54.58
C VAL I 320 -17.90 -73.43 53.08
N ARG I 321 -18.52 -72.35 52.48
CA ARG I 321 -18.80 -72.13 51.05
C ARG I 321 -17.97 -70.96 50.50
N ARG I 322 -17.65 -71.08 49.24
CA ARG I 322 -16.96 -70.15 48.43
C ARG I 322 -15.56 -69.71 48.73
N ALA I 323 -14.63 -70.57 49.14
CA ALA I 323 -13.31 -70.11 49.47
C ALA I 323 -12.48 -69.84 48.24
N LYS I 324 -11.50 -68.91 48.25
CA LYS I 324 -10.65 -68.31 47.17
C LYS I 324 -9.67 -69.45 46.83
N LYS I 325 -9.41 -69.77 45.60
CA LYS I 325 -8.49 -70.80 45.15
C LYS I 325 -7.12 -70.63 45.74
N SER I 326 -6.70 -69.36 45.98
CA SER I 326 -5.46 -69.09 46.77
C SER I 326 -5.41 -69.76 48.08
N ASP I 327 -6.58 -69.85 48.80
CA ASP I 327 -6.55 -70.23 50.27
C ASP I 327 -6.81 -71.59 50.60
N LEU I 328 -7.55 -72.24 49.65
CA LEU I 328 -7.70 -73.67 49.61
C LEU I 328 -6.33 -74.36 49.34
N GLU I 329 -5.54 -73.80 48.38
CA GLU I 329 -4.17 -74.06 48.10
C GLU I 329 -3.30 -73.77 49.34
N LYS I 330 -3.43 -72.48 49.97
CA LYS I 330 -2.57 -72.00 51.18
C LYS I 330 -2.69 -72.85 52.40
N LEU I 331 -3.85 -73.56 52.52
CA LEU I 331 -4.30 -74.43 53.64
C LEU I 331 -3.97 -75.89 53.44
N ALA I 332 -3.77 -76.26 52.21
CA ALA I 332 -3.35 -77.61 51.78
C ALA I 332 -2.00 -77.91 52.27
N ARG I 333 -1.04 -77.21 51.75
CA ARG I 333 0.35 -77.40 52.10
C ARG I 333 0.61 -76.79 53.51
N ALA I 334 -0.43 -76.27 54.23
CA ALA I 334 -0.44 -75.98 55.61
C ALA I 334 -1.03 -77.14 56.45
N THR I 335 -1.92 -78.00 55.98
CA THR I 335 -2.47 -79.04 56.76
C THR I 335 -2.25 -80.37 56.31
N GLY I 336 -1.50 -80.60 55.18
CA GLY I 336 -1.16 -81.84 54.57
C GLY I 336 -2.20 -82.35 53.70
N GLY I 337 -3.02 -81.44 53.03
CA GLY I 337 -4.15 -81.91 52.30
C GLY I 337 -3.94 -82.10 50.85
N ARG I 338 -5.04 -82.10 50.05
CA ARG I 338 -5.02 -81.98 48.58
C ARG I 338 -6.31 -81.31 48.16
N VAL I 339 -6.34 -80.36 47.17
CA VAL I 339 -7.52 -79.83 46.67
C VAL I 339 -8.16 -80.74 45.58
N VAL I 340 -9.23 -81.40 46.04
CA VAL I 340 -9.93 -82.53 45.37
C VAL I 340 -10.94 -82.05 44.40
N SER I 341 -10.68 -82.38 43.18
CA SER I 341 -11.62 -82.05 42.05
C SER I 341 -12.60 -83.25 41.90
N ASN I 342 -12.13 -84.51 41.90
CA ASN I 342 -12.90 -85.72 41.71
C ASN I 342 -13.23 -86.31 43.02
N ILE I 343 -14.51 -86.30 43.49
CA ILE I 343 -15.04 -86.86 44.73
C ILE I 343 -14.76 -88.34 44.88
N ASP I 344 -14.73 -89.06 43.73
CA ASP I 344 -14.36 -90.48 43.70
C ASP I 344 -12.88 -90.76 43.80
N GLU I 345 -12.03 -89.74 44.13
CA GLU I 345 -10.62 -89.94 44.24
C GLU I 345 -10.01 -89.48 45.54
N ILE I 346 -10.79 -88.87 46.44
CA ILE I 346 -10.52 -88.45 47.84
C ILE I 346 -10.02 -89.60 48.67
N SER I 347 -9.12 -89.34 49.64
CA SER I 347 -8.49 -90.24 50.55
C SER I 347 -8.13 -89.73 51.91
N GLU I 348 -7.84 -90.62 52.91
CA GLU I 348 -7.47 -90.32 54.33
C GLU I 348 -6.18 -89.33 54.27
N GLN I 349 -5.16 -89.56 53.40
CA GLN I 349 -4.06 -88.62 53.17
C GLN I 349 -4.35 -87.26 52.63
N ASP I 350 -5.42 -87.13 51.75
CA ASP I 350 -5.90 -85.89 51.18
C ASP I 350 -6.71 -84.99 52.09
N LEU I 351 -7.10 -85.49 53.25
CA LEU I 351 -7.74 -84.75 54.28
C LEU I 351 -6.79 -83.86 55.07
N GLY I 352 -7.11 -82.56 55.14
CA GLY I 352 -6.25 -81.71 55.93
C GLY I 352 -6.45 -81.92 57.41
N TYR I 353 -5.40 -81.84 58.26
CA TYR I 353 -5.53 -81.93 59.61
C TYR I 353 -5.21 -80.61 60.31
N ALA I 354 -5.88 -80.27 61.42
CA ALA I 354 -5.49 -79.09 62.23
C ALA I 354 -6.05 -79.40 63.58
N SER I 355 -5.29 -78.98 64.62
CA SER I 355 -5.54 -79.18 66.06
C SER I 355 -6.88 -78.57 66.49
N LEU I 356 -7.15 -77.37 65.94
CA LEU I 356 -8.41 -76.75 66.19
C LEU I 356 -8.77 -75.71 65.08
N ILE I 357 -9.97 -75.86 64.52
CA ILE I 357 -10.56 -74.90 63.53
C ILE I 357 -11.76 -74.27 64.20
N GLU I 358 -11.95 -73.00 63.99
CA GLU I 358 -13.10 -72.32 64.49
C GLU I 358 -13.53 -71.24 63.58
N GLU I 359 -14.70 -70.56 63.94
CA GLU I 359 -15.14 -69.44 63.17
C GLU I 359 -15.08 -68.18 64.06
N ARG I 360 -14.55 -67.03 63.75
CA ARG I 360 -14.28 -65.96 64.73
C ARG I 360 -14.62 -64.62 64.08
N LYS I 361 -15.41 -63.76 64.76
CA LYS I 361 -15.71 -62.52 64.23
C LYS I 361 -14.58 -61.49 64.53
N VAL I 362 -14.17 -60.75 63.46
CA VAL I 362 -12.99 -59.85 63.44
C VAL I 362 -13.45 -58.68 62.61
N GLY I 363 -13.72 -57.57 63.31
CA GLY I 363 -14.40 -56.43 62.73
C GLY I 363 -15.80 -56.69 62.51
N GLU I 364 -16.26 -56.40 61.25
CA GLU I 364 -17.66 -56.48 60.87
C GLU I 364 -17.87 -57.71 60.07
N ASP I 365 -16.85 -58.51 59.69
CA ASP I 365 -17.14 -59.77 59.01
C ASP I 365 -16.70 -60.98 59.88
N LYS I 366 -17.12 -62.22 59.50
CA LYS I 366 -16.76 -63.45 60.23
C LYS I 366 -16.03 -64.26 59.14
N MET I 367 -14.94 -64.89 59.77
CA MET I 367 -13.89 -65.62 59.05
C MET I 367 -13.53 -66.84 59.79
N VAL I 368 -13.09 -67.95 59.12
CA VAL I 368 -12.79 -69.25 59.66
C VAL I 368 -11.37 -69.30 59.84
N PHE I 369 -10.90 -69.82 60.98
CA PHE I 369 -9.47 -69.80 61.35
C PHE I 369 -9.14 -71.31 61.43
N VAL I 370 -7.88 -71.68 61.17
CA VAL I 370 -7.50 -73.07 61.19
C VAL I 370 -6.23 -73.07 62.01
N GLU I 371 -6.36 -72.66 63.29
CA GLU I 371 -5.26 -72.48 64.17
C GLU I 371 -4.67 -73.74 64.55
N GLY I 372 -3.32 -73.80 64.89
CA GLY I 372 -2.64 -75.03 65.31
C GLY I 372 -2.69 -76.11 64.24
N ALA I 373 -2.19 -75.77 63.00
CA ALA I 373 -2.08 -76.61 61.82
C ALA I 373 -0.91 -77.62 61.89
N LYS I 374 -0.98 -78.67 60.99
CA LYS I 374 0.05 -79.66 60.81
C LYS I 374 1.42 -79.17 60.47
N ASN I 375 1.54 -78.21 59.52
CA ASN I 375 2.74 -77.63 59.10
C ASN I 375 3.04 -76.48 60.03
N PRO I 376 4.16 -76.51 60.79
CA PRO I 376 4.46 -75.43 61.76
C PRO I 376 4.95 -74.14 61.09
N LYS I 377 5.37 -74.15 59.84
CA LYS I 377 5.89 -72.92 59.27
C LYS I 377 4.81 -71.99 58.83
N SER I 378 3.65 -72.47 58.38
CA SER I 378 2.64 -71.67 57.75
C SER I 378 1.79 -70.93 58.78
N ILE I 379 1.90 -69.59 58.76
CA ILE I 379 1.31 -68.70 59.80
C ILE I 379 0.56 -67.61 59.08
N SER I 380 -0.21 -66.80 59.73
CA SER I 380 -0.88 -65.68 59.22
C SER I 380 -0.79 -64.40 60.12
N ILE I 381 -0.97 -63.26 59.54
CA ILE I 381 -0.90 -62.04 60.30
C ILE I 381 -2.24 -61.41 60.08
N LEU I 382 -2.87 -60.77 61.15
CA LEU I 382 -4.11 -60.09 61.04
C LEU I 382 -3.99 -58.60 61.30
N ILE I 383 -4.23 -57.80 60.20
CA ILE I 383 -4.05 -56.38 60.17
C ILE I 383 -5.36 -55.71 60.56
N ARG I 384 -5.28 -54.64 61.33
CA ARG I 384 -6.44 -53.96 61.85
C ARG I 384 -6.07 -52.46 62.02
N GLY I 385 -7.12 -51.66 62.45
CA GLY I 385 -7.01 -50.29 62.55
C GLY I 385 -7.12 -49.61 61.28
N GLY I 386 -7.08 -48.27 61.37
CA GLY I 386 -7.28 -47.27 60.29
C GLY I 386 -8.62 -47.34 59.53
N LEU I 387 -8.65 -46.62 58.39
CA LEU I 387 -9.76 -46.45 57.45
C LEU I 387 -9.47 -47.09 56.10
N GLU I 388 -10.51 -47.23 55.22
CA GLU I 388 -10.53 -48.10 54.05
C GLU I 388 -9.37 -47.88 53.12
N ARG I 389 -8.65 -46.70 53.15
CA ARG I 389 -7.49 -46.44 52.20
C ARG I 389 -6.22 -46.53 52.95
N LEU I 390 -6.22 -46.13 54.21
CA LEU I 390 -5.06 -46.27 55.15
C LEU I 390 -4.60 -47.73 55.46
N VAL I 391 -5.62 -48.64 55.53
CA VAL I 391 -5.49 -50.11 55.67
C VAL I 391 -4.77 -50.80 54.55
N ASP I 392 -5.11 -50.34 53.34
CA ASP I 392 -4.50 -50.71 52.17
C ASP I 392 -3.01 -50.42 52.09
N GLU I 393 -2.63 -49.14 52.50
CA GLU I 393 -1.22 -48.75 52.64
C GLU I 393 -0.47 -49.22 53.90
N THR I 394 -1.12 -49.59 54.91
CA THR I 394 -0.47 -50.25 56.07
C THR I 394 -0.17 -51.65 55.71
N GLU I 395 -1.01 -52.40 54.85
CA GLU I 395 -0.68 -53.79 54.47
C GLU I 395 0.55 -53.69 53.53
N ARG I 396 0.65 -52.69 52.66
CA ARG I 396 1.85 -52.54 51.87
C ARG I 396 3.04 -52.27 52.76
N ALA I 397 3.14 -51.22 53.66
CA ALA I 397 4.24 -51.03 54.60
C ALA I 397 4.64 -52.25 55.44
N LEU I 398 3.58 -53.01 55.92
CA LEU I 398 3.79 -54.23 56.67
C LEU I 398 4.35 -55.37 55.91
N ARG I 399 3.96 -55.58 54.66
CA ARG I 399 4.46 -56.54 53.72
C ARG I 399 5.93 -56.32 53.38
N ASP I 400 6.27 -55.12 53.04
CA ASP I 400 7.53 -54.60 52.72
C ASP I 400 8.53 -54.68 53.92
N ALA I 401 8.04 -54.28 55.09
CA ALA I 401 8.69 -54.39 56.44
C ALA I 401 9.08 -55.84 56.82
N LEU I 402 8.15 -56.79 56.57
CA LEU I 402 8.35 -58.22 56.65
C LEU I 402 9.37 -58.68 55.57
N GLY I 403 9.04 -58.33 54.34
CA GLY I 403 9.91 -58.57 53.13
C GLY I 403 11.43 -58.22 53.38
N THR I 404 11.73 -56.95 53.81
CA THR I 404 13.10 -56.46 54.16
C THR I 404 13.70 -57.30 55.24
N VAL I 405 12.92 -57.62 56.32
CA VAL I 405 13.43 -58.42 57.38
C VAL I 405 13.87 -59.85 56.90
N ALA I 406 13.09 -60.45 55.98
CA ALA I 406 13.35 -61.74 55.37
C ALA I 406 14.67 -61.66 54.50
N ASP I 407 14.98 -60.56 53.76
CA ASP I 407 16.16 -60.35 53.01
C ASP I 407 17.40 -60.13 53.91
N VAL I 408 17.27 -59.52 55.05
CA VAL I 408 18.38 -59.44 56.04
C VAL I 408 18.83 -60.85 56.48
N ILE I 409 17.80 -61.72 56.72
CA ILE I 409 18.06 -63.12 57.14
C ILE I 409 18.72 -63.94 56.09
N LYS I 410 18.22 -63.87 54.80
CA LYS I 410 18.63 -64.58 53.60
C LYS I 410 20.11 -64.30 53.32
N ASP I 411 20.64 -63.08 53.71
CA ASP I 411 22.03 -62.58 53.39
C ASP I 411 22.79 -62.84 54.70
N GLY I 412 22.49 -61.95 55.72
CA GLY I 412 23.05 -61.88 57.05
C GLY I 412 23.96 -60.77 57.44
N ARG I 413 23.98 -59.71 56.69
CA ARG I 413 24.86 -58.50 56.91
C ARG I 413 23.86 -57.31 57.03
N ALA I 414 24.17 -56.47 58.02
CA ALA I 414 23.42 -55.27 58.28
C ALA I 414 24.30 -54.12 58.87
N ILE I 415 24.18 -52.87 58.35
CA ILE I 415 25.00 -51.74 58.59
C ILE I 415 24.17 -50.64 59.32
N ALA I 416 24.86 -49.59 59.87
CA ALA I 416 24.16 -48.40 60.32
C ALA I 416 23.79 -47.45 59.10
N GLY I 417 22.48 -47.01 58.99
CA GLY I 417 22.03 -46.09 58.03
C GLY I 417 22.52 -44.69 58.32
N GLY I 418 21.74 -43.76 57.68
CA GLY I 418 21.76 -42.32 57.98
C GLY I 418 22.95 -41.64 57.36
N GLY I 419 23.39 -42.13 56.20
CA GLY I 419 24.49 -41.62 55.42
C GLY I 419 25.83 -42.06 55.87
N ALA I 420 25.84 -42.91 56.91
CA ALA I 420 27.05 -43.38 57.51
C ALA I 420 28.16 -44.05 56.61
N VAL I 421 27.87 -45.19 55.93
CA VAL I 421 28.77 -45.95 55.06
C VAL I 421 29.18 -45.18 53.89
N GLU I 422 28.32 -44.23 53.44
CA GLU I 422 28.52 -43.22 52.42
C GLU I 422 29.59 -42.29 52.90
N ILE I 423 29.44 -41.49 53.95
CA ILE I 423 30.52 -40.61 54.35
C ILE I 423 31.92 -41.25 54.52
N GLU I 424 32.02 -42.51 54.98
CA GLU I 424 33.19 -43.40 55.14
C GLU I 424 33.81 -43.79 53.80
N ILE I 425 33.00 -44.30 52.82
CA ILE I 425 33.39 -44.48 51.43
C ILE I 425 33.85 -43.18 50.80
N ALA I 426 33.35 -42.02 51.36
CA ALA I 426 33.74 -40.69 50.90
C ALA I 426 35.17 -40.38 51.41
N LYS I 427 35.38 -40.12 52.68
CA LYS I 427 36.66 -39.83 53.36
C LYS I 427 37.88 -40.68 52.91
N LYS I 428 37.72 -41.97 53.04
CA LYS I 428 38.68 -43.00 52.59
C LYS I 428 39.09 -43.00 51.10
N LEU I 429 38.14 -42.66 50.22
CA LEU I 429 38.34 -42.51 48.80
C LEU I 429 39.11 -41.23 48.54
N ARG I 430 38.74 -40.13 49.19
CA ARG I 430 39.40 -38.88 49.07
C ARG I 430 40.90 -38.77 49.49
N LYS I 431 41.27 -39.36 50.66
CA LYS I 431 42.64 -39.52 51.11
C LYS I 431 43.45 -40.55 50.16
N TYR I 432 42.71 -41.52 49.47
CA TYR I 432 43.19 -42.43 48.53
C TYR I 432 43.65 -41.89 47.26
N ALA I 433 42.74 -41.20 46.60
CA ALA I 433 42.79 -40.46 45.32
C ALA I 433 44.17 -39.91 44.92
N PRO I 434 44.98 -39.00 45.59
CA PRO I 434 46.40 -38.61 45.20
C PRO I 434 47.22 -39.66 44.61
N GLN I 435 47.18 -40.88 45.19
CA GLN I 435 48.13 -41.95 44.91
C GLN I 435 47.66 -42.77 43.69
N VAL I 436 46.35 -42.78 43.32
CA VAL I 436 45.85 -43.50 42.15
C VAL I 436 46.47 -43.16 40.80
N GLY I 437 46.89 -41.85 40.55
CA GLY I 437 47.39 -41.42 39.23
C GLY I 437 47.04 -40.02 39.02
N GLY I 438 47.32 -39.57 37.76
CA GLY I 438 47.15 -38.21 37.22
C GLY I 438 45.74 -37.71 37.15
N LYS I 439 45.12 -37.96 36.03
CA LYS I 439 43.82 -37.49 35.73
C LYS I 439 42.77 -38.14 36.58
N GLU I 440 42.91 -39.48 36.69
CA GLU I 440 42.04 -40.33 37.45
C GLU I 440 41.71 -39.90 38.88
N GLN I 441 42.70 -39.21 39.48
CA GLN I 441 42.62 -38.66 40.84
C GLN I 441 41.41 -37.83 41.00
N LEU I 442 41.27 -36.91 40.04
CA LEU I 442 40.15 -36.00 39.87
C LEU I 442 38.82 -36.71 39.74
N ALA I 443 38.84 -37.89 38.95
CA ALA I 443 37.75 -38.82 38.73
C ALA I 443 37.20 -39.50 40.02
N VAL I 444 38.15 -39.98 40.84
CA VAL I 444 37.94 -40.53 42.14
C VAL I 444 37.36 -39.50 43.10
N GLU I 445 37.93 -38.27 43.16
CA GLU I 445 37.45 -37.08 43.86
C GLU I 445 36.05 -36.71 43.43
N ALA I 446 35.73 -36.83 42.12
CA ALA I 446 34.40 -36.54 41.55
C ALA I 446 33.36 -37.57 42.09
N TYR I 447 33.62 -38.85 41.85
CA TYR I 447 32.89 -39.96 42.48
C TYR I 447 32.62 -39.76 44.04
N ALA I 448 33.62 -39.24 44.73
CA ALA I 448 33.47 -38.93 46.10
C ALA I 448 32.52 -37.75 46.33
N ASN I 449 32.71 -36.62 45.61
CA ASN I 449 31.91 -35.40 45.60
C ASN I 449 30.41 -35.77 45.22
N ALA I 450 30.19 -36.68 44.20
CA ALA I 450 28.93 -37.15 43.82
C ALA I 450 28.14 -37.87 44.98
N LEU I 451 28.91 -38.67 45.70
CA LEU I 451 28.49 -39.39 46.91
C LEU I 451 28.20 -38.50 48.11
N GLU I 452 29.00 -37.36 48.29
CA GLU I 452 28.82 -36.43 49.33
C GLU I 452 27.59 -35.59 49.14
N SER I 453 27.37 -35.34 47.83
CA SER I 453 26.16 -34.75 47.30
C SER I 453 24.87 -35.46 47.62
N LEU I 454 24.93 -36.83 47.60
CA LEU I 454 23.86 -37.77 48.07
C LEU I 454 23.60 -37.49 49.54
N VAL I 455 24.66 -37.47 50.44
CA VAL I 455 24.27 -37.14 51.85
C VAL I 455 23.84 -35.61 52.03
N SER I 456 24.35 -34.75 51.18
CA SER I 456 23.95 -33.36 51.16
C SER I 456 22.52 -33.08 50.81
N ILE I 457 21.95 -33.67 49.75
CA ILE I 457 20.50 -33.74 49.37
C ILE I 457 19.62 -34.23 50.56
N LEU I 458 20.07 -35.28 51.24
CA LEU I 458 19.41 -35.77 52.41
C LEU I 458 19.33 -34.67 53.59
N ILE I 459 20.42 -34.03 53.93
CA ILE I 459 20.45 -32.88 54.92
C ILE I 459 19.55 -31.69 54.39
N GLU I 460 19.83 -31.29 53.14
CA GLU I 460 19.02 -30.28 52.39
C GLU I 460 17.52 -30.41 52.57
N ASN I 461 16.94 -31.53 52.16
CA ASN I 461 15.57 -31.83 52.21
C ASN I 461 15.01 -31.76 53.72
N ALA I 462 15.85 -31.72 54.76
CA ALA I 462 15.41 -31.48 56.09
C ALA I 462 15.34 -30.04 56.48
N GLY I 463 16.04 -29.17 55.75
CA GLY I 463 16.10 -27.68 55.97
C GLY I 463 17.25 -27.32 56.85
N PHE I 464 18.47 -27.91 56.64
CA PHE I 464 19.68 -27.65 57.31
C PHE I 464 20.74 -27.36 56.32
N ASP I 465 21.72 -26.53 56.71
CA ASP I 465 22.80 -25.99 55.99
C ASP I 465 23.76 -27.05 55.47
N PRO I 466 23.70 -27.36 54.14
CA PRO I 466 24.52 -28.47 53.54
C PRO I 466 26.06 -28.38 53.85
N ILE I 467 26.78 -27.29 53.58
CA ILE I 467 28.24 -27.22 53.67
C ILE I 467 28.80 -27.37 55.07
N ASP I 468 28.11 -26.67 55.99
CA ASP I 468 28.17 -26.78 57.44
C ASP I 468 28.09 -28.19 57.92
N LEU I 469 26.97 -28.91 57.62
CA LEU I 469 26.71 -30.26 58.05
C LEU I 469 27.63 -31.26 57.48
N LEU I 470 28.01 -31.17 56.15
CA LEU I 470 28.97 -32.06 55.47
C LEU I 470 30.37 -31.96 56.27
N MET I 471 30.79 -30.74 56.62
CA MET I 471 31.96 -30.58 57.43
C MET I 471 31.91 -31.19 58.87
N LYS I 472 30.81 -30.93 59.61
CA LYS I 472 30.53 -31.46 60.95
C LYS I 472 30.54 -32.95 60.99
N LEU I 473 30.21 -33.55 59.87
CA LEU I 473 30.17 -34.97 59.70
C LEU I 473 31.53 -35.53 59.30
N ARG I 474 32.14 -35.03 58.20
CA ARG I 474 33.54 -35.45 57.82
C ARG I 474 34.75 -35.25 58.72
N SER I 475 34.47 -34.46 59.79
CA SER I 475 35.42 -34.21 60.88
C SER I 475 35.28 -35.18 62.02
N THR I 476 34.08 -35.48 62.48
CA THR I 476 33.73 -36.30 63.66
C THR I 476 34.03 -37.77 63.38
N HIS I 477 34.72 -38.15 62.24
CA HIS I 477 35.28 -39.48 62.06
C HIS I 477 36.67 -39.44 61.41
N GLU I 478 37.43 -38.44 61.81
CA GLU I 478 38.80 -38.37 61.37
C GLU I 478 39.58 -39.53 61.96
N ASN I 479 39.50 -39.75 63.34
CA ASN I 479 39.99 -40.97 63.94
C ASN I 479 39.05 -42.11 63.60
N GLU I 480 39.54 -43.36 63.89
CA GLU I 480 38.67 -44.55 63.71
C GLU I 480 37.80 -44.95 64.94
N ASN I 481 37.57 -44.02 65.89
CA ASN I 481 36.59 -44.31 66.99
C ASN I 481 35.13 -44.39 66.56
N ASN I 482 34.68 -43.49 65.66
CA ASN I 482 33.29 -43.58 65.23
C ASN I 482 33.31 -44.32 63.91
N LYS I 483 32.55 -45.40 63.83
CA LYS I 483 32.40 -46.25 62.64
C LYS I 483 30.96 -46.21 62.10
N TRP I 484 30.02 -45.68 62.93
CA TRP I 484 28.58 -45.63 62.67
C TRP I 484 27.95 -44.29 62.86
N TYR I 485 28.75 -43.20 62.71
CA TYR I 485 28.28 -41.84 62.96
C TYR I 485 27.53 -41.43 61.75
N GLY I 486 26.33 -40.81 61.85
CA GLY I 486 25.58 -40.28 60.72
C GLY I 486 24.91 -38.96 61.02
N ILE I 487 23.86 -38.50 60.29
CA ILE I 487 23.12 -37.26 60.53
C ILE I 487 21.67 -37.52 60.84
N ASP I 488 21.25 -37.25 62.09
CA ASP I 488 19.90 -37.30 62.54
C ASP I 488 19.05 -36.27 61.82
N LEU I 489 18.11 -36.72 60.99
CA LEU I 489 17.23 -35.81 60.29
C LEU I 489 16.03 -35.30 61.03
N TYR I 490 15.94 -35.35 62.38
CA TYR I 490 14.87 -34.77 63.22
C TYR I 490 15.55 -33.93 64.30
N ALA I 491 16.80 -34.32 64.64
CA ALA I 491 17.57 -33.62 65.66
C ALA I 491 18.43 -32.56 65.03
N GLY I 492 18.80 -32.65 63.75
CA GLY I 492 19.66 -31.71 63.02
C GLY I 492 21.08 -31.62 63.55
N GLN I 493 21.94 -32.67 63.66
CA GLN I 493 23.22 -32.63 64.27
C GLN I 493 23.87 -34.03 64.23
N PRO I 494 25.11 -34.19 64.03
CA PRO I 494 25.71 -35.52 63.97
C PRO I 494 25.63 -36.46 65.22
N VAL I 495 25.21 -37.76 64.99
CA VAL I 495 25.00 -38.69 66.12
C VAL I 495 25.34 -40.12 65.79
N ASP I 496 25.39 -41.06 66.79
CA ASP I 496 25.61 -42.52 66.52
C ASP I 496 24.31 -43.15 66.06
N MET I 497 24.13 -43.53 64.73
CA MET I 497 22.89 -44.15 64.20
C MET I 497 22.66 -45.46 64.73
N TRP I 498 23.70 -46.39 64.83
CA TRP I 498 23.55 -47.74 65.30
C TRP I 498 22.79 -47.83 66.62
N GLN I 499 23.32 -47.08 67.63
CA GLN I 499 22.75 -46.95 68.97
C GLN I 499 21.55 -46.00 68.91
N LYS I 500 20.76 -45.94 67.86
CA LYS I 500 19.61 -45.02 67.85
C LYS I 500 18.50 -45.65 67.03
N GLY I 501 18.69 -46.99 66.91
CA GLY I 501 17.79 -47.88 66.19
C GLY I 501 17.92 -47.81 64.70
N VAL I 502 18.81 -47.02 64.07
CA VAL I 502 18.78 -46.89 62.55
C VAL I 502 19.82 -47.79 61.94
N ILE I 503 19.43 -49.03 61.59
CA ILE I 503 20.22 -50.02 60.89
C ILE I 503 19.49 -50.30 59.57
N GLU I 504 20.19 -50.80 58.53
CA GLU I 504 19.63 -51.17 57.20
C GLU I 504 20.29 -52.37 56.57
N PRO I 505 19.66 -53.10 55.62
CA PRO I 505 20.26 -54.12 54.88
C PRO I 505 21.60 -53.76 54.09
N ALA I 506 22.79 -54.29 54.49
CA ALA I 506 24.09 -54.12 53.95
C ALA I 506 24.28 -54.45 52.47
N LEU I 507 23.61 -55.43 51.85
CA LEU I 507 23.85 -55.83 50.50
C LEU I 507 22.89 -54.96 49.54
N VAL I 508 21.68 -54.58 49.98
CA VAL I 508 20.77 -53.76 49.23
C VAL I 508 21.46 -52.45 48.92
N LYS I 509 22.10 -51.83 49.93
CA LYS I 509 22.75 -50.57 49.73
C LYS I 509 24.16 -50.74 49.13
N MET I 510 24.49 -51.88 48.65
CA MET I 510 25.78 -52.15 47.96
C MET I 510 25.41 -52.25 46.45
N ASN I 511 24.29 -52.94 46.17
CA ASN I 511 23.78 -53.11 44.78
C ASN I 511 23.17 -51.92 44.05
N ALA I 512 22.62 -50.91 44.73
CA ALA I 512 22.25 -49.61 44.24
C ALA I 512 23.40 -48.92 43.58
N ILE I 513 24.53 -48.90 44.32
CA ILE I 513 25.79 -48.32 43.81
C ILE I 513 26.29 -49.00 42.56
N LYS I 514 26.33 -50.38 42.53
CA LYS I 514 26.77 -51.20 41.36
C LYS I 514 25.94 -50.94 40.20
N ALA I 515 24.55 -50.91 40.38
CA ALA I 515 23.58 -50.57 39.38
C ALA I 515 23.84 -49.15 38.82
N ALA I 516 23.73 -48.19 39.66
CA ALA I 516 23.99 -46.79 39.32
C ALA I 516 25.32 -46.51 38.56
N THR I 517 26.48 -47.07 39.03
CA THR I 517 27.75 -46.87 38.42
C THR I 517 27.82 -47.46 37.04
N GLU I 518 27.15 -48.61 36.83
CA GLU I 518 26.84 -49.26 35.60
C GLU I 518 26.11 -48.35 34.53
N ALA I 519 24.90 -47.84 34.92
CA ALA I 519 24.11 -46.86 34.19
C ALA I 519 24.81 -45.56 33.86
N ALA I 520 25.31 -44.93 34.91
CA ALA I 520 26.13 -43.83 34.75
C ALA I 520 27.33 -43.86 33.73
N THR I 521 28.25 -44.91 33.87
CA THR I 521 29.39 -45.06 32.93
C THR I 521 28.96 -45.55 31.58
N LEU I 522 27.82 -46.28 31.43
CA LEU I 522 27.32 -46.71 30.13
C LEU I 522 26.87 -45.56 29.23
N VAL I 523 26.25 -44.57 29.88
CA VAL I 523 25.86 -43.28 29.32
C VAL I 523 27.03 -42.48 28.86
N LEU I 524 28.18 -42.53 29.59
CA LEU I 524 29.40 -41.91 29.17
C LEU I 524 29.99 -42.60 27.95
N ARG I 525 29.77 -43.92 27.82
CA ARG I 525 30.34 -44.59 26.66
C ARG I 525 29.72 -44.21 25.33
N ILE I 526 28.40 -43.76 25.22
CA ILE I 526 27.69 -43.46 24.03
C ILE I 526 28.22 -42.16 23.39
N ASP I 527 28.69 -42.24 22.13
CA ASP I 527 29.24 -41.15 21.33
C ASP I 527 28.19 -40.48 20.47
N ASP I 528 27.57 -41.30 19.60
CA ASP I 528 26.54 -40.86 18.69
C ASP I 528 25.45 -41.90 18.71
N VAL I 529 24.24 -41.45 18.26
CA VAL I 529 23.01 -42.13 18.07
C VAL I 529 22.40 -42.07 16.66
N VAL I 530 22.07 -43.24 16.12
CA VAL I 530 21.48 -43.45 14.79
C VAL I 530 20.04 -43.89 14.92
N SER I 531 19.10 -43.27 14.16
CA SER I 531 17.75 -43.53 14.45
C SER I 531 17.16 -43.96 13.13
N ALA I 532 16.47 -45.13 13.07
CA ALA I 532 15.97 -45.79 11.90
C ALA I 532 14.55 -45.28 11.43
N GLY J 28 3.42 20.62 -46.51
CA GLY J 28 2.05 20.69 -47.19
C GLY J 28 0.86 20.80 -46.36
N LYS J 29 -0.10 19.80 -46.44
CA LYS J 29 -1.32 19.69 -45.55
C LYS J 29 -1.14 19.90 -44.07
N GLU J 30 0.05 19.46 -43.58
CA GLU J 30 0.62 19.88 -42.33
C GLU J 30 0.33 21.29 -41.84
N ALA J 31 0.98 22.34 -42.33
CA ALA J 31 0.67 23.68 -41.90
C ALA J 31 -0.45 24.27 -42.76
N VAL J 32 -0.46 24.00 -44.09
CA VAL J 32 -1.60 24.46 -44.94
C VAL J 32 -3.06 24.29 -44.48
N ARG J 33 -3.35 23.18 -43.80
CA ARG J 33 -4.74 22.98 -43.18
C ARG J 33 -4.96 23.96 -42.07
N ALA J 34 -4.05 24.13 -41.16
CA ALA J 34 -4.03 25.18 -40.12
C ALA J 34 -4.32 26.56 -40.67
N ASN J 35 -3.52 26.98 -41.71
CA ASN J 35 -3.69 28.32 -42.32
C ASN J 35 -5.13 28.55 -42.72
N ILE J 36 -5.70 27.61 -43.48
CA ILE J 36 -7.17 27.63 -43.83
C ILE J 36 -8.07 27.78 -42.60
N ALA J 37 -7.90 26.86 -41.63
CA ALA J 37 -8.55 26.89 -40.32
C ALA J 37 -8.56 28.27 -39.73
N ALA J 38 -7.36 28.93 -39.52
CA ALA J 38 -7.19 30.30 -38.98
C ALA J 38 -8.02 31.35 -39.68
N VAL J 39 -7.90 31.33 -40.98
CA VAL J 39 -8.57 32.19 -41.95
C VAL J 39 -10.12 32.01 -41.68
N LYS J 40 -10.68 30.76 -41.75
CA LYS J 40 -12.10 30.42 -41.48
C LYS J 40 -12.60 30.97 -40.13
N ALA J 41 -11.76 30.85 -39.14
CA ALA J 41 -11.94 31.38 -37.77
C ALA J 41 -12.26 32.89 -37.83
N VAL J 42 -11.47 33.71 -38.55
CA VAL J 42 -11.63 35.15 -38.67
C VAL J 42 -12.99 35.42 -39.28
N GLU J 43 -13.40 34.64 -40.32
CA GLU J 43 -14.75 34.81 -40.86
C GLU J 43 -15.93 34.57 -39.92
N GLU J 44 -15.93 33.49 -39.19
CA GLU J 44 -16.87 33.30 -38.18
C GLU J 44 -16.96 34.32 -37.10
N ALA J 45 -16.03 35.25 -37.06
CA ALA J 45 -15.99 36.42 -36.15
C ALA J 45 -16.59 37.71 -36.69
N LEU J 46 -16.69 37.87 -38.03
CA LEU J 46 -17.13 39.12 -38.71
C LEU J 46 -18.50 38.91 -39.34
N LYS J 47 -18.86 37.63 -39.83
CA LYS J 47 -20.04 37.16 -40.49
C LYS J 47 -21.40 37.85 -40.24
N SER J 48 -21.63 37.91 -38.90
CA SER J 48 -22.81 38.51 -38.31
C SER J 48 -22.88 40.02 -38.40
N THR J 49 -21.93 40.66 -39.06
CA THR J 49 -22.02 42.12 -39.20
C THR J 49 -22.05 42.64 -40.60
N TYR J 50 -22.00 41.78 -41.62
CA TYR J 50 -22.06 42.20 -43.02
C TYR J 50 -23.50 42.62 -43.46
N GLY J 51 -23.56 43.87 -44.01
CA GLY J 51 -24.78 44.48 -44.42
C GLY J 51 -25.35 45.33 -43.30
N PRO J 52 -26.37 46.13 -43.65
CA PRO J 52 -26.93 47.15 -42.71
C PRO J 52 -27.74 46.46 -41.67
N ARG J 53 -28.11 45.18 -41.87
CA ARG J 53 -29.02 44.52 -41.02
C ARG J 53 -28.31 43.69 -39.92
N GLY J 54 -26.97 43.82 -39.81
CA GLY J 54 -26.17 43.21 -38.82
C GLY J 54 -26.25 43.56 -37.35
N MET J 55 -25.60 42.70 -36.55
CA MET J 55 -25.48 42.87 -35.15
C MET J 55 -24.22 43.47 -34.63
N ASP J 56 -24.29 44.28 -33.57
CA ASP J 56 -23.10 44.96 -33.02
C ASP J 56 -22.30 44.00 -32.21
N LYS J 57 -21.02 44.26 -32.11
CA LYS J 57 -20.01 43.52 -31.33
C LYS J 57 -19.57 44.29 -30.15
N MET J 58 -19.27 43.61 -28.99
CA MET J 58 -18.80 44.29 -27.82
C MET J 58 -17.36 43.98 -27.65
N LEU J 59 -16.55 44.98 -27.26
CA LEU J 59 -15.15 44.84 -27.15
C LEU J 59 -14.68 45.42 -25.86
N VAL J 60 -14.07 44.61 -24.99
CA VAL J 60 -13.63 45.00 -23.66
C VAL J 60 -12.15 45.12 -23.56
N ASP J 61 -11.55 46.26 -23.34
CA ASP J 61 -10.12 46.50 -23.21
C ASP J 61 -9.51 45.82 -22.01
N SER J 62 -8.19 45.52 -21.99
CA SER J 62 -7.47 44.98 -20.82
C SER J 62 -7.69 45.80 -19.49
N LEU J 63 -7.72 47.19 -19.54
CA LEU J 63 -7.95 47.98 -18.34
C LEU J 63 -9.43 48.14 -18.08
N GLY J 64 -10.29 47.33 -18.80
CA GLY J 64 -11.72 47.31 -18.59
C GLY J 64 -12.47 48.28 -19.44
N ASP J 65 -11.85 49.08 -20.30
CA ASP J 65 -12.59 50.04 -21.07
C ASP J 65 -13.42 49.43 -22.15
N ILE J 66 -14.72 49.83 -22.22
CA ILE J 66 -15.67 49.05 -23.08
C ILE J 66 -16.03 49.82 -24.33
N THR J 67 -16.08 49.09 -25.49
CA THR J 67 -16.38 49.63 -26.78
C THR J 67 -17.31 48.71 -27.61
N ILE J 68 -18.54 49.13 -27.97
CA ILE J 68 -19.40 48.35 -28.75
C ILE J 68 -19.34 49.00 -30.08
N THR J 69 -19.12 48.19 -31.18
CA THR J 69 -18.91 48.67 -32.50
C THR J 69 -19.36 47.63 -33.54
N ASN J 70 -19.26 47.94 -34.81
CA ASN J 70 -19.43 47.04 -35.92
C ASN J 70 -18.40 47.43 -37.01
N ASP J 71 -17.30 48.22 -36.56
CA ASP J 71 -16.23 48.66 -37.30
C ASP J 71 -15.24 47.44 -37.51
N GLY J 72 -15.19 46.90 -38.75
CA GLY J 72 -14.33 45.83 -39.24
C GLY J 72 -12.84 46.04 -38.85
N ALA J 73 -12.20 47.15 -39.26
CA ALA J 73 -10.94 47.56 -38.85
C ALA J 73 -10.61 47.44 -37.39
N THR J 74 -11.26 48.09 -36.45
CA THR J 74 -10.92 47.97 -35.00
C THR J 74 -10.92 46.58 -34.53
N ILE J 75 -11.96 45.69 -34.98
CA ILE J 75 -12.02 44.24 -34.72
C ILE J 75 -11.00 43.40 -35.36
N LEU J 76 -10.26 43.92 -36.37
CA LEU J 76 -9.09 43.30 -36.98
C LEU J 76 -7.78 43.78 -36.38
N ASP J 77 -7.69 45.07 -35.95
CA ASP J 77 -6.54 45.57 -35.32
C ASP J 77 -6.22 44.96 -33.95
N LYS J 78 -7.25 44.95 -33.09
CA LYS J 78 -7.10 44.37 -31.72
C LYS J 78 -7.08 42.84 -31.72
N MET J 79 -7.40 42.21 -32.85
CA MET J 79 -7.39 40.76 -33.05
C MET J 79 -5.97 40.22 -33.12
N ASP J 80 -5.41 39.58 -32.06
CA ASP J 80 -4.02 39.17 -31.99
C ASP J 80 -4.17 37.77 -32.63
N LEU J 81 -3.20 37.33 -33.51
CA LEU J 81 -3.24 36.04 -34.25
C LEU J 81 -1.94 35.42 -33.91
N GLN J 82 -1.96 34.10 -33.93
CA GLN J 82 -0.78 33.25 -33.73
C GLN J 82 -0.30 32.67 -35.08
N HIS J 83 -1.05 32.93 -36.17
CA HIS J 83 -0.75 32.33 -37.44
C HIS J 83 -0.24 33.35 -38.44
N PRO J 84 1.01 33.26 -38.95
CA PRO J 84 1.64 34.20 -39.94
C PRO J 84 0.76 34.38 -41.18
N ALA J 85 0.31 33.29 -41.79
CA ALA J 85 -0.60 33.33 -42.93
C ALA J 85 -1.83 34.20 -42.70
N ALA J 86 -2.54 34.06 -41.59
CA ALA J 86 -3.65 34.85 -41.18
C ALA J 86 -3.30 36.34 -41.11
N LYS J 87 -2.19 36.66 -40.42
CA LYS J 87 -1.68 38.01 -40.23
C LYS J 87 -1.37 38.70 -41.53
N LEU J 88 -0.91 37.86 -42.49
CA LEU J 88 -0.70 38.36 -43.85
C LEU J 88 -1.94 38.68 -44.59
N LEU J 89 -2.97 37.85 -44.49
CA LEU J 89 -4.26 37.95 -45.08
C LEU J 89 -5.05 39.12 -44.64
N VAL J 90 -5.20 39.31 -43.31
CA VAL J 90 -5.77 40.56 -42.71
C VAL J 90 -5.11 41.91 -43.09
N GLN J 91 -3.81 41.81 -43.34
CA GLN J 91 -3.01 42.89 -43.83
C GLN J 91 -3.36 43.42 -45.20
N ILE J 92 -3.69 42.45 -46.13
CA ILE J 92 -4.15 42.70 -47.50
C ILE J 92 -5.59 43.14 -47.39
N ALA J 93 -6.38 42.62 -46.53
CA ALA J 93 -7.78 42.94 -46.26
C ALA J 93 -7.95 44.35 -45.80
N LYS J 94 -7.29 44.67 -44.69
CA LYS J 94 -7.45 46.10 -44.18
C LYS J 94 -7.12 47.22 -45.20
N GLY J 95 -5.79 47.17 -45.50
CA GLY J 95 -5.14 48.22 -46.23
C GLY J 95 -5.75 48.50 -47.56
N GLN J 96 -5.94 49.79 -47.80
CA GLN J 96 -6.54 50.31 -49.03
C GLN J 96 -5.74 51.54 -49.34
N ASP J 97 -5.36 51.83 -50.61
CA ASP J 97 -4.50 52.93 -50.92
C ASP J 97 -5.25 54.17 -51.37
N GLU J 98 -6.61 54.13 -51.40
CA GLU J 98 -7.45 55.31 -51.68
C GLU J 98 -7.96 56.16 -50.50
N GLU J 99 -8.39 57.40 -50.67
CA GLU J 99 -8.92 58.18 -49.58
C GLU J 99 -10.36 57.76 -49.33
N THR J 100 -10.78 56.49 -49.48
CA THR J 100 -12.01 55.99 -49.03
C THR J 100 -11.68 54.73 -48.21
N ALA J 101 -12.51 54.45 -47.14
CA ALA J 101 -12.33 53.36 -46.25
C ALA J 101 -13.48 52.32 -46.30
N ASP J 102 -14.37 52.46 -47.26
CA ASP J 102 -15.55 51.57 -47.46
C ASP J 102 -15.12 50.25 -48.17
N GLY J 103 -15.77 49.07 -47.90
CA GLY J 103 -15.45 47.75 -48.53
C GLY J 103 -14.79 46.69 -47.66
N THR J 104 -14.37 46.99 -46.47
CA THR J 104 -13.63 46.01 -45.65
C THR J 104 -14.38 44.72 -45.15
N LYS J 105 -15.71 44.85 -44.85
CA LYS J 105 -16.51 43.72 -44.46
C LYS J 105 -16.69 42.80 -45.58
N THR J 106 -16.86 43.35 -46.77
CA THR J 106 -16.96 42.64 -48.00
C THR J 106 -15.60 42.03 -48.34
N ALA J 107 -14.56 42.81 -48.45
CA ALA J 107 -13.22 42.34 -48.66
C ALA J 107 -12.73 41.10 -47.86
N VAL J 108 -12.98 41.15 -46.53
CA VAL J 108 -12.60 40.10 -45.52
C VAL J 108 -13.48 38.81 -45.74
N ILE J 109 -14.86 39.02 -45.77
CA ILE J 109 -15.80 37.93 -46.00
C ILE J 109 -15.43 37.17 -47.28
N PHE J 110 -15.36 37.84 -48.42
CA PHE J 110 -15.04 37.34 -49.77
C PHE J 110 -13.72 36.66 -49.79
N SER J 111 -12.69 37.22 -49.14
CA SER J 111 -11.39 36.51 -49.01
C SER J 111 -11.48 35.14 -48.31
N GLY J 112 -12.01 35.18 -47.13
CA GLY J 112 -12.09 33.86 -46.40
C GLY J 112 -12.99 32.73 -47.00
N GLU J 113 -14.05 33.19 -47.71
CA GLU J 113 -14.90 32.34 -48.46
C GLU J 113 -14.18 31.79 -49.72
N LEU J 114 -13.31 32.58 -50.30
CA LEU J 114 -12.44 32.18 -51.40
C LEU J 114 -11.47 31.11 -51.02
N VAL J 115 -10.91 31.28 -49.79
CA VAL J 115 -10.09 30.20 -49.07
C VAL J 115 -10.89 28.95 -48.86
N LYS J 116 -12.14 29.07 -48.34
CA LYS J 116 -13.06 28.06 -47.98
C LYS J 116 -13.33 27.22 -49.17
N LYS J 117 -13.81 27.85 -50.25
CA LYS J 117 -14.11 27.26 -51.53
C LYS J 117 -12.85 26.59 -52.16
N ALA J 118 -11.65 27.02 -51.81
CA ALA J 118 -10.42 26.43 -52.30
C ALA J 118 -10.08 25.19 -51.57
N GLU J 119 -10.39 25.00 -50.23
CA GLU J 119 -10.27 23.86 -49.37
C GLU J 119 -11.17 22.74 -49.89
N ASP J 120 -12.37 23.06 -50.38
CA ASP J 120 -13.21 22.07 -51.08
C ASP J 120 -12.57 21.56 -52.35
N LEU J 121 -11.67 22.37 -52.93
CA LEU J 121 -11.00 21.90 -54.11
C LEU J 121 -9.91 20.94 -53.77
N LEU J 122 -9.19 21.24 -52.64
CA LEU J 122 -8.07 20.46 -52.11
C LEU J 122 -8.60 19.09 -51.72
N TYR J 123 -9.85 18.96 -51.18
CA TYR J 123 -10.56 17.75 -50.94
C TYR J 123 -10.81 16.91 -52.19
N LYS J 124 -11.18 17.59 -53.33
CA LYS J 124 -11.47 16.84 -54.53
C LYS J 124 -10.25 16.39 -55.36
N ASP J 125 -9.11 16.69 -54.73
CA ASP J 125 -7.77 16.40 -55.12
C ASP J 125 -7.43 17.11 -56.39
N VAL J 126 -7.72 18.45 -56.40
CA VAL J 126 -7.33 19.39 -57.39
C VAL J 126 -6.03 20.02 -56.91
N HIS J 127 -4.99 20.01 -57.76
CA HIS J 127 -3.63 20.55 -57.29
C HIS J 127 -3.73 22.08 -57.23
N PRO J 128 -3.02 22.70 -56.32
CA PRO J 128 -3.02 24.18 -56.11
C PRO J 128 -2.64 25.03 -57.24
N THR J 129 -1.78 24.53 -58.15
CA THR J 129 -1.37 25.24 -59.35
C THR J 129 -2.54 25.53 -60.26
N ILE J 130 -3.55 24.72 -60.35
CA ILE J 130 -4.71 24.92 -61.07
C ILE J 130 -5.56 25.90 -60.43
N ILE J 131 -5.82 25.72 -59.04
CA ILE J 131 -6.74 26.58 -58.20
C ILE J 131 -6.19 28.04 -58.24
N ILE J 132 -4.85 28.29 -58.34
CA ILE J 132 -4.38 29.61 -58.55
C ILE J 132 -4.78 30.17 -59.99
N SER J 133 -4.46 29.50 -61.06
CA SER J 133 -4.75 29.83 -62.46
C SER J 133 -6.18 29.95 -62.69
N GLY J 134 -7.08 28.99 -62.19
CA GLY J 134 -8.54 29.10 -62.28
C GLY J 134 -9.02 30.33 -61.73
N TYR J 135 -8.70 30.65 -60.44
CA TYR J 135 -9.22 31.86 -59.73
C TYR J 135 -8.73 33.06 -60.42
N LYS J 136 -7.43 33.09 -60.85
CA LYS J 136 -6.84 34.13 -61.68
C LYS J 136 -7.62 34.44 -62.91
N LYS J 137 -7.95 33.40 -63.75
CA LYS J 137 -8.78 33.55 -64.95
C LYS J 137 -10.10 34.08 -64.71
N ALA J 138 -10.71 33.67 -63.55
CA ALA J 138 -12.02 34.07 -63.12
C ALA J 138 -11.97 35.55 -62.68
N GLU J 139 -10.90 36.01 -62.01
CA GLU J 139 -10.70 37.39 -61.59
C GLU J 139 -10.76 38.28 -62.77
N GLU J 140 -9.97 37.93 -63.87
CA GLU J 140 -10.08 38.64 -65.10
C GLU J 140 -11.46 38.97 -65.56
N VAL J 141 -12.18 37.89 -65.85
CA VAL J 141 -13.63 37.97 -66.27
C VAL J 141 -14.49 38.80 -65.38
N ALA J 142 -14.49 38.50 -64.00
CA ALA J 142 -15.13 39.23 -62.95
C ALA J 142 -14.86 40.75 -62.87
N LEU J 143 -13.66 41.15 -63.18
CA LEU J 143 -13.29 42.54 -63.38
C LEU J 143 -13.89 43.15 -64.64
N GLN J 144 -13.63 42.61 -65.86
CA GLN J 144 -14.22 43.21 -67.07
C GLN J 144 -15.83 43.28 -67.03
N THR J 145 -16.41 42.33 -66.28
CA THR J 145 -17.85 42.30 -66.12
C THR J 145 -18.42 43.45 -65.35
N ILE J 146 -17.48 44.23 -64.62
CA ILE J 146 -17.78 45.48 -63.90
C ILE J 146 -17.61 46.72 -64.84
N GLN J 147 -16.56 46.68 -65.63
CA GLN J 147 -16.23 47.69 -66.56
C GLN J 147 -17.27 47.95 -67.65
N GLU J 148 -17.52 46.92 -68.45
CA GLU J 148 -18.64 46.94 -69.39
C GLU J 148 -20.02 46.80 -68.78
N LEU J 149 -20.31 47.55 -67.70
CA LEU J 149 -21.55 47.41 -67.00
C LEU J 149 -21.86 48.57 -66.17
N ALA J 150 -20.88 49.36 -65.67
CA ALA J 150 -21.10 50.58 -64.89
C ALA J 150 -21.67 51.74 -65.78
N GLN J 151 -22.33 52.74 -65.13
CA GLN J 151 -22.86 53.95 -65.74
C GLN J 151 -21.96 55.17 -65.36
N THR J 152 -21.67 56.05 -66.33
CA THR J 152 -20.87 57.27 -66.22
C THR J 152 -21.51 58.37 -65.49
N VAL J 153 -20.86 58.68 -64.37
CA VAL J 153 -21.34 59.70 -63.37
C VAL J 153 -20.86 61.08 -63.73
N SER J 154 -21.81 62.03 -63.82
CA SER J 154 -21.38 63.43 -64.10
C SER J 154 -21.77 64.29 -62.90
N ILE J 155 -21.19 65.52 -62.79
CA ILE J 155 -21.41 66.47 -61.69
C ILE J 155 -22.80 67.01 -61.74
N ASN J 156 -23.43 66.98 -62.92
CA ASN J 156 -24.74 67.45 -63.19
C ASN J 156 -25.81 66.55 -62.66
N ASP J 157 -25.55 65.25 -62.49
CA ASP J 157 -26.30 64.15 -61.92
C ASP J 157 -26.31 64.31 -60.36
N THR J 158 -26.87 65.48 -59.88
CA THR J 158 -26.89 65.82 -58.48
C THR J 158 -28.01 65.00 -57.77
N ASP J 159 -29.10 64.52 -58.41
CA ASP J 159 -30.09 63.67 -57.81
C ASP J 159 -29.49 62.22 -57.72
N LEU J 160 -28.33 61.95 -58.37
CA LEU J 160 -27.71 60.66 -58.40
C LEU J 160 -26.88 60.56 -57.22
N LEU J 161 -26.05 61.59 -57.05
CA LEU J 161 -25.17 61.77 -55.86
C LEU J 161 -25.96 61.89 -54.56
N ARG J 162 -27.17 62.42 -54.61
CA ARG J 162 -28.13 62.37 -53.48
C ARG J 162 -28.42 61.01 -52.93
N LYS J 163 -28.43 60.02 -53.91
CA LYS J 163 -28.84 58.71 -53.69
C LYS J 163 -27.59 58.07 -53.07
N ILE J 164 -26.42 58.02 -53.75
CA ILE J 164 -25.18 57.54 -53.27
C ILE J 164 -24.86 58.04 -51.86
N ALA J 165 -25.19 59.24 -51.43
CA ALA J 165 -25.15 59.75 -50.05
C ALA J 165 -26.06 59.12 -49.06
N MET J 166 -27.32 58.98 -49.33
CA MET J 166 -28.35 58.35 -48.49
C MET J 166 -28.08 56.88 -48.22
N THR J 167 -27.65 56.20 -49.37
CA THR J 167 -27.09 54.84 -49.40
C THR J 167 -25.91 54.63 -48.53
N SER J 168 -25.38 55.74 -47.92
CA SER J 168 -24.24 55.76 -47.07
C SER J 168 -24.66 56.01 -45.66
N LEU J 169 -25.46 57.09 -45.53
CA LEU J 169 -25.81 57.64 -44.24
C LEU J 169 -26.87 56.78 -43.55
N SER J 170 -27.74 56.15 -44.38
CA SER J 170 -28.78 55.24 -43.86
C SER J 170 -28.32 54.00 -42.96
N SER J 171 -27.06 53.54 -43.08
CA SER J 171 -26.48 52.37 -42.38
C SER J 171 -25.81 52.88 -41.09
N LYS J 172 -25.69 54.20 -40.89
CA LYS J 172 -25.05 54.84 -39.76
C LYS J 172 -25.94 54.90 -38.57
N ALA J 173 -25.33 55.21 -37.39
CA ALA J 173 -26.10 55.15 -36.14
C ALA J 173 -27.01 56.39 -35.88
N VAL J 174 -26.86 57.32 -36.75
CA VAL J 174 -27.59 58.53 -36.85
C VAL J 174 -28.47 58.54 -38.11
N ALA J 175 -29.73 58.86 -37.91
CA ALA J 175 -30.67 58.88 -38.95
C ALA J 175 -31.74 59.93 -38.79
N GLY J 176 -31.85 60.64 -37.60
CA GLY J 176 -32.85 61.62 -37.18
C GLY J 176 -33.28 62.61 -38.20
N ALA J 177 -32.30 63.02 -39.04
CA ALA J 177 -32.57 63.92 -40.15
C ALA J 177 -31.54 63.69 -41.18
N ARG J 178 -31.47 62.46 -41.83
CA ARG J 178 -30.38 62.08 -42.76
C ARG J 178 -30.41 62.71 -44.12
N GLU J 179 -31.65 63.04 -44.59
CA GLU J 179 -31.86 63.85 -45.82
C GLU J 179 -31.08 65.11 -45.77
N TYR J 180 -31.10 65.80 -44.60
CA TYR J 180 -30.54 67.16 -44.26
C TYR J 180 -29.00 67.12 -44.57
N ILE J 181 -28.31 66.11 -43.95
CA ILE J 181 -26.89 65.88 -44.03
C ILE J 181 -26.44 65.39 -45.43
N ALA J 182 -27.25 64.46 -45.97
CA ALA J 182 -27.13 64.02 -47.40
C ALA J 182 -27.19 65.12 -48.47
N ASP J 183 -28.24 65.98 -48.36
CA ASP J 183 -28.30 67.17 -49.23
C ASP J 183 -27.06 68.10 -49.12
N ILE J 184 -26.60 68.41 -47.89
CA ILE J 184 -25.38 69.12 -47.55
C ILE J 184 -24.15 68.52 -48.17
N VAL J 185 -23.80 67.22 -47.98
CA VAL J 185 -22.67 66.51 -48.66
C VAL J 185 -22.70 66.68 -50.12
N VAL J 186 -23.84 66.59 -50.84
CA VAL J 186 -23.78 66.88 -52.29
C VAL J 186 -23.37 68.30 -52.66
N LYS J 187 -23.99 69.27 -52.11
CA LYS J 187 -23.67 70.67 -52.27
C LYS J 187 -22.23 71.08 -51.81
N ALA J 188 -21.77 70.59 -50.65
CA ALA J 188 -20.39 70.75 -50.15
C ALA J 188 -19.33 70.18 -51.07
N VAL J 189 -19.65 69.05 -51.75
CA VAL J 189 -18.78 68.40 -52.65
C VAL J 189 -18.73 68.98 -54.01
N THR J 190 -19.83 69.12 -54.71
CA THR J 190 -19.99 69.85 -55.97
C THR J 190 -19.53 71.32 -56.03
N GLN J 191 -19.56 71.94 -54.83
CA GLN J 191 -19.00 73.24 -54.65
C GLN J 191 -17.49 73.35 -54.68
N VAL J 192 -16.63 72.37 -54.12
CA VAL J 192 -15.16 72.41 -54.00
C VAL J 192 -14.57 71.82 -55.30
N ALA J 193 -15.34 70.96 -55.96
CA ALA J 193 -14.96 70.25 -57.26
C ALA J 193 -14.40 71.22 -58.28
N GLU J 194 -13.26 70.91 -58.83
CA GLU J 194 -12.52 71.70 -59.86
C GLU J 194 -11.94 70.82 -60.88
N LEU J 195 -11.72 71.30 -62.16
CA LEU J 195 -11.10 70.55 -63.21
C LEU J 195 -9.61 70.27 -62.99
N ARG J 196 -9.19 68.99 -63.09
CA ARG J 196 -7.78 68.63 -63.25
C ARG J 196 -7.59 67.76 -64.52
N GLY J 197 -6.87 68.28 -65.60
CA GLY J 197 -6.63 67.49 -66.80
C GLY J 197 -7.92 67.27 -67.58
N ASP J 198 -8.86 68.21 -67.37
CA ASP J 198 -10.19 68.35 -67.93
C ASP J 198 -11.12 67.44 -67.32
N LYS J 199 -10.98 67.02 -66.08
CA LYS J 199 -11.85 66.16 -65.43
C LYS J 199 -11.87 66.49 -63.96
N TRP J 200 -13.04 66.56 -63.40
CA TRP J 200 -13.21 66.95 -62.01
C TRP J 200 -12.52 66.18 -60.82
N TYR J 201 -12.09 66.97 -59.86
CA TYR J 201 -11.43 66.59 -58.60
C TYR J 201 -11.82 67.49 -57.49
N VAL J 202 -11.97 66.82 -56.31
CA VAL J 202 -12.52 67.48 -55.11
C VAL J 202 -11.54 67.27 -53.95
N ASP J 203 -10.87 68.36 -53.57
CA ASP J 203 -9.90 68.41 -52.47
C ASP J 203 -10.48 68.80 -51.08
N LEU J 204 -10.50 67.79 -50.17
CA LEU J 204 -11.13 67.83 -48.82
C LEU J 204 -10.54 68.93 -47.99
N ASP J 205 -9.23 69.31 -48.17
CA ASP J 205 -8.66 70.42 -47.28
C ASP J 205 -9.43 71.71 -47.30
N ASN J 206 -10.20 71.97 -48.39
CA ASN J 206 -11.07 73.14 -48.56
C ASN J 206 -12.43 73.08 -47.82
N ILE J 207 -12.67 72.17 -46.88
CA ILE J 207 -13.84 71.97 -46.11
C ILE J 207 -13.44 71.84 -44.67
N GLN J 208 -14.05 72.70 -43.82
CA GLN J 208 -13.94 72.64 -42.39
C GLN J 208 -15.18 72.04 -41.70
N ILE J 209 -14.99 71.37 -40.56
CA ILE J 209 -16.16 70.73 -39.88
C ILE J 209 -16.19 71.13 -38.36
N VAL J 210 -17.17 71.87 -37.94
CA VAL J 210 -17.35 72.35 -36.58
C VAL J 210 -18.58 71.64 -35.90
N LYS J 211 -18.52 71.28 -34.61
CA LYS J 211 -19.56 70.45 -34.02
C LYS J 211 -19.89 70.87 -32.58
N LYS J 212 -21.20 70.85 -32.28
CA LYS J 212 -21.68 71.11 -30.97
C LYS J 212 -22.85 70.22 -30.55
N ALA J 213 -22.74 69.44 -29.43
CA ALA J 213 -23.83 68.57 -28.95
C ALA J 213 -25.16 69.25 -28.77
N GLY J 214 -26.28 68.56 -28.89
CA GLY J 214 -27.70 68.95 -28.70
C GLY J 214 -28.24 69.93 -29.76
N GLY J 215 -29.49 70.38 -29.65
CA GLY J 215 -30.11 71.26 -30.66
C GLY J 215 -30.89 70.47 -31.71
N SER J 216 -31.44 71.20 -32.64
CA SER J 216 -32.26 70.63 -33.72
C SER J 216 -31.29 70.15 -34.80
N ILE J 217 -31.47 68.88 -35.34
CA ILE J 217 -30.60 68.45 -36.49
C ILE J 217 -31.07 69.16 -37.82
N ASN J 218 -32.35 69.68 -37.88
CA ASN J 218 -32.85 70.43 -39.04
C ASN J 218 -32.20 71.78 -39.16
N ASP J 219 -31.54 72.22 -38.05
CA ASP J 219 -30.68 73.39 -37.90
C ASP J 219 -29.25 72.99 -38.34
N THR J 220 -29.02 71.86 -39.02
CA THR J 220 -27.73 71.64 -39.67
C THR J 220 -27.50 72.46 -40.92
N GLN J 221 -26.32 72.94 -41.13
CA GLN J 221 -26.13 73.84 -42.21
C GLN J 221 -24.69 73.90 -42.85
N LEU J 222 -24.67 74.48 -44.10
CA LEU J 222 -23.47 74.75 -44.80
C LEU J 222 -23.22 76.17 -44.69
N VAL J 223 -21.97 76.60 -44.39
CA VAL J 223 -21.65 78.05 -44.28
C VAL J 223 -20.77 78.35 -45.47
N TYR J 224 -21.02 79.48 -46.17
CA TYR J 224 -20.22 79.96 -47.24
C TYR J 224 -19.10 80.84 -46.77
N GLY J 225 -18.20 80.17 -45.99
CA GLY J 225 -17.06 80.90 -45.49
C GLY J 225 -16.42 80.09 -44.35
N ILE J 226 -15.37 80.59 -43.83
CA ILE J 226 -14.53 79.98 -42.83
C ILE J 226 -15.03 80.26 -41.40
N VAL J 227 -14.95 79.30 -40.47
CA VAL J 227 -15.57 79.30 -39.14
C VAL J 227 -14.62 79.00 -38.09
N VAL J 228 -14.35 79.96 -37.16
CA VAL J 228 -13.47 79.91 -35.99
C VAL J 228 -14.30 79.53 -34.73
N ASP J 229 -14.08 78.37 -34.16
CA ASP J 229 -14.69 78.04 -32.92
C ASP J 229 -14.08 78.79 -31.71
N LYS J 230 -14.20 80.13 -31.56
CA LYS J 230 -13.81 80.97 -30.52
C LYS J 230 -14.39 82.33 -30.54
N GLU J 231 -14.63 82.91 -29.31
CA GLU J 231 -15.34 84.19 -29.13
C GLU J 231 -14.52 85.42 -29.38
N VAL J 232 -15.13 86.60 -29.52
CA VAL J 232 -14.44 87.84 -29.60
C VAL J 232 -13.99 88.20 -28.18
N VAL J 233 -12.90 88.99 -28.07
CA VAL J 233 -12.36 89.36 -26.81
C VAL J 233 -13.25 90.39 -25.95
N HIS J 234 -13.94 91.33 -26.62
CA HIS J 234 -14.73 92.39 -25.88
C HIS J 234 -16.01 92.43 -26.52
N PRO J 235 -17.24 92.35 -25.82
CA PRO J 235 -18.53 92.37 -26.59
C PRO J 235 -18.81 93.67 -27.40
N GLY J 236 -18.30 94.81 -27.00
CA GLY J 236 -18.49 96.12 -27.59
C GLY J 236 -17.86 96.27 -28.95
N MET J 237 -17.11 95.33 -29.38
CA MET J 237 -16.51 95.25 -30.72
C MET J 237 -17.55 94.94 -31.71
N PRO J 238 -17.45 95.25 -33.01
CA PRO J 238 -18.59 95.08 -33.93
C PRO J 238 -19.18 93.71 -33.95
N LYS J 239 -20.49 93.62 -33.74
CA LYS J 239 -21.20 92.31 -33.85
C LYS J 239 -21.06 91.72 -35.26
N ARG J 240 -21.30 92.63 -36.19
CA ARG J 240 -21.18 92.41 -37.58
C ARG J 240 -20.40 93.49 -38.13
N LEU J 241 -19.25 93.19 -38.72
CA LEU J 241 -18.42 94.27 -39.26
C LEU J 241 -18.50 94.14 -40.81
N GLU J 242 -18.71 95.31 -41.46
CA GLU J 242 -18.73 95.31 -42.91
C GLU J 242 -17.32 95.51 -43.49
N ASN J 243 -17.02 94.68 -44.46
CA ASN J 243 -15.83 94.63 -45.26
C ASN J 243 -14.54 94.63 -44.52
N ALA J 244 -14.28 93.58 -43.75
CA ALA J 244 -13.15 93.56 -42.82
C ALA J 244 -11.77 93.16 -43.47
N LYS J 245 -10.70 94.00 -43.22
CA LYS J 245 -9.32 93.60 -43.59
C LYS J 245 -8.67 92.85 -42.48
N ILE J 246 -8.90 91.54 -42.41
CA ILE J 246 -8.34 90.58 -41.45
C ILE J 246 -6.81 90.55 -41.29
N ALA J 247 -6.40 90.42 -40.03
CA ALA J 247 -5.03 90.28 -39.58
C ALA J 247 -4.79 89.02 -38.71
N LEU J 248 -4.29 87.93 -39.40
CA LEU J 248 -3.92 86.61 -38.95
C LEU J 248 -2.56 86.81 -38.26
N ILE J 249 -2.52 87.20 -36.97
CA ILE J 249 -1.27 87.47 -36.31
C ILE J 249 -0.81 86.26 -35.46
N ASP J 250 0.21 85.57 -35.97
CA ASP J 250 0.85 84.52 -35.27
C ASP J 250 1.69 84.95 -34.00
N ALA J 251 2.32 86.16 -34.03
CA ALA J 251 3.05 86.75 -32.94
C ALA J 251 2.23 87.08 -31.64
N SER J 252 2.88 87.12 -30.42
CA SER J 252 2.31 87.44 -29.13
C SER J 252 2.14 88.97 -28.90
N LEU J 253 0.95 89.31 -28.33
CA LEU J 253 0.48 90.67 -28.05
C LEU J 253 0.12 90.70 -26.60
N GLU J 254 0.70 89.78 -25.81
CA GLU J 254 0.33 89.52 -24.47
C GLU J 254 1.67 89.37 -23.61
N VAL J 255 1.73 90.12 -22.52
CA VAL J 255 2.93 90.19 -21.68
C VAL J 255 3.22 88.91 -20.96
N GLU J 256 4.48 88.45 -20.98
CA GLU J 256 4.97 87.30 -20.35
C GLU J 256 5.95 87.80 -19.34
N LYS J 257 5.70 87.48 -18.03
CA LYS J 257 6.48 87.88 -16.82
C LYS J 257 7.98 87.53 -16.83
N PRO J 258 8.88 88.21 -16.04
CA PRO J 258 10.23 87.74 -15.91
C PRO J 258 10.40 86.27 -15.43
N GLU J 259 9.70 85.94 -14.30
CA GLU J 259 9.79 84.73 -13.48
C GLU J 259 9.34 83.40 -14.08
N LEU J 260 8.89 83.23 -15.34
CA LEU J 260 8.32 81.96 -15.81
C LEU J 260 9.32 80.76 -15.74
N ASP J 261 10.55 80.89 -16.36
CA ASP J 261 11.57 79.93 -16.26
C ASP J 261 12.18 79.84 -14.75
N ALA J 262 12.54 80.97 -14.13
CA ALA J 262 13.09 81.08 -12.79
C ALA J 262 12.94 82.39 -12.16
N GLU J 263 12.81 82.42 -10.83
CA GLU J 263 12.67 83.64 -10.03
C GLU J 263 13.50 84.82 -10.38
N ILE J 264 13.04 86.04 -10.22
CA ILE J 264 13.79 87.27 -10.58
C ILE J 264 15.03 87.55 -9.78
N ARG J 265 15.99 88.23 -10.42
CA ARG J 265 17.22 88.57 -9.77
C ARG J 265 17.18 90.06 -9.41
N ILE J 266 16.18 90.83 -9.87
CA ILE J 266 16.06 92.27 -9.73
C ILE J 266 15.93 92.57 -8.27
N ASN J 267 16.69 93.49 -7.72
CA ASN J 267 16.63 93.87 -6.32
C ASN J 267 16.07 95.24 -5.93
N ASP J 268 15.88 96.20 -6.88
CA ASP J 268 15.35 97.52 -6.65
C ASP J 268 13.94 97.50 -7.23
N PRO J 269 12.85 97.71 -6.49
CA PRO J 269 11.50 97.64 -7.02
C PRO J 269 11.19 98.74 -7.98
N THR J 270 11.94 99.83 -8.06
CA THR J 270 11.75 100.78 -9.12
C THR J 270 12.06 100.26 -10.49
N GLN J 271 13.08 99.47 -10.64
CA GLN J 271 13.60 98.83 -11.92
C GLN J 271 12.56 97.76 -12.39
N MET J 272 12.00 96.99 -11.38
CA MET J 272 10.93 95.94 -11.56
C MET J 272 9.72 96.47 -12.31
N GLN J 273 9.08 97.49 -11.68
CA GLN J 273 7.95 98.31 -12.22
C GLN J 273 8.30 98.65 -13.69
N LYS J 274 9.31 99.47 -13.89
CA LYS J 274 9.83 99.96 -15.21
C LYS J 274 10.22 98.88 -16.17
N PHE J 275 10.37 97.51 -15.79
CA PHE J 275 10.64 96.45 -16.68
C PHE J 275 9.35 96.03 -17.31
N LEU J 276 8.29 95.71 -16.59
CA LEU J 276 6.99 95.28 -17.04
C LEU J 276 6.19 96.43 -17.72
N ASP J 277 6.58 97.66 -17.40
CA ASP J 277 6.03 98.88 -17.98
C ASP J 277 6.51 98.90 -19.46
N GLU J 278 7.86 98.82 -19.69
CA GLU J 278 8.39 98.84 -21.06
C GLU J 278 7.95 97.55 -21.87
N GLU J 279 7.75 96.41 -21.22
CA GLU J 279 7.31 95.07 -21.72
C GLU J 279 5.80 95.19 -22.08
N GLU J 280 4.95 96.04 -21.43
CA GLU J 280 3.54 96.33 -21.79
C GLU J 280 3.49 97.32 -22.92
N ASN J 281 4.45 98.29 -22.94
CA ASN J 281 4.55 99.35 -23.94
C ASN J 281 5.11 98.79 -25.25
N LEU J 282 5.76 97.59 -25.20
CA LEU J 282 6.18 96.79 -26.36
C LEU J 282 4.96 96.30 -27.03
N ILE J 283 3.91 95.91 -26.24
CA ILE J 283 2.64 95.40 -26.81
C ILE J 283 1.87 96.58 -27.38
N LYS J 284 1.79 97.80 -26.77
CA LYS J 284 1.21 98.94 -27.42
C LYS J 284 2.00 99.33 -28.71
N GLU J 285 3.27 98.99 -28.78
CA GLU J 285 4.09 99.16 -29.91
C GLU J 285 3.62 98.29 -31.02
N LYS J 286 3.49 96.94 -30.72
CA LYS J 286 3.02 95.99 -31.69
C LYS J 286 1.66 96.43 -32.29
N VAL J 287 0.71 96.89 -31.42
CA VAL J 287 -0.59 97.34 -31.74
C VAL J 287 -0.54 98.45 -32.70
N ASP J 288 0.34 99.50 -32.47
CA ASP J 288 0.57 100.60 -33.36
C ASP J 288 1.24 100.29 -34.69
N LYS J 289 2.15 99.26 -34.72
CA LYS J 289 2.81 98.72 -35.95
C LYS J 289 1.86 97.93 -36.88
N ILE J 290 0.80 97.39 -36.23
CA ILE J 290 -0.11 96.57 -37.04
C ILE J 290 -1.17 97.46 -37.64
N LEU J 291 -1.75 98.38 -36.76
CA LEU J 291 -2.69 99.40 -37.26
C LEU J 291 -2.00 100.42 -38.19
N ALA J 292 -0.65 100.42 -38.38
CA ALA J 292 0.00 101.09 -39.41
C ALA J 292 -0.32 100.64 -40.89
N THR J 293 -0.91 99.43 -41.00
CA THR J 293 -1.34 98.73 -42.11
C THR J 293 -2.79 98.99 -42.34
N GLY J 294 -3.62 99.47 -41.34
CA GLY J 294 -5.02 99.63 -41.62
C GLY J 294 -5.91 98.49 -41.40
N ALA J 295 -5.59 97.35 -40.77
CA ALA J 295 -6.39 96.18 -40.41
C ALA J 295 -7.68 96.43 -39.61
N ASN J 296 -8.80 95.63 -39.80
CA ASN J 296 -10.18 95.85 -39.27
C ASN J 296 -10.55 94.63 -38.35
N VAL J 297 -9.97 93.47 -38.53
CA VAL J 297 -10.19 92.34 -37.74
C VAL J 297 -8.78 91.85 -37.51
N ILE J 298 -8.59 91.20 -36.29
CA ILE J 298 -7.30 90.61 -35.97
C ILE J 298 -7.52 89.32 -35.15
N ILE J 299 -7.02 88.21 -35.67
CA ILE J 299 -7.19 86.89 -35.00
C ILE J 299 -5.81 86.36 -34.84
N CYS J 300 -5.52 85.73 -33.69
CA CYS J 300 -4.24 85.26 -33.33
C CYS J 300 -4.25 83.90 -32.58
N GLN J 301 -3.06 83.25 -32.18
CA GLN J 301 -2.92 81.94 -31.56
C GLN J 301 -2.67 82.09 -30.06
N LYS J 302 -2.15 83.25 -29.68
CA LYS J 302 -1.87 83.46 -28.25
C LYS J 302 -2.80 84.55 -27.78
N GLY J 303 -2.84 84.88 -26.50
CA GLY J 303 -3.68 85.92 -25.88
C GLY J 303 -3.49 87.35 -26.37
N ILE J 304 -4.15 88.35 -25.70
CA ILE J 304 -3.98 89.71 -25.89
C ILE J 304 -3.98 90.37 -24.54
N ASP J 305 -3.03 91.29 -24.13
CA ASP J 305 -3.00 91.96 -22.86
C ASP J 305 -4.25 92.89 -22.59
N GLU J 306 -4.50 93.41 -21.37
CA GLU J 306 -5.68 94.20 -21.06
C GLU J 306 -5.62 95.59 -21.66
N VAL J 307 -4.39 96.16 -21.92
CA VAL J 307 -4.24 97.42 -22.66
C VAL J 307 -4.47 97.25 -24.13
N ALA J 308 -4.07 96.08 -24.74
CA ALA J 308 -4.14 95.84 -26.11
C ALA J 308 -5.58 95.47 -26.47
N GLN J 309 -6.43 95.09 -25.50
CA GLN J 309 -7.87 94.98 -25.81
C GLN J 309 -8.58 96.34 -25.83
N SER J 310 -8.45 97.26 -24.87
CA SER J 310 -9.00 98.61 -24.81
C SER J 310 -8.47 99.50 -25.90
N TYR J 311 -7.25 99.18 -26.44
CA TYR J 311 -6.64 99.83 -27.61
C TYR J 311 -7.30 99.34 -28.87
N LEU J 312 -7.48 98.00 -29.13
CA LEU J 312 -8.11 97.56 -30.29
C LEU J 312 -9.60 97.93 -30.35
N ALA J 313 -10.20 97.96 -29.15
CA ALA J 313 -11.56 98.26 -28.97
C ALA J 313 -11.83 99.72 -29.27
N LYS J 314 -11.01 100.71 -28.83
CA LYS J 314 -11.29 102.09 -29.07
C LYS J 314 -11.10 102.57 -30.47
N LYS J 315 -10.22 101.90 -31.26
CA LYS J 315 -9.92 102.16 -32.62
C LYS J 315 -10.94 101.58 -33.62
N GLY J 316 -11.73 100.56 -33.24
CA GLY J 316 -12.77 99.99 -34.10
C GLY J 316 -12.56 98.66 -34.69
N VAL J 317 -11.51 98.02 -34.19
CA VAL J 317 -11.06 96.68 -34.60
C VAL J 317 -11.81 95.50 -33.89
N LEU J 318 -12.00 94.35 -34.47
CA LEU J 318 -12.68 93.16 -33.79
C LEU J 318 -11.62 92.10 -33.54
N ALA J 319 -11.24 91.81 -32.26
CA ALA J 319 -10.11 90.92 -32.08
C ALA J 319 -10.61 89.65 -31.42
N VAL J 320 -9.90 88.53 -31.75
CA VAL J 320 -10.18 87.21 -31.18
C VAL J 320 -8.92 86.74 -30.53
N ARG J 321 -8.89 86.19 -29.26
CA ARG J 321 -7.67 85.68 -28.61
C ARG J 321 -7.64 84.21 -28.41
N ARG J 322 -6.48 83.59 -28.65
CA ARG J 322 -6.24 82.14 -28.64
C ARG J 322 -7.02 81.24 -29.63
N ALA J 323 -7.14 81.53 -30.98
CA ALA J 323 -7.75 80.60 -31.87
C ALA J 323 -6.81 79.39 -32.20
N LYS J 324 -7.48 78.29 -32.64
CA LYS J 324 -6.74 77.12 -32.94
C LYS J 324 -5.94 77.33 -34.21
N LYS J 325 -4.64 77.10 -34.15
CA LYS J 325 -3.77 77.32 -35.32
C LYS J 325 -4.13 76.59 -36.65
N SER J 326 -4.80 75.39 -36.63
CA SER J 326 -5.39 74.78 -37.80
C SER J 326 -6.24 75.65 -38.68
N ASP J 327 -6.96 76.58 -38.06
CA ASP J 327 -7.98 77.37 -38.64
C ASP J 327 -7.48 78.76 -39.00
N LEU J 328 -6.33 79.20 -38.30
CA LEU J 328 -5.63 80.37 -38.72
C LEU J 328 -5.04 80.21 -40.12
N GLU J 329 -4.41 79.05 -40.42
CA GLU J 329 -3.77 78.69 -41.71
C GLU J 329 -4.78 78.67 -42.87
N LYS J 330 -5.83 77.84 -42.67
CA LYS J 330 -6.93 77.76 -43.63
C LYS J 330 -7.61 79.04 -43.91
N LEU J 331 -7.61 80.02 -42.96
CA LEU J 331 -8.29 81.34 -43.08
C LEU J 331 -7.35 82.39 -43.73
N ALA J 332 -6.00 82.24 -43.68
CA ALA J 332 -5.08 82.99 -44.47
C ALA J 332 -5.31 82.77 -45.96
N ARG J 333 -5.07 81.54 -46.41
CA ARG J 333 -5.21 81.16 -47.77
C ARG J 333 -6.61 80.99 -48.34
N ALA J 334 -7.63 81.39 -47.46
CA ALA J 334 -8.98 81.52 -47.88
C ALA J 334 -9.38 83.00 -47.99
N THR J 335 -8.44 83.95 -47.59
CA THR J 335 -8.80 85.37 -47.73
C THR J 335 -7.75 86.16 -48.58
N GLY J 336 -6.70 85.48 -49.04
CA GLY J 336 -5.51 86.12 -49.71
C GLY J 336 -4.51 86.76 -48.78
N GLY J 337 -4.75 86.59 -47.47
CA GLY J 337 -3.86 86.95 -46.43
C GLY J 337 -2.67 86.09 -46.29
N ARG J 338 -1.89 86.36 -45.22
CA ARG J 338 -0.74 85.57 -44.83
C ARG J 338 -0.72 85.53 -43.33
N VAL J 339 -0.35 84.39 -42.77
CA VAL J 339 0.04 84.26 -41.37
C VAL J 339 1.29 85.12 -40.96
N VAL J 340 1.07 86.19 -40.27
CA VAL J 340 2.14 87.10 -39.84
C VAL J 340 2.93 86.54 -38.63
N SER J 341 4.06 85.83 -38.83
CA SER J 341 4.91 85.26 -37.84
C SER J 341 5.60 86.30 -36.97
N ASN J 342 5.88 87.49 -37.57
CA ASN J 342 6.68 88.51 -36.97
C ASN J 342 6.12 89.92 -37.27
N ILE J 343 5.59 90.71 -36.31
CA ILE J 343 5.05 92.08 -36.49
C ILE J 343 6.00 93.00 -37.20
N ASP J 344 7.31 92.78 -37.07
CA ASP J 344 8.24 93.60 -37.85
C ASP J 344 8.33 93.28 -39.42
N GLU J 345 7.39 92.45 -39.92
CA GLU J 345 7.26 92.13 -41.39
C GLU J 345 5.89 92.42 -41.99
N ILE J 346 4.93 92.79 -41.10
CA ILE J 346 3.58 93.15 -41.49
C ILE J 346 3.33 94.34 -42.46
N SER J 347 2.53 94.11 -43.58
CA SER J 347 2.29 95.04 -44.67
C SER J 347 0.86 94.99 -45.03
N GLU J 348 0.39 95.91 -45.85
CA GLU J 348 -0.98 95.86 -46.39
C GLU J 348 -1.30 94.58 -47.12
N GLN J 349 -0.29 93.94 -47.73
CA GLN J 349 -0.39 92.73 -48.60
C GLN J 349 -0.51 91.49 -47.79
N ASP J 350 -0.25 91.49 -46.47
CA ASP J 350 -0.40 90.41 -45.60
C ASP J 350 -1.79 90.33 -45.04
N LEU J 351 -2.63 91.41 -45.26
CA LEU J 351 -3.98 91.47 -44.72
C LEU J 351 -5.02 90.87 -45.70
N GLY J 352 -6.01 90.15 -45.11
CA GLY J 352 -7.02 89.50 -45.80
C GLY J 352 -8.17 90.38 -46.20
N TYR J 353 -9.17 89.80 -46.89
CA TYR J 353 -10.39 90.47 -47.26
C TYR J 353 -11.43 89.40 -47.26
N ALA J 354 -12.59 89.86 -46.61
CA ALA J 354 -13.87 89.12 -46.57
C ALA J 354 -15.00 90.12 -46.52
N SER J 355 -16.12 89.85 -47.23
CA SER J 355 -17.29 90.75 -47.34
C SER J 355 -17.99 91.03 -45.98
N LEU J 356 -18.10 90.14 -45.02
CA LEU J 356 -18.67 90.52 -43.71
C LEU J 356 -18.18 89.50 -42.70
N ILE J 357 -17.58 89.97 -41.54
CA ILE J 357 -17.22 89.02 -40.48
C ILE J 357 -18.17 89.35 -39.33
N GLU J 358 -18.61 88.25 -38.63
CA GLU J 358 -19.42 88.51 -37.49
C GLU J 358 -19.21 87.36 -36.47
N GLU J 359 -19.76 87.63 -35.30
CA GLU J 359 -19.71 86.67 -34.23
C GLU J 359 -21.25 86.30 -34.01
N ARG J 360 -21.62 84.99 -33.87
CA ARG J 360 -22.95 84.64 -33.49
C ARG J 360 -22.81 83.60 -32.40
N LYS J 361 -23.92 83.36 -31.60
CA LYS J 361 -23.94 82.39 -30.55
C LYS J 361 -24.68 81.11 -31.04
N VAL J 362 -24.00 79.90 -30.85
CA VAL J 362 -24.55 78.58 -31.22
C VAL J 362 -24.24 77.79 -29.92
N GLY J 363 -25.39 77.38 -29.24
CA GLY J 363 -25.45 76.86 -27.83
C GLY J 363 -25.07 78.01 -26.92
N GLU J 364 -24.07 77.74 -25.96
CA GLU J 364 -23.59 78.77 -25.10
C GLU J 364 -22.27 79.22 -25.67
N ASP J 365 -21.80 78.83 -26.86
CA ASP J 365 -20.44 79.14 -27.35
C ASP J 365 -20.62 80.30 -28.29
N LYS J 366 -19.81 81.31 -28.15
CA LYS J 366 -19.87 82.37 -29.18
C LYS J 366 -18.79 81.99 -30.18
N MET J 367 -19.14 82.19 -31.46
CA MET J 367 -18.21 81.62 -32.52
C MET J 367 -18.21 82.60 -33.64
N VAL J 368 -17.07 82.84 -34.25
CA VAL J 368 -16.86 83.83 -35.27
C VAL J 368 -16.98 83.11 -36.57
N PHE J 369 -17.69 83.74 -37.54
CA PHE J 369 -17.90 83.33 -38.91
C PHE J 369 -17.27 84.33 -39.78
N VAL J 370 -16.80 83.89 -40.97
CA VAL J 370 -16.12 84.74 -41.94
C VAL J 370 -16.66 84.44 -43.29
N GLU J 371 -18.00 84.69 -43.50
CA GLU J 371 -18.75 84.44 -44.71
C GLU J 371 -18.31 85.48 -45.67
N GLY J 372 -18.37 85.17 -46.97
CA GLY J 372 -18.15 86.13 -48.04
C GLY J 372 -16.69 86.25 -48.30
N ALA J 373 -16.01 85.10 -48.07
CA ALA J 373 -14.64 85.04 -48.32
C ALA J 373 -14.08 84.87 -49.67
N LYS J 374 -12.81 85.31 -49.87
CA LYS J 374 -12.08 85.37 -51.10
C LYS J 374 -12.04 84.13 -51.98
N ASN J 375 -11.67 82.93 -51.47
CA ASN J 375 -11.73 81.67 -52.08
C ASN J 375 -13.12 81.17 -51.97
N PRO J 376 -13.78 80.75 -53.01
CA PRO J 376 -15.13 80.24 -52.93
C PRO J 376 -15.16 78.70 -52.63
N LYS J 377 -14.06 77.94 -52.79
CA LYS J 377 -14.12 76.56 -52.43
C LYS J 377 -14.19 76.38 -50.91
N SER J 378 -13.38 77.13 -50.13
CA SER J 378 -13.33 77.11 -48.70
C SER J 378 -14.64 77.40 -48.04
N ILE J 379 -15.29 76.31 -47.59
CA ILE J 379 -16.65 76.38 -47.06
C ILE J 379 -16.49 75.65 -45.69
N SER J 380 -17.48 75.73 -44.85
CA SER J 380 -17.47 74.96 -43.61
C SER J 380 -18.78 74.32 -43.43
N ILE J 381 -18.87 73.28 -42.53
CA ILE J 381 -20.12 72.57 -42.17
C ILE J 381 -20.33 72.79 -40.70
N LEU J 382 -21.60 73.01 -40.28
CA LEU J 382 -21.98 73.25 -38.90
C LEU J 382 -22.88 72.10 -38.51
N ILE J 383 -22.46 71.21 -37.57
CA ILE J 383 -23.18 70.11 -37.05
C ILE J 383 -23.89 70.44 -35.77
N ARG J 384 -25.12 69.88 -35.58
CA ARG J 384 -25.93 70.16 -34.37
C ARG J 384 -26.87 68.92 -34.28
N GLY J 385 -27.39 68.78 -33.04
CA GLY J 385 -28.21 67.69 -32.61
C GLY J 385 -27.41 66.59 -32.08
N GLY J 386 -27.97 65.81 -31.18
CA GLY J 386 -27.25 64.64 -30.57
C GLY J 386 -26.53 64.86 -29.33
N LEU J 387 -26.48 63.84 -28.53
CA LEU J 387 -25.66 63.70 -27.34
C LEU J 387 -24.14 63.75 -27.65
N GLU J 388 -23.38 63.79 -26.50
CA GLU J 388 -21.95 63.91 -26.43
C GLU J 388 -21.11 62.89 -27.21
N ARG J 389 -21.59 61.70 -27.50
CA ARG J 389 -20.85 60.72 -28.25
C ARG J 389 -21.34 60.49 -29.67
N LEU J 390 -22.68 60.66 -29.78
CA LEU J 390 -23.41 60.70 -31.06
C LEU J 390 -22.90 61.82 -31.90
N VAL J 391 -22.54 62.99 -31.31
CA VAL J 391 -22.08 64.16 -32.13
C VAL J 391 -20.78 63.88 -32.87
N ASP J 392 -19.85 63.17 -32.13
CA ASP J 392 -18.54 62.60 -32.65
C ASP J 392 -18.79 61.66 -33.82
N GLU J 393 -19.75 60.69 -33.63
CA GLU J 393 -20.18 59.79 -34.73
C GLU J 393 -21.03 60.41 -35.95
N THR J 394 -21.65 61.62 -35.77
CA THR J 394 -22.17 62.39 -36.90
C THR J 394 -21.00 63.07 -37.71
N GLU J 395 -19.97 63.47 -37.02
CA GLU J 395 -18.80 64.09 -37.73
C GLU J 395 -17.98 63.02 -38.56
N ARG J 396 -17.94 61.76 -37.98
CA ARG J 396 -17.38 60.61 -38.60
C ARG J 396 -18.18 60.30 -39.84
N ALA J 397 -19.51 60.07 -39.71
CA ALA J 397 -20.46 59.79 -40.77
C ALA J 397 -20.48 60.74 -41.90
N LEU J 398 -20.37 62.09 -41.59
CA LEU J 398 -20.33 63.16 -42.48
C LEU J 398 -19.04 63.15 -43.30
N ARG J 399 -17.93 62.80 -42.67
CA ARG J 399 -16.68 62.64 -43.34
C ARG J 399 -16.68 61.60 -44.34
N ASP J 400 -17.15 60.37 -43.97
CA ASP J 400 -17.22 59.31 -44.93
C ASP J 400 -18.14 59.66 -46.08
N ALA J 401 -19.32 60.32 -45.85
CA ALA J 401 -20.23 60.87 -46.83
C ALA J 401 -19.62 61.85 -47.80
N LEU J 402 -18.79 62.76 -47.29
CA LEU J 402 -18.06 63.72 -48.09
C LEU J 402 -17.04 63.04 -49.02
N GLY J 403 -16.16 62.19 -48.40
CA GLY J 403 -15.18 61.31 -49.07
C GLY J 403 -15.82 60.55 -50.24
N THR J 404 -16.88 59.83 -49.87
CA THR J 404 -17.62 58.85 -50.73
C THR J 404 -18.19 59.51 -52.01
N VAL J 405 -18.92 60.66 -51.87
CA VAL J 405 -19.42 61.42 -52.94
C VAL J 405 -18.37 62.00 -53.81
N ALA J 406 -17.24 62.52 -53.15
CA ALA J 406 -16.08 63.04 -53.84
C ALA J 406 -15.38 61.94 -54.61
N ASP J 407 -15.35 60.69 -54.14
CA ASP J 407 -14.62 59.53 -54.72
C ASP J 407 -15.26 59.04 -55.99
N VAL J 408 -16.62 59.17 -56.03
CA VAL J 408 -17.50 58.99 -57.21
C VAL J 408 -17.20 59.89 -58.31
N ILE J 409 -17.00 61.21 -58.00
CA ILE J 409 -16.57 62.25 -58.94
C ILE J 409 -15.20 62.02 -59.43
N LYS J 410 -14.29 61.71 -58.51
CA LYS J 410 -12.85 61.49 -58.70
C LYS J 410 -12.62 60.32 -59.70
N ASP J 411 -13.59 59.34 -59.69
CA ASP J 411 -13.60 58.17 -60.54
C ASP J 411 -14.54 58.45 -61.73
N GLY J 412 -15.89 58.40 -61.56
CA GLY J 412 -16.84 58.75 -62.62
C GLY J 412 -17.63 57.53 -62.96
N ARG J 413 -17.57 56.40 -62.20
CA ARG J 413 -18.34 55.23 -62.44
C ARG J 413 -19.16 54.92 -61.23
N ALA J 414 -20.46 54.48 -61.40
CA ALA J 414 -21.38 54.02 -60.34
C ALA J 414 -22.39 52.94 -60.71
N ILE J 415 -22.52 51.86 -59.89
CA ILE J 415 -23.41 50.69 -60.11
C ILE J 415 -24.55 50.56 -59.11
N ALA J 416 -25.52 49.65 -59.44
CA ALA J 416 -26.59 49.29 -58.52
C ALA J 416 -26.20 48.24 -57.45
N GLY J 417 -26.43 48.50 -56.13
CA GLY J 417 -26.16 47.56 -55.04
C GLY J 417 -27.10 46.39 -54.81
N GLY J 418 -27.20 46.00 -53.50
CA GLY J 418 -28.03 44.85 -53.04
C GLY J 418 -27.80 43.50 -53.58
N GLY J 419 -26.56 43.13 -53.86
CA GLY J 419 -26.07 41.97 -54.54
C GLY J 419 -26.23 41.88 -56.01
N ALA J 420 -26.69 43.01 -56.63
CA ALA J 420 -26.93 43.09 -58.05
C ALA J 420 -25.84 42.72 -59.05
N VAL J 421 -24.64 43.38 -58.92
CA VAL J 421 -23.44 43.16 -59.71
C VAL J 421 -22.73 41.82 -59.37
N GLU J 422 -22.90 41.32 -58.17
CA GLU J 422 -22.49 40.08 -57.59
C GLU J 422 -23.18 38.96 -58.33
N ILE J 423 -24.54 38.78 -58.36
CA ILE J 423 -25.25 37.70 -59.18
C ILE J 423 -24.79 37.73 -60.61
N GLU J 424 -24.48 38.87 -61.29
CA GLU J 424 -24.08 39.01 -62.70
C GLU J 424 -22.66 38.42 -62.95
N ILE J 425 -21.71 38.88 -62.14
CA ILE J 425 -20.35 38.41 -62.05
C ILE J 425 -20.20 36.88 -61.78
N ALA J 426 -21.21 36.28 -61.07
CA ALA J 426 -21.44 34.90 -60.83
C ALA J 426 -22.00 34.25 -62.04
N LYS J 427 -23.27 34.48 -62.41
CA LYS J 427 -24.09 34.00 -63.51
C LYS J 427 -23.25 33.84 -64.74
N LYS J 428 -22.63 34.99 -65.26
CA LYS J 428 -21.85 34.98 -66.47
C LYS J 428 -20.59 34.05 -66.45
N LEU J 429 -20.07 33.88 -65.23
CA LEU J 429 -18.83 33.09 -64.91
C LEU J 429 -19.23 31.65 -64.96
N ARG J 430 -20.46 31.26 -64.39
CA ARG J 430 -21.01 29.93 -64.35
C ARG J 430 -21.20 29.48 -65.82
N LYS J 431 -21.73 30.29 -66.64
CA LYS J 431 -21.88 30.02 -68.09
C LYS J 431 -20.53 29.92 -68.84
N TYR J 432 -19.51 30.58 -68.30
CA TYR J 432 -18.20 30.57 -68.81
C TYR J 432 -17.49 29.27 -68.59
N ALA J 433 -17.50 28.86 -67.30
CA ALA J 433 -16.93 27.65 -66.65
C ALA J 433 -16.93 26.42 -67.54
N PRO J 434 -18.04 25.85 -68.02
CA PRO J 434 -18.06 24.76 -69.01
C PRO J 434 -17.01 24.75 -70.23
N GLN J 435 -16.82 25.88 -70.78
CA GLN J 435 -16.06 26.06 -71.90
C GLN J 435 -14.58 26.30 -71.62
N VAL J 436 -14.24 26.67 -70.37
CA VAL J 436 -12.87 27.09 -69.99
C VAL J 436 -11.82 25.91 -70.12
N GLY J 437 -12.32 24.67 -69.95
CA GLY J 437 -11.62 23.46 -70.03
C GLY J 437 -12.22 22.56 -68.96
N GLY J 438 -11.49 21.42 -68.62
CA GLY J 438 -11.73 20.34 -67.63
C GLY J 438 -11.78 20.71 -66.19
N LYS J 439 -10.61 20.65 -65.60
CA LYS J 439 -10.36 20.87 -64.18
C LYS J 439 -10.59 22.29 -63.72
N GLU J 440 -10.06 23.24 -64.46
CA GLU J 440 -10.17 24.70 -64.28
C GLU J 440 -11.67 25.18 -64.05
N GLN J 441 -12.62 24.44 -64.65
CA GLN J 441 -14.02 24.72 -64.52
C GLN J 441 -14.47 24.70 -63.06
N LEU J 442 -14.10 23.61 -62.35
CA LEU J 442 -14.26 23.28 -60.94
C LEU J 442 -13.76 24.41 -60.02
N ALA J 443 -12.61 24.97 -60.45
CA ALA J 443 -12.06 26.17 -59.86
C ALA J 443 -12.94 27.46 -60.04
N VAL J 444 -13.35 27.71 -61.27
CA VAL J 444 -14.07 28.90 -61.67
C VAL J 444 -15.42 28.80 -60.94
N GLU J 445 -16.07 27.61 -61.00
CA GLU J 445 -17.28 27.17 -60.29
C GLU J 445 -17.18 27.38 -58.80
N ALA J 446 -15.98 27.15 -58.14
CA ALA J 446 -15.74 27.43 -56.77
C ALA J 446 -15.84 28.94 -56.59
N TYR J 447 -14.95 29.68 -57.37
CA TYR J 447 -14.94 31.14 -57.34
C TYR J 447 -16.28 31.81 -57.33
N ALA J 448 -17.21 31.30 -58.21
CA ALA J 448 -18.60 31.70 -58.29
C ALA J 448 -19.48 31.38 -57.06
N ASN J 449 -19.44 30.15 -56.54
CA ASN J 449 -20.07 29.75 -55.32
C ASN J 449 -19.61 30.64 -54.16
N ALA J 450 -18.34 30.98 -54.02
CA ALA J 450 -17.90 31.90 -52.97
C ALA J 450 -18.54 33.34 -52.99
N LEU J 451 -18.81 33.93 -54.22
CA LEU J 451 -19.42 35.20 -54.54
C LEU J 451 -20.90 35.07 -54.10
N GLU J 452 -21.51 33.88 -54.30
CA GLU J 452 -22.81 33.69 -53.83
C GLU J 452 -22.87 33.57 -52.29
N SER J 453 -21.86 32.93 -51.72
CA SER J 453 -21.78 32.94 -50.27
C SER J 453 -21.80 34.32 -49.65
N LEU J 454 -21.10 35.26 -50.29
CA LEU J 454 -21.05 36.66 -49.79
C LEU J 454 -22.48 37.18 -49.65
N VAL J 455 -23.30 37.03 -50.66
CA VAL J 455 -24.68 37.49 -50.63
C VAL J 455 -25.61 36.67 -49.78
N SER J 456 -25.25 35.38 -49.61
CA SER J 456 -25.94 34.52 -48.65
C SER J 456 -25.77 34.98 -47.26
N ILE J 457 -24.56 35.37 -46.77
CA ILE J 457 -24.36 35.98 -45.47
C ILE J 457 -25.24 37.18 -45.24
N LEU J 458 -25.34 38.02 -46.29
CA LEU J 458 -26.22 39.21 -46.14
C LEU J 458 -27.68 38.85 -45.89
N ILE J 459 -28.20 37.93 -46.68
CA ILE J 459 -29.55 37.36 -46.50
C ILE J 459 -29.73 36.68 -45.17
N GLU J 460 -28.82 35.76 -44.78
CA GLU J 460 -28.71 35.11 -43.49
C GLU J 460 -28.96 35.95 -42.28
N ASN J 461 -28.14 37.04 -42.18
CA ASN J 461 -28.25 37.97 -41.14
C ASN J 461 -29.63 38.65 -41.10
N ALA J 462 -30.36 38.65 -42.20
CA ALA J 462 -31.67 39.24 -42.16
C ALA J 462 -32.67 38.29 -41.57
N GLY J 463 -32.41 36.97 -41.55
CA GLY J 463 -33.29 35.92 -41.12
C GLY J 463 -34.04 35.22 -42.26
N PHE J 464 -33.68 35.53 -43.46
CA PHE J 464 -34.35 34.96 -44.65
C PHE J 464 -33.59 33.70 -45.06
N ASP J 465 -34.19 32.82 -45.92
CA ASP J 465 -33.46 31.60 -46.25
C ASP J 465 -32.45 31.93 -47.30
N PRO J 466 -31.15 31.84 -47.14
CA PRO J 466 -30.23 32.17 -48.21
C PRO J 466 -30.38 31.54 -49.57
N ILE J 467 -30.53 30.16 -49.57
CA ILE J 467 -30.68 29.45 -50.89
C ILE J 467 -32.02 29.90 -51.54
N ASP J 468 -33.13 29.94 -50.82
CA ASP J 468 -34.47 30.45 -51.33
C ASP J 468 -34.44 31.78 -52.06
N LEU J 469 -33.97 32.80 -51.28
CA LEU J 469 -33.88 34.11 -51.84
C LEU J 469 -32.84 34.27 -52.93
N LEU J 470 -31.63 33.63 -52.80
CA LEU J 470 -30.75 33.53 -53.91
C LEU J 470 -31.23 32.88 -55.13
N MET J 471 -31.91 31.69 -55.02
CA MET J 471 -32.45 31.05 -56.11
C MET J 471 -33.59 31.74 -56.80
N LYS J 472 -34.54 32.21 -56.06
CA LYS J 472 -35.61 33.10 -56.56
C LYS J 472 -35.09 34.38 -57.20
N LEU J 473 -33.87 34.85 -56.80
CA LEU J 473 -33.33 36.02 -57.43
C LEU J 473 -32.62 35.67 -58.83
N ARG J 474 -31.67 34.65 -58.80
CA ARG J 474 -30.92 34.19 -59.93
C ARG J 474 -31.81 33.63 -61.03
N SER J 475 -33.07 33.36 -60.71
CA SER J 475 -33.99 32.89 -61.76
C SER J 475 -34.60 34.07 -62.43
N THR J 476 -34.97 35.14 -61.63
CA THR J 476 -35.48 36.39 -62.18
C THR J 476 -34.43 37.23 -62.80
N HIS J 477 -33.22 36.79 -62.94
CA HIS J 477 -32.03 37.51 -63.37
C HIS J 477 -31.47 36.90 -64.62
N GLU J 478 -32.21 35.85 -65.17
CA GLU J 478 -31.72 35.28 -66.43
C GLU J 478 -31.96 36.21 -67.65
N ASN J 479 -33.21 36.83 -67.68
CA ASN J 479 -33.57 37.79 -68.71
C ASN J 479 -32.71 39.05 -68.82
N GLU J 480 -32.60 39.68 -70.02
CA GLU J 480 -31.75 40.86 -70.28
C GLU J 480 -32.12 42.20 -69.75
N ASN J 481 -33.39 42.36 -69.33
CA ASN J 481 -33.91 43.58 -68.83
C ASN J 481 -33.79 43.81 -67.33
N ASN J 482 -33.82 42.72 -66.52
CA ASN J 482 -33.68 42.76 -65.05
C ASN J 482 -32.21 42.77 -64.58
N LYS J 483 -31.31 43.58 -65.23
CA LYS J 483 -29.92 43.71 -64.89
C LYS J 483 -29.57 44.18 -63.48
N TRP J 484 -30.36 45.13 -62.94
CA TRP J 484 -30.09 45.82 -61.70
C TRP J 484 -30.98 45.27 -60.57
N TYR J 485 -31.47 44.03 -60.70
CA TYR J 485 -32.25 43.33 -59.70
C TYR J 485 -31.32 42.86 -58.64
N GLY J 486 -31.77 43.10 -57.46
CA GLY J 486 -31.04 42.76 -56.29
C GLY J 486 -32.01 42.28 -55.25
N ILE J 487 -31.69 42.29 -53.99
CA ILE J 487 -32.57 41.72 -52.95
C ILE J 487 -33.13 42.70 -51.84
N ASP J 488 -34.44 43.05 -51.76
CA ASP J 488 -35.00 43.88 -50.76
C ASP J 488 -34.79 43.14 -49.37
N LEU J 489 -33.87 43.67 -48.45
CA LEU J 489 -33.53 42.92 -47.34
C LEU J 489 -34.47 43.27 -46.10
N TYR J 490 -35.46 44.15 -46.30
CA TYR J 490 -36.50 44.49 -45.32
C TYR J 490 -37.80 43.87 -45.73
N ALA J 491 -38.09 43.78 -47.02
CA ALA J 491 -39.41 43.25 -47.52
C ALA J 491 -39.19 41.76 -48.04
N GLY J 492 -37.91 41.31 -48.09
CA GLY J 492 -37.78 39.88 -48.42
C GLY J 492 -38.17 39.38 -49.77
N GLN J 493 -37.55 39.93 -50.74
CA GLN J 493 -37.97 39.67 -52.12
C GLN J 493 -37.09 40.46 -53.13
N PRO J 494 -36.78 39.95 -54.39
CA PRO J 494 -35.96 40.65 -55.39
C PRO J 494 -36.46 42.00 -55.87
N VAL J 495 -35.63 43.10 -55.91
CA VAL J 495 -36.12 44.33 -56.46
C VAL J 495 -35.07 45.11 -57.26
N ASP J 496 -35.44 46.13 -58.02
CA ASP J 496 -34.53 46.95 -58.74
C ASP J 496 -33.83 47.97 -57.78
N MET J 497 -32.51 47.73 -57.43
CA MET J 497 -31.75 48.52 -56.56
C MET J 497 -31.54 49.92 -57.08
N TRP J 498 -31.26 50.07 -58.47
CA TRP J 498 -31.16 51.40 -59.06
C TRP J 498 -32.36 52.19 -58.71
N GLN J 499 -33.59 51.71 -59.10
CA GLN J 499 -34.84 52.40 -58.74
C GLN J 499 -35.18 52.28 -57.28
N LYS J 500 -34.24 52.25 -56.35
CA LYS J 500 -34.56 52.30 -54.96
C LYS J 500 -33.43 53.10 -54.26
N GLY J 501 -32.68 53.81 -55.09
CA GLY J 501 -31.62 54.73 -54.75
C GLY J 501 -30.35 54.07 -54.20
N VAL J 502 -30.41 52.73 -54.08
CA VAL J 502 -29.33 51.97 -53.57
C VAL J 502 -28.26 51.70 -54.64
N ILE J 503 -27.47 52.70 -54.95
CA ILE J 503 -26.37 52.65 -55.92
C ILE J 503 -25.13 53.05 -55.23
N GLU J 504 -23.95 52.54 -55.70
CA GLU J 504 -22.72 52.64 -55.03
C GLU J 504 -21.57 52.85 -56.00
N PRO J 505 -20.49 53.44 -55.44
CA PRO J 505 -19.20 53.53 -56.12
C PRO J 505 -18.50 52.33 -56.76
N ALA J 506 -18.36 52.22 -58.05
CA ALA J 506 -17.97 51.01 -58.81
C ALA J 506 -16.50 50.54 -58.94
N LEU J 507 -15.54 51.35 -58.36
CA LEU J 507 -14.11 51.11 -58.27
C LEU J 507 -13.83 50.40 -56.92
N VAL J 508 -14.60 50.79 -55.85
CA VAL J 508 -14.48 50.23 -54.49
C VAL J 508 -14.64 48.69 -54.38
N LYS J 509 -15.69 48.17 -55.00
CA LYS J 509 -15.86 46.75 -55.10
C LYS J 509 -15.01 46.00 -56.21
N MET J 510 -14.09 46.72 -56.83
CA MET J 510 -13.22 46.18 -57.91
C MET J 510 -11.84 45.97 -57.36
N ASN J 511 -11.29 46.99 -56.55
CA ASN J 511 -10.02 46.73 -55.91
C ASN J 511 -10.09 45.70 -54.83
N ALA J 512 -11.27 45.52 -54.14
CA ALA J 512 -11.70 44.52 -53.27
C ALA J 512 -11.62 43.15 -53.93
N ILE J 513 -12.21 42.87 -55.15
CA ILE J 513 -12.08 41.52 -55.82
C ILE J 513 -10.64 41.16 -55.94
N LYS J 514 -9.81 42.14 -56.37
CA LYS J 514 -8.41 41.89 -56.59
C LYS J 514 -7.70 41.55 -55.29
N ALA J 515 -8.01 42.34 -54.17
CA ALA J 515 -7.47 42.20 -52.83
C ALA J 515 -7.76 40.79 -52.29
N ALA J 516 -9.06 40.39 -52.19
CA ALA J 516 -9.47 39.10 -51.78
C ALA J 516 -8.80 37.96 -52.54
N THR J 517 -8.78 38.09 -53.92
CA THR J 517 -8.19 37.12 -54.76
C THR J 517 -6.68 36.97 -54.59
N GLU J 518 -5.96 38.06 -54.33
CA GLU J 518 -4.55 38.12 -54.00
C GLU J 518 -4.31 37.29 -52.79
N ALA J 519 -5.00 37.66 -51.71
CA ALA J 519 -4.95 37.16 -50.37
C ALA J 519 -5.20 35.70 -50.30
N ALA J 520 -6.33 35.19 -50.87
CA ALA J 520 -6.55 33.80 -51.16
C ALA J 520 -5.42 33.03 -51.89
N THR J 521 -4.93 33.41 -53.03
CA THR J 521 -3.87 32.73 -53.79
C THR J 521 -2.52 32.80 -53.15
N LEU J 522 -2.29 33.85 -52.36
CA LEU J 522 -1.04 33.96 -51.55
C LEU J 522 -1.11 32.94 -50.43
N VAL J 523 -2.29 32.66 -49.79
CA VAL J 523 -2.37 31.66 -48.71
C VAL J 523 -2.05 30.26 -49.24
N LEU J 524 -2.47 29.95 -50.46
CA LEU J 524 -2.37 28.60 -51.09
C LEU J 524 -0.95 28.29 -51.49
N ARG J 525 -0.20 29.29 -51.86
CA ARG J 525 1.18 29.12 -52.28
C ARG J 525 2.14 28.68 -51.13
N ILE J 526 1.89 28.99 -49.82
CA ILE J 526 2.69 28.77 -48.73
C ILE J 526 2.68 27.35 -48.40
N ASP J 527 3.74 26.58 -48.73
CA ASP J 527 3.88 25.14 -48.57
C ASP J 527 4.22 24.68 -47.11
N ASP J 528 5.14 25.42 -46.54
CA ASP J 528 5.60 25.16 -45.17
C ASP J 528 6.18 26.35 -44.53
N VAL J 529 6.46 26.21 -43.20
CA VAL J 529 6.91 27.35 -42.44
C VAL J 529 8.29 27.05 -41.97
N VAL J 530 9.30 27.92 -42.12
CA VAL J 530 10.59 27.84 -41.47
C VAL J 530 10.69 28.90 -40.35
N SER J 531 11.46 28.66 -39.28
CA SER J 531 11.50 29.61 -38.15
C SER J 531 12.86 29.65 -37.58
N ALA J 532 13.23 30.72 -36.83
CA ALA J 532 14.53 30.91 -36.19
C ALA J 532 14.58 30.24 -34.80
N GLY K 28 31.08 -0.59 -42.08
CA GLY K 28 29.57 -0.84 -42.13
C GLY K 28 28.65 0.25 -41.84
N LYS K 29 27.42 -0.10 -42.09
CA LYS K 29 26.20 0.73 -42.24
C LYS K 29 25.94 1.89 -41.24
N GLU K 30 26.42 1.69 -40.04
CA GLU K 30 26.34 2.49 -38.78
C GLU K 30 26.19 4.00 -38.96
N ALA K 31 27.30 4.70 -39.28
CA ALA K 31 27.27 6.18 -39.42
C ALA K 31 26.75 6.54 -40.84
N VAL K 32 27.13 5.76 -41.88
CA VAL K 32 26.87 5.90 -43.25
C VAL K 32 25.33 6.24 -43.60
N ARG K 33 24.47 5.65 -42.75
CA ARG K 33 23.06 5.90 -42.76
C ARG K 33 22.67 7.30 -42.37
N ALA K 34 23.29 7.83 -41.29
CA ALA K 34 23.14 9.15 -40.75
C ALA K 34 23.33 10.22 -41.73
N ASN K 35 24.56 10.22 -42.34
CA ASN K 35 25.05 11.17 -43.35
C ASN K 35 24.02 11.18 -44.54
N ILE K 36 23.70 9.99 -45.11
CA ILE K 36 22.73 9.83 -46.11
C ILE K 36 21.34 10.46 -45.70
N ALA K 37 20.86 10.01 -44.54
CA ALA K 37 19.62 10.55 -43.93
C ALA K 37 19.44 12.03 -43.96
N ALA K 38 20.47 12.70 -43.35
CA ALA K 38 20.67 14.13 -43.38
C ALA K 38 20.64 14.82 -44.75
N VAL K 39 21.38 14.24 -45.66
CA VAL K 39 21.34 14.66 -47.07
C VAL K 39 19.95 14.55 -47.66
N LYS K 40 19.31 13.36 -47.69
CA LYS K 40 17.89 13.23 -48.07
C LYS K 40 16.89 14.21 -47.34
N ALA K 41 17.01 14.53 -45.99
CA ALA K 41 16.30 15.49 -45.22
C ALA K 41 16.29 16.87 -45.87
N VAL K 42 17.47 17.33 -46.16
CA VAL K 42 17.77 18.60 -46.83
C VAL K 42 17.14 18.65 -48.23
N GLU K 43 17.19 17.59 -49.05
CA GLU K 43 16.52 17.56 -50.37
C GLU K 43 14.99 17.85 -50.25
N GLU K 44 14.36 17.14 -49.26
CA GLU K 44 12.94 17.29 -49.04
C GLU K 44 12.49 18.73 -48.73
N ALA K 45 13.42 19.69 -48.42
CA ALA K 45 13.13 21.06 -47.99
C ALA K 45 13.03 22.00 -49.22
N LEU K 46 13.57 21.60 -50.35
CA LEU K 46 13.61 22.49 -51.53
C LEU K 46 12.64 21.91 -52.67
N LYS K 47 12.51 20.62 -52.67
CA LYS K 47 11.79 19.80 -53.60
C LYS K 47 10.59 20.42 -54.26
N SER K 48 9.62 20.90 -53.39
CA SER K 48 8.33 21.53 -53.84
C SER K 48 8.43 22.90 -54.47
N THR K 49 9.65 23.36 -54.67
CA THR K 49 9.98 24.70 -55.15
C THR K 49 10.84 24.64 -56.38
N TYR K 50 11.26 23.46 -56.91
CA TYR K 50 12.02 23.40 -58.16
C TYR K 50 11.00 23.62 -59.38
N GLY K 51 11.57 24.13 -60.57
CA GLY K 51 10.71 24.56 -61.74
C GLY K 51 9.87 25.82 -61.45
N PRO K 52 9.31 26.55 -62.46
CA PRO K 52 8.66 27.84 -62.22
C PRO K 52 7.36 27.71 -61.57
N ARG K 53 6.76 26.51 -61.57
CA ARG K 53 5.39 26.25 -61.01
C ARG K 53 5.48 25.75 -59.61
N GLY K 54 6.60 25.77 -58.88
CA GLY K 54 6.70 25.30 -57.52
C GLY K 54 5.90 26.13 -56.62
N MET K 55 5.90 25.65 -55.41
CA MET K 55 5.33 26.45 -54.36
C MET K 55 6.24 27.44 -53.65
N ASP K 56 5.69 28.13 -52.58
CA ASP K 56 6.49 29.14 -51.92
C ASP K 56 6.62 28.79 -50.42
N LYS K 57 7.75 29.17 -49.76
CA LYS K 57 8.09 28.99 -48.37
C LYS K 57 8.00 30.25 -47.52
N MET K 58 7.51 30.07 -46.27
CA MET K 58 7.39 31.13 -45.35
C MET K 58 8.49 31.01 -44.30
N LEU K 59 8.98 32.16 -43.96
CA LEU K 59 10.08 32.34 -43.06
C LEU K 59 9.73 33.36 -42.00
N VAL K 60 9.62 32.91 -40.73
CA VAL K 60 9.19 33.75 -39.62
C VAL K 60 10.37 33.97 -38.69
N ASP K 61 10.93 35.21 -38.64
CA ASP K 61 11.96 35.64 -37.82
C ASP K 61 11.78 35.44 -36.26
N SER K 62 12.86 35.67 -35.43
CA SER K 62 12.95 35.71 -33.99
C SER K 62 12.01 36.77 -33.39
N LEU K 63 11.82 37.95 -34.05
CA LEU K 63 10.86 38.99 -33.62
C LEU K 63 9.48 38.73 -34.23
N GLY K 64 9.39 37.70 -35.03
CA GLY K 64 8.18 37.22 -35.60
C GLY K 64 7.86 37.71 -36.97
N ASP K 65 8.79 38.58 -37.61
CA ASP K 65 8.55 39.15 -38.88
C ASP K 65 8.56 38.16 -39.97
N ILE K 66 7.68 38.21 -40.91
CA ILE K 66 7.38 37.24 -41.90
C ILE K 66 7.96 37.67 -43.26
N THR K 67 8.56 36.70 -44.00
CA THR K 67 9.12 36.77 -45.31
C THR K 67 8.79 35.59 -46.08
N ILE K 68 8.15 35.83 -47.19
CA ILE K 68 7.60 34.82 -48.03
C ILE K 68 8.55 34.80 -49.16
N THR K 69 9.02 33.60 -49.45
CA THR K 69 10.18 33.39 -50.28
C THR K 69 10.16 32.01 -50.93
N ASN K 70 11.12 31.70 -51.81
CA ASN K 70 11.45 30.50 -52.55
C ASN K 70 12.85 30.49 -52.89
N ASP K 71 13.71 31.41 -52.44
CA ASP K 71 15.16 31.45 -52.65
C ASP K 71 15.87 30.30 -52.03
N GLY K 72 16.41 29.44 -52.93
CA GLY K 72 17.21 28.26 -52.48
C GLY K 72 18.28 28.53 -51.43
N ALA K 73 19.19 29.48 -51.78
CA ALA K 73 20.18 30.03 -50.85
C ALA K 73 19.56 30.48 -49.49
N THR K 74 18.69 31.50 -49.47
CA THR K 74 18.21 31.96 -48.13
C THR K 74 17.63 30.91 -47.24
N ILE K 75 16.81 30.02 -47.88
CA ILE K 75 16.14 28.84 -47.30
C ILE K 75 17.13 27.77 -46.88
N LEU K 76 18.40 27.76 -47.36
CA LEU K 76 19.35 26.82 -46.88
C LEU K 76 20.20 27.45 -45.89
N ASP K 77 20.51 28.73 -45.99
CA ASP K 77 21.25 29.55 -45.08
C ASP K 77 20.58 29.83 -43.68
N LYS K 78 19.32 30.26 -43.76
CA LYS K 78 18.70 30.57 -42.50
C LYS K 78 18.25 29.32 -41.77
N MET K 79 18.30 28.08 -42.33
CA MET K 79 17.85 26.89 -41.64
C MET K 79 19.09 26.23 -41.02
N ASP K 80 18.87 25.61 -39.84
CA ASP K 80 19.98 25.14 -38.96
C ASP K 80 20.28 23.70 -39.17
N LEU K 81 21.56 23.40 -39.12
CA LEU K 81 22.11 22.09 -39.33
C LEU K 81 22.79 21.49 -38.09
N GLN K 82 22.79 20.16 -37.89
CA GLN K 82 23.35 19.54 -36.71
C GLN K 82 24.25 18.41 -37.11
N HIS K 83 24.02 17.81 -38.35
CA HIS K 83 24.90 16.76 -38.94
C HIS K 83 26.08 17.42 -39.61
N PRO K 84 27.30 16.98 -39.35
CA PRO K 84 28.52 17.41 -40.02
C PRO K 84 28.40 17.22 -41.53
N ALA K 85 27.98 16.05 -42.07
CA ALA K 85 27.74 15.75 -43.49
C ALA K 85 26.88 16.88 -44.16
N ALA K 86 25.69 17.20 -43.58
CA ALA K 86 24.82 18.25 -44.11
C ALA K 86 25.59 19.56 -44.29
N LYS K 87 26.33 20.04 -43.29
CA LYS K 87 27.12 21.27 -43.40
C LYS K 87 28.16 21.25 -44.47
N LEU K 88 28.72 20.08 -44.77
CA LEU K 88 29.69 19.99 -45.84
C LEU K 88 29.02 20.07 -47.27
N LEU K 89 27.84 19.42 -47.34
CA LEU K 89 27.05 19.38 -48.58
C LEU K 89 26.55 20.74 -49.01
N VAL K 90 25.89 21.54 -48.19
CA VAL K 90 25.42 22.93 -48.49
C VAL K 90 26.58 23.82 -48.95
N GLN K 91 27.81 23.72 -48.38
CA GLN K 91 28.94 24.53 -48.83
C GLN K 91 29.39 24.29 -50.25
N ILE K 92 29.43 22.96 -50.68
CA ILE K 92 29.76 22.49 -52.03
C ILE K 92 28.58 22.71 -53.04
N ALA K 93 27.33 22.56 -52.63
CA ALA K 93 26.16 22.89 -53.40
C ALA K 93 25.86 24.39 -53.68
N LYS K 94 25.62 25.16 -52.57
CA LYS K 94 25.36 26.64 -52.71
C LYS K 94 26.57 27.29 -53.43
N GLY K 95 27.81 27.20 -52.88
CA GLY K 95 29.12 27.73 -53.23
C GLY K 95 29.36 28.15 -54.66
N GLN K 96 29.74 29.47 -54.86
CA GLN K 96 29.92 30.01 -56.20
C GLN K 96 31.07 30.98 -56.23
N ASP K 97 31.87 30.69 -57.24
CA ASP K 97 33.10 31.43 -57.55
C ASP K 97 32.86 32.45 -58.69
N GLU K 98 31.90 32.05 -59.58
CA GLU K 98 31.44 32.97 -60.61
C GLU K 98 30.32 33.97 -60.08
N GLU K 99 30.13 35.11 -60.81
CA GLU K 99 29.28 36.25 -60.47
C GLU K 99 27.80 35.89 -60.35
N THR K 100 27.29 35.11 -61.26
CA THR K 100 25.96 34.47 -61.23
C THR K 100 25.74 33.50 -60.07
N ALA K 101 24.51 33.46 -59.59
CA ALA K 101 24.25 32.56 -58.46
C ALA K 101 23.30 31.48 -58.82
N ASP K 102 22.93 31.30 -60.01
CA ASP K 102 21.92 30.44 -60.53
C ASP K 102 22.29 28.94 -60.46
N GLY K 103 21.34 28.05 -60.27
CA GLY K 103 21.46 26.59 -60.23
C GLY K 103 21.59 25.97 -58.75
N THR K 104 21.42 26.77 -57.65
CA THR K 104 21.53 26.29 -56.30
C THR K 104 20.42 25.33 -55.92
N LYS K 105 19.17 25.53 -56.41
CA LYS K 105 18.16 24.53 -56.14
C LYS K 105 18.48 23.22 -56.79
N THR K 106 19.04 23.32 -58.06
CA THR K 106 19.36 22.09 -58.86
C THR K 106 20.48 21.41 -58.18
N ALA K 107 21.71 22.08 -57.98
CA ALA K 107 22.81 21.51 -57.18
C ALA K 107 22.50 20.69 -55.92
N VAL K 108 21.62 21.20 -55.05
CA VAL K 108 21.35 20.49 -53.79
C VAL K 108 20.52 19.25 -54.05
N ILE K 109 19.41 19.49 -54.79
CA ILE K 109 18.51 18.39 -55.19
C ILE K 109 19.25 17.24 -55.93
N PHE K 110 19.91 17.56 -57.08
CA PHE K 110 20.70 16.54 -57.77
C PHE K 110 21.75 15.79 -57.06
N SER K 111 22.53 16.47 -56.13
CA SER K 111 23.52 15.97 -55.21
C SER K 111 22.91 14.91 -54.39
N GLY K 112 21.77 15.26 -53.73
CA GLY K 112 21.00 14.35 -52.91
C GLY K 112 20.38 13.21 -53.64
N GLU K 113 20.07 13.33 -54.97
CA GLU K 113 19.58 12.19 -55.79
C GLU K 113 20.61 11.18 -56.05
N LEU K 114 21.91 11.60 -56.32
CA LEU K 114 23.03 10.70 -56.39
C LEU K 114 23.35 9.96 -55.07
N VAL K 115 23.26 10.60 -53.88
CA VAL K 115 23.29 10.03 -52.56
C VAL K 115 22.10 9.04 -52.25
N LYS K 116 20.87 9.45 -52.62
CA LYS K 116 19.66 8.69 -52.59
C LYS K 116 19.66 7.40 -53.36
N LYS K 117 19.89 7.47 -54.70
CA LYS K 117 20.17 6.33 -55.58
C LYS K 117 21.32 5.51 -55.23
N ALA K 118 22.36 6.04 -54.49
CA ALA K 118 23.58 5.34 -54.12
C ALA K 118 23.24 4.45 -52.96
N GLU K 119 22.27 4.84 -52.11
CA GLU K 119 21.86 3.98 -50.97
C GLU K 119 21.35 2.64 -51.45
N ASP K 120 20.59 2.62 -52.60
CA ASP K 120 20.04 1.38 -53.24
C ASP K 120 21.21 0.49 -53.68
N LEU K 121 22.39 1.06 -53.99
CA LEU K 121 23.55 0.25 -54.36
C LEU K 121 24.18 -0.43 -53.16
N LEU K 122 24.20 0.29 -52.06
CA LEU K 122 24.75 -0.14 -50.77
C LEU K 122 23.86 -1.34 -50.25
N TYR K 123 22.54 -1.32 -50.51
CA TYR K 123 21.59 -2.35 -50.24
C TYR K 123 21.90 -3.64 -50.93
N LYS K 124 22.38 -3.62 -52.14
CA LYS K 124 22.81 -4.81 -52.90
C LYS K 124 24.23 -5.30 -52.66
N ASP K 125 24.90 -4.63 -51.68
CA ASP K 125 26.18 -4.85 -51.07
C ASP K 125 27.30 -4.53 -52.01
N VAL K 126 27.22 -3.38 -52.69
CA VAL K 126 28.32 -3.03 -53.54
C VAL K 126 29.09 -1.99 -52.80
N HIS K 127 30.38 -2.13 -52.72
CA HIS K 127 31.12 -1.20 -51.91
C HIS K 127 31.27 0.26 -52.50
N PRO K 128 31.32 1.35 -51.64
CA PRO K 128 31.41 2.76 -52.01
C PRO K 128 32.72 2.96 -52.81
N THR K 129 33.85 2.22 -52.75
CA THR K 129 34.96 2.47 -53.72
C THR K 129 34.61 2.32 -55.14
N ILE K 130 33.69 1.34 -55.51
CA ILE K 130 33.18 1.19 -56.88
C ILE K 130 32.20 2.28 -57.23
N ILE K 131 31.27 2.55 -56.31
CA ILE K 131 30.30 3.66 -56.62
C ILE K 131 31.04 4.95 -56.91
N ILE K 132 32.20 5.19 -56.32
CA ILE K 132 32.90 6.45 -56.60
C ILE K 132 33.44 6.48 -57.99
N SER K 133 34.20 5.41 -58.35
CA SER K 133 34.60 5.22 -59.71
C SER K 133 33.54 5.11 -60.76
N GLY K 134 32.45 4.38 -60.52
CA GLY K 134 31.23 4.34 -61.32
C GLY K 134 30.60 5.71 -61.66
N TYR K 135 30.28 6.52 -60.56
CA TYR K 135 29.80 7.89 -60.68
C TYR K 135 30.84 8.72 -61.41
N LYS K 136 32.09 8.57 -61.13
CA LYS K 136 33.16 9.31 -61.83
C LYS K 136 33.18 9.18 -63.38
N LYS K 137 33.24 7.94 -63.89
CA LYS K 137 33.10 7.61 -65.34
C LYS K 137 31.87 8.15 -66.01
N ALA K 138 30.77 8.10 -65.28
CA ALA K 138 29.49 8.57 -65.70
C ALA K 138 29.44 10.09 -65.79
N GLU K 139 30.07 10.82 -64.82
CA GLU K 139 30.26 12.25 -64.76
C GLU K 139 31.07 12.73 -65.98
N GLU K 140 32.16 12.10 -66.28
CA GLU K 140 33.12 12.39 -67.36
C GLU K 140 32.38 12.61 -68.70
N VAL K 141 31.66 11.50 -69.14
CA VAL K 141 30.74 11.42 -70.26
C VAL K 141 29.63 12.52 -70.20
N ALA K 142 28.90 12.55 -69.05
CA ALA K 142 27.84 13.50 -68.76
C ALA K 142 28.17 14.99 -69.00
N LEU K 143 29.44 15.40 -68.63
CA LEU K 143 30.01 16.70 -68.94
C LEU K 143 30.25 16.90 -70.43
N GLN K 144 31.16 16.10 -71.07
CA GLN K 144 31.43 16.32 -72.51
C GLN K 144 30.32 16.27 -73.45
N THR K 145 29.26 15.56 -73.10
CA THR K 145 27.98 15.55 -73.81
C THR K 145 27.24 16.93 -73.66
N ILE K 146 27.54 17.91 -72.80
CA ILE K 146 26.88 19.24 -72.80
C ILE K 146 27.72 20.10 -73.72
N GLN K 147 29.02 19.96 -73.70
CA GLN K 147 30.01 20.61 -74.61
C GLN K 147 29.67 20.23 -76.14
N GLU K 148 29.71 18.92 -76.49
CA GLU K 148 29.53 18.54 -77.94
C GLU K 148 28.12 18.62 -78.53
N LEU K 149 27.38 19.69 -78.20
CA LEU K 149 26.13 20.04 -78.78
C LEU K 149 25.86 21.51 -78.56
N ALA K 150 26.40 22.20 -77.57
CA ALA K 150 26.10 23.50 -77.14
C ALA K 150 26.29 24.53 -78.27
N GLN K 151 25.47 25.53 -78.31
CA GLN K 151 25.44 26.42 -79.46
C GLN K 151 26.00 27.73 -79.13
N THR K 152 26.78 28.28 -80.12
CA THR K 152 27.59 29.48 -80.09
C THR K 152 26.88 30.79 -80.12
N VAL K 153 26.98 31.58 -78.97
CA VAL K 153 26.42 32.86 -78.79
C VAL K 153 27.50 33.96 -78.88
N SER K 154 27.24 35.05 -79.65
CA SER K 154 28.21 36.07 -79.80
C SER K 154 27.37 37.34 -79.91
N ILE K 155 28.00 38.48 -79.99
CA ILE K 155 27.43 39.83 -79.82
C ILE K 155 26.14 40.17 -80.59
N ASN K 156 25.96 39.57 -81.78
CA ASN K 156 24.92 39.92 -82.68
C ASN K 156 23.76 38.93 -82.66
N ASP K 157 23.87 37.94 -81.77
CA ASP K 157 22.68 37.07 -81.43
C ASP K 157 21.69 37.78 -80.46
N THR K 158 21.34 39.02 -80.80
CA THR K 158 20.59 39.84 -79.82
C THR K 158 19.15 39.37 -79.75
N ASP K 159 18.55 38.66 -80.78
CA ASP K 159 17.24 38.09 -80.63
C ASP K 159 17.30 36.87 -79.77
N LEU K 160 18.48 36.38 -79.49
CA LEU K 160 18.74 35.12 -78.77
C LEU K 160 18.82 35.39 -77.35
N LEU K 161 19.63 36.50 -77.02
CA LEU K 161 19.62 37.00 -75.66
C LEU K 161 18.31 37.52 -75.11
N ARG K 162 17.46 38.04 -75.99
CA ARG K 162 16.02 38.37 -75.65
C ARG K 162 15.34 37.17 -75.12
N LYS K 163 15.71 35.91 -75.58
CA LYS K 163 15.09 34.69 -75.13
C LYS K 163 15.65 34.29 -73.75
N ILE K 164 16.94 34.01 -73.55
CA ILE K 164 17.62 33.74 -72.31
C ILE K 164 17.29 34.73 -71.19
N ALA K 165 17.03 35.98 -71.52
CA ALA K 165 16.53 37.04 -70.65
C ALA K 165 15.11 36.87 -70.16
N MET K 166 14.18 36.48 -71.00
CA MET K 166 12.82 36.12 -70.65
C MET K 166 12.72 34.87 -69.76
N THR K 167 13.59 33.96 -70.11
CA THR K 167 13.99 32.76 -69.40
C THR K 167 14.54 32.99 -67.95
N SER K 168 14.86 34.26 -67.64
CA SER K 168 15.38 34.61 -66.31
C SER K 168 14.25 35.35 -65.66
N LEU K 169 13.62 36.40 -66.37
CA LEU K 169 12.62 37.28 -65.67
C LEU K 169 11.25 36.60 -65.57
N SER K 170 10.84 35.73 -66.49
CA SER K 170 9.51 35.02 -66.46
C SER K 170 9.15 34.17 -65.31
N SER K 171 10.12 33.69 -64.52
CA SER K 171 9.90 32.84 -63.36
C SER K 171 9.95 33.64 -62.02
N LYS K 172 9.94 35.00 -62.20
CA LYS K 172 9.94 35.87 -61.04
C LYS K 172 8.52 36.28 -60.86
N ALA K 173 8.11 36.80 -59.68
CA ALA K 173 6.77 37.31 -59.36
C ALA K 173 6.41 38.56 -60.20
N VAL K 174 7.41 39.50 -60.39
CA VAL K 174 7.21 40.63 -61.28
C VAL K 174 7.00 40.21 -62.78
N ALA K 175 5.79 40.39 -63.39
CA ALA K 175 5.57 39.88 -64.73
C ALA K 175 5.16 40.98 -65.68
N GLY K 176 4.53 42.08 -65.13
CA GLY K 176 4.05 43.19 -65.97
C GLY K 176 5.23 43.78 -66.74
N ALA K 177 4.99 43.69 -68.06
CA ALA K 177 5.87 44.12 -69.13
C ALA K 177 7.33 43.71 -69.03
N ARG K 178 7.53 42.40 -68.81
CA ARG K 178 8.89 41.88 -68.74
C ARG K 178 9.69 41.87 -70.02
N GLU K 179 8.96 41.78 -71.12
CA GLU K 179 9.54 41.85 -72.51
C GLU K 179 10.37 43.13 -72.65
N TYR K 180 9.84 44.24 -72.09
CA TYR K 180 10.42 45.61 -72.00
C TYR K 180 11.76 45.51 -71.29
N ILE K 181 11.82 44.83 -70.09
CA ILE K 181 12.98 44.64 -69.31
C ILE K 181 13.99 43.68 -70.03
N ALA K 182 13.53 42.58 -70.71
CA ALA K 182 14.35 41.73 -71.58
C ALA K 182 15.04 42.58 -72.65
N ASP K 183 14.27 43.40 -73.47
CA ASP K 183 14.86 44.17 -74.52
C ASP K 183 15.96 45.12 -74.06
N ILE K 184 15.71 45.84 -72.99
CA ILE K 184 16.66 46.64 -72.34
C ILE K 184 17.92 45.94 -71.83
N VAL K 185 17.78 44.86 -71.02
CA VAL K 185 18.92 44.10 -70.51
C VAL K 185 19.99 43.70 -71.58
N VAL K 186 19.46 43.28 -72.77
CA VAL K 186 20.27 42.88 -73.89
C VAL K 186 21.04 44.06 -74.40
N LYS K 187 20.36 45.16 -74.68
CA LYS K 187 21.04 46.41 -75.13
C LYS K 187 22.04 46.92 -74.09
N ALA K 188 21.69 46.98 -72.80
CA ALA K 188 22.54 47.40 -71.69
C ALA K 188 23.88 46.62 -71.60
N VAL K 189 23.91 45.32 -71.83
CA VAL K 189 25.17 44.53 -71.78
C VAL K 189 25.90 44.65 -73.11
N THR K 190 25.22 44.38 -74.26
CA THR K 190 25.80 44.50 -75.65
C THR K 190 26.43 45.87 -76.01
N GLN K 191 25.89 46.97 -75.37
CA GLN K 191 26.57 48.24 -75.39
C GLN K 191 27.93 48.30 -74.60
N VAL K 192 28.07 47.72 -73.44
CA VAL K 192 29.25 47.81 -72.65
C VAL K 192 30.26 46.70 -72.95
N ALA K 193 29.93 45.50 -73.45
CA ALA K 193 30.72 44.42 -73.88
C ALA K 193 31.80 44.82 -74.85
N GLU K 194 33.03 44.42 -74.61
CA GLU K 194 34.17 44.71 -75.49
C GLU K 194 35.21 43.61 -75.41
N LEU K 195 35.76 43.10 -76.52
CA LEU K 195 36.57 41.91 -76.59
C LEU K 195 37.86 42.19 -75.78
N ARG K 196 38.29 41.17 -75.06
CA ARG K 196 39.49 41.10 -74.22
C ARG K 196 39.95 39.65 -74.42
N GLY K 197 41.25 39.49 -74.75
CA GLY K 197 41.90 38.27 -75.05
C GLY K 197 41.24 37.47 -76.10
N ASP K 198 40.59 38.19 -77.00
CA ASP K 198 39.90 37.73 -78.13
C ASP K 198 38.56 37.03 -77.93
N LYS K 199 37.87 37.38 -76.81
CA LYS K 199 36.56 36.94 -76.34
C LYS K 199 35.85 38.12 -75.67
N TRP K 200 34.50 38.11 -75.77
CA TRP K 200 33.71 39.16 -75.20
C TRP K 200 33.78 39.14 -73.71
N TYR K 201 33.90 40.36 -73.13
CA TYR K 201 33.87 40.50 -71.66
C TYR K 201 33.07 41.80 -71.49
N VAL K 202 32.30 41.91 -70.36
CA VAL K 202 31.37 42.94 -70.07
C VAL K 202 32.01 44.05 -69.26
N ASP K 203 31.94 43.95 -67.91
CA ASP K 203 32.21 44.96 -66.88
C ASP K 203 30.91 45.72 -66.62
N LEU K 204 30.06 45.03 -65.80
CA LEU K 204 28.67 45.31 -65.30
C LEU K 204 28.53 46.63 -64.60
N ASP K 205 29.56 47.10 -63.91
CA ASP K 205 29.64 48.35 -63.25
C ASP K 205 29.35 49.65 -64.11
N ASN K 206 29.51 49.54 -65.46
CA ASN K 206 29.26 50.57 -66.40
C ASN K 206 27.77 50.68 -66.70
N ILE K 207 26.91 50.04 -65.91
CA ILE K 207 25.51 50.10 -66.03
C ILE K 207 25.04 50.32 -64.57
N GLN K 208 24.34 51.46 -64.35
CA GLN K 208 23.80 51.93 -63.08
C GLN K 208 22.32 51.52 -63.11
N ILE K 209 21.67 51.33 -61.95
CA ILE K 209 20.28 50.93 -61.78
C ILE K 209 19.71 51.96 -60.84
N VAL K 210 18.84 52.82 -61.39
CA VAL K 210 18.18 53.90 -60.54
C VAL K 210 16.68 53.45 -60.67
N LYS K 211 15.83 53.61 -59.57
CA LYS K 211 14.44 53.16 -59.64
C LYS K 211 13.55 54.18 -58.90
N LYS K 212 12.44 54.51 -59.54
CA LYS K 212 11.41 55.37 -58.99
C LYS K 212 9.96 54.89 -59.28
N ALA K 213 9.42 54.18 -58.27
CA ALA K 213 8.10 53.52 -58.26
C ALA K 213 6.86 54.21 -58.89
N GLY K 214 5.73 53.52 -59.08
CA GLY K 214 4.41 54.00 -59.60
C GLY K 214 4.54 54.49 -60.94
N GLY K 215 3.38 54.96 -61.53
CA GLY K 215 3.43 55.42 -62.94
C GLY K 215 3.37 54.33 -63.92
N SER K 216 3.52 54.60 -65.22
CA SER K 216 3.53 53.43 -66.15
C SER K 216 4.81 52.58 -66.16
N ILE K 217 4.69 51.29 -66.45
CA ILE K 217 5.80 50.34 -66.73
C ILE K 217 6.46 50.64 -68.12
N ASN K 218 5.77 51.35 -69.05
CA ASN K 218 6.30 51.88 -70.28
C ASN K 218 7.32 52.96 -70.04
N ASP K 219 7.37 53.50 -68.83
CA ASP K 219 8.30 54.55 -68.59
C ASP K 219 9.68 53.91 -68.14
N THR K 220 9.88 52.61 -68.33
CA THR K 220 11.11 51.94 -68.03
C THR K 220 12.07 52.25 -69.13
N GLN K 221 13.35 52.65 -68.85
CA GLN K 221 14.25 53.06 -69.89
C GLN K 221 15.73 52.94 -69.61
N LEU K 222 16.48 52.99 -70.72
CA LEU K 222 17.91 53.05 -70.64
C LEU K 222 18.40 54.45 -70.91
N VAL K 223 19.28 54.90 -70.04
CA VAL K 223 19.77 56.23 -70.12
C VAL K 223 21.25 56.16 -70.73
N TYR K 224 21.56 57.04 -71.66
CA TYR K 224 22.76 57.03 -72.39
C TYR K 224 23.67 58.03 -71.75
N GLY K 225 23.90 57.76 -70.43
CA GLY K 225 24.59 58.67 -69.45
C GLY K 225 24.34 58.29 -68.06
N ILE K 226 24.88 59.10 -67.13
CA ILE K 226 24.73 58.93 -65.71
C ILE K 226 23.56 59.82 -65.11
N VAL K 227 22.96 59.34 -63.96
CA VAL K 227 21.86 59.99 -63.29
C VAL K 227 22.14 60.12 -61.79
N VAL K 228 22.16 61.27 -61.31
CA VAL K 228 22.31 61.71 -59.87
C VAL K 228 20.91 61.99 -59.33
N ASP K 229 20.57 61.14 -58.32
CA ASP K 229 19.34 61.21 -57.54
C ASP K 229 19.35 62.25 -56.51
N LYS K 230 19.30 63.56 -56.95
CA LYS K 230 19.19 64.77 -56.22
C LYS K 230 18.69 65.81 -57.14
N GLU K 231 18.34 67.03 -56.63
CA GLU K 231 17.81 68.15 -57.31
C GLU K 231 18.62 69.42 -57.06
N VAL K 232 18.63 70.32 -58.04
CA VAL K 232 19.34 71.58 -58.06
C VAL K 232 18.90 72.65 -57.13
N VAL K 233 19.95 73.51 -56.84
CA VAL K 233 19.95 74.41 -55.72
C VAL K 233 18.80 75.47 -55.76
N HIS K 234 18.80 76.23 -56.88
CA HIS K 234 17.77 77.21 -57.12
C HIS K 234 16.89 76.69 -58.27
N PRO K 235 15.57 76.81 -58.24
CA PRO K 235 14.72 76.43 -59.35
C PRO K 235 14.74 77.42 -60.52
N GLY K 236 15.33 78.67 -60.37
CA GLY K 236 15.42 79.69 -61.42
C GLY K 236 16.72 79.44 -62.20
N MET K 237 17.55 78.45 -61.81
CA MET K 237 18.79 78.10 -62.55
C MET K 237 18.45 77.31 -63.86
N PRO K 238 19.28 77.38 -64.92
CA PRO K 238 19.11 76.68 -66.19
C PRO K 238 18.72 75.23 -66.15
N LYS K 239 17.79 74.79 -67.04
CA LYS K 239 17.49 73.32 -66.87
C LYS K 239 18.38 72.41 -67.74
N ARG K 240 19.15 73.04 -68.66
CA ARG K 240 20.12 72.52 -69.60
C ARG K 240 21.30 73.43 -69.92
N LEU K 241 22.54 72.90 -69.67
CA LEU K 241 23.77 73.60 -70.06
C LEU K 241 24.43 72.81 -71.15
N GLU K 242 24.88 73.50 -72.21
CA GLU K 242 25.62 72.78 -73.21
C GLU K 242 27.12 72.67 -72.97
N ASN K 243 27.67 71.46 -73.19
CA ASN K 243 29.02 71.06 -73.04
C ASN K 243 29.54 71.37 -71.64
N ALA K 244 28.84 70.99 -70.64
CA ALA K 244 29.22 71.34 -69.27
C ALA K 244 30.44 70.69 -68.64
N LYS K 245 31.34 71.53 -68.04
CA LYS K 245 32.51 70.98 -67.36
C LYS K 245 32.24 70.69 -65.92
N ILE K 246 31.72 69.52 -65.54
CA ILE K 246 31.39 69.09 -64.22
C ILE K 246 32.49 69.30 -63.25
N ALA K 247 32.13 69.71 -61.98
CA ALA K 247 33.06 69.85 -60.91
C ALA K 247 32.57 69.06 -59.76
N LEU K 248 33.04 67.84 -59.59
CA LEU K 248 32.70 66.94 -58.53
C LEU K 248 33.36 67.30 -57.14
N ILE K 249 32.76 68.14 -56.33
CA ILE K 249 33.40 68.72 -55.23
C ILE K 249 33.05 68.04 -53.90
N ASP K 250 33.99 67.23 -53.36
CA ASP K 250 33.71 66.50 -52.08
C ASP K 250 33.99 67.30 -50.80
N ALA K 251 34.91 68.23 -50.90
CA ALA K 251 35.03 69.45 -50.08
C ALA K 251 33.71 70.25 -49.83
N SER K 252 33.34 70.47 -48.56
CA SER K 252 32.16 71.19 -48.20
C SER K 252 32.15 72.69 -48.67
N LEU K 253 30.99 73.29 -48.94
CA LEU K 253 30.86 74.66 -49.27
C LEU K 253 30.07 75.34 -48.16
N GLU K 254 30.19 74.89 -46.85
CA GLU K 254 29.36 75.38 -45.83
C GLU K 254 30.07 75.38 -44.51
N VAL K 255 29.63 76.31 -43.58
CA VAL K 255 30.29 76.55 -42.34
C VAL K 255 29.77 75.42 -41.35
N GLU K 256 30.59 75.18 -40.35
CA GLU K 256 30.46 74.22 -39.30
C GLU K 256 30.41 74.95 -38.06
N LYS K 257 29.89 74.46 -36.96
CA LYS K 257 29.93 75.22 -35.67
C LYS K 257 31.26 75.31 -34.94
N PRO K 258 31.68 76.38 -34.31
CA PRO K 258 32.92 76.34 -33.58
C PRO K 258 32.63 75.76 -32.16
N GLU K 259 31.36 75.66 -31.77
CA GLU K 259 30.81 75.23 -30.52
C GLU K 259 30.32 73.78 -30.56
N LEU K 260 30.92 73.08 -31.52
CA LEU K 260 30.53 71.72 -31.91
C LEU K 260 30.85 70.60 -30.86
N ASP K 261 32.10 70.53 -30.29
CA ASP K 261 32.52 69.56 -29.29
C ASP K 261 32.80 70.32 -28.00
N ALA K 262 33.13 71.64 -28.08
CA ALA K 262 33.47 72.42 -26.92
C ALA K 262 32.88 73.80 -27.11
N GLU K 263 32.20 74.39 -26.17
CA GLU K 263 31.70 75.82 -26.29
C GLU K 263 32.81 76.92 -26.46
N ILE K 264 32.59 78.02 -27.23
CA ILE K 264 33.52 79.11 -27.29
C ILE K 264 33.64 79.95 -25.98
N ARG K 265 34.85 80.40 -25.62
CA ARG K 265 35.21 81.08 -24.37
C ARG K 265 35.60 82.48 -24.67
N ILE K 266 35.27 82.92 -25.90
CA ILE K 266 35.41 84.20 -26.47
C ILE K 266 34.72 85.30 -25.69
N ASN K 267 35.46 86.32 -25.15
CA ASN K 267 34.87 87.32 -24.28
C ASN K 267 34.01 88.46 -24.94
N ASP K 268 34.54 89.07 -25.99
CA ASP K 268 33.94 90.18 -26.69
C ASP K 268 33.07 89.70 -27.86
N PRO K 269 31.85 90.06 -28.13
CA PRO K 269 31.15 89.49 -29.24
C PRO K 269 31.73 90.04 -30.56
N THR K 270 32.52 91.20 -30.63
CA THR K 270 33.06 91.73 -31.92
C THR K 270 33.98 90.61 -32.44
N GLN K 271 34.71 89.83 -31.56
CA GLN K 271 35.57 88.76 -32.01
C GLN K 271 34.80 87.56 -32.58
N MET K 272 33.64 87.24 -31.89
CA MET K 272 32.64 86.26 -32.38
C MET K 272 32.13 86.50 -33.79
N GLN K 273 31.48 87.61 -34.09
CA GLN K 273 31.19 88.13 -35.38
C GLN K 273 32.37 88.03 -36.35
N LYS K 274 33.53 88.72 -36.19
CA LYS K 274 34.77 88.42 -37.04
C LYS K 274 35.43 87.01 -37.25
N PHE K 275 35.08 86.02 -36.42
CA PHE K 275 35.47 84.64 -36.56
C PHE K 275 34.48 84.05 -37.63
N LEU K 276 33.14 84.17 -37.35
CA LEU K 276 32.11 83.63 -38.27
C LEU K 276 32.04 84.39 -39.58
N ASP K 277 32.56 85.60 -39.65
CA ASP K 277 32.65 86.43 -40.84
C ASP K 277 33.77 85.84 -41.74
N GLU K 278 35.01 85.64 -41.25
CA GLU K 278 36.16 85.14 -42.04
C GLU K 278 35.98 83.78 -42.53
N GLU K 279 35.23 82.96 -41.79
CA GLU K 279 34.86 81.60 -42.12
C GLU K 279 33.83 81.59 -43.31
N GLU K 280 33.04 82.64 -43.50
CA GLU K 280 32.11 82.82 -44.56
C GLU K 280 32.86 83.28 -45.82
N ASN K 281 33.88 84.09 -45.70
CA ASN K 281 34.67 84.53 -46.77
C ASN K 281 35.56 83.42 -47.32
N LEU K 282 35.73 82.32 -46.52
CA LEU K 282 36.47 81.11 -46.92
C LEU K 282 35.81 80.31 -47.95
N ILE K 283 34.43 80.28 -47.83
CA ILE K 283 33.61 79.60 -48.84
C ILE K 283 33.56 80.43 -50.17
N LYS K 284 33.53 81.76 -50.12
CA LYS K 284 33.83 82.49 -51.32
C LYS K 284 35.21 82.37 -51.93
N GLU K 285 36.23 82.11 -51.14
CA GLU K 285 37.56 81.73 -51.62
C GLU K 285 37.58 80.38 -52.38
N LYS K 286 37.03 79.28 -51.77
CA LYS K 286 37.01 77.93 -52.32
C LYS K 286 36.36 77.92 -53.73
N VAL K 287 35.22 78.67 -53.83
CA VAL K 287 34.45 78.93 -55.03
C VAL K 287 35.21 79.60 -56.09
N ASP K 288 35.96 80.67 -55.72
CA ASP K 288 36.84 81.41 -56.68
C ASP K 288 38.09 80.47 -57.08
N LYS K 289 38.64 79.65 -56.20
CA LYS K 289 39.68 78.66 -56.51
C LYS K 289 39.29 77.56 -57.46
N ILE K 290 37.95 77.23 -57.58
CA ILE K 290 37.32 76.21 -58.47
C ILE K 290 37.06 76.95 -59.78
N LEU K 291 36.48 78.19 -59.79
CA LEU K 291 36.25 78.90 -61.04
C LEU K 291 37.42 79.37 -61.79
N ALA K 292 38.65 79.38 -61.14
CA ALA K 292 39.85 79.56 -61.77
C ALA K 292 40.25 78.55 -62.81
N THR K 293 39.54 77.45 -62.73
CA THR K 293 39.69 76.21 -63.41
C THR K 293 38.71 76.13 -64.62
N GLY K 294 37.68 77.00 -64.60
CA GLY K 294 36.76 77.09 -65.79
C GLY K 294 35.47 76.32 -65.73
N ALA K 295 34.95 75.86 -64.58
CA ALA K 295 33.72 75.03 -64.46
C ALA K 295 32.40 75.69 -65.02
N ASN K 296 31.54 74.69 -65.41
CA ASN K 296 30.19 75.07 -65.78
C ASN K 296 29.10 74.64 -64.91
N VAL K 297 29.24 73.45 -64.27
CA VAL K 297 28.33 72.86 -63.34
C VAL K 297 29.03 72.25 -62.21
N ILE K 298 28.49 72.20 -61.00
CA ILE K 298 29.13 71.84 -59.75
C ILE K 298 28.19 71.10 -58.82
N ILE K 299 28.68 69.89 -58.45
CA ILE K 299 27.90 68.91 -57.74
C ILE K 299 28.76 68.63 -56.52
N CYS K 300 28.15 68.46 -55.31
CA CYS K 300 28.98 68.25 -54.18
C CYS K 300 28.41 67.09 -53.28
N GLN K 301 29.06 66.65 -52.18
CA GLN K 301 28.74 65.61 -51.27
C GLN K 301 27.94 66.08 -50.04
N LYS K 302 28.20 67.34 -49.59
CA LYS K 302 27.55 68.06 -48.49
C LYS K 302 26.80 69.36 -48.87
N GLY K 303 26.53 70.26 -47.94
CA GLY K 303 25.76 71.43 -48.20
C GLY K 303 26.56 72.57 -48.74
N ILE K 304 25.81 73.69 -49.01
CA ILE K 304 26.37 75.01 -49.58
C ILE K 304 25.74 76.15 -48.90
N ASP K 305 26.59 77.14 -48.51
CA ASP K 305 26.28 78.45 -47.86
C ASP K 305 25.40 79.26 -48.75
N GLU K 306 24.56 80.16 -48.14
CA GLU K 306 23.48 80.81 -49.00
C GLU K 306 24.08 81.90 -49.86
N VAL K 307 25.22 82.51 -49.41
CA VAL K 307 25.99 83.55 -50.01
C VAL K 307 26.82 82.99 -51.09
N ALA K 308 27.25 81.70 -50.86
CA ALA K 308 27.86 80.87 -51.93
C ALA K 308 26.92 80.34 -53.07
N GLN K 309 25.58 80.29 -52.89
CA GLN K 309 24.62 79.81 -53.91
C GLN K 309 24.49 81.05 -54.81
N SER K 310 24.33 82.24 -54.22
CA SER K 310 24.26 83.52 -54.85
C SER K 310 25.52 83.84 -55.65
N TYR K 311 26.67 83.37 -55.23
CA TYR K 311 27.92 83.49 -55.90
C TYR K 311 27.99 82.65 -57.13
N LEU K 312 27.59 81.36 -57.02
CA LEU K 312 27.56 80.54 -58.19
C LEU K 312 26.49 80.92 -59.20
N ALA K 313 25.36 81.42 -58.71
CA ALA K 313 24.27 81.95 -59.54
C ALA K 313 24.60 83.21 -60.25
N LYS K 314 25.30 84.24 -59.66
CA LYS K 314 25.63 85.44 -60.37
C LYS K 314 26.74 85.16 -61.44
N LYS K 315 27.62 84.11 -61.26
CA LYS K 315 28.62 83.73 -62.22
C LYS K 315 28.05 82.88 -63.43
N GLY K 316 26.92 82.21 -63.25
CA GLY K 316 26.27 81.38 -64.33
C GLY K 316 26.65 79.92 -64.22
N VAL K 317 26.64 79.42 -62.98
CA VAL K 317 26.90 78.02 -62.63
C VAL K 317 25.65 77.31 -62.12
N LEU K 318 25.54 76.02 -62.43
CA LEU K 318 24.39 75.22 -62.03
C LEU K 318 24.82 74.27 -60.97
N ALA K 319 24.29 74.37 -59.78
CA ALA K 319 24.87 73.80 -58.64
C ALA K 319 23.89 72.81 -58.06
N VAL K 320 24.36 71.68 -57.48
CA VAL K 320 23.63 70.60 -56.93
C VAL K 320 24.17 70.39 -55.55
N ARG K 321 23.29 70.08 -54.58
CA ARG K 321 23.55 70.01 -53.15
C ARG K 321 23.37 68.66 -52.51
N ARG K 322 24.28 68.30 -51.57
CA ARG K 322 24.32 67.07 -50.79
C ARG K 322 23.90 65.78 -51.53
N ALA K 323 24.76 65.24 -52.41
CA ALA K 323 24.56 64.07 -53.23
C ALA K 323 25.33 62.94 -52.76
N LYS K 324 24.93 61.71 -53.17
CA LYS K 324 25.67 60.51 -52.75
C LYS K 324 27.11 60.41 -53.29
N LYS K 325 28.08 60.15 -52.41
CA LYS K 325 29.43 59.96 -52.71
C LYS K 325 29.65 58.87 -53.74
N SER K 326 28.72 57.89 -53.67
CA SER K 326 28.43 56.81 -54.63
C SER K 326 28.21 57.16 -56.08
N ASP K 327 27.64 58.41 -56.25
CA ASP K 327 27.24 58.83 -57.55
C ASP K 327 28.29 59.81 -58.08
N LEU K 328 29.12 60.43 -57.23
CA LEU K 328 30.29 61.16 -57.65
C LEU K 328 31.31 60.26 -58.39
N GLU K 329 31.61 58.99 -57.85
CA GLU K 329 32.52 58.05 -58.39
C GLU K 329 32.18 57.49 -59.78
N LYS K 330 30.95 56.93 -59.86
CA LYS K 330 30.34 56.47 -61.08
C LYS K 330 30.26 57.44 -62.21
N LEU K 331 30.25 58.72 -61.87
CA LEU K 331 30.24 59.91 -62.71
C LEU K 331 31.63 60.46 -63.02
N ALA K 332 32.64 60.15 -62.27
CA ALA K 332 34.05 60.35 -62.46
C ALA K 332 34.59 59.69 -63.69
N ARG K 333 34.68 58.37 -63.74
CA ARG K 333 35.20 57.59 -64.85
C ARG K 333 34.30 57.47 -66.10
N ALA K 334 33.19 58.31 -66.14
CA ALA K 334 32.33 58.47 -67.22
C ALA K 334 32.55 59.79 -67.89
N THR K 335 33.02 60.84 -67.06
CA THR K 335 33.14 62.18 -67.57
C THR K 335 34.62 62.61 -67.69
N GLY K 336 35.43 61.67 -67.29
CA GLY K 336 36.87 61.88 -67.34
C GLY K 336 37.48 62.74 -66.28
N GLY K 337 36.69 63.34 -65.39
CA GLY K 337 37.05 64.08 -64.17
C GLY K 337 37.30 63.24 -62.94
N ARG K 338 37.64 63.78 -61.71
CA ARG K 338 37.78 63.03 -60.48
C ARG K 338 37.18 63.83 -59.29
N VAL K 339 36.73 63.13 -58.25
CA VAL K 339 36.18 63.62 -56.99
C VAL K 339 37.33 64.36 -56.25
N VAL K 340 37.08 65.70 -56.18
CA VAL K 340 38.07 66.61 -55.53
C VAL K 340 37.71 66.85 -54.08
N SER K 341 38.54 66.25 -53.18
CA SER K 341 38.31 66.50 -51.72
C SER K 341 39.04 67.66 -51.16
N ASN K 342 39.97 68.14 -52.00
CA ASN K 342 40.69 69.32 -51.59
C ASN K 342 40.58 70.49 -52.63
N ILE K 343 39.92 71.59 -52.40
CA ILE K 343 39.99 72.69 -53.28
C ILE K 343 41.34 73.23 -53.65
N ASP K 344 42.33 73.10 -52.77
CA ASP K 344 43.68 73.47 -52.99
C ASP K 344 44.50 72.42 -53.77
N GLU K 345 43.85 71.32 -54.33
CA GLU K 345 44.39 70.20 -55.02
C GLU K 345 43.72 69.93 -56.43
N ILE K 346 42.72 70.77 -56.77
CA ILE K 346 42.00 70.80 -58.04
C ILE K 346 42.87 71.11 -59.30
N SER K 347 42.66 70.29 -60.36
CA SER K 347 43.38 70.44 -61.55
C SER K 347 42.36 70.59 -62.67
N GLU K 348 42.73 71.06 -63.88
CA GLU K 348 41.84 71.14 -65.05
C GLU K 348 41.48 69.75 -65.64
N GLN K 349 42.43 68.76 -65.45
CA GLN K 349 42.11 67.33 -65.72
C GLN K 349 41.00 66.82 -64.79
N ASP K 350 41.06 67.38 -63.56
CA ASP K 350 39.97 66.92 -62.58
C ASP K 350 38.59 67.32 -62.88
N LEU K 351 38.40 68.33 -63.74
CA LEU K 351 37.03 68.65 -64.20
C LEU K 351 36.44 67.58 -65.12
N GLY K 352 35.09 67.33 -65.13
CA GLY K 352 34.51 66.47 -66.14
C GLY K 352 34.01 66.98 -67.42
N TYR K 353 33.54 66.07 -68.31
CA TYR K 353 32.98 66.40 -69.57
C TYR K 353 31.77 65.53 -69.90
N ALA K 354 30.82 66.27 -70.46
CA ALA K 354 29.61 65.60 -70.98
C ALA K 354 28.99 66.66 -71.95
N SER K 355 28.29 66.20 -73.03
CA SER K 355 27.68 66.97 -74.15
C SER K 355 26.70 67.92 -73.65
N LEU K 356 25.88 67.49 -72.69
CA LEU K 356 24.68 68.23 -72.18
C LEU K 356 24.34 67.71 -70.75
N ILE K 357 24.22 68.63 -69.77
CA ILE K 357 23.70 68.25 -68.47
C ILE K 357 22.39 68.93 -68.23
N GLU K 358 21.47 68.22 -67.58
CA GLU K 358 20.16 68.68 -67.33
C GLU K 358 19.58 68.18 -66.03
N GLU K 359 18.39 68.68 -65.74
CA GLU K 359 17.67 68.28 -64.54
C GLU K 359 16.20 68.11 -65.02
N ARG K 360 15.59 67.02 -64.69
CA ARG K 360 14.21 66.58 -65.07
C ARG K 360 13.47 66.06 -63.90
N LYS K 361 12.12 65.89 -63.93
CA LYS K 361 11.29 65.36 -62.86
C LYS K 361 10.83 63.95 -63.23
N VAL K 362 10.99 63.02 -62.34
CA VAL K 362 10.58 61.65 -62.52
C VAL K 362 9.66 61.24 -61.45
N GLY K 363 8.33 61.16 -61.68
CA GLY K 363 7.26 60.79 -60.75
C GLY K 363 6.96 61.86 -59.68
N GLU K 364 7.58 61.67 -58.48
CA GLU K 364 7.58 62.79 -57.49
C GLU K 364 8.99 63.27 -57.13
N ASP K 365 10.07 62.82 -57.80
CA ASP K 365 11.41 63.19 -57.46
C ASP K 365 12.06 63.87 -58.68
N LYS K 366 12.61 65.11 -58.53
CA LYS K 366 13.49 65.61 -59.56
C LYS K 366 14.84 64.92 -59.54
N MET K 367 15.57 64.76 -60.64
CA MET K 367 16.81 64.04 -60.83
C MET K 367 17.62 64.77 -61.78
N VAL K 368 19.00 64.78 -61.53
CA VAL K 368 19.89 65.47 -62.44
C VAL K 368 20.44 64.42 -63.35
N PHE K 369 20.47 64.70 -64.63
CA PHE K 369 20.96 63.75 -65.65
C PHE K 369 22.20 64.27 -66.28
N VAL K 370 23.05 63.32 -66.76
CA VAL K 370 24.32 63.76 -67.43
C VAL K 370 24.49 62.93 -68.71
N GLU K 371 23.56 63.05 -69.63
CA GLU K 371 23.50 62.35 -70.96
C GLU K 371 24.56 62.79 -71.90
N GLY K 372 25.02 61.88 -72.81
CA GLY K 372 26.04 62.25 -73.74
C GLY K 372 27.42 62.47 -73.07
N ALA K 373 27.77 61.65 -72.05
CA ALA K 373 29.02 61.71 -71.26
C ALA K 373 30.19 61.25 -72.08
N LYS K 374 31.38 61.68 -71.60
CA LYS K 374 32.64 61.49 -72.27
C LYS K 374 32.85 59.99 -72.61
N ASN K 375 32.77 59.08 -71.57
CA ASN K 375 32.92 57.61 -71.83
C ASN K 375 31.59 57.11 -72.42
N PRO K 376 31.54 56.56 -73.57
CA PRO K 376 30.24 56.01 -74.06
C PRO K 376 29.86 54.75 -73.39
N LYS K 377 30.71 54.06 -72.73
CA LYS K 377 30.44 52.83 -72.04
C LYS K 377 29.44 52.92 -70.90
N SER K 378 29.58 53.95 -70.06
CA SER K 378 28.78 54.24 -68.90
C SER K 378 27.43 54.85 -69.11
N ILE K 379 26.33 54.00 -68.98
CA ILE K 379 24.99 54.25 -69.27
C ILE K 379 24.26 53.84 -68.04
N SER K 380 22.96 54.09 -67.91
CA SER K 380 22.23 53.74 -66.69
C SER K 380 20.92 53.00 -67.14
N ILE K 381 20.24 52.28 -66.15
CA ILE K 381 18.88 51.85 -66.32
C ILE K 381 18.00 52.55 -65.26
N LEU K 382 16.78 52.99 -65.68
CA LEU K 382 15.72 53.58 -64.88
C LEU K 382 14.50 52.68 -64.87
N ILE K 383 14.15 52.06 -63.73
CA ILE K 383 13.08 51.15 -63.43
C ILE K 383 11.88 52.00 -62.94
N ARG K 384 10.63 51.65 -63.32
CA ARG K 384 9.36 52.33 -62.99
C ARG K 384 8.14 51.41 -63.12
N GLY K 385 6.99 51.91 -62.62
CA GLY K 385 5.78 51.19 -62.75
C GLY K 385 5.38 50.12 -61.79
N GLY K 386 6.19 49.91 -60.74
CA GLY K 386 5.71 48.88 -59.80
C GLY K 386 5.39 49.64 -58.60
N LEU K 387 4.77 49.00 -57.62
CA LEU K 387 4.57 49.50 -56.26
C LEU K 387 5.88 49.65 -55.42
N GLU K 388 5.89 50.30 -54.24
CA GLU K 388 7.07 50.50 -53.49
C GLU K 388 7.84 49.25 -53.05
N ARG K 389 7.27 48.05 -52.98
CA ARG K 389 7.97 46.85 -52.60
C ARG K 389 8.21 46.05 -53.90
N LEU K 390 7.33 46.06 -54.88
CA LEU K 390 7.49 45.49 -56.19
C LEU K 390 8.63 46.06 -56.91
N VAL K 391 8.88 47.42 -56.81
CA VAL K 391 9.94 48.14 -57.53
C VAL K 391 11.26 47.57 -57.02
N ASP K 392 11.47 47.37 -55.70
CA ASP K 392 12.63 46.76 -55.00
C ASP K 392 12.83 45.37 -55.65
N GLU K 393 11.88 44.51 -55.83
CA GLU K 393 11.98 43.19 -56.37
C GLU K 393 12.19 43.12 -57.85
N THR K 394 11.95 44.25 -58.60
CA THR K 394 12.38 44.50 -60.01
C THR K 394 13.92 44.78 -60.00
N GLU K 395 14.44 45.36 -58.95
CA GLU K 395 15.91 45.48 -58.96
C GLU K 395 16.71 44.20 -58.77
N ARG K 396 16.14 43.31 -58.00
CA ARG K 396 16.62 41.96 -57.77
C ARG K 396 16.56 41.15 -59.09
N ALA K 397 15.31 41.09 -59.65
CA ALA K 397 15.04 40.41 -60.98
C ALA K 397 15.94 40.98 -62.07
N LEU K 398 16.20 42.32 -62.11
CA LEU K 398 17.04 43.01 -63.08
C LEU K 398 18.50 42.62 -62.95
N ARG K 399 19.07 42.46 -61.72
CA ARG K 399 20.41 42.00 -61.53
C ARG K 399 20.62 40.62 -62.11
N ASP K 400 19.76 39.70 -61.76
CA ASP K 400 19.85 38.36 -62.21
C ASP K 400 19.64 38.32 -63.72
N ALA K 401 18.63 38.98 -64.30
CA ALA K 401 18.42 39.08 -65.76
C ALA K 401 19.62 39.64 -66.59
N LEU K 402 20.21 40.74 -66.10
CA LEU K 402 21.36 41.41 -66.63
C LEU K 402 22.53 40.48 -66.58
N GLY K 403 22.82 40.00 -65.38
CA GLY K 403 23.70 38.99 -65.08
C GLY K 403 23.72 37.76 -65.95
N THR K 404 22.54 37.10 -66.09
CA THR K 404 22.47 36.02 -66.97
C THR K 404 22.90 36.29 -68.47
N VAL K 405 22.41 37.37 -69.18
CA VAL K 405 22.84 37.78 -70.48
C VAL K 405 24.31 38.11 -70.64
N ALA K 406 24.76 38.76 -69.57
CA ALA K 406 26.19 38.98 -69.40
C ALA K 406 27.01 37.70 -69.23
N ASP K 407 26.57 36.65 -68.52
CA ASP K 407 27.31 35.37 -68.38
C ASP K 407 27.38 34.62 -69.71
N VAL K 408 26.31 34.76 -70.51
CA VAL K 408 26.20 34.21 -71.83
C VAL K 408 27.24 34.87 -72.73
N ILE K 409 27.48 36.19 -72.56
CA ILE K 409 28.42 36.92 -73.30
C ILE K 409 29.87 36.53 -72.88
N LYS K 410 30.22 36.40 -71.57
CA LYS K 410 31.49 35.98 -71.01
C LYS K 410 31.86 34.48 -71.43
N ASP K 411 30.97 33.50 -71.67
CA ASP K 411 31.18 32.19 -72.08
C ASP K 411 31.02 32.12 -73.56
N GLY K 412 29.73 32.18 -73.98
CA GLY K 412 29.35 32.07 -75.37
C GLY K 412 28.58 30.80 -75.69
N ARG K 413 28.15 30.00 -74.72
CA ARG K 413 27.45 28.74 -74.97
C ARG K 413 26.07 28.73 -74.34
N ALA K 414 25.08 28.27 -75.10
CA ALA K 414 23.68 28.19 -74.70
C ALA K 414 23.01 27.01 -75.36
N ILE K 415 22.25 26.25 -74.49
CA ILE K 415 21.61 25.02 -74.81
C ILE K 415 20.12 25.24 -74.64
N ALA K 416 19.32 24.27 -75.05
CA ALA K 416 17.87 24.25 -74.80
C ALA K 416 17.55 23.80 -73.41
N GLY K 417 16.77 24.55 -72.59
CA GLY K 417 16.29 24.07 -71.24
C GLY K 417 15.07 23.16 -71.46
N GLY K 418 14.21 23.09 -70.41
CA GLY K 418 12.98 22.32 -70.36
C GLY K 418 13.17 20.82 -70.49
N GLY K 419 14.16 20.20 -69.88
CA GLY K 419 14.32 18.74 -69.78
C GLY K 419 15.17 18.09 -70.86
N ALA K 420 15.40 18.82 -71.96
CA ALA K 420 16.10 18.37 -73.17
C ALA K 420 17.61 17.86 -72.92
N VAL K 421 18.51 18.71 -72.36
CA VAL K 421 19.91 18.34 -72.31
C VAL K 421 20.13 17.13 -71.31
N GLU K 422 19.26 17.06 -70.30
CA GLU K 422 19.04 16.04 -69.29
C GLU K 422 18.72 14.81 -70.03
N ILE K 423 17.64 14.67 -70.79
CA ILE K 423 17.30 13.38 -71.46
C ILE K 423 18.46 12.80 -72.31
N GLU K 424 19.26 13.69 -72.94
CA GLU K 424 20.38 13.37 -73.77
C GLU K 424 21.47 12.76 -72.85
N ILE K 425 21.91 13.40 -71.73
CA ILE K 425 22.82 12.91 -70.70
C ILE K 425 22.45 11.59 -70.11
N ALA K 426 21.11 11.35 -70.11
CA ALA K 426 20.48 10.19 -69.60
C ALA K 426 20.76 9.11 -70.63
N LYS K 427 20.12 9.14 -71.79
CA LYS K 427 20.34 8.31 -73.00
C LYS K 427 21.85 7.99 -73.23
N LYS K 428 22.78 9.01 -73.34
CA LYS K 428 24.23 8.67 -73.59
C LYS K 428 24.91 7.71 -72.52
N LEU K 429 24.56 7.81 -71.23
CA LEU K 429 24.98 7.00 -70.19
C LEU K 429 24.32 5.63 -70.21
N ARG K 430 23.04 5.55 -70.60
CA ARG K 430 22.23 4.30 -70.73
C ARG K 430 22.76 3.34 -71.75
N LYS K 431 23.07 3.80 -72.93
CA LYS K 431 23.76 2.97 -73.95
C LYS K 431 25.19 2.54 -73.67
N TYR K 432 25.87 3.35 -72.83
CA TYR K 432 27.19 3.18 -72.29
C TYR K 432 27.31 2.10 -71.23
N ALA K 433 26.52 2.13 -70.16
CA ALA K 433 26.45 1.19 -69.05
C ALA K 433 26.74 -0.23 -69.28
N PRO K 434 26.08 -0.93 -70.17
CA PRO K 434 26.53 -2.28 -70.55
C PRO K 434 28.06 -2.70 -70.66
N GLN K 435 28.79 -1.76 -71.28
CA GLN K 435 30.16 -1.75 -71.76
C GLN K 435 31.11 -1.35 -70.63
N VAL K 436 30.61 -0.66 -69.60
CA VAL K 436 31.54 -0.16 -68.60
C VAL K 436 32.25 -1.22 -67.78
N GLY K 437 31.63 -2.38 -67.40
CA GLY K 437 32.18 -3.45 -66.58
C GLY K 437 31.11 -4.08 -65.75
N GLY K 438 31.50 -4.92 -64.75
CA GLY K 438 30.67 -5.69 -63.86
C GLY K 438 29.83 -4.84 -63.01
N LYS K 439 30.31 -4.47 -61.79
CA LYS K 439 29.53 -3.75 -60.86
C LYS K 439 29.32 -2.26 -61.32
N GLU K 440 30.32 -1.54 -61.81
CA GLU K 440 30.24 -0.22 -62.38
C GLU K 440 29.13 0.03 -63.39
N GLN K 441 28.66 -0.97 -64.17
CA GLN K 441 27.50 -0.85 -65.05
C GLN K 441 26.29 -0.39 -64.25
N LEU K 442 25.90 -1.05 -63.18
CA LEU K 442 24.87 -0.66 -62.22
C LEU K 442 25.03 0.77 -61.59
N ALA K 443 26.24 1.17 -61.29
CA ALA K 443 26.55 2.53 -60.92
C ALA K 443 26.22 3.64 -61.97
N VAL K 444 26.61 3.40 -63.21
CA VAL K 444 26.30 4.23 -64.35
C VAL K 444 24.81 4.24 -64.62
N GLU K 445 24.18 3.00 -64.60
CA GLU K 445 22.73 2.93 -64.74
C GLU K 445 22.00 3.85 -63.75
N ALA K 446 22.56 3.93 -62.49
CA ALA K 446 22.13 4.83 -61.41
C ALA K 446 22.23 6.28 -61.64
N TYR K 447 23.47 6.77 -61.94
CA TYR K 447 23.70 8.13 -62.32
C TYR K 447 22.72 8.69 -63.38
N ALA K 448 22.45 7.74 -64.35
CA ALA K 448 21.61 7.98 -65.53
C ALA K 448 20.16 8.20 -65.12
N ASN K 449 19.69 7.28 -64.30
CA ASN K 449 18.35 7.42 -63.64
C ASN K 449 18.17 8.71 -62.78
N ALA K 450 19.19 9.08 -61.96
CA ALA K 450 19.24 10.35 -61.21
C ALA K 450 19.14 11.62 -62.11
N LEU K 451 19.69 11.64 -63.31
CA LEU K 451 19.36 12.81 -64.22
C LEU K 451 17.85 12.89 -64.67
N GLU K 452 17.22 11.72 -64.89
CA GLU K 452 15.77 11.73 -65.18
C GLU K 452 14.93 12.11 -63.96
N SER K 453 15.39 11.69 -62.72
CA SER K 453 14.75 12.09 -61.49
C SER K 453 14.56 13.60 -61.28
N LEU K 454 15.61 14.41 -61.69
CA LEU K 454 15.55 15.94 -61.70
C LEU K 454 14.43 16.44 -62.51
N VAL K 455 14.29 15.91 -63.79
CA VAL K 455 13.17 16.26 -64.73
C VAL K 455 11.81 15.67 -64.20
N SER K 456 11.83 14.57 -63.43
CA SER K 456 10.62 14.09 -62.85
C SER K 456 10.02 14.98 -61.84
N ILE K 457 10.79 15.46 -60.90
CA ILE K 457 10.39 16.45 -59.85
C ILE K 457 9.78 17.66 -60.39
N LEU K 458 10.47 18.09 -61.52
CA LEU K 458 10.05 19.13 -62.43
C LEU K 458 8.72 18.94 -63.13
N ILE K 459 8.49 17.70 -63.67
CA ILE K 459 7.16 17.24 -64.15
C ILE K 459 6.10 17.24 -62.95
N GLU K 460 6.44 16.51 -61.81
CA GLU K 460 5.61 16.40 -60.61
C GLU K 460 4.93 17.69 -60.19
N ASN K 461 5.71 18.77 -59.91
CA ASN K 461 5.22 20.09 -59.55
C ASN K 461 4.30 20.73 -60.59
N ALA K 462 4.23 20.25 -61.84
CA ALA K 462 3.32 20.75 -62.85
C ALA K 462 1.91 20.22 -62.73
N GLY K 463 1.73 19.07 -62.14
CA GLY K 463 0.44 18.44 -61.99
C GLY K 463 0.28 17.51 -63.07
N PHE K 464 1.41 17.05 -63.70
CA PHE K 464 1.39 16.14 -64.81
C PHE K 464 2.11 14.88 -64.36
N ASP K 465 1.69 13.70 -64.85
CA ASP K 465 2.26 12.54 -64.32
C ASP K 465 3.74 12.23 -64.70
N PRO K 466 4.66 11.92 -63.76
CA PRO K 466 6.11 11.61 -64.09
C PRO K 466 6.34 10.58 -65.17
N ILE K 467 5.68 9.43 -64.98
CA ILE K 467 5.96 8.32 -65.86
C ILE K 467 5.52 8.61 -67.23
N ASP K 468 4.29 9.10 -67.40
CA ASP K 468 3.66 9.44 -68.65
C ASP K 468 4.58 10.33 -69.45
N LEU K 469 4.96 11.56 -69.02
CA LEU K 469 5.76 12.47 -69.77
C LEU K 469 7.18 11.98 -70.04
N LEU K 470 7.84 11.32 -69.08
CA LEU K 470 9.17 10.69 -69.19
C LEU K 470 9.32 9.64 -70.29
N MET K 471 8.31 8.71 -70.37
CA MET K 471 8.18 7.68 -71.38
C MET K 471 7.91 8.35 -72.71
N LYS K 472 6.99 9.32 -72.70
CA LYS K 472 6.81 10.18 -73.94
C LYS K 472 8.03 10.96 -74.48
N LEU K 473 8.99 11.29 -73.61
CA LEU K 473 10.20 11.94 -73.97
C LEU K 473 11.19 10.92 -74.35
N ARG K 474 11.52 9.83 -73.57
CA ARG K 474 12.46 8.78 -74.05
C ARG K 474 11.95 8.00 -75.34
N SER K 475 10.64 8.19 -75.82
CA SER K 475 10.33 7.82 -77.15
C SER K 475 10.57 8.78 -78.32
N THR K 476 10.23 10.03 -78.08
CA THR K 476 10.41 11.14 -78.96
C THR K 476 11.86 11.70 -79.06
N HIS K 477 12.81 11.05 -78.36
CA HIS K 477 14.25 11.40 -78.25
C HIS K 477 15.09 10.33 -78.91
N GLU K 478 14.45 9.15 -79.37
CA GLU K 478 15.10 8.18 -80.25
C GLU K 478 15.45 8.83 -81.57
N ASN K 479 14.62 9.70 -82.29
CA ASN K 479 15.09 10.49 -83.43
C ASN K 479 16.00 11.67 -83.00
N GLU K 480 17.22 11.75 -83.51
CA GLU K 480 18.19 12.73 -83.11
C GLU K 480 17.85 14.08 -83.69
N ASN K 481 16.98 14.16 -84.71
CA ASN K 481 16.59 15.46 -85.33
C ASN K 481 15.73 16.26 -84.35
N ASN K 482 15.14 15.51 -83.36
CA ASN K 482 14.35 15.95 -82.26
C ASN K 482 15.22 16.32 -80.99
N LYS K 483 16.53 16.72 -81.20
CA LYS K 483 17.39 17.08 -80.10
C LYS K 483 17.04 18.01 -78.99
N TRP K 484 16.31 19.08 -79.29
CA TRP K 484 15.81 20.08 -78.30
C TRP K 484 14.38 19.90 -77.84
N TYR K 485 13.86 18.66 -78.04
CA TYR K 485 12.51 18.35 -77.53
C TYR K 485 12.65 18.06 -76.06
N GLY K 486 11.82 18.72 -75.24
CA GLY K 486 11.74 18.63 -73.77
C GLY K 486 10.27 18.71 -73.42
N ILE K 487 9.91 19.10 -72.20
CA ILE K 487 8.49 19.16 -71.78
C ILE K 487 8.09 20.52 -71.48
N ASP K 488 7.24 21.08 -72.32
CA ASP K 488 6.55 22.32 -72.01
C ASP K 488 5.74 22.15 -70.74
N LEU K 489 6.14 22.82 -69.66
CA LEU K 489 5.57 22.69 -68.34
C LEU K 489 4.19 23.36 -68.20
N TYR K 490 3.46 23.57 -69.29
CA TYR K 490 2.03 23.88 -69.14
C TYR K 490 1.34 23.10 -70.29
N ALA K 491 2.05 22.81 -71.39
CA ALA K 491 1.37 22.10 -72.51
C ALA K 491 1.05 20.72 -72.20
N GLY K 492 2.03 20.06 -71.50
CA GLY K 492 1.85 18.61 -71.29
C GLY K 492 2.02 17.66 -72.48
N GLN K 493 3.06 17.91 -73.26
CA GLN K 493 3.36 16.98 -74.35
C GLN K 493 4.66 17.56 -74.94
N PRO K 494 5.50 16.63 -75.45
CA PRO K 494 6.85 16.97 -75.84
C PRO K 494 6.98 17.96 -76.93
N VAL K 495 7.81 19.02 -76.82
CA VAL K 495 8.05 19.99 -77.85
C VAL K 495 9.49 20.48 -77.84
N ASP K 496 9.87 21.19 -78.89
CA ASP K 496 11.13 21.82 -79.09
C ASP K 496 11.23 23.13 -78.31
N MET K 497 12.07 23.09 -77.23
CA MET K 497 12.31 24.07 -76.24
C MET K 497 13.02 25.33 -76.67
N TRP K 498 14.05 25.20 -77.51
CA TRP K 498 14.64 26.29 -78.25
C TRP K 498 13.61 27.08 -79.02
N GLN K 499 12.79 26.44 -79.93
CA GLN K 499 11.75 27.06 -80.71
C GLN K 499 10.54 27.33 -79.95
N LYS K 500 10.65 27.61 -78.67
CA LYS K 500 9.59 28.05 -77.78
C LYS K 500 10.05 29.04 -76.74
N GLY K 501 11.26 29.62 -76.98
CA GLY K 501 11.95 30.69 -76.14
C GLY K 501 12.51 30.15 -74.80
N VAL K 502 12.92 28.91 -74.60
CA VAL K 502 13.63 28.35 -73.36
C VAL K 502 15.06 28.02 -73.76
N ILE K 503 15.99 28.90 -73.50
CA ILE K 503 17.35 28.65 -73.81
C ILE K 503 18.04 28.77 -72.43
N GLU K 504 19.20 28.16 -72.15
CA GLU K 504 19.86 28.31 -70.84
C GLU K 504 21.31 28.23 -71.02
N PRO K 505 22.12 28.76 -70.11
CA PRO K 505 23.58 28.64 -70.05
C PRO K 505 24.25 27.24 -70.03
N ALA K 506 24.91 26.71 -71.10
CA ALA K 506 25.48 25.33 -71.02
C ALA K 506 26.59 25.05 -70.05
N LEU K 507 27.19 26.08 -69.48
CA LEU K 507 28.25 26.02 -68.45
C LEU K 507 27.60 26.05 -67.06
N VAL K 508 26.49 26.78 -66.78
CA VAL K 508 25.82 26.82 -65.50
C VAL K 508 25.38 25.40 -65.13
N LYS K 509 24.70 24.76 -66.11
CA LYS K 509 24.19 23.39 -65.96
C LYS K 509 25.28 22.36 -66.14
N MET K 510 26.56 22.73 -66.17
CA MET K 510 27.68 21.83 -66.33
C MET K 510 28.40 21.81 -65.07
N ASN K 511 28.68 22.93 -64.34
CA ASN K 511 29.27 22.97 -63.05
C ASN K 511 28.37 22.45 -61.99
N ALA K 512 27.06 22.54 -62.17
CA ALA K 512 26.02 21.99 -61.26
C ALA K 512 26.16 20.47 -60.98
N ILE K 513 26.16 19.75 -62.12
CA ILE K 513 26.38 18.27 -62.28
C ILE K 513 27.67 17.89 -61.61
N LYS K 514 28.70 18.68 -61.93
CA LYS K 514 30.04 18.48 -61.35
C LYS K 514 30.16 18.70 -59.87
N ALA K 515 29.58 19.78 -59.34
CA ALA K 515 29.51 20.20 -57.92
C ALA K 515 28.77 19.07 -57.21
N ALA K 516 27.54 18.76 -57.58
CA ALA K 516 26.69 17.72 -57.10
C ALA K 516 27.40 16.33 -57.02
N THR K 517 28.02 15.93 -58.09
CA THR K 517 28.79 14.69 -58.09
C THR K 517 29.97 14.59 -57.17
N GLU K 518 30.73 15.72 -57.02
CA GLU K 518 31.79 15.86 -55.99
C GLU K 518 31.24 15.64 -54.53
N ALA K 519 30.24 16.43 -54.19
CA ALA K 519 29.55 16.30 -52.89
C ALA K 519 29.05 14.91 -52.62
N ALA K 520 28.22 14.38 -53.56
CA ALA K 520 27.79 12.98 -53.52
C ALA K 520 28.85 11.97 -53.32
N THR K 521 29.93 11.96 -54.08
CA THR K 521 31.02 11.01 -53.94
C THR K 521 31.78 11.27 -52.70
N LEU K 522 31.76 12.51 -52.20
CA LEU K 522 32.43 12.83 -50.94
C LEU K 522 31.75 12.24 -49.75
N VAL K 523 30.36 12.17 -49.78
CA VAL K 523 29.57 11.61 -48.75
C VAL K 523 29.85 10.09 -48.68
N LEU K 524 30.07 9.42 -49.85
CA LEU K 524 30.49 8.02 -49.95
C LEU K 524 31.89 7.83 -49.47
N ARG K 525 32.83 8.80 -49.46
CA ARG K 525 34.15 8.68 -48.93
C ARG K 525 34.29 8.44 -47.41
N ILE K 526 33.26 8.99 -46.63
CA ILE K 526 33.41 9.05 -45.22
C ILE K 526 33.05 7.82 -44.54
N ASP K 527 33.99 7.06 -43.88
CA ASP K 527 33.71 5.76 -43.24
C ASP K 527 33.09 5.94 -41.76
N ASP K 528 33.70 6.83 -41.04
CA ASP K 528 33.28 6.98 -39.65
C ASP K 528 33.62 8.33 -39.30
N VAL K 529 33.09 8.77 -38.12
CA VAL K 529 33.32 10.05 -37.51
C VAL K 529 34.05 9.96 -36.11
N VAL K 530 35.19 10.61 -35.92
CA VAL K 530 35.86 10.69 -34.60
C VAL K 530 35.66 12.17 -34.13
N SER K 531 35.35 12.36 -32.86
CA SER K 531 34.94 13.64 -32.39
C SER K 531 35.66 14.00 -31.07
N ALA K 532 35.78 15.28 -30.79
CA ALA K 532 36.33 15.97 -29.63
C ALA K 532 35.49 15.89 -28.33
N GLY L 28 47.01 -14.18 -14.19
CA GLY L 28 47.33 -14.64 -15.61
C GLY L 28 46.68 -13.66 -16.52
N LYS L 29 45.63 -14.11 -17.24
CA LYS L 29 44.78 -13.45 -18.16
C LYS L 29 44.11 -12.06 -17.81
N GLU L 30 43.78 -11.82 -16.53
CA GLU L 30 43.05 -10.65 -15.91
C GLU L 30 43.16 -9.35 -16.66
N ALA L 31 44.34 -8.66 -16.54
CA ALA L 31 44.56 -7.37 -17.14
C ALA L 31 44.98 -7.54 -18.55
N VAL L 32 45.79 -8.63 -18.83
CA VAL L 32 46.29 -8.95 -20.16
C VAL L 32 45.25 -8.86 -21.22
N ARG L 33 44.02 -9.23 -20.90
CA ARG L 33 42.89 -9.14 -21.87
C ARG L 33 42.48 -7.72 -22.27
N ALA L 34 42.42 -6.79 -21.27
CA ALA L 34 42.17 -5.38 -21.44
C ALA L 34 43.19 -4.77 -22.38
N ASN L 35 44.46 -4.95 -22.12
CA ASN L 35 45.56 -4.46 -22.98
C ASN L 35 45.34 -4.89 -24.48
N ILE L 36 45.24 -6.16 -24.75
CA ILE L 36 44.91 -6.72 -26.07
C ILE L 36 43.71 -6.19 -26.74
N ALA L 37 42.56 -6.23 -26.01
CA ALA L 37 41.37 -5.49 -26.43
C ALA L 37 41.52 -4.07 -26.93
N ALA L 38 42.09 -3.26 -26.07
CA ALA L 38 42.42 -1.91 -26.42
C ALA L 38 43.30 -1.67 -27.68
N VAL L 39 44.40 -2.41 -27.76
CA VAL L 39 45.31 -2.45 -28.88
C VAL L 39 44.44 -2.83 -30.13
N LYS L 40 43.66 -3.91 -30.13
CA LYS L 40 42.72 -4.26 -31.19
C LYS L 40 41.77 -3.18 -31.67
N ALA L 41 41.31 -2.38 -30.66
CA ALA L 41 40.39 -1.23 -30.84
C ALA L 41 40.95 -0.20 -31.76
N VAL L 42 42.21 0.17 -31.44
CA VAL L 42 43.12 1.11 -32.13
C VAL L 42 43.36 0.66 -33.57
N GLU L 43 43.62 -0.62 -33.82
CA GLU L 43 43.70 -1.13 -35.13
C GLU L 43 42.43 -0.95 -36.02
N GLU L 44 41.28 -1.39 -35.47
CA GLU L 44 39.95 -1.32 -35.92
C GLU L 44 39.44 0.14 -36.20
N ALA L 45 40.31 1.14 -35.90
CA ALA L 45 40.06 2.51 -36.16
C ALA L 45 40.67 2.97 -37.45
N LEU L 46 41.76 2.38 -37.92
CA LEU L 46 42.47 2.78 -39.13
C LEU L 46 42.28 1.73 -40.29
N LYS L 47 42.03 0.45 -39.95
CA LYS L 47 41.90 -0.68 -40.91
C LYS L 47 41.39 -0.34 -42.30
N SER L 48 40.22 0.27 -42.41
CA SER L 48 39.51 0.63 -43.58
C SER L 48 40.09 1.81 -44.36
N THR L 49 41.23 2.38 -44.02
CA THR L 49 41.82 3.52 -44.73
C THR L 49 43.19 3.17 -45.24
N TYR L 50 43.65 1.94 -45.04
CA TYR L 50 44.85 1.45 -45.66
C TYR L 50 44.84 1.42 -47.22
N GLY L 51 46.02 1.67 -47.81
CA GLY L 51 46.14 1.53 -49.22
C GLY L 51 45.38 2.50 -50.14
N PRO L 52 45.59 2.37 -51.47
CA PRO L 52 45.07 3.22 -52.53
C PRO L 52 43.59 3.03 -52.64
N ARG L 53 42.98 2.01 -52.03
CA ARG L 53 41.57 1.63 -52.02
C ARG L 53 40.86 1.84 -50.67
N GLY L 54 41.36 2.70 -49.81
CA GLY L 54 40.68 2.97 -48.48
C GLY L 54 39.57 3.95 -48.52
N MET L 55 38.98 4.17 -47.37
CA MET L 55 37.86 5.11 -47.22
C MET L 55 38.28 6.16 -46.20
N ASP L 56 37.78 7.37 -46.17
CA ASP L 56 38.35 8.38 -45.27
C ASP L 56 37.56 8.63 -43.96
N LYS L 57 38.33 9.23 -43.03
CA LYS L 57 37.77 9.46 -41.72
C LYS L 57 37.44 10.90 -41.50
N MET L 58 36.31 11.12 -40.69
CA MET L 58 35.87 12.53 -40.40
C MET L 58 36.23 12.82 -38.95
N LEU L 59 36.72 14.09 -38.76
CA LEU L 59 37.18 14.61 -37.48
C LEU L 59 36.43 15.90 -37.22
N VAL L 60 35.67 15.96 -36.13
CA VAL L 60 34.88 17.03 -35.63
C VAL L 60 35.54 17.66 -34.39
N ASP L 61 36.03 18.90 -34.52
CA ASP L 61 36.70 19.59 -33.45
C ASP L 61 35.82 20.26 -32.45
N SER L 62 36.38 20.57 -31.26
CA SER L 62 35.73 21.20 -30.14
C SER L 62 34.87 22.42 -30.44
N LEU L 63 35.48 23.44 -31.15
CA LEU L 63 34.78 24.65 -31.67
C LEU L 63 33.68 24.35 -32.66
N GLY L 64 33.76 23.21 -33.40
CA GLY L 64 32.73 22.69 -34.26
C GLY L 64 33.12 22.39 -35.63
N ASP L 65 34.38 22.70 -36.02
CA ASP L 65 34.89 22.56 -37.36
C ASP L 65 35.08 21.13 -37.74
N ILE L 66 34.86 20.86 -39.00
CA ILE L 66 34.98 19.57 -39.59
C ILE L 66 36.21 19.43 -40.41
N THR L 67 36.88 18.23 -40.36
CA THR L 67 38.05 17.89 -41.01
C THR L 67 38.03 16.50 -41.58
N ILE L 68 38.19 16.37 -42.90
CA ILE L 68 38.16 15.00 -43.42
C ILE L 68 39.56 14.59 -43.81
N THR L 69 40.06 13.42 -43.35
CA THR L 69 41.48 13.07 -43.48
C THR L 69 41.79 11.55 -43.48
N ASN L 70 43.07 11.22 -43.63
CA ASN L 70 43.50 9.85 -43.62
C ASN L 70 44.88 9.72 -42.99
N ASP L 71 45.29 10.77 -42.29
CA ASP L 71 46.51 10.94 -41.48
C ASP L 71 46.37 10.25 -40.19
N GLY L 72 46.94 9.02 -40.02
CA GLY L 72 46.91 8.13 -38.89
C GLY L 72 47.26 8.84 -37.68
N ALA L 73 48.42 9.57 -37.66
CA ALA L 73 48.90 10.52 -36.70
C ALA L 73 47.82 11.47 -36.17
N THR L 74 47.20 12.29 -37.05
CA THR L 74 46.14 13.24 -36.65
C THR L 74 45.00 12.59 -35.99
N ILE L 75 44.59 11.41 -36.50
CA ILE L 75 43.61 10.51 -35.86
C ILE L 75 44.07 9.92 -34.52
N LEU L 76 45.35 9.90 -34.21
CA LEU L 76 45.74 9.38 -32.87
C LEU L 76 46.11 10.51 -31.94
N ASP L 77 46.70 11.55 -32.48
CA ASP L 77 47.05 12.77 -31.81
C ASP L 77 45.81 13.57 -31.36
N LYS L 78 44.85 13.79 -32.17
CA LYS L 78 43.65 14.50 -31.71
C LYS L 78 42.70 13.59 -30.83
N MET L 79 42.92 12.31 -30.72
CA MET L 79 42.08 11.34 -29.89
C MET L 79 42.73 11.15 -28.52
N ASP L 80 42.03 10.50 -27.57
CA ASP L 80 42.47 10.20 -26.21
C ASP L 80 42.16 8.74 -25.97
N LEU L 81 43.02 8.11 -25.12
CA LEU L 81 42.97 6.68 -24.90
C LEU L 81 42.97 6.46 -23.36
N GLN L 82 42.18 5.47 -22.94
CA GLN L 82 42.07 5.17 -21.54
C GLN L 82 42.88 3.92 -21.13
N HIS L 83 43.72 3.30 -22.01
CA HIS L 83 44.52 2.15 -21.60
C HIS L 83 46.06 2.52 -21.69
N PRO L 84 46.84 2.39 -20.57
CA PRO L 84 48.34 2.64 -20.64
C PRO L 84 49.01 1.78 -21.67
N ALA L 85 48.71 0.46 -21.76
CA ALA L 85 49.24 -0.33 -22.86
C ALA L 85 49.09 0.17 -24.27
N ALA L 86 47.82 0.51 -24.69
CA ALA L 86 47.51 1.16 -25.94
C ALA L 86 48.35 2.44 -26.17
N LYS L 87 48.35 3.43 -25.18
CA LYS L 87 49.05 4.73 -25.26
C LYS L 87 50.55 4.48 -25.53
N LEU L 88 51.14 3.39 -24.94
CA LEU L 88 52.45 2.92 -25.12
C LEU L 88 52.73 2.27 -26.47
N LEU L 89 51.79 1.51 -26.93
CA LEU L 89 51.88 0.82 -28.21
C LEU L 89 51.99 1.72 -29.40
N VAL L 90 51.01 2.66 -29.51
CA VAL L 90 51.15 3.75 -30.42
C VAL L 90 52.32 4.62 -30.18
N GLN L 91 52.82 4.89 -28.97
CA GLN L 91 54.08 5.72 -28.78
C GLN L 91 55.29 5.09 -29.44
N ILE L 92 55.41 3.74 -29.43
CA ILE L 92 56.48 3.04 -30.14
C ILE L 92 56.30 2.91 -31.65
N ALA L 93 55.02 2.60 -31.99
CA ALA L 93 54.51 2.47 -33.40
C ALA L 93 54.47 3.72 -34.21
N LYS L 94 53.67 4.72 -33.72
CA LYS L 94 53.49 6.12 -34.23
C LYS L 94 54.75 6.96 -34.27
N GLY L 95 55.37 7.19 -33.16
CA GLY L 95 56.54 8.01 -33.22
C GLY L 95 57.70 7.72 -34.22
N GLN L 96 58.39 8.74 -34.74
CA GLN L 96 59.52 8.50 -35.64
C GLN L 96 60.70 9.48 -35.45
N ASP L 97 61.95 9.05 -35.74
CA ASP L 97 63.11 9.89 -35.57
C ASP L 97 63.71 10.30 -36.94
N GLU L 98 63.11 10.02 -38.10
CA GLU L 98 63.52 10.25 -39.50
C GLU L 98 62.94 11.60 -40.01
N GLU L 99 63.57 12.19 -41.02
CA GLU L 99 63.18 13.49 -41.62
C GLU L 99 61.94 13.38 -42.49
N THR L 100 61.17 12.29 -42.39
CA THR L 100 59.90 12.18 -43.14
C THR L 100 59.10 11.12 -42.40
N ALA L 101 57.80 10.97 -42.56
CA ALA L 101 57.02 9.88 -41.91
C ALA L 101 56.15 9.12 -42.91
N ASP L 102 56.38 7.79 -43.10
CA ASP L 102 55.61 7.03 -44.06
C ASP L 102 55.49 5.58 -43.48
N GLY L 103 54.51 4.69 -43.92
CA GLY L 103 54.37 3.31 -43.37
C GLY L 103 53.62 3.40 -42.01
N THR L 104 53.08 4.55 -41.65
CA THR L 104 52.49 4.73 -40.28
C THR L 104 51.19 3.90 -40.06
N LYS L 105 50.40 3.82 -41.09
CA LYS L 105 49.20 2.99 -41.06
C LYS L 105 49.59 1.55 -41.00
N THR L 106 50.68 1.16 -41.70
CA THR L 106 51.25 -0.17 -41.68
C THR L 106 51.79 -0.53 -40.30
N ALA L 107 52.75 0.23 -39.79
CA ALA L 107 53.23 0.12 -38.37
C ALA L 107 52.15 -0.23 -37.27
N VAL L 108 51.00 0.54 -37.28
CA VAL L 108 50.01 0.36 -36.19
C VAL L 108 49.24 -0.96 -36.47
N ILE L 109 48.66 -1.07 -37.64
CA ILE L 109 47.93 -2.28 -38.09
C ILE L 109 48.67 -3.60 -37.94
N PHE L 110 49.89 -3.72 -38.52
CA PHE L 110 50.68 -4.99 -38.41
C PHE L 110 50.98 -5.42 -36.95
N SER L 111 51.29 -4.36 -36.09
CA SER L 111 51.50 -4.51 -34.66
C SER L 111 50.19 -5.11 -34.12
N GLY L 112 49.04 -4.47 -34.34
CA GLY L 112 47.81 -5.01 -33.79
C GLY L 112 47.38 -6.38 -34.23
N GLU L 113 47.79 -6.75 -35.48
CA GLU L 113 47.63 -8.02 -36.04
C GLU L 113 48.45 -9.03 -35.41
N LEU L 114 49.68 -8.69 -35.06
CA LEU L 114 50.71 -9.55 -34.39
C LEU L 114 50.31 -9.96 -32.94
N VAL L 115 49.80 -8.96 -32.17
CA VAL L 115 49.19 -9.03 -30.89
C VAL L 115 47.89 -9.90 -31.00
N LYS L 116 47.07 -9.65 -32.00
CA LYS L 116 45.96 -10.46 -32.33
C LYS L 116 46.27 -11.97 -32.54
N LYS L 117 47.16 -12.37 -33.48
CA LYS L 117 47.59 -13.71 -33.68
C LYS L 117 48.31 -14.31 -32.43
N ALA L 118 48.85 -13.47 -31.52
CA ALA L 118 49.41 -13.91 -30.29
C ALA L 118 48.32 -14.20 -29.27
N GLU L 119 47.20 -13.54 -29.22
CA GLU L 119 46.06 -13.82 -28.35
C GLU L 119 45.57 -15.25 -28.68
N ASP L 120 45.50 -15.65 -29.98
CA ASP L 120 45.16 -16.94 -30.50
C ASP L 120 46.13 -17.99 -30.12
N LEU L 121 47.39 -17.69 -29.85
CA LEU L 121 48.38 -18.66 -29.33
C LEU L 121 48.03 -18.87 -27.83
N LEU L 122 47.69 -17.82 -27.01
CA LEU L 122 47.32 -17.88 -25.56
C LEU L 122 46.03 -18.73 -25.32
N TYR L 123 45.11 -18.64 -26.29
CA TYR L 123 43.93 -19.49 -26.23
C TYR L 123 44.24 -21.00 -26.27
N LYS L 124 45.25 -21.40 -27.11
CA LYS L 124 45.79 -22.70 -27.28
C LYS L 124 46.74 -23.12 -26.13
N ASP L 125 46.83 -22.21 -25.14
CA ASP L 125 47.64 -22.32 -24.01
C ASP L 125 49.14 -22.36 -24.23
N VAL L 126 49.71 -21.57 -25.15
CA VAL L 126 51.16 -21.53 -25.34
C VAL L 126 51.49 -20.47 -24.23
N HIS L 127 52.63 -20.61 -23.37
CA HIS L 127 53.07 -19.70 -22.31
C HIS L 127 53.75 -18.45 -22.88
N PRO L 128 53.50 -17.19 -22.47
CA PRO L 128 54.05 -16.00 -23.19
C PRO L 128 55.53 -15.90 -23.43
N THR L 129 56.38 -16.55 -22.58
CA THR L 129 57.81 -16.60 -22.71
C THR L 129 58.22 -17.22 -23.97
N ILE L 130 57.43 -18.21 -24.39
CA ILE L 130 57.68 -18.87 -25.71
C ILE L 130 57.30 -18.00 -26.90
N ILE L 131 56.08 -17.38 -26.86
CA ILE L 131 55.63 -16.44 -27.96
C ILE L 131 56.53 -15.28 -28.21
N ILE L 132 57.21 -14.79 -27.15
CA ILE L 132 58.20 -13.74 -27.27
C ILE L 132 59.47 -14.19 -27.99
N SER L 133 60.00 -15.34 -27.44
CA SER L 133 61.23 -15.92 -27.99
C SER L 133 61.06 -16.32 -29.47
N GLY L 134 59.91 -16.93 -29.80
CA GLY L 134 59.51 -17.28 -31.13
C GLY L 134 59.48 -16.14 -32.07
N TYR L 135 58.70 -15.07 -31.68
CA TYR L 135 58.57 -13.81 -32.38
C TYR L 135 59.90 -13.03 -32.64
N LYS L 136 60.75 -12.97 -31.61
CA LYS L 136 62.08 -12.45 -31.77
C LYS L 136 63.01 -13.12 -32.76
N LYS L 137 63.36 -14.41 -32.64
CA LYS L 137 64.08 -15.08 -33.76
C LYS L 137 63.42 -15.03 -35.09
N ALA L 138 62.04 -15.09 -35.18
CA ALA L 138 61.33 -15.00 -36.44
C ALA L 138 61.51 -13.60 -37.07
N GLU L 139 61.48 -12.58 -36.17
CA GLU L 139 61.77 -11.16 -36.54
C GLU L 139 63.13 -11.01 -37.20
N GLU L 140 64.20 -11.57 -36.53
CA GLU L 140 65.59 -11.64 -37.09
C GLU L 140 65.62 -12.11 -38.53
N VAL L 141 65.19 -13.28 -38.83
CA VAL L 141 65.03 -13.68 -40.24
C VAL L 141 64.19 -12.82 -41.21
N ALA L 142 62.95 -12.51 -40.73
CA ALA L 142 62.03 -11.63 -41.41
C ALA L 142 62.52 -10.29 -41.87
N LEU L 143 63.37 -9.65 -41.04
CA LEU L 143 64.06 -8.39 -41.29
C LEU L 143 65.10 -8.71 -42.41
N GLN L 144 66.05 -9.62 -42.10
CA GLN L 144 67.12 -9.90 -43.01
C GLN L 144 66.76 -10.36 -44.39
N THR L 145 65.58 -10.95 -44.59
CA THR L 145 64.95 -11.38 -45.86
C THR L 145 64.61 -10.24 -46.76
N ILE L 146 64.56 -9.02 -46.21
CA ILE L 146 64.28 -7.83 -47.07
C ILE L 146 65.61 -7.33 -47.65
N GLN L 147 66.66 -7.36 -46.83
CA GLN L 147 68.02 -6.92 -47.13
C GLN L 147 68.58 -7.73 -48.29
N GLU L 148 68.71 -9.09 -48.29
CA GLU L 148 69.13 -9.98 -49.33
C GLU L 148 68.19 -10.18 -50.48
N LEU L 149 67.62 -9.13 -51.02
CA LEU L 149 66.73 -9.16 -52.16
C LEU L 149 66.55 -7.73 -52.75
N ALA L 150 66.78 -6.69 -51.98
CA ALA L 150 66.82 -5.33 -52.40
C ALA L 150 67.78 -4.92 -53.46
N GLN L 151 67.33 -3.92 -54.25
CA GLN L 151 68.05 -3.44 -55.40
C GLN L 151 68.64 -2.07 -55.07
N THR L 152 69.93 -1.95 -55.51
CA THR L 152 70.74 -0.81 -55.41
C THR L 152 70.29 0.31 -56.29
N VAL L 153 69.83 1.46 -55.73
CA VAL L 153 69.32 2.57 -56.52
C VAL L 153 70.49 3.44 -56.59
N SER L 154 70.82 3.99 -57.78
CA SER L 154 71.93 4.95 -57.96
C SER L 154 71.41 6.22 -58.39
N ILE L 155 72.29 7.21 -58.32
CA ILE L 155 72.00 8.60 -58.63
C ILE L 155 71.49 8.72 -60.07
N ASN L 156 71.97 7.87 -61.03
CA ASN L 156 71.61 8.01 -62.38
C ASN L 156 70.42 7.13 -62.68
N ASP L 157 69.68 6.50 -61.73
CA ASP L 157 68.37 5.83 -61.96
C ASP L 157 67.14 6.79 -61.92
N THR L 158 67.27 7.87 -62.74
CA THR L 158 66.37 9.01 -62.64
C THR L 158 65.03 8.78 -63.23
N ASP L 159 64.97 7.82 -64.20
CA ASP L 159 63.72 7.31 -64.71
C ASP L 159 63.04 6.39 -63.74
N LEU L 160 63.73 5.97 -62.69
CA LEU L 160 63.18 5.18 -61.59
C LEU L 160 62.61 6.06 -60.47
N LEU L 161 63.43 7.02 -60.07
CA LEU L 161 62.97 7.89 -58.95
C LEU L 161 61.73 8.65 -59.29
N ARG L 162 61.50 8.92 -60.59
CA ARG L 162 60.25 9.47 -61.09
C ARG L 162 59.01 8.64 -60.84
N LYS L 163 59.23 7.31 -60.79
CA LYS L 163 58.18 6.32 -60.51
C LYS L 163 58.02 6.28 -59.00
N ILE L 164 59.07 5.97 -58.22
CA ILE L 164 59.07 6.05 -56.80
C ILE L 164 58.40 7.38 -56.20
N ALA L 165 58.44 8.52 -56.91
CA ALA L 165 57.80 9.86 -56.59
C ALA L 165 56.30 9.69 -56.71
N MET L 166 55.88 9.03 -57.81
CA MET L 166 54.45 8.85 -58.17
C MET L 166 53.77 7.94 -57.10
N THR L 167 54.46 6.87 -56.69
CA THR L 167 54.08 6.01 -55.58
C THR L 167 53.84 6.76 -54.28
N SER L 168 54.24 8.05 -54.15
CA SER L 168 53.95 8.92 -53.05
C SER L 168 52.85 9.95 -53.48
N LEU L 169 53.01 10.69 -54.61
CA LEU L 169 52.02 11.65 -55.00
C LEU L 169 50.72 11.16 -55.52
N SER L 170 50.69 10.03 -56.25
CA SER L 170 49.42 9.43 -56.75
C SER L 170 48.28 9.08 -55.80
N SER L 171 48.54 8.95 -54.50
CA SER L 171 47.54 8.63 -53.47
C SER L 171 47.09 9.80 -52.62
N LYS L 172 47.68 11.00 -52.90
CA LYS L 172 47.46 12.23 -52.26
C LYS L 172 46.05 12.75 -52.64
N ALA L 173 45.77 13.94 -52.13
CA ALA L 173 44.51 14.59 -52.41
C ALA L 173 44.42 15.43 -53.68
N VAL L 174 45.55 15.54 -54.29
CA VAL L 174 45.78 16.22 -55.58
C VAL L 174 45.62 15.18 -56.67
N ALA L 175 44.97 15.62 -57.76
CA ALA L 175 44.63 14.73 -58.85
C ALA L 175 45.10 15.23 -60.12
N GLY L 176 45.43 16.54 -60.18
CA GLY L 176 46.09 17.20 -61.31
C GLY L 176 47.54 16.92 -61.52
N ALA L 177 47.87 16.99 -62.85
CA ALA L 177 49.24 16.92 -63.43
C ALA L 177 50.33 16.44 -62.53
N ARG L 178 50.38 15.11 -62.24
CA ARG L 178 51.41 14.40 -61.48
C ARG L 178 52.76 14.21 -62.13
N GLU L 179 52.80 14.06 -63.56
CA GLU L 179 54.02 13.98 -64.38
C GLU L 179 55.01 15.15 -64.21
N TYR L 180 54.39 16.38 -64.12
CA TYR L 180 54.97 17.67 -63.87
C TYR L 180 55.63 17.74 -62.49
N ILE L 181 54.90 17.35 -61.39
CA ILE L 181 55.44 17.35 -60.07
C ILE L 181 56.49 16.27 -59.92
N ALA L 182 56.23 15.08 -60.50
CA ALA L 182 57.18 14.05 -60.59
C ALA L 182 58.54 14.41 -61.21
N ASP L 183 58.57 14.99 -62.42
CA ASP L 183 59.75 15.51 -63.03
C ASP L 183 60.52 16.54 -62.16
N ILE L 184 59.85 17.58 -61.63
CA ILE L 184 60.48 18.50 -60.73
C ILE L 184 61.14 17.82 -59.60
N VAL L 185 60.35 17.05 -58.83
CA VAL L 185 60.75 16.35 -57.57
C VAL L 185 62.07 15.62 -57.63
N VAL L 186 62.24 14.90 -58.75
CA VAL L 186 63.58 14.27 -59.08
C VAL L 186 64.76 15.24 -59.26
N LYS L 187 64.55 16.21 -60.19
CA LYS L 187 65.53 17.22 -60.62
C LYS L 187 65.96 18.07 -59.34
N ALA L 188 65.06 18.51 -58.50
CA ALA L 188 65.26 19.21 -57.20
C ALA L 188 66.11 18.36 -56.22
N VAL L 189 65.92 17.00 -56.17
CA VAL L 189 66.65 16.23 -55.21
C VAL L 189 68.02 15.95 -55.73
N THR L 190 68.16 15.36 -56.99
CA THR L 190 69.48 15.04 -57.60
C THR L 190 70.46 16.25 -57.70
N GLN L 191 69.86 17.45 -57.78
CA GLN L 191 70.61 18.70 -57.72
C GLN L 191 71.24 19.07 -56.37
N VAL L 192 70.48 18.75 -55.34
CA VAL L 192 70.86 19.08 -53.99
C VAL L 192 71.72 17.93 -53.42
N ALA L 193 71.65 16.71 -53.98
CA ALA L 193 72.60 15.61 -53.70
C ALA L 193 74.07 16.00 -53.94
N GLU L 194 74.89 15.76 -52.85
CA GLU L 194 76.29 15.99 -52.76
C GLU L 194 76.94 14.82 -51.99
N LEU L 195 78.23 14.52 -52.26
CA LEU L 195 78.98 13.59 -51.58
C LEU L 195 79.68 14.11 -50.34
N ARG L 196 79.42 13.49 -49.18
CA ARG L 196 80.01 13.78 -47.82
C ARG L 196 80.51 12.49 -47.25
N GLY L 197 81.87 12.39 -47.07
CA GLY L 197 82.53 11.14 -46.53
C GLY L 197 82.45 10.00 -47.47
N ASP L 198 82.45 10.27 -48.83
CA ASP L 198 82.32 9.34 -49.90
C ASP L 198 81.04 8.54 -49.76
N LYS L 199 80.00 9.34 -49.39
CA LYS L 199 78.64 8.95 -49.23
C LYS L 199 77.64 9.95 -49.56
N TRP L 200 76.66 9.64 -50.41
CA TRP L 200 75.63 10.55 -50.80
C TRP L 200 74.85 11.20 -49.71
N TYR L 201 74.50 12.52 -49.83
CA TYR L 201 73.65 13.32 -48.95
C TYR L 201 72.82 14.32 -49.69
N VAL L 202 71.55 14.62 -49.22
CA VAL L 202 70.73 15.61 -49.81
C VAL L 202 70.17 16.48 -48.64
N ASP L 203 70.63 17.70 -48.54
CA ASP L 203 70.11 18.57 -47.46
C ASP L 203 68.85 19.29 -48.03
N LEU L 204 67.63 18.90 -47.57
CA LEU L 204 66.33 19.44 -48.01
C LEU L 204 66.13 20.92 -47.86
N ASP L 205 66.79 21.44 -46.77
CA ASP L 205 66.90 22.87 -46.52
C ASP L 205 67.45 23.81 -47.64
N ASN L 206 68.11 23.24 -48.67
CA ASN L 206 68.44 23.87 -49.98
C ASN L 206 67.35 24.02 -50.99
N ILE L 207 66.10 23.89 -50.56
CA ILE L 207 64.93 23.93 -51.52
C ILE L 207 63.88 24.82 -50.91
N GLN L 208 63.56 25.93 -51.68
CA GLN L 208 62.54 26.74 -51.24
C GLN L 208 61.25 26.49 -51.96
N ILE L 209 60.08 26.67 -51.23
CA ILE L 209 58.77 26.22 -51.75
C ILE L 209 57.87 27.43 -51.70
N VAL L 210 57.44 27.98 -52.85
CA VAL L 210 56.54 29.08 -53.00
C VAL L 210 55.23 28.64 -53.63
N LYS L 211 54.03 29.13 -53.18
CA LYS L 211 52.72 28.65 -53.71
C LYS L 211 51.80 29.73 -53.94
N LYS L 212 51.04 29.68 -55.06
CA LYS L 212 50.01 30.63 -55.51
C LYS L 212 48.85 29.79 -56.02
N ALA L 213 47.63 30.16 -55.74
CA ALA L 213 46.47 29.44 -56.24
C ALA L 213 45.99 29.89 -57.59
N GLY L 214 45.17 29.12 -58.34
CA GLY L 214 44.64 29.59 -59.60
C GLY L 214 45.60 29.59 -60.73
N GLY L 215 45.15 29.39 -62.03
CA GLY L 215 45.99 29.14 -63.17
C GLY L 215 46.34 27.72 -63.40
N SER L 216 47.06 27.34 -64.51
CA SER L 216 47.27 25.95 -64.77
C SER L 216 48.35 25.31 -63.92
N ILE L 217 48.14 24.00 -63.54
CA ILE L 217 49.04 23.22 -62.70
C ILE L 217 50.27 22.83 -63.55
N ASN L 218 50.17 22.85 -64.91
CA ASN L 218 51.30 22.61 -65.72
C ASN L 218 52.31 23.72 -65.56
N ASP L 219 51.89 24.92 -65.00
CA ASP L 219 52.72 26.08 -64.95
C ASP L 219 53.54 26.02 -63.69
N THR L 220 53.62 24.86 -63.13
CA THR L 220 54.52 24.52 -62.07
C THR L 220 55.98 24.59 -62.55
N GLN L 221 56.97 25.01 -61.74
CA GLN L 221 58.40 24.99 -62.25
C GLN L 221 59.42 24.86 -61.15
N LEU L 222 60.60 24.54 -61.54
CA LEU L 222 61.80 24.53 -60.71
C LEU L 222 62.59 25.75 -61.08
N VAL L 223 63.05 26.51 -60.08
CA VAL L 223 63.81 27.72 -60.24
C VAL L 223 65.14 27.37 -59.80
N TYR L 224 66.18 27.75 -60.60
CA TYR L 224 67.56 27.53 -60.18
C TYR L 224 68.05 28.80 -59.52
N GLY L 225 67.37 29.24 -58.46
CA GLY L 225 67.71 30.46 -57.80
C GLY L 225 66.91 30.64 -56.57
N ILE L 226 66.85 31.79 -55.92
CA ILE L 226 66.02 32.10 -54.76
C ILE L 226 64.80 32.91 -55.26
N VAL L 227 63.62 32.80 -54.54
CA VAL L 227 62.43 33.51 -54.89
C VAL L 227 61.95 34.19 -53.64
N VAL L 228 61.93 35.54 -53.74
CA VAL L 228 61.45 36.41 -52.67
C VAL L 228 60.03 36.80 -53.01
N ASP L 229 59.01 36.40 -52.22
CA ASP L 229 57.55 36.71 -52.38
C ASP L 229 57.16 38.11 -51.97
N LYS L 230 58.03 39.00 -52.37
CA LYS L 230 57.88 40.42 -52.22
C LYS L 230 58.41 41.01 -53.48
N GLU L 231 57.80 42.25 -53.69
CA GLU L 231 57.88 42.97 -54.96
C GLU L 231 58.59 44.25 -54.74
N VAL L 232 58.99 44.90 -55.85
CA VAL L 232 59.70 46.16 -55.79
C VAL L 232 59.01 47.44 -55.34
N VAL L 233 59.77 48.36 -54.70
CA VAL L 233 59.22 49.46 -54.04
C VAL L 233 58.64 50.52 -54.98
N HIS L 234 59.08 50.53 -56.21
CA HIS L 234 58.44 51.35 -57.29
C HIS L 234 58.59 50.60 -58.64
N PRO L 235 57.52 50.45 -59.42
CA PRO L 235 57.54 49.67 -60.69
C PRO L 235 58.43 50.30 -61.75
N GLY L 236 58.71 51.64 -61.58
CA GLY L 236 59.63 52.30 -62.52
C GLY L 236 61.10 51.99 -62.30
N MET L 237 61.42 51.09 -61.36
CA MET L 237 62.78 50.61 -61.16
C MET L 237 63.17 49.56 -62.20
N PRO L 238 64.44 49.20 -62.41
CA PRO L 238 64.91 48.21 -63.33
C PRO L 238 64.20 46.88 -63.24
N LYS L 239 63.73 46.28 -64.35
CA LYS L 239 63.09 45.04 -64.47
C LYS L 239 63.95 43.81 -64.11
N ARG L 240 65.24 43.83 -64.61
CA ARG L 240 66.18 42.76 -64.47
C ARG L 240 67.50 43.40 -64.38
N LEU L 241 68.31 43.01 -63.44
CA LEU L 241 69.60 43.55 -63.24
C LEU L 241 70.71 42.57 -63.57
N GLU L 242 71.73 43.05 -64.31
CA GLU L 242 72.87 42.21 -64.65
C GLU L 242 73.97 42.34 -63.67
N ASN L 243 74.60 41.21 -63.25
CA ASN L 243 75.63 41.12 -62.20
C ASN L 243 75.34 41.70 -60.83
N ALA L 244 74.39 41.13 -60.14
CA ALA L 244 73.83 41.49 -58.81
C ALA L 244 74.87 41.48 -57.70
N LYS L 245 74.84 42.56 -56.90
CA LYS L 245 75.56 42.87 -55.75
C LYS L 245 74.61 42.98 -54.59
N ILE L 246 73.86 41.95 -54.26
CA ILE L 246 72.75 42.00 -53.29
C ILE L 246 73.10 42.57 -51.91
N ALA L 247 72.17 43.36 -51.33
CA ALA L 247 72.36 43.87 -50.00
C ALA L 247 71.13 43.52 -49.16
N LEU L 248 71.33 42.49 -48.43
CA LEU L 248 70.36 41.88 -47.45
C LEU L 248 70.24 42.78 -46.16
N ILE L 249 69.37 43.81 -46.06
CA ILE L 249 69.32 44.79 -44.96
C ILE L 249 68.26 44.48 -43.89
N ASP L 250 68.66 44.08 -42.70
CA ASP L 250 67.74 43.92 -41.52
C ASP L 250 67.19 45.18 -40.97
N ALA L 251 67.97 46.27 -40.69
CA ALA L 251 67.68 47.59 -40.25
C ALA L 251 66.73 48.33 -41.23
N SER L 252 65.86 49.15 -40.66
CA SER L 252 64.88 49.83 -41.36
C SER L 252 65.38 50.89 -42.26
N LEU L 253 64.63 51.12 -43.30
CA LEU L 253 64.91 52.23 -44.15
C LEU L 253 63.86 53.28 -44.21
N GLU L 254 62.99 53.20 -43.21
CA GLU L 254 61.85 54.09 -42.98
C GLU L 254 61.93 54.65 -41.57
N VAL L 255 61.74 56.01 -41.48
CA VAL L 255 61.74 56.72 -40.23
C VAL L 255 60.74 56.28 -39.20
N GLU L 256 61.30 55.96 -38.00
CA GLU L 256 60.37 55.40 -37.06
C GLU L 256 59.72 56.56 -36.24
N LYS L 257 58.43 56.49 -35.99
CA LYS L 257 57.58 57.48 -35.33
C LYS L 257 58.20 58.16 -34.09
N PRO L 258 58.22 59.43 -33.86
CA PRO L 258 58.65 60.02 -32.63
C PRO L 258 57.79 59.76 -31.36
N GLU L 259 56.47 59.56 -31.58
CA GLU L 259 55.46 59.35 -30.55
C GLU L 259 55.11 57.93 -30.37
N LEU L 260 55.97 56.95 -30.80
CA LEU L 260 55.62 55.55 -30.73
C LEU L 260 55.41 55.04 -29.32
N ASP L 261 56.39 55.23 -28.46
CA ASP L 261 56.45 54.80 -27.09
C ASP L 261 55.54 55.66 -26.17
N ALA L 262 55.63 57.02 -26.24
CA ALA L 262 54.85 57.92 -25.44
C ALA L 262 54.75 59.25 -26.12
N GLU L 263 53.79 60.16 -25.80
CA GLU L 263 53.75 61.53 -26.47
C GLU L 263 55.02 62.35 -26.04
N ILE L 264 55.40 63.33 -26.89
CA ILE L 264 56.52 64.21 -26.69
C ILE L 264 56.45 65.23 -25.59
N ARG L 265 57.61 65.78 -25.16
CA ARG L 265 57.89 66.74 -24.15
C ARG L 265 58.74 67.93 -24.60
N ILE L 266 58.81 68.06 -25.94
CA ILE L 266 59.39 69.14 -26.71
C ILE L 266 58.38 70.18 -26.98
N ASN L 267 58.51 71.42 -26.48
CA ASN L 267 57.47 72.44 -26.77
C ASN L 267 57.93 73.57 -27.67
N ASP L 268 59.18 73.53 -28.05
CA ASP L 268 59.77 74.54 -28.82
C ASP L 268 59.78 74.01 -30.24
N PRO L 269 59.06 74.62 -31.22
CA PRO L 269 58.97 74.14 -32.61
C PRO L 269 60.25 74.25 -33.41
N THR L 270 61.09 75.12 -32.88
CA THR L 270 62.49 75.22 -33.27
C THR L 270 63.31 73.99 -32.92
N GLN L 271 63.10 73.31 -31.68
CA GLN L 271 63.71 72.04 -31.34
C GLN L 271 63.06 70.91 -32.16
N MET L 272 61.68 70.93 -32.47
CA MET L 272 60.86 69.94 -33.13
C MET L 272 61.54 69.51 -34.51
N GLN L 273 61.63 70.50 -35.40
CA GLN L 273 62.29 70.51 -36.64
C GLN L 273 63.63 69.80 -36.61
N LYS L 274 64.62 70.36 -35.91
CA LYS L 274 65.91 69.78 -35.84
C LYS L 274 65.99 68.33 -35.29
N PHE L 275 64.99 67.76 -34.64
CA PHE L 275 65.01 66.34 -34.17
C PHE L 275 64.56 65.42 -35.35
N LEU L 276 63.39 65.66 -35.94
CA LEU L 276 62.78 64.93 -37.02
C LEU L 276 63.49 65.15 -38.35
N ASP L 277 64.16 66.22 -38.55
CA ASP L 277 64.93 66.61 -39.66
C ASP L 277 66.17 65.73 -39.68
N GLU L 278 66.91 65.69 -38.56
CA GLU L 278 68.11 64.85 -38.46
C GLU L 278 67.84 63.36 -38.51
N GLU L 279 66.67 62.94 -37.94
CA GLU L 279 66.20 61.58 -38.03
C GLU L 279 65.81 61.05 -39.54
N GLU L 280 65.37 61.99 -40.46
CA GLU L 280 65.16 61.74 -41.85
C GLU L 280 66.46 61.79 -42.53
N ASN L 281 67.41 62.61 -42.09
CA ASN L 281 68.70 62.74 -42.75
C ASN L 281 69.57 61.51 -42.35
N LEU L 282 69.16 60.81 -41.28
CA LEU L 282 69.76 59.58 -40.88
C LEU L 282 69.48 58.57 -41.89
N ILE L 283 68.28 58.58 -42.54
CA ILE L 283 67.89 57.48 -43.47
C ILE L 283 68.69 57.53 -44.80
N LYS L 284 68.90 58.80 -45.25
CA LYS L 284 69.84 59.16 -46.30
C LYS L 284 71.33 58.80 -45.95
N GLU L 285 71.65 58.86 -44.60
CA GLU L 285 73.03 58.39 -44.21
C GLU L 285 73.14 56.86 -44.38
N LYS L 286 72.15 56.15 -43.82
CA LYS L 286 72.12 54.67 -43.98
C LYS L 286 72.14 54.19 -45.48
N VAL L 287 71.34 54.82 -46.36
CA VAL L 287 71.39 54.56 -47.85
C VAL L 287 72.77 54.88 -48.44
N ASP L 288 73.43 56.02 -48.17
CA ASP L 288 74.73 56.32 -48.66
C ASP L 288 75.81 55.38 -48.10
N LYS L 289 75.77 54.89 -46.87
CA LYS L 289 76.65 53.95 -46.26
C LYS L 289 76.61 52.50 -46.86
N ILE L 290 75.44 52.18 -47.54
CA ILE L 290 75.14 50.93 -48.23
C ILE L 290 75.52 51.01 -49.65
N LEU L 291 75.23 52.14 -50.40
CA LEU L 291 75.75 52.18 -51.72
C LEU L 291 77.27 52.33 -51.88
N ALA L 292 78.04 52.61 -50.79
CA ALA L 292 79.48 52.58 -50.70
C ALA L 292 80.13 51.26 -51.01
N THR L 293 79.28 50.22 -50.96
CA THR L 293 79.79 48.83 -51.24
C THR L 293 79.50 48.38 -52.63
N GLY L 294 78.60 49.10 -53.33
CA GLY L 294 78.29 48.89 -54.71
C GLY L 294 77.05 48.11 -54.90
N ALA L 295 76.27 47.96 -53.78
CA ALA L 295 75.03 47.28 -53.84
C ALA L 295 74.02 47.79 -54.89
N ASN L 296 73.79 47.09 -55.99
CA ASN L 296 72.95 47.53 -57.10
C ASN L 296 71.48 47.08 -56.88
N VAL L 297 71.24 46.20 -55.93
CA VAL L 297 69.91 45.88 -55.52
C VAL L 297 69.90 45.87 -54.02
N ILE L 298 68.76 46.18 -53.36
CA ILE L 298 68.68 46.26 -51.95
C ILE L 298 67.33 45.68 -51.51
N ILE L 299 67.42 44.68 -50.60
CA ILE L 299 66.18 44.08 -50.07
C ILE L 299 66.26 44.28 -48.62
N CYS L 300 65.09 44.63 -47.95
CA CYS L 300 65.10 44.99 -46.58
C CYS L 300 64.03 44.27 -45.84
N GLN L 301 63.92 44.46 -44.57
CA GLN L 301 63.04 43.64 -43.71
C GLN L 301 61.84 44.41 -43.15
N LYS L 302 61.94 45.67 -43.26
CA LYS L 302 60.92 46.58 -42.80
C LYS L 302 60.78 47.63 -43.85
N GLY L 303 60.23 48.81 -43.58
CA GLY L 303 59.87 49.75 -44.63
C GLY L 303 60.97 50.35 -45.44
N ILE L 304 60.47 51.29 -46.33
CA ILE L 304 61.33 52.19 -47.08
C ILE L 304 60.61 53.51 -47.15
N ASP L 305 61.30 54.60 -46.57
CA ASP L 305 60.88 55.93 -46.63
C ASP L 305 60.63 56.45 -48.07
N GLU L 306 59.88 57.62 -48.12
CA GLU L 306 59.72 58.32 -49.42
C GLU L 306 60.92 59.05 -49.90
N VAL L 307 61.80 59.45 -49.00
CA VAL L 307 63.09 60.01 -49.28
C VAL L 307 64.07 58.83 -49.55
N ALA L 308 63.98 57.67 -48.86
CA ALA L 308 64.78 56.58 -49.25
C ALA L 308 64.47 55.92 -50.58
N GLN L 309 63.22 56.11 -51.07
CA GLN L 309 62.79 55.65 -52.32
C GLN L 309 63.28 56.60 -53.42
N SER L 310 63.10 57.89 -53.26
CA SER L 310 63.46 58.97 -54.14
C SER L 310 64.96 58.98 -54.30
N TYR L 311 65.85 58.56 -53.30
CA TYR L 311 67.24 58.48 -53.24
C TYR L 311 67.75 57.30 -54.00
N LEU L 312 67.16 56.11 -53.71
CA LEU L 312 67.41 54.83 -54.36
C LEU L 312 66.99 54.85 -55.85
N ALA L 313 65.92 55.63 -56.19
CA ALA L 313 65.50 55.83 -57.60
C ALA L 313 66.45 56.63 -58.47
N LYS L 314 67.04 57.72 -57.90
CA LYS L 314 68.04 58.52 -58.52
C LYS L 314 69.45 57.93 -58.60
N LYS L 315 69.79 56.94 -57.74
CA LYS L 315 71.10 56.25 -57.87
C LYS L 315 70.93 55.20 -58.95
N GLY L 316 69.66 54.83 -59.19
CA GLY L 316 69.31 53.88 -60.19
C GLY L 316 69.04 52.47 -59.68
N VAL L 317 68.94 52.34 -58.33
CA VAL L 317 68.75 51.09 -57.65
C VAL L 317 67.47 50.44 -57.69
N LEU L 318 67.43 49.13 -57.47
CA LEU L 318 66.26 48.30 -57.59
C LEU L 318 65.98 47.98 -56.13
N ALA L 319 64.87 48.41 -55.44
CA ALA L 319 64.68 48.20 -54.09
C ALA L 319 63.50 47.38 -53.78
N VAL L 320 63.54 46.57 -52.69
CA VAL L 320 62.41 45.80 -52.33
C VAL L 320 62.02 46.10 -50.86
N ARG L 321 60.68 46.31 -50.56
CA ARG L 321 60.22 46.73 -49.20
C ARG L 321 59.62 45.62 -48.38
N ARG L 322 59.96 45.56 -47.05
CA ARG L 322 59.39 44.64 -46.11
C ARG L 322 59.32 43.15 -46.47
N ALA L 323 60.41 42.57 -46.98
CA ALA L 323 60.48 41.16 -47.16
C ALA L 323 60.91 40.40 -45.91
N LYS L 324 60.25 39.17 -45.70
CA LYS L 324 60.42 38.29 -44.55
C LYS L 324 61.89 37.89 -44.24
N LYS L 325 62.37 38.21 -43.02
CA LYS L 325 63.72 37.97 -42.57
C LYS L 325 64.24 36.58 -42.73
N SER L 326 63.36 35.57 -42.72
CA SER L 326 63.54 34.19 -43.18
C SER L 326 64.14 34.18 -44.63
N ASP L 327 63.86 35.16 -45.50
CA ASP L 327 64.25 35.14 -46.87
C ASP L 327 65.42 36.01 -47.21
N LEU L 328 65.70 36.99 -46.32
CA LEU L 328 66.99 37.60 -46.34
C LEU L 328 68.14 36.52 -46.09
N GLU L 329 67.88 35.61 -45.09
CA GLU L 329 68.70 34.47 -44.82
C GLU L 329 68.80 33.51 -46.02
N LYS L 330 67.67 33.10 -46.55
CA LYS L 330 67.81 32.28 -47.75
C LYS L 330 68.59 32.79 -48.96
N LEU L 331 68.68 34.08 -49.07
CA LEU L 331 69.36 34.80 -50.14
C LEU L 331 70.81 35.11 -49.81
N ALA L 332 71.14 35.12 -48.50
CA ALA L 332 72.50 35.24 -48.04
C ALA L 332 73.52 34.11 -48.48
N ARG L 333 73.44 32.89 -47.90
CA ARG L 333 74.33 31.82 -48.31
C ARG L 333 74.06 31.16 -49.62
N ALA L 334 73.03 31.66 -50.35
CA ALA L 334 72.74 31.28 -51.72
C ALA L 334 73.77 32.07 -52.57
N THR L 335 73.95 33.32 -52.24
CA THR L 335 74.75 34.29 -53.01
C THR L 335 76.13 34.54 -52.41
N GLY L 336 76.42 33.84 -51.30
CA GLY L 336 77.57 34.04 -50.42
C GLY L 336 77.57 35.30 -49.52
N GLY L 337 76.46 36.10 -49.49
CA GLY L 337 76.24 37.27 -48.60
C GLY L 337 75.96 36.94 -47.16
N ARG L 338 75.59 37.91 -46.30
CA ARG L 338 75.16 37.74 -44.92
C ARG L 338 74.25 38.93 -44.55
N VAL L 339 73.29 38.75 -43.75
CA VAL L 339 72.33 39.69 -43.34
C VAL L 339 72.93 40.82 -42.48
N VAL L 340 72.51 42.07 -42.74
CA VAL L 340 73.06 43.23 -42.11
C VAL L 340 72.29 43.71 -40.96
N SER L 341 72.55 43.26 -39.73
CA SER L 341 71.82 43.75 -38.59
C SER L 341 72.06 45.28 -38.37
N ASN L 342 73.30 45.80 -38.57
CA ASN L 342 73.70 47.21 -38.33
C ASN L 342 74.52 47.72 -39.47
N ILE L 343 74.03 48.74 -40.16
CA ILE L 343 74.58 49.32 -41.31
C ILE L 343 76.04 49.77 -41.05
N ASP L 344 76.40 50.12 -39.86
CA ASP L 344 77.77 50.46 -39.48
C ASP L 344 78.70 49.31 -39.26
N GLU L 345 78.28 48.04 -39.73
CA GLU L 345 79.22 46.92 -39.62
C GLU L 345 79.31 46.29 -41.00
N ILE L 346 78.44 46.89 -41.95
CA ILE L 346 78.42 46.47 -43.40
C ILE L 346 79.72 46.49 -44.12
N SER L 347 79.85 45.51 -45.00
CA SER L 347 81.13 45.31 -45.66
C SER L 347 80.89 44.61 -46.96
N GLU L 348 81.81 44.50 -47.93
CA GLU L 348 81.62 43.73 -49.12
C GLU L 348 81.53 42.23 -48.90
N GLN L 349 81.67 41.74 -47.69
CA GLN L 349 81.54 40.28 -47.41
C GLN L 349 80.10 39.99 -47.08
N ASP L 350 79.31 40.96 -46.68
CA ASP L 350 77.93 40.85 -46.37
C ASP L 350 77.04 40.88 -47.58
N LEU L 351 77.66 41.41 -48.60
CA LEU L 351 77.15 41.51 -49.98
C LEU L 351 77.18 40.17 -50.63
N GLY L 352 76.10 39.84 -51.43
CA GLY L 352 75.92 38.58 -52.09
C GLY L 352 76.16 38.73 -53.69
N TYR L 353 76.66 37.67 -54.28
CA TYR L 353 76.98 37.57 -55.68
C TYR L 353 76.16 36.54 -56.42
N ALA L 354 75.40 37.04 -57.52
CA ALA L 354 74.58 36.22 -58.47
C ALA L 354 74.56 36.82 -59.86
N SER L 355 74.39 35.94 -60.90
CA SER L 355 74.49 36.45 -62.30
C SER L 355 73.43 37.47 -62.59
N LEU L 356 72.21 37.31 -62.08
CA LEU L 356 71.15 38.17 -62.51
C LEU L 356 70.08 38.14 -61.47
N ILE L 357 69.52 39.30 -60.96
CA ILE L 357 68.37 39.37 -60.09
C ILE L 357 67.26 40.05 -60.91
N GLU L 358 65.94 39.72 -60.82
CA GLU L 358 64.90 40.35 -61.60
C GLU L 358 63.60 40.31 -60.74
N GLU L 359 62.49 40.90 -61.17
CA GLU L 359 61.17 40.80 -60.57
C GLU L 359 60.31 40.22 -61.74
N ARG L 360 59.54 39.13 -61.56
CA ARG L 360 58.62 38.60 -62.57
C ARG L 360 57.24 38.52 -61.89
N LYS L 361 56.19 38.46 -62.78
CA LYS L 361 54.81 38.24 -62.30
C LYS L 361 54.44 36.77 -62.19
N VAL L 362 53.58 36.42 -61.27
CA VAL L 362 53.06 35.01 -61.17
C VAL L 362 51.51 35.25 -60.81
N GLY L 363 50.66 35.32 -61.88
CA GLY L 363 49.22 35.59 -61.74
C GLY L 363 49.12 37.03 -61.35
N GLU L 364 48.41 37.34 -60.18
CA GLU L 364 48.38 38.74 -59.78
C GLU L 364 49.68 39.20 -59.16
N ASP L 365 50.28 38.34 -58.31
CA ASP L 365 51.55 38.53 -57.60
C ASP L 365 52.71 38.97 -58.46
N LYS L 366 53.68 39.65 -57.96
CA LYS L 366 54.95 39.98 -58.44
C LYS L 366 55.99 39.53 -57.42
N MET L 367 57.00 38.80 -57.90
CA MET L 367 58.00 38.26 -56.99
C MET L 367 59.39 38.46 -57.57
N VAL L 368 60.37 38.55 -56.72
CA VAL L 368 61.72 38.72 -57.11
C VAL L 368 62.39 37.43 -57.14
N PHE L 369 63.13 37.22 -58.21
CA PHE L 369 63.88 36.01 -58.47
C PHE L 369 65.30 36.29 -58.61
N VAL L 370 66.07 35.31 -58.26
CA VAL L 370 67.55 35.38 -58.15
C VAL L 370 68.22 34.16 -58.71
N GLU L 371 67.98 33.97 -59.99
CA GLU L 371 68.67 32.93 -60.78
C GLU L 371 70.11 33.24 -60.95
N GLY L 372 70.94 32.23 -61.18
CA GLY L 372 72.34 32.47 -61.33
C GLY L 372 73.12 32.66 -60.05
N ALA L 373 72.53 32.28 -58.93
CA ALA L 373 73.03 32.35 -57.57
C ALA L 373 74.32 31.52 -57.46
N LYS L 374 75.29 31.91 -56.63
CA LYS L 374 76.59 31.28 -56.52
C LYS L 374 76.62 29.79 -56.07
N ASN L 375 75.70 29.47 -55.16
CA ASN L 375 75.43 28.09 -54.70
C ASN L 375 74.75 27.19 -55.77
N PRO L 376 75.25 26.03 -56.11
CA PRO L 376 74.56 25.19 -57.09
C PRO L 376 73.43 24.38 -56.40
N LYS L 377 73.47 24.08 -55.10
CA LYS L 377 72.44 23.23 -54.53
C LYS L 377 71.21 24.06 -54.20
N SER L 378 71.32 25.34 -53.66
CA SER L 378 70.20 26.26 -53.25
C SER L 378 69.28 26.58 -54.42
N ILE L 379 68.09 25.95 -54.39
CA ILE L 379 67.01 26.07 -55.41
C ILE L 379 65.60 26.28 -54.87
N SER L 380 64.68 26.66 -55.73
CA SER L 380 63.27 26.93 -55.26
C SER L 380 62.28 26.22 -56.23
N ILE L 381 61.01 26.00 -55.74
CA ILE L 381 59.90 25.47 -56.46
C ILE L 381 58.77 26.46 -56.45
N LEU L 382 58.05 26.62 -57.57
CA LEU L 382 56.92 27.49 -57.66
C LEU L 382 55.81 26.51 -57.99
N ILE L 383 54.93 26.45 -57.07
CA ILE L 383 53.66 25.70 -57.07
C ILE L 383 52.66 26.71 -57.61
N ARG L 384 51.69 26.20 -58.42
CA ARG L 384 50.80 27.15 -59.14
C ARG L 384 49.51 26.30 -59.22
N GLY L 385 48.36 26.91 -59.66
CA GLY L 385 47.03 26.16 -59.85
C GLY L 385 46.32 25.62 -58.64
N GLY L 386 45.08 25.18 -58.76
CA GLY L 386 44.17 24.68 -57.80
C GLY L 386 43.37 25.81 -57.07
N LEU L 387 42.72 25.39 -55.99
CA LEU L 387 41.97 26.30 -55.10
C LEU L 387 42.86 26.69 -53.96
N GLU L 388 42.58 27.81 -53.23
CA GLU L 388 43.32 28.26 -52.14
C GLU L 388 43.62 27.27 -50.99
N ARG L 389 42.89 26.15 -50.77
CA ARG L 389 43.11 25.12 -49.80
C ARG L 389 43.65 23.96 -50.61
N LEU L 390 43.25 23.61 -51.92
CA LEU L 390 43.83 22.54 -52.71
C LEU L 390 45.30 22.62 -52.94
N VAL L 391 45.68 23.86 -53.26
CA VAL L 391 47.13 24.23 -53.48
C VAL L 391 47.98 24.02 -52.22
N ASP L 392 47.49 24.35 -50.99
CA ASP L 392 48.16 24.10 -49.76
C ASP L 392 48.42 22.67 -49.55
N GLU L 393 47.43 21.74 -49.82
CA GLU L 393 47.59 20.26 -49.63
C GLU L 393 48.52 19.69 -50.68
N THR L 394 48.79 20.48 -51.82
CA THR L 394 49.81 20.10 -52.77
C THR L 394 51.15 20.36 -52.22
N GLU L 395 51.20 21.37 -51.35
CA GLU L 395 52.47 21.82 -50.70
C GLU L 395 53.02 20.79 -49.68
N ARG L 396 52.06 20.19 -48.98
CA ARG L 396 52.30 19.06 -48.09
C ARG L 396 52.71 17.89 -48.96
N ALA L 397 51.93 17.52 -49.97
CA ALA L 397 52.34 16.50 -50.91
C ALA L 397 53.70 16.69 -51.54
N LEU L 398 54.07 17.91 -52.02
CA LEU L 398 55.40 18.18 -52.64
C LEU L 398 56.56 17.99 -51.72
N ARG L 399 56.39 18.46 -50.44
CA ARG L 399 57.34 18.40 -49.34
C ARG L 399 57.66 16.95 -49.10
N ASP L 400 56.68 16.06 -48.88
CA ASP L 400 56.80 14.60 -48.63
C ASP L 400 57.33 13.93 -49.80
N ALA L 401 56.93 14.31 -51.07
CA ALA L 401 57.48 13.89 -52.36
C ALA L 401 58.97 14.12 -52.37
N LEU L 402 59.43 15.28 -51.95
CA LEU L 402 60.84 15.61 -51.82
C LEU L 402 61.55 14.77 -50.80
N GLY L 403 60.96 14.79 -49.54
CA GLY L 403 61.50 13.94 -48.43
C GLY L 403 61.81 12.49 -48.94
N THR L 404 60.78 11.85 -49.48
CA THR L 404 60.78 10.46 -49.96
C THR L 404 61.86 10.24 -51.03
N VAL L 405 61.96 11.03 -52.06
CA VAL L 405 62.99 10.91 -53.05
C VAL L 405 64.43 11.04 -52.64
N ALA L 406 64.63 12.03 -51.72
CA ALA L 406 65.87 12.31 -50.99
C ALA L 406 66.28 11.13 -50.07
N ASP L 407 65.32 10.42 -49.45
CA ASP L 407 65.50 9.30 -48.48
C ASP L 407 66.04 8.09 -49.21
N VAL L 408 65.65 7.91 -50.47
CA VAL L 408 66.08 6.83 -51.40
C VAL L 408 67.59 6.96 -51.70
N ILE L 409 68.06 8.25 -51.92
CA ILE L 409 69.44 8.61 -52.17
C ILE L 409 70.29 8.48 -50.87
N LYS L 410 69.78 9.03 -49.77
CA LYS L 410 70.36 8.91 -48.47
C LYS L 410 70.59 7.42 -48.06
N ASP L 411 69.72 6.40 -48.50
CA ASP L 411 69.94 5.00 -48.11
C ASP L 411 70.60 4.38 -49.31
N GLY L 412 69.87 4.15 -50.33
CA GLY L 412 70.38 3.40 -51.53
C GLY L 412 69.78 2.08 -51.80
N ARG L 413 68.69 1.70 -51.16
CA ARG L 413 67.98 0.42 -51.39
C ARG L 413 66.53 0.48 -51.84
N ALA L 414 66.02 -0.33 -52.74
CA ALA L 414 64.68 -0.24 -53.18
C ALA L 414 64.00 -1.63 -53.52
N ILE L 415 62.75 -1.86 -53.02
CA ILE L 415 62.03 -3.17 -53.23
C ILE L 415 60.79 -2.94 -54.05
N ALA L 416 60.13 -3.93 -54.59
CA ALA L 416 58.86 -3.77 -55.16
C ALA L 416 57.69 -3.76 -54.11
N GLY L 417 56.85 -2.68 -54.21
CA GLY L 417 55.76 -2.64 -53.25
C GLY L 417 54.62 -3.52 -53.60
N GLY L 418 53.41 -3.30 -53.05
CA GLY L 418 52.15 -4.07 -53.29
C GLY L 418 52.12 -5.58 -52.98
N GLY L 419 52.69 -5.87 -51.83
CA GLY L 419 52.43 -7.14 -51.12
C GLY L 419 53.58 -8.06 -51.45
N ALA L 420 54.45 -7.68 -52.42
CA ALA L 420 55.65 -8.42 -52.90
C ALA L 420 56.70 -8.87 -51.86
N VAL L 421 57.31 -7.91 -51.09
CA VAL L 421 58.23 -8.35 -49.98
C VAL L 421 57.49 -9.06 -48.81
N GLU L 422 56.22 -8.72 -48.55
CA GLU L 422 55.44 -9.41 -47.54
C GLU L 422 55.29 -10.93 -47.88
N ILE L 423 54.67 -11.35 -48.93
CA ILE L 423 54.53 -12.71 -49.37
C ILE L 423 55.81 -13.56 -49.40
N GLU L 424 57.00 -12.88 -49.70
CA GLU L 424 58.28 -13.48 -49.51
C GLU L 424 58.65 -13.76 -48.04
N ILE L 425 58.58 -12.75 -47.15
CA ILE L 425 58.80 -12.87 -45.71
C ILE L 425 57.91 -13.86 -44.96
N ALA L 426 56.68 -14.08 -45.47
CA ALA L 426 55.69 -15.02 -45.07
C ALA L 426 56.09 -16.39 -45.44
N LYS L 427 56.04 -16.74 -46.82
CA LYS L 427 56.53 -17.95 -47.43
C LYS L 427 57.81 -18.45 -46.79
N LYS L 428 58.90 -17.62 -46.74
CA LYS L 428 60.21 -17.97 -46.16
C LYS L 428 60.03 -18.36 -44.70
N LEU L 429 59.15 -17.75 -43.86
CA LEU L 429 58.92 -18.09 -42.47
C LEU L 429 58.12 -19.37 -42.33
N ARG L 430 57.13 -19.57 -43.24
CA ARG L 430 56.29 -20.71 -43.23
C ARG L 430 57.16 -21.97 -43.47
N LYS L 431 58.08 -21.96 -44.44
CA LYS L 431 59.03 -23.03 -44.68
C LYS L 431 60.05 -23.28 -43.59
N TYR L 432 60.44 -22.21 -42.85
CA TYR L 432 61.43 -22.26 -41.80
C TYR L 432 60.86 -22.98 -40.51
N ALA L 433 59.74 -22.45 -40.04
CA ALA L 433 58.97 -22.86 -38.85
C ALA L 433 59.06 -24.33 -38.31
N PRO L 434 58.66 -25.38 -39.20
CA PRO L 434 58.81 -26.83 -38.95
C PRO L 434 60.02 -27.25 -38.16
N GLN L 435 61.20 -26.60 -38.49
CA GLN L 435 62.52 -26.86 -38.04
C GLN L 435 62.83 -26.11 -36.82
N VAL L 436 62.11 -25.01 -36.50
CA VAL L 436 62.41 -24.17 -35.37
C VAL L 436 62.28 -24.90 -34.05
N GLY L 437 61.24 -25.66 -33.83
CA GLY L 437 61.05 -26.32 -32.52
C GLY L 437 59.59 -26.68 -32.51
N GLY L 438 59.03 -27.07 -31.33
CA GLY L 438 57.71 -27.43 -30.98
C GLY L 438 56.75 -26.32 -31.07
N LYS L 439 56.53 -25.58 -30.00
CA LYS L 439 55.54 -24.53 -29.94
C LYS L 439 56.10 -23.40 -30.74
N GLU L 440 57.39 -23.16 -30.57
CA GLU L 440 58.07 -22.10 -31.35
C GLU L 440 57.83 -22.04 -32.92
N GLN L 441 57.59 -23.11 -33.58
CA GLN L 441 57.09 -23.28 -34.91
C GLN L 441 55.74 -22.57 -35.17
N LEU L 442 54.69 -22.81 -34.32
CA LEU L 442 53.44 -22.11 -34.37
C LEU L 442 53.62 -20.59 -34.22
N ALA L 443 54.59 -20.17 -33.31
CA ALA L 443 54.89 -18.80 -33.07
C ALA L 443 55.44 -18.07 -34.30
N VAL L 444 56.47 -18.69 -34.93
CA VAL L 444 57.11 -18.29 -36.17
C VAL L 444 56.00 -18.29 -37.25
N GLU L 445 55.23 -19.42 -37.34
CA GLU L 445 54.04 -19.45 -38.25
C GLU L 445 53.02 -18.31 -38.03
N ALA L 446 52.78 -17.91 -36.80
CA ALA L 446 51.90 -16.83 -36.39
C ALA L 446 52.35 -15.46 -36.95
N TYR L 447 53.62 -15.19 -36.58
CA TYR L 447 54.39 -14.06 -37.21
C TYR L 447 54.32 -13.90 -38.72
N ALA L 448 54.27 -15.07 -39.37
CA ALA L 448 54.03 -15.13 -40.84
C ALA L 448 52.59 -14.74 -41.26
N ASN L 449 51.61 -15.40 -40.55
CA ASN L 449 50.15 -15.19 -40.64
C ASN L 449 49.71 -13.78 -40.39
N ALA L 450 50.22 -13.09 -39.26
CA ALA L 450 49.97 -11.70 -39.05
C ALA L 450 50.43 -10.85 -40.25
N LEU L 451 51.58 -11.12 -40.90
CA LEU L 451 52.00 -10.38 -42.04
C LEU L 451 51.12 -10.53 -43.24
N GLU L 452 50.54 -11.67 -43.55
CA GLU L 452 49.65 -12.00 -44.68
C GLU L 452 48.32 -11.33 -44.45
N SER L 453 47.88 -11.21 -43.23
CA SER L 453 46.69 -10.39 -42.78
C SER L 453 46.74 -8.95 -43.25
N LEU L 454 47.96 -8.31 -43.22
CA LEU L 454 48.17 -6.93 -43.67
C LEU L 454 47.74 -6.76 -45.15
N VAL L 455 48.23 -7.70 -45.96
CA VAL L 455 47.93 -7.73 -47.41
C VAL L 455 46.51 -8.17 -47.59
N SER L 456 45.96 -9.00 -46.67
CA SER L 456 44.51 -9.41 -46.76
C SER L 456 43.55 -8.23 -46.59
N ILE L 457 43.76 -7.43 -45.52
CA ILE L 457 43.05 -6.20 -45.40
C ILE L 457 43.18 -5.26 -46.60
N LEU L 458 44.41 -5.09 -47.19
CA LEU L 458 44.66 -4.31 -48.32
C LEU L 458 43.85 -4.77 -49.55
N ILE L 459 43.84 -6.06 -49.88
CA ILE L 459 43.03 -6.65 -50.94
C ILE L 459 41.55 -6.52 -50.62
N GLU L 460 41.04 -6.93 -49.40
CA GLU L 460 39.69 -6.82 -48.86
C GLU L 460 39.03 -5.49 -49.27
N ASN L 461 39.73 -4.45 -48.89
CA ASN L 461 39.30 -3.03 -49.11
C ASN L 461 39.08 -2.63 -50.59
N ALA L 462 39.66 -3.43 -51.56
CA ALA L 462 39.38 -3.15 -52.94
C ALA L 462 38.12 -3.72 -53.38
N GLY L 463 37.73 -4.79 -52.65
CA GLY L 463 36.45 -5.47 -53.04
C GLY L 463 36.79 -6.69 -53.89
N PHE L 464 37.94 -7.36 -53.61
CA PHE L 464 38.26 -8.65 -54.16
C PHE L 464 38.60 -9.57 -53.01
N ASP L 465 38.32 -10.94 -53.08
CA ASP L 465 38.40 -11.84 -51.94
C ASP L 465 39.89 -12.01 -51.43
N PRO L 466 40.15 -11.64 -50.20
CA PRO L 466 41.51 -11.63 -49.65
C PRO L 466 42.21 -13.02 -49.83
N ILE L 467 41.59 -14.15 -49.44
CA ILE L 467 42.24 -15.45 -49.48
C ILE L 467 42.58 -15.81 -50.98
N ASP L 468 41.53 -15.62 -51.85
CA ASP L 468 41.65 -15.95 -53.21
C ASP L 468 42.96 -15.39 -53.95
N LEU L 469 43.03 -14.08 -53.97
CA LEU L 469 44.21 -13.42 -54.49
C LEU L 469 45.50 -13.78 -53.66
N LEU L 470 45.43 -13.89 -52.39
CA LEU L 470 46.67 -14.28 -51.62
C LEU L 470 47.21 -15.57 -52.08
N MET L 471 46.34 -16.58 -52.20
CA MET L 471 46.61 -17.99 -52.50
C MET L 471 47.11 -18.15 -53.92
N LYS L 472 46.43 -17.47 -54.88
CA LYS L 472 46.86 -17.27 -56.23
C LYS L 472 48.17 -16.55 -56.30
N LEU L 473 48.48 -15.66 -55.30
CA LEU L 473 49.73 -14.93 -55.35
C LEU L 473 50.86 -15.67 -54.77
N ARG L 474 50.73 -16.16 -53.59
CA ARG L 474 51.77 -17.03 -53.03
C ARG L 474 52.11 -18.31 -53.79
N SER L 475 51.24 -18.66 -54.75
CA SER L 475 51.48 -19.81 -55.69
C SER L 475 52.23 -19.21 -56.81
N THR L 476 51.83 -18.03 -57.35
CA THR L 476 52.57 -17.43 -58.48
C THR L 476 53.91 -16.86 -58.03
N HIS L 477 54.35 -17.10 -56.78
CA HIS L 477 55.58 -16.58 -56.20
C HIS L 477 56.53 -17.66 -55.69
N GLU L 478 56.31 -18.92 -56.12
CA GLU L 478 57.20 -20.02 -55.73
C GLU L 478 58.69 -19.83 -56.08
N ASN L 479 58.94 -19.23 -57.27
CA ASN L 479 60.25 -19.07 -57.89
C ASN L 479 60.77 -17.64 -57.85
N GLU L 480 62.07 -17.43 -57.92
CA GLU L 480 62.68 -16.09 -57.87
C GLU L 480 62.44 -15.22 -59.05
N ASN L 481 61.97 -15.78 -60.23
CA ASN L 481 61.67 -14.99 -61.38
C ASN L 481 60.47 -14.13 -61.00
N ASN L 482 59.62 -14.60 -60.05
CA ASN L 482 58.39 -13.96 -59.66
C ASN L 482 58.55 -13.16 -58.32
N LYS L 483 59.70 -12.60 -58.10
CA LYS L 483 60.06 -12.00 -56.80
C LYS L 483 59.34 -10.72 -56.66
N TRP L 484 58.97 -9.99 -57.78
CA TRP L 484 58.42 -8.64 -57.64
C TRP L 484 56.94 -8.67 -57.92
N TYR L 485 56.33 -9.86 -57.81
CA TYR L 485 54.88 -10.06 -57.91
C TYR L 485 54.07 -9.61 -56.65
N GLY L 486 52.98 -8.89 -56.94
CA GLY L 486 52.07 -8.45 -55.94
C GLY L 486 50.71 -8.54 -56.50
N ILE L 487 49.68 -7.80 -55.90
CA ILE L 487 48.24 -7.66 -56.33
C ILE L 487 47.89 -6.31 -56.65
N ASP L 488 47.63 -6.13 -57.97
CA ASP L 488 47.07 -4.90 -58.53
C ASP L 488 45.67 -4.64 -57.94
N LEU L 489 45.51 -3.57 -57.20
CA LEU L 489 44.24 -3.16 -56.70
C LEU L 489 43.29 -2.44 -57.67
N TYR L 490 43.61 -2.41 -58.93
CA TYR L 490 42.80 -1.81 -59.98
C TYR L 490 42.54 -2.78 -61.12
N ALA L 491 43.05 -4.05 -61.14
CA ALA L 491 42.71 -5.08 -62.09
C ALA L 491 42.19 -6.31 -61.45
N GLY L 492 42.61 -6.53 -60.17
CA GLY L 492 42.20 -7.72 -59.32
C GLY L 492 42.82 -8.96 -59.77
N GLN L 493 44.16 -8.98 -59.74
CA GLN L 493 44.88 -10.15 -60.17
C GLN L 493 46.43 -10.04 -60.03
N PRO L 494 47.17 -11.08 -59.73
CA PRO L 494 48.64 -10.97 -59.56
C PRO L 494 49.41 -10.50 -60.73
N VAL L 495 50.22 -9.52 -60.54
CA VAL L 495 51.12 -8.94 -61.56
C VAL L 495 52.41 -8.50 -60.95
N ASP L 496 53.36 -8.18 -61.82
CA ASP L 496 54.62 -7.65 -61.44
C ASP L 496 54.63 -6.16 -61.11
N MET L 497 54.76 -5.88 -59.78
CA MET L 497 54.65 -4.57 -59.23
C MET L 497 55.78 -3.61 -59.61
N TRP L 498 57.01 -4.10 -59.64
CA TRP L 498 58.19 -3.41 -60.19
C TRP L 498 57.88 -2.89 -61.60
N GLN L 499 57.42 -3.86 -62.47
CA GLN L 499 57.11 -3.49 -63.79
C GLN L 499 55.91 -2.66 -63.95
N LYS L 500 55.52 -1.81 -62.93
CA LYS L 500 54.39 -0.87 -62.99
C LYS L 500 54.67 0.33 -62.09
N GLY L 501 55.94 0.47 -61.65
CA GLY L 501 56.34 1.65 -60.94
C GLY L 501 56.06 1.67 -59.47
N VAL L 502 55.34 0.63 -58.91
CA VAL L 502 55.07 0.45 -57.49
C VAL L 502 56.40 -0.16 -57.04
N ILE L 503 57.33 0.75 -56.64
CA ILE L 503 58.56 0.42 -56.00
C ILE L 503 58.50 1.29 -54.71
N GLU L 504 59.25 0.85 -53.68
CA GLU L 504 59.24 1.47 -52.40
C GLU L 504 60.59 1.51 -51.72
N PRO L 505 60.93 2.53 -50.84
CA PRO L 505 62.07 2.51 -49.93
C PRO L 505 62.16 1.33 -49.03
N ALA L 506 63.12 0.43 -49.28
CA ALA L 506 63.39 -0.74 -48.58
C ALA L 506 63.42 -0.63 -47.05
N LEU L 507 63.83 0.48 -46.53
CA LEU L 507 64.14 0.65 -45.13
C LEU L 507 62.79 1.02 -44.45
N VAL L 508 61.93 1.76 -45.13
CA VAL L 508 60.61 2.05 -44.58
C VAL L 508 59.86 0.80 -44.23
N LYS L 509 59.75 -0.22 -45.18
CA LYS L 509 59.05 -1.42 -44.81
C LYS L 509 59.71 -2.43 -43.96
N MET L 510 60.87 -1.95 -43.44
CA MET L 510 61.69 -2.72 -42.56
C MET L 510 61.72 -2.17 -41.15
N ASN L 511 61.83 -0.79 -40.99
CA ASN L 511 61.72 -0.26 -39.67
C ASN L 511 60.33 -0.36 -39.08
N ALA L 512 59.29 -0.31 -39.95
CA ALA L 512 57.96 -0.57 -39.44
C ALA L 512 57.73 -1.95 -38.68
N ILE L 513 58.14 -3.04 -39.36
CA ILE L 513 58.13 -4.38 -38.73
C ILE L 513 58.91 -4.41 -37.45
N LYS L 514 60.09 -3.82 -37.40
CA LYS L 514 60.99 -3.78 -36.21
C LYS L 514 60.29 -2.95 -35.08
N ALA L 515 59.66 -1.76 -35.42
CA ALA L 515 58.85 -0.90 -34.54
C ALA L 515 57.72 -1.65 -33.92
N ALA L 516 56.78 -2.16 -34.72
CA ALA L 516 55.68 -2.98 -34.43
C ALA L 516 56.11 -4.19 -33.51
N THR L 517 57.17 -4.96 -33.84
CA THR L 517 57.58 -6.10 -32.99
C THR L 517 58.05 -5.81 -31.56
N GLU L 518 58.71 -4.65 -31.39
CA GLU L 518 58.99 -3.98 -30.13
C GLU L 518 57.77 -3.67 -29.30
N ALA L 519 56.83 -2.88 -29.87
CA ALA L 519 55.57 -2.55 -29.25
C ALA L 519 54.74 -3.81 -28.89
N ALA L 520 54.55 -4.68 -29.90
CA ALA L 520 53.93 -5.96 -29.74
C ALA L 520 54.41 -6.82 -28.55
N THR L 521 55.76 -7.08 -28.51
CA THR L 521 56.31 -7.82 -27.41
C THR L 521 56.39 -7.11 -26.06
N LEU L 522 56.50 -5.71 -25.90
CA LEU L 522 56.33 -5.06 -24.64
C LEU L 522 54.98 -5.10 -24.03
N VAL L 523 54.00 -4.98 -24.85
CA VAL L 523 52.66 -5.21 -24.27
C VAL L 523 52.41 -6.60 -23.71
N LEU L 524 52.91 -7.59 -24.42
CA LEU L 524 52.83 -9.01 -24.00
C LEU L 524 53.63 -9.36 -22.71
N ARG L 525 54.72 -8.64 -22.49
CA ARG L 525 55.65 -8.69 -21.30
C ARG L 525 54.94 -8.21 -20.08
N ILE L 526 53.94 -7.26 -20.23
CA ILE L 526 53.19 -6.76 -19.06
C ILE L 526 52.27 -7.81 -18.49
N ASP L 527 52.48 -8.20 -17.19
CA ASP L 527 51.67 -9.11 -16.42
C ASP L 527 50.54 -8.37 -15.78
N ASP L 528 50.90 -7.24 -15.12
CA ASP L 528 49.89 -6.50 -14.41
C ASP L 528 50.01 -5.02 -14.69
N VAL L 529 48.97 -4.26 -14.27
CA VAL L 529 49.07 -2.83 -14.29
C VAL L 529 48.87 -2.43 -12.82
N VAL L 530 49.87 -1.77 -12.28
CA VAL L 530 49.86 -1.24 -10.98
C VAL L 530 49.69 0.28 -11.11
N SER L 531 49.16 1.05 -10.14
CA SER L 531 48.90 2.45 -10.36
C SER L 531 48.88 3.14 -9.06
N ALA L 532 48.77 4.45 -8.98
CA ALA L 532 48.75 5.28 -7.75
C ALA L 532 47.63 6.29 -7.73
N GLY M 28 44.61 -17.11 19.76
CA GLY M 28 43.29 -16.81 19.07
C GLY M 28 43.64 -16.63 17.59
N LYS M 29 43.12 -17.49 16.67
CA LYS M 29 43.35 -17.55 15.23
C LYS M 29 43.30 -16.22 14.45
N GLU M 30 42.41 -15.27 14.82
CA GLU M 30 42.05 -13.99 14.22
C GLU M 30 43.01 -13.13 13.44
N ALA M 31 43.93 -12.42 14.08
CA ALA M 31 44.78 -11.52 13.37
C ALA M 31 46.00 -12.29 12.77
N VAL M 32 46.53 -13.29 13.50
CA VAL M 32 47.56 -14.13 12.91
C VAL M 32 47.33 -14.73 11.51
N ARG M 33 46.05 -15.07 11.22
CA ARG M 33 45.54 -15.51 9.89
C ARG M 33 45.68 -14.37 8.86
N ALA M 34 45.21 -13.17 9.31
CA ALA M 34 45.30 -11.88 8.60
C ALA M 34 46.76 -11.58 8.17
N ASN M 35 47.69 -11.58 9.13
CA ASN M 35 49.11 -11.35 8.91
C ASN M 35 49.68 -12.29 7.85
N ILE M 36 49.48 -13.61 7.93
CA ILE M 36 49.83 -14.62 6.97
C ILE M 36 49.34 -14.32 5.58
N ALA M 37 47.99 -14.09 5.52
CA ALA M 37 47.25 -13.59 4.42
C ALA M 37 47.87 -12.41 3.70
N ALA M 38 48.08 -11.31 4.46
CA ALA M 38 48.79 -10.07 4.09
C ALA M 38 50.18 -10.39 3.50
N VAL M 39 51.00 -11.22 4.12
CA VAL M 39 52.26 -11.73 3.64
C VAL M 39 52.18 -12.51 2.33
N LYS M 40 51.36 -13.59 2.27
CA LYS M 40 51.09 -14.39 1.08
C LYS M 40 50.69 -13.46 -0.10
N ALA M 41 49.88 -12.36 0.14
CA ALA M 41 49.51 -11.26 -0.79
C ALA M 41 50.74 -10.59 -1.34
N VAL M 42 51.72 -10.15 -0.38
CA VAL M 42 52.99 -9.62 -0.92
C VAL M 42 53.80 -10.62 -1.81
N GLU M 43 53.95 -11.93 -1.51
CA GLU M 43 54.63 -12.96 -2.34
C GLU M 43 54.04 -13.00 -3.73
N GLU M 44 52.72 -13.02 -3.81
CA GLU M 44 51.92 -12.90 -5.03
C GLU M 44 52.09 -11.60 -5.90
N ALA M 45 52.85 -10.67 -5.42
CA ALA M 45 53.17 -9.43 -6.20
C ALA M 45 54.41 -9.58 -7.03
N LEU M 46 55.31 -10.50 -6.65
CA LEU M 46 56.63 -10.72 -7.32
C LEU M 46 56.69 -12.10 -7.96
N LYS M 47 55.98 -13.16 -7.50
CA LYS M 47 56.05 -14.51 -8.09
C LYS M 47 56.30 -14.78 -9.59
N SER M 48 55.53 -14.17 -10.43
CA SER M 48 55.61 -14.25 -11.84
C SER M 48 56.87 -13.52 -12.36
N THR M 49 57.79 -12.95 -11.49
CA THR M 49 58.94 -12.22 -12.06
C THR M 49 60.24 -12.75 -11.63
N TYR M 50 60.17 -13.88 -10.86
CA TYR M 50 61.40 -14.50 -10.32
C TYR M 50 62.27 -15.25 -11.41
N GLY M 51 63.64 -15.01 -11.41
CA GLY M 51 64.52 -15.57 -12.36
C GLY M 51 64.53 -14.89 -13.68
N PRO M 52 65.50 -15.21 -14.54
CA PRO M 52 65.68 -14.57 -15.87
C PRO M 52 64.52 -14.66 -16.85
N ARG M 53 63.62 -15.58 -16.57
CA ARG M 53 62.53 -15.77 -17.54
C ARG M 53 61.14 -15.31 -17.00
N GLY M 54 61.12 -14.46 -15.85
CA GLY M 54 59.91 -13.78 -15.33
C GLY M 54 59.30 -12.71 -16.26
N MET M 55 58.15 -12.17 -15.89
CA MET M 55 57.45 -11.14 -16.66
C MET M 55 57.80 -9.80 -16.10
N ASP M 56 57.30 -8.76 -16.73
CA ASP M 56 57.46 -7.37 -16.27
C ASP M 56 56.14 -6.81 -15.82
N LYS M 57 56.21 -5.86 -14.81
CA LYS M 57 55.06 -5.14 -14.18
C LYS M 57 55.04 -3.75 -14.77
N MET M 58 53.83 -3.18 -15.01
CA MET M 58 53.62 -1.82 -15.42
C MET M 58 53.11 -0.91 -14.29
N LEU M 59 53.63 0.30 -14.19
CA LEU M 59 53.21 1.21 -13.09
C LEU M 59 52.87 2.56 -13.66
N VAL M 60 51.56 3.00 -13.56
CA VAL M 60 51.04 4.29 -14.10
C VAL M 60 50.92 5.21 -12.87
N ASP M 61 51.81 6.22 -12.86
CA ASP M 61 52.02 7.17 -11.87
C ASP M 61 50.87 8.19 -11.61
N SER M 62 50.90 8.98 -10.52
CA SER M 62 49.97 10.04 -10.15
C SER M 62 49.63 11.01 -11.30
N LEU M 63 50.68 11.37 -12.06
CA LEU M 63 50.75 12.26 -13.09
C LEU M 63 50.39 11.68 -14.45
N GLY M 64 50.15 10.31 -14.53
CA GLY M 64 49.81 9.50 -15.66
C GLY M 64 50.89 8.75 -16.39
N ASP M 65 52.16 9.08 -16.04
CA ASP M 65 53.43 8.52 -16.58
C ASP M 65 53.50 7.00 -16.50
N ILE M 66 54.05 6.29 -17.46
CA ILE M 66 54.14 4.84 -17.46
C ILE M 66 55.51 4.52 -17.11
N THR M 67 55.70 3.45 -16.27
CA THR M 67 57.04 3.06 -15.97
C THR M 67 56.98 1.53 -16.00
N ILE M 68 57.72 0.81 -16.80
CA ILE M 68 57.66 -0.62 -16.86
C ILE M 68 58.87 -1.21 -16.13
N THR M 69 58.70 -2.12 -15.14
CA THR M 69 59.87 -2.67 -14.38
C THR M 69 59.55 -4.04 -13.81
N ASN M 70 60.55 -4.66 -13.15
CA ASN M 70 60.53 -5.91 -12.52
C ASN M 70 61.44 -5.77 -11.29
N ASP M 71 61.73 -4.51 -10.79
CA ASP M 71 62.57 -4.16 -9.65
C ASP M 71 61.69 -4.34 -8.39
N GLY M 72 62.02 -5.39 -7.57
CA GLY M 72 61.15 -5.85 -6.42
C GLY M 72 60.79 -4.68 -5.54
N ALA M 73 61.89 -4.10 -5.06
CA ALA M 73 61.97 -2.89 -4.23
C ALA M 73 60.97 -1.85 -4.65
N THR M 74 61.04 -1.30 -5.89
CA THR M 74 60.11 -0.34 -6.42
C THR M 74 58.66 -0.66 -6.34
N ILE M 75 58.25 -1.86 -6.66
CA ILE M 75 56.94 -2.44 -6.70
C ILE M 75 56.29 -2.55 -5.30
N LEU M 76 57.14 -2.52 -4.22
CA LEU M 76 56.81 -2.48 -2.79
C LEU M 76 56.98 -1.09 -2.15
N ASP M 77 57.95 -0.30 -2.58
CA ASP M 77 58.12 1.03 -2.18
C ASP M 77 57.00 1.97 -2.64
N LYS M 78 56.64 1.95 -3.90
CA LYS M 78 55.61 2.85 -4.47
C LYS M 78 54.22 2.38 -4.13
N MET M 79 54.09 1.24 -3.51
CA MET M 79 52.88 0.69 -3.01
C MET M 79 52.56 1.03 -1.54
N ASP M 80 51.31 1.29 -1.20
CA ASP M 80 50.90 1.51 0.18
C ASP M 80 50.48 0.20 0.82
N LEU M 81 51.17 -0.54 1.68
CA LEU M 81 50.60 -1.67 2.40
C LEU M 81 49.89 -1.27 3.62
N GLN M 82 48.63 -1.82 3.85
CA GLN M 82 47.74 -1.48 4.93
C GLN M 82 48.05 -2.07 6.27
N HIS M 83 48.37 -3.34 6.38
CA HIS M 83 48.52 -4.06 7.59
C HIS M 83 49.93 -3.92 8.08
N PRO M 84 50.23 -3.63 9.39
CA PRO M 84 51.50 -3.56 9.96
C PRO M 84 52.53 -4.63 9.83
N ALA M 85 52.15 -5.83 10.13
CA ALA M 85 52.92 -7.01 10.08
C ALA M 85 53.68 -7.13 8.73
N ALA M 86 53.00 -7.01 7.55
CA ALA M 86 53.50 -6.99 6.22
C ALA M 86 54.55 -5.91 6.03
N LYS M 87 54.23 -4.65 6.43
CA LYS M 87 55.21 -3.57 6.31
C LYS M 87 56.46 -3.80 7.13
N LEU M 88 56.25 -4.49 8.26
CA LEU M 88 57.40 -4.86 9.06
C LEU M 88 58.30 -5.91 8.40
N LEU M 89 57.68 -6.89 7.73
CA LEU M 89 58.39 -7.96 7.00
C LEU M 89 59.16 -7.32 5.81
N VAL M 90 58.47 -6.59 4.87
CA VAL M 90 59.16 -5.96 3.74
C VAL M 90 60.31 -4.96 4.15
N GLN M 91 60.22 -4.23 5.22
CA GLN M 91 61.37 -3.49 5.68
C GLN M 91 62.59 -4.30 6.08
N ILE M 92 62.43 -5.49 6.77
CA ILE M 92 63.55 -6.36 7.19
C ILE M 92 64.06 -7.09 5.89
N ALA M 93 63.10 -7.54 5.03
CA ALA M 93 63.43 -8.14 3.77
C ALA M 93 64.09 -7.28 2.68
N LYS M 94 63.46 -6.20 2.20
CA LYS M 94 63.90 -5.28 1.13
C LYS M 94 65.28 -4.64 1.52
N GLY M 95 65.25 -3.95 2.66
CA GLY M 95 66.46 -3.35 3.25
C GLY M 95 67.73 -4.15 3.32
N GLN M 96 68.84 -3.47 3.08
CA GLN M 96 70.12 -4.00 3.08
C GLN M 96 71.13 -2.95 3.54
N ASP M 97 72.12 -3.37 4.45
CA ASP M 97 73.06 -2.50 5.10
C ASP M 97 74.31 -2.42 4.20
N GLU M 98 74.75 -3.57 3.59
CA GLU M 98 75.84 -3.71 2.56
C GLU M 98 75.68 -2.93 1.26
N GLU M 99 76.60 -2.85 0.42
CA GLU M 99 76.57 -2.08 -0.81
C GLU M 99 75.65 -2.71 -1.85
N THR M 100 75.63 -4.03 -1.87
CA THR M 100 74.69 -4.78 -2.80
C THR M 100 73.15 -4.51 -2.69
N ALA M 101 72.45 -4.67 -3.78
CA ALA M 101 71.05 -4.31 -3.97
C ALA M 101 70.39 -5.52 -4.66
N ASP M 102 71.16 -6.63 -4.84
CA ASP M 102 70.67 -7.86 -5.45
C ASP M 102 70.03 -8.82 -4.44
N GLY M 103 69.27 -9.81 -4.91
CA GLY M 103 68.63 -10.78 -4.12
C GLY M 103 67.31 -10.47 -3.49
N THR M 104 66.78 -9.22 -3.81
CA THR M 104 65.55 -8.68 -3.23
C THR M 104 64.26 -9.37 -3.55
N LYS M 105 64.02 -9.90 -4.73
CA LYS M 105 62.89 -10.73 -5.13
C LYS M 105 62.92 -12.07 -4.43
N THR M 106 64.15 -12.67 -4.21
CA THR M 106 64.36 -13.96 -3.47
C THR M 106 64.00 -13.73 -2.05
N ALA M 107 64.67 -12.73 -1.41
CA ALA M 107 64.45 -12.30 -0.05
C ALA M 107 63.00 -12.23 0.41
N VAL M 108 62.17 -11.59 -0.41
CA VAL M 108 60.74 -11.52 -0.05
C VAL M 108 59.99 -12.91 -0.28
N ILE M 109 60.18 -13.51 -1.54
CA ILE M 109 59.54 -14.82 -1.87
C ILE M 109 59.80 -15.94 -0.83
N PHE M 110 61.10 -16.26 -0.49
CA PHE M 110 61.49 -17.33 0.48
C PHE M 110 60.93 -17.10 1.91
N SER M 111 60.88 -15.78 2.27
CA SER M 111 60.30 -15.26 3.51
C SER M 111 58.84 -15.64 3.57
N GLY M 112 58.05 -15.27 2.55
CA GLY M 112 56.66 -15.63 2.44
C GLY M 112 56.39 -17.09 2.27
N GLU M 113 57.30 -17.87 1.65
CA GLU M 113 57.12 -19.37 1.53
C GLU M 113 57.26 -20.12 2.89
N LEU M 114 58.21 -19.63 3.69
CA LEU M 114 58.45 -20.09 5.05
C LEU M 114 57.22 -19.88 5.89
N VAL M 115 56.53 -18.65 5.78
CA VAL M 115 55.21 -18.25 6.40
C VAL M 115 54.11 -19.15 5.86
N LYS M 116 54.11 -19.35 4.51
CA LYS M 116 53.20 -20.23 3.81
C LYS M 116 53.14 -21.62 4.35
N LYS M 117 54.24 -22.28 4.20
CA LYS M 117 54.52 -23.61 4.77
C LYS M 117 54.36 -23.72 6.26
N ALA M 118 54.46 -22.64 7.03
CA ALA M 118 54.24 -22.75 8.43
C ALA M 118 52.70 -22.80 8.75
N GLU M 119 51.91 -22.26 7.86
CA GLU M 119 50.45 -22.23 8.04
C GLU M 119 49.91 -23.65 8.19
N ASP M 120 50.39 -24.58 7.36
CA ASP M 120 50.09 -26.01 7.31
C ASP M 120 50.48 -26.80 8.59
N LEU M 121 51.50 -26.35 9.35
CA LEU M 121 51.89 -26.95 10.61
C LEU M 121 50.89 -26.58 11.72
N LEU M 122 50.42 -25.28 11.73
CA LEU M 122 49.32 -24.75 12.52
C LEU M 122 47.93 -25.42 12.22
N TYR M 123 47.66 -25.73 10.90
CA TYR M 123 46.60 -26.57 10.51
C TYR M 123 46.74 -27.95 11.12
N LYS M 124 47.95 -28.56 11.21
CA LYS M 124 48.12 -29.84 11.86
C LYS M 124 48.18 -29.80 13.38
N ASP M 125 48.01 -28.62 13.93
CA ASP M 125 47.91 -28.22 15.34
C ASP M 125 49.17 -28.60 16.12
N VAL M 126 50.22 -27.86 15.77
CA VAL M 126 51.51 -27.93 16.52
C VAL M 126 51.74 -26.40 16.90
N HIS M 127 52.13 -26.14 18.22
CA HIS M 127 52.24 -24.81 18.74
C HIS M 127 53.21 -23.89 18.14
N PRO M 128 53.04 -22.58 18.08
CA PRO M 128 54.09 -21.74 17.43
C PRO M 128 55.52 -21.81 17.93
N THR M 129 55.74 -22.10 19.17
CA THR M 129 57.15 -22.32 19.71
C THR M 129 57.86 -23.49 18.98
N ILE M 130 57.21 -24.55 18.53
CA ILE M 130 57.93 -25.67 17.93
C ILE M 130 58.42 -25.11 16.58
N ILE M 131 57.57 -24.50 15.81
CA ILE M 131 57.89 -24.01 14.45
C ILE M 131 59.04 -22.96 14.46
N ILE M 132 59.20 -22.21 15.53
CA ILE M 132 60.31 -21.25 15.75
C ILE M 132 61.62 -21.89 15.99
N SER M 133 61.57 -22.90 16.99
CA SER M 133 62.71 -23.73 17.43
C SER M 133 63.31 -24.62 16.31
N GLY M 134 62.41 -25.27 15.57
CA GLY M 134 62.62 -25.99 14.32
C GLY M 134 63.26 -25.13 13.24
N TYR M 135 62.71 -23.94 12.89
CA TYR M 135 63.29 -23.05 11.89
C TYR M 135 64.68 -22.56 12.24
N LYS M 136 64.92 -22.19 13.51
CA LYS M 136 66.19 -21.84 14.07
C LYS M 136 67.18 -23.01 13.80
N LYS M 137 66.94 -24.30 14.25
CA LYS M 137 67.76 -25.42 14.02
C LYS M 137 68.02 -25.65 12.62
N ALA M 138 67.03 -25.48 11.73
CA ALA M 138 67.23 -25.62 10.34
C ALA M 138 68.01 -24.58 9.70
N GLU M 139 67.85 -23.32 10.05
CA GLU M 139 68.59 -22.16 9.55
C GLU M 139 70.08 -22.34 9.87
N GLU M 140 70.46 -22.68 11.11
CA GLU M 140 71.86 -23.09 11.49
C GLU M 140 72.52 -24.03 10.48
N VAL M 141 71.99 -25.30 10.21
CA VAL M 141 72.46 -26.18 9.17
C VAL M 141 72.47 -25.57 7.77
N ALA M 142 71.29 -25.01 7.29
CA ALA M 142 71.17 -24.27 6.03
C ALA M 142 72.25 -23.18 5.82
N LEU M 143 72.68 -22.51 6.86
CA LEU M 143 73.75 -21.56 6.82
C LEU M 143 75.15 -22.16 6.64
N GLN M 144 75.58 -23.05 7.59
CA GLN M 144 76.89 -23.81 7.36
C GLN M 144 77.00 -24.55 6.01
N THR M 145 75.86 -24.86 5.38
CA THR M 145 75.72 -25.43 4.04
C THR M 145 76.15 -24.47 2.86
N ILE M 146 76.19 -23.18 3.11
CA ILE M 146 76.71 -22.32 2.10
C ILE M 146 78.20 -22.11 2.35
N GLN M 147 78.59 -21.95 3.66
CA GLN M 147 79.97 -21.71 3.97
C GLN M 147 80.83 -22.94 3.41
N GLU M 148 80.52 -24.19 3.87
CA GLU M 148 81.21 -25.39 3.53
C GLU M 148 81.00 -25.85 2.14
N LEU M 149 81.04 -24.92 1.10
CA LEU M 149 80.74 -25.15 -0.27
C LEU M 149 81.26 -24.05 -1.16
N ALA M 150 81.46 -22.82 -0.64
CA ALA M 150 81.94 -21.72 -1.44
C ALA M 150 83.38 -21.89 -2.03
N GLN M 151 83.59 -21.33 -3.29
CA GLN M 151 84.84 -21.47 -3.94
C GLN M 151 85.56 -20.18 -3.85
N THR M 152 86.90 -20.24 -3.66
CA THR M 152 87.81 -19.11 -3.63
C THR M 152 88.11 -18.38 -4.93
N VAL M 153 87.72 -17.11 -5.04
CA VAL M 153 87.96 -16.32 -6.20
C VAL M 153 88.68 -15.07 -5.62
N SER M 154 89.59 -14.53 -6.46
CA SER M 154 90.55 -13.52 -6.01
C SER M 154 90.94 -12.85 -7.31
N ILE M 155 92.14 -12.13 -7.39
CA ILE M 155 92.61 -11.29 -8.43
C ILE M 155 93.06 -11.85 -9.80
N ASN M 156 93.75 -12.99 -9.76
CA ASN M 156 94.19 -13.62 -10.99
C ASN M 156 93.18 -14.55 -11.52
N ASP M 157 92.04 -14.83 -10.84
CA ASP M 157 90.82 -15.60 -11.32
C ASP M 157 89.99 -14.68 -12.18
N THR M 158 90.57 -14.03 -13.19
CA THR M 158 89.97 -12.93 -13.87
C THR M 158 88.98 -13.35 -14.87
N ASP M 159 89.09 -14.59 -15.34
CA ASP M 159 88.05 -15.20 -16.22
C ASP M 159 86.85 -15.58 -15.36
N LEU M 160 86.96 -15.59 -13.99
CA LEU M 160 85.89 -15.97 -13.12
C LEU M 160 84.98 -14.73 -12.86
N LEU M 161 85.73 -13.61 -12.54
CA LEU M 161 84.98 -12.32 -12.43
C LEU M 161 84.32 -11.94 -13.68
N ARG M 162 84.81 -12.27 -14.88
CA ARG M 162 84.23 -12.17 -16.20
C ARG M 162 82.90 -12.95 -16.34
N LYS M 163 82.71 -14.02 -15.65
CA LYS M 163 81.56 -14.86 -15.78
C LYS M 163 80.55 -14.22 -14.92
N ILE M 164 80.86 -14.14 -13.59
CA ILE M 164 80.02 -13.40 -12.65
C ILE M 164 79.48 -12.02 -13.04
N ALA M 165 80.23 -11.22 -13.85
CA ALA M 165 79.68 -9.93 -14.33
C ALA M 165 78.46 -10.23 -15.26
N MET M 166 78.63 -11.18 -16.20
CA MET M 166 77.62 -11.62 -17.18
C MET M 166 76.35 -12.19 -16.46
N THR M 167 76.49 -13.02 -15.38
CA THR M 167 75.42 -13.44 -14.39
C THR M 167 74.67 -12.33 -13.69
N SER M 168 75.10 -11.07 -13.83
CA SER M 168 74.52 -9.90 -13.30
C SER M 168 73.89 -9.11 -14.54
N LEU M 169 74.63 -8.97 -15.61
CA LEU M 169 74.36 -8.22 -16.78
C LEU M 169 73.33 -8.87 -17.76
N SER M 170 73.32 -10.23 -17.78
CA SER M 170 72.43 -11.02 -18.69
C SER M 170 70.90 -10.89 -18.55
N SER M 171 70.43 -10.45 -17.38
CA SER M 171 68.95 -10.33 -17.23
C SER M 171 68.48 -8.87 -17.46
N LYS M 172 69.36 -7.89 -17.51
CA LYS M 172 69.04 -6.53 -17.70
C LYS M 172 68.40 -6.18 -19.09
N ALA M 173 67.67 -5.07 -19.05
CA ALA M 173 66.91 -4.48 -20.21
C ALA M 173 67.77 -4.16 -21.44
N VAL M 174 69.10 -4.19 -21.28
CA VAL M 174 70.12 -3.82 -22.29
C VAL M 174 70.94 -5.04 -22.77
N ALA M 175 70.60 -5.60 -23.96
CA ALA M 175 71.10 -6.84 -24.50
C ALA M 175 72.25 -6.78 -25.49
N GLY M 176 72.68 -5.60 -25.99
CA GLY M 176 73.86 -5.49 -26.73
C GLY M 176 75.20 -5.75 -26.02
N ALA M 177 76.25 -6.15 -26.72
CA ALA M 177 77.66 -6.36 -26.38
C ALA M 177 77.96 -6.57 -24.91
N ARG M 178 77.57 -7.67 -24.24
CA ARG M 178 77.85 -7.83 -22.83
C ARG M 178 79.30 -8.15 -22.58
N GLU M 179 79.97 -8.82 -23.54
CA GLU M 179 81.40 -9.10 -23.53
C GLU M 179 82.24 -7.79 -23.28
N TYR M 180 81.77 -6.73 -23.99
CA TYR M 180 82.46 -5.39 -23.96
C TYR M 180 82.44 -4.82 -22.57
N ILE M 181 81.31 -4.86 -22.01
CA ILE M 181 81.17 -4.47 -20.60
C ILE M 181 81.74 -5.47 -19.62
N ALA M 182 81.58 -6.79 -19.68
CA ALA M 182 82.12 -7.80 -18.82
C ALA M 182 83.68 -7.64 -18.74
N ASP M 183 84.44 -7.57 -19.89
CA ASP M 183 85.81 -7.24 -19.88
C ASP M 183 86.22 -5.94 -19.20
N ILE M 184 85.56 -4.77 -19.49
CA ILE M 184 85.85 -3.45 -18.83
C ILE M 184 85.81 -3.51 -17.35
N VAL M 185 84.62 -3.91 -16.86
CA VAL M 185 84.22 -4.07 -15.47
C VAL M 185 85.17 -4.92 -14.65
N VAL M 186 85.72 -6.06 -15.19
CA VAL M 186 86.74 -6.81 -14.50
C VAL M 186 88.04 -5.97 -14.38
N LYS M 187 88.55 -5.41 -15.52
CA LYS M 187 89.77 -4.61 -15.52
C LYS M 187 89.74 -3.41 -14.60
N ALA M 188 88.63 -2.67 -14.64
CA ALA M 188 88.34 -1.53 -13.84
C ALA M 188 88.37 -1.82 -12.33
N VAL M 189 87.93 -3.00 -11.88
CA VAL M 189 87.80 -3.41 -10.48
C VAL M 189 89.20 -3.80 -10.04
N THR M 190 89.87 -4.71 -10.77
CA THR M 190 91.28 -5.14 -10.52
C THR M 190 92.26 -4.01 -10.47
N GLN M 191 91.94 -2.96 -11.22
CA GLN M 191 92.82 -1.81 -11.33
C GLN M 191 92.85 -1.01 -10.02
N VAL M 192 91.70 -0.87 -9.29
CA VAL M 192 91.54 -0.10 -8.06
C VAL M 192 91.74 -1.01 -6.89
N ALA M 193 91.53 -2.33 -6.99
CA ALA M 193 91.93 -3.34 -5.99
C ALA M 193 93.31 -3.20 -5.28
N GLU M 194 93.14 -2.97 -3.96
CA GLU M 194 94.24 -2.74 -3.06
C GLU M 194 94.11 -3.52 -1.82
N LEU M 195 95.21 -3.80 -1.15
CA LEU M 195 95.19 -4.61 0.09
C LEU M 195 95.19 -3.83 1.41
N ARG M 196 94.15 -4.03 2.22
CA ARG M 196 94.08 -3.50 3.61
C ARG M 196 93.89 -4.67 4.55
N GLY M 197 94.85 -4.94 5.46
CA GLY M 197 94.71 -5.96 6.51
C GLY M 197 94.95 -7.35 6.02
N ASP M 198 95.73 -7.48 4.91
CA ASP M 198 95.96 -8.73 4.21
C ASP M 198 94.70 -9.23 3.44
N LYS M 199 93.76 -8.28 3.19
CA LYS M 199 92.54 -8.52 2.54
C LYS M 199 92.15 -7.43 1.50
N TRP M 200 91.68 -7.92 0.33
CA TRP M 200 91.27 -7.06 -0.76
C TRP M 200 90.26 -5.97 -0.45
N TYR M 201 90.45 -4.76 -1.00
CA TYR M 201 89.49 -3.74 -0.93
C TYR M 201 89.55 -2.89 -2.17
N VAL M 202 88.41 -2.39 -2.63
CA VAL M 202 88.24 -1.52 -3.75
C VAL M 202 87.31 -0.44 -3.28
N ASP M 203 87.48 0.74 -3.81
CA ASP M 203 86.68 1.92 -3.51
C ASP M 203 86.05 2.55 -4.76
N LEU M 204 84.71 2.37 -4.98
CA LEU M 204 83.90 2.80 -6.15
C LEU M 204 84.05 4.30 -6.32
N ASP M 205 84.20 5.13 -5.28
CA ASP M 205 84.43 6.56 -5.52
C ASP M 205 85.66 6.93 -6.36
N ASN M 206 86.66 6.06 -6.45
CA ASN M 206 87.83 6.15 -7.34
C ASN M 206 87.46 5.81 -8.76
N ILE M 207 86.20 5.72 -9.23
CA ILE M 207 85.74 5.51 -10.62
C ILE M 207 84.56 6.44 -11.00
N GLN M 208 84.83 7.21 -12.08
CA GLN M 208 83.87 8.23 -12.61
C GLN M 208 83.10 7.65 -13.75
N ILE M 209 81.81 7.97 -14.02
CA ILE M 209 81.06 7.39 -15.05
C ILE M 209 80.42 8.42 -15.92
N VAL M 210 80.70 8.53 -17.21
CA VAL M 210 80.21 9.55 -18.17
C VAL M 210 79.42 8.81 -19.18
N LYS M 211 78.26 9.31 -19.62
CA LYS M 211 77.56 8.62 -20.70
C LYS M 211 77.01 9.63 -21.73
N LYS M 212 77.10 9.26 -22.99
CA LYS M 212 76.59 9.92 -24.12
C LYS M 212 75.86 8.95 -25.05
N ALA M 213 74.61 9.31 -25.44
CA ALA M 213 73.80 8.55 -26.35
C ALA M 213 74.33 8.56 -27.78
N GLY M 214 73.98 7.55 -28.60
CA GLY M 214 74.21 7.51 -30.09
C GLY M 214 75.53 6.80 -30.42
N GLY M 215 75.79 6.33 -31.71
CA GLY M 215 77.01 5.64 -32.05
C GLY M 215 77.15 4.24 -31.50
N SER M 216 78.17 3.52 -31.98
CA SER M 216 78.17 2.07 -31.70
C SER M 216 78.39 1.68 -30.27
N ILE M 217 77.93 0.55 -29.76
CA ILE M 217 78.21 0.13 -28.41
C ILE M 217 79.60 -0.41 -28.20
N ASN M 218 80.28 -0.89 -29.28
CA ASN M 218 81.69 -1.42 -29.14
C ASN M 218 82.66 -0.34 -28.75
N ASP M 219 82.24 0.89 -28.94
CA ASP M 219 83.06 2.01 -28.57
C ASP M 219 82.88 2.40 -27.11
N THR M 220 82.30 1.59 -26.22
CA THR M 220 82.36 1.76 -24.76
C THR M 220 83.82 1.55 -24.29
N GLN M 221 84.30 2.35 -23.32
CA GLN M 221 85.70 2.22 -22.89
C GLN M 221 85.95 2.67 -21.50
N LEU M 222 87.13 2.31 -20.99
CA LEU M 222 87.59 2.76 -19.71
C LEU M 222 88.73 3.74 -20.05
N VAL M 223 88.76 4.95 -19.43
CA VAL M 223 89.82 5.85 -19.68
C VAL M 223 90.63 5.90 -18.42
N TYR M 224 91.91 5.76 -18.61
CA TYR M 224 92.91 5.75 -17.55
C TYR M 224 93.26 7.20 -17.34
N GLY M 225 92.44 7.87 -16.53
CA GLY M 225 92.51 9.27 -16.22
C GLY M 225 91.13 9.72 -15.76
N ILE M 226 90.90 11.07 -15.73
CA ILE M 226 89.63 11.72 -15.38
C ILE M 226 89.07 12.35 -16.64
N VAL M 227 87.67 12.57 -16.76
CA VAL M 227 87.02 13.16 -17.96
C VAL M 227 86.17 14.35 -17.51
N VAL M 228 86.64 15.47 -18.00
CA VAL M 228 86.00 16.70 -17.71
C VAL M 228 85.05 17.10 -18.76
N ASP M 229 83.76 17.15 -18.48
CA ASP M 229 82.70 17.26 -19.44
C ASP M 229 82.60 18.58 -20.19
N LYS M 230 83.67 19.41 -20.32
CA LYS M 230 83.57 20.72 -21.00
C LYS M 230 84.66 20.90 -22.00
N GLU M 231 84.36 21.71 -22.99
CA GLU M 231 85.27 22.16 -24.06
C GLU M 231 86.34 23.19 -23.51
N VAL M 232 87.40 23.49 -24.30
CA VAL M 232 88.36 24.46 -24.01
C VAL M 232 87.80 25.83 -24.54
N VAL M 233 88.24 26.89 -23.97
CA VAL M 233 87.65 28.19 -24.27
C VAL M 233 88.07 28.96 -25.57
N HIS M 234 89.15 28.51 -26.29
CA HIS M 234 89.58 29.28 -27.53
C HIS M 234 90.32 28.40 -28.54
N PRO M 235 90.29 28.62 -29.80
CA PRO M 235 90.97 27.81 -30.87
C PRO M 235 92.51 27.83 -30.90
N GLY M 236 93.28 28.92 -30.50
CA GLY M 236 94.70 28.94 -30.61
C GLY M 236 95.40 28.38 -29.48
N MET M 237 94.65 28.02 -28.46
CA MET M 237 95.05 27.38 -27.27
C MET M 237 95.60 25.98 -27.59
N PRO M 238 96.55 25.36 -26.93
CA PRO M 238 97.06 24.05 -27.30
C PRO M 238 95.98 22.94 -27.31
N LYS M 239 95.84 22.21 -28.44
CA LYS M 239 94.99 21.05 -28.70
C LYS M 239 95.38 19.83 -27.75
N ARG M 240 96.68 19.73 -27.60
CA ARG M 240 97.35 18.88 -26.65
C ARG M 240 98.44 19.69 -25.90
N LEU M 241 98.43 19.66 -24.54
CA LEU M 241 99.45 20.39 -23.71
C LEU M 241 100.41 19.51 -22.93
N GLU M 242 101.71 19.95 -22.93
CA GLU M 242 102.84 19.28 -22.31
C GLU M 242 102.96 19.77 -20.91
N ASN M 243 103.07 18.75 -20.03
CA ASN M 243 103.37 18.93 -18.67
C ASN M 243 102.35 19.82 -18.01
N ALA M 244 101.03 19.31 -17.95
CA ALA M 244 99.99 20.04 -17.27
C ALA M 244 100.25 20.36 -15.78
N LYS M 245 99.80 21.57 -15.43
CA LYS M 245 99.90 22.11 -14.08
C LYS M 245 98.69 22.83 -13.79
N ILE M 246 97.51 22.10 -13.78
CA ILE M 246 96.13 22.50 -13.74
C ILE M 246 95.87 23.38 -12.56
N ALA M 247 95.05 24.46 -12.63
CA ALA M 247 94.75 25.31 -11.52
C ALA M 247 93.23 25.38 -11.43
N LEU M 248 92.62 24.57 -10.55
CA LEU M 248 91.21 24.39 -10.29
C LEU M 248 90.52 25.53 -9.54
N ILE M 249 90.01 26.48 -10.27
CA ILE M 249 89.45 27.61 -9.58
C ILE M 249 87.91 27.57 -9.34
N ASP M 250 87.45 27.26 -8.08
CA ASP M 250 86.09 27.27 -7.59
C ASP M 250 85.56 28.65 -7.72
N ALA M 251 86.39 29.70 -7.55
CA ALA M 251 86.00 31.13 -7.72
C ALA M 251 85.74 31.52 -9.21
N SER M 252 85.35 32.77 -9.45
CA SER M 252 85.00 33.21 -10.84
C SER M 252 86.16 33.95 -11.62
N LEU M 253 86.20 33.85 -12.93
CA LEU M 253 87.16 34.51 -13.84
C LEU M 253 86.38 35.47 -14.78
N GLU M 254 85.11 35.78 -14.35
CA GLU M 254 84.20 36.70 -15.03
C GLU M 254 83.82 37.73 -14.01
N VAL M 255 83.47 38.94 -14.56
CA VAL M 255 83.05 40.14 -13.87
C VAL M 255 81.49 39.98 -13.68
N GLU M 256 81.03 39.98 -12.42
CA GLU M 256 79.62 39.91 -12.00
C GLU M 256 78.99 41.33 -12.14
N LYS M 257 77.77 41.39 -12.75
CA LYS M 257 77.05 42.62 -12.84
C LYS M 257 76.64 43.14 -11.45
N PRO M 258 77.03 44.29 -10.92
CA PRO M 258 76.55 44.82 -9.60
C PRO M 258 75.00 44.88 -9.35
N GLU M 259 74.22 44.82 -10.48
CA GLU M 259 72.80 44.95 -10.37
C GLU M 259 72.06 43.64 -10.03
N LEU M 260 72.84 42.47 -10.12
CA LEU M 260 72.23 41.13 -9.91
C LEU M 260 71.65 40.91 -8.62
N ASP M 261 72.25 41.39 -7.45
CA ASP M 261 71.63 41.32 -6.12
C ASP M 261 70.50 42.28 -5.90
N ALA M 262 70.64 43.56 -6.26
CA ALA M 262 69.56 44.51 -6.16
C ALA M 262 69.76 45.60 -7.19
N GLU M 263 68.80 46.40 -7.68
CA GLU M 263 69.05 47.43 -8.68
C GLU M 263 70.02 48.61 -8.21
N ILE M 264 70.90 49.15 -9.14
CA ILE M 264 71.81 50.17 -8.81
C ILE M 264 71.27 51.51 -8.43
N ARG M 265 71.93 51.99 -7.36
CA ARG M 265 71.53 53.20 -6.66
C ARG M 265 72.47 54.39 -7.12
N ILE M 266 73.49 54.13 -7.95
CA ILE M 266 74.49 55.10 -8.38
C ILE M 266 73.76 56.13 -9.20
N ASN M 267 73.96 57.43 -8.97
CA ASN M 267 73.28 58.55 -9.65
C ASN M 267 74.16 59.27 -10.66
N ASP M 268 75.50 58.97 -10.57
CA ASP M 268 76.50 59.62 -11.42
C ASP M 268 77.04 58.65 -12.48
N PRO M 269 76.88 58.80 -13.84
CA PRO M 269 77.29 57.69 -14.80
C PRO M 269 78.79 57.55 -14.88
N THR M 270 79.66 58.53 -14.47
CA THR M 270 81.12 58.33 -14.34
C THR M 270 81.48 57.33 -13.29
N GLN M 271 80.78 57.25 -12.13
CA GLN M 271 81.06 56.34 -11.12
C GLN M 271 80.73 54.87 -11.43
N MET M 272 79.59 54.66 -12.21
CA MET M 272 79.23 53.32 -12.74
C MET M 272 80.42 52.77 -13.50
N GLN M 273 80.77 53.58 -14.57
CA GLN M 273 81.91 53.37 -15.44
C GLN M 273 83.21 52.94 -14.66
N LYS M 274 83.76 53.86 -13.86
CA LYS M 274 85.01 53.57 -13.00
C LYS M 274 84.86 52.38 -12.00
N PHE M 275 83.61 51.84 -11.78
CA PHE M 275 83.34 50.71 -10.95
C PHE M 275 83.52 49.48 -11.76
N LEU M 276 82.84 49.34 -12.91
CA LEU M 276 82.91 48.22 -13.70
C LEU M 276 84.16 48.17 -14.52
N ASP M 277 84.95 49.30 -14.70
CA ASP M 277 86.26 49.51 -15.31
C ASP M 277 87.30 48.90 -14.47
N GLU M 278 87.30 49.31 -13.19
CA GLU M 278 88.19 48.72 -12.20
C GLU M 278 87.94 47.29 -11.82
N GLU M 279 86.67 46.91 -11.87
CA GLU M 279 86.26 45.49 -11.66
C GLU M 279 86.72 44.57 -12.77
N GLU M 280 86.81 45.07 -13.97
CA GLU M 280 87.33 44.36 -15.13
C GLU M 280 88.80 44.37 -15.24
N ASN M 281 89.55 45.44 -14.79
CA ASN M 281 90.94 45.41 -14.69
C ASN M 281 91.38 44.59 -13.43
N LEU M 282 90.47 44.39 -12.45
CA LEU M 282 90.71 43.46 -11.33
C LEU M 282 90.75 42.05 -11.77
N ILE M 283 89.89 41.65 -12.79
CA ILE M 283 89.73 40.33 -13.22
C ILE M 283 90.91 39.78 -14.02
N LYS M 284 91.55 40.58 -14.97
CA LYS M 284 92.78 40.13 -15.62
C LYS M 284 93.97 39.99 -14.65
N GLU M 285 93.87 40.87 -13.52
CA GLU M 285 94.72 40.87 -12.38
C GLU M 285 94.58 39.60 -11.55
N LYS M 286 93.34 39.18 -11.20
CA LYS M 286 93.14 37.88 -10.70
C LYS M 286 93.69 36.76 -11.58
N VAL M 287 93.51 36.77 -12.93
CA VAL M 287 94.18 35.73 -13.85
C VAL M 287 95.72 35.69 -13.71
N ASP M 288 96.42 36.87 -13.76
CA ASP M 288 97.87 37.01 -13.68
C ASP M 288 98.36 36.55 -12.27
N LYS M 289 97.58 36.83 -11.21
CA LYS M 289 97.98 36.32 -9.91
C LYS M 289 98.01 34.78 -9.81
N ILE M 290 97.22 34.04 -10.60
CA ILE M 290 97.29 32.60 -10.72
C ILE M 290 98.37 32.12 -11.67
N LEU M 291 98.51 32.77 -12.90
CA LEU M 291 99.58 32.36 -13.77
C LEU M 291 100.95 32.69 -13.23
N ALA M 292 101.03 33.54 -12.12
CA ALA M 292 102.21 33.80 -11.30
C ALA M 292 102.86 32.66 -10.53
N THR M 293 102.17 31.49 -10.37
CA THR M 293 102.74 30.29 -9.70
C THR M 293 103.27 29.30 -10.68
N GLY M 294 102.90 29.34 -11.96
CA GLY M 294 103.45 28.31 -12.85
C GLY M 294 102.33 27.51 -13.56
N ALA M 295 101.09 27.84 -13.34
CA ALA M 295 99.96 27.15 -14.05
C ALA M 295 99.90 27.44 -15.53
N ASN M 296 100.04 26.42 -16.36
CA ASN M 296 100.06 26.54 -17.79
C ASN M 296 98.76 26.09 -18.32
N VAL M 297 97.84 25.54 -17.44
CA VAL M 297 96.51 25.13 -17.74
C VAL M 297 95.67 25.54 -16.58
N ILE M 298 94.43 26.02 -16.88
CA ILE M 298 93.60 26.57 -15.82
C ILE M 298 92.14 26.29 -16.00
N ILE M 299 91.45 25.62 -15.05
CA ILE M 299 90.08 25.14 -15.31
C ILE M 299 89.35 25.79 -14.20
N CYS M 300 88.13 26.31 -14.39
CA CYS M 300 87.38 27.07 -13.33
C CYS M 300 85.98 26.53 -13.44
N GLN M 301 85.17 27.02 -12.44
CA GLN M 301 83.94 26.48 -12.23
C GLN M 301 82.80 27.35 -12.86
N LYS M 302 83.17 28.58 -13.21
CA LYS M 302 82.39 29.54 -13.84
C LYS M 302 83.12 29.99 -15.05
N GLY M 303 82.54 31.04 -15.67
CA GLY M 303 82.98 31.67 -16.90
C GLY M 303 84.29 32.36 -16.78
N ILE M 304 84.79 32.79 -17.92
CA ILE M 304 86.02 33.55 -18.11
C ILE M 304 85.53 34.81 -18.78
N ASP M 305 85.99 36.02 -18.37
CA ASP M 305 85.66 37.26 -18.99
C ASP M 305 86.19 37.39 -20.41
N GLU M 306 85.68 38.24 -21.25
CA GLU M 306 86.12 38.39 -22.66
C GLU M 306 87.47 39.05 -22.85
N VAL M 307 87.87 39.89 -21.86
CA VAL M 307 89.16 40.40 -21.66
C VAL M 307 90.04 39.33 -20.93
N ALA M 308 89.47 38.48 -20.00
CA ALA M 308 90.29 37.48 -19.42
C ALA M 308 90.67 36.32 -20.33
N GLN M 309 89.89 36.06 -21.42
CA GLN M 309 90.27 35.09 -22.47
C GLN M 309 91.31 35.64 -23.37
N SER M 310 91.27 36.97 -23.80
CA SER M 310 92.31 37.52 -24.57
C SER M 310 93.69 37.55 -23.95
N TYR M 311 93.60 37.56 -22.60
CA TYR M 311 94.79 37.67 -21.79
C TYR M 311 95.39 36.28 -21.77
N LEU M 312 94.58 35.25 -21.51
CA LEU M 312 95.14 33.84 -21.46
C LEU M 312 95.57 33.39 -22.85
N ALA M 313 94.84 33.86 -23.87
CA ALA M 313 95.07 33.74 -25.29
C ALA M 313 96.35 34.43 -25.77
N LYS M 314 96.75 35.69 -25.30
CA LYS M 314 98.06 36.27 -25.67
C LYS M 314 99.13 35.50 -24.99
N LYS M 315 98.86 34.81 -23.90
CA LYS M 315 99.92 34.15 -23.23
C LYS M 315 100.21 32.82 -23.82
N GLY M 316 99.21 32.29 -24.48
CA GLY M 316 99.16 30.96 -25.05
C GLY M 316 98.70 29.87 -24.14
N VAL M 317 98.33 30.22 -22.89
CA VAL M 317 97.82 29.29 -21.77
C VAL M 317 96.60 28.43 -22.27
N LEU M 318 96.31 27.27 -21.62
CA LEU M 318 95.22 26.41 -22.03
C LEU M 318 94.09 26.48 -20.93
N ALA M 319 92.86 27.04 -21.34
CA ALA M 319 91.77 27.25 -20.36
C ALA M 319 90.46 26.57 -20.67
N VAL M 320 89.69 26.14 -19.58
CA VAL M 320 88.33 25.54 -19.68
C VAL M 320 87.40 26.39 -18.76
N ARG M 321 86.18 26.77 -19.09
CA ARG M 321 85.22 27.54 -18.33
C ARG M 321 83.97 26.78 -18.03
N ARG M 322 83.28 27.17 -16.92
CA ARG M 322 81.99 26.56 -16.45
C ARG M 322 81.99 25.00 -16.21
N ALA M 323 83.11 24.48 -15.58
CA ALA M 323 83.30 23.03 -15.39
C ALA M 323 82.62 22.73 -14.05
N LYS M 324 82.10 21.49 -13.75
CA LYS M 324 81.38 21.26 -12.53
C LYS M 324 82.17 21.05 -11.31
N LYS M 325 81.61 21.50 -10.11
CA LYS M 325 82.31 21.20 -8.86
C LYS M 325 82.69 19.74 -8.65
N SER M 326 81.81 18.85 -9.16
CA SER M 326 82.00 17.40 -9.30
C SER M 326 83.19 16.93 -9.94
N ASP M 327 83.76 17.63 -10.88
CA ASP M 327 84.86 17.10 -11.61
C ASP M 327 86.14 17.73 -11.13
N LEU M 328 86.00 18.88 -10.52
CA LEU M 328 87.06 19.49 -9.83
C LEU M 328 87.61 18.72 -8.66
N GLU M 329 86.67 18.14 -7.85
CA GLU M 329 87.03 17.23 -6.82
C GLU M 329 87.70 15.95 -7.37
N LYS M 330 87.01 15.26 -8.33
CA LYS M 330 87.57 14.05 -8.98
C LYS M 330 88.92 14.21 -9.64
N LEU M 331 89.25 15.43 -10.17
CA LEU M 331 90.48 15.80 -10.88
C LEU M 331 91.52 16.28 -9.85
N ALA M 332 91.12 16.77 -8.63
CA ALA M 332 91.98 17.09 -7.50
C ALA M 332 92.73 15.83 -7.02
N ARG M 333 92.08 14.78 -6.47
CA ARG M 333 92.80 13.58 -6.01
C ARG M 333 93.31 12.65 -7.18
N ALA M 334 93.09 13.08 -8.46
CA ALA M 334 93.63 12.46 -9.63
C ALA M 334 95.01 12.99 -9.95
N THR M 335 95.15 14.34 -9.99
CA THR M 335 96.39 14.91 -10.42
C THR M 335 97.21 15.37 -9.25
N GLY M 336 96.74 15.24 -8.00
CA GLY M 336 97.53 15.47 -6.78
C GLY M 336 97.28 16.91 -6.34
N GLY M 337 96.51 17.74 -7.12
CA GLY M 337 96.26 19.18 -6.80
C GLY M 337 95.32 19.30 -5.67
N ARG M 338 94.76 20.51 -5.40
CA ARG M 338 93.69 20.77 -4.40
C ARG M 338 92.80 21.81 -5.02
N VAL M 339 91.51 21.86 -4.74
CA VAL M 339 90.57 22.82 -5.39
C VAL M 339 90.91 24.22 -4.88
N VAL M 340 90.83 25.31 -5.64
CA VAL M 340 91.29 26.59 -5.17
C VAL M 340 90.17 27.56 -4.96
N SER M 341 89.71 27.78 -3.72
CA SER M 341 88.52 28.50 -3.37
C SER M 341 88.60 29.93 -3.60
N ASN M 342 89.81 30.52 -3.56
CA ASN M 342 90.07 31.91 -3.76
C ASN M 342 91.36 32.12 -4.54
N ILE M 343 91.49 32.97 -5.53
CA ILE M 343 92.76 33.22 -6.26
C ILE M 343 93.97 33.62 -5.34
N ASP M 344 93.75 34.37 -4.22
CA ASP M 344 94.82 34.82 -3.37
C ASP M 344 95.39 33.76 -2.45
N GLU M 345 95.09 32.45 -2.63
CA GLU M 345 95.65 31.50 -1.60
C GLU M 345 96.38 30.34 -2.34
N ILE M 346 96.33 30.32 -3.72
CA ILE M 346 97.05 29.29 -4.49
C ILE M 346 98.49 29.12 -4.38
N SER M 347 98.97 27.82 -4.42
CA SER M 347 100.37 27.48 -4.22
C SER M 347 100.85 26.31 -5.04
N GLU M 348 102.13 25.90 -4.96
CA GLU M 348 102.64 24.76 -5.76
C GLU M 348 101.95 23.43 -5.36
N GLN M 349 101.46 23.27 -4.11
CA GLN M 349 100.75 22.18 -3.66
C GLN M 349 99.38 22.07 -4.33
N ASP M 350 98.79 23.15 -4.76
CA ASP M 350 97.41 23.13 -5.23
C ASP M 350 97.33 22.67 -6.67
N LEU M 351 98.46 22.80 -7.42
CA LEU M 351 98.42 22.56 -8.82
C LEU M 351 98.21 21.03 -9.14
N GLY M 352 97.55 20.70 -10.27
CA GLY M 352 97.31 19.33 -10.69
C GLY M 352 98.23 18.90 -11.82
N TYR M 353 99.05 17.90 -11.48
CA TYR M 353 100.07 17.24 -12.31
C TYR M 353 99.50 16.05 -13.04
N ALA M 354 99.73 15.97 -14.32
CA ALA M 354 99.30 14.96 -15.28
C ALA M 354 100.27 15.09 -16.44
N SER M 355 100.41 13.91 -17.13
CA SER M 355 101.32 13.85 -18.32
C SER M 355 100.95 14.68 -19.47
N LEU M 356 99.65 14.61 -19.89
CA LEU M 356 99.19 15.33 -21.09
C LEU M 356 97.71 15.54 -20.92
N ILE M 357 97.28 16.81 -21.12
CA ILE M 357 95.88 17.13 -21.03
C ILE M 357 95.51 17.44 -22.51
N GLU M 358 94.29 17.05 -22.98
CA GLU M 358 93.82 17.28 -24.34
C GLU M 358 92.28 17.43 -24.34
N GLU M 359 91.67 17.81 -25.53
CA GLU M 359 90.22 17.87 -25.71
C GLU M 359 89.98 16.90 -26.81
N ARG M 360 88.91 16.10 -26.74
CA ARG M 360 88.55 15.24 -27.90
C ARG M 360 87.06 15.42 -28.02
N LYS M 361 86.58 15.06 -29.21
CA LYS M 361 85.16 15.13 -29.45
C LYS M 361 84.65 13.67 -29.56
N VAL M 362 83.86 13.31 -28.56
CA VAL M 362 83.32 11.94 -28.27
C VAL M 362 82.32 11.51 -29.38
N GLY M 363 81.44 12.39 -29.82
CA GLY M 363 80.47 12.14 -30.86
C GLY M 363 80.25 13.45 -31.55
N GLU M 364 79.38 14.23 -31.00
CA GLU M 364 79.21 15.63 -31.31
C GLU M 364 79.83 16.54 -30.28
N ASP M 365 79.76 16.17 -28.97
CA ASP M 365 80.29 16.89 -27.79
C ASP M 365 81.80 16.90 -27.75
N LYS M 366 82.36 17.94 -27.16
CA LYS M 366 83.77 18.13 -26.81
C LYS M 366 83.97 18.13 -25.36
N MET M 367 84.90 17.30 -24.88
CA MET M 367 85.16 17.00 -23.50
C MET M 367 86.62 16.85 -23.34
N VAL M 368 87.14 17.25 -22.20
CA VAL M 368 88.54 17.28 -21.90
C VAL M 368 88.96 16.02 -21.20
N PHE M 369 90.16 15.47 -21.56
CA PHE M 369 90.72 14.30 -20.96
C PHE M 369 92.02 14.62 -20.33
N VAL M 370 92.44 13.86 -19.29
CA VAL M 370 93.65 14.10 -18.50
C VAL M 370 94.34 12.75 -18.25
N GLU M 371 94.79 12.13 -19.31
CA GLU M 371 95.45 10.80 -19.23
C GLU M 371 96.82 11.01 -18.60
N GLY M 372 97.36 10.04 -17.89
CA GLY M 372 98.64 10.06 -17.19
C GLY M 372 98.72 11.05 -16.04
N ALA M 373 97.59 11.13 -15.33
CA ALA M 373 97.29 11.82 -14.13
C ALA M 373 98.17 11.21 -13.03
N LYS M 374 98.64 12.01 -12.01
CA LYS M 374 99.54 11.57 -10.89
C LYS M 374 98.98 10.38 -10.13
N ASN M 375 97.69 10.33 -9.77
CA ASN M 375 97.21 9.19 -9.02
C ASN M 375 96.80 8.09 -9.95
N PRO M 376 97.43 6.92 -10.14
CA PRO M 376 96.93 5.85 -10.99
C PRO M 376 95.69 5.20 -10.57
N LYS M 377 95.40 5.19 -9.24
CA LYS M 377 94.16 4.55 -8.69
C LYS M 377 92.85 5.07 -9.27
N SER M 378 92.77 6.43 -9.50
CA SER M 378 91.51 6.96 -10.04
C SER M 378 91.35 6.87 -11.56
N ILE M 379 90.29 6.13 -12.07
CA ILE M 379 89.94 5.82 -13.40
C ILE M 379 88.52 6.17 -13.69
N SER M 380 88.12 6.16 -14.98
CA SER M 380 86.77 6.51 -15.40
C SER M 380 86.21 5.55 -16.43
N ILE M 381 84.88 5.54 -16.64
CA ILE M 381 84.28 4.70 -17.74
C ILE M 381 83.59 5.78 -18.59
N LEU M 382 83.63 5.57 -19.95
CA LEU M 382 82.97 6.40 -20.96
C LEU M 382 82.01 5.40 -21.61
N ILE M 383 80.72 5.64 -21.35
CA ILE M 383 79.57 4.88 -21.94
C ILE M 383 79.13 5.61 -23.18
N ARG M 384 78.78 4.86 -24.23
CA ARG M 384 78.34 5.26 -25.56
C ARG M 384 77.22 4.37 -26.00
N GLY M 385 76.67 4.59 -27.22
CA GLY M 385 75.64 3.90 -27.82
C GLY M 385 74.22 4.11 -27.31
N GLY M 386 73.25 3.34 -27.90
CA GLY M 386 71.83 3.36 -27.55
C GLY M 386 71.07 4.63 -27.60
N LEU M 387 69.75 4.56 -27.14
CA LEU M 387 68.77 5.63 -27.12
C LEU M 387 68.81 6.38 -25.77
N GLU M 388 68.24 7.58 -25.66
CA GLU M 388 68.28 8.56 -24.59
C GLU M 388 67.93 8.09 -23.17
N ARG M 389 67.10 7.02 -22.99
CA ARG M 389 66.68 6.42 -21.72
C ARG M 389 67.37 5.08 -21.50
N LEU M 390 67.58 4.46 -22.62
CA LEU M 390 68.31 3.19 -22.68
C LEU M 390 69.74 3.33 -22.17
N VAL M 391 70.36 4.45 -22.53
CA VAL M 391 71.77 4.77 -22.10
C VAL M 391 71.77 4.92 -20.65
N ASP M 392 70.76 5.60 -19.99
CA ASP M 392 70.62 5.68 -18.55
C ASP M 392 70.55 4.29 -17.90
N GLU M 393 69.70 3.28 -18.39
CA GLU M 393 69.60 1.94 -17.85
C GLU M 393 70.75 1.01 -18.12
N THR M 394 71.60 1.32 -19.09
CA THR M 394 72.93 0.75 -19.38
C THR M 394 73.91 1.27 -18.36
N GLU M 395 73.78 2.49 -17.78
CA GLU M 395 74.49 3.05 -16.57
C GLU M 395 74.03 2.42 -15.28
N ARG M 396 72.74 2.10 -15.11
CA ARG M 396 72.34 1.25 -13.93
C ARG M 396 72.93 -0.15 -13.96
N ALA M 397 72.72 -0.92 -14.99
CA ALA M 397 73.32 -2.20 -15.08
C ALA M 397 74.88 -2.25 -14.87
N LEU M 398 75.55 -1.21 -15.44
CA LEU M 398 76.97 -1.10 -15.30
C LEU M 398 77.42 -0.83 -13.78
N ARG M 399 76.63 -0.06 -13.05
CA ARG M 399 76.78 0.30 -11.65
C ARG M 399 76.74 -0.91 -10.78
N ASP M 400 75.65 -1.68 -10.96
CA ASP M 400 75.44 -2.92 -10.25
C ASP M 400 76.47 -4.02 -10.59
N ALA M 401 76.86 -4.19 -11.86
CA ALA M 401 77.88 -5.05 -12.39
C ALA M 401 79.25 -4.80 -11.81
N LEU M 402 79.68 -3.49 -11.70
CA LEU M 402 80.95 -3.00 -11.12
C LEU M 402 80.99 -3.32 -9.63
N GLY M 403 79.93 -2.86 -8.91
CA GLY M 403 79.60 -3.16 -7.50
C GLY M 403 79.79 -4.63 -7.17
N THR M 404 79.06 -5.46 -7.92
CA THR M 404 78.95 -6.93 -7.74
C THR M 404 80.31 -7.65 -7.80
N VAL M 405 81.09 -7.39 -8.85
CA VAL M 405 82.49 -7.78 -9.01
C VAL M 405 83.39 -7.29 -7.95
N ALA M 406 83.21 -6.04 -7.55
CA ALA M 406 83.93 -5.43 -6.54
C ALA M 406 83.57 -6.07 -5.19
N ASP M 407 82.29 -6.50 -5.00
CA ASP M 407 81.86 -7.30 -3.83
C ASP M 407 82.43 -8.69 -3.79
N VAL M 408 82.58 -9.36 -4.96
CA VAL M 408 83.32 -10.65 -5.00
C VAL M 408 84.78 -10.44 -4.61
N ILE M 409 85.40 -9.39 -5.04
CA ILE M 409 86.77 -9.06 -4.77
C ILE M 409 87.08 -8.69 -3.37
N LYS M 410 86.19 -7.81 -2.80
CA LYS M 410 86.26 -7.52 -1.31
C LYS M 410 86.15 -8.79 -0.37
N ASP M 411 85.40 -9.89 -0.73
CA ASP M 411 85.29 -11.11 0.03
C ASP M 411 86.21 -12.23 -0.50
N GLY M 412 85.87 -12.89 -1.62
CA GLY M 412 86.69 -13.90 -2.21
C GLY M 412 86.09 -15.22 -2.22
N ARG M 413 84.77 -15.23 -2.02
CA ARG M 413 84.00 -16.47 -2.12
C ARG M 413 82.92 -16.41 -3.23
N ALA M 414 82.65 -17.48 -4.01
CA ALA M 414 81.65 -17.48 -5.04
C ALA M 414 81.10 -18.81 -5.29
N ILE M 415 79.77 -18.87 -5.43
CA ILE M 415 79.00 -20.09 -5.58
C ILE M 415 78.28 -20.21 -6.90
N ALA M 416 77.76 -21.42 -7.27
CA ALA M 416 76.99 -21.68 -8.46
C ALA M 416 75.47 -21.30 -8.38
N GLY M 417 74.93 -20.55 -9.34
CA GLY M 417 73.50 -20.18 -9.40
C GLY M 417 72.66 -21.46 -9.73
N GLY M 418 71.47 -21.24 -10.29
CA GLY M 418 70.50 -22.17 -10.90
C GLY M 418 70.03 -23.34 -10.07
N GLY M 419 69.92 -23.05 -8.80
CA GLY M 419 69.53 -23.96 -7.79
C GLY M 419 70.59 -24.70 -7.06
N ALA M 420 71.92 -24.66 -7.35
CA ALA M 420 72.91 -25.54 -6.67
C ALA M 420 73.00 -25.57 -5.10
N VAL M 421 73.27 -24.43 -4.44
CA VAL M 421 73.49 -24.36 -2.92
C VAL M 421 72.11 -24.59 -2.21
N GLU M 422 71.02 -24.21 -2.90
CA GLU M 422 69.66 -24.44 -2.57
C GLU M 422 69.31 -25.95 -2.49
N ILE M 423 69.35 -26.73 -3.62
CA ILE M 423 69.12 -28.19 -3.47
C ILE M 423 69.87 -29.00 -2.42
N GLU M 424 71.13 -28.65 -2.16
CA GLU M 424 72.04 -29.19 -1.10
C GLU M 424 71.56 -28.83 0.32
N ILE M 425 71.31 -27.50 0.62
CA ILE M 425 70.60 -27.03 1.85
C ILE M 425 69.28 -27.76 1.93
N ALA M 426 68.64 -28.18 0.78
CA ALA M 426 67.39 -28.99 0.88
C ALA M 426 67.80 -30.45 1.31
N LYS M 427 68.42 -31.19 0.42
CA LYS M 427 68.98 -32.50 0.76
C LYS M 427 69.58 -32.77 2.12
N LYS M 428 70.65 -31.99 2.53
CA LYS M 428 71.41 -32.14 3.77
C LYS M 428 70.55 -32.07 4.96
N LEU M 429 69.52 -31.16 4.83
CA LEU M 429 68.56 -30.76 5.88
C LEU M 429 67.65 -31.87 6.01
N ARG M 430 67.20 -32.51 4.89
CA ARG M 430 66.28 -33.62 4.77
C ARG M 430 66.81 -34.83 5.54
N LYS M 431 68.13 -35.13 5.36
CA LYS M 431 68.88 -36.21 6.04
C LYS M 431 69.08 -36.02 7.53
N TYR M 432 69.10 -34.80 8.01
CA TYR M 432 69.13 -34.39 9.43
C TYR M 432 67.81 -34.61 10.15
N ALA M 433 66.68 -34.03 9.56
CA ALA M 433 65.28 -33.91 9.99
C ALA M 433 64.78 -35.02 10.94
N PRO M 434 64.75 -36.31 10.55
CA PRO M 434 64.55 -37.45 11.45
C PRO M 434 65.07 -37.45 12.89
N GLN M 435 66.28 -36.97 13.14
CA GLN M 435 66.93 -37.15 14.40
C GLN M 435 66.68 -36.09 15.50
N VAL M 436 66.16 -34.88 15.04
CA VAL M 436 66.09 -33.80 15.98
C VAL M 436 65.02 -33.94 17.09
N GLY M 437 63.93 -34.61 16.83
CA GLY M 437 62.91 -34.72 17.82
C GLY M 437 61.62 -35.22 17.32
N GLY M 438 60.61 -35.18 18.16
CA GLY M 438 59.19 -35.52 17.85
C GLY M 438 58.50 -34.60 16.76
N LYS M 439 57.84 -33.52 17.25
CA LYS M 439 57.09 -32.50 16.49
C LYS M 439 58.01 -31.67 15.61
N GLU M 440 59.15 -31.22 16.18
CA GLU M 440 60.19 -30.39 15.50
C GLU M 440 60.67 -30.85 14.09
N GLN M 441 60.68 -32.22 13.92
CA GLN M 441 61.09 -32.96 12.72
C GLN M 441 60.26 -32.42 11.58
N LEU M 442 58.91 -32.36 11.74
CA LEU M 442 57.97 -31.73 10.78
C LEU M 442 58.29 -30.25 10.42
N ALA M 443 58.75 -29.47 11.43
CA ALA M 443 59.23 -28.06 11.21
C ALA M 443 60.47 -27.89 10.30
N VAL M 444 61.44 -28.72 10.58
CA VAL M 444 62.64 -28.86 9.72
C VAL M 444 62.29 -29.27 8.31
N GLU M 445 61.42 -30.30 8.24
CA GLU M 445 60.80 -30.66 6.93
C GLU M 445 60.11 -29.56 6.20
N ALA M 446 59.32 -28.67 6.96
CA ALA M 446 58.63 -27.46 6.39
C ALA M 446 59.73 -26.51 5.85
N TYR M 447 60.70 -26.08 6.70
CA TYR M 447 61.84 -25.17 6.26
C TYR M 447 62.45 -25.61 5.04
N ALA M 448 62.59 -26.89 4.95
CA ALA M 448 63.18 -27.56 3.83
C ALA M 448 62.34 -27.49 2.60
N ASN M 449 61.04 -27.86 2.64
CA ASN M 449 60.04 -27.75 1.62
C ASN M 449 59.99 -26.40 1.09
N ALA M 450 59.99 -25.39 1.95
CA ALA M 450 60.01 -23.97 1.54
C ALA M 450 61.20 -23.57 0.71
N LEU M 451 62.41 -24.10 1.03
CA LEU M 451 63.68 -23.92 0.27
C LEU M 451 63.57 -24.59 -1.11
N GLU M 452 62.92 -25.82 -1.23
CA GLU M 452 62.73 -26.49 -2.49
C GLU M 452 61.70 -25.80 -3.38
N SER M 453 60.67 -25.16 -2.73
CA SER M 453 59.64 -24.34 -3.39
C SER M 453 60.17 -23.25 -4.34
N LEU M 454 61.33 -22.69 -3.88
CA LEU M 454 62.17 -21.69 -4.55
C LEU M 454 62.59 -22.31 -5.95
N VAL M 455 63.07 -23.50 -6.06
CA VAL M 455 63.46 -24.08 -7.32
C VAL M 455 62.13 -24.41 -8.12
N SER M 456 61.01 -24.70 -7.45
CA SER M 456 59.77 -24.94 -8.23
C SER M 456 59.26 -23.64 -8.97
N ILE M 457 59.15 -22.54 -8.23
CA ILE M 457 58.72 -21.22 -8.70
C ILE M 457 59.59 -20.77 -9.82
N LEU M 458 60.91 -21.00 -9.75
CA LEU M 458 61.91 -20.74 -10.75
C LEU M 458 61.75 -21.54 -12.06
N ILE M 459 61.52 -22.91 -11.86
CA ILE M 459 61.22 -23.77 -13.04
C ILE M 459 59.91 -23.38 -13.70
N GLU M 460 58.83 -23.32 -12.88
CA GLU M 460 57.49 -22.88 -13.24
C GLU M 460 57.43 -21.61 -14.27
N ASN M 461 57.97 -20.54 -13.91
CA ASN M 461 58.09 -19.37 -14.77
C ASN M 461 58.84 -19.54 -16.08
N ALA M 462 59.66 -20.58 -16.22
CA ALA M 462 60.44 -20.76 -17.46
C ALA M 462 59.59 -21.37 -18.49
N GLY M 463 58.59 -22.09 -17.99
CA GLY M 463 57.60 -22.74 -18.76
C GLY M 463 57.65 -24.28 -18.68
N PHE M 464 58.39 -24.77 -17.70
CA PHE M 464 58.47 -26.24 -17.52
C PHE M 464 57.84 -26.80 -16.30
N ASP M 465 57.66 -28.14 -16.22
CA ASP M 465 56.91 -28.74 -15.14
C ASP M 465 57.86 -28.70 -13.85
N PRO M 466 57.52 -28.02 -12.70
CA PRO M 466 58.40 -28.01 -11.50
C PRO M 466 58.79 -29.35 -10.87
N ILE M 467 57.80 -30.27 -10.70
CA ILE M 467 57.86 -31.53 -9.98
C ILE M 467 58.79 -32.37 -10.72
N ASP M 468 58.57 -32.44 -12.06
CA ASP M 468 59.45 -33.15 -12.98
C ASP M 468 60.88 -32.78 -12.88
N LEU M 469 61.22 -31.53 -13.18
CA LEU M 469 62.59 -31.10 -13.20
C LEU M 469 63.25 -31.10 -11.93
N LEU M 470 62.62 -30.66 -10.84
CA LEU M 470 63.11 -30.70 -9.50
C LEU M 470 63.53 -32.10 -9.10
N MET M 471 62.67 -33.11 -9.45
CA MET M 471 62.99 -34.45 -9.28
C MET M 471 64.23 -34.90 -10.11
N LYS M 472 64.23 -34.60 -11.45
CA LYS M 472 65.30 -34.98 -12.39
C LYS M 472 66.71 -34.42 -11.98
N LEU M 473 66.73 -33.26 -11.29
CA LEU M 473 67.89 -32.54 -10.80
C LEU M 473 68.27 -33.04 -9.48
N ARG M 474 67.36 -33.11 -8.48
CA ARG M 474 67.79 -33.57 -7.15
C ARG M 474 68.28 -35.01 -7.12
N SER M 475 68.06 -35.78 -8.20
CA SER M 475 68.55 -37.15 -8.33
C SER M 475 69.94 -37.08 -8.92
N THR M 476 70.17 -36.25 -10.00
CA THR M 476 71.54 -36.17 -10.56
C THR M 476 72.44 -35.34 -9.67
N HIS M 477 71.97 -34.91 -8.45
CA HIS M 477 72.72 -34.06 -7.58
C HIS M 477 72.79 -34.72 -6.24
N GLU M 478 72.45 -36.04 -6.21
CA GLU M 478 72.79 -36.82 -5.04
C GLU M 478 74.30 -37.01 -5.01
N ASN M 479 75.00 -37.30 -6.12
CA ASN M 479 76.45 -37.43 -6.31
C ASN M 479 77.23 -36.20 -5.91
N GLU M 480 78.33 -36.33 -5.11
CA GLU M 480 79.21 -35.28 -4.67
C GLU M 480 80.03 -34.41 -5.74
N ASN M 481 80.47 -35.07 -6.81
CA ASN M 481 81.14 -34.50 -8.05
C ASN M 481 80.27 -33.40 -8.64
N ASN M 482 78.92 -33.70 -8.62
CA ASN M 482 77.82 -32.94 -9.16
C ASN M 482 77.29 -32.03 -8.11
N LYS M 483 78.17 -31.23 -7.43
CA LYS M 483 77.80 -30.17 -6.47
C LYS M 483 77.15 -29.02 -7.12
N TRP M 484 77.54 -28.75 -8.44
CA TRP M 484 77.17 -27.48 -9.01
C TRP M 484 76.07 -27.61 -10.08
N TYR M 485 75.39 -28.80 -10.01
CA TYR M 485 74.35 -29.08 -10.95
C TYR M 485 73.02 -28.33 -10.63
N GLY M 486 72.44 -27.77 -11.65
CA GLY M 486 71.10 -27.03 -11.58
C GLY M 486 70.30 -27.22 -12.77
N ILE M 487 69.38 -26.33 -13.00
CA ILE M 487 68.44 -26.45 -14.11
C ILE M 487 68.50 -25.31 -15.07
N ASP M 488 69.03 -25.61 -16.22
CA ASP M 488 69.08 -24.66 -17.35
C ASP M 488 67.63 -24.23 -17.70
N LEU M 489 67.24 -22.91 -17.50
CA LEU M 489 65.84 -22.46 -17.71
C LEU M 489 65.53 -22.18 -19.08
N TYR M 490 66.53 -22.11 -20.09
CA TYR M 490 66.22 -21.91 -21.52
C TYR M 490 66.12 -23.18 -22.27
N ALA M 491 66.75 -24.24 -21.87
CA ALA M 491 66.82 -25.53 -22.51
C ALA M 491 65.89 -26.58 -21.98
N GLY M 492 65.66 -26.58 -20.64
CA GLY M 492 64.86 -27.40 -19.81
C GLY M 492 65.39 -28.74 -19.45
N GLN M 493 66.50 -28.76 -18.61
CA GLN M 493 67.11 -29.96 -18.26
C GLN M 493 68.32 -29.79 -17.24
N PRO M 494 68.64 -30.72 -16.35
CA PRO M 494 69.75 -30.50 -15.40
C PRO M 494 71.19 -30.41 -16.02
N VAL M 495 71.90 -29.37 -15.71
CA VAL M 495 73.26 -29.21 -16.18
C VAL M 495 74.19 -28.51 -15.20
N ASP M 496 75.51 -28.44 -15.51
CA ASP M 496 76.47 -27.84 -14.64
C ASP M 496 76.50 -26.30 -14.74
N MET M 497 76.01 -25.51 -13.78
CA MET M 497 75.92 -24.07 -13.72
C MET M 497 77.20 -23.44 -13.66
N TRP M 498 78.13 -23.87 -12.83
CA TRP M 498 79.49 -23.28 -12.76
C TRP M 498 80.13 -23.27 -14.20
N GLN M 499 80.21 -24.42 -14.89
CA GLN M 499 80.68 -24.54 -16.26
C GLN M 499 79.79 -24.00 -17.47
N LYS M 500 79.02 -22.91 -17.13
CA LYS M 500 78.09 -22.19 -17.99
C LYS M 500 78.16 -20.77 -17.49
N GLY M 501 79.19 -20.40 -16.68
CA GLY M 501 79.38 -19.00 -16.14
C GLY M 501 78.53 -18.53 -15.10
N VAL M 502 77.50 -19.33 -14.77
CA VAL M 502 76.48 -18.91 -13.76
C VAL M 502 77.10 -19.10 -12.43
N ILE M 503 77.91 -18.12 -12.04
CA ILE M 503 78.46 -18.00 -10.73
C ILE M 503 78.05 -16.69 -10.12
N GLU M 504 78.01 -16.68 -8.72
CA GLU M 504 77.44 -15.70 -7.86
C GLU M 504 78.12 -15.38 -6.45
N PRO M 505 77.87 -14.23 -5.95
CA PRO M 505 78.22 -13.88 -4.59
C PRO M 505 77.82 -14.80 -3.40
N ALA M 506 78.80 -15.49 -2.79
CA ALA M 506 78.44 -16.44 -1.76
C ALA M 506 77.79 -15.87 -0.49
N LEU M 507 78.00 -14.59 -0.14
CA LEU M 507 77.45 -13.97 1.08
C LEU M 507 76.15 -13.34 0.81
N VAL M 508 75.94 -12.75 -0.42
CA VAL M 508 74.65 -12.08 -0.75
C VAL M 508 73.46 -12.99 -0.60
N LYS M 509 73.54 -14.22 -1.17
CA LYS M 509 72.54 -15.27 -1.12
C LYS M 509 72.55 -16.01 0.25
N MET M 510 73.26 -15.37 1.30
CA MET M 510 73.41 -15.89 2.67
C MET M 510 72.72 -15.02 3.65
N ASN M 511 72.91 -13.70 3.48
CA ASN M 511 72.13 -12.71 4.28
C ASN M 511 70.65 -12.65 3.92
N ALA M 512 70.35 -12.97 2.64
CA ALA M 512 68.98 -13.11 2.16
C ALA M 512 68.13 -14.12 2.96
N ILE M 513 68.61 -15.39 3.10
CA ILE M 513 68.01 -16.42 3.94
C ILE M 513 67.86 -15.96 5.36
N LYS M 514 68.97 -15.38 6.01
CA LYS M 514 68.92 -14.83 7.42
C LYS M 514 67.96 -13.66 7.61
N ALA M 515 67.99 -12.68 6.70
CA ALA M 515 67.02 -11.61 6.66
C ALA M 515 65.62 -12.11 6.56
N ALA M 516 65.27 -12.84 5.47
CA ALA M 516 64.00 -13.46 5.26
C ALA M 516 63.44 -14.30 6.47
N THR M 517 64.21 -15.27 7.03
CA THR M 517 63.84 -16.07 8.13
C THR M 517 63.61 -15.34 9.42
N GLU M 518 64.34 -14.26 9.68
CA GLU M 518 64.09 -13.38 10.80
C GLU M 518 62.69 -12.77 10.70
N ALA M 519 62.43 -12.13 9.57
CA ALA M 519 61.12 -11.57 9.28
C ALA M 519 59.90 -12.52 9.38
N ALA M 520 60.05 -13.70 8.62
CA ALA M 520 59.09 -14.80 8.70
C ALA M 520 58.75 -15.19 10.09
N THR M 521 59.75 -15.51 10.88
CA THR M 521 59.56 -15.97 12.22
C THR M 521 59.07 -14.90 13.23
N LEU M 522 59.34 -13.64 12.92
CA LEU M 522 58.84 -12.43 13.63
C LEU M 522 57.33 -12.27 13.37
N VAL M 523 56.84 -12.56 12.17
CA VAL M 523 55.42 -12.59 11.80
C VAL M 523 54.78 -13.69 12.65
N LEU M 524 55.41 -14.91 12.87
CA LEU M 524 54.87 -15.92 13.76
C LEU M 524 54.89 -15.61 15.26
N ARG M 525 55.85 -14.78 15.68
CA ARG M 525 55.84 -14.36 17.12
C ARG M 525 54.63 -13.51 17.48
N ILE M 526 54.09 -12.76 16.56
CA ILE M 526 52.91 -11.88 16.74
C ILE M 526 51.67 -12.57 16.94
N ASP M 527 51.13 -12.42 18.19
CA ASP M 527 49.94 -13.01 18.69
C ASP M 527 48.74 -12.06 18.53
N ASP M 528 48.96 -10.77 18.79
CA ASP M 528 47.82 -9.83 18.72
C ASP M 528 48.17 -8.41 18.41
N VAL M 529 47.25 -7.65 17.98
CA VAL M 529 47.40 -6.27 17.66
C VAL M 529 46.47 -5.37 18.52
N VAL M 530 47.12 -4.50 19.28
CA VAL M 530 46.57 -3.59 20.22
C VAL M 530 46.87 -2.20 19.55
N SER M 531 45.84 -1.42 19.33
CA SER M 531 45.96 -0.16 18.60
C SER M 531 45.28 0.97 19.34
N ALA M 532 45.88 2.19 19.26
CA ALA M 532 45.54 3.33 20.10
C ALA M 532 44.30 3.91 19.46
N GLY N 28 23.74 -7.82 44.53
CA GLY N 28 24.00 -9.20 44.25
C GLY N 28 24.77 -9.44 43.01
N LYS N 29 24.51 -10.51 42.26
CA LYS N 29 25.13 -10.80 40.96
C LYS N 29 25.27 -9.69 39.98
N GLU N 30 24.30 -8.75 39.94
CA GLU N 30 24.20 -7.57 39.19
C GLU N 30 25.48 -6.83 38.76
N ALA N 31 26.04 -6.07 39.64
CA ALA N 31 27.21 -5.24 39.40
C ALA N 31 28.58 -5.90 39.45
N VAL N 32 28.72 -6.72 40.42
CA VAL N 32 29.77 -7.69 40.70
C VAL N 32 30.24 -8.63 39.55
N ARG N 33 29.36 -9.00 38.66
CA ARG N 33 29.82 -9.82 37.53
C ARG N 33 30.77 -9.08 36.61
N ALA N 34 30.42 -7.83 36.27
CA ALA N 34 31.05 -6.92 35.35
C ALA N 34 32.54 -6.72 35.74
N ASN N 35 32.74 -6.29 37.00
CA ASN N 35 34.00 -6.09 37.69
C ASN N 35 34.81 -7.38 37.61
N ILE N 36 34.24 -8.52 38.07
CA ILE N 36 34.88 -9.84 37.86
C ILE N 36 35.35 -10.08 36.39
N ALA N 37 34.41 -10.03 35.39
CA ALA N 37 34.58 -10.03 33.93
C ALA N 37 35.75 -9.15 33.42
N ALA N 38 35.68 -7.83 33.71
CA ALA N 38 36.77 -6.90 33.39
C ALA N 38 38.14 -7.34 33.93
N VAL N 39 38.23 -7.75 35.21
CA VAL N 39 39.48 -8.31 35.79
C VAL N 39 40.01 -9.48 35.02
N LYS N 40 39.17 -10.47 34.84
CA LYS N 40 39.35 -11.60 34.01
C LYS N 40 39.81 -11.35 32.49
N ALA N 41 39.18 -10.34 31.90
CA ALA N 41 39.52 -9.80 30.55
C ALA N 41 41.01 -9.42 30.52
N VAL N 42 41.45 -8.58 31.46
CA VAL N 42 42.79 -8.08 31.54
C VAL N 42 43.84 -9.12 31.73
N GLU N 43 43.62 -10.16 32.58
CA GLU N 43 44.42 -11.35 32.72
C GLU N 43 44.61 -12.12 31.35
N GLU N 44 43.48 -12.37 30.62
CA GLU N 44 43.39 -12.92 29.27
C GLU N 44 44.14 -12.10 28.21
N ALA N 45 44.61 -10.86 28.57
CA ALA N 45 45.32 -9.93 27.59
C ALA N 45 46.82 -10.17 27.75
N LEU N 46 47.28 -10.79 28.80
CA LEU N 46 48.71 -11.03 29.10
C LEU N 46 48.98 -12.53 29.06
N LYS N 47 47.99 -13.40 29.33
CA LYS N 47 48.01 -14.86 29.43
C LYS N 47 49.12 -15.63 28.59
N SER N 48 49.16 -15.37 27.30
CA SER N 48 50.12 -15.92 26.29
C SER N 48 51.50 -15.40 26.33
N THR N 49 51.83 -14.53 27.31
CA THR N 49 53.17 -13.87 27.31
C THR N 49 53.94 -14.19 28.58
N TYR N 50 53.39 -15.01 29.50
CA TYR N 50 54.23 -15.23 30.65
C TYR N 50 55.44 -16.09 30.36
N GLY N 51 56.61 -15.84 31.10
CA GLY N 51 57.82 -16.61 30.86
C GLY N 51 58.52 -16.46 29.55
N PRO N 52 59.71 -17.13 29.40
CA PRO N 52 60.50 -16.99 28.19
C PRO N 52 59.86 -17.63 26.97
N ARG N 53 58.83 -18.48 27.15
CA ARG N 53 58.12 -19.23 26.09
C ARG N 53 56.92 -18.49 25.57
N GLY N 54 56.63 -17.25 26.06
CA GLY N 54 55.48 -16.44 25.59
C GLY N 54 55.61 -15.98 24.15
N MET N 55 54.58 -15.44 23.61
CA MET N 55 54.36 -14.89 22.26
C MET N 55 54.23 -13.38 22.37
N ASP N 56 54.39 -12.64 21.34
CA ASP N 56 54.36 -11.17 21.39
C ASP N 56 53.06 -10.48 20.94
N LYS N 57 52.79 -9.29 21.53
CA LYS N 57 51.75 -8.42 21.12
C LYS N 57 52.21 -7.14 20.41
N MET N 58 51.43 -6.78 19.42
CA MET N 58 51.87 -5.69 18.54
C MET N 58 51.03 -4.54 18.93
N LEU N 59 51.68 -3.36 18.99
CA LEU N 59 51.18 -2.12 19.45
C LEU N 59 51.36 -1.02 18.44
N VAL N 60 50.09 -0.52 18.09
CA VAL N 60 49.82 0.37 17.01
C VAL N 60 49.39 1.77 17.43
N ASP N 61 50.25 2.70 17.24
CA ASP N 61 49.93 4.00 17.64
C ASP N 61 48.97 4.71 16.79
N SER N 62 48.40 5.96 17.27
CA SER N 62 47.57 6.78 16.43
C SER N 62 48.50 7.56 15.52
N LEU N 63 49.76 7.68 15.88
CA LEU N 63 50.86 8.17 15.02
C LEU N 63 51.27 7.28 13.85
N GLY N 64 50.74 6.04 13.85
CA GLY N 64 50.99 5.01 12.77
C GLY N 64 52.16 4.09 12.99
N ASP N 65 52.79 4.38 14.12
CA ASP N 65 54.04 3.74 14.53
C ASP N 65 53.81 2.37 15.09
N ILE N 66 54.55 1.38 14.71
CA ILE N 66 54.35 0.11 15.18
C ILE N 66 55.45 -0.28 16.15
N THR N 67 55.04 -0.95 17.24
CA THR N 67 55.93 -1.44 18.31
C THR N 67 55.54 -2.74 18.70
N ILE N 68 56.35 -3.76 18.60
CA ILE N 68 55.96 -5.13 18.97
C ILE N 68 56.59 -5.46 20.30
N THR N 69 55.84 -5.97 21.36
CA THR N 69 56.42 -6.26 22.67
C THR N 69 55.65 -7.30 23.46
N ASN N 70 56.12 -7.67 24.63
CA ASN N 70 55.46 -8.60 25.54
C ASN N 70 55.58 -7.96 26.97
N ASP N 71 55.99 -6.74 27.08
CA ASP N 71 56.07 -5.95 28.30
C ASP N 71 54.73 -5.64 28.93
N GLY N 72 54.48 -6.09 30.19
CA GLY N 72 53.29 -5.90 30.93
C GLY N 72 52.72 -4.47 31.02
N ALA N 73 53.58 -3.60 31.56
CA ALA N 73 53.46 -2.14 31.78
C ALA N 73 52.88 -1.46 30.58
N THR N 74 53.55 -1.50 29.44
CA THR N 74 53.16 -0.83 28.22
C THR N 74 51.76 -1.18 27.67
N ILE N 75 51.29 -2.45 27.78
CA ILE N 75 50.03 -3.03 27.43
C ILE N 75 48.92 -2.53 28.35
N LEU N 76 49.27 -1.98 29.51
CA LEU N 76 48.31 -1.42 30.44
C LEU N 76 48.30 0.13 30.35
N ASP N 77 49.48 0.64 30.05
CA ASP N 77 49.68 2.06 29.82
C ASP N 77 48.98 2.60 28.53
N LYS N 78 49.22 1.94 27.38
CA LYS N 78 48.64 2.36 26.16
C LYS N 78 47.16 1.95 26.02
N MET N 79 46.62 1.13 26.93
CA MET N 79 45.26 0.70 27.05
C MET N 79 44.41 1.47 28.02
N ASP N 80 43.16 1.72 27.69
CA ASP N 80 42.22 2.48 28.50
C ASP N 80 41.26 1.36 29.07
N LEU N 81 41.00 1.41 30.40
CA LEU N 81 40.00 0.50 30.90
C LEU N 81 38.83 1.29 31.38
N GLN N 82 37.69 0.98 30.83
CA GLN N 82 36.45 1.55 31.31
C GLN N 82 35.96 1.19 32.73
N HIS N 83 36.12 -0.07 33.11
CA HIS N 83 35.59 -0.49 34.38
C HIS N 83 36.55 -0.01 35.53
N PRO N 84 36.08 0.81 36.49
CA PRO N 84 36.89 1.28 37.64
C PRO N 84 37.52 0.25 38.52
N ALA N 85 36.79 -0.80 38.97
CA ALA N 85 37.36 -1.86 39.68
C ALA N 85 38.66 -2.45 39.16
N ALA N 86 38.60 -2.85 37.89
CA ALA N 86 39.73 -3.36 37.10
C ALA N 86 40.87 -2.40 37.10
N LYS N 87 40.59 -1.06 36.68
CA LYS N 87 41.51 -0.01 36.60
C LYS N 87 42.27 0.27 37.89
N LEU N 88 41.54 0.11 39.00
CA LEU N 88 42.09 0.15 40.34
C LEU N 88 42.95 -0.99 40.74
N LEU N 89 42.55 -2.24 40.30
CA LEU N 89 43.31 -3.44 40.43
C LEU N 89 44.54 -3.39 39.73
N VAL N 90 44.56 -3.18 38.42
CA VAL N 90 45.77 -3.08 37.61
C VAL N 90 46.79 -2.08 38.11
N GLN N 91 46.29 -0.98 38.70
CA GLN N 91 47.21 -0.05 39.34
C GLN N 91 47.93 -0.61 40.53
N ILE N 92 47.27 -1.43 41.40
CA ILE N 92 47.88 -1.99 42.64
C ILE N 92 48.79 -3.06 42.17
N ALA N 93 48.41 -3.89 41.13
CA ALA N 93 49.34 -4.93 40.60
C ALA N 93 50.56 -4.35 39.98
N LYS N 94 50.41 -3.47 38.91
CA LYS N 94 51.44 -2.80 38.09
C LYS N 94 52.46 -1.96 38.84
N GLY N 95 51.98 -0.89 39.53
CA GLY N 95 52.80 0.07 40.33
C GLY N 95 53.78 -0.47 41.38
N GLN N 96 54.98 0.17 41.47
CA GLN N 96 56.07 -0.36 42.29
C GLN N 96 56.80 0.77 42.90
N ASP N 97 57.21 0.77 44.21
CA ASP N 97 57.94 1.84 44.81
C ASP N 97 59.42 1.57 44.64
N GLU N 98 59.70 0.27 44.41
CA GLU N 98 60.99 -0.32 44.35
C GLU N 98 61.53 -0.12 42.95
N GLU N 99 62.88 0.00 42.73
CA GLU N 99 63.38 0.43 41.47
C GLU N 99 63.22 -0.56 40.34
N THR N 100 63.49 -1.83 40.67
CA THR N 100 63.36 -2.93 39.74
C THR N 100 61.95 -3.27 39.37
N ALA N 101 61.36 -2.92 38.19
CA ALA N 101 60.09 -3.55 37.82
C ALA N 101 60.23 -4.96 37.31
N ASP N 102 59.74 -5.99 38.06
CA ASP N 102 59.94 -7.34 37.81
C ASP N 102 58.79 -7.98 38.65
N GLY N 103 58.03 -9.00 38.27
CA GLY N 103 56.93 -9.64 38.97
C GLY N 103 55.59 -9.02 38.50
N THR N 104 55.68 -8.06 37.46
CA THR N 104 54.44 -7.31 36.95
C THR N 104 53.44 -8.19 36.15
N LYS N 105 54.00 -9.09 35.31
CA LYS N 105 53.25 -10.13 34.63
C LYS N 105 52.74 -11.14 35.60
N THR N 106 53.50 -11.50 36.66
CA THR N 106 53.01 -12.42 37.74
C THR N 106 51.93 -11.86 38.55
N ALA N 107 52.14 -10.71 39.17
CA ALA N 107 51.08 -9.94 39.86
C ALA N 107 49.76 -9.90 39.10
N VAL N 108 49.81 -9.58 37.74
CA VAL N 108 48.52 -9.41 37.10
C VAL N 108 47.79 -10.69 36.92
N ILE N 109 48.51 -11.58 36.30
CA ILE N 109 47.98 -12.95 36.00
C ILE N 109 47.37 -13.65 37.24
N PHE N 110 48.26 -13.75 38.26
CA PHE N 110 47.84 -14.39 39.57
C PHE N 110 46.64 -13.73 40.13
N SER N 111 46.56 -12.40 40.04
CA SER N 111 45.56 -11.49 40.61
C SER N 111 44.25 -12.00 40.02
N GLY N 112 44.13 -12.02 38.60
CA GLY N 112 42.93 -12.40 37.99
C GLY N 112 42.42 -13.82 38.24
N GLU N 113 43.36 -14.78 38.51
CA GLU N 113 43.10 -16.20 38.88
C GLU N 113 42.53 -16.30 40.28
N LEU N 114 43.04 -15.40 41.16
CA LEU N 114 42.51 -15.32 42.49
C LEU N 114 41.05 -14.86 42.52
N VAL N 115 40.72 -13.83 41.70
CA VAL N 115 39.29 -13.59 41.45
C VAL N 115 38.47 -14.70 40.83
N LYS N 116 39.02 -15.36 39.74
CA LYS N 116 38.47 -16.43 38.94
C LYS N 116 38.04 -17.58 39.83
N LYS N 117 38.98 -18.20 40.60
CA LYS N 117 38.76 -19.28 41.60
C LYS N 117 37.80 -18.86 42.73
N ALA N 118 37.71 -17.49 43.00
CA ALA N 118 36.75 -16.99 44.00
C ALA N 118 35.32 -16.85 43.46
N GLU N 119 35.22 -16.56 42.14
CA GLU N 119 33.90 -16.49 41.43
C GLU N 119 33.16 -17.82 41.61
N ASP N 120 33.87 -18.92 41.49
CA ASP N 120 33.40 -20.23 41.71
C ASP N 120 32.93 -20.51 43.14
N LEU N 121 33.36 -19.69 44.14
CA LEU N 121 32.90 -19.81 45.50
C LEU N 121 31.50 -19.16 45.59
N LEU N 122 31.31 -18.05 44.94
CA LEU N 122 30.01 -17.47 44.85
C LEU N 122 28.96 -18.38 44.12
N TYR N 123 29.40 -19.15 43.09
CA TYR N 123 28.65 -20.13 42.34
C TYR N 123 28.12 -21.22 43.34
N LYS N 124 28.98 -21.53 44.39
CA LYS N 124 28.67 -22.44 45.44
C LYS N 124 27.78 -21.69 46.57
N ASP N 125 27.38 -20.45 46.43
CA ASP N 125 26.62 -19.67 47.47
C ASP N 125 27.45 -19.36 48.73
N VAL N 126 28.78 -19.25 48.58
CA VAL N 126 29.71 -18.91 49.60
C VAL N 126 29.92 -17.46 49.52
N HIS N 127 29.55 -16.74 50.62
CA HIS N 127 29.50 -15.24 50.61
C HIS N 127 30.87 -14.59 50.47
N PRO N 128 31.02 -13.39 49.89
CA PRO N 128 32.31 -12.70 49.72
C PRO N 128 33.06 -12.50 51.05
N THR N 129 32.37 -12.39 52.28
CA THR N 129 33.00 -12.32 53.59
C THR N 129 33.82 -13.50 54.02
N ILE N 130 33.50 -14.74 53.51
CA ILE N 130 34.25 -15.95 53.74
C ILE N 130 35.53 -15.98 52.93
N ILE N 131 35.41 -15.68 51.64
CA ILE N 131 36.58 -15.46 50.76
C ILE N 131 37.56 -14.44 51.27
N ILE N 132 37.11 -13.36 52.02
CA ILE N 132 38.13 -12.44 52.53
C ILE N 132 38.93 -13.06 53.65
N SER N 133 38.19 -13.59 54.69
CA SER N 133 38.81 -14.27 55.83
C SER N 133 39.65 -15.39 55.46
N GLY N 134 39.08 -16.25 54.53
CA GLY N 134 39.71 -17.41 53.97
C GLY N 134 41.06 -17.06 53.36
N TYR N 135 41.03 -16.06 52.44
CA TYR N 135 42.19 -15.49 51.69
C TYR N 135 43.28 -14.86 52.58
N LYS N 136 42.83 -14.09 53.61
CA LYS N 136 43.68 -13.49 54.60
C LYS N 136 44.55 -14.47 55.32
N LYS N 137 43.83 -15.52 55.94
CA LYS N 137 44.62 -16.62 56.58
C LYS N 137 45.55 -17.35 55.71
N ALA N 138 45.13 -17.59 54.43
CA ALA N 138 45.96 -18.24 53.40
C ALA N 138 47.14 -17.32 52.99
N GLU N 139 46.97 -15.99 52.91
CA GLU N 139 48.06 -15.17 52.62
C GLU N 139 49.18 -15.19 53.72
N GLU N 140 48.82 -15.11 55.01
CA GLU N 140 49.62 -15.26 56.21
C GLU N 140 50.59 -16.46 56.11
N VAL N 141 50.07 -17.69 56.04
CA VAL N 141 50.82 -18.93 55.85
C VAL N 141 51.63 -18.87 54.58
N ALA N 142 51.01 -18.49 53.43
CA ALA N 142 51.50 -18.36 52.07
C ALA N 142 52.77 -17.57 51.92
N LEU N 143 52.88 -16.56 52.71
CA LEU N 143 54.00 -15.61 52.91
C LEU N 143 55.11 -16.26 53.66
N GLN N 144 54.87 -16.65 54.88
CA GLN N 144 55.86 -17.39 55.75
C GLN N 144 56.35 -18.70 55.13
N THR N 145 55.54 -19.34 54.16
CA THR N 145 55.93 -20.49 53.36
C THR N 145 57.01 -20.27 52.31
N ILE N 146 57.23 -18.99 51.96
CA ILE N 146 58.35 -18.58 51.17
C ILE N 146 59.55 -18.33 52.06
N GLN N 147 59.30 -17.77 53.26
CA GLN N 147 60.31 -17.43 54.20
C GLN N 147 61.07 -18.67 54.67
N GLU N 148 60.38 -19.61 55.39
CA GLU N 148 60.92 -20.84 55.99
C GLU N 148 61.27 -21.83 54.92
N LEU N 149 61.98 -21.39 53.85
CA LEU N 149 62.36 -22.17 52.72
C LEU N 149 63.47 -21.50 51.93
N ALA N 150 63.43 -20.16 52.15
CA ALA N 150 64.42 -19.28 51.58
C ALA N 150 65.81 -19.70 52.03
N GLN N 151 66.77 -19.67 51.06
CA GLN N 151 68.13 -20.00 51.42
C GLN N 151 68.87 -18.64 51.48
N THR N 152 69.68 -18.54 52.53
CA THR N 152 70.57 -17.39 52.85
C THR N 152 71.79 -17.30 51.96
N VAL N 153 71.85 -16.24 51.20
CA VAL N 153 73.05 -15.97 50.34
C VAL N 153 73.96 -14.80 50.75
N SER N 154 75.16 -14.95 50.37
CA SER N 154 76.22 -14.06 50.73
C SER N 154 76.73 -13.31 49.46
N ILE N 155 77.46 -12.18 49.66
CA ILE N 155 78.12 -11.41 48.60
C ILE N 155 79.24 -12.19 48.02
N ASN N 156 79.74 -13.24 48.75
CA ASN N 156 80.64 -14.24 48.42
C ASN N 156 80.22 -15.18 47.37
N ASP N 157 78.94 -15.55 47.34
CA ASP N 157 78.27 -16.35 46.37
C ASP N 157 78.12 -15.56 45.01
N THR N 158 79.28 -15.14 44.41
CA THR N 158 79.28 -14.42 43.13
C THR N 158 79.09 -15.42 42.00
N ASP N 159 79.36 -16.72 42.17
CA ASP N 159 79.00 -17.72 41.16
C ASP N 159 77.53 -18.07 41.16
N LEU N 160 76.74 -17.64 42.19
CA LEU N 160 75.27 -17.74 42.36
C LEU N 160 74.72 -16.53 41.71
N LEU N 161 75.23 -15.29 42.00
CA LEU N 161 74.65 -14.09 41.36
C LEU N 161 74.79 -14.06 39.80
N ARG N 162 75.86 -14.72 39.30
CA ARG N 162 76.05 -15.06 37.88
C ARG N 162 74.87 -15.83 37.25
N LYS N 163 74.19 -16.60 38.06
CA LYS N 163 73.06 -17.44 37.64
C LYS N 163 71.80 -16.49 37.62
N ILE N 164 71.46 -15.83 38.75
CA ILE N 164 70.44 -14.80 38.81
C ILE N 164 70.46 -13.76 37.68
N ALA N 165 71.62 -13.28 37.15
CA ALA N 165 71.73 -12.31 36.00
C ALA N 165 71.22 -12.95 34.71
N MET N 166 71.65 -14.19 34.37
CA MET N 166 71.18 -14.96 33.19
C MET N 166 69.73 -15.30 33.30
N THR N 167 69.21 -15.66 34.46
CA THR N 167 67.76 -15.82 34.69
C THR N 167 66.91 -14.57 34.41
N SER N 168 67.54 -13.41 34.20
CA SER N 168 66.96 -12.12 33.82
C SER N 168 67.24 -11.81 32.32
N LEU N 169 68.47 -11.92 31.84
CA LEU N 169 68.71 -11.70 30.49
C LEU N 169 68.32 -12.79 29.45
N SER N 170 68.44 -14.09 29.83
CA SER N 170 68.14 -15.30 29.02
C SER N 170 66.72 -15.45 28.47
N SER N 171 65.82 -14.76 29.06
CA SER N 171 64.40 -14.75 28.60
C SER N 171 64.19 -13.65 27.58
N LYS N 172 65.20 -12.82 27.26
CA LYS N 172 64.96 -11.68 26.40
C LYS N 172 65.22 -12.04 24.99
N ALA N 173 64.90 -11.17 24.00
CA ALA N 173 65.09 -11.43 22.60
C ALA N 173 66.61 -11.33 22.39
N VAL N 174 67.27 -10.36 23.07
CA VAL N 174 68.72 -10.16 23.03
C VAL N 174 69.40 -11.47 23.49
N ALA N 175 70.42 -11.85 22.77
CA ALA N 175 71.10 -13.11 22.86
C ALA N 175 72.55 -13.04 22.61
N GLY N 176 73.00 -12.02 21.86
CA GLY N 176 74.42 -11.69 21.85
C GLY N 176 75.14 -11.49 23.15
N ALA N 177 76.17 -12.37 23.28
CA ALA N 177 77.17 -12.43 24.37
C ALA N 177 76.61 -12.21 25.84
N ARG N 178 75.59 -12.99 26.32
CA ARG N 178 74.86 -12.73 27.58
C ARG N 178 75.72 -13.05 28.72
N GLU N 179 76.63 -14.02 28.56
CA GLU N 179 77.71 -14.36 29.50
C GLU N 179 78.69 -13.21 29.88
N TYR N 180 79.12 -12.43 28.89
CA TYR N 180 79.92 -11.24 28.92
C TYR N 180 79.26 -10.23 29.79
N ILE N 181 77.95 -9.96 29.47
CA ILE N 181 77.10 -9.00 30.16
C ILE N 181 76.76 -9.54 31.53
N ALA N 182 76.45 -10.86 31.70
CA ALA N 182 76.33 -11.51 33.00
C ALA N 182 77.60 -11.30 33.92
N ASP N 183 78.81 -11.66 33.42
CA ASP N 183 79.99 -11.46 34.18
C ASP N 183 80.29 -10.00 34.74
N ILE N 184 80.11 -9.08 33.80
CA ILE N 184 80.22 -7.66 34.01
C ILE N 184 79.35 -7.23 35.18
N VAL N 185 78.00 -7.55 35.03
CA VAL N 185 76.95 -7.27 36.02
C VAL N 185 77.25 -7.61 37.45
N VAL N 186 77.79 -8.82 37.69
CA VAL N 186 78.15 -9.25 39.01
C VAL N 186 79.23 -8.41 39.56
N LYS N 187 80.41 -8.31 38.84
CA LYS N 187 81.54 -7.56 39.33
C LYS N 187 81.28 -6.08 39.59
N ALA N 188 80.56 -5.44 38.66
CA ALA N 188 80.05 -4.11 38.72
C ALA N 188 79.11 -3.79 39.96
N VAL N 189 78.26 -4.72 40.34
CA VAL N 189 77.45 -4.45 41.50
C VAL N 189 78.18 -4.73 42.84
N THR N 190 78.77 -5.93 43.00
CA THR N 190 79.51 -6.33 44.24
C THR N 190 80.61 -5.40 44.68
N GLN N 191 81.18 -4.62 43.74
CA GLN N 191 82.17 -3.57 43.98
C GLN N 191 81.60 -2.36 44.65
N VAL N 192 80.44 -1.96 44.28
CA VAL N 192 79.85 -0.71 44.69
C VAL N 192 79.06 -0.88 45.94
N ALA N 193 78.57 -2.13 46.13
CA ALA N 193 77.94 -2.51 47.38
C ALA N 193 78.88 -2.46 48.61
N GLU N 194 78.36 -2.00 49.80
CA GLU N 194 79.15 -1.95 51.03
C GLU N 194 78.13 -1.97 52.24
N LEU N 195 78.64 -2.44 53.46
CA LEU N 195 77.90 -2.44 54.73
C LEU N 195 77.63 -1.06 55.20
N ARG N 196 76.36 -0.65 55.30
CA ARG N 196 75.99 0.64 55.91
C ARG N 196 75.02 0.34 57.01
N GLY N 197 75.52 0.48 58.27
CA GLY N 197 74.79 0.24 59.46
C GLY N 197 74.37 -1.15 59.62
N ASP N 198 75.09 -2.15 59.14
CA ASP N 198 74.97 -3.62 59.06
C ASP N 198 73.99 -4.03 58.06
N LYS N 199 73.81 -3.12 57.06
CA LYS N 199 72.92 -3.46 55.98
C LYS N 199 73.66 -3.23 54.66
N TRP N 200 73.68 -4.21 53.69
CA TRP N 200 74.45 -4.11 52.44
C TRP N 200 73.77 -3.11 51.56
N TYR N 201 74.30 -1.91 51.55
CA TYR N 201 73.77 -0.77 50.76
C TYR N 201 74.59 -0.68 49.49
N VAL N 202 73.83 -0.72 48.34
CA VAL N 202 74.48 -0.77 47.04
C VAL N 202 74.64 0.59 46.40
N ASP N 203 73.53 1.33 46.00
CA ASP N 203 73.56 2.61 45.34
C ASP N 203 73.85 2.56 43.84
N LEU N 204 72.96 1.97 43.02
CA LEU N 204 73.10 1.64 41.63
C LEU N 204 73.46 2.82 40.73
N ASP N 205 73.04 4.02 41.11
CA ASP N 205 73.33 5.29 40.39
C ASP N 205 74.87 5.60 40.20
N ASN N 206 75.71 4.96 40.99
CA ASN N 206 77.14 4.95 40.89
C ASN N 206 77.76 4.01 39.76
N ILE N 207 76.91 3.54 38.83
CA ILE N 207 77.41 2.65 37.74
C ILE N 207 76.81 3.28 36.46
N GLN N 208 77.70 3.66 35.54
CA GLN N 208 77.35 4.39 34.33
C GLN N 208 77.30 3.31 33.22
N ILE N 209 76.47 3.55 32.23
CA ILE N 209 76.27 2.72 31.09
C ILE N 209 76.37 3.52 29.88
N VAL N 210 77.39 3.34 29.14
CA VAL N 210 77.73 4.17 27.97
C VAL N 210 77.54 3.22 26.80
N LYS N 211 76.97 3.71 25.69
CA LYS N 211 76.57 2.72 24.70
C LYS N 211 76.93 3.08 23.22
N LYS N 212 77.48 2.10 22.50
CA LYS N 212 77.83 2.37 21.13
C LYS N 212 77.38 1.17 20.29
N ALA N 213 76.70 1.40 19.13
CA ALA N 213 76.16 0.30 18.36
C ALA N 213 77.16 -0.16 17.33
N GLY N 214 77.14 -1.46 16.94
CA GLY N 214 78.07 -2.00 15.93
C GLY N 214 79.34 -2.35 16.69
N GLY N 215 80.32 -2.81 15.95
CA GLY N 215 81.64 -2.99 16.51
C GLY N 215 81.87 -4.20 17.38
N SER N 216 81.07 -5.26 17.20
CA SER N 216 81.18 -6.49 17.85
C SER N 216 80.73 -6.52 19.30
N ILE N 217 79.70 -7.38 19.64
CA ILE N 217 79.20 -7.55 21.02
C ILE N 217 80.18 -8.28 21.93
N ASN N 218 81.15 -9.03 21.42
CA ASN N 218 82.27 -9.59 22.16
C ASN N 218 83.20 -8.51 22.66
N ASP N 219 83.18 -7.23 22.10
CA ASP N 219 83.95 -6.10 22.56
C ASP N 219 83.39 -5.31 23.64
N THR N 220 82.38 -5.92 24.30
CA THR N 220 81.85 -5.45 25.59
C THR N 220 82.74 -5.60 26.75
N GLN N 221 82.73 -4.54 27.53
CA GLN N 221 83.64 -4.47 28.65
C GLN N 221 83.12 -3.62 29.78
N LEU N 222 83.78 -3.77 30.94
CA LEU N 222 83.58 -2.98 32.11
C LEU N 222 84.71 -2.05 32.24
N VAL N 223 84.44 -0.77 32.53
CA VAL N 223 85.44 0.22 32.57
C VAL N 223 85.62 0.66 33.97
N TYR N 224 86.82 0.83 34.41
CA TYR N 224 87.10 1.20 35.81
C TYR N 224 87.26 2.77 36.07
N GLY N 225 86.22 3.57 35.64
CA GLY N 225 86.17 5.07 35.80
C GLY N 225 85.04 5.57 35.03
N ILE N 226 85.07 6.86 34.70
CA ILE N 226 83.95 7.51 34.08
C ILE N 226 84.31 7.85 32.67
N VAL N 227 83.25 7.92 31.79
CA VAL N 227 83.58 8.00 30.34
C VAL N 227 82.85 9.20 29.75
N VAL N 228 83.51 10.23 29.26
CA VAL N 228 82.95 11.40 28.71
C VAL N 228 82.90 11.27 27.10
N ASP N 229 81.71 11.22 26.43
CA ASP N 229 81.54 11.10 24.97
C ASP N 229 81.76 12.42 24.28
N LYS N 230 83.05 12.83 24.26
CA LYS N 230 83.60 13.93 23.51
C LYS N 230 85.08 13.60 23.46
N GLU N 231 85.84 14.31 22.61
CA GLU N 231 87.26 14.06 22.51
C GLU N 231 87.91 15.47 22.73
N VAL N 232 89.23 15.54 22.76
CA VAL N 232 89.92 16.87 22.92
C VAL N 232 89.63 17.85 21.77
N VAL N 233 89.53 19.12 22.08
CA VAL N 233 89.10 20.11 21.12
C VAL N 233 90.01 20.42 19.88
N HIS N 234 91.39 20.31 20.03
CA HIS N 234 92.45 20.76 19.19
C HIS N 234 93.40 19.60 18.93
N PRO N 235 93.69 19.28 17.65
CA PRO N 235 94.47 18.11 17.35
C PRO N 235 95.87 17.92 18.00
N GLY N 236 96.61 19.06 18.36
CA GLY N 236 97.91 19.00 18.93
C GLY N 236 97.99 18.74 20.46
N MET N 237 96.83 18.62 21.13
CA MET N 237 96.85 18.31 22.55
C MET N 237 97.26 16.93 22.94
N PRO N 238 97.98 16.67 24.04
CA PRO N 238 98.43 15.28 24.36
C PRO N 238 97.43 14.19 24.54
N LYS N 239 97.63 13.07 23.76
CA LYS N 239 96.66 11.99 23.87
C LYS N 239 96.51 11.26 25.20
N ARG N 240 97.58 11.19 25.93
CA ARG N 240 97.59 10.64 27.27
C ARG N 240 98.36 11.55 28.14
N LEU N 241 97.71 12.11 29.21
CA LEU N 241 98.36 13.06 30.15
C LEU N 241 98.62 12.49 31.57
N GLU N 242 99.80 12.73 32.18
CA GLU N 242 100.15 12.21 33.46
C GLU N 242 99.82 13.09 34.68
N ASN N 243 99.25 12.51 35.79
CA ASN N 243 98.83 13.25 36.97
C ASN N 243 97.68 14.18 36.61
N ALA N 244 96.48 13.70 36.21
CA ALA N 244 95.36 14.56 35.87
C ALA N 244 94.79 15.43 37.03
N LYS N 245 94.91 16.75 36.84
CA LYS N 245 94.43 17.79 37.73
C LYS N 245 93.29 18.61 37.09
N ILE N 246 92.07 18.02 36.88
CA ILE N 246 90.91 18.53 36.22
C ILE N 246 90.48 19.93 36.64
N ALA N 247 90.01 20.79 35.74
CA ALA N 247 89.40 22.08 36.06
C ALA N 247 88.07 22.09 35.37
N LEU N 248 87.06 21.66 36.17
CA LEU N 248 85.70 21.57 35.65
C LEU N 248 85.05 22.88 35.41
N ILE N 249 85.21 23.48 34.24
CA ILE N 249 84.73 24.75 34.00
C ILE N 249 83.42 24.71 33.34
N ASP N 250 82.39 25.00 34.12
CA ASP N 250 81.09 24.98 33.56
C ASP N 250 80.80 26.36 32.90
N ALA N 251 81.60 27.42 33.21
CA ALA N 251 81.52 28.74 32.62
C ALA N 251 81.88 28.72 31.19
N SER N 252 81.54 29.79 30.42
CA SER N 252 81.94 29.88 29.00
C SER N 252 83.27 30.38 28.59
N LEU N 253 84.00 29.54 27.82
CA LEU N 253 85.25 29.94 27.29
C LEU N 253 85.09 30.45 25.85
N GLU N 254 83.97 31.17 25.52
CA GLU N 254 83.79 31.69 24.22
C GLU N 254 82.99 33.01 24.15
N VAL N 255 83.28 33.94 23.18
CA VAL N 255 82.67 35.24 23.01
C VAL N 255 81.21 35.16 22.52
N GLU N 256 80.23 35.82 23.14
CA GLU N 256 78.89 35.83 22.72
C GLU N 256 78.57 36.95 21.87
N LYS N 257 77.59 36.82 20.92
CA LYS N 257 77.19 37.93 20.10
C LYS N 257 76.33 38.99 20.77
N PRO N 258 76.61 40.31 20.54
CA PRO N 258 75.68 41.41 20.88
C PRO N 258 74.61 41.60 19.85
N GLU N 259 74.62 40.88 18.74
CA GLU N 259 73.68 40.87 17.68
C GLU N 259 72.79 39.60 17.73
N LEU N 260 72.78 38.89 18.81
CA LEU N 260 71.98 37.67 19.09
C LEU N 260 70.46 37.88 19.21
N ASP N 261 70.01 38.62 20.23
CA ASP N 261 68.63 38.90 20.45
C ASP N 261 68.15 39.82 19.29
N ALA N 262 68.96 40.80 18.91
CA ALA N 262 68.66 41.81 17.95
C ALA N 262 70.03 42.44 17.57
N GLU N 263 70.04 43.11 16.38
CA GLU N 263 71.17 43.82 15.85
C GLU N 263 71.77 44.96 16.68
N ILE N 264 73.10 45.20 16.50
CA ILE N 264 73.84 46.14 17.22
C ILE N 264 73.39 47.56 17.21
N ARG N 265 73.52 48.37 18.28
CA ARG N 265 73.12 49.74 18.31
C ARG N 265 74.32 50.62 18.14
N ILE N 266 75.53 50.05 18.11
CA ILE N 266 76.73 50.74 17.74
C ILE N 266 76.74 51.32 16.31
N ASN N 267 77.07 52.61 16.16
CA ASN N 267 77.03 53.47 15.09
C ASN N 267 78.42 54.04 14.82
N ASP N 268 79.40 53.57 15.52
CA ASP N 268 80.84 53.87 15.38
C ASP N 268 81.58 52.61 15.08
N PRO N 269 82.15 52.33 14.00
CA PRO N 269 82.89 51.01 13.85
C PRO N 269 84.23 50.92 14.69
N THR N 270 84.80 52.03 15.17
CA THR N 270 85.88 52.01 16.19
C THR N 270 85.39 51.47 17.52
N GLN N 271 84.13 51.79 17.85
CA GLN N 271 83.51 51.30 19.08
C GLN N 271 83.19 49.73 19.07
N MET N 272 82.74 49.23 17.90
CA MET N 272 82.53 47.78 17.61
C MET N 272 83.72 46.89 17.92
N GLN N 273 84.84 47.11 17.17
CA GLN N 273 86.13 46.52 17.32
C GLN N 273 86.67 46.43 18.77
N LYS N 274 87.03 47.55 19.47
CA LYS N 274 87.50 47.53 20.87
C LYS N 274 86.55 46.94 21.90
N PHE N 275 85.24 46.74 21.48
CA PHE N 275 84.25 46.04 22.33
C PHE N 275 84.48 44.56 22.15
N LEU N 276 84.42 43.99 20.94
CA LEU N 276 84.73 42.54 20.83
C LEU N 276 86.18 42.23 21.12
N ASP N 277 87.10 43.19 21.01
CA ASP N 277 88.50 42.91 21.25
C ASP N 277 88.70 42.59 22.77
N GLU N 278 88.22 43.47 23.68
CA GLU N 278 88.37 43.24 25.10
C GLU N 278 87.52 42.08 25.67
N GLU N 279 86.38 41.84 24.94
CA GLU N 279 85.51 40.68 25.13
C GLU N 279 86.26 39.35 24.70
N GLU N 280 87.14 39.42 23.73
CA GLU N 280 88.01 38.28 23.36
C GLU N 280 89.25 38.09 24.24
N ASN N 281 89.79 39.17 24.75
CA ASN N 281 90.96 39.16 25.64
C ASN N 281 90.57 38.68 27.06
N LEU N 282 89.27 38.69 27.30
CA LEU N 282 88.55 38.25 28.47
C LEU N 282 88.66 36.75 28.54
N ILE N 283 88.59 36.04 27.41
CA ILE N 283 88.74 34.58 27.34
C ILE N 283 90.18 34.18 27.61
N LYS N 284 91.12 35.01 27.12
CA LYS N 284 92.47 34.88 27.51
C LYS N 284 92.81 35.13 29.07
N GLU N 285 92.04 36.00 29.76
CA GLU N 285 92.04 36.15 31.16
C GLU N 285 91.51 34.99 31.82
N LYS N 286 90.29 34.57 31.40
CA LYS N 286 89.75 33.32 31.97
C LYS N 286 90.68 32.17 31.90
N VAL N 287 91.42 31.91 30.82
CA VAL N 287 92.41 30.78 30.69
C VAL N 287 93.51 30.90 31.71
N ASP N 288 94.05 32.11 31.75
CA ASP N 288 95.16 32.44 32.62
C ASP N 288 94.69 32.37 34.07
N LYS N 289 93.44 32.72 34.42
CA LYS N 289 92.78 32.51 35.70
C LYS N 289 92.53 31.00 36.07
N ILE N 290 92.46 30.02 35.15
CA ILE N 290 92.29 28.57 35.51
C ILE N 290 93.62 27.96 35.65
N LEU N 291 94.53 28.22 34.73
CA LEU N 291 95.86 27.68 34.84
C LEU N 291 96.73 28.24 35.97
N ALA N 292 96.24 29.33 36.56
CA ALA N 292 96.70 29.92 37.82
C ALA N 292 96.54 28.95 38.98
N THR N 293 95.78 27.88 38.81
CA THR N 293 95.60 26.87 39.90
C THR N 293 96.54 25.74 39.63
N GLY N 294 96.99 25.54 38.41
CA GLY N 294 97.92 24.46 38.07
C GLY N 294 97.31 23.43 37.28
N ALA N 295 95.98 23.51 37.11
CA ALA N 295 95.28 22.48 36.31
C ALA N 295 95.94 22.04 34.98
N ASN N 296 95.99 20.70 34.61
CA ASN N 296 96.60 20.37 33.29
C ASN N 296 95.45 19.94 32.33
N VAL N 297 94.25 19.92 32.79
CA VAL N 297 93.14 19.57 32.01
C VAL N 297 92.05 20.52 32.37
N ILE N 298 91.24 20.76 31.36
CA ILE N 298 90.13 21.73 31.45
C ILE N 298 89.06 21.19 30.60
N ILE N 299 87.86 20.95 31.11
CA ILE N 299 86.73 20.45 30.33
C ILE N 299 85.53 21.39 30.47
N CYS N 300 84.74 21.54 29.39
CA CYS N 300 83.59 22.47 29.41
C CYS N 300 82.34 21.97 28.77
N GLN N 301 81.18 22.75 28.86
CA GLN N 301 79.88 22.32 28.34
C GLN N 301 79.56 23.17 27.17
N LYS N 302 80.14 24.37 27.07
CA LYS N 302 79.91 25.26 25.98
C LYS N 302 81.11 25.30 25.09
N GLY N 303 81.21 26.24 24.19
CA GLY N 303 82.30 26.49 23.31
C GLY N 303 83.68 26.80 23.91
N ILE N 304 84.69 26.76 23.02
CA ILE N 304 86.09 27.23 23.36
C ILE N 304 86.44 28.15 22.14
N ASP N 305 86.66 29.47 22.34
CA ASP N 305 87.05 30.40 21.32
C ASP N 305 88.35 29.97 20.69
N GLU N 306 88.56 30.43 19.40
CA GLU N 306 89.69 29.89 18.64
C GLU N 306 91.10 30.31 19.08
N VAL N 307 91.30 31.54 19.74
CA VAL N 307 92.62 31.87 20.21
C VAL N 307 92.89 31.07 21.45
N ALA N 308 91.82 30.72 22.26
CA ALA N 308 91.90 30.04 23.47
C ALA N 308 92.17 28.56 23.35
N GLN N 309 91.96 27.94 22.13
CA GLN N 309 92.28 26.55 21.85
C GLN N 309 93.80 26.48 21.66
N SER N 310 94.30 27.38 20.78
CA SER N 310 95.71 27.61 20.50
C SER N 310 96.54 28.08 21.74
N TYR N 311 95.85 28.76 22.68
CA TYR N 311 96.47 29.16 23.93
C TYR N 311 96.71 28.00 24.93
N LEU N 312 95.69 27.19 25.16
CA LEU N 312 95.90 26.00 25.95
C LEU N 312 96.77 24.92 25.20
N ALA N 313 96.64 24.87 23.84
CA ALA N 313 97.38 23.89 22.99
C ALA N 313 98.89 24.09 23.07
N LYS N 314 99.41 25.39 23.00
CA LYS N 314 100.79 25.68 23.09
C LYS N 314 101.39 25.46 24.54
N LYS N 315 100.50 25.55 25.55
CA LYS N 315 100.94 25.25 26.89
C LYS N 315 101.01 23.70 27.08
N GLY N 316 100.29 22.89 26.26
CA GLY N 316 100.35 21.41 26.39
C GLY N 316 99.26 20.92 27.24
N VAL N 317 98.12 21.62 27.25
CA VAL N 317 96.97 21.31 28.05
C VAL N 317 96.07 20.44 27.23
N LEU N 318 95.24 19.70 27.93
CA LEU N 318 94.27 18.81 27.36
C LEU N 318 92.89 19.42 27.55
N ALA N 319 92.27 19.92 26.54
CA ALA N 319 90.93 20.61 26.66
C ALA N 319 89.83 19.90 25.87
N VAL N 320 88.62 19.99 26.38
CA VAL N 320 87.41 19.42 25.78
C VAL N 320 86.33 20.40 25.52
N ARG N 321 85.59 20.38 24.39
CA ARG N 321 84.62 21.42 24.13
C ARG N 321 83.28 20.78 24.03
N ARG N 322 82.27 21.41 24.56
CA ARG N 322 80.89 20.98 24.60
C ARG N 322 80.55 19.55 25.10
N ALA N 323 80.88 19.20 26.34
CA ALA N 323 80.54 17.86 26.78
C ALA N 323 79.11 17.94 27.34
N LYS N 324 78.47 16.82 27.83
CA LYS N 324 77.12 16.95 28.39
C LYS N 324 77.31 17.16 29.90
N LYS N 325 76.50 18.09 30.46
CA LYS N 325 76.48 18.30 31.89
C LYS N 325 76.24 17.06 32.74
N SER N 326 75.47 16.01 32.21
CA SER N 326 75.39 14.69 32.78
C SER N 326 76.64 13.92 33.18
N ASP N 327 77.74 14.13 32.51
CA ASP N 327 79.03 13.48 32.82
C ASP N 327 80.05 14.35 33.57
N LEU N 328 79.83 15.70 33.46
CA LEU N 328 80.60 16.73 34.25
C LEU N 328 80.33 16.49 35.74
N GLU N 329 78.99 16.19 36.08
CA GLU N 329 78.52 15.77 37.36
C GLU N 329 79.06 14.49 37.96
N LYS N 330 79.06 13.36 37.22
CA LYS N 330 79.62 12.10 37.54
C LYS N 330 81.09 12.19 37.81
N LEU N 331 81.78 13.20 37.24
CA LEU N 331 83.26 13.23 37.27
C LEU N 331 83.71 13.99 38.48
N ALA N 332 82.84 14.89 39.00
CA ALA N 332 83.07 15.49 40.25
C ALA N 332 83.15 14.57 41.42
N ARG N 333 82.10 13.87 41.86
CA ARG N 333 82.31 13.08 43.07
C ARG N 333 83.06 11.77 42.79
N ALA N 334 83.54 11.59 41.51
CA ALA N 334 84.51 10.57 41.13
C ALA N 334 85.94 11.01 41.43
N THR N 335 86.28 12.29 41.13
CA THR N 335 87.75 12.62 41.25
C THR N 335 87.97 13.56 42.39
N GLY N 336 86.91 13.92 43.17
CA GLY N 336 87.08 14.76 44.33
C GLY N 336 86.81 16.21 44.08
N GLY N 337 86.52 16.60 42.86
CA GLY N 337 86.36 17.87 42.27
C GLY N 337 85.07 18.61 42.57
N ARG N 338 84.98 19.86 41.98
CA ARG N 338 83.77 20.61 42.11
C ARG N 338 83.45 21.27 40.79
N VAL N 339 82.23 21.22 40.27
CA VAL N 339 81.84 21.87 39.07
C VAL N 339 81.83 23.43 39.24
N VAL N 340 82.69 24.21 38.40
CA VAL N 340 82.81 25.62 38.72
C VAL N 340 82.13 26.52 37.62
N SER N 341 80.95 27.10 37.94
CA SER N 341 80.06 27.87 37.11
C SER N 341 80.53 29.32 37.06
N ASN N 342 81.10 29.83 38.21
CA ASN N 342 81.66 31.13 38.18
C ASN N 342 83.10 31.07 38.01
N ILE N 343 83.57 31.48 36.75
CA ILE N 343 84.92 31.43 36.30
C ILE N 343 85.85 32.16 37.29
N ASP N 344 85.39 33.20 38.04
CA ASP N 344 86.14 33.91 39.05
C ASP N 344 86.29 33.15 40.35
N GLU N 345 85.95 31.85 40.45
CA GLU N 345 85.90 31.05 41.66
C GLU N 345 86.64 29.79 41.62
N ILE N 346 87.21 29.51 40.45
CA ILE N 346 88.06 28.35 40.16
C ILE N 346 89.33 28.44 40.98
N SER N 347 89.61 27.38 41.70
CA SER N 347 90.71 27.26 42.62
C SER N 347 91.38 25.85 42.58
N GLU N 348 92.55 25.72 43.24
CA GLU N 348 93.42 24.53 43.22
C GLU N 348 92.80 23.46 44.08
N GLN N 349 91.91 23.78 45.07
CA GLN N 349 91.21 22.90 45.89
C GLN N 349 89.92 22.41 45.31
N ASP N 350 89.52 23.00 44.17
CA ASP N 350 88.40 22.56 43.38
C ASP N 350 88.66 21.50 42.36
N LEU N 351 89.94 21.27 42.01
CA LEU N 351 90.28 20.29 41.00
C LEU N 351 90.08 18.79 41.33
N GLY N 352 89.83 17.96 40.29
CA GLY N 352 89.58 16.56 40.51
C GLY N 352 90.82 15.77 40.20
N TYR N 353 91.35 14.99 41.20
CA TYR N 353 92.66 14.40 41.07
C TYR N 353 92.51 13.01 40.68
N ALA N 354 93.16 12.63 39.52
CA ALA N 354 93.18 11.29 38.99
C ALA N 354 94.56 10.89 38.46
N SER N 355 94.98 9.62 38.47
CA SER N 355 96.35 9.34 37.94
C SER N 355 96.74 9.63 36.52
N LEU N 356 95.80 9.33 35.60
CA LEU N 356 96.05 9.50 34.18
C LEU N 356 94.72 9.69 33.38
N ILE N 357 94.62 10.71 32.52
CA ILE N 357 93.47 10.98 31.72
C ILE N 357 93.94 10.70 30.32
N GLU N 358 93.12 10.16 29.44
CA GLU N 358 93.49 9.85 28.10
C GLU N 358 92.32 9.92 27.20
N GLU N 359 92.56 9.77 25.86
CA GLU N 359 91.49 9.71 24.91
C GLU N 359 91.59 8.26 24.21
N ARG N 360 90.39 7.54 24.15
CA ARG N 360 90.43 6.17 23.62
C ARG N 360 89.45 6.02 22.41
N LYS N 361 89.89 5.33 21.36
CA LYS N 361 89.07 5.17 20.17
C LYS N 361 88.08 4.08 20.28
N VAL N 362 86.79 4.33 20.17
CA VAL N 362 85.76 3.27 20.37
C VAL N 362 85.01 3.39 19.11
N GLY N 363 85.59 2.85 17.98
CA GLY N 363 85.04 2.88 16.59
C GLY N 363 85.06 4.30 16.02
N GLU N 364 83.85 4.92 15.72
CA GLU N 364 83.90 6.26 15.12
C GLU N 364 83.73 7.40 16.14
N ASP N 365 83.85 7.10 17.43
CA ASP N 365 83.73 8.04 18.52
C ASP N 365 85.03 7.86 19.32
N LYS N 366 85.63 8.99 19.75
CA LYS N 366 86.80 9.03 20.53
C LYS N 366 86.17 9.74 21.76
N MET N 367 86.38 9.07 22.94
CA MET N 367 85.89 9.43 24.24
C MET N 367 86.96 9.69 25.24
N VAL N 368 86.76 10.50 26.31
CA VAL N 368 87.73 10.79 27.34
C VAL N 368 87.54 9.87 28.46
N PHE N 369 88.60 9.31 28.93
CA PHE N 369 88.60 8.40 30.05
C PHE N 369 89.51 9.06 31.14
N VAL N 370 89.19 8.86 32.39
CA VAL N 370 89.84 9.44 33.56
C VAL N 370 90.09 8.44 34.66
N GLU N 371 90.90 7.43 34.29
CA GLU N 371 91.19 6.31 35.10
C GLU N 371 92.06 6.65 36.34
N GLY N 372 92.02 5.86 37.42
CA GLY N 372 92.89 5.98 38.59
C GLY N 372 92.34 7.07 39.47
N ALA N 373 90.99 7.14 39.60
CA ALA N 373 90.20 8.17 40.17
C ALA N 373 90.06 8.06 41.72
N LYS N 374 89.70 9.15 42.38
CA LYS N 374 89.55 9.19 43.87
C LYS N 374 88.50 8.24 44.36
N ASN N 375 87.31 8.26 43.71
CA ASN N 375 86.26 7.43 44.18
C ASN N 375 86.23 6.10 43.34
N PRO N 376 86.49 4.93 43.86
CA PRO N 376 86.52 3.72 43.03
C PRO N 376 85.15 3.04 42.87
N LYS N 377 84.08 3.51 43.51
CA LYS N 377 82.82 2.89 43.29
C LYS N 377 82.11 3.48 42.14
N SER N 378 82.54 4.64 41.63
CA SER N 378 81.99 5.32 40.51
C SER N 378 82.75 4.83 39.29
N ILE N 379 82.14 3.72 38.65
CA ILE N 379 82.70 2.98 37.54
C ILE N 379 81.65 2.82 36.37
N SER N 380 82.00 2.36 35.19
CA SER N 380 81.06 2.28 34.02
C SER N 380 81.19 0.95 33.34
N ILE N 381 80.12 0.70 32.50
CA ILE N 381 79.99 -0.50 31.70
C ILE N 381 79.91 0.12 30.31
N LEU N 382 80.62 -0.53 29.32
CA LEU N 382 80.61 -0.03 27.94
C LEU N 382 79.92 -1.10 27.05
N ILE N 383 78.70 -0.72 26.51
CA ILE N 383 77.99 -1.64 25.60
C ILE N 383 78.39 -1.35 24.24
N ARG N 384 78.61 -2.45 23.47
CA ARG N 384 79.09 -2.46 22.09
C ARG N 384 78.35 -3.55 21.39
N GLY N 385 78.28 -3.53 20.05
CA GLY N 385 77.57 -4.49 19.24
C GLY N 385 76.19 -4.14 19.07
N GLY N 386 75.47 -4.85 18.20
CA GLY N 386 74.04 -4.61 17.89
C GLY N 386 73.74 -3.37 17.07
N LEU N 387 72.49 -3.38 16.61
CA LEU N 387 71.87 -2.39 15.81
C LEU N 387 71.40 -1.21 16.61
N GLU N 388 70.97 -0.19 15.86
CA GLU N 388 70.56 1.12 16.46
C GLU N 388 69.45 1.09 17.53
N ARG N 389 68.55 0.07 17.50
CA ARG N 389 67.41 -0.14 18.44
C ARG N 389 67.77 -1.31 19.36
N LEU N 390 68.50 -2.32 18.89
CA LEU N 390 69.06 -3.47 19.71
C LEU N 390 69.97 -3.03 20.88
N VAL N 391 70.83 -2.00 20.68
CA VAL N 391 71.67 -1.49 21.75
C VAL N 391 70.86 -0.95 22.93
N ASP N 392 69.76 -0.21 22.69
CA ASP N 392 68.79 0.19 23.67
C ASP N 392 68.11 -0.93 24.44
N GLU N 393 67.65 -1.95 23.76
CA GLU N 393 67.06 -3.03 24.52
C GLU N 393 68.11 -3.89 25.17
N THR N 394 69.41 -3.74 24.79
CA THR N 394 70.55 -4.28 25.57
C THR N 394 70.78 -3.43 26.82
N GLU N 395 70.51 -2.12 26.72
CA GLU N 395 70.66 -1.18 27.90
C GLU N 395 69.63 -1.34 28.96
N ARG N 396 68.35 -1.63 28.52
CA ARG N 396 67.21 -1.93 29.35
C ARG N 396 67.37 -3.21 30.07
N ALA N 397 67.63 -4.27 29.31
CA ALA N 397 67.93 -5.60 29.86
C ALA N 397 69.02 -5.60 30.89
N LEU N 398 70.05 -4.84 30.61
CA LEU N 398 71.18 -4.69 31.56
C LEU N 398 70.88 -3.96 32.91
N ARG N 399 70.00 -2.95 32.80
CA ARG N 399 69.46 -2.23 33.91
C ARG N 399 68.74 -3.15 34.79
N ASP N 400 67.81 -3.95 34.27
CA ASP N 400 67.07 -5.00 35.07
C ASP N 400 68.04 -5.99 35.66
N ALA N 401 69.00 -6.45 34.89
CA ALA N 401 69.99 -7.42 35.40
C ALA N 401 70.84 -6.93 36.63
N LEU N 402 71.30 -5.68 36.59
CA LEU N 402 72.05 -4.95 37.62
C LEU N 402 71.20 -4.83 38.85
N GLY N 403 69.95 -4.25 38.70
CA GLY N 403 68.88 -4.12 39.74
C GLY N 403 68.72 -5.39 40.49
N THR N 404 68.40 -6.41 39.76
CA THR N 404 68.08 -7.75 40.24
C THR N 404 69.19 -8.38 41.05
N VAL N 405 70.46 -8.43 40.56
CA VAL N 405 71.62 -8.84 41.34
C VAL N 405 71.76 -7.93 42.59
N ALA N 406 71.55 -6.60 42.47
CA ALA N 406 71.50 -5.71 43.64
C ALA N 406 70.37 -5.93 44.68
N ASP N 407 69.13 -6.30 44.32
CA ASP N 407 68.04 -6.65 45.22
C ASP N 407 68.28 -7.93 46.01
N VAL N 408 68.97 -8.92 45.44
CA VAL N 408 69.40 -10.02 46.23
C VAL N 408 70.39 -9.62 47.32
N ILE N 409 71.31 -8.71 47.04
CA ILE N 409 72.38 -8.27 47.93
C ILE N 409 71.77 -7.47 48.95
N LYS N 410 70.91 -6.59 48.57
CA LYS N 410 70.25 -5.74 49.52
C LYS N 410 69.48 -6.54 50.53
N ASP N 411 68.96 -7.72 50.18
CA ASP N 411 68.12 -8.56 51.07
C ASP N 411 68.90 -9.70 51.75
N GLY N 412 69.17 -10.72 51.00
CA GLY N 412 69.94 -11.81 51.45
C GLY N 412 69.22 -13.09 51.22
N ARG N 413 67.96 -13.02 50.70
CA ARG N 413 67.26 -14.31 50.54
C ARG N 413 67.03 -14.60 49.08
N ALA N 414 67.26 -15.91 48.69
CA ALA N 414 67.17 -16.34 47.31
C ALA N 414 66.59 -17.71 47.23
N ILE N 415 65.64 -17.86 46.27
CA ILE N 415 64.94 -19.14 46.08
C ILE N 415 65.14 -19.75 44.68
N ALA N 416 64.75 -21.05 44.46
CA ALA N 416 64.80 -21.79 43.19
C ALA N 416 63.61 -21.36 42.40
N GLY N 417 63.89 -20.86 41.15
CA GLY N 417 62.83 -20.48 40.18
C GLY N 417 62.14 -21.72 39.57
N GLY N 418 61.26 -21.55 38.54
CA GLY N 418 60.69 -22.78 37.85
C GLY N 418 59.47 -23.44 38.46
N GLY N 419 58.81 -22.75 39.34
CA GLY N 419 57.66 -23.22 40.16
C GLY N 419 57.81 -24.09 41.36
N ALA N 420 59.09 -24.33 41.79
CA ALA N 420 59.41 -25.08 43.00
C ALA N 420 58.73 -24.63 44.33
N VAL N 421 58.99 -23.32 44.67
CA VAL N 421 58.45 -22.66 45.88
C VAL N 421 56.92 -22.43 45.83
N GLU N 422 56.40 -22.27 44.60
CA GLU N 422 55.01 -22.16 44.14
C GLU N 422 54.26 -23.40 44.45
N ILE N 423 54.55 -24.56 43.90
CA ILE N 423 53.90 -25.80 44.31
C ILE N 423 53.95 -25.99 45.91
N GLU N 424 55.02 -25.57 46.62
CA GLU N 424 54.98 -25.54 48.06
C GLU N 424 53.99 -24.63 48.69
N ILE N 425 53.87 -23.34 48.46
CA ILE N 425 52.93 -22.38 48.97
C ILE N 425 51.44 -22.91 48.78
N ALA N 426 51.22 -23.71 47.70
CA ALA N 426 49.93 -24.38 47.52
C ALA N 426 49.89 -25.53 48.46
N LYS N 427 50.69 -26.62 48.28
CA LYS N 427 50.74 -27.79 49.19
C LYS N 427 50.57 -27.42 50.67
N LYS N 428 51.30 -26.46 51.26
CA LYS N 428 51.16 -26.11 52.63
C LYS N 428 49.78 -25.67 53.02
N LEU N 429 49.11 -24.94 52.11
CA LEU N 429 47.72 -24.51 52.20
C LEU N 429 46.82 -25.69 52.03
N ARG N 430 47.12 -26.59 51.15
CA ARG N 430 46.33 -27.81 50.98
C ARG N 430 46.16 -28.70 52.24
N LYS N 431 47.30 -28.95 52.91
CA LYS N 431 47.41 -29.63 54.19
C LYS N 431 46.80 -28.86 55.35
N TYR N 432 46.85 -27.49 55.20
CA TYR N 432 46.25 -26.64 56.17
C TYR N 432 44.73 -26.75 56.17
N ALA N 433 44.12 -26.52 54.98
CA ALA N 433 42.69 -26.40 54.64
C ALA N 433 41.69 -27.16 55.57
N PRO N 434 41.61 -28.51 55.72
CA PRO N 434 40.77 -29.29 56.66
C PRO N 434 40.55 -28.68 58.05
N GLN N 435 41.67 -28.14 58.62
CA GLN N 435 41.95 -27.73 59.92
C GLN N 435 41.53 -26.35 60.11
N VAL N 436 41.38 -25.46 59.01
CA VAL N 436 41.09 -24.07 59.14
C VAL N 436 39.65 -23.94 59.54
N GLY N 437 38.74 -24.68 58.99
CA GLY N 437 37.30 -24.60 59.29
C GLY N 437 36.38 -25.12 58.24
N GLY N 438 35.14 -24.74 58.39
CA GLY N 438 33.98 -25.07 57.60
C GLY N 438 34.00 -24.56 56.19
N LYS N 439 33.43 -23.37 55.93
CA LYS N 439 33.38 -22.77 54.56
C LYS N 439 34.74 -22.41 54.18
N GLU N 440 35.55 -21.77 55.06
CA GLU N 440 36.93 -21.31 54.91
C GLU N 440 37.90 -22.33 54.25
N GLN N 441 37.68 -23.64 54.45
CA GLN N 441 38.44 -24.69 53.72
C GLN N 441 38.35 -24.53 52.19
N LEU N 442 37.09 -24.39 51.70
CA LEU N 442 36.94 -24.22 50.27
C LEU N 442 37.70 -23.02 49.72
N ALA N 443 37.70 -21.92 50.44
CA ALA N 443 38.39 -20.69 50.14
C ALA N 443 39.87 -20.85 50.10
N VAL N 444 40.40 -21.51 51.13
CA VAL N 444 41.81 -21.87 51.32
C VAL N 444 42.24 -22.81 50.19
N GLU N 445 41.51 -23.88 49.84
CA GLU N 445 41.67 -24.74 48.64
C GLU N 445 41.66 -23.95 47.35
N ALA N 446 40.77 -22.95 47.23
CA ALA N 446 40.71 -22.12 46.01
C ALA N 446 41.96 -21.33 45.84
N TYR N 447 42.35 -20.54 46.88
CA TYR N 447 43.67 -19.84 46.90
C TYR N 447 44.89 -20.74 46.50
N ALA N 448 44.97 -22.05 46.87
CA ALA N 448 46.03 -22.93 46.48
C ALA N 448 45.95 -23.24 45.04
N ASN N 449 44.71 -23.64 44.53
CA ASN N 449 44.47 -23.99 43.21
C ASN N 449 44.86 -22.82 42.29
N ALA N 450 44.50 -21.58 42.70
CA ALA N 450 44.86 -20.29 42.04
C ALA N 450 46.43 -20.11 41.91
N LEU N 451 47.27 -20.56 42.92
CA LEU N 451 48.73 -20.56 43.03
C LEU N 451 49.39 -21.57 42.00
N GLU N 452 48.77 -22.73 41.83
CA GLU N 452 49.17 -23.73 40.85
C GLU N 452 48.81 -23.26 39.49
N SER N 453 47.69 -22.49 39.35
CA SER N 453 47.25 -21.88 38.11
C SER N 453 48.29 -21.03 37.30
N LEU N 454 49.07 -20.21 38.01
CA LEU N 454 50.20 -19.44 37.48
C LEU N 454 51.24 -20.22 36.70
N VAL N 455 51.72 -21.29 37.32
CA VAL N 455 52.75 -22.21 36.85
C VAL N 455 52.12 -23.12 35.76
N SER N 456 50.76 -23.34 35.84
CA SER N 456 50.06 -24.10 34.76
C SER N 456 50.12 -23.26 33.58
N ILE N 457 49.74 -21.98 33.60
CA ILE N 457 49.79 -20.99 32.50
C ILE N 457 51.22 -21.01 31.90
N LEU N 458 52.32 -21.01 32.76
CA LEU N 458 53.72 -20.99 32.34
C LEU N 458 54.03 -22.20 31.54
N ILE N 459 53.65 -23.40 32.10
CA ILE N 459 53.73 -24.66 31.36
C ILE N 459 52.97 -24.73 30.12
N GLU N 460 51.66 -24.39 30.15
CA GLU N 460 50.70 -24.29 29.05
C GLU N 460 51.28 -23.63 27.77
N ASN N 461 51.77 -22.44 27.95
CA ASN N 461 52.44 -21.67 26.85
C ASN N 461 53.68 -22.32 26.23
N ALA N 462 54.31 -23.42 26.84
CA ALA N 462 55.42 -24.08 26.30
C ALA N 462 55.21 -25.16 25.22
N GLY N 463 54.02 -25.72 25.26
CA GLY N 463 53.57 -26.85 24.47
C GLY N 463 53.30 -28.04 25.25
N PHE N 464 53.49 -27.93 26.57
CA PHE N 464 53.27 -28.97 27.55
C PHE N 464 51.82 -29.08 28.05
N ASP N 465 51.34 -30.37 28.16
CA ASP N 465 50.07 -30.44 28.71
C ASP N 465 50.02 -30.17 30.25
N PRO N 466 49.29 -29.09 30.64
CA PRO N 466 49.30 -28.57 31.96
C PRO N 466 49.03 -29.49 33.17
N ILE N 467 47.89 -30.22 33.17
CA ILE N 467 47.46 -31.09 34.32
C ILE N 467 48.43 -32.23 34.56
N ASP N 468 48.79 -32.96 33.43
CA ASP N 468 49.82 -33.95 33.42
C ASP N 468 51.20 -33.51 34.03
N LEU N 469 51.82 -32.40 33.51
CA LEU N 469 53.12 -31.89 33.95
C LEU N 469 53.05 -31.42 35.40
N LEU N 470 51.98 -30.80 35.79
CA LEU N 470 51.78 -30.46 37.18
C LEU N 470 51.72 -31.67 38.13
N MET N 471 50.92 -32.68 37.83
CA MET N 471 50.78 -33.88 38.62
C MET N 471 52.09 -34.70 38.72
N LYS N 472 52.81 -34.93 37.59
CA LYS N 472 54.10 -35.67 37.56
C LYS N 472 55.17 -35.04 38.40
N LEU N 473 55.08 -33.70 38.59
CA LEU N 473 55.96 -32.84 39.33
C LEU N 473 55.58 -32.87 40.77
N ARG N 474 54.25 -32.64 41.14
CA ARG N 474 53.76 -32.61 42.48
C ARG N 474 53.93 -34.00 43.26
N SER N 475 54.24 -35.06 42.44
CA SER N 475 54.67 -36.36 42.93
C SER N 475 56.25 -36.44 43.13
N THR N 476 57.02 -35.94 42.14
CA THR N 476 58.51 -35.79 42.30
C THR N 476 58.97 -34.64 43.20
N HIS N 477 58.08 -33.94 43.81
CA HIS N 477 58.34 -32.89 44.81
C HIS N 477 57.36 -32.98 45.89
N GLU N 478 57.02 -34.19 46.37
CA GLU N 478 56.10 -34.30 47.48
C GLU N 478 56.66 -33.84 48.92
N ASN N 479 57.81 -34.45 49.26
CA ASN N 479 58.50 -34.24 50.52
C ASN N 479 59.62 -33.17 50.45
N GLU N 480 60.27 -32.87 51.56
CA GLU N 480 61.29 -31.84 51.62
C GLU N 480 62.64 -32.28 50.93
N ASN N 481 62.70 -33.51 50.40
CA ASN N 481 63.94 -34.09 49.82
C ASN N 481 64.37 -33.31 48.54
N ASN N 482 63.37 -33.01 47.65
CA ASN N 482 63.64 -32.41 46.35
C ASN N 482 63.05 -30.99 46.46
N LYS N 483 63.31 -30.23 47.54
CA LYS N 483 62.83 -28.85 47.73
C LYS N 483 62.88 -27.77 46.70
N TRP N 484 63.79 -27.97 45.73
CA TRP N 484 64.08 -27.18 44.68
C TRP N 484 63.64 -27.80 43.41
N TYR N 485 62.81 -28.83 43.33
CA TYR N 485 62.37 -29.34 42.04
C TYR N 485 61.31 -28.54 41.35
N GLY N 486 61.46 -28.31 40.00
CA GLY N 486 60.53 -27.52 39.21
C GLY N 486 60.37 -28.13 37.78
N ILE N 487 59.86 -27.34 36.81
CA ILE N 487 59.78 -27.75 35.46
C ILE N 487 60.60 -26.88 34.53
N ASP N 488 61.71 -27.52 34.03
CA ASP N 488 62.56 -26.99 32.97
C ASP N 488 61.67 -26.65 31.71
N LEU N 489 61.53 -25.41 31.30
CA LEU N 489 60.63 -25.07 30.23
C LEU N 489 61.20 -25.39 28.85
N TYR N 490 62.52 -25.82 28.81
CA TYR N 490 63.07 -26.20 27.52
C TYR N 490 63.51 -27.72 27.50
N ALA N 491 63.15 -28.47 28.59
CA ALA N 491 63.48 -29.88 28.62
C ALA N 491 62.16 -30.63 28.86
N GLY N 492 61.22 -30.05 29.64
CA GLY N 492 59.89 -30.67 29.89
C GLY N 492 59.91 -31.90 30.66
N GLN N 493 60.31 -31.79 31.93
CA GLN N 493 60.49 -32.90 32.90
C GLN N 493 60.87 -32.42 34.32
N PRO N 494 60.45 -33.00 35.43
CA PRO N 494 60.83 -32.45 36.79
C PRO N 494 62.29 -32.48 37.00
N VAL N 495 62.97 -31.39 37.37
CA VAL N 495 64.39 -31.37 37.73
C VAL N 495 64.65 -30.44 38.77
N ASP N 496 65.84 -30.41 39.38
CA ASP N 496 66.30 -29.47 40.39
C ASP N 496 66.74 -28.16 39.72
N MET N 497 65.93 -27.11 39.99
CA MET N 497 66.18 -25.82 39.40
C MET N 497 67.44 -25.10 39.85
N TRP N 498 67.77 -25.06 41.12
CA TRP N 498 68.98 -24.46 41.69
C TRP N 498 70.31 -24.93 40.99
N GLN N 499 70.41 -26.26 40.99
CA GLN N 499 71.42 -26.92 40.22
C GLN N 499 71.21 -26.97 38.62
N LYS N 500 70.57 -25.93 38.11
CA LYS N 500 70.32 -25.79 36.71
C LYS N 500 70.30 -24.24 36.55
N GLY N 501 70.77 -23.56 37.55
CA GLY N 501 71.02 -22.15 37.46
C GLY N 501 69.92 -21.18 37.51
N VAL N 502 68.69 -21.69 37.79
CA VAL N 502 67.46 -20.91 37.78
C VAL N 502 67.15 -20.53 39.24
N ILE N 503 67.71 -19.42 39.70
CA ILE N 503 67.51 -18.93 41.07
C ILE N 503 66.91 -17.54 41.00
N GLU N 504 66.16 -17.07 42.08
CA GLU N 504 65.35 -15.76 42.13
C GLU N 504 65.29 -14.97 43.45
N PRO N 505 65.16 -13.68 43.44
CA PRO N 505 64.94 -12.81 44.66
C PRO N 505 63.75 -13.18 45.53
N ALA N 506 64.02 -13.63 46.74
CA ALA N 506 62.92 -14.16 47.59
C ALA N 506 61.94 -13.12 48.14
N LEU N 507 62.26 -11.85 48.02
CA LEU N 507 61.46 -10.79 48.49
C LEU N 507 60.47 -10.36 47.36
N VAL N 508 60.88 -10.35 46.10
CA VAL N 508 60.06 -10.05 45.00
C VAL N 508 58.91 -10.98 44.82
N LYS N 509 59.21 -12.31 44.92
CA LYS N 509 58.18 -13.33 44.83
C LYS N 509 57.37 -13.55 46.13
N MET N 510 57.52 -12.61 47.06
CA MET N 510 56.71 -12.48 48.21
C MET N 510 55.89 -11.23 47.99
N ASN N 511 56.43 -10.11 47.48
CA ASN N 511 55.73 -8.90 47.42
C ASN N 511 54.62 -8.98 46.37
N ALA N 512 54.79 -9.81 45.33
CA ALA N 512 53.81 -10.04 44.30
C ALA N 512 52.46 -10.56 44.90
N ILE N 513 52.59 -11.63 45.64
CA ILE N 513 51.50 -12.29 46.47
C ILE N 513 50.83 -11.17 47.44
N LYS N 514 51.69 -10.32 48.10
CA LYS N 514 51.29 -9.28 49.06
C LYS N 514 50.43 -8.22 48.34
N ALA N 515 50.84 -7.83 47.10
CA ALA N 515 50.08 -7.03 46.13
C ALA N 515 48.80 -7.63 45.73
N ALA N 516 48.90 -8.82 45.02
CA ALA N 516 47.80 -9.57 44.47
C ALA N 516 46.63 -9.77 45.46
N THR N 517 46.80 -10.25 46.75
CA THR N 517 45.71 -10.58 47.69
C THR N 517 44.90 -9.34 48.16
N GLU N 518 45.60 -8.18 48.25
CA GLU N 518 45.05 -6.75 48.42
C GLU N 518 44.13 -6.46 47.22
N ALA N 519 44.67 -6.50 46.00
CA ALA N 519 43.96 -6.15 44.74
C ALA N 519 42.70 -7.06 44.61
N ALA N 520 42.96 -8.44 44.64
CA ALA N 520 41.89 -9.47 44.71
C ALA N 520 40.79 -9.24 45.69
N THR N 521 41.02 -9.08 46.97
CA THR N 521 39.96 -8.89 47.91
C THR N 521 39.24 -7.60 47.80
N LEU N 522 39.92 -6.59 47.24
CA LEU N 522 39.34 -5.27 47.00
C LEU N 522 38.29 -5.27 45.93
N VAL N 523 38.53 -6.12 44.86
CA VAL N 523 37.54 -6.31 43.90
C VAL N 523 36.32 -7.03 44.46
N LEU N 524 36.41 -8.07 45.32
CA LEU N 524 35.32 -8.73 45.87
C LEU N 524 34.52 -7.94 46.88
N ARG N 525 35.14 -6.97 47.58
CA ARG N 525 34.47 -6.21 48.51
C ARG N 525 33.38 -5.20 47.88
N ILE N 526 33.60 -4.72 46.62
CA ILE N 526 32.67 -3.72 46.06
C ILE N 526 31.21 -4.25 45.80
N ASP N 527 30.16 -3.68 46.37
CA ASP N 527 28.75 -4.09 46.33
C ASP N 527 27.95 -3.54 45.21
N ASP N 528 28.08 -2.16 45.11
CA ASP N 528 27.56 -1.43 43.95
C ASP N 528 28.62 -0.55 43.44
N VAL N 529 28.49 -0.11 42.19
CA VAL N 529 29.36 0.93 41.65
C VAL N 529 28.53 2.14 41.31
N VAL N 530 28.83 3.28 41.97
CA VAL N 530 28.06 4.52 42.01
C VAL N 530 28.88 5.50 41.26
N SER N 531 28.27 6.47 40.54
CA SER N 531 29.02 7.35 39.66
C SER N 531 28.45 8.79 39.66
N ALA N 532 29.34 9.79 39.47
CA ALA N 532 28.93 11.18 39.47
C ALA N 532 28.73 11.56 38.01
N GLY O 28 -6.04 9.72 50.10
CA GLY O 28 -5.68 8.41 50.85
C GLY O 28 -4.39 7.78 50.41
N LYS O 29 -4.39 6.43 50.12
CA LYS O 29 -3.23 5.59 49.77
C LYS O 29 -2.26 6.25 48.77
N GLU O 30 -2.83 6.99 47.77
CA GLU O 30 -2.23 7.61 46.61
C GLU O 30 -0.77 8.06 46.67
N ALA O 31 -0.48 9.25 47.26
CA ALA O 31 0.80 9.83 47.17
C ALA O 31 1.56 9.24 48.32
N VAL O 32 0.87 9.00 49.47
CA VAL O 32 1.54 8.31 50.64
C VAL O 32 2.41 7.08 50.34
N ARG O 33 2.01 6.25 49.33
CA ARG O 33 2.87 5.22 48.93
C ARG O 33 4.16 5.60 48.29
N ALA O 34 4.12 6.56 47.33
CA ALA O 34 5.25 7.05 46.63
C ALA O 34 6.28 7.48 47.78
N ASN O 35 5.91 8.33 48.77
CA ASN O 35 6.69 8.75 49.92
C ASN O 35 7.38 7.63 50.70
N ILE O 36 6.65 6.62 51.17
CA ILE O 36 7.10 5.41 51.76
C ILE O 36 8.08 4.73 50.95
N ALA O 37 7.73 4.43 49.68
CA ALA O 37 8.61 3.96 48.60
C ALA O 37 9.93 4.73 48.53
N ALA O 38 9.95 6.06 48.40
CA ALA O 38 11.21 6.84 48.49
C ALA O 38 12.09 6.63 49.68
N VAL O 39 11.36 6.62 50.85
CA VAL O 39 12.06 6.25 52.13
C VAL O 39 12.71 4.89 52.03
N LYS O 40 12.02 3.78 51.67
CA LYS O 40 12.45 2.42 51.41
C LYS O 40 13.64 2.30 50.46
N ALA O 41 13.72 3.09 49.38
CA ALA O 41 14.84 3.23 48.51
C ALA O 41 16.09 3.65 49.16
N VAL O 42 16.04 4.79 49.96
CA VAL O 42 17.16 5.36 50.71
C VAL O 42 17.70 4.28 51.64
N GLU O 43 16.79 3.51 52.25
CA GLU O 43 17.25 2.36 53.11
C GLU O 43 18.06 1.38 52.33
N GLU O 44 17.52 1.02 51.15
CA GLU O 44 18.27 0.17 50.20
C GLU O 44 19.63 0.75 49.75
N ALA O 45 20.03 1.98 50.14
CA ALA O 45 21.32 2.53 49.75
C ALA O 45 22.34 2.28 50.84
N LEU O 46 21.91 1.97 52.09
CA LEU O 46 22.84 1.78 53.20
C LEU O 46 22.87 0.31 53.71
N LYS O 47 21.68 -0.43 53.62
CA LYS O 47 21.40 -1.84 54.10
C LYS O 47 22.68 -2.67 54.15
N SER O 48 23.42 -2.84 53.05
CA SER O 48 24.50 -3.77 53.00
C SER O 48 25.74 -3.34 53.72
N THR O 49 25.79 -2.17 54.53
CA THR O 49 27.07 -1.79 55.08
C THR O 49 27.20 -1.69 56.57
N TYR O 50 26.10 -1.97 57.29
CA TYR O 50 25.95 -2.04 58.76
C TYR O 50 26.87 -3.08 59.43
N GLY O 51 27.69 -2.58 60.42
CA GLY O 51 28.72 -3.25 61.21
C GLY O 51 29.95 -3.63 60.36
N PRO O 52 30.90 -4.27 61.04
CA PRO O 52 32.22 -4.55 60.51
C PRO O 52 32.28 -5.69 59.49
N ARG O 53 31.18 -6.43 59.37
CA ARG O 53 31.15 -7.41 58.25
C ARG O 53 30.43 -6.80 57.09
N GLY O 54 30.10 -5.49 57.18
CA GLY O 54 29.51 -4.68 56.10
C GLY O 54 30.34 -4.67 54.90
N MET O 55 29.66 -4.52 53.72
CA MET O 55 30.31 -4.48 52.40
C MET O 55 30.67 -3.05 52.09
N ASP O 56 31.48 -2.87 50.96
CA ASP O 56 31.95 -1.54 50.52
C ASP O 56 31.32 -1.10 49.22
N LYS O 57 30.92 0.23 49.13
CA LYS O 57 30.24 0.85 48.00
C LYS O 57 31.38 1.66 47.32
N MET O 58 31.34 1.62 45.96
CA MET O 58 32.31 2.29 45.15
C MET O 58 31.57 3.45 44.62
N LEU O 59 32.25 4.68 44.65
CA LEU O 59 31.76 5.95 44.16
C LEU O 59 32.87 6.42 43.29
N VAL O 60 32.55 6.61 41.98
CA VAL O 60 33.48 7.00 40.97
C VAL O 60 33.07 8.41 40.65
N ASP O 61 33.94 9.40 41.05
CA ASP O 61 33.92 10.83 40.74
C ASP O 61 34.10 11.13 39.24
N SER O 62 33.44 12.20 38.73
CA SER O 62 33.37 12.57 37.31
C SER O 62 34.72 12.84 36.56
N LEU O 63 35.80 13.13 37.33
CA LEU O 63 37.05 13.36 36.72
C LEU O 63 37.90 12.12 36.77
N GLY O 64 37.18 10.97 36.97
CA GLY O 64 37.77 9.63 36.96
C GLY O 64 38.24 9.10 38.24
N ASP O 65 38.43 9.97 39.21
CA ASP O 65 38.88 9.70 40.53
C ASP O 65 37.94 8.73 41.29
N ILE O 66 38.48 7.71 42.01
CA ILE O 66 37.77 6.68 42.62
C ILE O 66 37.70 6.82 44.15
N THR O 67 36.58 6.47 44.76
CA THR O 67 36.34 6.53 46.17
C THR O 67 35.57 5.30 46.66
N ILE O 68 36.11 4.48 47.51
CA ILE O 68 35.47 3.35 48.07
C ILE O 68 35.12 3.77 49.44
N THR O 69 33.87 3.53 49.77
CA THR O 69 33.35 3.86 51.10
C THR O 69 32.14 3.07 51.56
N ASN O 70 31.78 3.36 52.79
CA ASN O 70 30.67 2.69 53.53
C ASN O 70 30.10 3.68 54.53
N ASP O 71 30.42 5.00 54.26
CA ASP O 71 30.02 6.06 55.18
C ASP O 71 28.57 6.39 54.85
N GLY O 72 27.68 6.27 55.79
CA GLY O 72 26.26 6.58 55.66
C GLY O 72 25.96 7.98 55.04
N ALA O 73 26.52 9.03 55.72
CA ALA O 73 26.46 10.45 55.23
C ALA O 73 26.77 10.66 53.76
N THR O 74 27.95 10.36 53.25
CA THR O 74 28.41 10.55 51.92
C THR O 74 27.51 9.93 50.86
N ILE O 75 27.03 8.75 51.18
CA ILE O 75 26.19 7.96 50.27
C ILE O 75 24.85 8.61 50.07
N LEU O 76 24.47 9.49 51.06
CA LEU O 76 23.14 10.21 51.12
C LEU O 76 23.31 11.70 50.67
N ASP O 77 24.48 12.27 51.10
CA ASP O 77 24.83 13.57 50.73
C ASP O 77 25.10 13.69 49.25
N LYS O 78 25.90 12.78 48.68
CA LYS O 78 26.22 12.80 47.22
C LYS O 78 25.08 12.32 46.33
N MET O 79 23.93 11.78 46.92
CA MET O 79 22.79 11.28 46.15
C MET O 79 21.83 12.36 45.66
N ASP O 80 21.55 12.35 44.33
CA ASP O 80 20.63 13.36 43.73
C ASP O 80 19.14 12.94 43.96
N LEU O 81 18.60 13.14 45.08
CA LEU O 81 17.22 12.99 45.41
C LEU O 81 16.28 14.05 44.71
N GLN O 82 15.11 13.53 44.30
CA GLN O 82 14.07 14.41 43.72
C GLN O 82 12.76 14.27 44.50
N HIS O 83 12.76 13.46 45.54
CA HIS O 83 11.48 13.13 46.24
C HIS O 83 11.48 13.87 47.57
N PRO O 84 10.58 14.76 47.84
CA PRO O 84 10.53 15.60 49.05
C PRO O 84 10.61 14.79 50.34
N ALA O 85 9.80 13.67 50.41
CA ALA O 85 9.86 12.71 51.53
C ALA O 85 11.24 12.28 51.91
N ALA O 86 11.94 11.72 50.95
CA ALA O 86 13.32 11.36 51.09
C ALA O 86 14.23 12.52 51.55
N LYS O 87 14.24 13.72 50.93
CA LYS O 87 14.93 14.87 51.47
C LYS O 87 14.53 15.29 52.93
N LEU O 88 13.31 15.15 53.41
CA LEU O 88 12.93 15.44 54.78
C LEU O 88 13.46 14.44 55.81
N LEU O 89 13.41 13.15 55.37
CA LEU O 89 13.91 12.00 56.06
C LEU O 89 15.47 12.04 56.18
N VAL O 90 16.27 12.15 55.16
CA VAL O 90 17.73 12.30 55.31
C VAL O 90 18.27 13.56 56.05
N GLN O 91 17.63 14.74 56.01
CA GLN O 91 18.07 15.92 56.83
C GLN O 91 18.00 15.64 58.35
N ILE O 92 16.88 14.94 58.76
CA ILE O 92 16.74 14.49 60.11
C ILE O 92 17.65 13.32 60.41
N ALA O 93 17.77 12.36 59.50
CA ALA O 93 18.61 11.17 59.64
C ALA O 93 20.02 11.24 59.68
N LYS O 94 20.62 11.78 58.60
CA LYS O 94 22.03 12.05 58.41
C LYS O 94 22.72 12.99 59.40
N GLY O 95 22.23 14.23 59.51
CA GLY O 95 22.94 15.28 60.29
C GLY O 95 22.63 15.47 61.77
N GLN O 96 23.57 15.86 62.54
CA GLN O 96 23.42 16.28 63.97
C GLN O 96 24.23 17.48 64.33
N ASP O 97 23.74 18.19 65.38
CA ASP O 97 24.36 19.39 65.86
C ASP O 97 25.07 18.99 67.09
N GLU O 98 26.13 18.17 66.91
CA GLU O 98 26.91 17.52 67.88
C GLU O 98 28.31 17.20 67.25
N GLU O 99 29.31 16.90 68.05
CA GLU O 99 30.65 16.73 67.51
C GLU O 99 30.75 15.37 66.81
N THR O 100 30.25 14.25 67.42
CA THR O 100 30.25 12.91 66.85
C THR O 100 29.46 12.75 65.52
N ALA O 101 30.01 12.03 64.56
CA ALA O 101 29.46 11.72 63.28
C ALA O 101 28.77 10.36 63.19
N ASP O 102 28.83 9.61 64.38
CA ASP O 102 28.35 8.25 64.60
C ASP O 102 26.78 8.08 64.77
N GLY O 103 26.32 6.76 64.67
CA GLY O 103 24.93 6.21 64.80
C GLY O 103 24.11 6.39 63.52
N THR O 104 24.70 6.97 62.50
CA THR O 104 24.08 7.51 61.25
C THR O 104 23.49 6.49 60.31
N LYS O 105 24.19 5.33 60.12
CA LYS O 105 23.61 4.22 59.42
C LYS O 105 22.40 3.58 60.10
N THR O 106 22.42 3.58 61.47
CA THR O 106 21.37 3.16 62.34
C THR O 106 20.18 4.10 62.14
N ALA O 107 20.36 5.43 62.37
CA ALA O 107 19.39 6.46 62.16
C ALA O 107 18.50 6.28 60.90
N VAL O 108 19.14 6.05 59.72
CA VAL O 108 18.46 5.75 58.42
C VAL O 108 17.80 4.38 58.27
N ILE O 109 18.55 3.32 58.51
CA ILE O 109 18.06 1.93 58.56
C ILE O 109 16.86 1.80 59.44
N PHE O 110 17.00 2.20 60.70
CA PHE O 110 15.91 2.19 61.66
C PHE O 110 14.69 3.06 61.20
N SER O 111 14.97 4.25 60.55
CA SER O 111 13.88 5.11 59.97
C SER O 111 13.12 4.36 58.96
N GLY O 112 13.79 3.82 57.89
CA GLY O 112 13.20 3.12 56.81
C GLY O 112 12.49 1.78 57.17
N GLU O 113 12.98 1.00 58.20
CA GLU O 113 12.28 -0.19 58.69
C GLU O 113 11.02 0.14 59.43
N LEU O 114 11.05 1.22 60.29
CA LEU O 114 9.84 1.62 61.04
C LEU O 114 8.64 2.02 60.14
N VAL O 115 8.99 2.74 59.07
CA VAL O 115 8.13 3.19 57.92
C VAL O 115 7.61 1.96 57.17
N LYS O 116 8.51 1.02 56.84
CA LYS O 116 8.29 -0.26 56.22
C LYS O 116 7.22 -1.14 56.95
N LYS O 117 7.59 -1.48 58.20
CA LYS O 117 6.65 -2.17 59.10
C LYS O 117 5.33 -1.49 59.38
N ALA O 118 5.23 -0.16 59.17
CA ALA O 118 4.04 0.61 59.34
C ALA O 118 3.03 0.48 58.19
N GLU O 119 3.64 0.31 56.96
CA GLU O 119 2.94 0.17 55.67
C GLU O 119 1.91 -1.01 55.67
N ASP O 120 2.31 -2.16 56.28
CA ASP O 120 1.54 -3.35 56.41
C ASP O 120 0.32 -3.15 57.31
N LEU O 121 0.32 -2.21 58.27
CA LEU O 121 -0.77 -1.80 59.14
C LEU O 121 -1.73 -0.98 58.30
N LEU O 122 -1.32 -0.07 57.43
CA LEU O 122 -2.21 0.65 56.58
C LEU O 122 -2.90 -0.26 55.57
N TYR O 123 -2.16 -1.33 55.11
CA TYR O 123 -2.68 -2.38 54.18
C TYR O 123 -3.85 -3.05 54.82
N LYS O 124 -3.75 -3.28 56.13
CA LYS O 124 -4.76 -3.84 56.96
C LYS O 124 -5.80 -2.85 57.44
N ASP O 125 -5.81 -1.62 57.06
CA ASP O 125 -6.71 -0.49 57.25
C ASP O 125 -6.74 0.21 58.58
N VAL O 126 -5.60 0.28 59.31
CA VAL O 126 -5.48 1.12 60.52
C VAL O 126 -5.14 2.61 60.27
N HIS O 127 -5.85 3.47 60.97
CA HIS O 127 -5.65 4.90 60.67
C HIS O 127 -4.26 5.38 60.92
N PRO O 128 -3.62 6.12 60.06
CA PRO O 128 -2.21 6.58 60.32
C PRO O 128 -2.08 7.38 61.65
N THR O 129 -3.16 7.94 62.07
CA THR O 129 -3.20 8.72 63.26
C THR O 129 -2.84 7.97 64.57
N ILE O 130 -3.24 6.66 64.57
CA ILE O 130 -3.09 5.70 65.61
C ILE O 130 -1.65 5.27 65.71
N ILE O 131 -1.05 4.88 64.58
CA ILE O 131 0.30 4.43 64.49
C ILE O 131 1.39 5.40 64.90
N ILE O 132 1.05 6.69 64.76
CA ILE O 132 1.84 7.80 65.30
C ILE O 132 1.76 7.85 66.82
N SER O 133 0.53 7.86 67.38
CA SER O 133 0.40 7.66 68.89
C SER O 133 1.05 6.39 69.46
N GLY O 134 0.83 5.22 68.79
CA GLY O 134 1.47 3.90 69.08
C GLY O 134 3.03 4.06 69.08
N TYR O 135 3.60 4.54 68.02
CA TYR O 135 5.05 4.75 67.98
C TYR O 135 5.49 5.77 69.06
N LYS O 136 4.73 6.87 69.28
CA LYS O 136 4.99 7.71 70.41
C LYS O 136 5.03 7.04 71.84
N LYS O 137 3.95 6.31 72.24
CA LYS O 137 4.11 5.48 73.47
C LYS O 137 5.23 4.50 73.59
N ALA O 138 5.61 3.89 72.39
CA ALA O 138 6.77 3.01 72.34
C ALA O 138 8.07 3.74 72.51
N GLU O 139 8.21 4.94 71.89
CA GLU O 139 9.32 5.88 71.96
C GLU O 139 9.53 6.25 73.43
N GLU O 140 8.47 6.64 74.22
CA GLU O 140 8.53 6.88 75.68
C GLU O 140 9.34 5.88 76.48
N VAL O 141 8.76 4.65 76.53
CA VAL O 141 9.29 3.51 77.17
C VAL O 141 10.67 3.20 76.67
N ALA O 142 10.94 3.08 75.35
CA ALA O 142 12.22 2.75 74.74
C ALA O 142 13.34 3.53 75.17
N LEU O 143 13.07 4.81 75.35
CA LEU O 143 14.01 5.77 75.82
C LEU O 143 14.34 5.56 77.33
N GLN O 144 13.31 5.59 78.24
CA GLN O 144 13.49 5.32 79.70
C GLN O 144 14.13 3.98 80.06
N THR O 145 13.97 2.94 79.19
CA THR O 145 14.62 1.63 79.16
C THR O 145 16.14 1.69 78.92
N ILE O 146 16.70 2.81 78.41
CA ILE O 146 18.14 2.91 78.27
C ILE O 146 18.70 3.49 79.54
N GLN O 147 17.90 4.50 80.00
CA GLN O 147 18.20 5.20 81.22
C GLN O 147 18.26 4.27 82.48
N GLU O 148 17.17 3.49 82.91
CA GLU O 148 17.20 2.56 84.01
C GLU O 148 18.02 1.26 83.70
N LEU O 149 19.18 1.40 83.14
CA LEU O 149 20.00 0.30 82.71
C LEU O 149 21.49 0.79 82.34
N ALA O 150 21.88 2.02 81.90
CA ALA O 150 23.28 2.37 81.73
C ALA O 150 24.12 2.28 82.93
N GLN O 151 25.42 2.08 82.69
CA GLN O 151 26.37 1.97 83.77
C GLN O 151 27.25 3.23 83.84
N THR O 152 27.53 3.68 85.03
CA THR O 152 28.27 4.79 85.38
C THR O 152 29.71 4.70 85.06
N VAL O 153 30.14 5.54 84.11
CA VAL O 153 31.52 5.59 83.75
C VAL O 153 32.06 7.02 83.87
N SER O 154 33.17 7.13 84.61
CA SER O 154 33.81 8.31 84.99
C SER O 154 35.29 8.05 84.77
N ILE O 155 36.10 9.05 85.08
CA ILE O 155 37.47 9.20 84.73
C ILE O 155 38.43 8.06 85.12
N ASN O 156 38.32 7.52 86.33
CA ASN O 156 39.16 6.46 86.79
C ASN O 156 38.79 5.13 86.18
N ASP O 157 37.65 5.03 85.48
CA ASP O 157 37.25 3.78 84.78
C ASP O 157 37.96 3.61 83.44
N THR O 158 39.31 3.78 83.63
CA THR O 158 40.36 3.79 82.59
C THR O 158 40.64 2.52 82.02
N ASP O 159 40.42 1.46 82.79
CA ASP O 159 40.49 0.15 82.25
C ASP O 159 39.32 -0.28 81.39
N LEU O 160 38.22 0.53 81.46
CA LEU O 160 37.02 0.53 80.59
C LEU O 160 37.12 1.37 79.34
N LEU O 161 37.56 2.65 79.49
CA LEU O 161 37.67 3.53 78.32
C LEU O 161 38.62 2.97 77.24
N ARG O 162 39.62 2.21 77.59
CA ARG O 162 40.45 1.50 76.61
C ARG O 162 39.62 0.58 75.64
N LYS O 163 38.48 -0.08 76.10
CA LYS O 163 37.66 -0.98 75.36
C LYS O 163 36.74 -0.17 74.51
N ILE O 164 35.86 0.72 75.10
CA ILE O 164 34.96 1.62 74.38
C ILE O 164 35.62 2.33 73.15
N ALA O 165 36.90 2.66 73.23
CA ALA O 165 37.69 3.30 72.26
C ALA O 165 37.96 2.31 71.09
N MET O 166 38.36 1.03 71.40
CA MET O 166 38.63 -0.03 70.37
C MET O 166 37.28 -0.24 69.56
N THR O 167 36.11 -0.21 70.26
CA THR O 167 34.75 -0.26 69.69
C THR O 167 34.45 0.85 68.67
N SER O 168 35.31 1.84 68.64
CA SER O 168 35.18 2.96 67.70
C SER O 168 36.19 2.72 66.58
N LEU O 169 37.43 2.39 66.92
CA LEU O 169 38.51 2.17 65.97
C LEU O 169 38.39 0.86 65.21
N SER O 170 37.84 -0.27 65.69
CA SER O 170 37.79 -1.61 65.03
C SER O 170 37.14 -1.82 63.67
N SER O 171 36.25 -0.88 63.16
CA SER O 171 35.60 -1.09 61.88
C SER O 171 36.42 -0.10 60.97
N LYS O 172 37.44 0.66 61.36
CA LYS O 172 38.10 1.58 60.52
C LYS O 172 39.21 0.80 59.78
N ALA O 173 40.05 1.47 58.90
CA ALA O 173 41.04 0.71 58.17
C ALA O 173 42.31 0.35 58.95
N VAL O 174 42.45 0.73 60.22
CA VAL O 174 43.77 0.66 60.91
C VAL O 174 44.22 -0.86 61.02
N ALA O 175 45.30 -1.28 60.33
CA ALA O 175 45.86 -2.69 60.34
C ALA O 175 46.69 -2.94 61.60
N GLY O 176 47.55 -1.97 61.95
CA GLY O 176 48.31 -1.99 63.13
C GLY O 176 47.59 -2.18 64.51
N ALA O 177 48.36 -2.55 65.52
CA ALA O 177 47.87 -2.77 66.92
C ALA O 177 47.03 -1.57 67.47
N ARG O 178 45.71 -1.79 67.83
CA ARG O 178 44.78 -0.78 68.35
C ARG O 178 45.05 -0.38 69.76
N GLU O 179 45.66 -1.26 70.47
CA GLU O 179 46.09 -1.05 71.88
C GLU O 179 46.99 0.17 72.12
N TYR O 180 47.96 0.45 71.12
CA TYR O 180 48.82 1.63 71.10
C TYR O 180 48.07 2.93 71.13
N ILE O 181 47.11 3.04 70.18
CA ILE O 181 46.24 4.11 69.89
C ILE O 181 45.20 4.26 71.01
N ALA O 182 44.59 3.13 71.54
CA ALA O 182 43.70 3.14 72.66
C ALA O 182 44.36 3.74 73.89
N ASP O 183 45.60 3.28 74.26
CA ASP O 183 46.29 3.80 75.36
C ASP O 183 46.57 5.34 75.39
N ILE O 184 47.07 5.95 74.27
CA ILE O 184 47.20 7.33 74.01
C ILE O 184 45.91 8.13 74.16
N VAL O 185 44.79 7.73 73.47
CA VAL O 185 43.44 8.34 73.46
C VAL O 185 42.92 8.57 74.85
N VAL O 186 43.11 7.58 75.68
CA VAL O 186 42.77 7.62 77.15
C VAL O 186 43.57 8.66 77.89
N LYS O 187 44.89 8.59 77.82
CA LYS O 187 45.68 9.66 78.41
C LYS O 187 45.42 11.09 77.91
N ALA O 188 45.21 11.25 76.63
CA ALA O 188 44.87 12.55 76.04
C ALA O 188 43.61 13.21 76.56
N VAL O 189 42.55 12.38 76.90
CA VAL O 189 41.29 12.85 77.38
C VAL O 189 41.42 13.20 78.86
N THR O 190 41.90 12.22 79.69
CA THR O 190 42.29 12.44 81.07
C THR O 190 43.32 13.54 81.41
N GLN O 191 44.21 13.87 80.48
CA GLN O 191 45.16 14.97 80.59
C GLN O 191 44.38 16.34 80.60
N VAL O 192 43.39 16.42 79.68
CA VAL O 192 42.63 17.67 79.39
C VAL O 192 41.41 17.78 80.29
N ALA O 193 40.81 16.71 80.84
CA ALA O 193 39.65 16.75 81.73
C ALA O 193 39.69 17.68 82.91
N GLU O 194 38.63 18.51 83.15
CA GLU O 194 38.70 19.47 84.22
C GLU O 194 37.29 19.53 84.74
N LEU O 195 37.10 19.54 86.10
CA LEU O 195 35.72 19.70 86.62
C LEU O 195 35.04 21.03 86.29
N ARG O 196 33.88 20.95 85.63
CA ARG O 196 33.01 22.11 85.21
C ARG O 196 31.75 22.02 85.84
N GLY O 197 31.61 22.75 86.95
CA GLY O 197 30.45 22.66 87.83
C GLY O 197 30.36 21.43 88.60
N ASP O 198 31.52 20.90 89.05
CA ASP O 198 31.64 19.69 89.74
C ASP O 198 31.22 18.47 88.97
N LYS O 199 31.48 18.44 87.65
CA LYS O 199 31.36 17.25 86.79
C LYS O 199 32.34 17.42 85.68
N TRP O 200 33.01 16.35 85.24
CA TRP O 200 34.09 16.49 84.27
C TRP O 200 33.71 17.05 82.83
N TYR O 201 34.54 17.91 82.25
CA TYR O 201 34.41 18.45 80.92
C TYR O 201 35.78 18.37 80.26
N VAL O 202 35.86 18.17 78.96
CA VAL O 202 37.02 18.14 78.14
C VAL O 202 36.92 18.96 76.92
N ASP O 203 37.90 19.85 76.57
CA ASP O 203 37.83 20.50 75.26
C ASP O 203 38.94 19.93 74.25
N LEU O 204 38.55 19.34 73.12
CA LEU O 204 39.44 18.80 72.08
C LEU O 204 40.48 19.72 71.57
N ASP O 205 40.25 21.03 71.57
CA ASP O 205 41.17 22.04 71.11
C ASP O 205 42.55 22.05 71.89
N ASN O 206 42.69 21.49 73.14
CA ASN O 206 44.07 21.40 73.72
C ASN O 206 44.94 20.23 73.20
N ILE O 207 44.62 19.62 72.09
CA ILE O 207 45.32 18.50 71.58
C ILE O 207 45.53 18.68 70.07
N GLN O 208 46.81 18.67 69.74
CA GLN O 208 47.29 18.76 68.38
C GLN O 208 47.52 17.32 67.91
N ILE O 209 47.28 17.11 66.60
CA ILE O 209 47.44 15.83 65.95
C ILE O 209 48.22 16.04 64.70
N VAL O 210 49.49 15.48 64.67
CA VAL O 210 50.51 15.65 63.63
C VAL O 210 50.64 14.25 63.14
N LYS O 211 50.78 14.14 61.81
CA LYS O 211 50.92 12.78 61.22
C LYS O 211 52.00 12.63 60.14
N LYS O 212 52.78 11.56 60.09
CA LYS O 212 53.82 11.40 59.05
C LYS O 212 53.68 9.98 58.49
N ALA O 213 53.45 9.78 57.17
CA ALA O 213 53.44 8.43 56.55
C ALA O 213 54.77 7.63 56.65
N GLY O 214 54.80 6.30 56.52
CA GLY O 214 56.05 5.56 56.53
C GLY O 214 56.42 5.22 57.95
N GLY O 215 57.33 4.24 58.15
CA GLY O 215 57.76 3.94 59.47
C GLY O 215 56.83 2.82 59.99
N SER O 216 56.08 3.00 61.07
CA SER O 216 55.12 2.05 61.54
C SER O 216 54.21 2.68 62.53
N ILE O 217 53.16 1.96 63.03
CA ILE O 217 52.26 2.51 64.06
C ILE O 217 52.99 2.41 65.42
N ASN O 218 54.11 1.56 65.59
CA ASN O 218 54.79 1.50 66.85
C ASN O 218 55.50 2.74 67.21
N ASP O 219 55.73 3.58 66.25
CA ASP O 219 56.33 4.93 66.33
C ASP O 219 55.21 5.95 66.60
N THR O 220 54.04 5.47 67.00
CA THR O 220 53.06 6.47 67.41
C THR O 220 53.16 6.90 68.89
N GLN O 221 53.09 8.14 69.26
CA GLN O 221 53.29 8.62 70.63
C GLN O 221 52.55 9.96 71.07
N LEU O 222 52.46 10.21 72.36
CA LEU O 222 51.94 11.43 72.92
C LEU O 222 53.19 12.19 73.40
N VAL O 223 53.19 13.51 73.05
CA VAL O 223 54.23 14.45 73.46
C VAL O 223 53.54 15.34 74.45
N TYR O 224 54.26 15.59 75.64
CA TYR O 224 53.74 16.50 76.55
C TYR O 224 54.20 17.94 76.24
N GLY O 225 53.80 18.48 75.06
CA GLY O 225 54.17 19.78 74.53
C GLY O 225 53.48 20.08 73.21
N ILE O 226 54.03 21.14 72.55
CA ILE O 226 53.61 21.54 71.22
C ILE O 226 54.76 21.39 70.31
N VAL O 227 54.47 21.05 68.99
CA VAL O 227 55.47 20.71 67.98
C VAL O 227 55.27 21.52 66.73
N VAL O 228 56.29 22.37 66.53
CA VAL O 228 56.23 23.21 65.36
C VAL O 228 57.00 22.56 64.22
N ASP O 229 56.37 22.15 63.11
CA ASP O 229 56.99 21.38 62.11
C ASP O 229 57.94 22.02 61.16
N LYS O 230 58.49 23.13 61.57
CA LYS O 230 59.53 23.86 60.85
C LYS O 230 60.78 23.76 61.76
N GLU O 231 61.97 23.48 61.18
CA GLU O 231 63.17 23.33 61.89
C GLU O 231 63.80 24.67 62.15
N VAL O 232 65.06 24.72 62.73
CA VAL O 232 65.75 25.95 63.03
C VAL O 232 66.43 26.58 61.89
N VAL O 233 66.71 27.88 62.05
CA VAL O 233 67.34 28.76 61.03
C VAL O 233 68.76 28.40 60.67
N HIS O 234 69.59 28.16 61.67
CA HIS O 234 70.95 27.65 61.44
C HIS O 234 71.25 26.58 62.52
N PRO O 235 72.13 25.61 62.33
CA PRO O 235 72.38 24.58 63.42
C PRO O 235 73.32 25.14 64.44
N GLY O 236 73.88 26.33 64.28
CA GLY O 236 74.70 27.01 65.22
C GLY O 236 73.91 27.37 66.49
N MET O 237 72.62 27.47 66.31
CA MET O 237 71.60 27.77 67.41
C MET O 237 71.51 26.68 68.35
N PRO O 238 71.15 26.87 69.61
CA PRO O 238 71.27 25.75 70.53
C PRO O 238 70.39 24.56 70.13
N LYS O 239 70.92 23.32 70.13
CA LYS O 239 70.14 22.05 69.95
C LYS O 239 68.99 21.83 70.97
N ARG O 240 69.24 22.25 72.27
CA ARG O 240 68.29 22.32 73.39
C ARG O 240 68.67 23.62 74.17
N LEU O 241 67.62 24.44 74.44
CA LEU O 241 67.77 25.68 75.16
C LEU O 241 67.06 25.49 76.53
N GLU O 242 67.69 25.93 77.65
CA GLU O 242 67.07 25.90 78.93
C GLU O 242 66.22 27.18 79.25
N ASN O 243 64.94 27.01 79.76
CA ASN O 243 64.05 28.00 80.12
C ASN O 243 63.83 29.13 79.05
N ALA O 244 63.53 28.66 77.83
CA ALA O 244 63.36 29.61 76.75
C ALA O 244 62.13 30.49 76.72
N LYS O 245 62.38 31.85 76.89
CA LYS O 245 61.39 32.88 76.79
C LYS O 245 60.97 33.15 75.33
N ILE O 246 60.01 32.29 74.82
CA ILE O 246 59.52 32.29 73.42
C ILE O 246 59.01 33.65 72.88
N ALA O 247 59.29 34.01 71.58
CA ALA O 247 58.69 35.25 70.95
C ALA O 247 57.83 34.95 69.66
N LEU O 248 56.54 34.84 69.76
CA LEU O 248 55.55 34.59 68.66
C LEU O 248 55.25 35.73 67.73
N ILE O 249 56.02 35.94 66.66
CA ILE O 249 55.94 37.17 65.81
C ILE O 249 55.21 36.90 64.54
N ASP O 250 53.93 37.34 64.41
CA ASP O 250 53.08 37.19 63.25
C ASP O 250 53.62 38.07 62.08
N ALA O 251 54.17 39.28 62.31
CA ALA O 251 54.76 40.21 61.45
C ALA O 251 56.02 39.72 60.65
N SER O 252 56.24 40.18 59.40
CA SER O 252 57.40 39.82 58.59
C SER O 252 58.79 40.33 59.14
N LEU O 253 59.74 39.35 59.16
CA LEU O 253 61.11 39.47 59.43
C LEU O 253 61.94 39.41 58.18
N GLU O 254 61.27 39.81 57.03
CA GLU O 254 61.90 39.89 55.74
C GLU O 254 61.30 41.09 54.94
N VAL O 255 62.06 41.50 53.91
CA VAL O 255 61.64 42.56 52.97
C VAL O 255 60.45 42.07 52.14
N GLU O 256 59.50 42.89 51.76
CA GLU O 256 58.31 42.61 50.83
C GLU O 256 58.40 42.87 49.37
N LYS O 257 59.46 43.61 49.02
CA LYS O 257 59.88 44.04 47.67
C LYS O 257 59.22 45.39 47.40
N PRO O 258 59.84 46.49 47.03
CA PRO O 258 59.16 47.71 46.69
C PRO O 258 58.57 47.65 45.31
N GLU O 259 58.91 46.66 44.52
CA GLU O 259 58.44 46.38 43.22
C GLU O 259 57.27 45.39 43.22
N LEU O 260 56.71 45.03 44.40
CA LEU O 260 55.54 44.08 44.40
C LEU O 260 54.25 44.43 43.72
N ASP O 261 53.75 45.68 43.92
CA ASP O 261 52.67 46.32 43.25
C ASP O 261 52.97 46.58 41.73
N ALA O 262 53.98 47.36 41.41
CA ALA O 262 54.38 47.67 40.04
C ALA O 262 55.87 48.02 40.06
N GLU O 263 56.45 48.08 38.90
CA GLU O 263 57.86 48.27 38.58
C GLU O 263 58.46 49.55 39.16
N ILE O 264 59.72 49.52 39.76
CA ILE O 264 60.38 50.63 40.30
C ILE O 264 60.54 51.84 39.32
N ARG O 265 60.58 53.00 39.88
CA ARG O 265 60.67 54.34 39.24
C ARG O 265 62.01 54.99 39.60
N ILE O 266 62.78 54.30 40.45
CA ILE O 266 64.19 54.61 40.72
C ILE O 266 65.00 54.39 39.45
N ASN O 267 65.73 55.41 38.92
CA ASN O 267 66.57 55.18 37.71
C ASN O 267 68.04 55.12 37.93
N ASP O 268 68.43 55.56 39.13
CA ASP O 268 69.68 55.72 39.75
C ASP O 268 70.21 54.60 40.65
N PRO O 269 71.35 53.94 40.40
CA PRO O 269 71.87 52.97 41.32
C PRO O 269 72.42 53.55 42.59
N THR O 270 72.75 54.84 42.68
CA THR O 270 73.07 55.42 43.97
C THR O 270 71.87 55.44 44.91
N GLN O 271 70.66 55.78 44.46
CA GLN O 271 69.41 55.85 45.16
C GLN O 271 68.91 54.45 45.50
N MET O 272 69.13 53.52 44.57
CA MET O 272 68.75 52.09 44.72
C MET O 272 69.42 51.57 46.02
N GLN O 273 70.77 51.58 46.10
CA GLN O 273 71.63 51.24 47.22
C GLN O 273 71.17 51.76 48.51
N LYS O 274 71.19 53.14 48.74
CA LYS O 274 70.75 53.74 49.99
C LYS O 274 69.42 53.45 50.53
N PHE O 275 68.51 52.94 49.66
CA PHE O 275 67.11 52.61 49.94
C PHE O 275 67.10 51.17 50.47
N LEU O 276 67.66 50.26 49.67
CA LEU O 276 67.62 48.83 50.07
C LEU O 276 68.58 48.58 51.28
N ASP O 277 69.55 49.46 51.58
CA ASP O 277 70.41 49.46 52.78
C ASP O 277 69.56 49.86 54.03
N GLU O 278 68.81 50.91 53.92
CA GLU O 278 67.94 51.39 54.90
C GLU O 278 66.81 50.42 55.15
N GLU O 279 66.39 49.64 54.12
CA GLU O 279 65.51 48.48 54.26
C GLU O 279 66.16 47.23 55.00
N GLU O 280 67.47 47.06 54.87
CA GLU O 280 68.26 46.05 55.49
C GLU O 280 68.52 46.32 56.98
N ASN O 281 68.69 47.65 57.27
CA ASN O 281 68.77 48.17 58.59
C ASN O 281 67.44 48.24 59.34
N LEU O 282 66.34 48.14 58.58
CA LEU O 282 64.99 48.05 59.04
C LEU O 282 64.71 46.64 59.62
N ILE O 283 65.33 45.62 59.02
CA ILE O 283 65.10 44.25 59.59
C ILE O 283 65.94 44.04 60.81
N LYS O 284 67.17 44.49 60.90
CA LYS O 284 67.88 44.42 62.20
C LYS O 284 67.13 45.30 63.24
N GLU O 285 66.38 46.36 62.77
CA GLU O 285 65.51 47.16 63.72
C GLU O 285 64.38 46.27 64.28
N LYS O 286 63.61 45.62 63.38
CA LYS O 286 62.59 44.67 63.75
C LYS O 286 63.09 43.61 64.71
N VAL O 287 64.30 43.01 64.42
CA VAL O 287 64.97 42.06 65.27
C VAL O 287 65.33 42.65 66.58
N ASP O 288 65.91 43.86 66.58
CA ASP O 288 66.32 44.51 67.80
C ASP O 288 65.09 44.96 68.74
N LYS O 289 63.97 45.31 68.13
CA LYS O 289 62.74 45.72 68.75
C LYS O 289 62.04 44.56 69.49
N ILE O 290 62.31 43.26 69.06
CA ILE O 290 61.92 42.05 69.73
C ILE O 290 62.99 41.60 70.70
N LEU O 291 64.35 41.60 70.36
CA LEU O 291 65.42 41.29 71.30
C LEU O 291 65.56 42.32 72.40
N ALA O 292 64.89 43.51 72.34
CA ALA O 292 64.70 44.45 73.43
C ALA O 292 63.92 43.91 74.61
N THR O 293 63.19 42.78 74.41
CA THR O 293 62.42 42.09 75.41
C THR O 293 63.17 40.97 75.96
N GLY O 294 64.22 40.48 75.21
CA GLY O 294 65.23 39.43 75.63
C GLY O 294 64.79 38.03 75.46
N ALA O 295 63.91 37.80 74.45
CA ALA O 295 63.63 36.43 74.11
C ALA O 295 64.73 35.50 73.61
N ASN O 296 64.70 34.24 74.14
CA ASN O 296 65.55 33.11 73.74
C ASN O 296 65.24 32.42 72.44
N VAL O 297 63.96 32.56 72.05
CA VAL O 297 63.53 31.90 70.92
C VAL O 297 62.64 32.95 70.23
N ILE O 298 62.60 32.91 68.82
CA ILE O 298 61.77 33.77 67.98
C ILE O 298 61.19 32.94 66.81
N ILE O 299 59.79 32.89 66.75
CA ILE O 299 59.19 32.00 65.78
C ILE O 299 58.30 32.97 64.99
N CYS O 300 58.19 32.80 63.62
CA CYS O 300 57.32 33.64 62.78
C CYS O 300 56.60 32.78 61.81
N GLN O 301 55.63 33.34 61.03
CA GLN O 301 54.77 32.68 60.05
C GLN O 301 55.07 33.14 58.61
N LYS O 302 56.12 34.00 58.44
CA LYS O 302 56.70 34.66 57.26
C LYS O 302 58.16 34.55 57.38
N GLY O 303 58.96 34.97 56.35
CA GLY O 303 60.38 34.83 56.37
C GLY O 303 61.19 35.52 57.42
N ILE O 304 62.39 35.12 57.56
CA ILE O 304 63.39 35.74 58.40
C ILE O 304 64.65 36.04 57.47
N ASP O 305 64.86 37.29 57.09
CA ASP O 305 65.95 37.76 56.24
C ASP O 305 67.30 37.10 56.45
N GLU O 306 68.16 37.13 55.43
CA GLU O 306 69.56 36.56 55.46
C GLU O 306 70.55 37.30 56.27
N VAL O 307 70.29 38.63 56.48
CA VAL O 307 70.97 39.49 57.44
C VAL O 307 70.34 39.24 58.78
N ALA O 308 68.98 39.06 58.78
CA ALA O 308 68.34 38.78 60.09
C ALA O 308 68.54 37.45 60.74
N GLN O 309 68.98 36.31 59.95
CA GLN O 309 69.34 35.01 60.38
C GLN O 309 70.72 35.00 61.04
N SER O 310 71.70 35.71 60.35
CA SER O 310 73.06 35.99 60.87
C SER O 310 73.09 36.81 62.10
N TYR O 311 72.06 37.73 62.25
CA TYR O 311 71.92 38.61 63.35
C TYR O 311 71.39 37.84 64.54
N LEU O 312 70.35 36.97 64.33
CA LEU O 312 69.87 36.15 65.40
C LEU O 312 70.89 35.15 65.82
N ALA O 313 71.78 34.62 64.92
CA ALA O 313 72.82 33.69 65.26
C ALA O 313 73.93 34.26 66.14
N LYS O 314 74.33 35.57 65.82
CA LYS O 314 75.37 36.31 66.64
C LYS O 314 74.93 36.78 68.06
N LYS O 315 73.60 36.93 68.27
CA LYS O 315 72.90 37.13 69.55
C LYS O 315 72.62 35.91 70.37
N GLY O 316 72.61 34.71 69.75
CA GLY O 316 72.54 33.39 70.39
C GLY O 316 71.10 32.88 70.55
N VAL O 317 70.19 33.44 69.75
CA VAL O 317 68.76 33.19 69.80
C VAL O 317 68.52 31.95 68.94
N LEU O 318 67.40 31.24 69.22
CA LEU O 318 66.98 30.12 68.44
C LEU O 318 65.78 30.56 67.61
N ALA O 319 66.00 30.57 66.25
CA ALA O 319 64.90 31.07 65.43
C ALA O 319 64.36 30.00 64.53
N VAL O 320 63.06 30.12 64.26
CA VAL O 320 62.35 29.33 63.30
C VAL O 320 61.69 30.22 62.27
N ARG O 321 61.80 29.80 61.00
CA ARG O 321 61.40 30.56 59.83
C ARG O 321 60.20 29.90 59.23
N ARG O 322 59.25 30.74 58.80
CA ARG O 322 58.05 30.42 58.00
C ARG O 322 57.22 29.22 58.53
N ALA O 323 56.73 29.32 59.82
CA ALA O 323 55.87 28.25 60.42
C ALA O 323 54.39 28.57 60.31
N LYS O 324 53.46 27.55 60.54
CA LYS O 324 52.05 27.68 60.27
C LYS O 324 51.44 28.62 61.26
N LYS O 325 50.59 29.53 60.75
CA LYS O 325 49.88 30.47 61.58
C LYS O 325 49.08 29.81 62.73
N SER O 326 48.68 28.55 62.39
CA SER O 326 48.10 27.45 63.08
C SER O 326 48.89 27.07 64.34
N ASP O 327 50.23 27.15 64.37
CA ASP O 327 51.09 26.62 65.42
C ASP O 327 51.59 27.68 66.35
N LEU O 328 51.63 28.95 65.82
CA LEU O 328 51.97 30.10 66.68
C LEU O 328 50.83 30.18 67.65
N GLU O 329 49.63 29.99 67.11
CA GLU O 329 48.39 30.03 67.91
C GLU O 329 48.46 28.94 69.00
N LYS O 330 48.77 27.64 68.55
CA LYS O 330 48.89 26.50 69.41
C LYS O 330 49.95 26.63 70.52
N LEU O 331 51.00 27.46 70.30
CA LEU O 331 52.05 27.76 71.30
C LEU O 331 51.82 28.95 72.26
N ALA O 332 50.98 29.95 71.82
CA ALA O 332 50.46 31.11 72.54
C ALA O 332 49.65 30.62 73.72
N ARG O 333 48.45 29.98 73.58
CA ARG O 333 47.68 29.59 74.74
C ARG O 333 48.22 28.31 75.51
N ALA O 334 49.40 27.75 75.09
CA ALA O 334 50.14 26.69 75.75
C ALA O 334 51.16 27.14 76.68
N THR O 335 52.05 28.03 76.20
CA THR O 335 53.24 28.54 76.97
C THR O 335 52.92 29.84 77.73
N GLY O 336 51.72 30.46 77.49
CA GLY O 336 51.32 31.63 78.22
C GLY O 336 51.64 32.89 77.40
N GLY O 337 52.09 32.68 76.08
CA GLY O 337 52.41 33.76 75.21
C GLY O 337 51.35 34.36 74.29
N ARG O 338 51.58 35.44 73.57
CA ARG O 338 50.69 36.06 72.67
C ARG O 338 51.34 36.25 71.30
N VAL O 339 50.62 36.01 70.23
CA VAL O 339 51.12 36.21 68.85
C VAL O 339 51.02 37.72 68.48
N VAL O 340 52.16 38.29 68.19
CA VAL O 340 52.29 39.71 67.95
C VAL O 340 52.57 40.15 66.51
N SER O 341 51.76 41.10 66.00
CA SER O 341 51.78 41.46 64.60
C SER O 341 52.48 42.80 64.43
N ASN O 342 53.15 43.41 65.50
CA ASN O 342 53.66 44.71 65.44
C ASN O 342 54.83 44.84 66.40
N ILE O 343 56.11 44.90 65.90
CA ILE O 343 57.26 44.99 66.81
C ILE O 343 57.23 46.10 67.84
N ASP O 344 56.59 47.23 67.52
CA ASP O 344 56.54 48.37 68.44
C ASP O 344 55.44 48.13 69.58
N GLU O 345 55.04 46.89 69.62
CA GLU O 345 54.05 46.37 70.55
C GLU O 345 54.38 45.19 71.33
N ILE O 346 55.57 44.55 71.07
CA ILE O 346 55.90 43.36 71.87
C ILE O 346 56.50 43.84 73.25
N SER O 347 56.09 43.17 74.34
CA SER O 347 56.56 43.45 75.71
C SER O 347 56.83 42.10 76.43
N GLU O 348 57.19 42.19 77.71
CA GLU O 348 57.62 41.04 78.50
C GLU O 348 56.40 40.28 78.89
N GLN O 349 55.27 41.00 78.89
CA GLN O 349 53.98 40.40 78.99
C GLN O 349 53.62 39.46 77.84
N ASP O 350 53.96 39.79 76.56
CA ASP O 350 53.64 38.97 75.38
C ASP O 350 54.50 37.69 75.26
N LEU O 351 55.81 37.58 75.74
CA LEU O 351 56.51 36.31 75.60
C LEU O 351 55.94 35.06 76.21
N GLY O 352 56.37 33.91 75.68
CA GLY O 352 55.96 32.66 76.22
C GLY O 352 56.94 32.00 77.21
N TYR O 353 56.48 31.11 78.12
CA TYR O 353 57.42 30.30 78.94
C TYR O 353 57.32 28.78 78.74
N ALA O 354 58.45 28.15 78.47
CA ALA O 354 58.55 26.71 78.24
C ALA O 354 59.94 26.37 78.91
N SER O 355 60.00 25.24 79.69
CA SER O 355 61.12 24.81 80.44
C SER O 355 62.32 24.46 79.52
N LEU O 356 62.10 23.82 78.39
CA LEU O 356 63.19 23.46 77.53
C LEU O 356 62.63 23.24 76.15
N ILE O 357 63.21 23.92 75.19
CA ILE O 357 62.73 23.81 73.81
C ILE O 357 63.85 23.10 73.07
N GLU O 358 63.53 22.22 72.13
CA GLU O 358 64.58 21.56 71.45
C GLU O 358 64.13 21.23 70.03
N GLU O 359 65.04 20.77 69.18
CA GLU O 359 64.72 20.39 67.78
C GLU O 359 65.10 18.93 67.65
N ARG O 360 64.15 18.09 67.29
CA ARG O 360 64.35 16.64 67.07
C ARG O 360 63.90 16.19 65.71
N LYS O 361 64.50 15.04 65.17
CA LYS O 361 64.20 14.59 63.82
C LYS O 361 63.05 13.60 63.75
N VAL O 362 61.99 13.94 62.98
CA VAL O 362 60.86 13.10 62.90
C VAL O 362 60.78 12.54 61.52
N GLY O 363 61.04 11.21 61.44
CA GLY O 363 61.22 10.52 60.19
C GLY O 363 62.42 11.05 59.40
N GLU O 364 62.18 11.92 58.43
CA GLU O 364 63.12 12.57 57.54
C GLU O 364 62.95 14.08 57.47
N ASP O 365 62.36 14.66 58.48
CA ASP O 365 62.07 16.03 58.60
C ASP O 365 62.42 16.40 59.98
N LYS O 366 63.15 17.47 60.20
CA LYS O 366 63.37 17.98 61.53
C LYS O 366 62.20 18.84 61.89
N MET O 367 61.89 18.90 63.17
CA MET O 367 60.79 19.72 63.65
C MET O 367 61.19 20.22 65.01
N VAL O 368 60.71 21.38 65.46
CA VAL O 368 60.98 21.99 66.71
C VAL O 368 59.92 21.51 67.61
N PHE O 369 60.27 21.14 68.87
CA PHE O 369 59.31 20.66 69.86
C PHE O 369 59.44 21.72 70.99
N VAL O 370 58.42 22.06 71.75
CA VAL O 370 58.46 23.06 72.79
C VAL O 370 57.84 22.55 74.08
N GLU O 371 58.43 21.50 74.63
CA GLU O 371 57.98 20.85 75.83
C GLU O 371 58.20 21.63 77.08
N GLY O 372 57.41 21.31 78.12
CA GLY O 372 57.54 21.98 79.39
C GLY O 372 56.84 23.34 79.37
N ALA O 373 55.65 23.41 78.69
CA ALA O 373 54.76 24.59 78.65
C ALA O 373 53.89 24.70 79.80
N LYS O 374 53.47 25.94 80.04
CA LYS O 374 52.75 26.47 81.19
C LYS O 374 51.31 25.85 81.41
N ASN O 375 50.56 25.54 80.31
CA ASN O 375 49.28 24.79 80.28
C ASN O 375 49.56 23.21 80.20
N PRO O 376 49.02 22.38 81.11
CA PRO O 376 49.14 20.91 81.10
C PRO O 376 48.03 20.37 80.21
N LYS O 377 47.00 21.21 79.94
CA LYS O 377 46.00 20.63 79.06
C LYS O 377 46.53 20.51 77.66
N SER O 378 47.25 21.50 77.23
CA SER O 378 47.84 21.49 75.93
C SER O 378 48.88 20.36 75.75
N ILE O 379 48.53 19.39 74.82
CA ILE O 379 49.37 18.30 74.40
C ILE O 379 49.35 18.07 72.85
N SER O 380 50.21 17.17 72.33
CA SER O 380 50.20 16.88 70.98
C SER O 380 50.29 15.36 70.76
N ILE O 381 49.88 14.81 69.63
CA ILE O 381 49.96 13.42 69.25
C ILE O 381 50.78 13.36 67.86
N LEU O 382 51.71 12.35 67.74
CA LEU O 382 52.54 12.06 66.57
C LEU O 382 51.95 10.68 66.16
N ILE O 383 51.22 10.64 65.04
CA ILE O 383 50.75 9.47 64.35
C ILE O 383 51.82 9.20 63.29
N ARG O 384 52.28 7.97 62.99
CA ARG O 384 53.19 7.64 61.88
C ARG O 384 52.85 6.23 61.39
N GLY O 385 53.51 5.71 60.32
CA GLY O 385 53.14 4.37 59.84
C GLY O 385 52.23 4.46 58.68
N GLY O 386 52.08 3.40 57.90
CA GLY O 386 51.16 3.35 56.73
C GLY O 386 51.32 4.37 55.56
N LEU O 387 50.50 4.09 54.53
CA LEU O 387 50.54 4.75 53.17
C LEU O 387 50.06 6.16 53.29
N GLU O 388 50.28 6.91 52.17
CA GLU O 388 49.95 8.32 52.01
C GLU O 388 48.42 8.64 52.19
N ARG O 389 47.47 7.71 52.04
CA ARG O 389 46.05 7.98 52.28
C ARG O 389 45.76 7.23 53.55
N LEU O 390 46.36 6.08 53.84
CA LEU O 390 46.01 5.31 55.08
C LEU O 390 46.35 6.02 56.37
N VAL O 391 47.44 6.80 56.44
CA VAL O 391 47.89 7.64 57.52
C VAL O 391 46.84 8.73 57.77
N ASP O 392 46.17 9.38 56.76
CA ASP O 392 45.10 10.33 56.75
C ASP O 392 43.88 9.67 57.47
N GLU O 393 43.49 8.42 57.10
CA GLU O 393 42.41 7.62 57.70
C GLU O 393 42.81 7.09 59.06
N THR O 394 44.09 7.05 59.40
CA THR O 394 44.44 6.72 60.77
C THR O 394 44.23 7.91 61.72
N GLU O 395 44.41 9.16 61.18
CA GLU O 395 44.12 10.44 61.79
C GLU O 395 42.70 10.70 61.98
N ARG O 396 41.80 10.28 61.04
CA ARG O 396 40.32 10.20 61.16
C ARG O 396 39.92 9.22 62.23
N ALA O 397 40.34 8.04 62.18
CA ALA O 397 40.07 7.09 63.25
C ALA O 397 40.43 7.46 64.62
N LEU O 398 41.66 7.99 64.90
CA LEU O 398 42.14 8.55 66.14
C LEU O 398 41.43 9.80 66.53
N ARG O 399 41.07 10.74 65.62
CA ARG O 399 40.19 11.90 65.91
C ARG O 399 38.88 11.47 66.47
N ASP O 400 38.13 10.52 65.84
CA ASP O 400 36.79 9.99 66.28
C ASP O 400 36.83 9.23 67.57
N ALA O 401 37.85 8.35 67.75
CA ALA O 401 38.15 7.72 68.97
C ALA O 401 38.42 8.68 70.19
N LEU O 402 39.21 9.73 69.95
CA LEU O 402 39.52 10.80 70.89
C LEU O 402 38.26 11.61 71.31
N GLY O 403 37.48 12.17 70.35
CA GLY O 403 36.20 12.78 70.56
C GLY O 403 35.32 11.85 71.43
N THR O 404 35.07 10.59 70.94
CA THR O 404 34.20 9.56 71.57
C THR O 404 34.58 9.36 72.97
N VAL O 405 35.87 9.10 73.31
CA VAL O 405 36.26 8.91 74.72
C VAL O 405 35.95 10.19 75.62
N ALA O 406 36.20 11.45 75.06
CA ALA O 406 35.87 12.63 75.77
C ALA O 406 34.34 12.82 75.98
N ASP O 407 33.51 12.36 75.03
CA ASP O 407 32.06 12.35 75.12
C ASP O 407 31.61 11.34 76.18
N VAL O 408 32.36 10.25 76.30
CA VAL O 408 32.10 9.22 77.34
C VAL O 408 32.30 9.89 78.74
N ILE O 409 33.33 10.77 78.89
CA ILE O 409 33.52 11.47 80.12
C ILE O 409 32.42 12.56 80.33
N LYS O 410 32.10 13.33 79.27
CA LYS O 410 31.08 14.39 79.34
C LYS O 410 29.67 13.95 79.75
N ASP O 411 29.30 12.74 79.37
CA ASP O 411 28.00 12.11 79.63
C ASP O 411 28.12 11.19 80.80
N GLY O 412 28.82 10.04 80.66
CA GLY O 412 29.15 9.17 81.81
C GLY O 412 28.30 7.96 81.81
N ARG O 413 27.60 7.62 80.72
CA ARG O 413 26.81 6.44 80.68
C ARG O 413 27.45 5.56 79.56
N ALA O 414 27.58 4.27 79.75
CA ALA O 414 27.96 3.39 78.68
C ALA O 414 27.33 1.98 78.92
N ILE O 415 26.72 1.42 77.85
CA ILE O 415 25.86 0.19 77.75
C ILE O 415 26.54 -0.84 76.83
N ALA O 416 26.12 -2.18 76.80
CA ALA O 416 26.68 -3.20 75.89
C ALA O 416 26.11 -3.21 74.54
N GLY O 417 26.99 -3.12 73.50
CA GLY O 417 26.60 -3.13 72.10
C GLY O 417 26.21 -4.52 71.63
N GLY O 418 26.21 -4.80 70.28
CA GLY O 418 25.83 -6.13 69.78
C GLY O 418 24.45 -6.53 69.81
N GLY O 419 23.53 -5.59 70.00
CA GLY O 419 22.10 -5.81 69.98
C GLY O 419 21.43 -5.85 71.36
N ALA O 420 22.21 -5.81 72.44
CA ALA O 420 21.74 -5.98 73.84
C ALA O 420 20.65 -5.11 74.31
N VAL O 421 20.89 -3.83 74.34
CA VAL O 421 19.88 -2.90 74.84
C VAL O 421 18.68 -2.83 73.93
N GLU O 422 18.87 -3.12 72.66
CA GLU O 422 17.89 -3.22 71.58
C GLU O 422 16.85 -4.25 71.85
N ILE O 423 17.27 -5.55 71.99
CA ILE O 423 16.43 -6.69 72.24
C ILE O 423 15.52 -6.46 73.47
N GLU O 424 16.12 -5.74 74.46
CA GLU O 424 15.46 -5.42 75.67
C GLU O 424 14.30 -4.47 75.33
N ILE O 425 14.59 -3.34 74.65
CA ILE O 425 13.63 -2.34 74.23
C ILE O 425 12.48 -2.98 73.45
N ALA O 426 12.72 -4.10 72.78
CA ALA O 426 11.66 -4.91 72.14
C ALA O 426 10.93 -5.77 73.22
N LYS O 427 11.51 -6.88 73.77
CA LYS O 427 10.93 -7.69 74.89
C LYS O 427 10.21 -6.92 75.97
N LYS O 428 10.80 -5.90 76.57
CA LYS O 428 10.13 -5.06 77.47
C LYS O 428 8.86 -4.31 76.96
N LEU O 429 8.96 -3.91 75.72
CA LEU O 429 7.85 -3.30 74.97
C LEU O 429 6.76 -4.33 74.61
N ARG O 430 7.06 -5.57 74.21
CA ARG O 430 6.23 -6.64 73.87
C ARG O 430 5.41 -7.04 75.00
N LYS O 431 5.88 -7.12 76.20
CA LYS O 431 5.10 -7.36 77.42
C LYS O 431 4.21 -6.20 77.77
N TYR O 432 4.57 -4.99 77.36
CA TYR O 432 3.85 -3.79 77.60
C TYR O 432 2.60 -3.63 76.76
N ALA O 433 2.77 -3.80 75.42
CA ALA O 433 1.81 -3.82 74.35
C ALA O 433 0.38 -4.33 74.66
N PRO O 434 0.09 -5.62 75.08
CA PRO O 434 -1.21 -6.08 75.55
C PRO O 434 -2.06 -5.01 76.29
N GLN O 435 -1.51 -4.19 77.24
CA GLN O 435 -2.12 -3.33 78.13
C GLN O 435 -2.43 -1.95 77.52
N VAL O 436 -1.72 -1.58 76.41
CA VAL O 436 -1.82 -0.17 75.93
C VAL O 436 -3.13 0.30 75.25
N GLY O 437 -3.92 -0.62 74.70
CA GLY O 437 -5.13 -0.16 74.04
C GLY O 437 -5.52 -1.09 72.90
N GLY O 438 -6.60 -0.84 72.16
CA GLY O 438 -7.03 -1.61 71.00
C GLY O 438 -6.24 -1.77 69.72
N LYS O 439 -6.43 -0.86 68.71
CA LYS O 439 -5.70 -0.74 67.39
C LYS O 439 -4.29 -0.37 67.67
N GLU O 440 -4.21 0.61 68.64
CA GLU O 440 -2.89 1.12 69.22
C GLU O 440 -1.87 0.09 69.65
N GLN O 441 -2.39 -1.15 70.01
CA GLN O 441 -1.64 -2.35 70.24
C GLN O 441 -0.74 -2.73 69.10
N LEU O 442 -1.38 -2.91 67.89
CA LEU O 442 -0.76 -3.39 66.68
C LEU O 442 0.45 -2.55 66.30
N ALA O 443 0.34 -1.22 66.48
CA ALA O 443 1.31 -0.19 66.31
C ALA O 443 2.53 -0.30 67.20
N VAL O 444 2.15 -0.54 68.52
CA VAL O 444 3.21 -0.75 69.44
C VAL O 444 3.99 -2.00 69.15
N GLU O 445 3.25 -3.06 68.93
CA GLU O 445 3.77 -4.36 68.62
C GLU O 445 4.66 -4.30 67.37
N ALA O 446 4.28 -3.42 66.43
CA ALA O 446 5.06 -3.06 65.17
C ALA O 446 6.43 -2.40 65.41
N TYR O 447 6.47 -1.25 66.19
CA TYR O 447 7.70 -0.67 66.70
C TYR O 447 8.63 -1.69 67.29
N ALA O 448 8.10 -2.68 68.01
CA ALA O 448 8.97 -3.72 68.64
C ALA O 448 9.58 -4.60 67.55
N ASN O 449 8.72 -5.15 66.66
CA ASN O 449 9.16 -5.93 65.52
C ASN O 449 10.20 -5.25 64.58
N ALA O 450 10.01 -3.97 64.22
CA ALA O 450 10.99 -3.17 63.48
C ALA O 450 12.35 -3.08 64.16
N LEU O 451 12.42 -2.94 65.49
CA LEU O 451 13.70 -2.88 66.10
C LEU O 451 14.43 -4.19 65.97
N GLU O 452 13.68 -5.29 66.09
CA GLU O 452 14.16 -6.65 66.04
C GLU O 452 14.64 -6.91 64.59
N SER O 453 13.99 -6.30 63.54
CA SER O 453 14.40 -6.25 62.15
C SER O 453 15.83 -5.74 61.94
N LEU O 454 16.26 -4.71 62.67
CA LEU O 454 17.61 -4.14 62.80
C LEU O 454 18.63 -5.22 63.20
N VAL O 455 18.33 -6.00 64.29
CA VAL O 455 19.23 -7.01 64.79
C VAL O 455 19.34 -8.17 63.82
N SER O 456 18.23 -8.38 62.99
CA SER O 456 18.08 -9.34 61.89
C SER O 456 18.97 -9.04 60.68
N ILE O 457 18.93 -7.79 60.17
CA ILE O 457 19.85 -7.18 59.19
C ILE O 457 21.33 -7.28 59.59
N LEU O 458 21.59 -7.02 60.88
CA LEU O 458 22.88 -7.27 61.48
C LEU O 458 23.40 -8.68 61.51
N ILE O 459 22.55 -9.66 61.98
CA ILE O 459 22.88 -11.03 61.88
C ILE O 459 23.13 -11.49 60.46
N GLU O 460 22.20 -11.23 59.54
CA GLU O 460 22.22 -11.48 58.08
C GLU O 460 23.61 -11.12 57.44
N ASN O 461 24.05 -9.84 57.50
CA ASN O 461 25.30 -9.39 57.02
C ASN O 461 26.38 -10.03 57.74
N ALA O 462 26.19 -10.62 58.93
CA ALA O 462 27.29 -11.26 59.59
C ALA O 462 27.57 -12.64 59.05
N GLY O 463 26.57 -13.28 58.44
CA GLY O 463 26.70 -14.61 57.92
C GLY O 463 26.00 -15.73 58.65
N PHE O 464 24.84 -15.48 59.22
CA PHE O 464 24.05 -16.53 59.86
C PHE O 464 22.59 -16.44 59.43
N ASP O 465 21.76 -17.45 59.73
CA ASP O 465 20.31 -17.46 59.48
C ASP O 465 19.57 -16.44 60.48
N PRO O 466 18.91 -15.28 60.12
CA PRO O 466 18.30 -14.38 61.07
C PRO O 466 17.28 -14.89 62.02
N ILE O 467 16.25 -15.67 61.61
CA ILE O 467 15.19 -16.01 62.49
C ILE O 467 15.73 -16.92 63.54
N ASP O 468 16.49 -17.97 63.19
CA ASP O 468 17.18 -18.89 64.00
C ASP O 468 18.08 -18.15 65.05
N LEU O 469 19.04 -17.27 64.66
CA LEU O 469 19.87 -16.56 65.68
C LEU O 469 19.07 -15.62 66.57
N LEU O 470 18.07 -14.87 66.06
CA LEU O 470 17.26 -14.01 66.91
C LEU O 470 16.57 -14.79 67.97
N MET O 471 15.98 -15.89 67.62
CA MET O 471 15.23 -16.80 68.58
C MET O 471 16.12 -17.39 69.64
N LYS O 472 17.33 -17.90 69.17
CA LYS O 472 18.42 -18.38 69.98
C LYS O 472 18.88 -17.26 71.01
N LEU O 473 18.71 -15.98 70.66
CA LEU O 473 18.97 -14.86 71.61
C LEU O 473 17.74 -14.60 72.45
N ARG O 474 16.45 -14.36 71.92
CA ARG O 474 15.29 -14.09 72.75
C ARG O 474 14.86 -15.22 73.70
N SER O 475 15.45 -16.45 73.64
CA SER O 475 15.29 -17.42 74.73
C SER O 475 16.39 -17.17 75.84
N THR O 476 17.67 -16.95 75.46
CA THR O 476 18.79 -16.60 76.25
C THR O 476 18.77 -15.14 76.78
N HIS O 477 17.71 -14.46 76.60
CA HIS O 477 17.52 -13.13 76.97
C HIS O 477 16.17 -12.87 77.58
N GLU O 478 15.64 -13.96 78.10
CA GLU O 478 14.37 -13.96 78.79
C GLU O 478 14.59 -13.75 80.31
N ASN O 479 15.55 -14.49 80.86
CA ASN O 479 15.93 -14.37 82.22
C ASN O 479 16.71 -12.96 82.34
N GLU O 480 16.72 -12.32 83.55
CA GLU O 480 17.24 -11.03 83.91
C GLU O 480 18.74 -10.82 83.91
N ASN O 481 19.46 -11.97 84.28
CA ASN O 481 20.92 -12.02 84.41
C ASN O 481 21.67 -12.01 83.16
N ASN O 482 20.95 -12.32 82.00
CA ASN O 482 21.50 -12.27 80.64
C ASN O 482 21.25 -10.91 80.00
N LYS O 483 21.18 -9.79 80.73
CA LYS O 483 20.90 -8.41 80.31
C LYS O 483 21.77 -7.92 79.15
N TRP O 484 23.10 -8.16 79.12
CA TRP O 484 23.92 -7.76 78.13
C TRP O 484 24.20 -8.65 76.98
N TYR O 485 23.37 -9.67 76.80
CA TYR O 485 23.61 -10.73 75.84
C TYR O 485 23.27 -10.17 74.41
N GLY O 486 24.20 -10.50 73.49
CA GLY O 486 24.04 -10.11 72.08
C GLY O 486 24.55 -11.28 71.36
N ILE O 487 24.89 -11.08 70.08
CA ILE O 487 25.59 -12.04 69.25
C ILE O 487 26.93 -11.53 68.81
N ASP O 488 27.98 -12.11 69.33
CA ASP O 488 29.38 -11.98 69.00
C ASP O 488 29.48 -12.37 67.60
N LEU O 489 29.75 -11.37 66.75
CA LEU O 489 29.79 -11.42 65.31
C LEU O 489 30.59 -12.51 64.62
N TYR O 490 31.78 -12.84 65.19
CA TYR O 490 32.74 -13.82 64.65
C TYR O 490 32.45 -15.22 65.25
N ALA O 491 32.23 -15.34 66.58
CA ALA O 491 31.84 -16.58 67.23
C ALA O 491 30.57 -17.11 66.65
N GLY O 492 29.51 -16.26 66.37
CA GLY O 492 28.25 -16.72 65.83
C GLY O 492 27.38 -17.49 66.82
N GLN O 493 27.12 -16.96 68.03
CA GLN O 493 26.28 -17.66 69.02
C GLN O 493 26.09 -16.75 70.23
N PRO O 494 24.95 -16.63 70.93
CA PRO O 494 24.68 -15.62 72.00
C PRO O 494 25.57 -15.70 73.27
N VAL O 495 26.21 -14.56 73.61
CA VAL O 495 27.16 -14.36 74.71
C VAL O 495 27.02 -12.87 75.35
N ASP O 496 27.65 -12.58 76.50
CA ASP O 496 27.67 -11.22 77.11
C ASP O 496 28.60 -10.30 76.40
N MET O 497 28.07 -9.30 75.66
CA MET O 497 28.90 -8.36 74.88
C MET O 497 29.82 -7.47 75.79
N TRP O 498 29.34 -6.97 76.93
CA TRP O 498 30.03 -6.14 77.88
C TRP O 498 31.39 -6.77 78.23
N GLN O 499 31.31 -8.04 78.67
CA GLN O 499 32.51 -8.84 79.07
C GLN O 499 33.33 -9.36 77.86
N LYS O 500 33.38 -8.63 76.71
CA LYS O 500 34.23 -8.89 75.52
C LYS O 500 34.53 -7.53 75.00
N GLY O 501 34.34 -6.48 75.85
CA GLY O 501 34.75 -5.10 75.49
C GLY O 501 33.82 -4.37 74.64
N VAL O 502 32.75 -4.97 74.19
CA VAL O 502 31.89 -4.28 73.24
C VAL O 502 30.87 -3.40 73.96
N ILE O 503 31.37 -2.17 74.31
CA ILE O 503 30.51 -1.30 75.08
C ILE O 503 30.42 0.00 74.23
N GLU O 504 29.32 0.78 74.43
CA GLU O 504 29.19 1.95 73.58
C GLU O 504 28.46 3.16 74.23
N PRO O 505 28.60 4.40 73.84
CA PRO O 505 27.84 5.56 74.42
C PRO O 505 26.33 5.42 74.51
N ALA O 506 25.75 5.31 75.68
CA ALA O 506 24.32 5.18 75.83
C ALA O 506 23.47 6.31 75.27
N LEU O 507 24.02 7.50 75.00
CA LEU O 507 23.21 8.63 74.49
C LEU O 507 23.15 8.64 72.97
N VAL O 508 24.25 8.28 72.25
CA VAL O 508 24.25 8.18 70.74
C VAL O 508 23.19 7.23 70.27
N LYS O 509 23.15 6.08 70.91
CA LYS O 509 22.23 5.00 70.56
C LYS O 509 20.85 5.27 71.12
N MET O 510 20.65 6.42 71.73
CA MET O 510 19.36 6.88 72.27
C MET O 510 18.80 8.02 71.46
N ASN O 511 19.62 8.99 71.03
CA ASN O 511 19.19 10.01 70.11
C ASN O 511 18.92 9.46 68.65
N ALA O 512 19.52 8.35 68.23
CA ALA O 512 19.24 7.57 67.00
C ALA O 512 17.75 7.19 67.01
N ILE O 513 17.25 6.58 68.14
CA ILE O 513 15.80 6.26 68.38
C ILE O 513 14.96 7.48 68.26
N LYS O 514 15.33 8.63 68.90
CA LYS O 514 14.62 9.90 68.70
C LYS O 514 14.66 10.49 67.26
N ALA O 515 15.75 10.51 66.51
CA ALA O 515 16.01 11.00 65.22
C ALA O 515 15.14 10.19 64.26
N ALA O 516 15.43 8.84 64.19
CA ALA O 516 14.62 7.92 63.39
C ALA O 516 13.06 7.95 63.57
N THR O 517 12.58 7.87 64.87
CA THR O 517 11.10 7.80 65.18
C THR O 517 10.44 9.08 64.74
N GLU O 518 11.19 10.22 64.90
CA GLU O 518 10.77 11.53 64.30
C GLU O 518 10.59 11.48 62.78
N ALA O 519 11.69 11.07 62.10
CA ALA O 519 11.73 10.97 60.68
C ALA O 519 10.63 10.06 60.17
N ALA O 520 10.59 8.88 60.78
CA ALA O 520 9.58 7.83 60.51
C ALA O 520 8.12 8.30 60.50
N THR O 521 7.78 8.95 61.59
CA THR O 521 6.42 9.45 61.90
C THR O 521 6.08 10.66 61.03
N LEU O 522 7.08 11.43 60.56
CA LEU O 522 7.01 12.52 59.69
C LEU O 522 6.63 11.94 58.29
N VAL O 523 7.14 10.77 57.88
CA VAL O 523 6.71 10.20 56.59
C VAL O 523 5.24 9.88 56.55
N LEU O 524 4.75 9.37 57.73
CA LEU O 524 3.32 9.16 57.93
C LEU O 524 2.54 10.37 58.01
N ARG O 525 3.09 11.56 58.45
CA ARG O 525 2.44 12.78 58.56
C ARG O 525 2.03 13.44 57.23
N ILE O 526 2.72 13.21 56.14
CA ILE O 526 2.28 13.78 54.89
C ILE O 526 1.06 13.03 54.31
N ASP O 527 -0.17 13.72 54.34
CA ASP O 527 -1.44 13.25 53.80
C ASP O 527 -1.29 13.19 52.24
N ASP O 528 -0.95 14.29 51.68
CA ASP O 528 -0.97 14.52 50.27
C ASP O 528 0.12 15.50 49.94
N VAL O 529 0.33 15.66 48.61
CA VAL O 529 1.21 16.68 48.03
C VAL O 529 0.41 17.31 46.87
N VAL O 530 0.20 18.62 46.76
CA VAL O 530 -0.43 19.34 45.63
C VAL O 530 0.68 20.16 44.86
N SER O 531 1.96 20.10 45.26
CA SER O 531 3.13 20.77 44.75
C SER O 531 2.95 22.28 44.42
N ALA O 532 3.49 22.70 43.33
CA ALA O 532 3.31 24.15 42.91
C ALA O 532 2.07 24.24 41.99
N GLY P 28 -30.36 26.91 32.32
CA GLY P 28 -29.66 25.66 31.68
C GLY P 28 -28.70 25.00 32.62
N LYS P 29 -28.71 23.67 32.82
CA LYS P 29 -27.74 22.91 33.68
C LYS P 29 -26.27 23.24 33.48
N GLU P 30 -25.85 23.58 32.21
CA GLU P 30 -24.60 23.80 31.58
C GLU P 30 -23.45 24.30 32.49
N ALA P 31 -23.46 25.58 32.82
CA ALA P 31 -22.46 26.25 33.60
C ALA P 31 -22.63 26.11 35.10
N VAL P 32 -23.88 26.20 35.61
CA VAL P 32 -24.22 26.02 37.01
C VAL P 32 -23.66 24.81 37.66
N ARG P 33 -23.52 23.66 37.00
CA ARG P 33 -22.90 22.42 37.44
C ARG P 33 -21.40 22.57 37.72
N ALA P 34 -20.67 23.20 36.86
CA ALA P 34 -19.24 23.61 36.87
C ALA P 34 -18.95 24.34 38.16
N ASN P 35 -19.74 25.45 38.44
CA ASN P 35 -19.66 26.26 39.65
C ASN P 35 -19.69 25.33 40.95
N ILE P 36 -20.76 24.54 41.08
CA ILE P 36 -20.96 23.53 42.13
C ILE P 36 -19.79 22.59 42.32
N ALA P 37 -19.42 21.86 41.25
CA ALA P 37 -18.27 20.99 41.09
C ALA P 37 -17.01 21.62 41.66
N ALA P 38 -16.62 22.80 41.09
CA ALA P 38 -15.52 23.66 41.49
C ALA P 38 -15.48 23.98 43.00
N VAL P 39 -16.61 24.48 43.57
CA VAL P 39 -16.69 24.66 45.02
C VAL P 39 -16.48 23.47 45.91
N LYS P 40 -17.30 22.39 45.64
CA LYS P 40 -17.20 21.11 46.21
C LYS P 40 -15.77 20.52 46.14
N ALA P 41 -15.06 20.73 45.05
CA ALA P 41 -13.74 20.34 44.74
C ALA P 41 -12.81 20.96 45.77
N VAL P 42 -12.86 22.29 46.03
CA VAL P 42 -12.07 23.01 47.01
C VAL P 42 -12.33 22.37 48.42
N GLU P 43 -13.53 21.98 48.85
CA GLU P 43 -13.83 21.31 50.15
C GLU P 43 -13.05 20.01 50.22
N GLU P 44 -13.12 19.26 49.11
CA GLU P 44 -12.22 18.14 48.94
C GLU P 44 -10.72 18.28 48.98
N ALA P 45 -10.20 19.56 49.04
CA ALA P 45 -8.82 19.92 49.17
C ALA P 45 -8.46 20.17 50.58
N LEU P 46 -9.40 20.46 51.50
CA LEU P 46 -9.17 20.88 52.84
C LEU P 46 -9.70 19.81 53.80
N LYS P 47 -10.76 19.03 53.38
CA LYS P 47 -11.39 17.98 54.20
C LYS P 47 -10.55 17.27 55.25
N SER P 48 -9.41 16.62 54.92
CA SER P 48 -8.51 15.89 55.77
C SER P 48 -7.68 16.69 56.73
N THR P 49 -7.85 18.00 56.83
CA THR P 49 -7.05 18.85 57.75
C THR P 49 -7.91 19.52 58.83
N TYR P 50 -9.24 19.22 58.75
CA TYR P 50 -10.27 19.70 59.64
C TYR P 50 -10.06 19.05 60.99
N GLY P 51 -9.72 19.81 62.06
CA GLY P 51 -9.48 19.32 63.40
C GLY P 51 -8.09 18.94 63.74
N PRO P 52 -7.74 18.95 65.07
CA PRO P 52 -6.38 18.48 65.46
C PRO P 52 -6.05 17.03 65.12
N ARG P 53 -7.02 16.18 64.90
CA ARG P 53 -6.76 14.79 64.51
C ARG P 53 -6.37 14.66 63.07
N GLY P 54 -6.59 15.74 62.24
CA GLY P 54 -6.28 15.84 60.81
C GLY P 54 -4.79 15.56 60.47
N MET P 55 -4.60 15.32 59.16
CA MET P 55 -3.40 15.00 58.48
C MET P 55 -2.91 16.12 57.50
N ASP P 56 -1.63 16.54 57.75
CA ASP P 56 -0.88 17.58 57.09
C ASP P 56 -0.54 17.32 55.64
N LYS P 57 -0.70 18.39 54.85
CA LYS P 57 -0.50 18.31 53.38
C LYS P 57 0.76 18.96 52.94
N MET P 58 1.49 18.47 51.85
CA MET P 58 2.67 19.08 51.37
C MET P 58 2.52 19.93 50.10
N LEU P 59 3.25 21.05 50.11
CA LEU P 59 3.26 22.05 49.17
C LEU P 59 4.64 22.30 48.70
N VAL P 60 4.99 22.08 47.43
CA VAL P 60 6.33 22.22 46.95
C VAL P 60 6.46 23.42 46.05
N ASP P 61 7.17 24.49 46.43
CA ASP P 61 7.38 25.59 45.58
C ASP P 61 8.25 25.34 44.35
N SER P 62 8.18 26.23 43.37
CA SER P 62 8.89 26.04 42.16
C SER P 62 10.39 25.99 42.30
N LEU P 63 11.15 26.76 43.18
CA LEU P 63 12.64 26.68 43.35
C LEU P 63 13.17 25.57 44.12
N GLY P 64 12.34 24.56 44.44
CA GLY P 64 12.75 23.38 45.24
C GLY P 64 12.34 23.43 46.65
N ASP P 65 11.90 24.58 47.24
CA ASP P 65 11.55 24.73 48.67
C ASP P 65 10.28 23.92 49.02
N ILE P 66 10.31 23.20 50.15
CA ILE P 66 9.28 22.32 50.61
C ILE P 66 8.60 22.98 51.81
N THR P 67 7.26 22.88 51.85
CA THR P 67 6.49 23.36 53.00
C THR P 67 5.35 22.42 53.31
N ILE P 68 5.39 21.77 54.54
CA ILE P 68 4.33 20.76 54.83
C ILE P 68 3.46 21.53 55.87
N THR P 69 2.15 21.58 55.71
CA THR P 69 1.30 22.42 56.51
C THR P 69 -0.13 21.93 56.68
N ASN P 70 -1.02 22.60 57.37
CA ASN P 70 -2.46 22.35 57.51
C ASN P 70 -3.13 23.72 57.77
N ASP P 71 -2.45 24.81 57.35
CA ASP P 71 -2.92 26.15 57.37
C ASP P 71 -3.85 26.49 56.19
N GLY P 72 -5.19 26.69 56.44
CA GLY P 72 -6.16 27.06 55.48
C GLY P 72 -5.74 28.25 54.62
N ALA P 73 -5.37 29.40 55.20
CA ALA P 73 -4.86 30.52 54.44
C ALA P 73 -3.85 30.15 53.36
N THR P 74 -2.68 29.57 53.70
CA THR P 74 -1.62 29.12 52.77
C THR P 74 -2.12 28.12 51.80
N ILE P 75 -2.96 27.13 52.14
CA ILE P 75 -3.48 26.13 51.28
C ILE P 75 -4.45 26.82 50.27
N LEU P 76 -4.97 28.07 50.57
CA LEU P 76 -5.89 28.73 49.64
C LEU P 76 -5.08 29.80 48.86
N ASP P 77 -4.05 30.45 49.46
CA ASP P 77 -3.22 31.44 48.88
C ASP P 77 -2.41 30.86 47.75
N LYS P 78 -1.76 29.69 48.01
CA LYS P 78 -0.94 29.05 47.04
C LYS P 78 -1.81 28.34 45.94
N MET P 79 -3.09 28.27 46.10
CA MET P 79 -4.01 27.62 45.13
C MET P 79 -4.14 28.30 43.79
N ASP P 80 -4.29 27.57 42.63
CA ASP P 80 -4.48 28.28 41.34
C ASP P 80 -5.76 27.84 40.84
N LEU P 81 -6.80 28.69 40.88
CA LEU P 81 -8.17 28.41 40.35
C LEU P 81 -8.59 29.32 39.19
N GLN P 82 -9.03 28.86 37.99
CA GLN P 82 -9.44 29.81 37.02
C GLN P 82 -10.97 29.91 36.94
N HIS P 83 -11.68 28.92 37.42
CA HIS P 83 -13.17 28.84 37.50
C HIS P 83 -13.68 30.03 38.36
N PRO P 84 -14.54 30.92 37.78
CA PRO P 84 -14.95 32.14 38.51
C PRO P 84 -15.43 31.94 39.94
N ALA P 85 -16.39 30.98 40.05
CA ALA P 85 -17.04 30.48 41.25
C ALA P 85 -16.10 30.08 42.39
N ALA P 86 -15.12 29.23 42.16
CA ALA P 86 -14.02 28.90 43.12
C ALA P 86 -13.24 30.18 43.62
N LYS P 87 -12.74 31.07 42.75
CA LYS P 87 -12.07 32.25 43.16
C LYS P 87 -12.94 33.19 44.04
N LEU P 88 -14.21 33.20 43.74
CA LEU P 88 -15.24 33.99 44.44
C LEU P 88 -15.52 33.39 45.83
N LEU P 89 -15.55 32.02 45.86
CA LEU P 89 -15.73 31.29 47.04
C LEU P 89 -14.64 31.51 48.03
N VAL P 90 -13.37 31.28 47.63
CA VAL P 90 -12.13 31.42 48.48
C VAL P 90 -11.95 32.83 49.06
N GLN P 91 -12.39 33.84 48.24
CA GLN P 91 -12.37 35.21 48.68
C GLN P 91 -13.29 35.48 49.89
N ILE P 92 -14.54 34.87 49.90
CA ILE P 92 -15.52 35.09 50.93
C ILE P 92 -15.05 34.30 52.09
N ALA P 93 -14.55 33.05 51.83
CA ALA P 93 -14.17 32.23 52.94
C ALA P 93 -12.89 32.68 53.75
N LYS P 94 -11.67 32.80 53.10
CA LYS P 94 -10.31 33.09 53.64
C LYS P 94 -10.30 34.43 54.48
N GLY P 95 -10.60 35.56 53.75
CA GLY P 95 -10.56 36.83 54.33
C GLY P 95 -11.43 37.08 55.56
N GLN P 96 -10.82 37.87 56.47
CA GLN P 96 -11.45 38.20 57.72
C GLN P 96 -11.06 39.58 58.06
N ASP P 97 -12.06 40.36 58.55
CA ASP P 97 -11.92 41.80 58.81
C ASP P 97 -11.53 42.06 60.27
N GLU P 98 -11.28 40.97 61.06
CA GLU P 98 -10.76 41.06 62.39
C GLU P 98 -9.37 40.43 62.54
N GLU P 99 -8.54 40.96 63.47
CA GLU P 99 -7.10 40.91 63.75
C GLU P 99 -6.53 39.50 63.85
N THR P 100 -7.17 38.61 64.58
CA THR P 100 -6.90 37.23 64.65
C THR P 100 -7.97 36.51 63.90
N ALA P 101 -7.69 35.38 63.17
CA ALA P 101 -8.72 34.79 62.31
C ALA P 101 -8.86 33.25 62.60
N ASP P 102 -10.13 32.84 62.93
CA ASP P 102 -10.35 31.47 63.29
C ASP P 102 -11.69 31.05 62.64
N GLY P 103 -11.91 29.74 62.41
CA GLY P 103 -13.16 29.25 61.79
C GLY P 103 -12.86 29.15 60.28
N THR P 104 -11.61 29.49 59.73
CA THR P 104 -11.34 29.59 58.32
C THR P 104 -11.47 28.25 57.53
N LYS P 105 -11.05 27.09 58.16
CA LYS P 105 -11.34 25.70 57.67
C LYS P 105 -12.91 25.35 57.72
N THR P 106 -13.55 25.88 58.80
CA THR P 106 -14.92 25.54 59.11
C THR P 106 -15.78 26.21 58.02
N ALA P 107 -15.56 27.57 57.93
CA ALA P 107 -16.01 28.46 56.78
C ALA P 107 -16.05 27.88 55.35
N VAL P 108 -14.95 27.21 54.99
CA VAL P 108 -14.89 26.58 53.68
C VAL P 108 -15.71 25.24 53.68
N ILE P 109 -15.45 24.26 54.61
CA ILE P 109 -16.21 22.98 54.61
C ILE P 109 -17.74 23.20 54.65
N PHE P 110 -18.27 23.96 55.65
CA PHE P 110 -19.72 24.23 55.84
C PHE P 110 -20.23 24.92 54.62
N SER P 111 -19.41 25.89 53.96
CA SER P 111 -19.91 26.46 52.76
C SER P 111 -20.16 25.50 51.73
N GLY P 112 -19.16 24.67 51.33
CA GLY P 112 -19.30 23.68 50.28
C GLY P 112 -20.25 22.55 50.56
N GLU P 113 -20.44 22.26 51.78
CA GLU P 113 -21.47 21.32 52.25
C GLU P 113 -22.85 21.85 52.05
N LEU P 114 -23.04 23.19 52.34
CA LEU P 114 -24.35 23.90 52.15
C LEU P 114 -24.69 23.88 50.62
N VAL P 115 -23.69 24.13 49.80
CA VAL P 115 -23.71 23.95 48.35
C VAL P 115 -23.93 22.54 47.95
N LYS P 116 -23.23 21.55 48.51
CA LYS P 116 -23.41 20.14 48.28
C LYS P 116 -24.81 19.67 48.55
N LYS P 117 -25.31 19.82 49.82
CA LYS P 117 -26.70 19.43 50.26
C LYS P 117 -27.77 20.15 49.47
N ALA P 118 -27.46 21.36 48.87
CA ALA P 118 -28.42 22.06 47.97
C ALA P 118 -28.48 21.36 46.60
N GLU P 119 -27.42 20.72 46.11
CA GLU P 119 -27.38 20.05 44.89
C GLU P 119 -28.45 18.91 44.93
N ASP P 120 -28.56 18.23 46.02
CA ASP P 120 -29.44 17.15 46.20
C ASP P 120 -30.94 17.53 46.08
N LEU P 121 -31.30 18.79 46.42
CA LEU P 121 -32.59 19.37 46.13
C LEU P 121 -32.81 19.76 44.68
N LEU P 122 -31.85 20.28 43.95
CA LEU P 122 -31.85 20.60 42.52
C LEU P 122 -32.08 19.40 41.59
N TYR P 123 -31.53 18.23 42.04
CA TYR P 123 -31.63 16.97 41.51
C TYR P 123 -33.16 16.59 41.57
N LYS P 124 -33.94 16.94 42.68
CA LYS P 124 -35.37 16.70 42.76
C LYS P 124 -36.27 17.70 42.07
N ASP P 125 -35.61 18.64 41.33
CA ASP P 125 -36.16 19.58 40.37
C ASP P 125 -36.54 20.82 41.11
N VAL P 126 -36.26 20.99 42.38
CA VAL P 126 -36.54 22.17 43.09
C VAL P 126 -35.69 23.32 42.54
N HIS P 127 -36.22 24.53 42.44
CA HIS P 127 -35.66 25.73 41.86
C HIS P 127 -34.79 26.49 42.89
N PRO P 128 -33.63 27.12 42.58
CA PRO P 128 -32.78 27.76 43.60
C PRO P 128 -33.39 28.85 44.40
N THR P 129 -34.38 29.61 43.89
CA THR P 129 -35.01 30.72 44.67
C THR P 129 -35.65 30.22 45.95
N ILE P 130 -36.12 28.98 46.01
CA ILE P 130 -36.69 28.37 47.20
C ILE P 130 -35.57 28.00 48.18
N ILE P 131 -34.52 27.37 47.66
CA ILE P 131 -33.40 26.89 48.43
C ILE P 131 -32.67 28.02 49.10
N ILE P 132 -32.56 29.25 48.50
CA ILE P 132 -31.98 30.44 48.99
C ILE P 132 -32.82 30.93 50.12
N SER P 133 -34.14 31.14 49.90
CA SER P 133 -35.16 31.60 50.89
C SER P 133 -35.28 30.62 52.07
N GLY P 134 -35.25 29.27 51.87
CA GLY P 134 -35.23 28.17 52.79
C GLY P 134 -34.05 28.33 53.75
N TYR P 135 -32.80 28.41 53.16
CA TYR P 135 -31.62 28.57 53.84
C TYR P 135 -31.58 29.86 54.65
N LYS P 136 -32.07 31.01 54.08
CA LYS P 136 -32.16 32.25 54.74
C LYS P 136 -32.96 32.21 55.99
N LYS P 137 -34.22 31.70 55.96
CA LYS P 137 -35.05 31.47 57.10
C LYS P 137 -34.32 30.55 58.15
N ALA P 138 -33.60 29.57 57.69
CA ALA P 138 -32.75 28.67 58.55
C ALA P 138 -31.62 29.37 59.14
N GLU P 139 -30.87 30.33 58.43
CA GLU P 139 -29.70 31.09 58.83
C GLU P 139 -30.13 31.89 60.02
N GLU P 140 -31.31 32.54 59.91
CA GLU P 140 -31.96 33.23 61.01
C GLU P 140 -32.03 32.50 62.31
N VAL P 141 -32.76 31.37 62.30
CA VAL P 141 -32.87 30.46 63.50
C VAL P 141 -31.51 30.10 63.99
N ALA P 142 -30.64 29.62 63.08
CA ALA P 142 -29.30 29.28 63.37
C ALA P 142 -28.43 30.31 64.06
N LEU P 143 -28.62 31.61 63.67
CA LEU P 143 -27.94 32.77 64.28
C LEU P 143 -28.47 32.98 65.68
N GLN P 144 -29.79 33.17 65.88
CA GLN P 144 -30.36 33.41 67.18
C GLN P 144 -30.16 32.43 68.29
N THR P 145 -29.98 31.14 67.83
CA THR P 145 -29.63 29.96 68.58
C THR P 145 -28.16 30.00 69.15
N ILE P 146 -27.32 30.92 68.62
CA ILE P 146 -26.02 31.08 69.23
C ILE P 146 -26.09 32.24 70.28
N GLN P 147 -26.84 33.30 69.97
CA GLN P 147 -27.05 34.48 70.84
C GLN P 147 -27.71 34.08 72.13
N GLU P 148 -28.98 33.54 72.11
CA GLU P 148 -29.73 33.20 73.26
C GLU P 148 -29.19 31.92 73.96
N LEU P 149 -27.84 31.81 74.12
CA LEU P 149 -27.23 30.60 74.65
C LEU P 149 -25.77 30.84 75.16
N ALA P 150 -24.98 31.81 74.67
CA ALA P 150 -23.60 32.01 75.12
C ALA P 150 -23.37 32.46 76.66
N GLN P 151 -22.26 32.07 77.32
CA GLN P 151 -22.08 32.44 78.75
C GLN P 151 -21.10 33.58 78.85
N THR P 152 -21.45 34.55 79.73
CA THR P 152 -20.73 35.75 79.92
C THR P 152 -19.35 35.69 80.59
N VAL P 153 -18.24 35.95 79.96
CA VAL P 153 -16.89 35.85 80.37
C VAL P 153 -16.35 37.29 80.46
N SER P 154 -15.54 37.66 81.51
CA SER P 154 -15.12 39.07 81.66
C SER P 154 -13.65 39.16 82.08
N ILE P 155 -13.11 40.37 82.37
CA ILE P 155 -11.75 40.49 82.84
C ILE P 155 -11.38 39.84 84.11
N ASN P 156 -12.35 39.38 84.93
CA ASN P 156 -12.12 38.75 86.17
C ASN P 156 -12.47 37.32 86.27
N ASP P 157 -12.77 36.63 85.13
CA ASP P 157 -12.89 35.24 84.95
C ASP P 157 -11.56 34.77 84.34
N THR P 158 -10.43 34.88 85.09
CA THR P 158 -9.15 34.53 84.61
C THR P 158 -8.96 33.02 84.52
N ASP P 159 -9.60 32.14 85.28
CA ASP P 159 -9.44 30.68 85.18
C ASP P 159 -10.16 30.08 83.96
N LEU P 160 -11.00 30.84 83.32
CA LEU P 160 -11.73 30.43 82.13
C LEU P 160 -10.89 30.73 80.95
N LEU P 161 -10.35 31.95 81.00
CA LEU P 161 -9.42 32.36 79.95
C LEU P 161 -8.17 31.51 79.76
N ARG P 162 -7.75 30.85 80.85
CA ARG P 162 -6.73 29.79 80.79
C ARG P 162 -6.95 28.61 79.94
N LYS P 163 -8.25 28.27 79.86
CA LYS P 163 -8.75 27.13 79.25
C LYS P 163 -8.89 27.41 77.73
N ILE P 164 -9.77 28.37 77.39
CA ILE P 164 -9.84 28.90 76.04
C ILE P 164 -8.44 29.13 75.32
N ALA P 165 -7.35 29.45 76.09
CA ALA P 165 -5.98 29.54 75.56
C ALA P 165 -5.49 28.15 75.18
N MET P 166 -5.71 27.17 76.05
CA MET P 166 -5.35 25.74 75.73
C MET P 166 -6.14 25.29 74.53
N THR P 167 -7.44 25.66 74.40
CA THR P 167 -8.24 25.37 73.16
C THR P 167 -7.64 25.88 71.82
N SER P 168 -6.61 26.71 71.82
CA SER P 168 -5.96 27.25 70.71
C SER P 168 -4.58 26.57 70.56
N LEU P 169 -3.84 26.56 71.74
CA LEU P 169 -2.42 26.09 71.81
C LEU P 169 -2.34 24.69 71.69
N SER P 170 -3.31 23.93 72.15
CA SER P 170 -3.35 22.51 72.01
C SER P 170 -3.31 21.92 70.66
N SER P 171 -3.62 22.67 69.61
CA SER P 171 -3.54 22.21 68.27
C SER P 171 -2.36 22.55 67.53
N LYS P 172 -1.39 23.17 68.21
CA LYS P 172 -0.12 23.66 67.60
C LYS P 172 0.97 22.62 67.66
N ALA P 173 2.05 22.71 66.88
CA ALA P 173 3.19 21.80 66.77
C ALA P 173 4.11 21.90 67.89
N VAL P 174 3.96 23.00 68.68
CA VAL P 174 4.64 23.31 69.94
C VAL P 174 4.33 22.25 70.98
N ALA P 175 5.23 21.31 71.29
CA ALA P 175 5.04 20.16 72.20
C ALA P 175 5.30 20.49 73.54
N GLY P 176 6.03 21.59 73.71
CA GLY P 176 6.34 22.33 74.96
C GLY P 176 5.14 22.78 75.76
N ALA P 177 5.25 22.69 77.07
CA ALA P 177 4.18 22.95 78.05
C ALA P 177 3.22 24.15 77.81
N ARG P 178 1.89 23.94 77.51
CA ARG P 178 0.95 25.00 77.14
C ARG P 178 0.52 25.83 78.40
N GLU P 179 0.43 25.24 79.61
CA GLU P 179 0.17 25.90 80.85
C GLU P 179 1.07 27.12 81.11
N TYR P 180 2.34 27.11 80.81
CA TYR P 180 3.33 28.22 80.84
C TYR P 180 2.91 29.29 79.98
N ILE P 181 2.61 28.99 78.69
CA ILE P 181 2.17 30.00 77.77
C ILE P 181 0.77 30.54 78.10
N ALA P 182 -0.14 29.64 78.49
CA ALA P 182 -1.44 29.96 78.93
C ALA P 182 -1.47 30.95 80.12
N ASP P 183 -0.73 30.65 81.21
CA ASP P 183 -0.66 31.54 82.33
C ASP P 183 -0.15 32.95 81.93
N ILE P 184 0.92 33.01 81.21
CA ILE P 184 1.49 34.19 80.67
C ILE P 184 0.44 34.92 79.87
N VAL P 185 -0.26 34.35 78.83
CA VAL P 185 -1.29 35.01 78.09
C VAL P 185 -2.38 35.69 78.94
N VAL P 186 -2.83 34.99 79.98
CA VAL P 186 -3.91 35.53 80.78
C VAL P 186 -3.59 36.82 81.49
N LYS P 187 -2.39 36.82 82.25
CA LYS P 187 -1.77 38.04 82.83
C LYS P 187 -1.41 39.14 81.83
N ALA P 188 -0.79 38.74 80.67
CA ALA P 188 -0.36 39.58 79.52
C ALA P 188 -1.59 40.31 78.92
N VAL P 189 -2.83 39.78 78.77
CA VAL P 189 -3.99 40.47 78.33
C VAL P 189 -4.64 41.29 79.38
N THR P 190 -4.96 40.60 80.53
CA THR P 190 -5.55 41.30 81.68
C THR P 190 -4.81 42.51 82.22
N GLN P 191 -3.48 42.66 82.08
CA GLN P 191 -2.67 43.84 82.38
C GLN P 191 -2.86 45.03 81.40
N VAL P 192 -3.03 44.75 80.10
CA VAL P 192 -3.09 45.79 79.11
C VAL P 192 -4.51 46.29 78.90
N ALA P 193 -5.53 45.41 79.17
CA ALA P 193 -6.91 45.73 79.08
C ALA P 193 -7.55 46.87 79.92
N GLU P 194 -8.30 47.75 79.22
CA GLU P 194 -8.82 49.01 79.79
C GLU P 194 -10.36 48.96 79.33
N LEU P 195 -11.15 49.83 80.00
CA LEU P 195 -12.59 49.87 79.71
C LEU P 195 -12.97 51.05 78.92
N ARG P 196 -13.79 50.94 77.83
CA ARG P 196 -14.32 51.97 77.02
C ARG P 196 -15.82 51.72 76.65
N GLY P 197 -16.73 52.71 76.90
CA GLY P 197 -18.18 52.57 76.63
C GLY P 197 -18.83 51.55 77.47
N ASP P 198 -18.22 51.40 78.71
CA ASP P 198 -18.69 50.33 79.66
C ASP P 198 -18.58 48.89 79.05
N LYS P 199 -17.54 48.57 78.29
CA LYS P 199 -17.28 47.22 77.79
C LYS P 199 -15.75 47.09 77.71
N TRP P 200 -15.17 45.90 77.90
CA TRP P 200 -13.75 45.77 77.83
C TRP P 200 -13.16 46.09 76.45
N TYR P 201 -11.96 46.64 76.47
CA TYR P 201 -11.09 47.03 75.31
C TYR P 201 -9.72 46.59 75.47
N VAL P 202 -8.96 46.24 74.43
CA VAL P 202 -7.57 45.80 74.49
C VAL P 202 -6.74 46.21 73.24
N ASP P 203 -5.51 46.64 73.37
CA ASP P 203 -4.70 47.07 72.20
C ASP P 203 -3.47 46.30 72.08
N LEU P 204 -3.37 45.31 71.16
CA LEU P 204 -2.29 44.37 71.02
C LEU P 204 -0.86 44.97 70.87
N ASP P 205 -0.75 46.17 70.22
CA ASP P 205 0.49 46.95 69.95
C ASP P 205 1.25 47.27 71.20
N ASN P 206 0.51 47.28 72.38
CA ASN P 206 1.08 47.40 73.73
C ASN P 206 1.66 46.10 74.37
N ILE P 207 1.92 45.03 73.62
CA ILE P 207 2.64 43.83 74.14
C ILE P 207 3.64 43.48 73.12
N GLN P 208 4.93 43.44 73.55
CA GLN P 208 6.09 43.09 72.74
C GLN P 208 6.46 41.60 73.00
N ILE P 209 7.09 41.01 71.98
CA ILE P 209 7.38 39.58 72.03
C ILE P 209 8.79 39.36 71.67
N VAL P 210 9.59 38.95 72.66
CA VAL P 210 11.06 38.79 72.54
C VAL P 210 11.29 37.33 72.72
N LYS P 211 12.25 36.81 71.92
CA LYS P 211 12.48 35.39 71.83
C LYS P 211 14.01 35.07 71.65
N LYS P 212 14.55 34.04 72.35
CA LYS P 212 15.87 33.60 72.15
C LYS P 212 15.88 32.06 72.23
N ALA P 213 16.39 31.31 71.17
CA ALA P 213 16.51 29.85 71.26
C ALA P 213 17.44 29.42 72.35
N GLY P 214 17.24 28.18 72.94
CA GLY P 214 18.06 27.83 74.11
C GLY P 214 17.36 28.18 75.38
N GLY P 215 17.61 27.25 76.32
CA GLY P 215 16.98 27.32 77.63
C GLY P 215 15.98 26.16 77.85
N SER P 216 14.94 26.36 78.60
CA SER P 216 13.84 25.44 78.80
C SER P 216 12.59 26.20 78.60
N ILE P 217 11.43 25.53 78.46
CA ILE P 217 10.14 26.14 78.30
C ILE P 217 9.68 26.72 79.62
N ASN P 218 10.27 26.13 80.73
CA ASN P 218 9.97 26.71 82.04
C ASN P 218 10.57 28.07 82.19
N ASP P 219 11.57 28.51 81.36
CA ASP P 219 12.13 29.80 81.54
C ASP P 219 11.36 30.85 80.76
N THR P 220 10.17 30.41 80.24
CA THR P 220 9.18 31.47 79.73
C THR P 220 8.60 32.43 80.76
N GLN P 221 8.52 33.71 80.41
CA GLN P 221 8.05 34.63 81.38
C GLN P 221 7.34 35.93 80.84
N LEU P 222 6.62 36.61 81.78
CA LEU P 222 6.08 37.94 81.39
C LEU P 222 6.96 39.08 81.99
N VAL P 223 7.29 40.15 81.17
CA VAL P 223 8.15 41.23 81.56
C VAL P 223 7.37 42.45 81.79
N TYR P 224 7.66 43.14 82.87
CA TYR P 224 6.88 44.29 83.28
C TYR P 224 7.46 45.55 82.77
N GLY P 225 7.99 45.54 81.54
CA GLY P 225 8.58 46.70 80.95
C GLY P 225 8.82 46.44 79.52
N ILE P 226 9.96 46.92 79.03
CA ILE P 226 10.37 46.75 77.66
C ILE P 226 11.75 46.14 77.69
N VAL P 227 12.23 45.46 76.63
CA VAL P 227 13.52 44.81 76.54
C VAL P 227 14.14 45.23 75.22
N VAL P 228 15.27 45.96 75.36
CA VAL P 228 16.05 46.52 74.26
C VAL P 228 17.07 45.48 73.97
N ASP P 229 17.04 44.85 72.78
CA ASP P 229 17.94 43.77 72.32
C ASP P 229 19.38 44.20 71.97
N LYS P 230 20.15 44.82 72.88
CA LYS P 230 21.52 45.23 72.62
C LYS P 230 22.30 45.37 73.90
N GLU P 231 23.63 45.10 73.95
CA GLU P 231 24.48 45.24 75.11
C GLU P 231 24.90 46.64 75.24
N VAL P 232 25.34 47.07 76.50
CA VAL P 232 25.94 48.39 76.79
C VAL P 232 27.28 48.56 76.08
N VAL P 233 27.64 49.71 75.61
CA VAL P 233 28.94 49.86 74.83
C VAL P 233 30.20 49.70 75.65
N HIS P 234 30.18 50.13 76.91
CA HIS P 234 31.42 49.87 77.69
C HIS P 234 31.03 49.14 78.98
N PRO P 235 31.37 47.91 79.23
CA PRO P 235 31.04 47.28 80.48
C PRO P 235 31.68 47.96 81.76
N GLY P 236 32.59 48.98 81.71
CA GLY P 236 32.98 49.77 82.88
C GLY P 236 31.88 50.69 83.27
N MET P 237 30.82 50.85 82.49
CA MET P 237 29.69 51.70 82.82
C MET P 237 28.70 50.81 83.70
N PRO P 238 27.91 51.39 84.66
CA PRO P 238 27.06 50.59 85.59
C PRO P 238 26.28 49.45 84.99
N LYS P 239 26.09 48.32 85.78
CA LYS P 239 25.14 47.23 85.53
C LYS P 239 23.74 47.69 85.67
N ARG P 240 23.42 48.35 86.83
CA ARG P 240 22.07 48.79 87.20
C ARG P 240 22.05 50.25 87.71
N LEU P 241 21.28 51.19 87.01
CA LEU P 241 21.15 52.50 87.49
C LEU P 241 19.75 52.75 87.96
N GLU P 242 19.53 53.39 89.19
CA GLU P 242 18.20 53.68 89.76
C GLU P 242 17.66 55.04 89.27
N ASN P 243 16.31 55.08 88.88
CA ASN P 243 15.52 56.17 88.23
C ASN P 243 16.37 56.86 87.20
N ALA P 244 17.10 56.17 86.32
CA ALA P 244 17.81 56.82 85.30
C ALA P 244 17.04 57.48 84.15
N LYS P 245 17.54 58.60 83.71
CA LYS P 245 17.02 59.26 82.53
C LYS P 245 17.68 58.84 81.29
N ILE P 246 16.97 57.91 80.56
CA ILE P 246 17.15 57.56 79.12
C ILE P 246 17.17 58.80 78.20
N ALA P 247 17.99 58.69 77.15
CA ALA P 247 17.99 59.59 76.05
C ALA P 247 17.82 58.76 74.79
N LEU P 248 16.58 58.63 74.21
CA LEU P 248 16.33 57.96 72.89
C LEU P 248 16.90 58.84 71.74
N ILE P 249 18.18 58.69 71.34
CA ILE P 249 18.78 59.69 70.35
C ILE P 249 18.72 59.04 68.99
N ASP P 250 17.81 59.47 68.11
CA ASP P 250 17.74 59.07 66.73
C ASP P 250 18.88 59.72 65.86
N ALA P 251 19.19 60.97 66.18
CA ALA P 251 20.31 61.69 65.62
C ALA P 251 21.68 60.98 65.64
N SER P 252 22.47 61.20 64.58
CA SER P 252 23.73 60.56 64.39
C SER P 252 24.86 60.94 65.31
N LEU P 253 25.51 59.97 65.89
CA LEU P 253 26.67 60.20 66.84
C LEU P 253 27.97 59.64 66.40
N GLU P 254 28.11 59.28 65.14
CA GLU P 254 29.34 58.79 64.57
C GLU P 254 29.78 59.87 63.63
N VAL P 255 31.09 60.00 63.37
CA VAL P 255 31.63 60.90 62.32
C VAL P 255 31.51 60.36 60.94
N GLU P 256 30.60 60.92 60.08
CA GLU P 256 30.35 60.43 58.73
C GLU P 256 31.50 60.50 57.83
N LYS P 257 31.77 59.52 56.98
CA LYS P 257 32.91 59.54 56.07
C LYS P 257 32.97 60.85 55.23
N PRO P 258 34.15 61.48 54.96
CA PRO P 258 34.27 62.56 53.99
C PRO P 258 34.45 61.85 52.68
N GLU P 259 34.68 60.53 52.51
CA GLU P 259 34.97 59.92 51.23
C GLU P 259 33.81 58.95 50.86
N LEU P 260 32.54 59.29 51.28
CA LEU P 260 31.40 58.32 51.07
C LEU P 260 30.88 58.17 49.66
N ASP P 261 30.65 59.29 48.99
CA ASP P 261 30.23 59.32 47.61
C ASP P 261 31.45 59.03 46.67
N ALA P 262 32.63 59.68 47.00
CA ALA P 262 33.81 59.47 46.27
C ALA P 262 34.90 60.06 47.11
N GLU P 263 36.20 59.84 46.72
CA GLU P 263 37.28 60.34 47.52
C GLU P 263 37.32 61.80 47.86
N ILE P 264 37.83 62.22 49.02
CA ILE P 264 38.07 63.60 49.43
C ILE P 264 38.75 64.53 48.51
N ARG P 265 38.36 65.79 48.58
CA ARG P 265 39.00 66.91 47.80
C ARG P 265 40.14 67.64 48.46
N ILE P 266 40.43 67.30 49.75
CA ILE P 266 41.46 67.81 50.63
C ILE P 266 42.87 67.43 50.13
N ASN P 267 43.96 68.29 50.16
CA ASN P 267 45.35 68.03 49.70
C ASN P 267 46.36 68.64 50.67
N ASP P 268 46.12 68.97 51.94
CA ASP P 268 47.04 69.53 52.82
C ASP P 268 46.78 68.76 54.22
N PRO P 269 47.72 68.08 54.90
CA PRO P 269 47.50 67.26 56.04
C PRO P 269 47.15 67.98 57.28
N THR P 270 47.51 69.31 57.44
CA THR P 270 47.07 70.13 58.57
C THR P 270 45.56 70.29 58.45
N GLN P 271 45.09 70.48 57.23
CA GLN P 271 43.71 70.73 56.96
C GLN P 271 42.76 69.59 57.14
N MET P 272 43.27 68.44 56.73
CA MET P 272 42.73 67.10 56.90
C MET P 272 42.33 66.82 58.33
N GLN P 273 43.31 66.91 59.26
CA GLN P 273 43.19 66.98 60.68
C GLN P 273 42.12 68.02 61.15
N LYS P 274 42.28 69.34 60.97
CA LYS P 274 41.34 70.46 61.18
C LYS P 274 39.92 70.37 60.55
N PHE P 275 39.73 69.42 59.61
CA PHE P 275 38.43 68.99 59.06
C PHE P 275 37.80 67.98 59.97
N LEU P 276 38.46 66.82 60.28
CA LEU P 276 37.98 65.74 61.10
C LEU P 276 37.91 66.01 62.60
N ASP P 277 38.72 66.97 63.08
CA ASP P 277 38.81 67.43 64.45
C ASP P 277 37.54 68.14 64.79
N GLU P 278 37.20 69.10 63.97
CA GLU P 278 35.97 69.86 64.28
C GLU P 278 34.72 69.00 64.24
N GLU P 279 34.81 67.99 63.36
CA GLU P 279 33.75 66.91 63.24
C GLU P 279 33.69 65.92 64.42
N GLU P 280 34.78 65.65 65.10
CA GLU P 280 34.79 64.82 66.34
C GLU P 280 34.34 65.54 67.58
N ASN P 281 34.56 66.86 67.57
CA ASN P 281 34.10 67.70 68.65
C ASN P 281 32.65 67.95 68.56
N LEU P 282 32.03 67.71 67.38
CA LEU P 282 30.63 67.85 67.12
C LEU P 282 29.88 66.81 67.87
N ILE P 283 30.49 65.65 67.89
CA ILE P 283 29.84 64.61 68.70
C ILE P 283 29.99 64.93 70.17
N LYS P 284 31.15 65.53 70.67
CA LYS P 284 31.25 65.98 72.10
C LYS P 284 30.29 67.13 72.41
N GLU P 285 29.95 67.90 71.38
CA GLU P 285 28.90 68.94 71.43
C GLU P 285 27.49 68.27 71.60
N LYS P 286 27.16 67.30 70.84
CA LYS P 286 25.92 66.57 71.01
C LYS P 286 25.65 65.92 72.37
N VAL P 287 26.68 65.23 72.93
CA VAL P 287 26.72 64.78 74.32
C VAL P 287 26.55 65.83 75.38
N ASP P 288 27.29 66.95 75.27
CA ASP P 288 27.18 68.03 76.24
C ASP P 288 25.78 68.76 76.23
N LYS P 289 25.13 68.85 75.01
CA LYS P 289 23.74 69.29 74.96
C LYS P 289 22.72 68.34 75.56
N ILE P 290 22.96 67.05 75.66
CA ILE P 290 22.07 66.00 76.13
C ILE P 290 22.21 65.83 77.63
N LEU P 291 23.43 65.82 78.24
CA LEU P 291 23.67 65.91 79.66
C LEU P 291 23.34 67.26 80.32
N ALA P 292 23.09 68.32 79.51
CA ALA P 292 22.38 69.54 79.87
C ALA P 292 20.92 69.37 80.25
N THR P 293 20.32 68.27 79.90
CA THR P 293 18.98 68.00 80.20
C THR P 293 18.91 67.07 81.38
N GLY P 294 20.01 66.32 81.66
CA GLY P 294 20.07 65.47 82.81
C GLY P 294 19.99 64.03 82.46
N ALA P 295 20.36 63.69 81.24
CA ALA P 295 20.29 62.31 80.85
C ALA P 295 21.31 61.42 81.52
N ASN P 296 20.87 60.28 82.10
CA ASN P 296 21.73 59.36 82.75
C ASN P 296 21.95 58.13 81.91
N VAL P 297 21.24 57.93 80.75
CA VAL P 297 21.36 56.69 79.90
C VAL P 297 21.31 57.38 78.46
N ILE P 298 21.95 56.84 77.51
CA ILE P 298 21.93 57.34 76.14
C ILE P 298 22.05 56.12 75.22
N ILE P 299 21.00 55.98 74.44
CA ILE P 299 20.91 54.90 73.49
C ILE P 299 20.64 55.60 72.16
N CYS P 300 21.25 55.09 71.11
CA CYS P 300 21.00 55.62 69.80
C CYS P 300 20.79 54.62 68.57
N GLN P 301 20.45 55.19 67.37
CA GLN P 301 20.17 54.35 66.24
C GLN P 301 21.34 54.04 65.36
N LYS P 302 22.23 55.02 65.06
CA LYS P 302 23.45 54.87 64.39
C LYS P 302 24.52 54.60 65.50
N GLY P 303 25.80 54.62 65.04
CA GLY P 303 26.99 54.38 65.86
C GLY P 303 27.46 55.54 66.61
N ILE P 304 28.56 55.33 67.40
CA ILE P 304 29.16 56.29 68.30
C ILE P 304 30.67 56.22 68.27
N ASP P 305 31.34 57.35 67.90
CA ASP P 305 32.73 57.61 67.84
C ASP P 305 33.47 57.06 69.13
N GLU P 306 34.75 56.77 69.10
CA GLU P 306 35.44 56.27 70.21
C GLU P 306 35.74 57.29 71.25
N VAL P 307 35.84 58.59 70.87
CA VAL P 307 36.08 59.69 71.79
C VAL P 307 34.80 60.06 72.45
N ALA P 308 33.67 59.96 71.73
CA ALA P 308 32.35 60.13 72.38
C ALA P 308 31.92 59.03 73.34
N GLN P 309 32.52 57.82 73.26
CA GLN P 309 32.35 56.78 74.28
C GLN P 309 33.19 56.98 75.52
N SER P 310 34.49 57.29 75.35
CA SER P 310 35.30 57.69 76.49
C SER P 310 34.89 58.95 77.22
N TYR P 311 34.24 59.91 76.56
CA TYR P 311 33.78 61.10 77.24
C TYR P 311 32.63 60.67 78.09
N LEU P 312 31.65 59.89 77.58
CA LEU P 312 30.50 59.39 78.34
C LEU P 312 31.02 58.41 79.48
N ALA P 313 32.11 57.70 79.22
CA ALA P 313 32.75 56.83 80.23
C ALA P 313 33.29 57.63 81.36
N LYS P 314 33.91 58.76 81.05
CA LYS P 314 34.47 59.66 82.08
C LYS P 314 33.35 60.40 82.87
N LYS P 315 32.22 60.57 82.24
CA LYS P 315 31.01 61.09 82.92
C LYS P 315 30.22 60.06 83.79
N GLY P 316 30.48 58.75 83.43
CA GLY P 316 29.98 57.64 84.21
C GLY P 316 28.59 57.31 83.80
N VAL P 317 28.15 57.96 82.73
CA VAL P 317 26.84 57.70 82.07
C VAL P 317 26.76 56.32 81.40
N LEU P 318 25.57 55.71 81.19
CA LEU P 318 25.44 54.35 80.66
C LEU P 318 24.91 54.40 79.23
N ALA P 319 25.77 53.99 78.21
CA ALA P 319 25.43 54.16 76.86
C ALA P 319 25.41 52.89 76.06
N VAL P 320 24.56 52.80 74.96
CA VAL P 320 24.39 51.73 73.99
C VAL P 320 24.64 52.31 72.61
N ARG P 321 25.36 51.49 71.74
CA ARG P 321 25.76 51.74 70.36
C ARG P 321 24.86 51.13 69.32
N ARG P 322 24.38 51.78 68.26
CA ARG P 322 23.43 51.23 67.21
C ARG P 322 22.41 50.18 67.61
N ALA P 323 21.42 50.56 68.41
CA ALA P 323 20.36 49.61 68.77
C ALA P 323 19.18 49.99 67.83
N LYS P 324 18.63 49.02 67.09
CA LYS P 324 17.56 49.16 66.12
C LYS P 324 16.29 49.98 66.41
N LYS P 325 15.88 50.81 65.45
CA LYS P 325 14.79 51.69 65.54
C LYS P 325 13.44 51.15 65.97
N SER P 326 13.15 49.88 65.62
CA SER P 326 12.00 49.09 66.14
C SER P 326 11.83 49.11 67.62
N ASP P 327 12.91 49.24 68.44
CA ASP P 327 12.75 49.33 69.89
C ASP P 327 12.77 50.75 70.45
N LEU P 328 13.34 51.78 69.78
CA LEU P 328 13.29 53.15 70.17
C LEU P 328 11.84 53.65 70.11
N GLU P 329 11.05 53.27 69.04
CA GLU P 329 9.70 53.69 69.04
C GLU P 329 8.89 53.20 70.20
N LYS P 330 8.84 51.88 70.47
CA LYS P 330 8.24 51.10 71.60
C LYS P 330 8.71 51.52 72.97
N LEU P 331 9.91 52.11 73.04
CA LEU P 331 10.43 52.51 74.37
C LEU P 331 9.99 53.88 74.70
N ALA P 332 9.69 54.70 73.68
CA ALA P 332 9.18 56.07 73.84
C ALA P 332 7.91 56.19 74.65
N ARG P 333 6.71 55.75 74.19
CA ARG P 333 5.53 55.89 75.10
C ARG P 333 5.40 54.91 76.29
N ALA P 334 6.37 54.00 76.32
CA ALA P 334 6.62 53.06 77.38
C ALA P 334 7.25 53.73 78.48
N THR P 335 8.21 54.63 78.21
CA THR P 335 8.93 55.30 79.28
C THR P 335 8.42 56.67 79.42
N GLY P 336 7.46 57.09 78.56
CA GLY P 336 6.71 58.33 78.51
C GLY P 336 7.39 59.49 77.80
N GLY P 337 8.53 59.19 77.21
CA GLY P 337 9.43 60.04 76.51
C GLY P 337 9.18 60.20 75.05
N ARG P 338 10.18 60.61 74.28
CA ARG P 338 10.13 60.84 72.90
C ARG P 338 11.38 60.44 72.19
N VAL P 339 11.26 60.20 70.84
CA VAL P 339 12.46 59.80 70.02
C VAL P 339 13.13 61.03 69.51
N VAL P 340 14.29 61.40 70.08
CA VAL P 340 14.87 62.71 69.85
C VAL P 340 15.66 62.82 68.51
N SER P 341 15.12 63.57 67.50
CA SER P 341 15.74 63.72 66.19
C SER P 341 16.72 64.85 66.07
N ASN P 342 16.46 66.03 66.63
CA ASN P 342 17.42 67.11 66.49
C ASN P 342 17.83 67.38 67.94
N ILE P 343 19.07 67.07 68.26
CA ILE P 343 19.67 67.28 69.61
C ILE P 343 19.57 68.75 70.09
N ASP P 344 19.56 69.68 69.07
CA ASP P 344 19.38 71.06 69.30
C ASP P 344 17.95 71.50 69.61
N GLU P 345 17.02 70.54 69.86
CA GLU P 345 15.69 70.79 70.22
C GLU P 345 15.29 70.08 71.48
N ILE P 346 16.24 69.31 72.07
CA ILE P 346 16.00 68.33 73.19
C ILE P 346 15.51 68.89 74.48
N SER P 347 14.54 68.24 75.18
CA SER P 347 14.17 68.69 76.49
C SER P 347 13.76 67.57 77.45
N GLU P 348 13.36 67.99 78.66
CA GLU P 348 13.04 67.11 79.78
C GLU P 348 11.97 66.02 79.57
N GLN P 349 10.83 66.41 78.90
CA GLN P 349 9.73 65.51 78.68
C GLN P 349 10.01 64.61 77.38
N ASP P 350 11.10 64.99 76.64
CA ASP P 350 11.64 64.18 75.58
C ASP P 350 12.34 62.98 76.14
N LEU P 351 13.05 63.05 77.34
CA LEU P 351 13.67 61.87 78.00
C LEU P 351 12.69 60.77 78.54
N GLY P 352 13.20 59.54 78.62
CA GLY P 352 12.50 58.41 79.11
C GLY P 352 12.66 58.25 80.65
N TYR P 353 11.57 57.81 81.35
CA TYR P 353 11.55 57.56 82.77
C TYR P 353 11.13 56.24 83.12
N ALA P 354 11.82 55.67 84.06
CA ALA P 354 11.51 54.34 84.52
C ALA P 354 12.16 54.07 85.85
N SER P 355 11.70 53.13 86.66
CA SER P 355 12.09 53.00 88.05
C SER P 355 13.55 52.55 88.11
N LEU P 356 13.91 51.62 87.31
CA LEU P 356 15.30 51.16 87.17
C LEU P 356 15.58 50.50 85.84
N ILE P 357 16.73 50.97 85.17
CA ILE P 357 17.21 50.39 83.95
C ILE P 357 18.56 49.71 84.12
N GLU P 358 18.64 48.59 83.41
CA GLU P 358 19.84 47.70 83.53
C GLU P 358 20.27 46.88 82.29
N GLU P 359 21.38 46.07 82.41
CA GLU P 359 21.84 45.12 81.40
C GLU P 359 21.81 43.73 82.00
N ARG P 360 21.17 42.75 81.37
CA ARG P 360 21.13 41.37 81.90
C ARG P 360 21.50 40.40 80.82
N LYS P 361 22.38 39.39 81.07
CA LYS P 361 22.65 38.36 80.05
C LYS P 361 21.56 37.31 80.00
N VAL P 362 20.92 37.13 78.84
CA VAL P 362 19.80 36.22 78.75
C VAL P 362 20.19 35.06 77.77
N GLY P 363 20.60 33.84 78.24
CA GLY P 363 21.21 32.87 77.27
C GLY P 363 22.58 33.36 76.72
N GLU P 364 22.78 33.15 75.40
CA GLU P 364 23.89 33.61 74.53
C GLU P 364 23.75 35.08 74.08
N ASP P 365 22.76 35.91 74.54
CA ASP P 365 22.60 37.33 74.25
C ASP P 365 22.72 38.16 75.47
N LYS P 366 23.19 39.36 75.34
CA LYS P 366 23.11 40.37 76.41
C LYS P 366 22.14 41.41 75.88
N MET P 367 21.21 41.88 76.78
CA MET P 367 20.10 42.73 76.53
C MET P 367 20.06 43.74 77.60
N VAL P 368 19.41 44.86 77.29
CA VAL P 368 19.01 45.95 78.18
C VAL P 368 17.58 45.72 78.69
N PHE P 369 17.21 45.85 79.98
CA PHE P 369 15.80 45.71 80.36
C PHE P 369 15.31 47.01 80.95
N VAL P 370 14.04 47.27 80.83
CA VAL P 370 13.50 48.56 81.27
C VAL P 370 12.20 48.23 82.02
N GLU P 371 12.42 47.51 83.05
CA GLU P 371 11.44 47.14 84.07
C GLU P 371 11.09 48.32 84.92
N GLY P 372 9.87 48.31 85.50
CA GLY P 372 9.39 49.45 86.23
C GLY P 372 9.18 50.70 85.35
N ALA P 373 8.62 50.54 84.14
CA ALA P 373 8.30 51.55 83.25
C ALA P 373 7.22 52.52 83.81
N LYS P 374 7.07 53.58 82.99
CA LYS P 374 6.18 54.64 83.21
C LYS P 374 4.77 54.34 82.70
N ASN P 375 4.63 53.54 81.70
CA ASN P 375 3.32 53.06 81.24
C ASN P 375 3.18 51.55 81.69
N PRO P 376 2.30 51.25 82.63
CA PRO P 376 1.80 49.89 83.04
C PRO P 376 1.30 48.96 81.92
N LYS P 377 0.68 49.50 80.91
CA LYS P 377 0.11 48.81 79.72
C LYS P 377 1.12 48.34 78.75
N SER P 378 2.35 48.83 78.79
CA SER P 378 3.46 48.49 78.03
C SER P 378 4.23 47.44 78.76
N ILE P 379 4.00 46.21 78.23
CA ILE P 379 4.61 44.97 78.78
C ILE P 379 5.21 44.13 77.68
N SER P 380 6.06 43.14 78.02
CA SER P 380 6.69 42.33 77.00
C SER P 380 6.61 40.83 77.43
N ILE P 381 6.84 39.94 76.44
CA ILE P 381 6.94 38.54 76.79
C ILE P 381 8.31 38.11 76.39
N LEU P 382 8.96 37.28 77.21
CA LEU P 382 10.23 36.74 76.87
C LEU P 382 10.01 35.26 76.78
N ILE P 383 10.19 34.67 75.57
CA ILE P 383 10.19 33.28 75.26
C ILE P 383 11.60 32.75 75.26
N ARG P 384 11.82 31.52 75.81
CA ARG P 384 13.12 30.89 75.82
C ARG P 384 12.77 29.37 75.58
N GLY P 385 13.87 28.65 75.48
CA GLY P 385 13.74 27.22 75.20
C GLY P 385 13.68 26.87 73.74
N GLY P 386 13.95 25.55 73.51
CA GLY P 386 13.83 24.93 72.25
C GLY P 386 14.77 25.44 71.15
N LEU P 387 14.49 24.92 69.93
CA LEU P 387 15.32 25.22 68.76
C LEU P 387 15.21 26.61 68.10
N GLU P 388 16.19 26.92 67.30
CA GLU P 388 16.29 28.14 66.55
C GLU P 388 15.16 28.48 65.66
N ARG P 389 14.32 27.52 65.19
CA ARG P 389 13.16 27.72 64.34
C ARG P 389 11.95 27.48 65.15
N LEU P 390 11.96 26.59 66.09
CA LEU P 390 10.90 26.26 67.03
C LEU P 390 10.46 27.47 67.86
N VAL P 391 11.33 28.32 68.32
CA VAL P 391 10.94 29.52 68.99
C VAL P 391 10.09 30.40 68.02
N ASP P 392 10.46 30.45 66.67
CA ASP P 392 9.54 31.13 65.72
C ASP P 392 8.13 30.57 65.70
N GLU P 393 7.88 29.25 65.57
CA GLU P 393 6.56 28.80 65.53
C GLU P 393 5.87 28.79 66.97
N THR P 394 6.57 28.93 68.09
CA THR P 394 6.07 29.21 69.37
C THR P 394 5.53 30.69 69.46
N GLU P 395 6.12 31.65 68.72
CA GLU P 395 5.69 33.07 68.59
C GLU P 395 4.47 33.24 67.80
N ARG P 396 4.34 32.38 66.75
CA ARG P 396 3.16 32.38 65.88
C ARG P 396 2.00 31.90 66.78
N ALA P 397 2.25 30.75 67.44
CA ALA P 397 1.36 30.21 68.44
C ALA P 397 0.91 31.21 69.54
N LEU P 398 1.90 32.06 69.97
CA LEU P 398 1.70 33.08 70.93
C LEU P 398 0.88 34.28 70.49
N ARG P 399 1.07 34.74 69.23
CA ARG P 399 0.43 35.79 68.58
C ARG P 399 -1.10 35.41 68.54
N ASP P 400 -1.43 34.14 68.08
CA ASP P 400 -2.84 33.68 68.14
C ASP P 400 -3.31 33.56 69.58
N ALA P 401 -2.57 32.98 70.59
CA ALA P 401 -3.01 32.79 71.93
C ALA P 401 -3.42 34.09 72.65
N LEU P 402 -2.60 35.14 72.47
CA LEU P 402 -2.73 36.53 73.00
C LEU P 402 -3.94 37.11 72.36
N GLY P 403 -3.93 37.10 71.02
CA GLY P 403 -4.95 37.56 70.09
C GLY P 403 -6.36 37.08 70.43
N THR P 404 -6.54 35.81 70.44
CA THR P 404 -7.74 35.18 70.85
C THR P 404 -8.31 35.50 72.23
N VAL P 405 -7.52 35.42 73.37
CA VAL P 405 -7.91 35.77 74.69
C VAL P 405 -8.35 37.24 74.81
N ALA P 406 -7.56 38.16 74.16
CA ALA P 406 -8.04 39.55 74.08
C ALA P 406 -9.34 39.75 73.27
N ASP P 407 -9.53 38.94 72.24
CA ASP P 407 -10.80 38.83 71.45
C ASP P 407 -11.97 38.24 72.27
N VAL P 408 -11.72 37.27 73.19
CA VAL P 408 -12.71 36.84 74.14
C VAL P 408 -13.18 37.92 75.08
N ILE P 409 -12.24 38.79 75.61
CA ILE P 409 -12.59 39.95 76.46
C ILE P 409 -13.32 41.01 75.73
N LYS P 410 -12.92 41.41 74.56
CA LYS P 410 -13.45 42.35 73.64
C LYS P 410 -14.90 42.06 73.30
N ASP P 411 -15.28 40.82 73.30
CA ASP P 411 -16.61 40.36 72.93
C ASP P 411 -17.39 40.20 74.30
N GLY P 412 -16.99 39.10 75.04
CA GLY P 412 -17.60 38.80 76.33
C GLY P 412 -18.38 37.47 76.35
N ARG P 413 -18.43 36.76 75.19
CA ARG P 413 -19.23 35.52 74.99
C ARG P 413 -18.33 34.31 74.68
N ALA P 414 -18.63 33.19 75.32
CA ALA P 414 -17.94 31.98 75.06
C ALA P 414 -18.84 30.80 75.21
N ILE P 415 -18.82 29.83 74.31
CA ILE P 415 -19.70 28.68 74.23
C ILE P 415 -18.84 27.41 74.32
N ALA P 416 -19.44 26.16 74.48
CA ALA P 416 -18.80 24.86 74.55
C ALA P 416 -18.31 24.37 73.25
N GLY P 417 -17.03 23.93 73.03
CA GLY P 417 -16.64 23.47 71.70
C GLY P 417 -16.93 21.99 71.41
N GLY P 418 -16.12 21.30 70.55
CA GLY P 418 -16.29 19.90 70.21
C GLY P 418 -17.64 19.52 69.48
N GLY P 419 -18.08 20.36 68.57
CA GLY P 419 -19.35 20.15 67.85
C GLY P 419 -20.60 20.57 68.58
N ALA P 420 -20.45 21.03 69.88
CA ALA P 420 -21.53 21.41 70.73
C ALA P 420 -22.50 22.47 70.23
N VAL P 421 -22.09 23.70 69.87
CA VAL P 421 -23.01 24.71 69.40
C VAL P 421 -23.65 24.35 68.06
N GLU P 422 -22.85 23.52 67.33
CA GLU P 422 -23.13 22.99 66.05
C GLU P 422 -24.36 22.08 65.99
N ILE P 423 -24.24 20.89 66.73
CA ILE P 423 -25.42 19.94 67.02
C ILE P 423 -26.68 20.66 67.49
N GLU P 424 -26.45 21.80 68.29
CA GLU P 424 -27.60 22.60 68.90
C GLU P 424 -28.33 23.32 67.79
N ILE P 425 -27.64 24.12 67.02
CA ILE P 425 -28.10 24.70 65.75
C ILE P 425 -28.64 23.63 64.76
N ALA P 426 -28.21 22.34 64.81
CA ALA P 426 -28.82 21.31 63.98
C ALA P 426 -30.18 21.08 64.65
N LYS P 427 -30.29 20.38 65.76
CA LYS P 427 -31.45 20.01 66.59
C LYS P 427 -32.57 21.09 66.65
N LYS P 428 -32.25 22.39 67.03
CA LYS P 428 -33.27 23.46 67.03
C LYS P 428 -33.84 23.72 65.68
N LEU P 429 -33.02 23.63 64.60
CA LEU P 429 -33.49 23.84 63.25
C LEU P 429 -34.34 22.71 62.73
N ARG P 430 -33.98 21.49 63.04
CA ARG P 430 -34.76 20.29 62.62
C ARG P 430 -36.23 20.27 63.12
N LYS P 431 -36.35 20.67 64.42
CA LYS P 431 -37.64 20.79 65.06
C LYS P 431 -38.49 21.95 64.38
N TYR P 432 -37.87 22.98 63.79
CA TYR P 432 -38.41 24.21 63.16
C TYR P 432 -39.06 23.78 61.82
N ALA P 433 -38.26 23.06 60.93
CA ALA P 433 -38.54 22.58 59.63
C ALA P 433 -40.01 22.21 59.39
N PRO P 434 -40.71 21.29 60.05
CA PRO P 434 -42.15 21.01 59.84
C PRO P 434 -43.13 22.18 59.53
N GLN P 435 -42.97 23.28 60.30
CA GLN P 435 -43.91 24.44 60.28
C GLN P 435 -43.46 25.49 59.21
N VAL P 436 -42.20 25.48 58.75
CA VAL P 436 -41.74 26.41 57.76
C VAL P 436 -42.56 26.47 56.52
N GLY P 437 -42.82 25.31 55.85
CA GLY P 437 -43.64 25.41 54.61
C GLY P 437 -43.65 24.11 53.89
N GLY P 438 -44.12 24.05 52.65
CA GLY P 438 -43.98 22.81 51.74
C GLY P 438 -42.61 22.44 51.36
N LYS P 439 -42.11 23.02 50.28
CA LYS P 439 -40.83 22.80 49.71
C LYS P 439 -39.73 23.35 50.66
N GLU P 440 -39.92 24.58 51.23
CA GLU P 440 -39.07 25.33 52.17
C GLU P 440 -38.57 24.52 53.30
N GLN P 441 -39.34 23.51 53.71
CA GLN P 441 -38.98 22.49 54.66
C GLN P 441 -37.65 21.79 54.23
N LEU P 442 -37.60 21.30 53.02
CA LEU P 442 -36.55 20.49 52.45
C LEU P 442 -35.21 21.20 52.46
N ALA P 443 -35.28 22.52 52.19
CA ALA P 443 -34.16 23.42 52.45
C ALA P 443 -33.74 23.56 53.99
N VAL P 444 -34.69 23.76 54.83
CA VAL P 444 -34.43 23.93 56.23
C VAL P 444 -33.85 22.63 56.84
N GLU P 445 -34.50 21.48 56.57
CA GLU P 445 -33.94 20.16 56.92
C GLU P 445 -32.53 19.84 56.35
N ALA P 446 -32.26 20.22 55.09
CA ALA P 446 -30.99 20.14 54.39
C ALA P 446 -29.97 21.05 55.02
N TYR P 447 -30.25 22.31 55.21
CA TYR P 447 -29.46 23.23 56.07
C TYR P 447 -28.98 22.60 57.48
N ALA P 448 -29.89 21.83 58.12
CA ALA P 448 -29.57 21.10 59.29
C ALA P 448 -28.62 19.99 59.15
N ASN P 449 -28.85 19.08 58.15
CA ASN P 449 -27.97 17.98 57.71
C ASN P 449 -26.59 18.39 57.29
N ALA P 450 -26.47 19.47 56.52
CA ALA P 450 -25.21 20.12 56.02
C ALA P 450 -24.28 20.56 57.29
N LEU P 451 -24.96 21.09 58.30
CA LEU P 451 -24.36 21.57 59.56
C LEU P 451 -23.89 20.38 60.39
N GLU P 452 -24.57 19.23 60.43
CA GLU P 452 -24.14 18.01 61.04
C GLU P 452 -22.97 17.41 60.23
N SER P 453 -22.98 17.64 58.92
CA SER P 453 -21.90 17.14 58.06
C SER P 453 -20.52 17.54 58.48
N LEU P 454 -20.38 18.78 59.01
CA LEU P 454 -19.16 19.36 59.62
C LEU P 454 -18.62 18.49 60.75
N VAL P 455 -19.47 18.17 61.71
CA VAL P 455 -19.13 17.39 62.91
C VAL P 455 -18.86 15.95 62.50
N SER P 456 -19.51 15.45 61.43
CA SER P 456 -19.33 14.11 60.97
C SER P 456 -17.90 13.93 60.41
N ILE P 457 -17.46 14.78 59.48
CA ILE P 457 -16.12 14.99 58.92
C ILE P 457 -15.07 15.11 60.07
N LEU P 458 -15.31 15.88 61.17
CA LEU P 458 -14.51 16.07 62.39
C LEU P 458 -14.28 14.73 63.12
N ILE P 459 -15.41 13.99 63.29
CA ILE P 459 -15.39 12.55 63.81
C ILE P 459 -14.72 11.60 62.96
N GLU P 460 -15.12 11.61 61.65
CA GLU P 460 -14.45 10.83 60.59
C GLU P 460 -12.91 10.82 60.63
N ASN P 461 -12.20 11.95 60.48
CA ASN P 461 -10.81 12.06 60.53
C ASN P 461 -10.02 11.57 61.87
N ALA P 462 -10.77 11.38 62.93
CA ALA P 462 -10.22 10.96 64.23
C ALA P 462 -10.01 9.43 64.27
N GLY P 463 -10.85 8.79 63.38
CA GLY P 463 -10.79 7.28 63.23
C GLY P 463 -11.98 6.66 63.88
N PHE P 464 -13.22 7.19 63.78
CA PHE P 464 -14.42 6.58 64.34
C PHE P 464 -15.54 6.83 63.34
N ASP P 465 -16.58 6.08 63.33
CA ASP P 465 -17.74 6.21 62.44
C ASP P 465 -18.52 7.54 62.68
N PRO P 466 -18.66 8.42 61.79
CA PRO P 466 -19.51 9.64 61.97
C PRO P 466 -20.94 9.33 62.37
N ILE P 467 -21.71 8.38 61.77
CA ILE P 467 -23.08 8.17 62.10
C ILE P 467 -23.28 7.65 63.48
N ASP P 468 -22.49 6.60 63.89
CA ASP P 468 -22.57 6.01 65.23
C ASP P 468 -22.50 7.13 66.27
N LEU P 469 -21.43 7.91 66.36
CA LEU P 469 -21.14 8.93 67.36
C LEU P 469 -22.13 10.12 67.22
N LEU P 470 -22.47 10.55 66.04
CA LEU P 470 -23.43 11.54 65.85
C LEU P 470 -24.82 11.12 66.36
N MET P 471 -25.33 9.94 66.11
CA MET P 471 -26.64 9.43 66.71
C MET P 471 -26.65 9.25 68.26
N LYS P 472 -25.58 8.64 68.82
CA LYS P 472 -25.25 8.42 70.22
C LYS P 472 -25.22 9.73 71.01
N LEU P 473 -24.86 10.84 70.33
CA LEU P 473 -24.69 12.16 70.81
C LEU P 473 -26.04 12.80 70.71
N ARG P 474 -26.76 12.72 69.58
CA ARG P 474 -28.16 13.24 69.54
C ARG P 474 -29.21 12.58 70.50
N SER P 475 -28.91 11.41 71.22
CA SER P 475 -29.78 10.93 72.24
C SER P 475 -29.36 11.45 73.59
N THR P 476 -28.08 11.45 73.92
CA THR P 476 -27.68 12.09 75.15
C THR P 476 -27.72 13.62 75.13
N HIS P 477 -28.21 14.26 74.09
CA HIS P 477 -28.43 15.72 74.00
C HIS P 477 -29.92 16.05 73.99
N GLU P 478 -30.87 15.07 74.12
CA GLU P 478 -32.30 15.23 74.05
C GLU P 478 -32.75 16.08 75.14
N ASN P 479 -32.23 15.91 76.41
CA ASN P 479 -32.56 16.80 77.51
C ASN P 479 -31.73 18.11 77.36
N GLU P 480 -32.31 19.29 77.62
CA GLU P 480 -31.80 20.63 77.73
C GLU P 480 -30.63 20.77 78.64
N ASN P 481 -30.47 19.87 79.64
CA ASN P 481 -29.34 19.84 80.67
C ASN P 481 -28.12 19.37 79.92
N ASN P 482 -28.21 18.75 78.72
CA ASN P 482 -27.04 18.16 78.07
C ASN P 482 -26.84 18.92 76.74
N LYS P 483 -26.91 20.25 76.75
CA LYS P 483 -26.79 21.18 75.59
C LYS P 483 -25.34 21.40 75.15
N TRP P 484 -24.39 21.42 76.16
CA TRP P 484 -22.98 21.62 75.99
C TRP P 484 -22.30 20.35 75.67
N TYR P 485 -23.07 19.32 75.13
CA TYR P 485 -22.48 18.07 74.65
C TYR P 485 -21.89 18.19 73.28
N GLY P 486 -20.71 17.60 73.20
CA GLY P 486 -19.99 17.49 72.01
C GLY P 486 -19.33 16.17 72.00
N ILE P 487 -18.32 16.01 71.11
CA ILE P 487 -17.65 14.79 70.84
C ILE P 487 -16.16 14.81 71.27
N ASP P 488 -15.87 13.99 72.32
CA ASP P 488 -14.54 13.73 72.81
C ASP P 488 -13.65 13.17 71.72
N LEU P 489 -12.58 13.90 71.21
CA LEU P 489 -11.71 13.47 70.09
C LEU P 489 -10.53 12.64 70.49
N TYR P 490 -10.43 12.20 71.79
CA TYR P 490 -9.45 11.24 72.19
C TYR P 490 -10.13 10.04 72.88
N ALA P 491 -11.14 10.35 73.71
CA ALA P 491 -11.98 9.37 74.43
C ALA P 491 -12.91 8.67 73.51
N GLY P 492 -13.47 9.48 72.60
CA GLY P 492 -14.36 8.92 71.63
C GLY P 492 -15.74 8.44 72.22
N GLN P 493 -16.60 9.41 72.64
CA GLN P 493 -17.89 9.23 73.26
C GLN P 493 -18.47 10.59 73.51
N PRO P 494 -19.78 10.79 73.35
CA PRO P 494 -20.44 12.14 73.55
C PRO P 494 -20.26 12.65 75.00
N VAL P 495 -19.77 13.87 75.20
CA VAL P 495 -19.63 14.43 76.57
C VAL P 495 -19.93 15.93 76.60
N ASP P 496 -20.12 16.47 77.83
CA ASP P 496 -20.22 17.95 78.02
C ASP P 496 -18.83 18.58 78.02
N MET P 497 -18.64 19.29 76.89
CA MET P 497 -17.40 19.96 76.65
C MET P 497 -17.10 21.18 77.51
N TRP P 498 -18.13 21.96 77.85
CA TRP P 498 -17.96 23.01 78.86
C TRP P 498 -17.28 22.46 80.08
N GLN P 499 -17.88 21.41 80.68
CA GLN P 499 -17.39 20.78 81.87
C GLN P 499 -16.16 19.81 81.59
N LYS P 500 -15.34 20.16 80.60
CA LYS P 500 -14.11 19.37 80.27
C LYS P 500 -13.04 20.39 79.73
N GLY P 501 -13.25 21.65 79.99
CA GLY P 501 -12.29 22.65 79.46
C GLY P 501 -12.26 22.97 77.96
N VAL P 502 -13.08 22.49 77.10
CA VAL P 502 -13.00 22.74 75.62
C VAL P 502 -14.10 23.74 75.41
N ILE P 503 -13.74 25.04 75.58
CA ILE P 503 -14.68 26.13 75.37
C ILE P 503 -14.20 27.02 74.25
N GLU P 504 -14.97 27.85 73.50
CA GLU P 504 -14.48 28.57 72.36
C GLU P 504 -15.17 29.94 72.25
N PRO P 505 -14.55 31.03 71.61
CA PRO P 505 -15.19 32.27 71.26
C PRO P 505 -16.53 32.05 70.46
N ALA P 506 -17.68 32.41 71.03
CA ALA P 506 -18.99 32.30 70.41
C ALA P 506 -19.30 33.11 69.13
N LEU P 507 -18.33 34.03 68.83
CA LEU P 507 -18.45 34.89 67.69
C LEU P 507 -17.84 34.28 66.43
N VAL P 508 -16.75 33.51 66.55
CA VAL P 508 -16.11 32.80 65.52
C VAL P 508 -17.06 31.79 64.87
N LYS P 509 -17.81 30.96 65.64
CA LYS P 509 -18.74 29.99 65.03
C LYS P 509 -19.99 30.70 64.58
N MET P 510 -20.06 32.06 64.57
CA MET P 510 -21.19 32.84 64.16
C MET P 510 -20.82 33.56 62.92
N ASN P 511 -19.63 34.22 62.81
CA ASN P 511 -19.19 34.92 61.58
C ASN P 511 -18.90 33.84 60.51
N ALA P 512 -18.51 32.64 60.86
CA ALA P 512 -18.30 31.53 59.96
C ALA P 512 -19.57 31.24 59.14
N ILE P 513 -20.68 31.04 59.88
CA ILE P 513 -22.04 30.81 59.40
C ILE P 513 -22.56 31.92 58.45
N LYS P 514 -22.37 33.22 58.74
CA LYS P 514 -22.64 34.27 57.91
C LYS P 514 -21.77 34.27 56.66
N ALA P 515 -20.45 33.97 56.79
CA ALA P 515 -19.54 33.92 55.69
C ALA P 515 -19.99 32.84 54.64
N ALA P 516 -20.07 31.56 55.15
CA ALA P 516 -20.49 30.37 54.44
C ALA P 516 -21.81 30.46 53.67
N THR P 517 -22.90 30.93 54.40
CA THR P 517 -24.24 31.16 53.71
C THR P 517 -24.19 32.25 52.68
N GLU P 518 -23.41 33.35 52.80
CA GLU P 518 -23.31 34.38 51.79
C GLU P 518 -22.78 33.82 50.52
N ALA P 519 -21.60 33.18 50.67
CA ALA P 519 -20.98 32.50 49.54
C ALA P 519 -21.94 31.44 48.91
N ALA P 520 -22.48 30.50 49.74
CA ALA P 520 -23.47 29.52 49.32
C ALA P 520 -24.61 30.05 48.50
N THR P 521 -25.31 31.05 49.06
CA THR P 521 -26.47 31.59 48.45
C THR P 521 -26.10 32.38 47.18
N LEU P 522 -24.86 32.91 47.16
CA LEU P 522 -24.34 33.65 46.03
C LEU P 522 -23.97 32.85 44.84
N VAL P 523 -23.41 31.64 45.04
CA VAL P 523 -23.16 30.68 43.97
C VAL P 523 -24.41 30.27 43.28
N LEU P 524 -25.53 30.04 44.08
CA LEU P 524 -26.80 29.65 43.50
C LEU P 524 -27.48 30.74 42.65
N ARG P 525 -27.16 32.00 42.98
CA ARG P 525 -27.59 33.16 42.31
C ARG P 525 -27.01 33.33 40.94
N ILE P 526 -25.76 32.82 40.69
CA ILE P 526 -25.19 32.75 39.30
C ILE P 526 -25.96 31.85 38.41
N ASP P 527 -26.39 32.39 37.15
CA ASP P 527 -27.16 31.64 36.18
C ASP P 527 -26.18 31.08 35.10
N ASP P 528 -25.28 31.94 34.60
CA ASP P 528 -24.46 31.55 33.47
C ASP P 528 -23.28 32.43 33.53
N VAL P 529 -22.20 32.19 32.81
CA VAL P 529 -20.98 32.92 32.82
C VAL P 529 -20.73 33.49 31.46
N VAL P 530 -20.28 34.79 31.41
CA VAL P 530 -19.83 35.40 30.17
C VAL P 530 -18.38 35.71 30.34
N SER P 531 -17.55 35.56 29.23
CA SER P 531 -16.15 35.96 29.38
C SER P 531 -15.66 36.75 28.22
N ALA P 532 -14.61 37.50 28.46
CA ALA P 532 -13.96 38.30 27.52
C ALA P 532 -13.29 37.54 26.34
N GLY Q 28 -36.22 35.99 -0.45
CA GLY Q 28 -36.85 34.84 0.33
C GLY Q 28 -36.27 34.60 1.72
N LYS Q 29 -36.33 33.38 2.23
CA LYS Q 29 -35.80 32.90 3.57
C LYS Q 29 -34.36 33.40 3.92
N GLU Q 30 -33.52 33.58 2.85
CA GLU Q 30 -32.14 33.86 2.83
C GLU Q 30 -31.52 34.63 4.00
N ALA Q 31 -31.76 35.94 4.01
CA ALA Q 31 -31.25 36.82 5.05
C ALA Q 31 -32.18 36.87 6.29
N VAL Q 32 -33.47 36.88 6.06
CA VAL Q 32 -34.47 36.92 7.15
C VAL Q 32 -34.35 36.01 8.37
N ARG Q 33 -33.81 34.79 8.18
CA ARG Q 33 -33.59 33.96 9.29
C ARG Q 33 -32.57 34.40 10.26
N ALA Q 34 -31.41 34.85 9.68
CA ALA Q 34 -30.19 35.35 10.30
C ALA Q 34 -30.54 36.52 11.27
N ASN Q 35 -31.28 37.55 10.86
CA ASN Q 35 -31.88 38.62 11.62
C ASN Q 35 -32.74 38.14 12.76
N ILE Q 36 -33.78 37.39 12.49
CA ILE Q 36 -34.65 36.74 13.53
C ILE Q 36 -33.83 35.89 14.51
N ALA Q 37 -33.01 34.91 14.06
CA ALA Q 37 -32.10 34.13 14.81
C ALA Q 37 -31.29 34.97 15.84
N ALA Q 38 -30.55 36.02 15.30
CA ALA Q 38 -29.70 36.97 16.01
C ALA Q 38 -30.44 37.62 17.16
N VAL Q 39 -31.68 38.09 16.83
CA VAL Q 39 -32.58 38.59 17.88
C VAL Q 39 -32.96 37.56 18.96
N LYS Q 40 -33.50 36.31 18.52
CA LYS Q 40 -33.89 35.20 19.43
C LYS Q 40 -32.77 34.90 20.40
N ALA Q 41 -31.50 34.97 19.94
CA ALA Q 41 -30.27 34.82 20.69
C ALA Q 41 -30.10 35.78 21.87
N VAL Q 42 -30.24 37.11 21.58
CA VAL Q 42 -30.24 38.14 22.59
C VAL Q 42 -31.34 37.93 23.58
N GLU Q 43 -32.59 37.51 23.19
CA GLU Q 43 -33.66 37.25 24.15
C GLU Q 43 -33.32 36.21 25.22
N GLU Q 44 -32.80 35.01 24.76
CA GLU Q 44 -32.21 33.98 25.54
C GLU Q 44 -31.05 34.37 26.38
N ALA Q 45 -30.50 35.61 26.26
CA ALA Q 45 -29.36 36.04 27.07
C ALA Q 45 -29.82 36.77 28.28
N LEU Q 46 -31.13 37.34 28.21
CA LEU Q 46 -31.56 38.16 29.37
C LEU Q 46 -32.75 37.46 30.11
N LYS Q 47 -33.60 36.64 29.41
CA LYS Q 47 -34.78 35.88 29.91
C LYS Q 47 -34.86 35.50 31.44
N SER Q 48 -33.85 34.82 32.01
CA SER Q 48 -33.81 34.52 33.44
C SER Q 48 -33.59 35.67 34.37
N THR Q 49 -33.53 36.95 33.88
CA THR Q 49 -33.12 38.01 34.81
C THR Q 49 -34.18 39.05 34.88
N TYR Q 50 -35.30 38.88 34.14
CA TYR Q 50 -36.44 39.80 34.19
C TYR Q 50 -37.20 39.82 35.54
N GLY Q 51 -37.50 41.07 36.13
CA GLY Q 51 -38.19 41.31 37.38
C GLY Q 51 -37.54 40.75 38.67
N PRO Q 52 -38.27 40.66 39.79
CA PRO Q 52 -37.66 40.06 41.01
C PRO Q 52 -37.49 38.57 40.78
N ARG Q 53 -36.59 37.95 41.63
CA ARG Q 53 -36.24 36.51 41.67
C ARG Q 53 -35.32 36.16 40.45
N GLY Q 54 -35.00 37.12 39.53
CA GLY Q 54 -34.02 36.97 38.46
C GLY Q 54 -32.59 36.43 38.87
N MET Q 55 -32.04 35.57 37.98
CA MET Q 55 -30.95 34.74 38.21
C MET Q 55 -29.77 35.40 37.55
N ASP Q 56 -28.93 36.06 38.34
CA ASP Q 56 -27.83 36.91 37.97
C ASP Q 56 -26.87 36.21 36.95
N LYS Q 57 -26.17 37.03 36.09
CA LYS Q 57 -25.17 36.61 35.14
C LYS Q 57 -23.78 36.90 35.67
N MET Q 58 -22.76 36.10 35.33
CA MET Q 58 -21.35 36.36 35.74
C MET Q 58 -20.54 36.81 34.52
N LEU Q 59 -19.73 37.85 34.75
CA LEU Q 59 -19.03 38.45 33.64
C LEU Q 59 -17.57 38.53 34.09
N VAL Q 60 -16.73 37.83 33.31
CA VAL Q 60 -15.33 37.73 33.43
C VAL Q 60 -14.50 38.50 32.38
N ASP Q 61 -13.77 39.55 32.74
CA ASP Q 61 -12.93 40.42 31.99
C ASP Q 61 -11.71 39.73 31.46
N SER Q 62 -11.00 40.47 30.54
CA SER Q 62 -9.91 39.99 29.77
C SER Q 62 -8.61 39.73 30.59
N LEU Q 63 -8.54 40.39 31.80
CA LEU Q 63 -7.44 40.34 32.70
C LEU Q 63 -7.85 39.41 33.88
N GLY Q 64 -9.06 38.81 33.78
CA GLY Q 64 -9.58 37.78 34.72
C GLY Q 64 -10.37 38.28 35.89
N ASP Q 65 -10.92 39.57 35.82
CA ASP Q 65 -11.66 40.18 36.90
C ASP Q 65 -13.11 39.86 36.74
N ILE Q 66 -13.78 39.56 37.89
CA ILE Q 66 -15.13 39.01 37.97
C ILE Q 66 -16.21 39.92 38.48
N THR Q 67 -17.38 39.86 37.84
CA THR Q 67 -18.47 40.77 38.04
C THR Q 67 -19.76 39.94 38.06
N ILE Q 68 -20.53 39.92 39.14
CA ILE Q 68 -21.84 39.27 39.16
C ILE Q 68 -22.84 40.38 39.04
N THR Q 69 -23.81 40.27 38.07
CA THR Q 69 -24.73 41.36 37.88
C THR Q 69 -26.03 40.92 37.13
N ASN Q 70 -26.88 41.91 36.90
CA ASN Q 70 -28.13 41.84 36.23
C ASN Q 70 -28.52 43.19 35.62
N ASP Q 71 -27.51 44.01 35.33
CA ASP Q 71 -27.64 45.18 34.60
C ASP Q 71 -27.90 44.89 33.11
N GLY Q 72 -29.16 45.17 32.54
CA GLY Q 72 -29.50 44.85 31.12
C GLY Q 72 -28.49 45.36 30.17
N ALA Q 73 -28.25 46.66 30.28
CA ALA Q 73 -27.47 47.49 29.47
C ALA Q 73 -26.06 46.96 29.18
N THR Q 74 -25.21 46.76 30.27
CA THR Q 74 -23.82 46.27 30.26
C THR Q 74 -23.65 45.01 29.52
N ILE Q 75 -24.61 44.09 29.73
CA ILE Q 75 -24.65 42.80 29.15
C ILE Q 75 -24.83 42.78 27.60
N LEU Q 76 -25.33 43.95 27.07
CA LEU Q 76 -25.48 44.13 25.62
C LEU Q 76 -24.37 45.01 25.06
N ASP Q 77 -23.97 46.03 25.89
CA ASP Q 77 -22.93 46.87 25.54
C ASP Q 77 -21.52 46.22 25.46
N LYS Q 78 -21.15 45.42 26.53
CA LYS Q 78 -19.93 44.75 26.78
C LYS Q 78 -19.71 43.50 25.86
N MET Q 79 -20.77 43.16 25.05
CA MET Q 79 -20.76 42.08 24.13
C MET Q 79 -20.42 42.47 22.72
N ASP Q 80 -19.89 41.51 21.98
CA ASP Q 80 -19.55 41.74 20.56
C ASP Q 80 -20.64 41.10 19.78
N LEU Q 81 -21.52 41.83 19.13
CA LEU Q 81 -22.56 41.21 18.26
C LEU Q 81 -22.20 41.28 16.80
N GLN Q 82 -21.91 40.11 16.11
CA GLN Q 82 -21.47 40.01 14.76
C GLN Q 82 -22.58 40.52 13.86
N HIS Q 83 -23.80 40.02 14.22
CA HIS Q 83 -24.94 40.45 13.40
C HIS Q 83 -25.34 41.95 13.44
N PRO Q 84 -25.58 42.62 12.33
CA PRO Q 84 -26.23 43.91 12.25
C PRO Q 84 -27.57 44.08 12.88
N ALA Q 85 -28.44 43.07 12.65
CA ALA Q 85 -29.70 42.90 13.23
C ALA Q 85 -29.85 43.07 14.75
N ALA Q 86 -29.13 42.30 15.55
CA ALA Q 86 -29.12 42.47 17.01
C ALA Q 86 -28.82 43.92 17.39
N LYS Q 87 -27.70 44.54 16.96
CA LYS Q 87 -27.25 45.85 17.37
C LYS Q 87 -28.24 46.91 17.10
N LEU Q 88 -28.98 46.75 15.97
CA LEU Q 88 -30.07 47.62 15.53
C LEU Q 88 -31.29 47.53 16.45
N LEU Q 89 -31.59 46.23 16.82
CA LEU Q 89 -32.63 46.02 17.82
C LEU Q 89 -32.21 46.64 19.24
N VAL Q 90 -31.08 46.25 19.84
CA VAL Q 90 -30.58 46.82 21.10
C VAL Q 90 -30.42 48.36 21.07
N GLN Q 91 -30.10 48.97 19.93
CA GLN Q 91 -30.04 50.42 19.74
C GLN Q 91 -31.34 51.06 19.99
N ILE Q 92 -32.45 50.57 19.50
CA ILE Q 92 -33.77 51.12 19.78
C ILE Q 92 -34.34 50.74 21.10
N ALA Q 93 -34.10 49.48 21.51
CA ALA Q 93 -34.50 49.05 22.86
C ALA Q 93 -33.85 49.69 24.06
N LYS Q 94 -32.47 49.57 24.23
CA LYS Q 94 -31.73 49.96 25.39
C LYS Q 94 -31.97 51.37 25.78
N GLY Q 95 -31.55 52.31 24.92
CA GLY Q 95 -31.62 53.75 25.11
C GLY Q 95 -32.90 54.46 25.64
N GLN Q 96 -32.63 55.72 26.05
CA GLN Q 96 -33.67 56.58 26.60
C GLN Q 96 -33.18 58.00 26.35
N ASP Q 97 -34.10 58.98 26.08
CA ASP Q 97 -33.83 60.45 25.75
C ASP Q 97 -34.47 61.31 26.81
N GLU Q 98 -34.45 60.77 28.06
CA GLU Q 98 -34.94 61.33 29.26
C GLU Q 98 -34.05 60.91 30.44
N GLU Q 99 -34.18 61.61 31.59
CA GLU Q 99 -33.26 61.40 32.74
C GLU Q 99 -33.43 60.18 33.60
N THR Q 100 -33.89 59.10 32.99
CA THR Q 100 -34.11 57.78 33.71
C THR Q 100 -33.59 56.72 32.86
N ALA Q 101 -33.44 55.51 33.44
CA ALA Q 101 -32.68 54.38 32.85
C ALA Q 101 -33.53 53.04 33.13
N ASP Q 102 -34.83 53.23 33.35
CA ASP Q 102 -35.77 52.16 33.69
C ASP Q 102 -36.53 51.55 32.44
N GLY Q 103 -36.90 50.30 32.48
CA GLY Q 103 -37.61 49.69 31.35
C GLY Q 103 -36.76 49.01 30.41
N THR Q 104 -35.44 48.91 30.65
CA THR Q 104 -34.48 48.32 29.69
C THR Q 104 -34.55 46.80 29.45
N LYS Q 105 -34.74 45.94 30.45
CA LYS Q 105 -35.02 44.58 30.30
C LYS Q 105 -36.38 44.25 29.67
N THR Q 106 -37.41 45.03 30.03
CA THR Q 106 -38.80 44.83 29.40
C THR Q 106 -38.75 45.19 27.92
N ALA Q 107 -38.32 46.43 27.50
CA ALA Q 107 -37.99 46.89 26.14
C ALA Q 107 -37.33 45.88 25.25
N VAL Q 108 -36.23 45.12 25.70
CA VAL Q 108 -35.60 44.13 24.86
C VAL Q 108 -36.53 42.94 24.68
N ILE Q 109 -36.92 42.41 25.81
CA ILE Q 109 -37.73 41.15 25.88
C ILE Q 109 -39.09 41.18 25.13
N PHE Q 110 -39.96 42.14 25.44
CA PHE Q 110 -41.19 42.31 24.74
C PHE Q 110 -40.92 42.48 23.21
N SER Q 111 -39.90 43.20 22.87
CA SER Q 111 -39.48 43.27 21.47
C SER Q 111 -39.09 41.99 20.84
N GLY Q 112 -38.10 41.27 21.44
CA GLY Q 112 -37.76 39.96 20.95
C GLY Q 112 -38.82 38.92 20.99
N GLU Q 113 -39.87 38.96 21.94
CA GLU Q 113 -41.00 38.16 21.93
C GLU Q 113 -41.93 38.55 20.75
N LEU Q 114 -42.08 39.80 20.40
CA LEU Q 114 -42.81 40.25 19.24
C LEU Q 114 -42.27 39.80 17.90
N VAL Q 115 -40.90 39.75 17.77
CA VAL Q 115 -40.13 39.19 16.69
C VAL Q 115 -40.42 37.71 16.67
N LYS Q 116 -40.32 36.98 17.85
CA LYS Q 116 -40.58 35.58 18.04
C LYS Q 116 -41.99 35.16 17.51
N LYS Q 117 -42.98 35.83 18.12
CA LYS Q 117 -44.40 35.74 17.68
C LYS Q 117 -44.74 36.05 16.26
N ALA Q 118 -43.90 36.89 15.51
CA ALA Q 118 -44.09 37.25 14.13
C ALA Q 118 -43.66 36.19 13.22
N GLU Q 119 -42.65 35.29 13.52
CA GLU Q 119 -42.19 34.25 12.74
C GLU Q 119 -43.33 33.27 12.45
N ASP Q 120 -44.16 33.04 13.45
CA ASP Q 120 -45.29 32.04 13.38
C ASP Q 120 -46.35 32.44 12.31
N LEU Q 121 -46.50 33.75 12.00
CA LEU Q 121 -47.27 34.36 10.89
C LEU Q 121 -46.57 34.16 9.56
N LEU Q 122 -45.22 34.28 9.49
CA LEU Q 122 -44.39 34.01 8.22
C LEU Q 122 -44.51 32.49 7.86
N TYR Q 123 -44.57 31.62 8.90
CA TYR Q 123 -44.91 30.22 8.75
C TYR Q 123 -46.24 29.96 8.21
N LYS Q 124 -47.26 30.72 8.59
CA LYS Q 124 -48.59 30.65 8.05
C LYS Q 124 -48.86 31.31 6.76
N ASP Q 125 -47.85 31.92 6.22
CA ASP Q 125 -47.83 32.56 4.96
C ASP Q 125 -48.47 33.92 4.86
N VAL Q 126 -48.41 34.70 5.95
CA VAL Q 126 -48.85 36.04 6.08
C VAL Q 126 -47.74 36.99 5.75
N HIS Q 127 -47.86 37.79 4.65
CA HIS Q 127 -46.87 38.80 4.28
C HIS Q 127 -46.57 39.83 5.38
N PRO Q 128 -45.36 40.39 5.68
CA PRO Q 128 -45.05 41.35 6.76
C PRO Q 128 -45.83 42.61 6.63
N THR Q 129 -46.33 43.02 5.45
CA THR Q 129 -47.05 44.26 5.17
C THR Q 129 -48.34 44.24 5.94
N ILE Q 130 -48.94 43.07 6.09
CA ILE Q 130 -50.08 42.83 6.85
C ILE Q 130 -49.80 42.84 8.38
N ILE Q 131 -48.71 42.10 8.85
CA ILE Q 131 -48.29 42.00 10.27
C ILE Q 131 -47.98 43.37 10.81
N ILE Q 132 -47.40 44.32 9.98
CA ILE Q 132 -47.05 45.69 10.39
C ILE Q 132 -48.27 46.45 10.67
N SER Q 133 -49.22 46.43 9.67
CA SER Q 133 -50.54 47.15 9.80
C SER Q 133 -51.32 46.60 11.00
N GLY Q 134 -51.41 45.30 11.18
CA GLY Q 134 -52.02 44.76 12.40
C GLY Q 134 -51.52 45.17 13.77
N TYR Q 135 -50.17 44.94 13.95
CA TYR Q 135 -49.41 45.38 15.13
C TYR Q 135 -49.47 46.90 15.35
N LYS Q 136 -49.39 47.78 14.24
CA LYS Q 136 -49.51 49.23 14.33
C LYS Q 136 -50.84 49.69 14.94
N LYS Q 137 -51.94 49.18 14.35
CA LYS Q 137 -53.30 49.27 14.86
C LYS Q 137 -53.58 48.78 16.34
N ALA Q 138 -52.92 47.66 16.76
CA ALA Q 138 -52.90 47.09 18.11
C ALA Q 138 -52.16 47.89 19.11
N GLU Q 139 -51.02 48.41 18.67
CA GLU Q 139 -50.11 49.28 19.40
C GLU Q 139 -50.83 50.51 19.76
N GLU Q 140 -51.58 51.17 18.82
CA GLU Q 140 -52.48 52.31 18.98
C GLU Q 140 -53.40 52.30 20.19
N VAL Q 141 -54.32 51.31 20.21
CA VAL Q 141 -55.19 50.92 21.30
C VAL Q 141 -54.43 50.56 22.62
N ALA Q 142 -53.39 49.68 22.52
CA ALA Q 142 -52.44 49.37 23.53
C ALA Q 142 -51.78 50.54 24.21
N LEU Q 143 -51.45 51.61 23.48
CA LEU Q 143 -50.96 52.87 23.99
C LEU Q 143 -52.05 53.64 24.72
N GLN Q 144 -53.11 53.98 24.02
CA GLN Q 144 -54.27 54.67 24.57
C GLN Q 144 -54.95 54.00 25.84
N THR Q 145 -54.81 52.65 25.98
CA THR Q 145 -55.26 52.00 27.21
C THR Q 145 -54.46 52.30 28.41
N ILE Q 146 -53.21 52.95 28.27
CA ILE Q 146 -52.43 53.45 29.45
C ILE Q 146 -52.92 54.86 29.70
N GLN Q 147 -53.24 55.68 28.74
CA GLN Q 147 -53.84 57.00 28.92
C GLN Q 147 -55.18 56.94 29.68
N GLU Q 148 -56.23 56.31 29.16
CA GLU Q 148 -57.53 56.16 29.96
C GLU Q 148 -57.62 55.15 31.20
N LEU Q 149 -56.57 55.12 32.05
CA LEU Q 149 -56.28 54.32 33.14
C LEU Q 149 -55.22 54.88 34.08
N ALA Q 150 -54.25 55.68 33.68
CA ALA Q 150 -53.24 56.18 34.57
C ALA Q 150 -53.76 57.06 35.65
N GLN Q 151 -53.19 57.06 36.81
CA GLN Q 151 -53.70 57.72 37.98
C GLN Q 151 -52.88 58.95 38.19
N THR Q 152 -53.61 60.03 38.55
CA THR Q 152 -53.09 61.39 38.88
C THR Q 152 -52.33 61.42 40.17
N VAL Q 153 -51.05 61.63 40.03
CA VAL Q 153 -50.09 61.69 41.14
C VAL Q 153 -49.49 63.06 41.07
N SER Q 154 -49.59 63.76 42.21
CA SER Q 154 -49.10 65.16 42.38
C SER Q 154 -48.17 65.07 43.58
N ILE Q 155 -47.69 66.24 44.05
CA ILE Q 155 -46.84 66.54 45.17
C ILE Q 155 -47.49 66.29 46.54
N ASN Q 156 -48.82 66.32 46.67
CA ASN Q 156 -49.55 66.17 47.94
C ASN Q 156 -49.66 64.72 48.33
N ASP Q 157 -49.39 63.79 47.39
CA ASP Q 157 -49.46 62.37 47.49
C ASP Q 157 -48.08 61.88 47.96
N THR Q 158 -47.51 62.43 49.07
CA THR Q 158 -46.21 62.15 49.61
C THR Q 158 -46.24 60.77 50.34
N ASP Q 159 -47.46 60.34 50.72
CA ASP Q 159 -47.72 59.05 51.26
C ASP Q 159 -47.71 58.01 50.18
N LEU Q 160 -47.78 58.34 48.93
CA LEU Q 160 -47.66 57.55 47.72
C LEU Q 160 -46.25 57.51 47.21
N LEU Q 161 -45.52 58.64 47.11
CA LEU Q 161 -44.11 58.60 46.60
C LEU Q 161 -43.21 57.69 47.43
N ARG Q 162 -43.56 57.56 48.73
CA ARG Q 162 -42.96 56.58 49.58
C ARG Q 162 -42.98 55.09 49.19
N LYS Q 163 -44.04 54.78 48.49
CA LYS Q 163 -44.33 53.50 48.03
C LYS Q 163 -43.59 53.34 46.71
N ILE Q 164 -43.94 54.13 45.66
CA ILE Q 164 -43.31 54.14 44.38
C ILE Q 164 -41.77 54.08 44.37
N ALA Q 165 -41.13 54.68 45.36
CA ALA Q 165 -39.75 54.75 45.75
C ALA Q 165 -39.21 53.36 46.26
N MET Q 166 -39.89 52.72 47.20
CA MET Q 166 -39.58 51.49 47.74
C MET Q 166 -39.65 50.42 46.72
N THR Q 167 -40.61 50.49 45.83
CA THR Q 167 -40.81 49.70 44.63
C THR Q 167 -39.66 49.68 43.62
N SER Q 168 -38.69 50.59 43.76
CA SER Q 168 -37.50 50.76 42.94
C SER Q 168 -36.39 50.22 43.76
N LEU Q 169 -36.25 50.55 45.06
CA LEU Q 169 -35.18 50.07 45.86
C LEU Q 169 -35.31 48.55 46.24
N SER Q 170 -36.45 47.98 46.42
CA SER Q 170 -36.68 46.57 46.84
C SER Q 170 -36.05 45.47 46.06
N SER Q 171 -35.68 45.67 44.80
CA SER Q 171 -34.97 44.62 43.98
C SER Q 171 -33.50 44.86 43.77
N LYS Q 172 -33.02 45.92 44.46
CA LYS Q 172 -31.64 46.17 44.64
C LYS Q 172 -30.98 45.16 45.63
N ALA Q 173 -29.67 45.02 45.50
CA ALA Q 173 -28.80 44.08 46.19
C ALA Q 173 -28.72 44.22 47.63
N VAL Q 174 -28.64 45.48 48.08
CA VAL Q 174 -28.62 45.82 49.49
C VAL Q 174 -29.93 45.82 50.22
N ALA Q 175 -30.12 45.08 51.34
CA ALA Q 175 -31.45 45.12 52.00
C ALA Q 175 -31.41 45.87 53.29
N GLY Q 176 -30.21 46.40 53.65
CA GLY Q 176 -29.99 47.37 54.77
C GLY Q 176 -30.90 48.60 54.75
N ALA Q 177 -31.89 48.61 55.72
CA ALA Q 177 -32.91 49.75 55.92
C ALA Q 177 -33.35 50.58 54.82
N ARG Q 178 -34.09 50.04 53.85
CA ARG Q 178 -34.53 50.73 52.66
C ARG Q 178 -35.64 51.74 52.83
N GLU Q 179 -36.51 51.56 53.83
CA GLU Q 179 -37.47 52.50 54.29
C GLU Q 179 -36.81 53.84 54.64
N TYR Q 180 -35.61 53.77 55.27
CA TYR Q 180 -34.80 54.94 55.67
C TYR Q 180 -34.46 55.76 54.42
N ILE Q 181 -33.91 55.13 53.38
CA ILE Q 181 -33.57 55.69 52.13
C ILE Q 181 -34.82 56.09 51.24
N ALA Q 182 -35.88 55.27 51.20
CA ALA Q 182 -37.17 55.51 50.54
C ALA Q 182 -37.81 56.84 51.00
N ASP Q 183 -37.91 57.05 52.39
CA ASP Q 183 -38.34 58.31 52.93
C ASP Q 183 -37.47 59.47 52.42
N ILE Q 184 -36.10 59.40 52.41
CA ILE Q 184 -35.17 60.46 51.89
C ILE Q 184 -35.47 60.88 50.54
N VAL Q 185 -35.52 59.93 49.60
CA VAL Q 185 -35.90 60.23 48.19
C VAL Q 185 -37.15 61.08 48.00
N VAL Q 186 -38.22 60.88 48.83
CA VAL Q 186 -39.38 61.73 48.81
C VAL Q 186 -39.11 63.17 49.25
N LYS Q 187 -38.53 63.30 50.46
CA LYS Q 187 -38.22 64.60 51.00
C LYS Q 187 -37.32 65.35 50.03
N ALA Q 188 -36.25 64.67 49.47
CA ALA Q 188 -35.32 65.19 48.51
C ALA Q 188 -35.90 65.72 47.18
N VAL Q 189 -36.88 65.07 46.58
CA VAL Q 189 -37.55 65.51 45.34
C VAL Q 189 -38.61 66.57 45.69
N THR Q 190 -39.57 66.43 46.54
CA THR Q 190 -40.51 67.43 47.00
C THR Q 190 -39.91 68.84 47.53
N GLN Q 191 -38.60 68.80 48.04
CA GLN Q 191 -37.90 70.03 48.44
C GLN Q 191 -37.47 70.91 47.27
N VAL Q 192 -37.08 70.24 46.21
CA VAL Q 192 -36.57 70.76 45.02
C VAL Q 192 -37.70 71.13 44.08
N ALA Q 193 -38.86 70.51 44.21
CA ALA Q 193 -40.09 70.79 43.38
C ALA Q 193 -40.48 72.24 43.28
N GLU Q 194 -40.48 72.82 42.07
CA GLU Q 194 -40.72 74.27 41.76
C GLU Q 194 -41.88 74.27 40.80
N LEU Q 195 -42.87 75.16 40.98
CA LEU Q 195 -43.99 75.22 40.12
C LEU Q 195 -43.50 75.85 38.85
N ARG Q 196 -43.52 75.16 37.67
CA ARG Q 196 -43.00 75.80 36.45
C ARG Q 196 -44.05 75.57 35.34
N GLY Q 197 -44.60 76.70 34.76
CA GLY Q 197 -45.63 76.77 33.65
C GLY Q 197 -47.01 76.22 33.94
N ASP Q 198 -47.38 76.31 35.23
CA ASP Q 198 -48.48 75.79 36.02
C ASP Q 198 -48.41 74.27 36.25
N LYS Q 199 -47.21 73.63 36.39
CA LYS Q 199 -47.02 72.18 36.56
C LYS Q 199 -45.70 72.07 37.35
N TRP Q 200 -45.56 71.12 38.28
CA TRP Q 200 -44.35 70.89 39.04
C TRP Q 200 -43.26 70.36 38.13
N TYR Q 201 -42.02 70.87 38.34
CA TYR Q 201 -40.78 70.38 37.74
C TYR Q 201 -39.72 70.17 38.73
N VAL Q 202 -38.68 69.35 38.43
CA VAL Q 202 -37.67 69.00 39.38
C VAL Q 202 -36.31 69.02 38.60
N ASP Q 203 -35.35 69.84 39.01
CA ASP Q 203 -34.06 69.82 38.42
C ASP Q 203 -33.16 69.07 39.41
N LEU Q 204 -32.96 67.72 39.19
CA LEU Q 204 -32.29 66.78 40.07
C LEU Q 204 -30.92 67.21 40.43
N ASP Q 205 -30.20 68.05 39.65
CA ASP Q 205 -28.85 68.54 39.85
C ASP Q 205 -28.66 69.26 41.19
N ASN Q 206 -29.77 69.73 41.88
CA ASN Q 206 -29.85 70.42 43.14
C ASN Q 206 -29.70 69.46 44.34
N ILE Q 207 -29.14 68.25 44.13
CA ILE Q 207 -28.95 67.23 45.13
C ILE Q 207 -27.52 66.66 44.97
N GLN Q 208 -26.69 66.73 46.09
CA GLN Q 208 -25.33 66.24 46.19
C GLN Q 208 -25.40 64.97 46.92
N ILE Q 209 -24.52 63.99 46.65
CA ILE Q 209 -24.49 62.73 47.32
C ILE Q 209 -23.15 62.47 47.83
N VAL Q 210 -22.99 62.41 49.21
CA VAL Q 210 -21.72 62.04 49.88
C VAL Q 210 -21.90 60.73 50.66
N LYS Q 211 -20.86 59.86 50.71
CA LYS Q 211 -20.96 58.56 51.31
C LYS Q 211 -19.69 58.33 52.12
N LYS Q 212 -19.94 57.79 53.29
CA LYS Q 212 -18.95 57.49 54.25
C LYS Q 212 -19.19 56.06 54.74
N ALA Q 213 -18.30 55.09 54.38
CA ALA Q 213 -18.55 53.71 54.57
C ALA Q 213 -18.63 53.26 56.03
N GLY Q 214 -19.57 52.46 56.41
CA GLY Q 214 -19.68 52.04 57.79
C GLY Q 214 -20.40 52.96 58.77
N GLY Q 215 -20.71 52.48 60.00
CA GLY Q 215 -21.61 53.10 60.96
C GLY Q 215 -22.91 52.35 60.83
N SER Q 216 -23.94 52.91 60.21
CA SER Q 216 -25.13 52.12 59.92
C SER Q 216 -25.91 52.78 58.84
N ILE Q 217 -26.76 52.10 58.05
CA ILE Q 217 -27.54 52.70 56.97
C ILE Q 217 -28.64 53.45 57.63
N ASN Q 218 -29.02 53.16 58.90
CA ASN Q 218 -30.06 53.80 59.64
C ASN Q 218 -29.63 55.27 59.94
N ASP Q 219 -28.34 55.57 59.88
CA ASP Q 219 -27.80 56.90 60.20
C ASP Q 219 -27.80 57.83 58.95
N THR Q 220 -28.44 57.44 57.89
CA THR Q 220 -28.51 58.39 56.75
C THR Q 220 -29.49 59.57 57.02
N GLN Q 221 -29.23 60.78 56.49
CA GLN Q 221 -30.07 61.95 56.73
C GLN Q 221 -29.93 62.88 55.55
N LEU Q 222 -30.80 63.89 55.51
CA LEU Q 222 -30.83 64.86 54.45
C LEU Q 222 -30.27 66.15 54.97
N VAL Q 223 -29.41 66.79 54.22
CA VAL Q 223 -28.79 68.04 54.72
C VAL Q 223 -29.37 69.21 53.92
N TYR Q 224 -29.83 70.27 54.57
CA TYR Q 224 -30.36 71.46 53.98
C TYR Q 224 -29.20 72.39 53.65
N GLY Q 225 -28.43 72.05 52.57
CA GLY Q 225 -27.21 72.83 52.17
C GLY Q 225 -26.09 71.94 51.72
N ILE Q 226 -25.17 72.56 50.93
CA ILE Q 226 -23.99 71.94 50.34
C ILE Q 226 -22.95 71.48 51.35
N VAL Q 227 -22.19 70.38 51.10
CA VAL Q 227 -21.28 69.75 52.06
C VAL Q 227 -19.96 69.53 51.41
N VAL Q 228 -18.84 70.13 51.91
CA VAL Q 228 -17.50 70.10 51.48
C VAL Q 228 -16.62 69.14 52.24
N ASP Q 229 -16.11 68.04 51.59
CA ASP Q 229 -15.30 66.97 52.22
C ASP Q 229 -13.86 67.25 52.42
N LYS Q 230 -13.58 68.21 53.36
CA LYS Q 230 -12.24 68.63 53.84
C LYS Q 230 -12.47 69.41 55.05
N GLU Q 231 -11.38 69.61 55.87
CA GLU Q 231 -11.45 70.28 57.19
C GLU Q 231 -11.11 71.73 57.25
N VAL Q 232 -11.23 72.33 58.39
CA VAL Q 232 -10.78 73.75 58.62
C VAL Q 232 -9.29 73.64 59.15
N VAL Q 233 -8.41 74.44 58.47
CA VAL Q 233 -7.02 74.29 58.44
C VAL Q 233 -6.37 74.51 59.81
N HIS Q 234 -7.09 75.04 60.78
CA HIS Q 234 -6.55 75.19 62.12
C HIS Q 234 -7.78 75.00 63.02
N PRO Q 235 -7.68 74.13 64.01
CA PRO Q 235 -8.80 73.93 64.95
C PRO Q 235 -9.18 75.10 65.95
N GLY Q 236 -8.30 76.11 66.18
CA GLY Q 236 -8.50 77.20 67.07
C GLY Q 236 -9.37 78.35 66.52
N MET Q 237 -9.84 78.31 65.27
CA MET Q 237 -10.72 79.20 64.55
C MET Q 237 -12.10 78.90 65.03
N PRO Q 238 -13.14 79.63 64.73
CA PRO Q 238 -14.48 79.26 65.18
C PRO Q 238 -15.09 78.01 64.67
N LYS Q 239 -15.70 77.21 65.61
CA LYS Q 239 -16.28 75.89 65.37
C LYS Q 239 -17.47 76.08 64.42
N ARG Q 240 -18.28 77.05 64.67
CA ARG Q 240 -19.41 77.48 63.96
C ARG Q 240 -19.21 78.97 63.89
N LEU Q 241 -19.22 79.56 62.61
CA LEU Q 241 -19.04 81.01 62.39
C LEU Q 241 -20.40 81.60 61.97
N GLU Q 242 -20.71 82.82 62.48
CA GLU Q 242 -22.03 83.47 62.29
C GLU Q 242 -22.06 84.40 61.01
N ASN Q 243 -23.10 84.30 60.19
CA ASN Q 243 -23.42 85.06 58.93
C ASN Q 243 -22.28 85.09 57.89
N ALA Q 244 -21.84 83.87 57.37
CA ALA Q 244 -20.67 83.67 56.61
C ALA Q 244 -20.68 84.47 55.32
N LYS Q 245 -19.52 85.14 55.06
CA LYS Q 245 -19.22 85.79 53.80
C LYS Q 245 -18.03 85.10 53.17
N ILE Q 246 -18.31 83.86 52.73
CA ILE Q 246 -17.43 82.94 52.09
C ILE Q 246 -16.64 83.50 50.91
N ALA Q 247 -15.40 83.11 50.79
CA ALA Q 247 -14.61 83.44 49.66
C ALA Q 247 -14.05 82.20 48.99
N LEU Q 248 -14.71 81.73 47.89
CA LEU Q 248 -14.35 80.64 47.05
C LEU Q 248 -13.10 80.95 46.14
N ILE Q 249 -11.87 80.76 46.52
CA ILE Q 249 -10.60 81.08 45.89
C ILE Q 249 -9.97 79.93 45.10
N ASP Q 250 -9.96 80.03 43.75
CA ASP Q 250 -9.37 79.07 42.89
C ASP Q 250 -7.79 79.15 42.89
N ALA Q 251 -7.15 80.35 42.81
CA ALA Q 251 -5.68 80.69 42.78
C ALA Q 251 -5.04 80.27 44.10
N SER Q 252 -3.72 79.80 44.07
CA SER Q 252 -3.02 79.41 45.30
C SER Q 252 -2.87 80.41 46.43
N LEU Q 253 -2.73 80.07 47.65
CA LEU Q 253 -2.60 80.92 48.81
C LEU Q 253 -1.32 80.41 49.55
N GLU Q 254 -0.39 79.72 48.73
CA GLU Q 254 0.91 79.09 49.06
C GLU Q 254 1.90 79.53 48.05
N VAL Q 255 3.20 79.70 48.40
CA VAL Q 255 4.16 80.11 47.41
C VAL Q 255 4.34 79.02 46.30
N GLU Q 256 4.80 79.46 45.11
CA GLU Q 256 5.04 78.51 43.99
C GLU Q 256 6.48 78.52 43.64
N LYS Q 257 6.99 77.48 42.90
CA LYS Q 257 8.41 77.32 42.75
C LYS Q 257 9.18 78.15 41.70
N PRO Q 258 10.39 78.52 41.91
CA PRO Q 258 11.16 79.11 40.83
C PRO Q 258 11.90 78.00 40.18
N GLU Q 259 11.89 76.78 40.74
CA GLU Q 259 12.59 75.65 40.13
C GLU Q 259 11.61 74.50 39.63
N LEU Q 260 10.36 74.82 39.31
CA LEU Q 260 9.30 73.92 38.87
C LEU Q 260 9.62 73.11 37.62
N ASP Q 261 10.23 73.68 36.57
CA ASP Q 261 10.58 72.93 35.40
C ASP Q 261 12.00 72.40 35.49
N ALA Q 262 12.94 73.24 35.95
CA ALA Q 262 14.36 73.03 36.10
C ALA Q 262 14.97 73.95 37.13
N GLU Q 263 16.15 73.63 37.68
CA GLU Q 263 16.98 74.40 38.55
C GLU Q 263 17.14 75.94 38.34
N ILE Q 264 17.30 76.76 39.37
CA ILE Q 264 17.57 78.22 39.35
C ILE Q 264 18.91 78.67 38.64
N ARG Q 265 19.00 79.98 38.27
CA ARG Q 265 20.13 80.59 37.58
C ARG Q 265 20.77 81.60 38.55
N ILE Q 266 20.16 81.80 39.72
CA ILE Q 266 20.82 82.66 40.72
C ILE Q 266 22.08 81.96 41.16
N ASN Q 267 23.21 82.68 41.44
CA ASN Q 267 24.47 82.19 41.96
C ASN Q 267 24.69 82.69 43.37
N ASP Q 268 24.09 83.80 43.76
CA ASP Q 268 24.20 84.42 45.02
C ASP Q 268 22.94 84.20 45.86
N PRO Q 269 23.13 83.72 47.08
CA PRO Q 269 21.98 83.54 48.03
C PRO Q 269 21.34 84.79 48.49
N THR Q 270 21.95 85.98 48.39
CA THR Q 270 21.28 87.28 48.67
C THR Q 270 20.20 87.54 47.64
N GLN Q 271 20.48 87.20 46.33
CA GLN Q 271 19.58 87.41 45.21
C GLN Q 271 18.31 86.46 45.29
N MET Q 272 18.65 85.21 45.78
CA MET Q 272 17.71 84.10 46.13
C MET Q 272 16.67 84.50 47.04
N GLN Q 273 17.18 84.87 48.26
CA GLN Q 273 16.43 85.43 49.37
C GLN Q 273 15.39 86.42 48.96
N LYS Q 274 15.78 87.58 48.43
CA LYS Q 274 14.84 88.62 47.92
C LYS Q 274 13.84 88.17 46.87
N PHE Q 275 14.00 86.93 46.23
CA PHE Q 275 12.98 86.35 45.35
C PHE Q 275 11.92 85.62 46.19
N LEU Q 276 12.37 84.73 46.99
CA LEU Q 276 11.54 83.84 47.83
C LEU Q 276 10.97 84.55 49.07
N ASP Q 277 11.48 85.68 49.44
CA ASP Q 277 10.94 86.63 50.33
C ASP Q 277 9.67 87.40 49.71
N GLU Q 278 9.76 88.04 48.56
CA GLU Q 278 8.73 88.82 47.92
C GLU Q 278 7.59 87.95 47.47
N GLU Q 279 7.87 86.73 47.04
CA GLU Q 279 6.86 85.74 46.77
C GLU Q 279 6.11 85.27 48.01
N GLU Q 280 6.73 85.28 49.21
CA GLU Q 280 6.04 84.90 50.46
C GLU Q 280 5.19 86.09 50.96
N ASN Q 281 5.65 87.34 50.77
CA ASN Q 281 4.86 88.53 51.11
C ASN Q 281 3.70 88.72 50.11
N LEU Q 282 3.68 88.06 48.98
CA LEU Q 282 2.68 87.92 47.91
C LEU Q 282 1.51 87.11 48.42
N ILE Q 283 1.71 86.07 49.27
CA ILE Q 283 0.59 85.36 49.92
C ILE Q 283 -0.02 86.16 51.01
N LYS Q 284 0.78 86.88 51.84
CA LYS Q 284 0.13 87.74 52.84
C LYS Q 284 -0.64 88.86 52.15
N GLU Q 285 -0.19 89.19 50.93
CA GLU Q 285 -0.81 90.18 50.05
C GLU Q 285 -2.14 89.70 49.61
N LYS Q 286 -2.28 88.44 49.04
CA LYS Q 286 -3.48 87.79 48.68
C LYS Q 286 -4.46 87.64 49.80
N VAL Q 287 -4.03 87.30 51.01
CA VAL Q 287 -4.84 87.25 52.23
C VAL Q 287 -5.40 88.57 52.60
N ASP Q 288 -4.57 89.65 52.57
CA ASP Q 288 -5.08 91.02 52.78
C ASP Q 288 -6.01 91.52 51.65
N LYS Q 289 -5.74 91.10 50.37
CA LYS Q 289 -6.73 91.36 49.31
C LYS Q 289 -8.09 90.61 49.50
N ILE Q 290 -8.14 89.46 50.24
CA ILE Q 290 -9.36 88.73 50.32
C ILE Q 290 -10.14 89.36 51.54
N LEU Q 291 -9.47 89.65 52.69
CA LEU Q 291 -10.08 90.31 53.80
C LEU Q 291 -10.46 91.77 53.58
N ALA Q 292 -10.01 92.45 52.46
CA ALA Q 292 -10.35 93.70 51.97
C ALA Q 292 -11.86 93.76 51.59
N THR Q 293 -12.39 92.50 51.44
CA THR Q 293 -13.71 92.31 50.92
C THR Q 293 -14.68 92.15 52.10
N GLY Q 294 -14.09 91.88 53.31
CA GLY Q 294 -14.86 91.58 54.53
C GLY Q 294 -15.15 90.17 54.73
N ALA Q 295 -14.38 89.29 54.09
CA ALA Q 295 -14.55 87.84 54.16
C ALA Q 295 -14.28 87.30 55.64
N ASN Q 296 -15.04 86.37 56.16
CA ASN Q 296 -14.82 85.78 57.46
C ASN Q 296 -14.50 84.31 57.25
N VAL Q 297 -14.92 83.76 56.11
CA VAL Q 297 -14.44 82.37 55.83
C VAL Q 297 -13.98 82.31 54.39
N ILE Q 298 -13.03 81.40 54.18
CA ILE Q 298 -12.25 81.28 52.99
C ILE Q 298 -11.97 79.81 52.64
N ILE Q 299 -12.41 79.42 51.42
CA ILE Q 299 -12.16 78.09 51.03
C ILE Q 299 -11.38 78.18 49.72
N CYS Q 300 -10.37 77.29 49.57
CA CYS Q 300 -9.62 77.22 48.38
C CYS Q 300 -9.37 75.79 47.88
N GLN Q 301 -8.74 75.63 46.66
CA GLN Q 301 -8.50 74.28 46.08
C GLN Q 301 -7.00 73.95 45.90
N LYS Q 302 -6.17 74.90 46.29
CA LYS Q 302 -4.76 74.87 46.34
C LYS Q 302 -4.39 75.14 47.74
N GLY Q 303 -3.06 75.14 48.05
CA GLY Q 303 -2.58 75.36 49.40
C GLY Q 303 -2.82 76.69 50.07
N ILE Q 304 -2.58 76.73 51.39
CA ILE Q 304 -2.51 77.97 52.32
C ILE Q 304 -1.16 77.85 53.05
N ASP Q 305 -0.22 78.77 52.85
CA ASP Q 305 1.11 78.67 53.44
C ASP Q 305 1.10 78.55 54.98
N GLU Q 306 2.06 77.95 55.64
CA GLU Q 306 2.01 77.88 57.11
C GLU Q 306 2.17 79.21 57.78
N VAL Q 307 2.79 80.19 57.07
CA VAL Q 307 2.83 81.57 57.55
C VAL Q 307 1.48 82.25 57.21
N ALA Q 308 0.86 81.88 56.11
CA ALA Q 308 -0.56 82.27 55.94
C ALA Q 308 -1.71 81.63 56.80
N GLN Q 309 -1.53 80.47 57.42
CA GLN Q 309 -2.43 79.84 58.37
C GLN Q 309 -2.30 80.66 59.59
N SER Q 310 -1.06 80.98 59.95
CA SER Q 310 -0.69 81.84 61.04
C SER Q 310 -1.21 83.30 60.95
N TYR Q 311 -1.37 83.76 59.73
CA TYR Q 311 -1.87 85.07 59.37
C TYR Q 311 -3.37 85.09 59.61
N LEU Q 312 -4.06 84.05 59.19
CA LEU Q 312 -5.52 83.82 59.39
C LEU Q 312 -5.95 83.52 60.83
N ALA Q 313 -5.07 82.88 61.59
CA ALA Q 313 -5.23 82.55 62.98
C ALA Q 313 -5.19 83.80 63.74
N LYS Q 314 -4.31 84.71 63.45
CA LYS Q 314 -4.27 85.98 64.19
C LYS Q 314 -5.37 87.06 63.91
N LYS Q 315 -5.94 87.01 62.72
CA LYS Q 315 -7.00 87.89 62.28
C LYS Q 315 -8.38 87.42 62.78
N GLY Q 316 -8.57 86.07 63.01
CA GLY Q 316 -9.92 85.53 63.42
C GLY Q 316 -10.83 85.03 62.28
N VAL Q 317 -10.21 84.55 61.24
CA VAL Q 317 -10.75 84.03 59.97
C VAL Q 317 -10.80 82.52 59.90
N LEU Q 318 -11.79 81.87 59.21
CA LEU Q 318 -11.98 80.44 59.17
C LEU Q 318 -11.55 79.95 57.82
N ALA Q 319 -10.44 79.16 57.78
CA ALA Q 319 -9.88 78.84 56.50
C ALA Q 319 -9.97 77.32 56.28
N VAL Q 320 -10.12 77.00 54.93
CA VAL Q 320 -10.13 75.57 54.47
C VAL Q 320 -9.14 75.53 53.37
N ARG Q 321 -8.26 74.48 53.36
CA ARG Q 321 -7.09 74.45 52.47
C ARG Q 321 -7.27 73.20 51.66
N ARG Q 322 -7.14 73.33 50.31
CA ARG Q 322 -7.31 72.23 49.35
C ARG Q 322 -8.62 71.48 49.38
N ALA Q 323 -9.76 72.15 49.28
CA ALA Q 323 -11.05 71.44 49.09
C ALA Q 323 -11.36 71.11 47.61
N LYS Q 324 -12.18 70.11 47.23
CA LYS Q 324 -12.43 69.84 45.81
C LYS Q 324 -13.28 70.78 45.10
N LYS Q 325 -12.67 71.41 44.05
CA LYS Q 325 -13.25 72.43 43.25
C LYS Q 325 -14.64 72.05 42.68
N SER Q 326 -14.84 70.72 42.38
CA SER Q 326 -16.13 70.01 42.04
C SER Q 326 -17.23 70.33 43.05
N ASP Q 327 -16.92 70.56 44.33
CA ASP Q 327 -17.95 70.96 45.25
C ASP Q 327 -17.94 72.40 45.56
N LEU Q 328 -16.84 73.19 45.29
CA LEU Q 328 -16.83 74.66 45.29
C LEU Q 328 -17.82 75.23 44.27
N GLU Q 329 -17.91 74.60 43.09
CA GLU Q 329 -18.82 74.96 42.06
C GLU Q 329 -20.27 74.87 42.48
N LYS Q 330 -20.65 73.72 43.02
CA LYS Q 330 -21.90 73.32 43.66
C LYS Q 330 -22.17 74.23 44.87
N LEU Q 331 -21.17 74.81 45.55
CA LEU Q 331 -21.32 75.69 46.75
C LEU Q 331 -21.45 77.21 46.41
N ALA Q 332 -20.94 77.57 45.25
CA ALA Q 332 -21.06 78.85 44.64
C ALA Q 332 -22.50 79.22 44.36
N ARG Q 333 -23.18 78.45 43.47
CA ARG Q 333 -24.63 78.67 43.12
C ARG Q 333 -25.66 78.26 44.19
N ALA Q 334 -25.21 77.84 45.37
CA ALA Q 334 -25.99 77.54 46.52
C ALA Q 334 -25.94 78.65 47.53
N THR Q 335 -24.84 79.36 47.66
CA THR Q 335 -24.61 80.48 48.60
C THR Q 335 -24.56 81.81 47.91
N GLY Q 336 -24.61 81.80 46.53
CA GLY Q 336 -24.73 82.97 45.68
C GLY Q 336 -23.39 83.62 45.48
N GLY Q 337 -22.27 83.01 45.96
CA GLY Q 337 -20.96 83.40 45.59
C GLY Q 337 -20.41 82.88 44.30
N ARG Q 338 -19.15 83.24 44.03
CA ARG Q 338 -18.43 83.10 42.76
C ARG Q 338 -17.04 82.55 42.97
N VAL Q 339 -16.65 81.60 42.16
CA VAL Q 339 -15.40 80.93 42.21
C VAL Q 339 -14.22 81.76 41.64
N VAL Q 340 -13.46 82.44 42.50
CA VAL Q 340 -12.63 83.56 42.22
C VAL Q 340 -11.26 83.10 41.67
N SER Q 341 -10.91 83.43 40.41
CA SER Q 341 -9.70 82.99 39.74
C SER Q 341 -8.65 84.02 39.86
N ASN Q 342 -9.00 85.23 40.27
CA ASN Q 342 -8.01 86.26 40.50
C ASN Q 342 -8.41 86.96 41.81
N ILE Q 343 -7.51 86.79 42.78
CA ILE Q 343 -7.65 87.46 44.03
C ILE Q 343 -7.82 89.02 43.93
N ASP Q 344 -7.28 89.68 42.82
CA ASP Q 344 -7.54 91.11 42.49
C ASP Q 344 -8.88 91.44 41.80
N GLU Q 345 -9.78 90.40 41.78
CA GLU Q 345 -11.14 90.59 41.22
C GLU Q 345 -12.29 90.25 42.16
N ILE Q 346 -11.99 89.83 43.43
CA ILE Q 346 -13.00 89.47 44.40
C ILE Q 346 -13.76 90.72 44.82
N SER Q 347 -15.07 90.63 44.99
CA SER Q 347 -15.80 91.79 45.34
C SER Q 347 -16.93 91.32 46.35
N GLU Q 348 -17.73 92.25 46.97
CA GLU Q 348 -18.71 91.87 47.98
C GLU Q 348 -19.76 91.04 47.35
N GLN Q 349 -19.95 91.36 46.07
CA GLN Q 349 -20.79 90.63 45.11
C GLN Q 349 -20.44 89.16 44.92
N ASP Q 350 -19.26 88.83 44.96
CA ASP Q 350 -18.69 87.50 44.81
C ASP Q 350 -18.60 86.69 46.12
N LEU Q 351 -18.75 87.30 47.29
CA LEU Q 351 -18.63 86.52 48.52
C LEU Q 351 -19.89 85.69 48.67
N GLY Q 352 -19.75 84.41 49.03
CA GLY Q 352 -20.93 83.55 49.21
C GLY Q 352 -21.52 83.82 50.56
N TYR Q 353 -22.86 83.83 50.63
CA TYR Q 353 -23.56 84.09 51.85
C TYR Q 353 -24.15 82.78 52.33
N ALA Q 354 -24.10 82.58 53.65
CA ALA Q 354 -24.77 81.49 54.30
C ALA Q 354 -25.14 81.86 55.71
N SER Q 355 -26.37 81.56 56.25
CA SER Q 355 -26.69 81.92 57.56
C SER Q 355 -25.72 81.51 58.61
N LEU Q 356 -25.12 80.27 58.53
CA LEU Q 356 -24.10 79.69 59.49
C LEU Q 356 -23.24 78.61 58.71
N ILE Q 357 -21.90 78.59 58.85
CA ILE Q 357 -21.00 77.61 58.34
C ILE Q 357 -20.41 76.95 59.61
N GLU Q 358 -20.10 75.67 59.68
CA GLU Q 358 -19.50 75.11 60.77
C GLU Q 358 -18.64 73.89 60.20
N GLU Q 359 -17.83 73.25 61.07
CA GLU Q 359 -17.12 71.99 60.83
C GLU Q 359 -17.69 70.96 61.77
N ARG Q 360 -17.99 69.81 61.24
CA ARG Q 360 -18.74 68.78 61.90
C ARG Q 360 -18.00 67.42 61.69
N LYS Q 361 -18.05 66.60 62.76
CA LYS Q 361 -17.31 65.34 62.82
C LYS Q 361 -18.18 64.13 62.52
N VAL Q 362 -17.59 63.16 61.79
CA VAL Q 362 -18.32 61.98 61.31
C VAL Q 362 -17.30 60.89 61.65
N GLY Q 363 -17.45 60.08 62.75
CA GLY Q 363 -16.40 59.08 63.16
C GLY Q 363 -15.03 59.80 63.50
N GLU Q 364 -14.00 59.62 62.64
CA GLU Q 364 -12.69 60.21 62.79
C GLU Q 364 -12.39 61.33 61.73
N ASP Q 365 -13.34 61.62 60.82
CA ASP Q 365 -13.26 62.58 59.76
C ASP Q 365 -14.14 63.77 60.18
N LYS Q 366 -13.76 64.89 59.62
CA LYS Q 366 -14.37 66.16 59.80
C LYS Q 366 -14.61 66.85 58.45
N MET Q 367 -15.83 67.31 58.14
CA MET Q 367 -16.22 67.96 56.87
C MET Q 367 -16.75 69.37 57.24
N VAL Q 368 -16.80 70.28 56.23
CA VAL Q 368 -17.48 71.57 56.52
C VAL Q 368 -18.88 71.40 56.02
N PHE Q 369 -19.86 71.87 56.81
CA PHE Q 369 -21.26 71.93 56.32
C PHE Q 369 -21.63 73.41 56.31
N VAL Q 370 -22.55 73.78 55.33
CA VAL Q 370 -23.00 75.14 55.07
C VAL Q 370 -24.51 75.31 54.90
N GLU Q 371 -25.21 75.01 56.02
CA GLU Q 371 -26.57 75.24 56.10
C GLU Q 371 -26.97 76.74 56.20
N GLY Q 372 -28.22 76.98 55.66
CA GLY Q 372 -28.74 78.29 55.65
C GLY Q 372 -28.31 79.11 54.54
N ALA Q 373 -27.99 78.39 53.45
CA ALA Q 373 -27.57 78.95 52.20
C ALA Q 373 -28.77 79.55 51.39
N LYS Q 374 -28.45 80.61 50.52
CA LYS Q 374 -29.50 81.40 49.91
C LYS Q 374 -30.34 80.68 49.00
N ASN Q 375 -29.79 79.71 48.22
CA ASN Q 375 -30.61 78.83 47.42
C ASN Q 375 -31.23 77.80 48.28
N PRO Q 376 -32.56 77.81 48.45
CA PRO Q 376 -33.29 76.90 49.30
C PRO Q 376 -33.48 75.46 48.65
N LYS Q 377 -33.21 75.33 47.32
CA LYS Q 377 -33.51 74.08 46.56
C LYS Q 377 -32.27 73.17 46.70
N SER Q 378 -31.06 73.76 46.74
CA SER Q 378 -29.75 73.10 46.84
C SER Q 378 -29.52 72.31 48.09
N ILE Q 379 -29.60 70.96 48.11
CA ILE Q 379 -29.51 70.13 49.31
C ILE Q 379 -28.56 68.97 49.05
N SER Q 380 -28.23 68.26 50.11
CA SER Q 380 -27.30 67.13 49.96
C SER Q 380 -27.80 65.90 50.75
N ILE Q 381 -27.34 64.70 50.39
CA ILE Q 381 -27.72 63.46 51.09
C ILE Q 381 -26.47 62.93 51.64
N LEU Q 382 -26.44 62.41 52.86
CA LEU Q 382 -25.22 61.82 53.49
C LEU Q 382 -25.56 60.36 53.74
N ILE Q 383 -24.93 59.47 53.02
CA ILE Q 383 -25.07 58.05 53.14
C ILE Q 383 -23.97 57.69 54.11
N ARG Q 384 -24.25 56.71 54.98
CA ARG Q 384 -23.40 56.03 55.97
C ARG Q 384 -23.86 54.59 56.02
N GLY Q 385 -22.95 53.68 56.40
CA GLY Q 385 -23.17 52.23 56.47
C GLY Q 385 -22.52 51.47 55.28
N GLY Q 386 -22.84 50.16 55.23
CA GLY Q 386 -22.43 49.13 54.30
C GLY Q 386 -20.93 48.90 54.23
N LEU Q 387 -20.52 48.07 53.19
CA LEU Q 387 -19.14 47.69 52.74
C LEU Q 387 -18.70 48.50 51.54
N GLU Q 388 -17.38 48.47 51.28
CA GLU Q 388 -16.82 49.32 50.23
C GLU Q 388 -17.39 49.23 48.86
N ARG Q 389 -18.00 48.18 48.41
CA ARG Q 389 -18.53 48.13 47.05
C ARG Q 389 -20.04 48.20 47.04
N LEU Q 390 -20.63 47.62 48.16
CA LEU Q 390 -22.04 47.73 48.49
C LEU Q 390 -22.55 49.17 48.68
N VAL Q 391 -21.75 50.06 49.27
CA VAL Q 391 -22.06 51.52 49.46
C VAL Q 391 -22.20 52.23 48.10
N ASP Q 392 -21.32 51.88 47.11
CA ASP Q 392 -21.53 52.32 45.75
C ASP Q 392 -22.81 51.94 45.14
N GLU Q 393 -23.24 50.67 45.34
CA GLU Q 393 -24.49 50.18 44.79
C GLU Q 393 -25.66 50.72 45.46
N THR Q 394 -25.46 51.22 46.72
CA THR Q 394 -26.46 51.93 47.43
C THR Q 394 -26.66 53.37 46.87
N GLU Q 395 -25.55 53.91 46.41
CA GLU Q 395 -25.59 55.13 45.68
C GLU Q 395 -26.21 55.05 44.28
N ARG Q 396 -26.01 53.92 43.59
CA ARG Q 396 -26.59 53.61 42.31
C ARG Q 396 -28.12 53.59 42.44
N ALA Q 397 -28.57 52.76 43.36
CA ALA Q 397 -29.95 52.60 43.74
C ALA Q 397 -30.64 53.84 44.12
N LEU Q 398 -29.96 54.73 44.91
CA LEU Q 398 -30.47 56.06 45.23
C LEU Q 398 -30.61 57.04 44.04
N ARG Q 399 -29.72 57.02 43.06
CA ARG Q 399 -29.68 57.79 41.82
C ARG Q 399 -30.90 57.50 40.99
N ASP Q 400 -31.10 56.19 40.87
CA ASP Q 400 -32.20 55.59 40.20
C ASP Q 400 -33.60 55.85 40.83
N ALA Q 401 -33.69 55.69 42.21
CA ALA Q 401 -34.80 56.00 43.06
C ALA Q 401 -35.30 57.47 43.09
N LEU Q 402 -34.29 58.38 43.09
CA LEU Q 402 -34.54 59.83 42.95
C LEU Q 402 -35.13 59.96 41.53
N GLY Q 403 -34.45 59.39 40.52
CA GLY Q 403 -34.99 59.29 39.12
C GLY Q 403 -36.40 58.90 38.94
N THR Q 404 -36.76 57.66 39.37
CA THR Q 404 -38.15 57.21 39.22
C THR Q 404 -39.21 58.12 39.79
N VAL Q 405 -39.07 58.58 41.04
CA VAL Q 405 -39.89 59.55 41.70
C VAL Q 405 -39.96 60.91 41.02
N ALA Q 406 -38.82 61.45 40.55
CA ALA Q 406 -38.78 62.73 39.87
C ALA Q 406 -39.49 62.69 38.58
N ASP Q 407 -39.37 61.61 37.78
CA ASP Q 407 -39.90 61.40 36.50
C ASP Q 407 -41.46 61.20 36.57
N VAL Q 408 -41.98 60.51 37.65
CA VAL Q 408 -43.43 60.48 37.97
C VAL Q 408 -43.95 61.88 38.28
N ILE Q 409 -43.18 62.68 39.02
CA ILE Q 409 -43.64 64.00 39.37
C ILE Q 409 -43.72 64.93 38.16
N LYS Q 410 -42.63 64.84 37.30
CA LYS Q 410 -42.45 65.55 36.09
C LYS Q 410 -43.52 65.21 35.10
N ASP Q 411 -44.03 64.00 35.26
CA ASP Q 411 -45.12 63.55 34.42
C ASP Q 411 -46.42 63.74 35.15
N GLY Q 412 -46.86 62.96 36.14
CA GLY Q 412 -48.10 63.11 36.86
C GLY Q 412 -48.90 61.92 36.80
N ARG Q 413 -48.46 61.01 36.03
CA ARG Q 413 -49.22 59.78 35.84
C ARG Q 413 -48.58 58.49 36.27
N ALA Q 414 -49.36 57.53 36.90
CA ALA Q 414 -48.64 56.34 37.45
C ALA Q 414 -49.57 55.21 37.51
N ILE Q 415 -49.18 54.00 37.00
CA ILE Q 415 -50.07 52.86 36.90
C ILE Q 415 -49.56 51.77 37.84
N ALA Q 416 -50.41 50.72 38.08
CA ALA Q 416 -50.07 49.66 38.89
C ALA Q 416 -49.14 48.62 38.27
N GLY Q 417 -48.00 48.24 38.96
CA GLY Q 417 -47.07 47.30 38.29
C GLY Q 417 -47.60 45.87 38.38
N GLY Q 418 -46.80 44.84 38.33
CA GLY Q 418 -47.25 43.52 38.60
C GLY Q 418 -48.03 42.84 37.51
N GLY Q 419 -47.92 43.35 36.31
CA GLY Q 419 -48.44 42.86 35.04
C GLY Q 419 -49.82 43.39 34.80
N ALA Q 420 -50.41 44.24 35.73
CA ALA Q 420 -51.80 44.68 35.59
C ALA Q 420 -52.20 45.37 34.23
N VAL Q 421 -51.51 46.45 33.93
CA VAL Q 421 -51.89 47.16 32.75
C VAL Q 421 -51.64 46.37 31.35
N GLU Q 422 -50.70 45.45 31.40
CA GLU Q 422 -50.25 44.49 30.43
C GLU Q 422 -51.30 43.55 30.13
N ILE Q 423 -51.64 42.72 31.17
CA ILE Q 423 -52.77 41.78 31.02
C ILE Q 423 -54.11 42.34 30.43
N GLU Q 424 -54.41 43.56 30.82
CA GLU Q 424 -55.51 44.26 30.26
C GLU Q 424 -55.34 44.61 28.79
N ILE Q 425 -54.23 45.22 28.35
CA ILE Q 425 -53.89 45.46 26.92
C ILE Q 425 -53.92 44.23 26.11
N ALA Q 426 -53.69 43.08 26.70
CA ALA Q 426 -53.85 41.78 25.96
C ALA Q 426 -55.40 41.52 25.86
N LYS Q 427 -56.09 41.17 26.97
CA LYS Q 427 -57.55 41.10 27.02
C LYS Q 427 -58.29 42.10 26.09
N LYS Q 428 -58.02 43.40 26.19
CA LYS Q 428 -58.53 44.50 25.33
C LYS Q 428 -58.26 44.38 23.81
N LEU Q 429 -57.10 43.79 23.44
CA LEU Q 429 -56.58 43.53 22.08
C LEU Q 429 -57.31 42.38 21.54
N ARG Q 430 -57.48 41.31 22.31
CA ARG Q 430 -58.18 40.10 21.97
C ARG Q 430 -59.69 40.39 21.61
N LYS Q 431 -60.35 41.28 22.39
CA LYS Q 431 -61.72 41.78 22.09
C LYS Q 431 -61.88 42.59 20.88
N TYR Q 432 -60.84 43.25 20.52
CA TYR Q 432 -60.64 44.08 19.30
C TYR Q 432 -60.52 43.13 18.07
N ALA Q 433 -59.64 42.12 18.20
CA ALA Q 433 -59.32 41.15 17.16
C ALA Q 433 -60.35 40.75 16.14
N PRO Q 434 -61.48 40.12 16.48
CA PRO Q 434 -62.58 39.96 15.60
C PRO Q 434 -62.94 41.01 14.56
N GLN Q 435 -62.87 42.31 15.03
CA GLN Q 435 -63.45 43.44 14.37
C GLN Q 435 -62.52 44.04 13.34
N VAL Q 436 -61.22 43.76 13.50
CA VAL Q 436 -60.03 44.33 12.70
C VAL Q 436 -60.05 43.95 11.24
N GLY Q 437 -60.39 42.64 10.96
CA GLY Q 437 -60.49 42.14 9.63
C GLY Q 437 -59.91 40.82 9.56
N GLY Q 438 -59.59 40.27 8.40
CA GLY Q 438 -59.19 38.90 8.18
C GLY Q 438 -57.93 38.53 8.84
N LYS Q 439 -56.82 38.69 8.12
CA LYS Q 439 -55.49 38.32 8.57
C LYS Q 439 -55.02 39.24 9.69
N GLU Q 440 -55.19 40.54 9.59
CA GLU Q 440 -54.90 41.48 10.61
C GLU Q 440 -55.45 41.20 12.02
N GLN Q 441 -56.55 40.46 12.20
CA GLN Q 441 -56.90 39.87 13.48
C GLN Q 441 -55.85 38.98 14.16
N LEU Q 442 -55.27 37.95 13.36
CA LEU Q 442 -54.14 37.17 13.80
C LEU Q 442 -52.90 37.98 14.22
N ALA Q 443 -52.62 39.09 13.51
CA ALA Q 443 -51.55 40.02 13.94
C ALA Q 443 -51.80 40.59 15.37
N VAL Q 444 -53.04 41.11 15.58
CA VAL Q 444 -53.51 41.67 16.80
C VAL Q 444 -53.47 40.60 17.96
N GLU Q 445 -54.08 39.43 17.72
CA GLU Q 445 -54.08 38.26 18.54
C GLU Q 445 -52.68 37.71 18.96
N ALA Q 446 -51.67 37.75 18.03
CA ALA Q 446 -50.30 37.51 18.28
C ALA Q 446 -49.76 38.60 19.23
N TYR Q 447 -49.81 39.88 18.86
CA TYR Q 447 -49.44 41.03 19.76
C TYR Q 447 -49.89 40.89 21.18
N ALA Q 448 -51.11 40.40 21.40
CA ALA Q 448 -51.78 40.15 22.70
C ALA Q 448 -51.11 38.98 23.31
N ASN Q 449 -50.98 37.89 22.55
CA ASN Q 449 -50.18 36.76 23.04
C ASN Q 449 -48.72 37.05 23.47
N ALA Q 450 -47.98 37.82 22.65
CA ALA Q 450 -46.64 38.33 23.07
C ALA Q 450 -46.72 39.10 24.32
N LEU Q 451 -47.66 39.96 24.53
CA LEU Q 451 -47.76 40.65 25.81
C LEU Q 451 -48.04 39.81 27.08
N GLU Q 452 -48.82 38.73 26.97
CA GLU Q 452 -49.08 37.76 28.10
C GLU Q 452 -47.84 36.92 28.33
N SER Q 453 -47.05 36.54 27.27
CA SER Q 453 -45.78 35.90 27.36
C SER Q 453 -44.75 36.55 28.21
N LEU Q 454 -44.69 37.87 28.30
CA LEU Q 454 -43.96 38.66 29.19
C LEU Q 454 -44.21 38.38 30.62
N VAL Q 455 -45.51 38.36 31.01
CA VAL Q 455 -45.86 38.05 32.36
C VAL Q 455 -45.65 36.56 32.62
N SER Q 456 -45.73 35.77 31.59
CA SER Q 456 -45.49 34.28 31.64
C SER Q 456 -44.00 34.04 32.00
N ILE Q 457 -43.04 34.71 31.37
CA ILE Q 457 -41.58 34.72 31.69
C ILE Q 457 -41.41 35.12 33.13
N LEU Q 458 -42.09 36.20 33.56
CA LEU Q 458 -41.97 36.73 34.92
C LEU Q 458 -42.43 35.70 36.00
N ILE Q 459 -43.56 35.01 35.73
CA ILE Q 459 -44.12 33.90 36.46
C ILE Q 459 -43.18 32.69 36.49
N GLU Q 460 -42.75 32.31 35.28
CA GLU Q 460 -41.68 31.26 35.10
C GLU Q 460 -40.51 31.40 36.10
N ASN Q 461 -39.81 32.60 36.03
CA ASN Q 461 -38.70 33.00 36.88
C ASN Q 461 -39.10 33.05 38.37
N ALA Q 462 -40.39 33.10 38.77
CA ALA Q 462 -40.73 32.95 40.14
C ALA Q 462 -40.82 31.53 40.63
N GLY Q 463 -41.01 30.59 39.66
CA GLY Q 463 -41.05 29.17 39.91
C GLY Q 463 -42.48 28.69 40.09
N PHE Q 464 -43.45 29.25 39.34
CA PHE Q 464 -44.86 28.88 39.29
C PHE Q 464 -45.30 28.55 37.90
N ASP Q 465 -46.49 27.97 37.57
CA ASP Q 465 -46.84 27.57 36.22
C ASP Q 465 -47.33 28.74 35.47
N PRO Q 466 -46.80 29.23 34.31
CA PRO Q 466 -47.29 30.33 33.56
C PRO Q 466 -48.74 30.24 33.19
N ILE Q 467 -49.30 29.07 32.71
CA ILE Q 467 -50.68 28.95 32.24
C ILE Q 467 -51.74 29.16 33.27
N ASP Q 468 -51.56 28.45 34.45
CA ASP Q 468 -52.43 28.50 35.62
C ASP Q 468 -52.77 29.93 36.08
N LEU Q 469 -51.69 30.62 36.43
CA LEU Q 469 -51.70 32.00 36.83
C LEU Q 469 -52.09 32.93 35.81
N LEU Q 470 -51.71 32.80 34.52
CA LEU Q 470 -52.14 33.69 33.45
C LEU Q 470 -53.71 33.63 33.30
N MET Q 471 -54.27 32.37 33.33
CA MET Q 471 -55.68 32.20 33.24
C MET Q 471 -56.47 32.73 34.51
N LYS Q 472 -56.07 32.39 35.73
CA LYS Q 472 -56.66 32.80 37.01
C LYS Q 472 -56.74 34.29 37.09
N LEU Q 473 -55.77 34.97 36.39
CA LEU Q 473 -55.83 36.38 36.30
C LEU Q 473 -56.69 36.89 35.17
N ARG Q 474 -56.45 36.51 33.88
CA ARG Q 474 -57.17 37.02 32.74
C ARG Q 474 -58.66 36.69 32.80
N SER Q 475 -59.18 35.86 33.78
CA SER Q 475 -60.61 35.70 33.91
C SER Q 475 -61.13 36.72 34.91
N THR Q 476 -60.51 36.97 36.00
CA THR Q 476 -60.83 37.96 37.02
C THR Q 476 -60.49 39.42 36.58
N HIS Q 477 -60.10 39.57 35.29
CA HIS Q 477 -59.77 40.97 34.87
C HIS Q 477 -60.89 41.52 33.96
N GLU Q 478 -61.98 40.77 33.65
CA GLU Q 478 -63.03 41.25 32.72
C GLU Q 478 -63.79 42.48 33.27
N ASN Q 479 -64.00 42.64 34.60
CA ASN Q 479 -64.80 43.75 35.12
C ASN Q 479 -64.00 44.84 35.57
N GLU Q 480 -64.49 46.09 35.49
CA GLU Q 480 -63.64 47.23 35.91
C GLU Q 480 -63.15 47.17 37.46
N ASN Q 481 -63.84 46.41 38.33
CA ASN Q 481 -63.57 46.25 39.76
C ASN Q 481 -62.18 45.75 40.08
N ASN Q 482 -61.45 45.26 39.15
CA ASN Q 482 -60.20 44.56 39.25
C ASN Q 482 -59.07 45.17 38.43
N LYS Q 483 -59.17 46.44 38.03
CA LYS Q 483 -58.24 47.16 37.23
C LYS Q 483 -56.79 47.07 37.63
N TRP Q 484 -56.49 47.14 38.94
CA TRP Q 484 -55.11 47.11 39.52
C TRP Q 484 -54.60 45.75 40.01
N TYR Q 485 -55.33 44.69 39.51
CA TYR Q 485 -54.92 43.29 39.78
C TYR Q 485 -53.81 42.95 38.83
N GLY Q 486 -52.83 42.31 39.50
CA GLY Q 486 -51.59 41.73 38.89
C GLY Q 486 -51.30 40.43 39.57
N ILE Q 487 -50.11 39.93 39.52
CA ILE Q 487 -49.61 38.77 40.28
C ILE Q 487 -48.45 39.15 41.12
N ASP Q 488 -48.64 39.14 42.48
CA ASP Q 488 -47.65 39.31 43.47
C ASP Q 488 -46.60 38.21 43.39
N LEU Q 489 -45.34 38.58 42.99
CA LEU Q 489 -44.33 37.55 42.66
C LEU Q 489 -43.87 36.65 43.85
N TYR Q 490 -44.48 36.81 45.09
CA TYR Q 490 -44.07 35.91 46.17
C TYR Q 490 -45.40 35.27 46.59
N ALA Q 491 -46.56 35.92 46.60
CA ALA Q 491 -47.80 35.23 46.91
C ALA Q 491 -48.19 34.19 45.80
N GLY Q 492 -48.27 34.58 44.52
CA GLY Q 492 -48.64 33.56 43.49
C GLY Q 492 -50.14 33.34 43.32
N GLN Q 493 -50.90 34.39 43.07
CA GLN Q 493 -52.35 34.38 42.90
C GLN Q 493 -52.81 35.83 42.66
N PRO Q 494 -53.82 36.15 41.86
CA PRO Q 494 -54.10 37.58 41.55
C PRO Q 494 -54.53 38.43 42.72
N VAL Q 495 -53.91 39.64 42.95
CA VAL Q 495 -54.23 40.60 43.99
C VAL Q 495 -54.01 41.97 43.47
N ASP Q 496 -54.46 42.94 44.21
CA ASP Q 496 -54.23 44.34 43.87
C ASP Q 496 -52.80 44.91 44.26
N MET Q 497 -52.00 45.22 43.25
CA MET Q 497 -50.65 45.62 43.40
C MET Q 497 -50.51 47.04 43.81
N TRP Q 498 -51.46 47.89 43.36
CA TRP Q 498 -51.63 49.28 43.79
C TRP Q 498 -51.69 49.29 45.28
N GLN Q 499 -52.61 48.51 45.90
CA GLN Q 499 -52.68 48.35 47.36
C GLN Q 499 -51.67 47.43 47.99
N LYS Q 500 -50.47 47.40 47.48
CA LYS Q 500 -49.29 46.75 48.05
C LYS Q 500 -48.09 47.65 47.59
N GLY Q 501 -48.41 48.87 47.12
CA GLY Q 501 -47.36 49.87 46.95
C GLY Q 501 -46.61 49.75 45.61
N VAL Q 502 -46.97 48.73 44.79
CA VAL Q 502 -46.22 48.35 43.59
C VAL Q 502 -46.88 49.18 42.39
N ILE Q 503 -46.36 50.43 42.23
CA ILE Q 503 -46.78 51.31 41.23
C ILE Q 503 -45.57 51.67 40.48
N GLU Q 504 -45.76 52.11 39.19
CA GLU Q 504 -44.72 52.54 38.25
C GLU Q 504 -45.03 53.68 37.30
N PRO Q 505 -44.03 54.45 36.82
CA PRO Q 505 -44.26 55.56 35.87
C PRO Q 505 -45.06 55.22 34.59
N ALA Q 506 -46.31 55.70 34.39
CA ALA Q 506 -47.12 55.36 33.29
C ALA Q 506 -46.43 55.61 31.93
N LEU Q 507 -45.49 56.56 31.73
CA LEU Q 507 -44.88 56.99 30.48
C LEU Q 507 -43.57 56.23 30.08
N VAL Q 508 -42.75 55.85 31.03
CA VAL Q 508 -41.59 54.92 30.83
C VAL Q 508 -42.11 53.62 30.23
N LYS Q 509 -43.20 53.01 30.85
CA LYS Q 509 -43.72 51.75 30.28
C LYS Q 509 -44.59 52.05 29.05
N MET Q 510 -44.62 53.25 28.49
CA MET Q 510 -45.36 53.63 27.32
C MET Q 510 -44.43 53.90 26.11
N ASN Q 511 -43.33 54.62 26.32
CA ASN Q 511 -42.24 54.85 25.36
C ASN Q 511 -41.37 53.57 25.16
N ALA Q 512 -41.29 52.77 26.17
CA ALA Q 512 -40.62 51.44 26.01
C ALA Q 512 -41.36 50.54 25.00
N ILE Q 513 -42.71 50.35 25.19
CA ILE Q 513 -43.47 49.69 24.14
C ILE Q 513 -43.44 50.25 22.76
N LYS Q 514 -43.51 51.57 22.59
CA LYS Q 514 -43.33 52.24 21.30
C LYS Q 514 -42.01 52.02 20.63
N ALA Q 515 -40.93 52.11 21.42
CA ALA Q 515 -39.57 51.81 21.07
C ALA Q 515 -39.43 50.38 20.63
N ALA Q 516 -39.84 49.44 21.57
CA ALA Q 516 -39.88 47.98 21.36
C ALA Q 516 -40.64 47.56 20.04
N THR Q 517 -41.83 48.06 19.73
CA THR Q 517 -42.57 47.69 18.49
C THR Q 517 -41.91 48.21 17.23
N GLU Q 518 -41.26 49.34 17.32
CA GLU Q 518 -40.51 49.94 16.30
C GLU Q 518 -39.37 49.08 15.88
N ALA Q 519 -38.58 48.71 16.82
CA ALA Q 519 -37.63 47.68 16.64
C ALA Q 519 -38.09 46.32 16.11
N ALA Q 520 -39.06 45.69 16.75
CA ALA Q 520 -39.64 44.49 16.24
C ALA Q 520 -40.05 44.48 14.76
N THR Q 521 -40.90 45.46 14.40
CA THR Q 521 -41.25 45.59 12.99
C THR Q 521 -40.12 46.01 12.10
N LEU Q 522 -39.01 46.62 12.53
CA LEU Q 522 -37.86 46.97 11.74
C LEU Q 522 -37.22 45.71 11.38
N VAL Q 523 -37.16 44.68 12.26
CA VAL Q 523 -36.55 43.38 11.97
C VAL Q 523 -37.29 42.62 10.80
N LEU Q 524 -38.66 42.75 10.70
CA LEU Q 524 -39.57 42.35 9.62
C LEU Q 524 -39.38 43.14 8.33
N ARG Q 525 -38.96 44.41 8.45
CA ARG Q 525 -38.83 45.27 7.29
C ARG Q 525 -37.72 44.84 6.36
N ILE Q 526 -36.70 44.17 6.82
CA ILE Q 526 -35.52 43.77 6.08
C ILE Q 526 -35.70 42.58 5.08
N ASP Q 527 -35.68 42.84 3.78
CA ASP Q 527 -35.79 41.87 2.80
C ASP Q 527 -34.42 41.35 2.45
N ASP Q 528 -33.39 42.16 2.43
CA ASP Q 528 -32.03 41.69 2.17
C ASP Q 528 -31.01 42.61 2.94
N VAL Q 529 -29.79 42.10 3.18
CA VAL Q 529 -28.64 42.75 3.81
C VAL Q 529 -27.52 42.45 2.83
N VAL Q 530 -26.91 43.49 2.32
CA VAL Q 530 -25.80 43.49 1.38
C VAL Q 530 -24.63 44.06 2.10
N SER Q 531 -23.48 43.31 2.18
CA SER Q 531 -22.34 43.65 3.00
C SER Q 531 -21.32 43.88 1.93
N ALA Q 532 -20.56 44.96 2.11
CA ALA Q 532 -19.46 45.36 1.22
C ALA Q 532 -18.11 44.59 1.34
N GLY R 28 -24.15 33.10 -31.52
CA GLY R 28 -25.52 33.54 -31.05
C GLY R 28 -25.69 33.35 -29.58
N LYS R 29 -26.38 32.29 -29.21
CA LYS R 29 -26.75 31.85 -27.88
C LYS R 29 -25.63 31.89 -26.78
N GLU R 30 -24.38 31.59 -27.17
CA GLU R 30 -23.03 31.66 -26.52
C GLU R 30 -22.92 32.71 -25.41
N ALA R 31 -22.73 33.99 -25.79
CA ALA R 31 -22.55 35.15 -24.79
C ALA R 31 -23.99 35.56 -24.36
N VAL R 32 -24.96 35.71 -25.30
CA VAL R 32 -26.30 36.14 -25.00
C VAL R 32 -27.07 35.54 -23.83
N ARG R 33 -26.96 34.27 -23.48
CA ARG R 33 -27.64 33.66 -22.33
C ARG R 33 -27.09 34.25 -21.04
N ALA R 34 -25.72 34.38 -20.87
CA ALA R 34 -24.91 35.01 -19.86
C ALA R 34 -25.36 36.48 -19.70
N ASN R 35 -25.40 37.25 -20.82
CA ASN R 35 -25.83 38.62 -20.83
C ASN R 35 -27.15 38.82 -20.17
N ILE R 36 -28.17 38.10 -20.65
CA ILE R 36 -29.53 37.98 -20.24
C ILE R 36 -29.63 37.66 -18.81
N ALA R 37 -28.92 36.57 -18.40
CA ALA R 37 -28.70 36.14 -17.06
C ALA R 37 -28.32 37.36 -16.09
N ALA R 38 -27.24 38.13 -16.46
CA ALA R 38 -26.67 39.31 -15.75
C ALA R 38 -27.72 40.27 -15.47
N VAL R 39 -28.46 40.54 -16.51
CA VAL R 39 -29.59 41.44 -16.50
C VAL R 39 -30.62 40.98 -15.51
N LYS R 40 -31.14 39.72 -15.62
CA LYS R 40 -32.11 39.08 -14.67
C LYS R 40 -31.61 39.24 -13.19
N ALA R 41 -30.25 39.09 -12.96
CA ALA R 41 -29.65 39.29 -11.70
C ALA R 41 -29.94 40.74 -11.16
N VAL R 42 -29.72 41.77 -11.99
CA VAL R 42 -29.87 43.18 -11.50
C VAL R 42 -31.35 43.42 -11.03
N GLU R 43 -32.32 42.93 -11.80
CA GLU R 43 -33.76 42.98 -11.57
C GLU R 43 -34.14 42.34 -10.26
N GLU R 44 -33.68 41.14 -10.02
CA GLU R 44 -33.73 40.34 -8.76
C GLU R 44 -33.14 40.98 -7.51
N ALA R 45 -32.48 42.07 -7.66
CA ALA R 45 -32.02 42.88 -6.54
C ALA R 45 -32.94 44.06 -6.13
N LEU R 46 -33.83 44.46 -7.07
CA LEU R 46 -34.63 45.61 -6.85
C LEU R 46 -36.13 45.32 -6.73
N LYS R 47 -36.53 44.28 -7.45
CA LYS R 47 -37.97 43.75 -7.52
C LYS R 47 -38.94 43.91 -6.35
N SER R 48 -38.51 43.48 -5.17
CA SER R 48 -39.22 43.61 -3.92
C SER R 48 -39.27 44.98 -3.30
N THR R 49 -38.90 46.06 -4.00
CA THR R 49 -38.90 47.38 -3.40
C THR R 49 -39.79 48.28 -4.12
N TYR R 50 -40.44 47.83 -5.29
CA TYR R 50 -41.32 48.68 -6.07
C TYR R 50 -42.57 49.06 -5.42
N GLY R 51 -43.01 50.33 -5.49
CA GLY R 51 -44.24 50.80 -4.84
C GLY R 51 -44.10 50.95 -3.38
N PRO R 52 -45.18 51.31 -2.77
CA PRO R 52 -45.18 51.73 -1.38
C PRO R 52 -45.41 50.54 -0.47
N ARG R 53 -45.61 49.36 -1.04
CA ARG R 53 -45.74 48.09 -0.39
C ARG R 53 -44.34 47.47 -0.33
N GLY R 54 -43.41 47.96 -1.15
CA GLY R 54 -42.01 47.51 -1.19
C GLY R 54 -41.28 47.42 0.10
N MET R 55 -40.35 46.44 0.17
CA MET R 55 -39.54 46.19 1.31
C MET R 55 -38.23 46.87 1.31
N ASP R 56 -37.69 47.05 2.53
CA ASP R 56 -36.38 47.63 2.80
C ASP R 56 -35.26 46.71 2.66
N LYS R 57 -34.07 47.22 2.17
CA LYS R 57 -32.77 46.60 2.00
C LYS R 57 -31.81 47.27 3.00
N MET R 58 -30.85 46.51 3.58
CA MET R 58 -29.70 46.97 4.38
C MET R 58 -28.35 46.91 3.70
N LEU R 59 -27.53 47.93 3.90
CA LEU R 59 -26.18 48.05 3.26
C LEU R 59 -25.21 48.24 4.35
N VAL R 60 -24.25 47.25 4.47
CA VAL R 60 -23.25 47.22 5.56
C VAL R 60 -21.93 47.54 4.95
N ASP R 61 -21.40 48.73 5.25
CA ASP R 61 -20.12 49.18 4.79
C ASP R 61 -18.95 48.21 5.18
N SER R 62 -17.82 48.55 4.60
CA SER R 62 -16.52 48.00 4.84
C SER R 62 -16.05 48.05 6.30
N LEU R 63 -16.44 49.02 7.09
CA LEU R 63 -16.16 49.21 8.48
C LEU R 63 -17.29 48.73 9.33
N GLY R 64 -18.24 48.04 8.75
CA GLY R 64 -19.46 47.52 9.40
C GLY R 64 -20.57 48.51 9.66
N ASP R 65 -20.44 49.80 9.17
CA ASP R 65 -21.49 50.77 9.36
C ASP R 65 -22.82 50.45 8.57
N ILE R 66 -24.06 50.52 9.16
CA ILE R 66 -25.27 50.07 8.47
C ILE R 66 -26.23 51.22 7.91
N THR R 67 -26.82 51.02 6.72
CA THR R 67 -27.74 51.86 6.07
C THR R 67 -28.93 51.05 5.59
N ILE R 68 -30.14 51.42 6.13
CA ILE R 68 -31.39 50.82 5.70
C ILE R 68 -32.06 51.85 4.94
N THR R 69 -32.51 51.45 3.72
CA THR R 69 -33.18 52.28 2.72
C THR R 69 -34.01 51.33 1.88
N ASN R 70 -34.78 51.84 0.87
CA ASN R 70 -35.51 51.02 -0.08
C ASN R 70 -35.53 51.75 -1.40
N ASP R 71 -34.59 52.69 -1.57
CA ASP R 71 -34.31 53.46 -2.76
C ASP R 71 -33.63 52.72 -3.89
N GLY R 72 -34.31 52.62 -5.10
CA GLY R 72 -33.72 52.01 -6.33
C GLY R 72 -32.39 52.46 -6.80
N ALA R 73 -32.22 53.74 -7.03
CA ALA R 73 -30.97 54.40 -7.34
C ALA R 73 -29.71 54.04 -6.44
N THR R 74 -29.71 54.30 -5.11
CA THR R 74 -28.55 54.08 -4.21
C THR R 74 -27.93 52.67 -4.20
N ILE R 75 -28.95 51.69 -4.17
CA ILE R 75 -28.74 50.24 -4.24
C ILE R 75 -28.19 49.77 -5.59
N LEU R 76 -28.31 50.51 -6.70
CA LEU R 76 -27.75 50.10 -7.98
C LEU R 76 -26.44 50.92 -8.23
N ASP R 77 -26.38 52.22 -7.83
CA ASP R 77 -25.17 53.06 -7.98
C ASP R 77 -24.05 52.57 -7.11
N LYS R 78 -24.27 52.24 -5.82
CA LYS R 78 -23.21 51.61 -5.01
C LYS R 78 -22.95 50.13 -5.34
N MET R 79 -23.76 49.50 -6.24
CA MET R 79 -23.61 48.11 -6.65
C MET R 79 -22.33 47.80 -7.44
N ASP R 80 -21.64 46.69 -7.23
CA ASP R 80 -20.46 46.18 -8.05
C ASP R 80 -21.04 45.35 -9.14
N LEU R 81 -20.57 45.51 -10.40
CA LEU R 81 -21.01 44.74 -11.56
C LEU R 81 -19.74 44.33 -12.28
N GLN R 82 -19.97 43.36 -13.09
CA GLN R 82 -18.81 42.74 -13.81
C GLN R 82 -19.08 42.53 -15.36
N HIS R 83 -20.31 42.09 -15.74
CA HIS R 83 -20.71 41.76 -17.12
C HIS R 83 -20.82 43.09 -17.92
N PRO R 84 -20.13 43.22 -19.02
CA PRO R 84 -20.20 44.44 -19.84
C PRO R 84 -21.60 44.82 -20.22
N ALA R 85 -22.41 43.87 -20.73
CA ALA R 85 -23.78 44.14 -20.99
C ALA R 85 -24.48 44.79 -19.80
N ALA R 86 -24.41 44.21 -18.54
CA ALA R 86 -25.08 44.80 -17.38
C ALA R 86 -24.74 46.25 -17.17
N LYS R 87 -23.34 46.51 -17.09
CA LYS R 87 -22.85 47.87 -16.87
C LYS R 87 -23.32 48.90 -17.91
N LEU R 88 -23.56 48.53 -19.18
CA LEU R 88 -24.21 49.38 -20.18
C LEU R 88 -25.74 49.54 -19.84
N LEU R 89 -26.40 48.51 -19.42
CA LEU R 89 -27.84 48.56 -19.09
C LEU R 89 -28.10 49.50 -17.86
N VAL R 90 -27.47 49.28 -16.69
CA VAL R 90 -27.60 50.15 -15.53
C VAL R 90 -27.19 51.59 -15.79
N GLN R 91 -26.17 51.78 -16.66
CA GLN R 91 -25.80 53.15 -17.07
C GLN R 91 -26.98 53.90 -17.81
N ILE R 92 -27.77 53.26 -18.74
CA ILE R 92 -28.93 53.89 -19.34
C ILE R 92 -30.06 53.96 -18.38
N ALA R 93 -30.30 52.90 -17.58
CA ALA R 93 -31.37 52.83 -16.63
C ALA R 93 -31.32 53.79 -15.41
N LYS R 94 -30.27 53.69 -14.56
CA LYS R 94 -29.98 54.40 -13.35
C LYS R 94 -29.88 55.87 -13.54
N GLY R 95 -28.91 56.37 -14.33
CA GLY R 95 -28.67 57.73 -14.83
C GLY R 95 -29.86 58.53 -15.29
N GLN R 96 -29.95 59.82 -15.02
CA GLN R 96 -31.03 60.61 -15.44
C GLN R 96 -30.53 62.04 -15.76
N ASP R 97 -31.03 62.69 -16.85
CA ASP R 97 -30.52 64.01 -17.17
C ASP R 97 -31.37 65.20 -16.67
N GLU R 98 -32.69 65.08 -16.50
CA GLU R 98 -33.53 66.13 -15.97
C GLU R 98 -33.42 66.25 -14.52
N GLU R 99 -33.92 67.35 -13.95
CA GLU R 99 -33.71 67.65 -12.49
C GLU R 99 -34.33 66.72 -11.56
N THR R 100 -35.58 66.35 -11.91
CA THR R 100 -36.30 65.31 -11.18
C THR R 100 -36.08 63.86 -11.78
N ALA R 101 -35.38 63.08 -10.96
CA ALA R 101 -35.05 61.66 -11.25
C ALA R 101 -35.96 60.89 -10.38
N ASP R 102 -36.81 60.15 -11.06
CA ASP R 102 -37.86 59.40 -10.39
C ASP R 102 -38.23 58.42 -11.49
N GLY R 103 -38.39 57.13 -11.16
CA GLY R 103 -38.65 56.14 -12.14
C GLY R 103 -37.57 55.08 -12.22
N THR R 104 -36.58 55.08 -11.36
CA THR R 104 -35.48 54.11 -11.40
C THR R 104 -35.80 52.63 -11.10
N LYS R 105 -36.72 52.37 -10.16
CA LYS R 105 -37.25 51.03 -9.93
C LYS R 105 -38.07 50.51 -11.13
N THR R 106 -38.74 51.47 -11.81
CA THR R 106 -39.50 51.21 -13.01
C THR R 106 -38.51 50.87 -14.10
N ALA R 107 -37.58 51.86 -14.41
CA ALA R 107 -36.53 51.57 -15.40
C ALA R 107 -35.85 50.19 -15.47
N VAL R 108 -35.39 49.77 -14.25
CA VAL R 108 -34.61 48.53 -14.17
C VAL R 108 -35.48 47.31 -14.36
N ILE R 109 -36.60 47.22 -13.56
CA ILE R 109 -37.56 46.15 -13.72
C ILE R 109 -38.02 46.02 -15.17
N PHE R 110 -38.60 47.05 -15.79
CA PHE R 110 -39.15 46.94 -17.16
C PHE R 110 -38.01 46.59 -18.08
N SER R 111 -36.77 47.05 -17.96
CA SER R 111 -35.57 46.70 -18.79
C SER R 111 -35.35 45.14 -18.76
N GLY R 112 -35.22 44.51 -17.56
CA GLY R 112 -35.12 43.08 -17.62
C GLY R 112 -36.32 42.22 -17.96
N GLU R 113 -37.56 42.63 -17.64
CA GLU R 113 -38.84 41.97 -17.96
C GLU R 113 -39.13 41.94 -19.47
N LEU R 114 -38.85 43.03 -20.16
CA LEU R 114 -38.90 43.22 -21.57
C LEU R 114 -37.92 42.28 -22.29
N VAL R 115 -36.68 42.17 -21.76
CA VAL R 115 -35.69 41.17 -22.13
C VAL R 115 -36.16 39.76 -21.90
N LYS R 116 -36.73 39.52 -20.69
CA LYS R 116 -37.26 38.26 -20.24
C LYS R 116 -38.30 37.70 -21.27
N LYS R 117 -39.39 38.46 -21.47
CA LYS R 117 -40.38 38.23 -22.50
C LYS R 117 -39.84 38.20 -23.97
N ALA R 118 -38.71 38.82 -24.30
CA ALA R 118 -38.12 38.63 -25.63
C ALA R 118 -37.23 37.36 -25.84
N GLU R 119 -36.51 36.91 -24.75
CA GLU R 119 -35.71 35.72 -24.61
C GLU R 119 -36.64 34.51 -24.93
N ASP R 120 -37.90 34.67 -24.44
CA ASP R 120 -38.91 33.70 -24.68
C ASP R 120 -39.32 33.44 -26.21
N LEU R 121 -39.16 34.44 -27.04
CA LEU R 121 -39.15 34.43 -28.46
C LEU R 121 -37.88 33.89 -29.05
N LEU R 122 -36.67 34.14 -28.44
CA LEU R 122 -35.42 33.53 -28.85
C LEU R 122 -35.40 31.97 -28.64
N TYR R 123 -36.01 31.41 -27.60
CA TYR R 123 -36.19 29.97 -27.44
C TYR R 123 -37.08 29.38 -28.61
N LYS R 124 -38.08 30.13 -29.01
CA LYS R 124 -39.00 29.80 -30.06
C LYS R 124 -38.48 29.98 -31.43
N ASP R 125 -37.19 30.24 -31.52
CA ASP R 125 -36.45 30.51 -32.74
C ASP R 125 -36.92 31.71 -33.55
N VAL R 126 -37.48 32.80 -32.96
CA VAL R 126 -37.71 33.99 -33.72
C VAL R 126 -36.43 34.81 -33.57
N HIS R 127 -35.82 35.21 -34.73
CA HIS R 127 -34.64 36.05 -34.82
C HIS R 127 -34.76 37.34 -34.09
N PRO R 128 -33.75 37.87 -33.42
CA PRO R 128 -33.79 39.15 -32.73
C PRO R 128 -33.98 40.36 -33.59
N THR R 129 -33.64 40.37 -34.86
CA THR R 129 -33.80 41.52 -35.79
C THR R 129 -35.26 41.89 -35.99
N ILE R 130 -36.11 40.85 -35.98
CA ILE R 130 -37.55 41.04 -35.98
C ILE R 130 -38.09 41.60 -34.66
N ILE R 131 -37.60 41.07 -33.50
CA ILE R 131 -37.97 41.54 -32.17
C ILE R 131 -37.58 43.00 -32.01
N ILE R 132 -36.47 43.46 -32.70
CA ILE R 132 -36.02 44.85 -32.66
C ILE R 132 -37.02 45.70 -33.32
N SER R 133 -37.33 45.36 -34.61
CA SER R 133 -38.33 46.10 -35.44
C SER R 133 -39.72 46.13 -34.85
N GLY R 134 -40.15 44.97 -34.31
CA GLY R 134 -41.33 44.77 -33.50
C GLY R 134 -41.42 45.67 -32.29
N TYR R 135 -40.40 45.58 -31.45
CA TYR R 135 -40.25 46.32 -30.20
C TYR R 135 -40.28 47.80 -30.43
N LYS R 136 -39.62 48.26 -31.49
CA LYS R 136 -39.61 49.60 -32.08
C LYS R 136 -40.96 50.09 -32.42
N LYS R 137 -41.76 49.37 -33.29
CA LYS R 137 -43.13 49.76 -33.66
C LYS R 137 -43.99 49.98 -32.34
N ALA R 138 -43.76 49.02 -31.39
CA ALA R 138 -44.47 49.13 -30.14
C ALA R 138 -44.05 50.33 -29.20
N GLU R 139 -42.76 50.70 -29.09
CA GLU R 139 -42.18 51.73 -28.30
C GLU R 139 -42.78 53.08 -28.74
N GLU R 140 -42.80 53.25 -30.08
CA GLU R 140 -43.50 54.31 -30.78
C GLU R 140 -44.89 54.64 -30.36
N VAL R 141 -45.82 53.69 -30.57
CA VAL R 141 -47.21 53.72 -30.05
C VAL R 141 -47.31 53.87 -28.57
N ALA R 142 -46.53 53.03 -27.85
CA ALA R 142 -46.49 53.07 -26.30
C ALA R 142 -46.13 54.50 -25.79
N LEU R 143 -45.23 55.23 -26.48
CA LEU R 143 -44.81 56.48 -26.14
C LEU R 143 -45.94 57.52 -26.31
N GLN R 144 -46.39 57.63 -27.58
CA GLN R 144 -47.54 58.45 -28.02
C GLN R 144 -48.82 58.11 -27.27
N THR R 145 -48.96 56.87 -26.74
CA THR R 145 -50.09 56.56 -25.89
C THR R 145 -50.12 57.36 -24.54
N ILE R 146 -49.04 57.94 -24.16
CA ILE R 146 -48.95 58.69 -22.94
C ILE R 146 -49.24 60.12 -23.11
N GLN R 147 -48.81 60.60 -24.30
CA GLN R 147 -49.14 61.89 -24.73
C GLN R 147 -50.66 62.13 -24.99
N GLU R 148 -51.37 61.46 -25.93
CA GLU R 148 -52.76 61.63 -26.27
C GLU R 148 -53.79 61.16 -25.23
N LEU R 149 -53.55 61.46 -23.99
CA LEU R 149 -54.31 61.04 -22.87
C LEU R 149 -53.98 61.94 -21.70
N ALA R 150 -52.71 62.56 -21.62
CA ALA R 150 -52.38 63.34 -20.50
C ALA R 150 -53.23 64.54 -20.28
N GLN R 151 -53.50 64.94 -19.04
CA GLN R 151 -54.26 66.15 -18.82
C GLN R 151 -53.35 67.24 -18.35
N THR R 152 -53.76 68.43 -18.90
CA THR R 152 -53.11 69.70 -18.77
C THR R 152 -53.14 70.41 -17.48
N VAL R 153 -51.97 70.53 -16.80
CA VAL R 153 -51.94 71.17 -15.49
C VAL R 153 -51.52 72.56 -15.79
N SER R 154 -52.18 73.54 -15.04
CA SER R 154 -52.01 75.03 -15.16
C SER R 154 -51.57 75.66 -13.77
N ILE R 155 -51.11 76.90 -13.71
CA ILE R 155 -50.61 77.59 -12.48
C ILE R 155 -51.64 77.79 -11.45
N ASN R 156 -52.83 77.81 -11.85
CA ASN R 156 -53.97 77.91 -11.03
C ASN R 156 -54.51 76.54 -10.56
N ASP R 157 -53.90 75.34 -10.85
CA ASP R 157 -54.40 74.07 -10.50
C ASP R 157 -53.72 73.48 -9.28
N THR R 158 -53.73 74.29 -8.17
CA THR R 158 -53.00 74.17 -6.92
C THR R 158 -53.73 73.12 -6.09
N ASP R 159 -55.05 72.85 -6.27
CA ASP R 159 -55.65 71.68 -5.59
C ASP R 159 -55.31 70.34 -6.16
N LEU R 160 -54.74 70.29 -7.36
CA LEU R 160 -54.26 69.06 -8.03
C LEU R 160 -52.78 68.89 -7.61
N LEU R 161 -51.99 69.96 -7.73
CA LEU R 161 -50.57 69.84 -7.32
C LEU R 161 -50.32 69.42 -5.81
N ARG R 162 -51.28 69.77 -4.97
CA ARG R 162 -51.48 69.38 -3.57
C ARG R 162 -51.57 67.87 -3.45
N LYS R 163 -52.09 67.22 -4.49
CA LYS R 163 -52.28 65.71 -4.58
C LYS R 163 -50.96 65.04 -5.03
N ILE R 164 -50.50 65.35 -6.33
CA ILE R 164 -49.14 65.00 -6.82
C ILE R 164 -47.99 65.14 -5.82
N ALA R 165 -47.97 66.17 -4.99
CA ALA R 165 -46.91 66.44 -4.07
C ALA R 165 -46.86 65.35 -3.03
N MET R 166 -48.10 65.06 -2.53
CA MET R 166 -48.26 63.98 -1.55
C MET R 166 -48.01 62.59 -2.07
N THR R 167 -48.36 62.32 -3.32
CA THR R 167 -48.07 61.10 -4.13
C THR R 167 -46.53 60.77 -4.21
N SER R 168 -45.76 61.75 -3.75
CA SER R 168 -44.26 61.73 -3.60
C SER R 168 -43.85 61.57 -2.22
N LEU R 169 -44.33 62.34 -1.23
CA LEU R 169 -44.02 62.14 0.17
C LEU R 169 -44.73 60.95 0.86
N SER R 170 -45.92 60.52 0.50
CA SER R 170 -46.64 59.35 1.05
C SER R 170 -45.79 58.04 0.95
N SER R 171 -44.82 57.86 0.01
CA SER R 171 -44.10 56.63 -0.14
C SER R 171 -42.67 56.66 0.46
N LYS R 172 -42.32 57.82 1.11
CA LYS R 172 -41.05 58.07 1.77
C LYS R 172 -41.18 57.57 3.20
N ALA R 173 -40.04 57.27 3.84
CA ALA R 173 -39.79 56.68 5.12
C ALA R 173 -40.48 57.38 6.36
N VAL R 174 -40.63 58.76 6.32
CA VAL R 174 -41.28 59.70 7.21
C VAL R 174 -42.78 59.53 7.22
N ALA R 175 -43.44 59.19 8.33
CA ALA R 175 -44.83 58.77 8.42
C ALA R 175 -45.69 59.86 9.07
N GLY R 176 -45.06 61.04 9.28
CA GLY R 176 -45.66 62.32 9.52
C GLY R 176 -46.47 62.87 8.42
N ALA R 177 -47.34 63.77 8.85
CA ALA R 177 -48.26 64.48 7.99
C ALA R 177 -47.62 65.20 6.71
N ARG R 178 -47.83 64.54 5.54
CA ARG R 178 -47.33 65.09 4.28
C ARG R 178 -48.07 66.21 3.69
N GLU R 179 -49.38 66.34 4.00
CA GLU R 179 -50.28 67.40 3.64
C GLU R 179 -49.82 68.74 3.98
N TYR R 180 -49.18 68.96 5.19
CA TYR R 180 -48.52 70.28 5.64
C TYR R 180 -47.47 70.70 4.66
N ILE R 181 -46.53 69.77 4.34
CA ILE R 181 -45.37 69.94 3.48
C ILE R 181 -45.86 70.08 2.04
N ALA R 182 -46.89 69.22 1.64
CA ALA R 182 -47.51 69.32 0.35
C ALA R 182 -48.05 70.75 0.07
N ASP R 183 -48.88 71.29 1.03
CA ASP R 183 -49.45 72.65 0.92
C ASP R 183 -48.37 73.73 0.72
N ILE R 184 -47.30 73.70 1.55
CA ILE R 184 -46.10 74.56 1.32
C ILE R 184 -45.45 74.43 -0.03
N VAL R 185 -45.05 73.23 -0.48
CA VAL R 185 -44.46 72.89 -1.74
C VAL R 185 -45.26 73.53 -2.86
N VAL R 186 -46.55 73.50 -2.80
CA VAL R 186 -47.40 74.03 -3.84
C VAL R 186 -47.22 75.58 -3.93
N LYS R 187 -47.39 76.27 -2.76
CA LYS R 187 -47.14 77.67 -2.62
C LYS R 187 -45.71 78.15 -2.96
N ALA R 188 -44.65 77.39 -2.54
CA ALA R 188 -43.25 77.63 -2.78
C ALA R 188 -42.97 77.66 -4.30
N VAL R 189 -43.63 76.78 -5.11
CA VAL R 189 -43.38 76.63 -6.50
C VAL R 189 -44.13 77.70 -7.25
N THR R 190 -45.46 77.83 -7.07
CA THR R 190 -46.25 78.90 -7.68
C THR R 190 -45.77 80.30 -7.43
N GLN R 191 -45.07 80.56 -6.32
CA GLN R 191 -44.43 81.81 -6.02
C GLN R 191 -43.27 82.06 -6.86
N VAL R 192 -42.45 81.09 -7.10
CA VAL R 192 -41.17 81.20 -7.73
C VAL R 192 -41.30 81.05 -9.23
N ALA R 193 -42.33 80.49 -9.67
CA ALA R 193 -42.53 80.23 -11.09
C ALA R 193 -42.55 81.54 -11.88
N GLU R 194 -41.87 81.55 -13.00
CA GLU R 194 -41.66 82.83 -13.72
C GLU R 194 -41.60 82.54 -15.18
N LEU R 195 -42.09 83.45 -16.04
CA LEU R 195 -42.31 83.25 -17.42
C LEU R 195 -41.03 83.40 -18.19
N ARG R 196 -40.63 82.32 -18.88
CA ARG R 196 -39.50 82.37 -19.71
C ARG R 196 -40.18 82.00 -21.01
N GLY R 197 -40.35 83.05 -21.93
CA GLY R 197 -40.91 82.82 -23.27
C GLY R 197 -42.47 82.96 -23.19
N ASP R 198 -42.94 83.65 -22.16
CA ASP R 198 -44.34 83.73 -21.90
C ASP R 198 -44.88 82.39 -21.39
N LYS R 199 -44.03 81.55 -20.77
CA LYS R 199 -44.37 80.23 -20.31
C LYS R 199 -43.68 79.97 -19.01
N TRP R 200 -44.37 79.45 -18.02
CA TRP R 200 -43.91 79.30 -16.65
C TRP R 200 -42.74 78.36 -16.48
N TYR R 201 -41.76 78.80 -15.69
CA TYR R 201 -40.55 78.00 -15.48
C TYR R 201 -40.14 78.24 -14.07
N VAL R 202 -39.74 77.24 -13.28
CA VAL R 202 -39.41 77.36 -11.90
C VAL R 202 -37.94 77.09 -11.76
N ASP R 203 -37.23 78.11 -11.33
CA ASP R 203 -35.86 78.12 -11.04
C ASP R 203 -35.54 78.00 -9.56
N LEU R 204 -35.39 76.77 -9.13
CA LEU R 204 -35.24 76.33 -7.72
C LEU R 204 -34.22 76.96 -6.85
N ASP R 205 -33.04 77.44 -7.30
CA ASP R 205 -32.02 78.08 -6.41
C ASP R 205 -32.49 79.28 -5.62
N ASN R 206 -33.65 79.90 -6.07
CA ASN R 206 -34.36 81.01 -5.52
C ASN R 206 -35.21 80.54 -4.32
N ILE R 207 -34.99 79.36 -3.74
CA ILE R 207 -35.65 78.83 -2.62
C ILE R 207 -34.61 78.23 -1.68
N GLN R 208 -34.60 78.72 -0.44
CA GLN R 208 -33.63 78.32 0.56
C GLN R 208 -34.23 77.32 1.54
N ILE R 209 -33.45 76.41 2.14
CA ILE R 209 -33.86 75.34 3.05
C ILE R 209 -33.09 75.37 4.34
N VAL R 210 -33.86 75.71 5.48
CA VAL R 210 -33.35 75.90 6.83
C VAL R 210 -33.95 74.92 7.73
N LYS R 211 -33.17 74.41 8.67
CA LYS R 211 -33.49 73.28 9.37
C LYS R 211 -33.12 73.21 10.87
N LYS R 212 -34.06 72.68 11.73
CA LYS R 212 -33.97 72.43 13.15
C LYS R 212 -34.57 71.05 13.39
N ALA R 213 -34.28 70.32 14.50
CA ALA R 213 -34.97 69.13 14.89
C ALA R 213 -35.86 69.42 16.10
N GLY R 214 -36.75 68.61 16.40
CA GLY R 214 -37.66 68.82 17.52
C GLY R 214 -38.76 69.85 17.17
N GLY R 215 -39.92 69.63 17.77
CA GLY R 215 -41.10 70.40 17.54
C GLY R 215 -41.92 69.49 16.67
N SER R 216 -42.69 69.93 15.65
CA SER R 216 -43.52 69.04 14.91
C SER R 216 -43.62 69.44 13.43
N ILE R 217 -44.28 68.57 12.54
CA ILE R 217 -44.28 69.02 11.15
C ILE R 217 -45.23 70.13 10.98
N ASN R 218 -46.13 70.20 11.89
CA ASN R 218 -46.96 71.40 11.98
C ASN R 218 -46.14 72.67 12.41
N ASP R 219 -44.93 72.62 12.95
CA ASP R 219 -44.14 73.78 13.17
C ASP R 219 -43.30 74.15 11.95
N THR R 220 -43.57 73.58 10.80
CA THR R 220 -42.88 73.92 9.55
C THR R 220 -43.67 75.05 8.84
N GLN R 221 -43.01 75.96 8.14
CA GLN R 221 -43.70 77.04 7.50
C GLN R 221 -42.97 77.40 6.29
N LEU R 222 -43.59 78.17 5.41
CA LEU R 222 -42.89 78.79 4.30
C LEU R 222 -42.67 80.24 4.64
N VAL R 223 -41.48 80.67 4.31
CA VAL R 223 -40.89 81.95 4.75
C VAL R 223 -40.78 82.90 3.49
N TYR R 224 -41.21 84.18 3.59
CA TYR R 224 -41.28 85.11 2.48
C TYR R 224 -40.17 86.10 2.67
N GLY R 225 -38.97 85.54 2.99
CA GLY R 225 -37.76 86.32 3.11
C GLY R 225 -36.68 85.30 3.47
N ILE R 226 -35.41 85.65 3.13
CA ILE R 226 -34.23 84.87 3.42
C ILE R 226 -34.07 84.84 4.96
N VAL R 227 -33.58 83.71 5.52
CA VAL R 227 -33.44 83.46 6.91
C VAL R 227 -32.05 82.98 7.16
N VAL R 228 -31.29 83.80 7.86
CA VAL R 228 -29.90 83.50 8.15
C VAL R 228 -29.86 82.87 9.55
N ASP R 229 -29.49 81.62 9.60
CA ASP R 229 -29.43 80.86 10.84
C ASP R 229 -28.16 81.12 11.56
N LYS R 230 -27.97 82.40 11.97
CA LYS R 230 -26.87 82.93 12.86
C LYS R 230 -27.42 84.14 13.56
N GLU R 231 -27.02 84.55 14.77
CA GLU R 231 -27.64 85.68 15.51
C GLU R 231 -27.01 87.06 15.36
N VAL R 232 -27.52 88.10 16.11
CA VAL R 232 -26.92 89.40 16.09
C VAL R 232 -25.66 89.42 16.94
N VAL R 233 -24.71 90.31 16.69
CA VAL R 233 -23.38 90.37 17.35
C VAL R 233 -23.50 90.67 18.85
N HIS R 234 -24.35 91.64 19.21
CA HIS R 234 -24.44 92.16 20.55
C HIS R 234 -25.99 92.41 20.88
N PRO R 235 -26.44 92.19 22.06
CA PRO R 235 -27.79 92.44 22.42
C PRO R 235 -28.14 93.92 22.62
N GLY R 236 -27.13 94.82 22.62
CA GLY R 236 -27.39 96.24 22.73
C GLY R 236 -27.81 96.86 21.34
N MET R 237 -27.84 96.07 20.21
CA MET R 237 -28.14 96.44 18.83
C MET R 237 -29.63 96.38 18.69
N PRO R 238 -30.31 97.25 17.85
CA PRO R 238 -31.73 97.28 17.71
C PRO R 238 -32.31 95.89 17.52
N LYS R 239 -33.46 95.56 18.12
CA LYS R 239 -34.21 94.29 17.91
C LYS R 239 -34.74 94.03 16.47
N ARG R 240 -35.14 95.15 15.93
CA ARG R 240 -35.64 95.36 14.59
C ARG R 240 -35.01 96.63 14.07
N LEU R 241 -34.38 96.64 12.88
CA LEU R 241 -33.86 97.92 12.28
C LEU R 241 -34.72 98.29 11.08
N GLU R 242 -35.13 99.54 10.93
CA GLU R 242 -36.03 99.98 9.81
C GLU R 242 -35.37 100.32 8.57
N ASN R 243 -35.90 99.91 7.35
CA ASN R 243 -35.37 100.34 6.04
C ASN R 243 -33.89 99.96 5.82
N ALA R 244 -33.54 98.64 5.95
CA ALA R 244 -32.19 98.14 6.04
C ALA R 244 -31.34 98.46 4.77
N LYS R 245 -30.06 98.70 5.02
CA LYS R 245 -29.01 98.88 4.02
C LYS R 245 -27.74 98.08 4.56
N ILE R 246 -27.90 96.72 4.40
CA ILE R 246 -27.01 95.61 4.72
C ILE R 246 -25.69 95.76 4.05
N ALA R 247 -24.65 95.37 4.73
CA ALA R 247 -23.34 95.40 4.15
C ALA R 247 -22.80 94.00 4.26
N LEU R 248 -22.93 93.19 3.14
CA LEU R 248 -22.57 91.87 2.99
C LEU R 248 -21.04 91.69 2.96
N ILE R 249 -20.20 91.56 4.11
CA ILE R 249 -18.72 91.45 4.09
C ILE R 249 -18.16 90.06 4.16
N ASP R 250 -17.60 89.51 3.11
CA ASP R 250 -17.09 88.09 3.09
C ASP R 250 -15.84 88.06 3.95
N ALA R 251 -14.89 89.02 3.65
CA ALA R 251 -13.61 89.36 4.18
C ALA R 251 -13.70 89.51 5.72
N SER R 252 -12.53 89.64 6.39
CA SER R 252 -12.33 89.66 7.84
C SER R 252 -12.69 91.03 8.40
N LEU R 253 -13.00 91.07 9.71
CA LEU R 253 -13.22 92.18 10.51
C LEU R 253 -12.47 92.00 11.81
N GLU R 254 -11.41 91.19 11.91
CA GLU R 254 -10.54 90.89 13.12
C GLU R 254 -9.09 90.85 12.79
N VAL R 255 -8.13 90.88 13.75
CA VAL R 255 -6.66 91.03 13.50
C VAL R 255 -6.07 89.67 13.33
N GLU R 256 -5.26 89.44 12.34
CA GLU R 256 -4.62 88.24 12.11
C GLU R 256 -3.31 88.20 12.89
N LYS R 257 -2.94 87.09 13.50
CA LYS R 257 -1.65 87.01 14.27
C LYS R 257 -0.39 87.39 13.50
N PRO R 258 0.54 88.29 13.83
CA PRO R 258 1.69 88.46 12.95
C PRO R 258 2.72 87.37 13.03
N GLU R 259 2.48 86.41 13.98
CA GLU R 259 3.33 85.26 14.15
C GLU R 259 2.59 84.01 13.69
N LEU R 260 1.58 84.13 12.76
CA LEU R 260 0.73 83.03 12.38
C LEU R 260 1.39 81.90 11.60
N ASP R 261 2.36 82.23 10.76
CA ASP R 261 3.17 81.24 10.15
C ASP R 261 4.42 80.93 10.94
N ALA R 262 5.11 81.96 11.37
CA ALA R 262 6.30 81.82 12.15
C ALA R 262 6.43 83.19 12.90
N GLU R 263 7.19 83.18 14.02
CA GLU R 263 7.56 84.26 14.85
C GLU R 263 8.07 85.53 14.26
N ILE R 264 7.98 86.63 15.10
CA ILE R 264 8.44 87.96 14.77
C ILE R 264 9.70 88.23 15.51
N ARG R 265 10.52 89.23 15.14
CA ARG R 265 11.77 89.51 15.81
C ARG R 265 11.56 90.87 16.57
N ILE R 266 10.30 91.28 16.83
CA ILE R 266 9.95 92.41 17.68
C ILE R 266 10.30 92.14 19.10
N ASN R 267 10.97 93.04 19.83
CA ASN R 267 11.48 92.85 21.16
C ASN R 267 11.52 94.12 22.03
N ASP R 268 10.79 95.09 21.46
CA ASP R 268 10.58 96.43 21.96
C ASP R 268 9.01 96.57 22.20
N PRO R 269 8.65 96.78 23.43
CA PRO R 269 7.25 96.81 23.75
C PRO R 269 6.50 98.05 23.17
N THR R 270 7.22 99.11 22.76
CA THR R 270 6.61 100.26 22.03
C THR R 270 6.13 99.91 20.62
N GLN R 271 7.00 99.12 19.88
CA GLN R 271 6.69 98.60 18.60
C GLN R 271 5.61 97.55 18.49
N MET R 272 5.54 96.67 19.53
CA MET R 272 4.49 95.73 19.82
C MET R 272 3.13 96.45 19.97
N GLN R 273 2.92 97.34 20.95
CA GLN R 273 1.75 98.20 21.00
C GLN R 273 1.29 98.87 19.74
N LYS R 274 2.06 99.82 19.29
CA LYS R 274 1.77 100.55 18.07
C LYS R 274 1.60 99.69 16.81
N PHE R 275 1.97 98.41 16.84
CA PHE R 275 1.81 97.51 15.70
C PHE R 275 0.38 96.98 15.78
N LEU R 276 0.10 96.34 16.98
CA LEU R 276 -1.18 95.75 17.35
C LEU R 276 -2.35 96.77 17.64
N ASP R 277 -2.02 98.04 17.99
CA ASP R 277 -2.98 99.12 18.12
C ASP R 277 -3.41 99.54 16.72
N GLU R 278 -2.48 99.81 15.78
CA GLU R 278 -2.74 100.23 14.49
C GLU R 278 -3.47 99.13 13.71
N GLU R 279 -3.25 97.84 13.97
CA GLU R 279 -4.06 96.79 13.44
C GLU R 279 -5.50 96.76 13.96
N GLU R 280 -5.79 97.31 15.21
CA GLU R 280 -7.06 97.48 15.78
C GLU R 280 -7.83 98.67 15.23
N ASN R 281 -7.04 99.76 14.93
CA ASN R 281 -7.53 100.97 14.32
C ASN R 281 -7.83 100.77 12.86
N LEU R 282 -7.32 99.70 12.24
CA LEU R 282 -7.61 99.18 10.94
C LEU R 282 -8.96 98.62 10.91
N ILE R 283 -9.39 97.95 12.04
CA ILE R 283 -10.73 97.41 12.09
C ILE R 283 -11.73 98.53 12.25
N LYS R 284 -11.53 99.60 13.03
CA LYS R 284 -12.34 100.79 12.93
C LYS R 284 -12.30 101.52 11.58
N GLU R 285 -11.18 101.45 10.83
CA GLU R 285 -11.07 101.98 9.42
C GLU R 285 -11.96 101.28 8.53
N LYS R 286 -11.91 99.90 8.56
CA LYS R 286 -12.80 99.06 7.75
C LYS R 286 -14.32 99.42 8.01
N VAL R 287 -14.74 99.54 9.32
CA VAL R 287 -16.09 99.97 9.72
C VAL R 287 -16.46 101.30 9.18
N ASP R 288 -15.63 102.29 9.34
CA ASP R 288 -15.77 103.69 8.92
C ASP R 288 -15.79 103.84 7.41
N LYS R 289 -15.03 103.00 6.67
CA LYS R 289 -15.08 102.91 5.22
C LYS R 289 -16.43 102.33 4.73
N ILE R 290 -17.14 101.53 5.61
CA ILE R 290 -18.43 101.03 5.24
C ILE R 290 -19.52 102.06 5.62
N LEU R 291 -19.46 102.68 6.82
CA LEU R 291 -20.46 103.71 7.14
C LEU R 291 -20.33 104.97 6.29
N ALA R 292 -19.19 105.09 5.59
CA ALA R 292 -18.90 106.03 4.53
C ALA R 292 -19.78 105.88 3.32
N THR R 293 -20.44 104.76 3.20
CA THR R 293 -21.46 104.61 2.19
C THR R 293 -22.84 104.93 2.70
N GLY R 294 -23.04 104.96 4.03
CA GLY R 294 -24.38 105.30 4.61
C GLY R 294 -25.11 104.11 5.05
N ALA R 295 -24.41 102.94 5.09
CA ALA R 295 -24.91 101.58 5.40
C ALA R 295 -25.45 101.54 6.90
N ASN R 296 -26.38 100.56 7.19
CA ASN R 296 -26.91 100.50 8.51
C ASN R 296 -27.11 99.07 9.06
N VAL R 297 -26.77 98.08 8.26
CA VAL R 297 -26.89 96.75 8.82
C VAL R 297 -25.61 96.10 8.23
N ILE R 298 -25.00 95.14 8.96
CA ILE R 298 -23.78 94.59 8.41
C ILE R 298 -23.70 93.15 8.82
N ILE R 299 -23.53 92.18 7.95
CA ILE R 299 -23.50 90.77 8.28
C ILE R 299 -22.20 90.31 7.75
N CYS R 300 -21.44 89.40 8.50
CA CYS R 300 -20.15 89.01 7.97
C CYS R 300 -19.98 87.47 8.04
N GLN R 301 -18.89 86.96 7.57
CA GLN R 301 -18.65 85.55 7.38
C GLN R 301 -17.55 85.16 8.40
N LYS R 302 -16.74 86.15 8.79
CA LYS R 302 -15.49 85.94 9.54
C LYS R 302 -15.46 86.78 10.89
N GLY R 303 -14.37 86.66 11.69
CA GLY R 303 -14.17 87.29 12.90
C GLY R 303 -14.46 88.78 12.86
N ILE R 304 -14.92 89.28 14.03
CA ILE R 304 -15.25 90.67 14.32
C ILE R 304 -14.54 90.95 15.63
N ASP R 305 -13.52 91.78 15.64
CA ASP R 305 -12.80 92.31 16.81
C ASP R 305 -13.72 92.96 17.83
N GLU R 306 -13.21 92.97 19.09
CA GLU R 306 -14.05 93.47 20.17
C GLU R 306 -14.34 94.96 20.23
N VAL R 307 -13.43 95.76 19.64
CA VAL R 307 -13.70 97.14 19.45
C VAL R 307 -14.68 97.31 18.32
N ALA R 308 -14.69 96.43 17.31
CA ALA R 308 -15.67 96.52 16.24
C ALA R 308 -17.13 96.15 16.55
N GLN R 309 -17.29 95.37 17.70
CA GLN R 309 -18.56 95.08 18.31
C GLN R 309 -19.08 96.31 19.07
N SER R 310 -18.19 96.88 19.95
CA SER R 310 -18.41 98.11 20.67
C SER R 310 -18.60 99.33 19.68
N TYR R 311 -17.99 99.31 18.50
CA TYR R 311 -18.17 100.38 17.56
C TYR R 311 -19.55 100.38 16.80
N LEU R 312 -19.93 99.16 16.27
CA LEU R 312 -21.19 98.97 15.59
C LEU R 312 -22.39 99.06 16.59
N ALA R 313 -22.22 98.60 17.81
CA ALA R 313 -23.17 98.65 18.90
C ALA R 313 -23.40 100.11 19.30
N LYS R 314 -22.31 100.92 19.47
CA LYS R 314 -22.39 102.33 19.78
C LYS R 314 -22.80 103.28 18.61
N LYS R 315 -22.58 102.96 17.34
CA LYS R 315 -23.04 103.77 16.22
C LYS R 315 -24.50 103.50 15.99
N GLY R 316 -25.01 102.38 16.37
CA GLY R 316 -26.42 101.93 16.36
C GLY R 316 -26.69 101.16 15.18
N VAL R 317 -25.81 100.21 14.95
CA VAL R 317 -25.97 99.43 13.79
C VAL R 317 -26.61 98.10 14.24
N LEU R 318 -27.11 97.29 13.30
CA LEU R 318 -27.48 95.90 13.53
C LEU R 318 -26.51 95.06 12.80
N ALA R 319 -25.66 94.29 13.57
CA ALA R 319 -24.58 93.48 12.91
C ALA R 319 -24.85 92.02 13.36
N VAL R 320 -24.50 91.04 12.45
CA VAL R 320 -24.71 89.64 12.57
C VAL R 320 -23.46 88.83 12.42
N ARG R 321 -23.35 87.80 13.29
CA ARG R 321 -22.09 87.07 13.48
C ARG R 321 -21.95 85.72 12.70
N ARG R 322 -20.84 85.59 11.93
CA ARG R 322 -20.28 84.36 11.20
C ARG R 322 -21.28 83.53 10.35
N ALA R 323 -22.09 84.21 9.42
CA ALA R 323 -22.97 83.56 8.53
C ALA R 323 -22.23 82.94 7.37
N LYS R 324 -22.58 81.71 7.01
CA LYS R 324 -21.98 80.91 6.05
C LYS R 324 -22.14 81.53 4.62
N LYS R 325 -21.12 81.53 3.77
CA LYS R 325 -21.16 82.02 2.44
C LYS R 325 -22.33 81.50 1.61
N SER R 326 -22.84 80.30 1.84
CA SER R 326 -24.02 79.73 1.26
C SER R 326 -25.29 80.46 1.29
N ASP R 327 -25.48 81.19 2.45
CA ASP R 327 -26.71 81.95 2.63
C ASP R 327 -26.41 83.38 2.30
N LEU R 328 -25.14 83.87 2.29
CA LEU R 328 -24.85 85.21 1.81
C LEU R 328 -25.17 85.44 0.35
N GLU R 329 -24.84 84.45 -0.50
CA GLU R 329 -25.03 84.47 -1.93
C GLU R 329 -26.54 84.57 -2.18
N LYS R 330 -27.29 83.61 -1.55
CA LYS R 330 -28.80 83.52 -1.53
C LYS R 330 -29.49 84.82 -0.96
N LEU R 331 -28.79 85.59 -0.08
CA LEU R 331 -29.23 86.86 0.46
C LEU R 331 -28.88 88.08 -0.49
N ALA R 332 -27.85 87.95 -1.37
CA ALA R 332 -27.43 89.03 -2.28
C ALA R 332 -28.46 89.48 -3.32
N ARG R 333 -28.82 88.60 -4.29
CA ARG R 333 -29.75 88.93 -5.33
C ARG R 333 -31.21 88.84 -4.71
N ALA R 334 -31.37 88.50 -3.40
CA ALA R 334 -32.60 88.68 -2.68
C ALA R 334 -32.85 90.15 -2.30
N THR R 335 -31.82 90.85 -1.84
CA THR R 335 -31.82 92.27 -1.38
C THR R 335 -31.17 93.24 -2.41
N GLY R 336 -30.66 92.66 -3.47
CA GLY R 336 -30.12 93.36 -4.55
C GLY R 336 -28.66 93.61 -4.36
N GLY R 337 -28.09 93.39 -3.13
CA GLY R 337 -26.69 93.69 -2.83
C GLY R 337 -25.64 92.76 -3.46
N ARG R 338 -24.33 92.96 -3.12
CA ARG R 338 -23.15 92.17 -3.47
C ARG R 338 -22.31 91.75 -2.36
N VAL R 339 -21.81 90.46 -2.31
CA VAL R 339 -21.04 90.02 -1.18
C VAL R 339 -19.61 90.43 -1.27
N VAL R 340 -19.22 91.34 -0.39
CA VAL R 340 -17.99 92.10 -0.42
C VAL R 340 -16.73 91.36 -0.09
N SER R 341 -15.84 91.27 -1.09
CA SER R 341 -14.51 90.63 -1.10
C SER R 341 -13.51 91.54 -0.50
N ASN R 342 -13.55 92.85 -0.83
CA ASN R 342 -12.61 93.84 -0.41
C ASN R 342 -13.37 95.01 0.17
N ILE R 343 -13.27 95.27 1.48
CA ILE R 343 -13.90 96.38 2.17
C ILE R 343 -13.58 97.81 1.60
N ASP R 344 -12.34 97.93 1.07
CA ASP R 344 -11.85 99.10 0.41
C ASP R 344 -12.37 99.23 -1.06
N GLU R 345 -13.36 98.44 -1.51
CA GLU R 345 -13.89 98.41 -2.88
C GLU R 345 -15.37 98.62 -2.74
N ILE R 346 -15.92 98.82 -1.51
CA ILE R 346 -17.33 98.92 -1.20
C ILE R 346 -18.04 100.08 -1.88
N SER R 347 -19.38 99.94 -2.25
CA SER R 347 -20.20 100.95 -2.90
C SER R 347 -21.65 100.77 -2.55
N GLU R 348 -22.50 101.62 -3.13
CA GLU R 348 -23.93 101.32 -2.94
C GLU R 348 -24.38 100.14 -3.76
N GLN R 349 -23.63 99.71 -4.82
CA GLN R 349 -24.06 98.55 -5.61
C GLN R 349 -23.86 97.18 -4.84
N ASP R 350 -22.97 97.24 -3.83
CA ASP R 350 -22.63 96.19 -2.93
C ASP R 350 -23.69 96.02 -1.80
N LEU R 351 -24.26 97.16 -1.38
CA LEU R 351 -25.23 97.18 -0.32
C LEU R 351 -26.49 96.44 -0.58
N GLY R 352 -26.99 95.83 0.48
CA GLY R 352 -28.27 95.01 0.44
C GLY R 352 -29.48 95.80 0.90
N TYR R 353 -30.58 96.11 0.17
CA TYR R 353 -31.65 96.84 0.71
C TYR R 353 -32.79 95.91 1.13
N ALA R 354 -33.46 96.24 2.25
CA ALA R 354 -34.64 95.51 2.57
C ALA R 354 -35.55 96.41 3.43
N SER R 355 -36.85 96.24 3.33
CA SER R 355 -37.81 97.00 4.21
C SER R 355 -37.61 96.87 5.71
N LEU R 356 -37.31 95.61 6.16
CA LEU R 356 -37.01 95.42 7.63
C LEU R 356 -36.09 94.24 7.94
N ILE R 357 -34.99 94.40 8.76
CA ILE R 357 -34.18 93.24 9.19
C ILE R 357 -34.43 93.13 10.66
N GLU R 358 -34.50 91.91 11.25
CA GLU R 358 -34.74 91.62 12.64
C GLU R 358 -34.08 90.40 13.05
N GLU R 359 -34.07 90.18 14.34
CA GLU R 359 -33.65 88.95 15.03
C GLU R 359 -34.80 88.26 15.68
N ARG R 360 -34.99 86.96 15.47
CA ARG R 360 -36.08 86.21 16.01
C ARG R 360 -35.58 84.82 16.42
N LYS R 361 -36.30 84.15 17.25
CA LYS R 361 -36.04 82.91 17.86
C LYS R 361 -37.07 81.90 17.53
N VAL R 362 -36.60 80.81 17.00
CA VAL R 362 -37.32 79.60 16.57
C VAL R 362 -36.68 78.49 17.36
N GLY R 363 -37.44 77.68 18.21
CA GLY R 363 -36.77 76.71 19.03
C GLY R 363 -35.99 77.29 20.15
N GLU R 364 -34.66 77.03 20.19
CA GLU R 364 -33.74 77.52 21.18
C GLU R 364 -32.67 78.35 20.52
N ASP R 365 -32.60 78.42 19.18
CA ASP R 365 -31.77 79.25 18.39
C ASP R 365 -32.23 80.61 18.06
N LYS R 366 -31.37 81.59 18.24
CA LYS R 366 -31.53 82.95 17.86
C LYS R 366 -31.06 83.02 16.38
N MET R 367 -31.83 83.65 15.56
CA MET R 367 -31.54 83.81 14.18
C MET R 367 -32.15 85.06 13.57
N VAL R 368 -31.59 85.48 12.39
CA VAL R 368 -31.91 86.70 11.66
C VAL R 368 -32.92 86.44 10.60
N PHE R 369 -33.93 87.32 10.44
CA PHE R 369 -34.83 87.17 9.29
C PHE R 369 -34.72 88.42 8.43
N VAL R 370 -34.97 88.25 7.07
CA VAL R 370 -34.92 89.43 6.25
C VAL R 370 -36.13 89.56 5.29
N GLU R 371 -37.28 89.67 5.96
CA GLU R 371 -38.54 89.83 5.27
C GLU R 371 -38.73 91.23 4.68
N GLY R 372 -39.47 91.35 3.59
CA GLY R 372 -39.81 92.62 2.89
C GLY R 372 -38.71 92.97 2.03
N ALA R 373 -37.87 92.06 1.63
CA ALA R 373 -36.62 92.30 0.90
C ALA R 373 -36.85 92.62 -0.58
N LYS R 374 -35.97 93.43 -1.24
CA LYS R 374 -36.12 93.96 -2.59
C LYS R 374 -36.72 92.95 -3.63
N ASN R 375 -36.17 91.72 -3.70
CA ASN R 375 -36.60 90.69 -4.62
C ASN R 375 -37.64 89.76 -3.92
N PRO R 376 -38.93 89.72 -4.26
CA PRO R 376 -39.89 88.89 -3.59
C PRO R 376 -39.84 87.40 -4.08
N LYS R 377 -39.34 87.13 -5.20
CA LYS R 377 -39.18 85.75 -5.69
C LYS R 377 -38.35 84.79 -4.87
N SER R 378 -37.23 85.25 -4.35
CA SER R 378 -36.47 84.39 -3.37
C SER R 378 -37.16 84.22 -2.02
N ILE R 379 -37.42 82.97 -1.65
CA ILE R 379 -38.16 82.66 -0.48
C ILE R 379 -37.32 81.61 0.25
N SER R 380 -37.78 81.26 1.51
CA SER R 380 -37.08 80.31 2.34
C SER R 380 -38.01 79.38 3.00
N ILE R 381 -37.52 78.20 3.39
CA ILE R 381 -38.39 77.21 3.98
C ILE R 381 -37.84 76.82 5.36
N LEU R 382 -38.68 76.59 6.40
CA LEU R 382 -38.20 76.24 7.76
C LEU R 382 -38.58 74.84 8.12
N ILE R 383 -37.70 73.89 8.22
CA ILE R 383 -38.07 72.62 8.70
C ILE R 383 -37.79 72.51 10.17
N ARG R 384 -38.72 71.85 10.88
CA ARG R 384 -38.64 71.64 12.30
C ARG R 384 -39.20 70.24 12.48
N GLY R 385 -39.29 69.73 13.73
CA GLY R 385 -39.84 68.46 14.03
C GLY R 385 -38.84 67.32 13.90
N GLY R 386 -39.25 66.12 14.24
CA GLY R 386 -38.51 64.96 14.02
C GLY R 386 -37.29 64.79 14.81
N LEU R 387 -36.72 63.60 14.64
CA LEU R 387 -35.57 63.23 15.41
C LEU R 387 -34.31 63.63 14.66
N GLU R 388 -33.11 63.54 15.33
CA GLU R 388 -31.89 64.05 14.76
C GLU R 388 -31.44 63.60 13.41
N ARG R 389 -31.88 62.44 13.04
CA ARG R 389 -31.52 61.94 11.74
C ARG R 389 -32.78 62.05 10.88
N LEU R 390 -33.98 61.83 11.47
CA LEU R 390 -35.25 61.84 10.73
C LEU R 390 -35.36 63.16 10.06
N VAL R 391 -34.88 64.23 10.69
CA VAL R 391 -34.92 65.60 10.13
C VAL R 391 -34.24 65.77 8.80
N ASP R 392 -33.08 65.16 8.66
CA ASP R 392 -32.26 65.10 7.41
C ASP R 392 -33.11 64.49 6.28
N GLU R 393 -33.76 63.33 6.61
CA GLU R 393 -34.48 62.60 5.61
C GLU R 393 -35.87 63.17 5.29
N THR R 394 -36.42 64.07 6.23
CA THR R 394 -37.53 64.98 5.96
C THR R 394 -37.03 66.13 5.06
N GLU R 395 -35.71 66.57 5.18
CA GLU R 395 -35.15 67.64 4.30
C GLU R 395 -35.04 67.19 2.87
N ARG R 396 -34.68 65.88 2.73
CA ARG R 396 -34.68 65.21 1.47
C ARG R 396 -36.06 65.06 0.81
N ALA R 397 -36.98 64.45 1.47
CA ALA R 397 -38.32 64.21 1.04
C ALA R 397 -39.08 65.48 0.61
N LEU R 398 -38.94 66.59 1.37
CA LEU R 398 -39.48 67.92 1.05
C LEU R 398 -38.77 68.44 -0.23
N ARG R 399 -37.43 68.22 -0.35
CA ARG R 399 -36.69 68.61 -1.55
C ARG R 399 -37.16 68.02 -2.85
N ASP R 400 -37.36 66.63 -2.85
CA ASP R 400 -37.90 65.84 -3.94
C ASP R 400 -39.34 66.23 -4.26
N ALA R 401 -40.22 66.40 -3.26
CA ALA R 401 -41.55 66.98 -3.39
C ALA R 401 -41.62 68.37 -4.02
N LEU R 402 -40.68 69.31 -3.58
CA LEU R 402 -40.57 70.59 -4.15
C LEU R 402 -40.12 70.63 -5.62
N GLY R 403 -38.99 70.01 -5.96
CA GLY R 403 -38.55 69.68 -7.31
C GLY R 403 -39.59 69.06 -8.24
N THR R 404 -40.20 67.92 -7.87
CA THR R 404 -41.19 67.19 -8.68
C THR R 404 -42.38 68.01 -9.08
N VAL R 405 -42.97 68.79 -8.11
CA VAL R 405 -44.06 69.74 -8.36
C VAL R 405 -43.68 70.79 -9.34
N ALA R 406 -42.45 71.31 -9.29
CA ALA R 406 -41.88 72.26 -10.22
C ALA R 406 -41.79 71.70 -11.57
N ASP R 407 -41.44 70.41 -11.73
CA ASP R 407 -41.24 69.68 -12.91
C ASP R 407 -42.61 69.54 -13.55
N VAL R 408 -43.66 69.42 -12.70
CA VAL R 408 -45.07 69.45 -13.27
C VAL R 408 -45.36 70.83 -13.99
N ILE R 409 -44.93 71.97 -13.35
CA ILE R 409 -45.19 73.32 -13.86
C ILE R 409 -44.37 73.68 -15.16
N LYS R 410 -43.07 73.26 -15.14
CA LYS R 410 -42.14 73.43 -16.18
C LYS R 410 -42.57 72.75 -17.51
N ASP R 411 -43.27 71.63 -17.41
CA ASP R 411 -43.86 71.02 -18.66
C ASP R 411 -45.33 71.44 -18.71
N GLY R 412 -46.16 70.86 -17.87
CA GLY R 412 -47.60 71.10 -17.78
C GLY R 412 -48.47 69.92 -18.00
N ARG R 413 -47.98 68.69 -18.00
CA ARG R 413 -48.75 67.45 -18.20
C ARG R 413 -48.66 66.45 -17.07
N ALA R 414 -49.78 65.79 -16.70
CA ALA R 414 -49.91 64.84 -15.64
C ALA R 414 -50.96 63.79 -15.81
N ILE R 415 -50.59 62.52 -15.54
CA ILE R 415 -51.42 61.37 -15.81
C ILE R 415 -51.77 60.66 -14.49
N ALA R 416 -52.75 59.76 -14.56
CA ALA R 416 -53.16 59.05 -13.42
C ALA R 416 -52.20 57.84 -13.02
N GLY R 417 -51.75 57.84 -11.78
CA GLY R 417 -50.94 56.68 -11.35
C GLY R 417 -51.76 55.41 -10.97
N GLY R 418 -51.11 54.38 -10.36
CA GLY R 418 -51.77 53.20 -9.72
C GLY R 418 -52.13 52.08 -10.66
N GLY R 419 -51.43 52.11 -11.84
CA GLY R 419 -51.46 51.14 -12.95
C GLY R 419 -52.17 51.50 -14.13
N ALA R 420 -52.95 52.61 -14.02
CA ALA R 420 -53.79 53.07 -15.17
C ALA R 420 -53.10 53.26 -16.53
N VAL R 421 -52.09 54.13 -16.61
CA VAL R 421 -51.44 54.39 -17.90
C VAL R 421 -50.75 53.09 -18.40
N GLU R 422 -50.25 52.28 -17.46
CA GLU R 422 -49.53 51.00 -17.66
C GLU R 422 -50.54 50.03 -18.35
N ILE R 423 -51.59 49.67 -17.65
CA ILE R 423 -52.59 48.81 -18.18
C ILE R 423 -53.15 49.15 -19.62
N GLU R 424 -53.22 50.48 -19.93
CA GLU R 424 -53.57 51.10 -21.28
C GLU R 424 -52.47 50.87 -22.39
N ILE R 425 -51.21 51.30 -22.06
CA ILE R 425 -50.02 50.92 -22.89
C ILE R 425 -49.92 49.41 -23.14
N ALA R 426 -50.44 48.53 -22.30
CA ALA R 426 -50.45 47.16 -22.63
C ALA R 426 -51.59 46.94 -23.63
N LYS R 427 -52.89 47.00 -23.20
CA LYS R 427 -54.15 46.82 -23.92
C LYS R 427 -54.11 47.39 -25.30
N LYS R 428 -53.77 48.72 -25.52
CA LYS R 428 -53.65 49.29 -26.86
C LYS R 428 -52.63 48.64 -27.80
N LEU R 429 -51.53 48.06 -27.29
CA LEU R 429 -50.50 47.27 -28.02
C LEU R 429 -50.96 45.83 -28.46
N ARG R 430 -51.76 45.23 -27.57
CA ARG R 430 -52.47 44.00 -27.88
C ARG R 430 -53.45 44.18 -29.01
N LYS R 431 -54.18 45.30 -28.97
CA LYS R 431 -55.06 45.60 -30.03
C LYS R 431 -54.31 45.82 -31.31
N TYR R 432 -53.05 46.31 -31.26
CA TYR R 432 -52.29 46.49 -32.45
C TYR R 432 -51.77 45.23 -33.03
N ALA R 433 -51.01 44.43 -32.28
CA ALA R 433 -50.32 43.20 -32.66
C ALA R 433 -50.90 42.43 -33.81
N PRO R 434 -52.11 41.89 -33.94
CA PRO R 434 -52.73 41.34 -35.12
C PRO R 434 -52.41 41.89 -36.45
N GLN R 435 -52.45 43.26 -36.46
CA GLN R 435 -52.26 44.06 -37.71
C GLN R 435 -50.84 44.45 -37.97
N VAL R 436 -50.00 44.46 -36.90
CA VAL R 436 -48.55 44.92 -37.03
C VAL R 436 -47.86 44.00 -38.09
N GLY R 437 -48.05 42.61 -38.12
CA GLY R 437 -47.37 41.75 -39.10
C GLY R 437 -47.36 40.42 -38.60
N GLY R 438 -46.61 39.53 -39.24
CA GLY R 438 -46.45 38.14 -38.96
C GLY R 438 -45.90 37.94 -37.62
N LYS R 439 -44.58 37.88 -37.67
CA LYS R 439 -43.74 37.58 -36.53
C LYS R 439 -43.69 38.72 -35.50
N GLU R 440 -43.60 39.98 -36.03
CA GLU R 440 -43.74 41.28 -35.33
C GLU R 440 -44.91 41.35 -34.45
N GLN R 441 -46.06 40.67 -34.78
CA GLN R 441 -47.21 40.57 -33.88
C GLN R 441 -46.76 39.97 -32.49
N LEU R 442 -46.09 38.82 -32.44
CA LEU R 442 -45.62 38.08 -31.28
C LEU R 442 -44.68 38.84 -30.36
N ALA R 443 -43.85 39.58 -31.03
CA ALA R 443 -43.05 40.60 -30.46
C ALA R 443 -43.86 41.71 -29.80
N VAL R 444 -44.86 42.30 -30.42
CA VAL R 444 -45.63 43.24 -29.72
C VAL R 444 -46.39 42.71 -28.54
N GLU R 445 -47.08 41.51 -28.73
CA GLU R 445 -47.70 40.84 -27.68
C GLU R 445 -46.80 40.56 -26.51
N ALA R 446 -45.50 40.22 -26.77
CA ALA R 446 -44.48 40.08 -25.77
C ALA R 446 -44.23 41.42 -25.08
N TYR R 447 -43.93 42.54 -25.77
CA TYR R 447 -43.85 43.90 -25.21
C TYR R 447 -44.98 44.33 -24.31
N ALA R 448 -46.21 43.96 -24.66
CA ALA R 448 -47.39 44.19 -23.86
C ALA R 448 -47.32 43.39 -22.55
N ASN R 449 -47.07 42.03 -22.65
CA ASN R 449 -47.04 41.08 -21.58
C ASN R 449 -46.00 41.57 -20.58
N ALA R 450 -44.80 41.95 -21.06
CA ALA R 450 -43.71 42.56 -20.28
C ALA R 450 -44.12 43.82 -19.52
N LEU R 451 -44.95 44.71 -20.15
CA LEU R 451 -45.49 45.83 -19.49
C LEU R 451 -46.54 45.47 -18.35
N GLU R 452 -47.33 44.40 -18.61
CA GLU R 452 -48.25 43.93 -17.58
C GLU R 452 -47.53 43.32 -16.37
N SER R 453 -46.37 42.67 -16.64
CA SER R 453 -45.49 42.08 -15.61
C SER R 453 -45.11 43.07 -14.51
N LEU R 454 -44.84 44.39 -14.90
CA LEU R 454 -44.62 45.53 -14.08
C LEU R 454 -45.83 45.82 -13.14
N VAL R 455 -47.06 45.77 -13.69
CA VAL R 455 -48.25 45.99 -12.90
C VAL R 455 -48.55 44.80 -11.95
N SER R 456 -48.19 43.53 -12.36
CA SER R 456 -48.29 42.29 -11.56
C SER R 456 -47.40 42.40 -10.34
N ILE R 457 -46.09 42.82 -10.53
CA ILE R 457 -45.18 43.15 -9.43
C ILE R 457 -45.81 44.12 -8.43
N LEU R 458 -46.49 45.25 -8.80
CA LEU R 458 -47.12 46.21 -7.91
C LEU R 458 -48.24 45.61 -7.05
N ILE R 459 -49.12 44.83 -7.73
CA ILE R 459 -50.26 44.09 -7.11
C ILE R 459 -49.69 42.95 -6.20
N GLU R 460 -48.78 42.05 -6.76
CA GLU R 460 -48.08 40.98 -6.03
C GLU R 460 -47.56 41.33 -4.69
N ASN R 461 -46.68 42.34 -4.65
CA ASN R 461 -46.09 42.90 -3.45
C ASN R 461 -47.00 43.47 -2.41
N ALA R 462 -48.27 43.72 -2.74
CA ALA R 462 -49.24 44.17 -1.83
C ALA R 462 -49.73 42.99 -1.03
N GLY R 463 -49.59 41.79 -1.61
CA GLY R 463 -50.03 40.51 -1.07
C GLY R 463 -51.28 39.97 -1.84
N PHE R 464 -51.73 40.59 -2.92
CA PHE R 464 -52.93 40.24 -3.66
C PHE R 464 -52.76 39.12 -4.65
N ASP R 465 -53.89 38.66 -5.36
CA ASP R 465 -53.78 37.67 -6.42
C ASP R 465 -53.56 38.41 -7.76
N PRO R 466 -52.42 38.50 -8.40
CA PRO R 466 -52.27 39.25 -9.65
C PRO R 466 -53.27 38.97 -10.75
N ILE R 467 -53.54 37.75 -11.09
CA ILE R 467 -54.34 37.44 -12.24
C ILE R 467 -55.76 37.96 -12.10
N ASP R 468 -56.36 37.75 -10.99
CA ASP R 468 -57.59 38.28 -10.65
C ASP R 468 -57.79 39.78 -10.81
N LEU R 469 -57.00 40.59 -10.12
CA LEU R 469 -57.09 41.98 -10.18
C LEU R 469 -56.77 42.49 -11.53
N LEU R 470 -55.87 41.95 -12.28
CA LEU R 470 -55.56 42.26 -13.69
C LEU R 470 -56.77 42.14 -14.58
N MET R 471 -57.49 41.02 -14.45
CA MET R 471 -58.73 40.82 -15.20
C MET R 471 -59.86 41.72 -14.78
N LYS R 472 -60.04 41.83 -13.45
CA LYS R 472 -61.16 42.60 -12.89
C LYS R 472 -61.05 44.07 -13.26
N LEU R 473 -59.78 44.52 -13.44
CA LEU R 473 -59.49 45.84 -14.03
C LEU R 473 -59.52 45.88 -15.59
N ARG R 474 -58.78 45.03 -16.40
CA ARG R 474 -58.82 45.16 -17.89
C ARG R 474 -60.13 45.00 -18.55
N SER R 475 -61.18 44.49 -17.81
CA SER R 475 -62.58 44.53 -18.26
C SER R 475 -63.16 45.86 -17.79
N THR R 476 -62.94 46.35 -16.59
CA THR R 476 -63.44 47.64 -16.10
C THR R 476 -62.69 48.84 -16.73
N HIS R 477 -61.78 48.65 -17.73
CA HIS R 477 -61.17 49.82 -18.37
C HIS R 477 -61.46 49.97 -19.86
N GLU R 478 -62.43 49.19 -20.30
CA GLU R 478 -63.03 49.21 -21.67
C GLU R 478 -63.52 50.60 -22.18
N ASN R 479 -64.14 51.40 -21.28
CA ASN R 479 -64.65 52.68 -21.64
C ASN R 479 -63.81 53.88 -21.12
N GLU R 480 -63.83 55.04 -21.86
CA GLU R 480 -63.08 56.25 -21.53
C GLU R 480 -63.54 56.90 -20.27
N ASN R 481 -64.78 56.51 -19.79
CA ASN R 481 -65.29 56.93 -18.49
C ASN R 481 -64.57 56.29 -17.37
N ASN R 482 -63.82 55.15 -17.67
CA ASN R 482 -62.98 54.38 -16.78
C ASN R 482 -61.50 54.51 -17.14
N LYS R 483 -61.04 55.49 -18.00
CA LYS R 483 -59.71 55.75 -18.49
C LYS R 483 -58.71 55.91 -17.32
N TRP R 484 -59.13 56.41 -16.13
CA TRP R 484 -58.24 56.62 -15.03
C TRP R 484 -58.61 55.67 -13.90
N TYR R 485 -59.21 54.49 -14.23
CA TYR R 485 -59.40 53.46 -13.30
C TYR R 485 -58.12 52.67 -13.20
N GLY R 486 -57.80 52.33 -11.94
CA GLY R 486 -56.65 51.57 -11.61
C GLY R 486 -57.08 50.66 -10.51
N ILE R 487 -56.12 50.04 -9.75
CA ILE R 487 -56.53 49.05 -8.73
C ILE R 487 -56.20 49.43 -7.29
N ASP R 488 -57.23 49.71 -6.44
CA ASP R 488 -56.98 50.23 -5.12
C ASP R 488 -56.10 49.35 -4.25
N LEU R 489 -54.89 49.87 -3.98
CA LEU R 489 -53.78 49.17 -3.41
C LEU R 489 -54.00 48.82 -1.93
N TYR R 490 -55.02 49.48 -1.32
CA TYR R 490 -55.35 49.26 0.09
C TYR R 490 -56.57 48.37 0.31
N ALA R 491 -57.43 48.17 -0.80
CA ALA R 491 -58.72 47.43 -0.63
C ALA R 491 -58.97 46.35 -1.67
N GLY R 492 -58.10 46.19 -2.72
CA GLY R 492 -58.11 45.20 -3.77
C GLY R 492 -59.41 45.15 -4.57
N GLN R 493 -59.59 46.19 -5.42
CA GLN R 493 -60.79 46.32 -6.26
C GLN R 493 -60.70 47.47 -7.18
N PRO R 494 -61.22 47.59 -8.38
CA PRO R 494 -61.08 48.65 -9.30
C PRO R 494 -61.60 50.01 -8.89
N VAL R 495 -60.82 51.09 -9.01
CA VAL R 495 -61.37 52.41 -8.65
C VAL R 495 -60.84 53.44 -9.58
N ASP R 496 -61.39 54.63 -9.48
CA ASP R 496 -60.85 55.83 -10.15
C ASP R 496 -59.70 56.39 -9.37
N MET R 497 -58.47 56.28 -9.91
CA MET R 497 -57.27 56.80 -9.30
C MET R 497 -57.12 58.36 -9.42
N TRP R 498 -57.67 59.00 -10.51
CA TRP R 498 -57.81 60.46 -10.51
C TRP R 498 -58.50 61.01 -9.28
N GLN R 499 -59.67 60.48 -9.02
CA GLN R 499 -60.52 60.72 -7.86
C GLN R 499 -60.05 59.97 -6.60
N LYS R 500 -58.75 59.84 -6.39
CA LYS R 500 -58.16 59.30 -5.15
C LYS R 500 -56.81 59.94 -4.91
N GLY R 501 -56.52 61.06 -5.64
CA GLY R 501 -55.27 61.85 -5.53
C GLY R 501 -54.05 61.26 -6.13
N VAL R 502 -54.12 60.05 -6.76
CA VAL R 502 -52.97 59.35 -7.33
C VAL R 502 -52.77 59.84 -8.81
N ILE R 503 -52.11 61.03 -8.97
CA ILE R 503 -51.75 61.60 -10.26
C ILE R 503 -50.22 61.70 -10.17
N GLU R 504 -49.52 61.68 -11.32
CA GLU R 504 -48.05 61.65 -11.44
C GLU R 504 -47.55 62.52 -12.72
N PRO R 505 -46.36 63.12 -12.77
CA PRO R 505 -45.76 63.79 -13.89
C PRO R 505 -45.59 62.96 -15.21
N ALA R 506 -46.36 63.26 -16.33
CA ALA R 506 -46.43 62.48 -17.55
C ALA R 506 -45.19 62.29 -18.33
N LEU R 507 -44.17 63.20 -18.15
CA LEU R 507 -42.95 63.11 -18.93
C LEU R 507 -41.89 62.23 -18.26
N VAL R 508 -41.91 62.31 -16.82
CA VAL R 508 -41.08 61.44 -15.96
C VAL R 508 -41.43 59.98 -16.25
N LYS R 509 -42.67 59.53 -16.30
CA LYS R 509 -43.03 58.10 -16.67
C LYS R 509 -43.01 57.86 -18.17
N MET R 510 -42.46 58.76 -19.07
CA MET R 510 -42.43 58.47 -20.49
C MET R 510 -41.04 58.19 -20.89
N ASN R 511 -40.08 58.99 -20.34
CA ASN R 511 -38.71 58.68 -20.64
C ASN R 511 -38.18 57.34 -20.02
N ALA R 512 -38.80 56.83 -18.91
CA ALA R 512 -38.50 55.54 -18.30
C ALA R 512 -38.71 54.38 -19.34
N ILE R 513 -39.87 54.37 -20.03
CA ILE R 513 -40.11 53.44 -21.16
C ILE R 513 -39.04 53.57 -22.30
N LYS R 514 -38.70 54.86 -22.63
CA LYS R 514 -37.63 55.13 -23.66
C LYS R 514 -36.25 54.55 -23.23
N ALA R 515 -35.81 54.74 -21.95
CA ALA R 515 -34.61 54.24 -21.32
C ALA R 515 -34.60 52.74 -21.36
N ALA R 516 -35.55 52.11 -20.75
CA ALA R 516 -35.68 50.70 -20.74
C ALA R 516 -35.60 49.98 -22.13
N THR R 517 -36.34 50.53 -23.10
CA THR R 517 -36.35 49.97 -24.53
C THR R 517 -35.01 50.17 -25.19
N GLU R 518 -34.21 51.24 -24.95
CA GLU R 518 -32.87 51.43 -25.34
C GLU R 518 -31.99 50.31 -24.84
N ALA R 519 -32.01 50.13 -23.48
CA ALA R 519 -31.25 49.08 -22.82
C ALA R 519 -31.65 47.66 -23.37
N ALA R 520 -32.94 47.37 -23.27
CA ALA R 520 -33.56 46.12 -23.76
C ALA R 520 -33.23 45.69 -25.11
N THR R 521 -33.48 46.55 -26.15
CA THR R 521 -33.12 46.20 -27.54
C THR R 521 -31.62 46.16 -27.78
N LEU R 522 -30.77 46.87 -26.99
CA LEU R 522 -29.32 46.93 -26.99
C LEU R 522 -28.70 45.59 -26.58
N VAL R 523 -29.24 44.86 -25.54
CA VAL R 523 -28.80 43.52 -25.07
C VAL R 523 -29.09 42.55 -26.17
N LEU R 524 -30.18 42.74 -26.91
CA LEU R 524 -30.42 41.81 -28.07
C LEU R 524 -29.48 42.09 -29.19
N ARG R 525 -29.07 43.37 -29.38
CA ARG R 525 -28.12 43.68 -30.45
C ARG R 525 -26.75 43.18 -30.22
N ILE R 526 -26.30 43.04 -28.99
CA ILE R 526 -24.91 42.59 -28.83
C ILE R 526 -24.63 41.12 -29.22
N ASP R 527 -23.99 40.87 -30.36
CA ASP R 527 -23.68 39.55 -30.85
C ASP R 527 -22.76 38.81 -29.93
N ASP R 528 -21.61 39.32 -29.67
CA ASP R 528 -20.55 38.68 -28.97
C ASP R 528 -19.66 39.72 -28.24
N VAL R 529 -18.82 39.19 -27.35
CA VAL R 529 -17.92 39.93 -26.53
C VAL R 529 -16.54 39.59 -26.88
N VAL R 530 -15.68 40.56 -26.96
CA VAL R 530 -14.31 40.34 -27.29
C VAL R 530 -13.50 40.91 -26.24
N SER R 531 -12.61 40.14 -25.47
CA SER R 531 -11.68 40.56 -24.44
C SER R 531 -10.22 40.58 -24.99
N ALA R 532 -9.44 41.34 -24.19
CA ALA R 532 -8.03 41.44 -24.51
C ALA R 532 -7.28 40.35 -23.73
#